data_6ZKT
#
_entry.id   6ZKT
#
_cell.length_a   1.00
_cell.length_b   1.00
_cell.length_c   1.00
_cell.angle_alpha   90.00
_cell.angle_beta   90.00
_cell.angle_gamma   90.00
#
_symmetry.space_group_name_H-M   'P 1'
#
loop_
_entity.id
_entity.type
_entity.pdbx_description
1 polymer 'NADH dehydrogenase [ubiquinone] flavoprotein 1, mitochondrial'
2 polymer 'Uncharacterized protein'
3 polymer 'NADH:ubiquinone oxidoreductase core subunit S1'
4 polymer 'Mitochondrial complex I, 49 kDa subunit'
5 polymer 'NADH:ubiquinone oxidoreductase core subunit S3'
6 polymer 'Mitochondrial complex I, PSST subunit'
7 polymer 'Mitochondrial complex I, TYKY subunit'
8 polymer 'NADH-ubiquinone oxidoreductase chain 3'
9 polymer 'NADH-ubiquinone oxidoreductase chain 1'
10 polymer 'NADH-ubiquinone oxidoreductase chain 6'
11 polymer 'NADH-ubiquinone oxidoreductase chain 4L'
12 polymer 'NADH-ubiquinone oxidoreductase chain 5'
13 polymer 'NADH-ubiquinone oxidoreductase chain 4'
14 polymer 'NADH-ubiquinone oxidoreductase chain 2'
15 polymer 'Uncharacterized protein'
16 polymer 'NADH:ubiquinone oxidoreductase subunit B5'
17 polymer 'Acyl carrier protein'
18 polymer 'NADH dehydrogenase [ubiquinone] 1 alpha subcomplex subunit 8'
19 polymer 'Mitochondrial complex I, PDSW subunit'
20 polymer 'Mitochondrial complex I, 10 kDa subunit'
21 polymer 'Mitochondrial complex I, 13 kDa subunit'
22 polymer 'NADH dehydrogenase [ubiquinone] iron-sulfur protein 4, mitochondrial'
23 polymer 'NADH:ubiquinone oxidoreductase subunit A9'
24 polymer 'NADH dehydrogenase [ubiquinone] 1 alpha subcomplex subunit 2'
25 polymer 'Uncharacterized protein'
26 polymer 'NADH:ubiquinone oxidoreductase subunit A6'
27 polymer 'Uncharacterized protein'
28 polymer 'NADH dehydrogenase [ubiquinone] 1 alpha subcomplex subunit 12'
29 polymer 'NADH dehydrogenase [ubiquinone] 1 alpha subcomplex subunit 10, mitochondrial'
30 polymer 'NADH:ubiquinone oxidoreductase subunit S5'
31 polymer 'NADH:ubiquinone oxidoreductase subunit A3'
32 polymer 'NADH:ubiquinone oxidoreductase subunit B3'
33 polymer 'NADH dehydrogenase [ubiquinone] 1 subunit C2'
34 polymer 'NADH:ubiquinone oxidoreductase subunit B4'
35 polymer 'Mitochondrial complex I, B16.6 subunit'
36 polymer 'Uncharacterized protein'
37 polymer 'NADH:ubiquinone oxidoreductase subunit B7'
38 polymer 'NADH:ubiquinone oxidoreductase subunit B9'
39 polymer 'NADH:ubiquinone oxidoreductase subunit B2'
40 polymer 'NADH dehydrogenase [ubiquinone] 1 beta subcomplex subunit 8, mitochondrial'
41 polymer 'Uncharacterized protein'
42 polymer 'Mitochondrial complex I, KFYI subunit'
43 polymer 'Mitochondrial complex I, MNLL subunit'
44 polymer 'Mitochondrial complex I, MWFE subunit'
45 non-polymer 'IRON/SULFUR CLUSTER'
46 non-polymer 'FLAVIN MONONUCLEOTIDE'
47 non-polymer 'FE2/S2 (INORGANIC) CLUSTER'
48 non-polymer 'POTASSIUM ION'
49 non-polymer 1,2-DIACYL-SN-GLYCERO-3-PHOSPHOCHOLINE
50 non-polymer 1,2-Distearoyl-sn-glycerophosphoethanolamine
51 non-polymer CARDIOLIPIN
52 non-polymer 'S-[2-({N-[(2S)-2-hydroxy-3,3-dimethyl-4-(phosphonooxy)butanoyl]-beta-alanyl}amino)ethyl] tetradecanethioate'
53 non-polymer 'ZINC ION'
54 non-polymer 'NADPH DIHYDRO-NICOTINAMIDE-ADENINE-DINUCLEOTIDE PHOSPHATE'
55 non-polymer 'ADENOSINE MONOPHOSPHATE'
56 non-polymer 'MYRISTIC ACID'
#
loop_
_entity_poly.entity_id
_entity_poly.type
_entity_poly.pdbx_seq_one_letter_code
_entity_poly.pdbx_strand_id
1 'polypeptide(L)'
;MLAARRLLGGSLPARVSVRFSGDTTAPKKTSFGSLKDEDRIFTNLYGRHDWRLKGAQSRGDWYKTKEILLKGPDWILGEV
KTSGLRGRGGAGFPTGLKWSFMNKPSDGRPKYLVVNADEGEPGTCKDREIIRHDPHKLVEGCLVGGRAMGARAAYIYIRG
EFYNEASNLQVAIREAYEAGLIGKNACGSGYDFDVFVVRGAGAYICGEETALIESIEGKQGKPRLKPPFPADVGVFGCPT
TVANVETVAVSPTICRRGGAWFASFGRERNSGTKLFNISGHVNNPCTVEEEMSVPLKELIEKHAGGVTGGWDNLLAVIPG
GSSTPLIPKSVCETVLMDFDALIQAQTGLGTAAVIVMDRSTDIVKAIARLIEFYKHESCGQCTPCREGVDWMNKVMARFV
RGDARPAEIDSLWEISKQIEGHTICALGDGAAWPVQGLIRHFRPELEERMQRFAQQHQARQAAS
;
1
2 'polypeptide(L)'
;MPVLQYEHLEECIRWGKHIRNLHKTAVQNGAGGALFVHRDTPKNNPETPFDFTPENYKRIEAIVKNYPEGHKAAAVLPVL
DLAQRQNGWLPISAMNKVAEILQVPPMRVYEVATFYTMYNRKPVGKYHIQVCTTTPCMLRNSDSILEAIQKKLGIKVGET
TPDKLFTLIEVECLGACVNAPMVQINDNYYEDLTPKDIEEIIDELKAGKIPKPGPRSGRFSCEPAGGLTSLTEPPKGPGF
GVQAGL
;
2
3 'polypeptide(L)'
;MLRIPVRKALVGLSKSSKGCVRTTATAASNLIEVFVDGQSVMVEPGTTVLQACEKVGMQIPRFCYHERLSVAGNCRMCLV
EIEKAPKVVAACAMPVMKGWNILTNSEKTKKAREGVMEFLLANHPLDCPICDQGGECDLQDQSMMFGSDRSRFLEGKRAV
EDKNIGPLVKTIMTRCIQCTRCIRFASEIAGVDDLGTTGRGNDMQVGTYIEKMFMSELSGNIIDICPVGALTSKPYAFTA
RPWETRKTESIDVMDAVGSNIVVSTRTGEVMRILPRMHEDINEEWISDKTRFAYDGLKRQRLTEPMVRNEKGLLTHTTWE
DALSRVAGMLQSCQGNDVAAIAGGLVDAEALIALKDLLNRVDSDTLCTEEVFPTAGAGTDLRSNYLLNTTIAGVEEADVV
LLVGTNPRFEAPLFNARIRKSWLHNDLKVALIGSPVDLTYRYDHLGDSPKILQDIASGSHPFSQVLQEAKKPMVVLGSSA
LQRNDGAAILAAVSNIAQKIRTSSGVTGDWKVMNILHRIASQVAALDLGYKPGVEAIRKNPPKMLFLLGADGGCVTRQDL
PKDCFIVYQGHHGDVGAPIADVILPGAAYTEKSATYVNTEGRAQQTKVAVMPPGLAREDWKIIRALSEIAGMTLPYDTLD
QVRNRLEEVSPNLVRYDDVEGANYFQQASELSKLVNQQLLADPLVPPQLTIKDFYMTDSISRASQTMAKCVKAVTEGAHA
VEEPSIC
;
3
4 'polypeptide(L)'
;MAALRALRRLRGAAAQVLRPGAGARLPIQPSRGARQWQPDVEWAEQYGGAVMYPTKETAHWKPPPWNDVDPPKDTLVSNL
TLNFGPQHPAAHGVLRLVMELSGEMVRKCDPHIGLLH(2MR)GTEKLIEYKTYLQALPYFDRLDYVSMMCNEQAYSLAVE
KLLNIQPPPRAQWIRVLFGEITRLLNHIMAVTTHALDIGAMTPFFWMFEEREKMFEFYERVSGARMHAAYVRPGGVHQDL
PLGLMDDIYEFSKNFSLRIDELEEMLTNNRIWRNRTVDIGVVTAEDALNYGFSGVMLRGSGIQWDLRKTQPYDVYDQVEF
DVPIGSRGDCYDRYLCRVEEMRQSIRIISQCLNKMPPGEIKVDDAKVSPPKRAEMKTSMESLIHHFKLYTEGYQVPPGAT
YTAIEAPKGEFGVYLVSDGSSRPYRCKIKAPGFAHLAGLDKMSKGHMLADVVAIIGTQDIVFGEVDR
;
4
5 'polypeptide(L)'
;PVKMAAAAARGCWQRLVGSAAPARVAGRPSVLLLPVRRESASADTRPTVRPRNDVAHKQLSAFGEYVAEILPKYVQQVQV
SCFSELEICIHPDGVIPVLTFLRDHSNAQFKSLADLTAVDIPTRQNRFEIVYNLLSLRFNSRIRVKTYTDELTPVESSVS
VYKAANWYEREIWDMFGVFFANHPDLRRILTDYGFEGHPFRKDFPLSGYVELRYDDEVKRVVAEPVELAQEFRKFDLNSP
WEAFPAYRQPPESLKLEAGDKKPEAK
;
5
6 'polypeptide(L)'
;MLPLKFPGRGGAAPRLFHPILAVRSGMGAALQVRGVHSSMAADSPSSTQPAVSQARAVVPKPAALPSSRGEYVVAKLDDL
INWARRSSLWPMTFGLACCAVEMMHMAAPRYDMDRFGVVFRASPRQSDVMIVAGTLTNKMAPALRKVYDQMPEPRYVVSM
GSCANGGGYYHYSYSVVRGCDRIVPVDIYVPGCPPTAEALLYGILQLQKKIKREKRLRIWYRR
;
6
7 'polypeptide(L)'
;MRKPKMRCLTMPVLLRALAQAQAARAGHASGRGLHSSAVAATYKYVNLREPSMDMKSVTDRAAQTLLWTELIRGLGMTLS
YLFREPATINYPFEKGPLSPRFRGEHALRRYPSGEERCIACKLCEAVCPAQAITIEAEPRADGSRRTTRYDIDMTKCIYC
GFCQEACPVDAIVEGPNFEFSTETHEELLYNKEKLLNNGDKWEAEIAANIQADYLYR
;
9
8 'polypeptide(L)'
;MNLMITLLTNFTLATLLVTIAFWLPQLNVYSEKTSPYECGFDPMGSARLPFSMKFFLVAITFLLFDLEIALLLPLPWASQ
TTNLNTMLTMALLLIFLLAVSLAYEWTQKGLEWTE
;
A
9 'polypeptide(L)'
;MFMINVLTLIIPILLAVAFLTLVERKVLGYMQFRKGPNVVGPYGLLQPIADAIKLFIKEPLRPATSSISMFILAPILALT
LALTMWIPLPMPYPLINMNLGVLFMLAMSSLAVYSILWSGWASNSKYALIGALRAVAQTISYEVTLAIILLSVLLMNGSF
TLSTLIITQEQVWLIFPAWPLAMMWFISTLAETNRAPFDLTEGESELVSGFNVEYAAGPFALFFMAEYANIIMMNIFTTT
LFLGAFHNPYMPELYTINFTIKSLLLSITFLWIRASYPRFRYDQLMHLLWKNFLPLTLALCMWHVSLPILLSSIPPQT
;
H
10 'polypeptide(L)'
;MMTYIVFILSIIFVMGFVGFSSKPSPIYGGLGLIVSGGVGCGIVLNFGGSFLGLMVFLIYLGGMMVVFGYTTAMATEQYP
EVWVSNKVVLGTFITGLLMEFLMVYYVLKDKEVEIVFKFNGMGDWVIYDTGDSGFFSEEAMGIAALYSYGTWLVIVTGWS
LLIGVVVIMEITRGN
;
J
11 'polypeptide(L)'
;(FME)SLVYMNIMMAFTVSLTGLLMYRSHLMSSLLCLEGMMLSLFILATLMILNSHFTLASMMPIILLVFAACEAALGLS
LLVMVSNTYGTDYVQNLNLLQC
;
K
12 'polypeptide(L)'
;(FME)NLFSSLTLVTLILLTMPIAAINFNTHKFTNYPLYVKTTISCAFITSMIPTMMFIHTGQEMIISNWHWLTIQTLKL
SLSFKMDFFSMMFVPVALFVTWSIMEFSMWYMHSDPNINQFFKYLLLFLITMLILVTANNLFQLFIGWEGVGIMSFLLIG
WWYGRTDANTAALQAILYNRIGDIGFILAMAWFLINLNTWDLQQIFMLNPNDSNLPLMGLILAATGKSAQFGLHPWLPSA
MEGPTPVSALLHSSTMVVAGIFLLIRFYPLTENNKFGQSIMLCLGAMTTLFTAMCALTQNDIKKIIAFSTSSQLGLMMVT
IGINQPHLAFLHICTHAFFKAMLFMCSGSIIHSLNDEQDIRKMGGLFKAMPFTTTALIIGSLALTGMPFLTGFYSKDLII
ESANTSYTNAWALLMTLVATSFTAIYSTRIIFFALLGQPRFPTLININENNPFLINSIKRLLIGSLFAGFIISNNIPPMT
IPQMTMPHYLKMTALTVTILGFILALEISNTTHYLKFNYPSNTFKFSNLLGYYPTIMHRLTPYMNLTMSQKSASSLLDLI
WLETILPKTISLAQMKMSTTITSQKGLIKLYFLSFLITILISTTLLNFHE
;
L
13 'polypeptide(L)'
;(FME)LKYIIPTMMLMPLTWLSKNSMIWINTTLHSLLISLTSLLLLNQFGDNSLNFSLTFFSDSLSTPLLILTMWLLPLM
LMASQHHLSKENLARKKLFISMLILLQLFLIMTFTATELIFFYIMFEATLVPTLIIITRWGNQTERLNAGLYFLFYTLAG
SLPLLVALIYIQNTMGSLNFLILQYWVQPMPNSWSNTFMWLACMMAFMVKMPLYGLHLWLPKAHVEAPIAGSMVLAAILL
KLGGYGMMRITLLLNPITDFMAYPFIMLSLWGMIMTSSICLRQTDLKSLIAYSSVSHMALVIVAILIQTPWSYMGATALM
IAHGLTSSMLFCLANSNYERVHSRTMILARGLQTLLPLMAAWWLLASLTNLALPPSINLIGELFVVMSTFSWSNITIILM
GLNMVITALYSLYMLITTQRGKHTHHINNILPSFTRENALMSLHMLPLLLLSLNPKIILGPLY
;
M
14 'polypeptide(L)'
;MNPIILIIILMTVMLGTIIVMISTHWLLIWIGFEMNMLAIIPIMMKKHNPRATEASTKYFLTQSTASMLLMMAIIINLMF
SGQWTVMKLFNPMASMLMTMALAMKLGMAPFHFWVPEVTQGIPLSSGLILLTWQKLAPMSVLYQILPSINLDLILTLSIL
SITIGGWGGLNQTQLRKIMAYSSIAHMGWMTAVLLYNPTMTLLNLIIYIIMTSTMFTLFMANSTTTTLSLSHTWNKAPIM
TILVLITLLSMGGLPPLSGFMPKWMIIQEMTKNDSIILPTLMAITALLNLYFYMRLTYSTALTMFPSTNNMKMKWQFPTT
KRMTLLPTMTVLSTMLLPLTPILSILE
;
N
15 'polypeptide(L)'
;M(AYA)KTLLHQYWDIPEGTECHRKTYAATSIGGASGLVVSAYSVALKTPTSFLEGVARTGRYTFTAAAIGAIFGLTSCI
SAQVREKPDDPLNYLIGGCAGGLTLGARTRSYGIGAAACAYMGLTAALVKMGQLEGWKVFAEPKV
;
V
16 'polypeptide(L)'
;MAAMSLLHRASVSAVVALSGRRLGTRLGFGGFLTRDFPKTVAPVRHSGDHGKRLFIIKPSGFYDKRFLKLLRFYILLTGI
PVVIGITLINVFIGEAELAEIPEGYVPEHWEYFKHPISRWIARTFFDAPEKNYERTMAILQIESEKAELRLKELEVRRLM
RAKGDGPWFQYPTIDKALIDHSPKATPDN
;
W
17 'polypeptide(L)'
;VEVKDFYTTNYQTAVSFSPLGPMPSMALMAVSLSGANVPKSGGRPEESRVPVLTQRKVPGRVTPLCRQYSDAPPLTLEGI
KDRVLYVLKLYDKIDPEKLSVNSHFMKDLGLDSLDQVEIIMAMEDEFGFEIPDIDAEKLMCPQEIVDYIADKKDVYE
;
X,j
18 'polypeptide(L)'
;MPGIVELPSLEDLKVQEVKVSSSVLKAAAHHYGAQCDKPNKEFMLCRWEEKDPRRCLEEGKLVNQCALEFFRQIKRHCAE
PFTEYWTCIDYSGLQLFRRCRKEQAQFDKCVLDKLGWVRPDLGELSKVTKVKTDRPLPENPYHSRARPEPNPEVEGDLKP
ARHGSRLFFWTM
;
Y
19 'polypeptide(L)'
;PDSWDKDVYPEPPRRTPAPSPQTSLPNPITYLTKAFDLLVDRPVTLVREFIERQHAKNKYYYYHREFRRVPDITECHEKD
VLCMFEAEMQWKRDYKVDQEIVNIIQERLKACQQREGESHRQNCAKELQQFTQVVKAYQDRYHDLGAHYSARKCLAKQKQ
RMLAERKATKEAAAA
;
Z
20 'polypeptide(L)'
;MAASLLLRQGRPGTLKTVLLEAGVFRGLAPAVSLSAESGKNEKGLPPNPKKQSPPKKPASAAPTEPFDNTTYKNLQHHDY
STYTFLDLNLDLSKFRMPQPSSGRESPRH
;
a
21 'polypeptide(L)'
;MAAAVTFLRLLGRGGAVTRGLPGGARCFGVRTSPTGEKVTHTGQVYDDEDYRRVRFVGRQKEVNENFAIDLIAEQPVSQV
GSRVISCDGGGGALGHPRVYINLDKETKTGTCGYCGLQFRQQHH
;
b
22 'polypeptide(L)'
;MSVALRQALWGRRVGTVAAVSVSKVSTRSLSTSTWRLAQDQTRDTQLITVDEKLDITTLTGVPEEHIKTRKARIFVPARN
NMQSGVNNTKKWKMEFDTRERWENPLMGWASTADPLSNLVLTFSTKEDAIAFAEKNGWSYDVEERKVPKPKSKSYGANFS
WNKRTRVSTK
;
c
23 'polypeptide(L)'
;MAAAVHLRVVRVLPMSRSSVPALAASVFHSPPQRQLHHAVIPHGKGGRSSVSGIVATVFGATGFLGRYLVNHLGRMGSQV
IVPYRCEPYDTMHLRPMGDLGQIIFMDWNGRDKDSIRRAVEHSNVVINLVGREWETKNFDFEDVFVKIPQAIAQVSKEAG
VEKFIHISHLNADIKSSSKYLRNKAVGEKEVRETFPEATIIKPADIFGREDRFLNYFANIRWFGGVPLISLGKKTVKQPV
YIVDVTKGIINAIKDPDARGKTFAFVGPNRYLLFDLVQYVFAVAHRPFLPYPMPHFAYRWIGRLFEISPFEPWTTRDKVE
RIHTTDRTLPHLPGLEDLGVQATPLELKAIEVLRRHRTYRWLSSEIEDVQPAKTVPASGP
;
d
24 'polypeptide(L)'
;MAAAAAIRGVRGKLGLREIRIHLCQRSPGSQGVRDFIEKRYVELKKANPDLPILIRECSDVQPKLWARYAFGQEKNVSLN
NFSADQVTRALENVLSSKA
;
e
25 'polypeptide(L)'
;MAGLLKKTTGLVGLAVCETPHERLKILYTKILDVLGHIPKNAAYRKYTEQITNEKLSIVKAEPDVKKLEEQLQGGQIEEV
ILQAENELSLARKMIQWKPWEPLVEEPPASQWKWPI
;
f
26 'polypeptide(L)'
;NGVELGSDFLSKMAASGLRQAAVAASTSVKPIFSRDMNEAKRRVRELYRAWYREVPNTVHLFQLDISVKQGRDKVREMFK
KNAHVTDPRVVDLLVIKGKMELEETINVWKQRTHVMRFFHETEAPRPKDFLSKFYVGHDP
;
g
27 'polypeptide(L)'
;KM(AYA)SATRLIQGLRNWASGRDLQAKLQLRYQEISKRTQPPPKLPVGPSHRLSNNYYCARDGRREAMPPSIVMSSQKV
LVAGKPAESSAVAASEKKAVSPAPPIKRWELSQDEPYL
;
h
28 'polypeptide(L)'
;MELLQVLKRGLQQVSGHGGLRGYLRVLFRANDVRVGTLVGEDKYGNKYYEDNKQFFGRHRWVIYTTEMNGKNTFWDVDGS
MVPPEWHRWLHCMTDDPPTVKPPTARKFIWTNHKFNLSGTPQQYVPYSTTRKKIQEWVPPSTPYK
;
i
29 'polypeptide(L)'
;MALRFLRLVPASAASRGLAAVPPRVGGIHTSVQRKLQYGPLAYILGEKTTKKMTENSKLITVDGNICSGK(SEP)KLAKE
VAEKLGLKHFPEAGIHYADSTTGDGKPLPVRFSGNCSLEKFYDDPKSNDGNSYRLQAWLYASRLLQYADALEHLLSTGQG
VVLERSIYSDFVFLEAMYRQGFIRKQCVDHYNQVKKVTVCEYLPPHVVIYVDVPVSEVQSRIQKKGNPHEMKITSAYLQD
IENVYKGTFLPEMSEKCEVLQYSAWEAEDAEKVVEDIQYLKYDKGPWLDQDDRKLHNLRMLVQDKLEVLNYTSIPVFLPE
VTIGAHQSDRVFQEFTELPGRKYRAGYNEDVGDKWIWLK
;
k
30 'polypeptide(L)'
;MPFFDVQKKLGVDLDHWMTIQSAEQPHRIPARCHAFEKEWIECAHGIGSIRAEKECKIEFEDFRECLLRQKTMKRLNAIK
RQRDKLIKEGKYTPPPHHSGQEDLRP
;
l
31 'polypeptide(L)'
;MAPRVAAFLKNVWAKEPVLVASFAIAGLAVILPTLSPYTKYSLMINRATPYNYPVPLRDDGNMPDVPSHPQDPQGPSLEW
LKRL
;
m
32 'polypeptide(L)'
;MAHGHGHEHGPSKMELPDYKQWKIEGTPLETVQEKLAARGLRDPWGRNEAWRYMGGFANNVSFVGALLKGFKWGFAAFVV
AVGAEYYLESQKKDKKHH
;
n
33 'polypeptide(L)'
;VTMMTGRQARAPLQFLPDEARSLPPPKLTDPRLAYIGFLGYCSGLIDNAIRRRPVLSAGLHRQFLYITSFVFVGYYLLKR
QDYMYAVRDHDMFSYIKSHPEDFPEKDKKTYREVFEEFHPVR
;
o
34 'polypeptide(L)'
;KMSFPKYEPSRLASLPTTLDPAEYDISSETRKAQAERLAIRSRLKREYQLQYNDPSRRGVVEDPALIRWTCARSANVYPN
FRPNTKTSLLGALFGIGPLIFWYYVFKTDRDRKEKLIQEGKLDRTFNISY
;
p
35 'polypeptide(L)'
;MAASKVKQDMPPVGGYGPIDYKRNLPRRGLSGYSMFAVGIGALLFGYWSMMRWNRERRRLQIEDFEARIALMPLLQAEKD
RRVLQMLRENLEEEATIMKDVPGWKVGESVFHTTRWVTPMMGELYGLRTGEEILSSTYGFIWYT
;
q
36 'polypeptide(L)'
;MSGYTPDEKLRLQQLRELRRRWLKDQELSPREPVLPPRRVSPVERFWNKFLQDGALWKNVIYKTYRHSIFAFTHVLIPVW
IIHYYLKYHVTTKPYTIVEKKPRIFPGDTILETGEVIPPMKEFPDQHH
;
r
37 'polypeptide(L)'
;MGAHLARRYLGDASVEPEPLRMPTFPPDYGFPERKEREMVATQQEMNDAQLVLQQRDYCAHYLIRFLKCKRDSFPNFLAC
KHEQHDWDYCEHLDYVKRMKEFERERRLLQRKKRREQREADMAKGLGPGEVAPEVAL
;
s
38 'polypeptide(L)'
;MAFLPSAAYLTHQQKVLQLYKRALRHLESRCVHRDKYRYFACLLRARFDEHKNEKDMVKATQLLREAEKEFWHGQHPQPY
IFPESPGGTSYERYECYKVPEWCLDDWHPSEKAMYPDYFAKREQWKKLRRESWEREVKQLQEETPVGGPRTEALPPARKQ
GDLPPLWWHIVTRPRERPM
;
t
39 'polypeptide(L)'
;MAGMSALKRLAPFAHVGGHLFRGRCARAVGAGGVRRAGGGAHIEPRYRQFPQLTRSQVIQAEFFSATMWFWILWRFWHDS
DAVLGHFPYPDPSQWTDEELGIPPDDED
;
u
40 'polypeptide(L)'
;MAAARAGVLGIRWLQKAARNVVPLGARTASHITKDMLPGPYPKTPEERAAAAKKYNMRVEDYEPYPDDGMGYGDYPKLPD
RSQQERDPWYDWDHPDLRLNWGEPMHWDLDMYIRNRVDTSPTPVNWNLMCKHLFGFVAFMLFMFWVGETYPTYQPVGPKQ
YPYNNLYLERGGDPNKEPEPVVHYEI
;
v
41 'polypeptide(L)'
;MAAGMLGLCGRRLLAVAATRGLPAASVRWESSSSRAVIAPSTLAGKRPSEPTLRWQEDPEPEDENLYEKNPDSHGYDKDP
AVDVWNMRVVFFFGFSIVLVLGSTFVAYLPDYRMQEWARREAERLVKYREAHGLPLMESNCFDPSKIQLPEDED
;
w
42 'polypeptide(L)' MAPSAFLRPFWKLLAPARFPSVSSSRSKFYIQEPPHGSPNWLKVGLTLGTSAFLWIYLIKQHNEDVLEYKRRNGLE x
43 'polypeptide(L)' MMNLLQVVRDHWIHVLVPVGFVFGYYLDRKNDEKLAAFRNKSLLYKRELKPQEEVTWK y
44 'polypeptide(L)' MWFEVLPGIAVMGVCLFIPGMATARIHRFSNGGREKRVAHYSYQWYLMERDRRVSGVNRYYVSKGLENID z
#
loop_
_chem_comp.id
_chem_comp.type
_chem_comp.name
_chem_comp.formula
3PE non-polymer 1,2-Distearoyl-sn-glycerophosphoethanolamine 'C41 H82 N O8 P'
AMP non-polymer 'ADENOSINE MONOPHOSPHATE' 'C10 H14 N5 O7 P'
CDL non-polymer CARDIOLIPIN 'C81 H156 O17 P2 -2'
FES non-polymer 'FE2/S2 (INORGANIC) CLUSTER' 'Fe2 S2'
FMN non-polymer 'FLAVIN MONONUCLEOTIDE' 'C17 H21 N4 O9 P'
K non-polymer 'POTASSIUM ION' 'K 1'
MYR non-polymer 'MYRISTIC ACID' 'C14 H28 O2'
NDP non-polymer 'NADPH DIHYDRO-NICOTINAMIDE-ADENINE-DINUCLEOTIDE PHOSPHATE' 'C21 H30 N7 O17 P3'
PC1 non-polymer 1,2-DIACYL-SN-GLYCERO-3-PHOSPHOCHOLINE 'C44 H88 N O8 P'
SF4 non-polymer 'IRON/SULFUR CLUSTER' 'Fe4 S4'
ZMP non-polymer 'S-[2-({N-[(2S)-2-hydroxy-3,3-dimethyl-4-(phosphonooxy)butanoyl]-beta-alanyl}amino)ethyl] tetradecanethioate' 'C25 H49 N2 O8 P S'
ZN non-polymer 'ZINC ION' 'Zn 2'
#
# COMPACT_ATOMS: atom_id res chain seq x y z
N LYS A 29 -111.36 62.21 -21.06
CA LYS A 29 -111.69 62.07 -22.48
C LYS A 29 -111.04 60.81 -23.05
N THR A 30 -111.86 59.92 -23.62
CA THR A 30 -111.34 58.67 -24.17
C THR A 30 -111.16 58.71 -25.68
N SER A 31 -111.93 59.54 -26.38
CA SER A 31 -111.79 59.70 -27.82
C SER A 31 -111.21 61.07 -28.13
N PHE A 32 -110.11 61.09 -28.87
CA PHE A 32 -109.40 62.32 -29.20
C PHE A 32 -109.54 62.61 -30.69
N GLY A 33 -109.01 63.75 -31.11
CA GLY A 33 -109.21 64.26 -32.44
C GLY A 33 -110.41 65.19 -32.51
N SER A 34 -110.77 65.54 -33.75
CA SER A 34 -111.89 66.42 -34.10
C SER A 34 -111.76 67.78 -33.39
N LEU A 35 -110.72 68.50 -33.78
CA LEU A 35 -110.36 69.77 -33.16
C LEU A 35 -111.07 70.91 -33.87
N LYS A 36 -111.74 71.76 -33.10
CA LYS A 36 -112.51 72.87 -33.65
C LYS A 36 -111.63 74.10 -33.87
N ASP A 37 -112.18 75.08 -34.60
CA ASP A 37 -111.44 76.27 -34.95
C ASP A 37 -111.31 77.27 -33.81
N GLU A 38 -112.13 77.15 -32.77
CA GLU A 38 -111.97 78.00 -31.61
C GLU A 38 -110.80 77.58 -30.75
N ASP A 39 -110.28 76.38 -30.94
CA ASP A 39 -109.17 75.87 -30.15
C ASP A 39 -107.85 75.84 -30.93
N ARG A 40 -107.89 76.17 -32.23
CA ARG A 40 -106.68 76.19 -33.04
C ARG A 40 -105.79 77.34 -32.61
N ILE A 41 -104.58 77.02 -32.16
CA ILE A 41 -103.59 78.04 -31.89
C ILE A 41 -103.15 78.70 -33.18
N PHE A 42 -102.75 77.90 -34.17
CA PHE A 42 -102.22 78.43 -35.42
C PHE A 42 -103.36 78.71 -36.40
N THR A 43 -104.16 79.72 -36.07
CA THR A 43 -105.00 80.35 -37.08
C THR A 43 -104.10 81.09 -38.06
N ASN A 44 -104.60 81.26 -39.28
CA ASN A 44 -103.82 81.68 -40.45
C ASN A 44 -102.62 80.74 -40.65
N LEU A 45 -102.90 79.45 -40.56
CA LEU A 45 -101.87 78.47 -40.92
C LEU A 45 -101.69 78.39 -42.43
N TYR A 46 -102.74 78.66 -43.18
CA TYR A 46 -102.81 78.40 -44.60
C TYR A 46 -102.53 79.63 -45.45
N GLY A 47 -102.15 80.74 -44.83
CA GLY A 47 -101.93 81.96 -45.58
C GLY A 47 -103.18 82.66 -46.03
N ARG A 48 -104.35 82.27 -45.53
CA ARG A 48 -105.61 82.80 -46.03
C ARG A 48 -105.97 84.14 -45.43
N HIS A 49 -105.19 84.65 -44.49
CA HIS A 49 -105.40 85.96 -43.90
C HIS A 49 -104.08 86.71 -43.88
N ASP A 50 -104.12 87.98 -43.48
CA ASP A 50 -102.94 88.82 -43.50
C ASP A 50 -101.97 88.39 -42.41
N TRP A 51 -100.75 88.05 -42.80
CA TRP A 51 -99.72 87.64 -41.85
C TRP A 51 -99.10 88.81 -41.10
N ARG A 52 -99.35 90.04 -41.53
CA ARG A 52 -98.67 91.20 -40.97
C ARG A 52 -99.29 91.59 -39.64
N LEU A 53 -98.88 92.74 -39.11
CA LEU A 53 -99.20 93.09 -37.73
C LEU A 53 -100.67 93.49 -37.59
N LYS A 54 -101.23 94.17 -38.60
CA LYS A 54 -102.63 94.53 -38.55
C LYS A 54 -103.54 93.33 -38.73
N GLY A 55 -103.02 92.24 -39.27
CA GLY A 55 -103.76 90.99 -39.32
C GLY A 55 -103.58 90.18 -38.06
N ALA A 56 -102.35 90.13 -37.55
CA ALA A 56 -102.05 89.31 -36.38
C ALA A 56 -102.67 89.86 -35.11
N GLN A 57 -102.77 91.18 -34.99
CA GLN A 57 -103.44 91.76 -33.84
C GLN A 57 -104.94 91.51 -33.89
N SER A 58 -105.51 91.39 -35.09
CA SER A 58 -106.93 91.13 -35.25
C SER A 58 -107.30 89.66 -35.13
N ARG A 59 -106.32 88.78 -34.92
CA ARG A 59 -106.58 87.36 -34.70
C ARG A 59 -106.27 86.93 -33.28
N GLY A 60 -105.70 87.80 -32.45
CA GLY A 60 -105.44 87.50 -31.06
C GLY A 60 -104.02 87.69 -30.62
N ASP A 61 -103.06 87.82 -31.54
CA ASP A 61 -101.66 87.98 -31.16
C ASP A 61 -101.40 89.39 -30.63
N TRP A 62 -100.35 89.49 -29.80
CA TRP A 62 -99.92 90.73 -29.15
C TRP A 62 -101.01 91.36 -28.30
N TYR A 63 -101.86 90.53 -27.69
CA TYR A 63 -102.91 90.99 -26.80
C TYR A 63 -102.49 90.73 -25.36
N LYS A 64 -102.55 91.79 -24.54
CA LYS A 64 -102.18 91.77 -23.12
C LYS A 64 -100.77 91.23 -22.89
N THR A 65 -99.85 91.61 -23.78
CA THR A 65 -98.49 91.09 -23.67
C THR A 65 -97.74 91.73 -22.52
N LYS A 66 -98.00 93.00 -22.24
CA LYS A 66 -97.39 93.69 -21.10
C LYS A 66 -97.83 93.05 -19.80
N GLU A 67 -99.08 92.59 -19.72
CA GLU A 67 -99.55 91.91 -18.52
C GLU A 67 -98.94 90.53 -18.39
N ILE A 68 -98.52 89.91 -19.49
CA ILE A 68 -97.78 88.65 -19.39
C ILE A 68 -96.35 88.91 -18.93
N LEU A 69 -95.74 89.99 -19.42
CA LEU A 69 -94.35 90.28 -19.08
C LEU A 69 -94.21 90.76 -17.65
N LEU A 70 -95.23 91.43 -17.11
CA LEU A 70 -95.13 91.98 -15.75
C LEU A 70 -95.48 90.98 -14.65
N LYS A 71 -95.87 89.76 -14.98
CA LYS A 71 -96.15 88.76 -13.95
C LYS A 71 -94.94 87.91 -13.63
N GLY A 72 -93.78 88.23 -14.19
CA GLY A 72 -92.54 87.62 -13.78
C GLY A 72 -92.18 86.37 -14.56
N PRO A 73 -90.98 85.84 -14.29
CA PRO A 73 -90.58 84.58 -14.95
C PRO A 73 -91.30 83.38 -14.39
N ASP A 74 -91.57 83.37 -13.09
CA ASP A 74 -92.03 82.16 -12.42
C ASP A 74 -93.49 81.85 -12.74
N TRP A 75 -94.31 82.89 -12.94
CA TRP A 75 -95.67 82.68 -13.40
C TRP A 75 -95.72 82.08 -14.80
N ILE A 76 -94.89 82.59 -15.70
CA ILE A 76 -94.89 82.10 -17.08
C ILE A 76 -94.34 80.68 -17.14
N LEU A 77 -93.29 80.40 -16.36
CA LEU A 77 -92.77 79.03 -16.34
C LEU A 77 -93.74 78.07 -15.64
N GLY A 78 -94.50 78.55 -14.67
CA GLY A 78 -95.54 77.73 -14.09
C GLY A 78 -96.68 77.46 -15.05
N GLU A 79 -97.00 78.42 -15.91
CA GLU A 79 -98.05 78.20 -16.89
C GLU A 79 -97.59 77.29 -18.01
N VAL A 80 -96.29 77.22 -18.28
CA VAL A 80 -95.80 76.26 -19.26
C VAL A 80 -95.66 74.87 -18.63
N LYS A 81 -95.25 74.79 -17.36
CA LYS A 81 -95.18 73.50 -16.67
C LYS A 81 -96.57 72.91 -16.44
N THR A 82 -97.55 73.76 -16.14
CA THR A 82 -98.91 73.27 -15.88
C THR A 82 -99.59 72.84 -17.16
N SER A 83 -99.24 73.46 -18.29
CA SER A 83 -99.85 73.11 -19.56
C SER A 83 -99.38 71.78 -20.11
N GLY A 84 -98.33 71.19 -19.55
CA GLY A 84 -97.83 69.92 -20.03
C GLY A 84 -97.20 69.98 -21.40
N LEU A 85 -96.70 71.15 -21.79
CA LEU A 85 -96.09 71.31 -23.11
C LEU A 85 -94.78 70.55 -23.18
N ARG A 86 -94.62 69.77 -24.23
CA ARG A 86 -93.38 69.06 -24.51
C ARG A 86 -92.78 69.62 -25.78
N GLY A 87 -91.49 69.36 -25.97
CA GLY A 87 -90.77 69.99 -27.07
C GLY A 87 -91.21 69.44 -28.41
N ARG A 88 -91.52 70.34 -29.34
CA ARG A 88 -91.99 69.95 -30.65
C ARG A 88 -90.86 69.67 -31.63
N GLY A 89 -89.61 69.69 -31.16
CA GLY A 89 -88.49 69.53 -32.08
C GLY A 89 -88.23 68.10 -32.48
N GLY A 90 -88.65 67.14 -31.67
CA GLY A 90 -88.42 65.74 -31.98
C GLY A 90 -87.94 64.97 -30.79
N ALA A 91 -87.39 65.67 -29.79
CA ALA A 91 -86.98 65.01 -28.57
C ALA A 91 -88.15 64.82 -27.62
N GLY A 92 -89.05 65.80 -27.55
CA GLY A 92 -90.20 65.69 -26.67
C GLY A 92 -89.89 65.88 -25.21
N PHE A 93 -88.86 66.65 -24.88
CA PHE A 93 -88.55 66.91 -23.49
C PHE A 93 -89.56 67.91 -22.92
N PRO A 94 -89.93 67.78 -21.64
CA PRO A 94 -90.89 68.72 -21.05
C PRO A 94 -90.38 70.15 -21.04
N THR A 95 -91.17 71.03 -21.66
CA THR A 95 -90.68 72.35 -22.07
C THR A 95 -90.56 73.31 -20.89
N GLY A 96 -91.49 73.25 -19.94
CA GLY A 96 -91.37 74.08 -18.76
C GLY A 96 -90.21 73.69 -17.88
N LEU A 97 -90.01 72.38 -17.69
CA LEU A 97 -88.86 71.88 -16.95
C LEU A 97 -87.56 72.21 -17.67
N LYS A 98 -87.58 72.23 -19.00
CA LYS A 98 -86.40 72.62 -19.77
C LYS A 98 -86.08 74.09 -19.62
N TRP A 99 -87.10 74.94 -19.71
CA TRP A 99 -86.89 76.38 -19.66
C TRP A 99 -86.61 76.88 -18.26
N SER A 100 -86.97 76.13 -17.22
CA SER A 100 -86.65 76.53 -15.87
C SER A 100 -85.21 76.26 -15.48
N PHE A 101 -84.42 75.63 -16.37
CA PHE A 101 -82.98 75.51 -16.16
C PHE A 101 -82.27 76.84 -16.24
N MET A 102 -82.87 77.80 -16.93
CA MET A 102 -82.36 79.16 -17.06
C MET A 102 -82.84 80.07 -15.92
N ASN A 103 -83.83 79.63 -15.15
CA ASN A 103 -84.40 80.44 -14.08
C ASN A 103 -83.41 80.40 -12.92
N LYS A 104 -82.39 81.23 -13.02
CA LYS A 104 -81.26 81.26 -12.09
C LYS A 104 -80.65 82.64 -12.15
N PRO A 105 -80.00 83.12 -11.08
CA PRO A 105 -79.46 84.49 -11.11
C PRO A 105 -78.27 84.61 -12.05
N SER A 106 -78.15 85.79 -12.63
CA SER A 106 -77.11 86.07 -13.61
C SER A 106 -75.73 86.08 -12.95
N ASP A 107 -74.71 85.78 -13.76
CA ASP A 107 -73.32 85.77 -13.31
C ASP A 107 -72.46 86.65 -14.20
N GLY A 108 -73.03 87.72 -14.73
CA GLY A 108 -72.31 88.65 -15.58
C GLY A 108 -72.59 88.44 -17.05
N ARG A 109 -72.66 87.18 -17.47
CA ARG A 109 -72.90 86.84 -18.86
C ARG A 109 -74.38 87.06 -19.21
N PRO A 110 -74.66 87.45 -20.45
CA PRO A 110 -76.05 87.57 -20.89
C PRO A 110 -76.68 86.20 -21.06
N LYS A 111 -78.00 86.20 -21.28
CA LYS A 111 -78.73 84.98 -21.54
C LYS A 111 -79.47 85.14 -22.86
N TYR A 112 -79.59 84.04 -23.60
CA TYR A 112 -80.11 84.07 -24.96
C TYR A 112 -81.14 82.97 -25.16
N LEU A 113 -82.35 83.35 -25.55
CA LEU A 113 -83.26 82.40 -26.16
C LEU A 113 -82.85 82.19 -27.60
N VAL A 114 -82.83 80.94 -28.04
CA VAL A 114 -82.47 80.65 -29.41
C VAL A 114 -83.56 79.78 -30.03
N VAL A 115 -84.15 80.24 -31.12
CA VAL A 115 -85.26 79.53 -31.74
C VAL A 115 -84.71 78.67 -32.87
N ASN A 116 -84.99 77.37 -32.79
CA ASN A 116 -84.57 76.38 -33.77
C ASN A 116 -85.58 76.42 -34.91
N ALA A 117 -85.19 77.06 -36.01
CA ALA A 117 -86.02 77.14 -37.20
C ALA A 117 -85.36 76.46 -38.39
N ASP A 118 -84.46 75.52 -38.14
CA ASP A 118 -83.72 74.87 -39.23
C ASP A 118 -84.64 74.02 -40.08
N GLU A 119 -85.30 73.03 -39.47
CA GLU A 119 -86.36 72.21 -40.07
C GLU A 119 -85.86 71.49 -41.34
N GLY A 120 -84.83 70.69 -41.15
CA GLY A 120 -84.28 69.91 -42.24
C GLY A 120 -84.77 68.50 -42.29
N GLU A 121 -85.71 68.16 -41.43
CA GLU A 121 -86.18 66.78 -41.31
C GLU A 121 -87.02 66.42 -42.53
N PRO A 122 -86.77 65.27 -43.17
CA PRO A 122 -87.62 64.85 -44.28
C PRO A 122 -89.03 64.53 -43.81
N GLY A 123 -90.01 65.10 -44.50
CA GLY A 123 -91.38 65.06 -44.09
C GLY A 123 -91.85 66.31 -43.40
N THR A 124 -90.95 67.04 -42.74
CA THR A 124 -91.34 68.13 -41.86
C THR A 124 -91.33 69.44 -42.63
N CYS A 125 -92.48 70.10 -42.68
CA CYS A 125 -92.60 71.40 -43.32
C CYS A 125 -93.56 72.32 -42.56
N LYS A 126 -93.65 72.18 -41.24
CA LYS A 126 -94.62 72.94 -40.45
C LYS A 126 -94.07 74.25 -39.91
N ASP A 127 -92.78 74.31 -39.58
CA ASP A 127 -92.22 75.55 -39.06
C ASP A 127 -92.04 76.56 -40.16
N ARG A 128 -91.87 76.08 -41.40
CA ARG A 128 -92.00 76.93 -42.58
C ARG A 128 -93.38 77.59 -42.63
N GLU A 129 -94.43 76.85 -42.26
CA GLU A 129 -95.77 77.42 -42.30
C GLU A 129 -95.97 78.42 -41.17
N ILE A 130 -95.38 78.15 -40.01
CA ILE A 130 -95.49 79.10 -38.90
C ILE A 130 -94.76 80.40 -39.23
N ILE A 131 -93.54 80.30 -39.76
CA ILE A 131 -92.74 81.48 -40.03
C ILE A 131 -93.31 82.24 -41.23
N ARG A 132 -93.80 81.53 -42.23
CA ARG A 132 -94.29 82.18 -43.43
C ARG A 132 -95.66 82.79 -43.22
N HIS A 133 -96.46 82.25 -42.31
CA HIS A 133 -97.86 82.64 -42.22
C HIS A 133 -98.27 83.22 -40.87
N ASP A 134 -97.58 82.89 -39.78
CA ASP A 134 -97.88 83.45 -38.45
C ASP A 134 -96.60 83.98 -37.80
N PRO A 135 -95.96 85.01 -38.37
CA PRO A 135 -94.62 85.36 -37.90
C PRO A 135 -94.63 86.13 -36.59
N HIS A 136 -95.66 86.98 -36.42
CA HIS A 136 -95.78 87.76 -35.19
C HIS A 136 -96.08 86.87 -34.00
N LYS A 137 -96.69 85.71 -34.23
CA LYS A 137 -96.83 84.73 -33.16
C LYS A 137 -95.47 84.18 -32.73
N LEU A 138 -94.55 84.02 -33.68
CA LEU A 138 -93.20 83.59 -33.33
C LEU A 138 -92.45 84.70 -32.60
N VAL A 139 -92.66 85.96 -32.99
CA VAL A 139 -92.01 87.09 -32.32
C VAL A 139 -92.52 87.25 -30.90
N GLU A 140 -93.84 87.12 -30.70
CA GLU A 140 -94.39 87.22 -29.35
C GLU A 140 -93.98 86.02 -28.51
N GLY A 141 -93.82 84.85 -29.13
CA GLY A 141 -93.29 83.71 -28.42
C GLY A 141 -91.85 83.91 -27.99
N CYS A 142 -91.05 84.53 -28.85
CA CYS A 142 -89.67 84.88 -28.49
C CYS A 142 -89.65 85.83 -27.30
N LEU A 143 -90.53 86.83 -27.30
CA LEU A 143 -90.56 87.81 -26.21
C LEU A 143 -91.00 87.17 -24.89
N VAL A 144 -92.08 86.37 -24.93
CA VAL A 144 -92.60 85.75 -23.71
C VAL A 144 -91.64 84.69 -23.17
N GLY A 145 -91.10 83.84 -24.06
CA GLY A 145 -90.15 82.83 -23.64
C GLY A 145 -88.83 83.41 -23.18
N GLY A 146 -88.41 84.55 -23.73
CA GLY A 146 -87.19 85.18 -23.27
C GLY A 146 -87.35 85.90 -21.96
N ARG A 147 -88.53 86.48 -21.71
CA ARG A 147 -88.81 87.02 -20.38
C ARG A 147 -88.89 85.92 -19.33
N ALA A 148 -89.44 84.76 -19.72
CA ALA A 148 -89.58 83.63 -18.81
C ALA A 148 -88.23 83.10 -18.34
N MET A 149 -87.21 83.16 -19.19
CA MET A 149 -85.88 82.70 -18.84
C MET A 149 -84.90 83.82 -18.58
N GLY A 150 -85.34 85.07 -18.62
CA GLY A 150 -84.46 86.20 -18.37
C GLY A 150 -83.48 86.47 -19.49
N ALA A 151 -83.86 86.21 -20.72
CA ALA A 151 -82.94 86.31 -21.84
C ALA A 151 -82.75 87.76 -22.27
N ARG A 152 -81.55 88.06 -22.74
CA ARG A 152 -81.28 89.39 -23.28
C ARG A 152 -81.92 89.55 -24.65
N ALA A 153 -81.65 88.63 -25.56
CA ALA A 153 -82.10 88.72 -26.94
C ALA A 153 -82.47 87.34 -27.46
N ALA A 154 -83.02 87.31 -28.65
CA ALA A 154 -83.44 86.07 -29.30
C ALA A 154 -82.77 85.95 -30.66
N TYR A 155 -82.01 84.88 -30.84
CA TYR A 155 -81.41 84.55 -32.13
C TYR A 155 -82.25 83.44 -32.76
N ILE A 156 -82.97 83.78 -33.82
CA ILE A 156 -83.76 82.79 -34.56
C ILE A 156 -82.89 82.27 -35.69
N TYR A 157 -82.52 81.00 -35.60
CA TYR A 157 -81.69 80.37 -36.63
C TYR A 157 -82.61 79.79 -37.68
N ILE A 158 -82.89 80.56 -38.71
CA ILE A 158 -83.79 80.09 -39.74
C ILE A 158 -82.97 79.36 -40.79
N ARG A 159 -83.64 78.46 -41.51
CA ARG A 159 -83.03 77.74 -42.60
C ARG A 159 -82.64 78.69 -43.72
N GLY A 160 -81.45 78.48 -44.28
CA GLY A 160 -80.99 79.34 -45.35
C GLY A 160 -81.73 79.13 -46.64
N GLU A 161 -82.31 77.94 -46.84
CA GLU A 161 -83.13 77.72 -48.03
C GLU A 161 -84.45 78.47 -47.92
N PHE A 162 -84.89 78.77 -46.70
CA PHE A 162 -86.12 79.53 -46.49
C PHE A 162 -85.83 81.02 -46.58
N TYR A 163 -85.56 81.49 -47.80
CA TYR A 163 -85.20 82.88 -47.95
C TYR A 163 -86.41 83.80 -47.94
N ASN A 164 -87.47 83.42 -48.67
CA ASN A 164 -88.70 84.19 -48.68
C ASN A 164 -89.35 84.17 -47.30
N GLU A 165 -89.24 83.04 -46.61
CA GLU A 165 -89.74 82.95 -45.24
C GLU A 165 -88.91 83.80 -44.28
N ALA A 166 -87.59 83.90 -44.52
CA ALA A 166 -86.75 84.73 -43.66
C ALA A 166 -87.06 86.20 -43.84
N SER A 167 -87.20 86.66 -45.08
CA SER A 167 -87.56 88.05 -45.32
C SER A 167 -88.98 88.35 -44.85
N ASN A 168 -89.86 87.34 -44.91
CA ASN A 168 -91.21 87.45 -44.36
C ASN A 168 -91.17 87.73 -42.86
N LEU A 169 -90.40 86.91 -42.13
CA LEU A 169 -90.20 87.11 -40.69
C LEU A 169 -89.47 88.41 -40.39
N GLN A 170 -88.61 88.88 -41.30
CA GLN A 170 -87.89 90.13 -41.07
C GLN A 170 -88.79 91.34 -41.21
N VAL A 171 -89.74 91.30 -42.16
CA VAL A 171 -90.74 92.36 -42.25
C VAL A 171 -91.60 92.37 -40.99
N ALA A 172 -91.93 91.17 -40.47
CA ALA A 172 -92.69 91.11 -39.22
C ALA A 172 -91.90 91.65 -38.03
N ILE A 173 -90.60 91.37 -37.97
CA ILE A 173 -89.79 91.86 -36.85
C ILE A 173 -89.58 93.37 -36.93
N ARG A 174 -89.47 93.91 -38.15
CA ARG A 174 -89.45 95.36 -38.29
C ARG A 174 -90.78 95.98 -37.86
N GLU A 175 -91.90 95.32 -38.16
CA GLU A 175 -93.20 95.80 -37.69
C GLU A 175 -93.34 95.72 -36.18
N ALA A 176 -92.69 94.75 -35.54
CA ALA A 176 -92.79 94.66 -34.08
C ALA A 176 -91.82 95.59 -33.37
N TYR A 177 -90.70 95.96 -34.01
CA TYR A 177 -89.85 97.02 -33.46
C TYR A 177 -90.50 98.38 -33.60
N GLU A 178 -91.07 98.66 -34.78
CA GLU A 178 -91.65 99.99 -35.02
C GLU A 178 -92.94 100.21 -34.25
N ALA A 179 -93.56 99.16 -33.74
CA ALA A 179 -94.70 99.28 -32.85
C ALA A 179 -94.30 99.26 -31.39
N GLY A 180 -93.01 99.21 -31.09
CA GLY A 180 -92.56 99.17 -29.72
C GLY A 180 -92.82 97.87 -29.01
N LEU A 181 -93.12 96.80 -29.74
CA LEU A 181 -93.46 95.53 -29.11
C LEU A 181 -92.23 94.78 -28.65
N ILE A 182 -91.12 94.91 -29.37
CA ILE A 182 -89.83 94.36 -28.95
C ILE A 182 -88.81 95.48 -29.02
N GLY A 183 -87.66 95.23 -28.42
CA GLY A 183 -86.58 96.20 -28.41
C GLY A 183 -86.45 96.92 -27.09
N LYS A 184 -86.14 98.22 -27.16
CA LYS A 184 -86.10 99.07 -25.97
C LYS A 184 -87.50 99.19 -25.38
N ASN A 185 -87.64 98.78 -24.10
CA ASN A 185 -88.89 98.82 -23.35
C ASN A 185 -90.00 98.03 -24.07
N ALA A 186 -89.78 96.72 -24.15
CA ALA A 186 -90.61 95.83 -24.96
C ALA A 186 -92.02 95.76 -24.38
N CYS A 187 -93.01 96.13 -25.21
CA CYS A 187 -94.43 96.19 -24.86
C CYS A 187 -94.71 97.10 -23.67
N GLY A 188 -93.85 98.07 -23.41
CA GLY A 188 -94.05 98.99 -22.30
C GLY A 188 -93.91 98.38 -20.92
N SER A 189 -93.15 97.30 -20.80
CA SER A 189 -93.02 96.60 -19.53
C SER A 189 -91.69 96.85 -18.83
N GLY A 190 -90.83 97.70 -19.39
CA GLY A 190 -89.53 97.90 -18.80
C GLY A 190 -88.58 96.74 -19.01
N TYR A 191 -88.68 96.06 -20.15
CA TYR A 191 -87.82 94.94 -20.49
C TYR A 191 -87.20 95.21 -21.85
N ASP A 192 -85.90 94.97 -21.97
CA ASP A 192 -85.17 95.21 -23.21
C ASP A 192 -84.90 93.87 -23.88
N PHE A 193 -85.40 93.69 -25.09
CA PHE A 193 -85.35 92.37 -25.73
C PHE A 193 -85.23 92.54 -27.23
N ASP A 194 -84.10 92.14 -27.79
CA ASP A 194 -83.93 92.13 -29.24
C ASP A 194 -84.28 90.77 -29.81
N VAL A 195 -84.64 90.77 -31.09
CA VAL A 195 -84.95 89.54 -31.82
C VAL A 195 -84.16 89.55 -33.12
N PHE A 196 -83.29 88.57 -33.31
CA PHE A 196 -82.41 88.47 -34.45
C PHE A 196 -82.81 87.30 -35.33
N VAL A 197 -82.44 87.36 -36.60
CA VAL A 197 -82.60 86.23 -37.50
C VAL A 197 -81.23 85.92 -38.10
N VAL A 198 -80.77 84.70 -37.87
CA VAL A 198 -79.52 84.21 -38.43
C VAL A 198 -79.88 83.16 -39.46
N ARG A 199 -79.48 83.38 -40.71
CA ARG A 199 -79.77 82.41 -41.76
C ARG A 199 -78.70 81.34 -41.80
N GLY A 200 -79.13 80.09 -41.89
CA GLY A 200 -78.22 78.98 -42.05
C GLY A 200 -77.69 78.90 -43.47
N ALA A 201 -76.94 77.84 -43.73
CA ALA A 201 -76.34 77.74 -45.05
C ALA A 201 -76.40 76.32 -45.60
N GLY A 202 -77.41 75.55 -45.24
CA GLY A 202 -77.59 74.26 -45.88
C GLY A 202 -76.88 73.10 -45.23
N ALA A 203 -77.22 72.82 -43.98
CA ALA A 203 -76.77 71.64 -43.28
C ALA A 203 -77.88 71.18 -42.34
N TYR A 204 -78.31 69.93 -42.47
CA TYR A 204 -79.35 69.39 -41.60
C TYR A 204 -78.88 69.22 -40.17
N ILE A 205 -77.58 69.03 -39.96
CA ILE A 205 -77.04 68.88 -38.61
C ILE A 205 -77.15 70.16 -37.80
N CYS A 206 -77.29 71.32 -38.46
CA CYS A 206 -77.53 72.56 -37.73
C CYS A 206 -78.92 72.68 -37.14
N GLY A 207 -79.75 71.64 -37.10
CA GLY A 207 -81.00 71.68 -36.36
C GLY A 207 -80.82 71.09 -34.98
N GLU A 208 -79.75 70.32 -34.81
CA GLU A 208 -79.35 69.87 -33.48
C GLU A 208 -78.90 71.09 -32.70
N GLU A 209 -79.24 71.11 -31.40
CA GLU A 209 -79.22 72.36 -30.65
C GLU A 209 -77.81 72.90 -30.45
N THR A 210 -76.86 72.02 -30.11
CA THR A 210 -75.49 72.46 -29.93
C THR A 210 -74.82 72.77 -31.26
N ALA A 211 -75.13 72.04 -32.33
CA ALA A 211 -74.57 72.37 -33.63
C ALA A 211 -75.15 73.65 -34.19
N LEU A 212 -76.41 73.94 -33.87
CA LEU A 212 -77.01 75.22 -34.20
C LEU A 212 -76.30 76.34 -33.46
N ILE A 213 -75.98 76.12 -32.18
CA ILE A 213 -75.20 77.07 -31.40
C ILE A 213 -73.83 77.31 -32.03
N GLU A 214 -73.19 76.24 -32.51
CA GLU A 214 -71.90 76.37 -33.19
C GLU A 214 -72.01 77.13 -34.49
N SER A 215 -73.14 76.97 -35.18
CA SER A 215 -73.34 77.66 -36.45
C SER A 215 -73.67 79.14 -36.25
N ILE A 216 -74.30 79.51 -35.13
CA ILE A 216 -74.49 80.93 -34.85
C ILE A 216 -73.16 81.59 -34.51
N GLU A 217 -72.28 80.89 -33.80
CA GLU A 217 -70.95 81.36 -33.45
C GLU A 217 -69.99 81.43 -34.64
N GLY A 218 -70.41 81.04 -35.84
CA GLY A 218 -69.60 81.25 -37.01
C GLY A 218 -68.66 80.12 -37.35
N LYS A 219 -69.01 78.89 -36.98
CA LYS A 219 -68.19 77.73 -37.26
C LYS A 219 -68.99 76.69 -38.01
N GLN A 220 -68.32 75.56 -38.25
CA GLN A 220 -68.99 74.35 -38.71
C GLN A 220 -70.06 73.92 -37.74
N GLY A 221 -71.20 73.51 -38.27
CA GLY A 221 -72.30 73.07 -37.44
C GLY A 221 -72.05 71.70 -36.86
N LYS A 222 -71.14 71.61 -35.92
CA LYS A 222 -70.76 70.34 -35.34
C LYS A 222 -71.20 70.30 -33.90
N PRO A 223 -71.96 69.29 -33.47
CA PRO A 223 -72.52 69.30 -32.12
C PRO A 223 -71.47 69.20 -31.02
N ARG A 224 -71.83 69.75 -29.87
CA ARG A 224 -71.02 69.68 -28.67
C ARG A 224 -71.38 68.45 -27.87
N LEU A 225 -70.47 68.03 -27.03
CA LEU A 225 -70.76 67.02 -26.04
C LEU A 225 -71.48 67.67 -24.86
N LYS A 226 -72.28 66.87 -24.17
CA LYS A 226 -72.99 67.32 -22.98
C LYS A 226 -72.59 66.47 -21.80
N PRO A 227 -72.24 67.06 -20.64
CA PRO A 227 -72.09 68.46 -20.24
C PRO A 227 -70.93 69.17 -20.91
N PRO A 228 -70.96 70.52 -21.00
CA PRO A 228 -71.97 71.47 -20.52
C PRO A 228 -73.24 71.53 -21.34
N PHE A 229 -74.33 71.62 -20.61
CA PHE A 229 -75.61 71.86 -21.24
C PHE A 229 -75.69 73.31 -21.69
N PRO A 230 -76.49 73.61 -22.73
CA PRO A 230 -76.57 75.00 -23.23
C PRO A 230 -77.07 76.00 -22.21
N ALA A 231 -77.84 75.57 -21.20
CA ALA A 231 -78.25 76.46 -20.12
C ALA A 231 -77.08 76.90 -19.26
N ASP A 232 -75.96 76.18 -19.29
CA ASP A 232 -74.72 76.62 -18.66
C ASP A 232 -73.81 77.31 -19.67
N VAL A 233 -73.42 76.60 -20.73
CA VAL A 233 -72.51 77.11 -21.75
C VAL A 233 -73.21 76.89 -23.08
N GLY A 234 -73.79 77.94 -23.63
CA GLY A 234 -74.55 77.81 -24.86
C GLY A 234 -73.97 78.64 -25.98
N VAL A 235 -74.77 79.54 -26.54
CA VAL A 235 -74.27 80.39 -27.62
C VAL A 235 -73.37 81.46 -27.01
N PHE A 236 -72.19 81.61 -27.60
CA PHE A 236 -71.07 82.43 -27.12
C PHE A 236 -70.61 82.06 -25.71
N GLY A 237 -70.91 80.86 -25.25
CA GLY A 237 -70.63 80.49 -23.87
C GLY A 237 -71.52 81.10 -22.84
N CYS A 238 -72.67 81.62 -23.22
CA CYS A 238 -73.65 82.20 -22.32
C CYS A 238 -74.67 81.14 -21.93
N PRO A 239 -75.55 81.41 -20.96
CA PRO A 239 -76.70 80.52 -20.78
C PRO A 239 -77.68 80.63 -21.94
N THR A 240 -78.21 79.50 -22.38
CA THR A 240 -78.95 79.43 -23.63
C THR A 240 -80.00 78.32 -23.57
N THR A 241 -81.21 78.61 -24.02
CA THR A 241 -82.19 77.58 -24.33
C THR A 241 -82.45 77.59 -25.82
N VAL A 242 -82.24 76.45 -26.47
CA VAL A 242 -82.66 76.25 -27.84
C VAL A 242 -84.03 75.58 -27.83
N ALA A 243 -84.97 76.15 -28.57
CA ALA A 243 -86.33 75.63 -28.63
C ALA A 243 -86.85 75.71 -30.05
N ASN A 244 -87.81 74.84 -30.37
CA ASN A 244 -88.43 74.80 -31.68
C ASN A 244 -89.29 76.04 -31.91
N VAL A 245 -89.58 76.30 -33.19
CA VAL A 245 -90.53 77.33 -33.58
C VAL A 245 -91.90 77.07 -32.97
N GLU A 246 -92.34 75.83 -32.99
CA GLU A 246 -93.71 75.53 -32.57
C GLU A 246 -93.87 75.63 -31.07
N THR A 247 -92.89 75.15 -30.30
CA THR A 247 -92.99 75.23 -28.85
C THR A 247 -92.75 76.64 -28.33
N VAL A 248 -92.16 77.52 -29.14
CA VAL A 248 -92.05 78.92 -28.79
C VAL A 248 -93.33 79.67 -29.18
N ALA A 249 -93.90 79.35 -30.34
CA ALA A 249 -95.04 80.08 -30.86
C ALA A 249 -96.32 79.78 -30.10
N VAL A 250 -96.43 78.61 -29.46
CA VAL A 250 -97.63 78.31 -28.68
C VAL A 250 -97.58 78.92 -27.28
N SER A 251 -96.42 79.41 -26.85
CA SER A 251 -96.30 79.93 -25.49
C SER A 251 -97.10 81.21 -25.17
N PRO A 252 -97.31 82.19 -26.07
CA PRO A 252 -98.24 83.26 -25.72
C PRO A 252 -99.68 82.78 -25.62
N THR A 253 -100.08 81.81 -26.42
CA THR A 253 -101.43 81.26 -26.32
C THR A 253 -101.59 80.46 -25.04
N ILE A 254 -100.54 79.76 -24.60
CA ILE A 254 -100.56 79.07 -23.32
C ILE A 254 -100.62 80.07 -22.17
N CYS A 255 -100.01 81.25 -22.33
CA CYS A 255 -100.11 82.26 -21.29
C CYS A 255 -101.51 82.89 -21.24
N ARG A 256 -102.05 83.26 -22.40
CA ARG A 256 -103.33 83.97 -22.45
C ARG A 256 -104.49 83.04 -22.13
N ARG A 257 -104.61 81.95 -22.89
CA ARG A 257 -105.73 81.02 -22.73
C ARG A 257 -105.61 80.18 -21.45
N GLY A 258 -104.44 80.14 -20.84
CA GLY A 258 -104.25 79.37 -19.64
C GLY A 258 -103.55 78.05 -19.91
N GLY A 259 -102.86 77.54 -18.90
CA GLY A 259 -102.21 76.26 -19.05
C GLY A 259 -103.19 75.09 -19.02
N ALA A 260 -104.25 75.20 -18.22
CA ALA A 260 -105.22 74.11 -18.10
C ALA A 260 -106.03 73.93 -19.37
N TRP A 261 -106.23 75.00 -20.12
CA TRP A 261 -106.85 74.91 -21.44
C TRP A 261 -106.02 74.05 -22.39
N PHE A 262 -104.74 74.38 -22.52
CA PHE A 262 -103.85 73.63 -23.39
C PHE A 262 -103.62 72.21 -22.88
N ALA A 263 -103.67 72.02 -21.57
CA ALA A 263 -103.54 70.69 -20.98
C ALA A 263 -104.84 69.90 -20.97
N SER A 264 -105.94 70.50 -21.43
CA SER A 264 -107.18 69.75 -21.58
C SER A 264 -107.23 68.90 -22.84
N PHE A 265 -106.25 69.03 -23.73
CA PHE A 265 -106.20 68.28 -24.98
C PHE A 265 -105.16 67.17 -24.87
N GLY A 266 -105.39 66.09 -25.61
CA GLY A 266 -104.47 64.96 -25.60
C GLY A 266 -104.53 64.18 -24.30
N ARG A 267 -103.75 63.10 -24.26
CA ARG A 267 -103.64 62.33 -23.03
C ARG A 267 -102.75 63.06 -22.03
N GLU A 268 -102.75 62.55 -20.79
CA GLU A 268 -101.91 63.12 -19.76
C GLU A 268 -100.45 62.80 -20.07
N ARG A 269 -99.57 63.78 -19.83
CA ARG A 269 -98.18 63.88 -20.30
C ARG A 269 -98.06 63.92 -21.82
N ASN A 270 -99.17 64.13 -22.53
CA ASN A 270 -99.17 64.33 -23.98
C ASN A 270 -100.13 65.47 -24.30
N SER A 271 -99.97 66.58 -23.61
CA SER A 271 -100.98 67.62 -23.62
C SER A 271 -100.84 68.54 -24.82
N GLY A 272 -101.97 68.88 -25.42
CA GLY A 272 -102.02 70.01 -26.33
C GLY A 272 -102.49 69.74 -27.74
N THR A 273 -102.28 70.71 -28.61
CA THR A 273 -102.49 70.55 -30.04
C THR A 273 -101.14 70.35 -30.71
N LYS A 274 -101.17 69.98 -31.99
CA LYS A 274 -99.95 69.65 -32.69
C LYS A 274 -100.16 69.85 -34.18
N LEU A 275 -99.17 70.41 -34.84
CA LEU A 275 -99.18 70.47 -36.29
C LEU A 275 -98.71 69.13 -36.85
N PHE A 276 -99.53 68.53 -37.69
CA PHE A 276 -99.23 67.25 -38.33
C PHE A 276 -99.02 67.50 -39.81
N ASN A 277 -97.93 67.00 -40.34
CA ASN A 277 -97.63 67.06 -41.76
C ASN A 277 -97.90 65.68 -42.32
N ILE A 278 -98.96 65.55 -43.12
CA ILE A 278 -99.20 64.31 -43.83
C ILE A 278 -98.74 64.50 -45.26
N SER A 279 -97.83 63.63 -45.71
CA SER A 279 -97.31 63.69 -47.06
C SER A 279 -97.11 62.27 -47.55
N GLY A 280 -96.43 62.13 -48.67
CA GLY A 280 -96.20 60.82 -49.25
C GLY A 280 -97.34 60.41 -50.15
N HIS A 281 -97.81 59.19 -49.96
CA HIS A 281 -98.84 58.61 -50.83
C HIS A 281 -100.22 58.76 -50.20
N VAL A 282 -100.62 60.02 -50.04
CA VAL A 282 -101.99 60.38 -49.72
C VAL A 282 -102.54 61.22 -50.86
N ASN A 283 -103.86 61.37 -50.88
CA ASN A 283 -104.50 62.09 -51.97
C ASN A 283 -104.31 63.59 -51.83
N ASN A 284 -104.46 64.13 -50.63
CA ASN A 284 -104.31 65.55 -50.37
C ASN A 284 -103.21 65.74 -49.32
N PRO A 285 -101.94 65.82 -49.72
CA PRO A 285 -100.88 66.08 -48.74
C PRO A 285 -101.01 67.49 -48.17
N CYS A 286 -100.96 67.58 -46.85
CA CYS A 286 -101.34 68.82 -46.18
C CYS A 286 -100.57 68.99 -44.88
N THR A 287 -100.45 70.23 -44.46
CA THR A 287 -100.15 70.56 -43.08
C THR A 287 -101.48 70.83 -42.38
N VAL A 288 -101.67 70.27 -41.20
CA VAL A 288 -102.92 70.45 -40.47
C VAL A 288 -102.61 70.48 -38.98
N GLU A 289 -103.39 71.29 -38.26
CA GLU A 289 -103.37 71.26 -36.82
C GLU A 289 -104.46 70.30 -36.34
N GLU A 290 -104.15 69.55 -35.30
CA GLU A 290 -105.04 68.50 -34.84
C GLU A 290 -104.70 68.25 -33.38
N GLU A 291 -105.67 67.68 -32.66
CA GLU A 291 -105.46 67.33 -31.26
C GLU A 291 -104.40 66.23 -31.16
N MET A 292 -103.77 66.15 -29.98
CA MET A 292 -102.52 65.41 -29.80
C MET A 292 -102.71 63.92 -30.00
N SER A 293 -103.58 63.30 -29.21
CA SER A 293 -103.71 61.85 -29.19
C SER A 293 -104.70 61.33 -30.22
N VAL A 294 -104.83 62.03 -31.34
CA VAL A 294 -105.65 61.64 -32.50
C VAL A 294 -105.19 60.28 -33.01
N PRO A 295 -106.10 59.43 -33.52
CA PRO A 295 -105.65 58.26 -34.27
C PRO A 295 -104.98 58.65 -35.57
N LEU A 296 -104.02 57.83 -35.98
CA LEU A 296 -103.33 58.07 -37.24
C LEU A 296 -104.24 57.78 -38.43
N LYS A 297 -105.06 56.74 -38.32
CA LYS A 297 -106.02 56.41 -39.37
C LYS A 297 -107.05 57.51 -39.55
N GLU A 298 -107.54 58.07 -38.42
CA GLU A 298 -108.49 59.17 -38.50
C GLU A 298 -107.84 60.42 -39.09
N LEU A 299 -106.58 60.68 -38.76
CA LEU A 299 -105.86 61.83 -39.28
C LEU A 299 -105.67 61.74 -40.79
N ILE A 300 -105.24 60.58 -41.28
CA ILE A 300 -105.04 60.38 -42.71
C ILE A 300 -106.37 60.41 -43.46
N GLU A 301 -107.37 59.69 -42.95
CA GLU A 301 -108.64 59.60 -43.66
C GLU A 301 -109.53 60.82 -43.47
N LYS A 302 -109.16 61.76 -42.60
CA LYS A 302 -109.94 62.97 -42.42
C LYS A 302 -109.31 64.19 -43.08
N HIS A 303 -108.00 64.38 -42.92
CA HIS A 303 -107.40 65.60 -43.41
C HIS A 303 -106.61 65.42 -44.70
N ALA A 304 -106.28 64.18 -45.06
CA ALA A 304 -105.44 63.95 -46.22
C ALA A 304 -106.18 63.31 -47.39
N GLY A 305 -107.45 62.96 -47.23
CA GLY A 305 -108.16 62.31 -48.31
C GLY A 305 -107.79 60.86 -48.51
N GLY A 306 -107.27 60.19 -47.48
CA GLY A 306 -106.97 58.79 -47.55
C GLY A 306 -105.68 58.48 -48.29
N VAL A 307 -105.22 57.24 -48.12
CA VAL A 307 -104.09 56.73 -48.88
C VAL A 307 -104.50 56.61 -50.34
N THR A 308 -103.56 56.84 -51.26
CA THR A 308 -103.84 56.72 -52.69
C THR A 308 -104.17 55.28 -53.05
N GLY A 309 -105.45 55.02 -53.32
CA GLY A 309 -105.92 53.67 -53.50
C GLY A 309 -106.61 53.07 -52.29
N GLY A 310 -106.99 53.88 -51.30
CA GLY A 310 -107.71 53.40 -50.15
C GLY A 310 -106.78 52.93 -49.04
N TRP A 311 -107.39 52.68 -47.87
CA TRP A 311 -106.63 52.25 -46.72
C TRP A 311 -106.07 50.84 -46.88
N ASP A 312 -106.72 50.00 -47.70
CA ASP A 312 -106.19 48.67 -47.98
C ASP A 312 -104.92 48.71 -48.80
N ASN A 313 -104.63 49.83 -49.45
CA ASN A 313 -103.40 50.02 -50.21
C ASN A 313 -102.24 50.46 -49.33
N LEU A 314 -102.42 50.56 -48.02
CA LEU A 314 -101.36 51.06 -47.15
C LEU A 314 -100.31 49.99 -46.91
N LEU A 315 -99.04 50.35 -47.09
CA LEU A 315 -97.92 49.48 -46.77
C LEU A 315 -97.31 49.82 -45.41
N ALA A 316 -96.85 51.06 -45.26
CA ALA A 316 -96.18 51.49 -44.04
C ALA A 316 -96.34 53.00 -43.91
N VAL A 317 -96.14 53.48 -42.69
CA VAL A 317 -96.19 54.91 -42.38
C VAL A 317 -95.01 55.22 -41.49
N ILE A 318 -94.17 56.17 -41.91
CA ILE A 318 -93.15 56.70 -41.01
C ILE A 318 -93.85 57.79 -40.21
N PRO A 319 -94.01 57.63 -38.90
CA PRO A 319 -94.98 58.46 -38.18
C PRO A 319 -94.55 59.90 -37.99
N GLY A 320 -93.27 60.14 -37.76
CA GLY A 320 -92.84 61.44 -37.33
C GLY A 320 -91.65 62.09 -38.00
N GLY A 321 -91.54 61.94 -39.31
CA GLY A 321 -90.33 62.34 -39.98
C GLY A 321 -89.34 61.22 -39.96
N SER A 322 -88.22 61.47 -40.64
CA SER A 322 -87.33 60.40 -41.08
C SER A 322 -86.63 59.68 -39.93
N SER A 323 -86.46 60.34 -38.79
CA SER A 323 -85.71 59.74 -37.69
C SER A 323 -86.50 58.70 -36.92
N THR A 324 -87.74 58.54 -37.21
CA THR A 324 -88.52 57.55 -36.50
C THR A 324 -88.65 56.28 -37.33
N PRO A 325 -88.65 55.12 -36.68
CA PRO A 325 -88.83 53.86 -37.41
C PRO A 325 -90.24 53.76 -38.00
N LEU A 326 -90.32 53.15 -39.17
CA LEU A 326 -91.61 52.90 -39.81
C LEU A 326 -92.43 51.91 -38.99
N ILE A 327 -93.74 51.96 -39.19
CA ILE A 327 -94.66 50.97 -38.65
C ILE A 327 -95.60 50.54 -39.76
N PRO A 328 -95.90 49.25 -39.88
CA PRO A 328 -96.69 48.76 -41.02
C PRO A 328 -98.17 49.05 -40.83
N LYS A 329 -98.97 48.57 -41.80
CA LYS A 329 -100.40 48.84 -41.82
C LYS A 329 -101.14 48.17 -40.66
N SER A 330 -100.61 47.05 -40.17
CA SER A 330 -101.23 46.40 -39.02
C SER A 330 -101.03 47.21 -37.73
N VAL A 331 -99.94 47.97 -37.64
CA VAL A 331 -99.73 48.81 -36.47
C VAL A 331 -100.49 50.13 -36.61
N CYS A 332 -100.56 50.66 -37.83
CA CYS A 332 -101.20 51.95 -38.08
C CYS A 332 -102.72 51.90 -38.03
N GLU A 333 -103.32 50.72 -37.81
CA GLU A 333 -104.77 50.63 -37.79
C GLU A 333 -105.35 51.22 -36.51
N THR A 334 -104.66 51.07 -35.38
CA THR A 334 -105.18 51.53 -34.09
C THR A 334 -104.21 52.41 -33.31
N VAL A 335 -103.20 52.98 -33.95
CA VAL A 335 -102.18 53.71 -33.22
C VAL A 335 -102.62 55.16 -33.01
N LEU A 336 -102.24 55.72 -31.87
CA LEU A 336 -102.50 57.10 -31.52
C LEU A 336 -101.24 57.94 -31.73
N MET A 337 -101.43 59.17 -32.20
CA MET A 337 -100.30 60.01 -32.62
C MET A 337 -99.80 60.93 -31.52
N ASP A 338 -99.49 60.39 -30.34
CA ASP A 338 -98.72 61.14 -29.36
C ASP A 338 -97.44 60.38 -29.03
N PHE A 339 -96.69 60.88 -28.03
CA PHE A 339 -95.36 60.36 -27.75
C PHE A 339 -95.40 58.95 -27.18
N ASP A 340 -96.26 58.72 -26.18
CA ASP A 340 -96.23 57.46 -25.45
C ASP A 340 -96.78 56.31 -26.28
N ALA A 341 -97.83 56.56 -27.06
CA ALA A 341 -98.41 55.50 -27.88
C ALA A 341 -97.48 55.09 -29.01
N LEU A 342 -96.64 56.00 -29.48
CA LEU A 342 -95.68 55.63 -30.50
C LEU A 342 -94.40 55.03 -29.93
N ILE A 343 -94.01 55.42 -28.72
CA ILE A 343 -92.88 54.76 -28.07
C ILE A 343 -93.23 53.33 -27.71
N GLN A 344 -94.48 53.09 -27.29
CA GLN A 344 -94.91 51.72 -27.07
C GLN A 344 -95.11 50.96 -28.37
N ALA A 345 -95.30 51.67 -29.48
CA ALA A 345 -95.38 51.08 -30.81
C ALA A 345 -94.02 50.91 -31.46
N GLN A 346 -92.96 50.85 -30.63
CA GLN A 346 -91.53 50.72 -30.99
C GLN A 346 -91.13 51.64 -32.15
N THR A 347 -91.54 52.89 -32.05
CA THR A 347 -91.16 53.97 -32.94
C THR A 347 -91.15 55.25 -32.11
N GLY A 348 -91.17 56.42 -32.78
CA GLY A 348 -91.19 57.68 -32.08
C GLY A 348 -92.20 58.63 -32.71
N LEU A 349 -92.49 59.70 -31.97
CA LEU A 349 -93.36 60.74 -32.51
C LEU A 349 -92.60 61.82 -33.26
N GLY A 350 -91.48 62.28 -32.71
CA GLY A 350 -90.59 63.17 -33.47
C GLY A 350 -91.22 64.51 -33.77
N THR A 351 -91.08 64.94 -35.02
CA THR A 351 -91.65 66.18 -35.51
C THR A 351 -93.10 66.02 -35.96
N ALA A 352 -93.65 64.81 -35.86
CA ALA A 352 -95.00 64.44 -36.29
C ALA A 352 -95.23 64.79 -37.76
N ALA A 353 -94.42 64.18 -38.60
CA ALA A 353 -94.42 64.39 -40.05
C ALA A 353 -94.73 63.05 -40.70
N VAL A 354 -95.99 62.85 -41.04
CA VAL A 354 -96.51 61.55 -41.42
C VAL A 354 -96.21 61.30 -42.89
N ILE A 355 -95.25 60.43 -43.17
CA ILE A 355 -94.94 60.00 -44.52
C ILE A 355 -95.71 58.71 -44.78
N VAL A 356 -96.60 58.72 -45.77
CA VAL A 356 -97.50 57.61 -46.04
C VAL A 356 -97.03 56.90 -47.30
N MET A 357 -96.95 55.57 -47.23
CA MET A 357 -96.36 54.75 -48.28
C MET A 357 -97.37 53.69 -48.69
N ASP A 358 -97.64 53.55 -49.98
CA ASP A 358 -98.63 52.59 -50.42
C ASP A 358 -97.97 51.25 -50.82
N ARG A 359 -98.79 50.30 -51.29
CA ARG A 359 -98.28 48.99 -51.68
C ARG A 359 -97.57 48.99 -53.02
N SER A 360 -97.56 50.11 -53.74
CA SER A 360 -96.77 50.26 -54.95
C SER A 360 -95.39 50.86 -54.69
N THR A 361 -94.88 50.72 -53.47
CA THR A 361 -93.63 51.34 -53.06
C THR A 361 -92.55 50.29 -52.86
N ASP A 362 -91.38 50.53 -53.46
CA ASP A 362 -90.16 49.82 -53.06
C ASP A 362 -89.73 50.41 -51.73
N ILE A 363 -90.04 49.71 -50.63
CA ILE A 363 -89.79 50.28 -49.31
C ILE A 363 -88.30 50.24 -48.96
N VAL A 364 -87.57 49.26 -49.49
CA VAL A 364 -86.14 49.20 -49.27
C VAL A 364 -85.44 50.34 -50.00
N LYS A 365 -85.94 50.72 -51.19
CA LYS A 365 -85.39 51.87 -51.88
C LYS A 365 -85.70 53.17 -51.13
N ALA A 366 -86.85 53.25 -50.47
CA ALA A 366 -87.20 54.46 -49.74
C ALA A 366 -86.36 54.61 -48.48
N ILE A 367 -86.17 53.52 -47.74
CA ILE A 367 -85.31 53.60 -46.57
C ILE A 367 -83.86 53.75 -46.96
N ALA A 368 -83.45 53.24 -48.13
CA ALA A 368 -82.08 53.44 -48.59
C ALA A 368 -81.84 54.88 -49.01
N ARG A 369 -82.84 55.52 -49.63
CA ARG A 369 -82.72 56.93 -49.95
C ARG A 369 -82.72 57.77 -48.68
N LEU A 370 -83.39 57.29 -47.64
CA LEU A 370 -83.38 57.99 -46.36
C LEU A 370 -82.03 57.88 -45.68
N ILE A 371 -81.39 56.72 -45.75
CA ILE A 371 -80.04 56.55 -45.22
C ILE A 371 -79.02 57.32 -46.06
N GLU A 372 -79.30 57.48 -47.36
CA GLU A 372 -78.47 58.32 -48.21
C GLU A 372 -78.57 59.79 -47.80
N PHE A 373 -79.77 60.24 -47.42
CA PHE A 373 -79.93 61.55 -46.79
C PHE A 373 -79.07 61.66 -45.54
N TYR A 374 -79.14 60.66 -44.66
CA TYR A 374 -78.41 60.75 -43.40
C TYR A 374 -76.90 60.69 -43.58
N LYS A 375 -76.38 60.12 -44.65
CA LYS A 375 -74.93 60.26 -44.82
C LYS A 375 -74.54 61.51 -45.60
N HIS A 376 -75.43 62.06 -46.41
CA HIS A 376 -75.10 63.36 -47.00
C HIS A 376 -75.42 64.50 -46.06
N GLU A 377 -76.12 64.24 -44.96
CA GLU A 377 -76.38 65.23 -43.93
C GLU A 377 -75.89 64.64 -42.61
N SER A 378 -74.60 64.79 -42.36
CA SER A 378 -73.94 64.28 -41.17
C SER A 378 -72.62 65.01 -41.09
N CYS A 379 -72.31 65.63 -39.96
CA CYS A 379 -71.21 66.58 -40.01
C CYS A 379 -69.83 65.92 -39.94
N GLY A 380 -69.77 64.61 -39.71
CA GLY A 380 -68.53 63.87 -39.79
C GLY A 380 -67.66 63.93 -38.57
N GLN A 381 -68.19 64.40 -37.44
CA GLN A 381 -67.35 64.70 -36.28
C GLN A 381 -66.87 63.44 -35.58
N CYS A 382 -67.80 62.62 -35.08
CA CYS A 382 -67.40 61.44 -34.33
C CYS A 382 -67.48 60.19 -35.18
N THR A 383 -66.74 59.16 -34.75
CA THR A 383 -66.51 57.96 -35.55
C THR A 383 -67.75 57.12 -35.87
N PRO A 384 -68.69 56.80 -34.93
CA PRO A 384 -69.78 55.87 -35.30
C PRO A 384 -70.69 56.36 -36.41
N CYS A 385 -71.13 57.61 -36.38
CA CYS A 385 -71.99 58.08 -37.46
C CYS A 385 -71.20 58.33 -38.74
N ARG A 386 -70.01 58.94 -38.64
CA ARG A 386 -69.19 59.24 -39.82
C ARG A 386 -68.84 58.00 -40.62
N GLU A 387 -68.49 56.92 -39.94
CA GLU A 387 -68.14 55.72 -40.67
C GLU A 387 -69.35 54.82 -40.91
N GLY A 388 -70.18 54.60 -39.88
CA GLY A 388 -71.26 53.66 -39.98
C GLY A 388 -72.46 54.10 -40.76
N VAL A 389 -72.73 55.41 -40.88
CA VAL A 389 -73.88 55.78 -41.69
C VAL A 389 -73.55 55.63 -43.18
N ASP A 390 -72.30 55.90 -43.57
CA ASP A 390 -71.85 55.59 -44.92
C ASP A 390 -71.85 54.08 -45.16
N TRP A 391 -71.42 53.31 -44.16
CA TRP A 391 -71.40 51.86 -44.35
C TRP A 391 -72.82 51.28 -44.36
N MET A 392 -73.76 51.88 -43.63
CA MET A 392 -75.16 51.48 -43.77
C MET A 392 -75.74 51.91 -45.10
N ASN A 393 -75.30 53.04 -45.67
CA ASN A 393 -75.74 53.40 -47.02
C ASN A 393 -75.25 52.37 -48.03
N LYS A 394 -74.03 51.88 -47.87
CA LYS A 394 -73.51 50.89 -48.80
C LYS A 394 -74.24 49.55 -48.66
N VAL A 395 -74.53 49.14 -47.43
CA VAL A 395 -75.26 47.88 -47.22
C VAL A 395 -76.71 48.01 -47.68
N MET A 396 -77.34 49.17 -47.49
CA MET A 396 -78.69 49.38 -47.99
C MET A 396 -78.74 49.48 -49.50
N ALA A 397 -77.71 50.04 -50.12
CA ALA A 397 -77.66 50.06 -51.57
C ALA A 397 -77.46 48.67 -52.15
N ARG A 398 -76.77 47.78 -51.42
CA ARG A 398 -76.74 46.39 -51.86
C ARG A 398 -78.04 45.66 -51.55
N PHE A 399 -78.78 46.08 -50.52
CA PHE A 399 -80.05 45.43 -50.20
C PHE A 399 -81.14 45.80 -51.22
N VAL A 400 -81.07 47.00 -51.79
CA VAL A 400 -82.05 47.40 -52.81
C VAL A 400 -81.95 46.50 -54.03
N ARG A 401 -80.74 46.32 -54.56
CA ARG A 401 -80.55 45.43 -55.69
C ARG A 401 -80.69 43.97 -55.30
N GLY A 402 -80.45 43.63 -54.05
CA GLY A 402 -80.43 42.25 -53.61
C GLY A 402 -79.05 41.62 -53.57
N ASP A 403 -77.99 42.39 -53.82
CA ASP A 403 -76.62 41.88 -53.89
C ASP A 403 -76.08 41.65 -52.48
N ALA A 404 -76.66 40.64 -51.82
CA ALA A 404 -76.37 40.38 -50.42
C ALA A 404 -76.83 38.98 -50.07
N ARG A 405 -76.54 38.56 -48.84
CA ARG A 405 -76.95 37.29 -48.28
C ARG A 405 -77.56 37.54 -46.91
N PRO A 406 -78.47 36.67 -46.44
CA PRO A 406 -79.29 37.02 -45.26
C PRO A 406 -78.55 37.10 -43.93
N ALA A 407 -77.26 36.78 -43.87
CA ALA A 407 -76.49 37.09 -42.67
C ALA A 407 -76.23 38.58 -42.54
N GLU A 408 -76.25 39.30 -43.65
CA GLU A 408 -75.97 40.73 -43.63
C GLU A 408 -77.12 41.55 -43.09
N ILE A 409 -78.32 40.99 -42.97
CA ILE A 409 -79.42 41.70 -42.31
C ILE A 409 -79.14 41.83 -40.82
N ASP A 410 -78.75 40.73 -40.18
CA ASP A 410 -78.35 40.79 -38.78
C ASP A 410 -77.04 41.53 -38.60
N SER A 411 -76.15 41.48 -39.60
CA SER A 411 -74.94 42.30 -39.57
C SER A 411 -75.29 43.79 -39.58
N LEU A 412 -76.25 44.19 -40.40
CA LEU A 412 -76.66 45.59 -40.47
C LEU A 412 -77.40 46.01 -39.20
N TRP A 413 -78.15 45.07 -38.60
CA TRP A 413 -78.75 45.31 -37.29
C TRP A 413 -77.69 45.63 -36.25
N GLU A 414 -76.62 44.83 -36.20
CA GLU A 414 -75.59 45.07 -35.20
C GLU A 414 -74.80 46.35 -35.49
N ILE A 415 -74.62 46.71 -36.76
CA ILE A 415 -73.99 47.99 -37.10
C ILE A 415 -74.85 49.15 -36.61
N SER A 416 -76.16 49.07 -36.83
CA SER A 416 -77.06 50.13 -36.36
C SER A 416 -77.10 50.19 -34.84
N LYS A 417 -76.93 49.06 -34.16
CA LYS A 417 -76.87 49.11 -32.70
C LYS A 417 -75.53 49.61 -32.18
N GLN A 418 -74.46 49.45 -32.96
CA GLN A 418 -73.19 50.08 -32.62
C GLN A 418 -73.20 51.59 -32.83
N ILE A 419 -73.99 52.08 -33.78
CA ILE A 419 -74.07 53.52 -33.96
C ILE A 419 -74.94 54.15 -32.88
N GLU A 420 -76.01 53.47 -32.49
CA GLU A 420 -76.99 54.05 -31.57
C GLU A 420 -76.44 54.16 -30.17
N GLY A 421 -76.60 55.34 -29.57
CA GLY A 421 -76.14 55.57 -28.22
C GLY A 421 -74.65 55.74 -28.06
N HIS A 422 -73.91 55.83 -29.15
CA HIS A 422 -72.47 55.96 -29.11
C HIS A 422 -71.96 57.25 -29.74
N THR A 423 -72.81 57.98 -30.43
CA THR A 423 -72.41 59.19 -31.11
C THR A 423 -72.48 60.39 -30.19
N ILE A 424 -72.04 61.54 -30.70
CA ILE A 424 -72.14 62.78 -29.94
C ILE A 424 -73.59 63.23 -29.87
N CYS A 425 -74.25 63.37 -31.01
CA CYS A 425 -75.65 63.77 -30.98
C CYS A 425 -76.51 62.68 -31.60
N ALA A 426 -77.79 62.97 -31.76
CA ALA A 426 -78.79 61.98 -32.07
C ALA A 426 -79.05 61.84 -33.56
N LEU A 427 -78.13 62.29 -34.41
CA LEU A 427 -78.21 61.91 -35.81
C LEU A 427 -77.75 60.48 -36.03
N GLY A 428 -76.91 59.96 -35.13
CA GLY A 428 -76.60 58.54 -35.17
C GLY A 428 -77.78 57.69 -34.78
N ASP A 429 -78.52 58.10 -33.75
CA ASP A 429 -79.77 57.42 -33.39
C ASP A 429 -80.80 57.56 -34.48
N GLY A 430 -80.93 58.76 -35.05
CA GLY A 430 -81.88 59.02 -36.11
C GLY A 430 -81.52 58.42 -37.44
N ALA A 431 -80.29 57.97 -37.62
CA ALA A 431 -79.91 57.21 -38.80
C ALA A 431 -79.91 55.72 -38.56
N ALA A 432 -79.84 55.28 -37.31
CA ALA A 432 -79.92 53.86 -37.00
C ALA A 432 -81.36 53.38 -36.93
N TRP A 433 -82.26 54.22 -36.41
CA TRP A 433 -83.65 53.82 -36.23
C TRP A 433 -84.44 53.47 -37.51
N PRO A 434 -84.29 54.15 -38.67
CA PRO A 434 -85.00 53.66 -39.87
C PRO A 434 -84.57 52.28 -40.32
N VAL A 435 -83.28 51.99 -40.27
CA VAL A 435 -82.75 50.66 -40.58
C VAL A 435 -83.37 49.62 -39.66
N GLN A 436 -83.46 49.95 -38.37
CA GLN A 436 -84.03 49.02 -37.40
C GLN A 436 -85.51 48.78 -37.65
N GLY A 437 -86.26 49.84 -37.97
CA GLY A 437 -87.67 49.66 -38.26
C GLY A 437 -87.92 48.86 -39.53
N LEU A 438 -87.09 49.10 -40.55
CA LEU A 438 -87.19 48.35 -41.80
C LEU A 438 -86.90 46.89 -41.60
N ILE A 439 -85.82 46.56 -40.88
CA ILE A 439 -85.49 45.15 -40.60
C ILE A 439 -86.59 44.49 -39.79
N ARG A 440 -87.00 45.16 -38.70
CA ARG A 440 -87.94 44.61 -37.74
C ARG A 440 -89.33 44.36 -38.34
N HIS A 441 -89.74 45.15 -39.33
CA HIS A 441 -91.05 44.93 -39.93
C HIS A 441 -91.02 44.36 -41.34
N PHE A 442 -89.86 44.33 -42.00
CA PHE A 442 -89.79 43.95 -43.40
C PHE A 442 -88.55 43.12 -43.69
N ARG A 443 -88.10 42.32 -42.72
CA ARG A 443 -87.14 41.26 -43.02
C ARG A 443 -87.56 40.28 -44.15
N PRO A 444 -88.82 39.82 -44.27
CA PRO A 444 -89.13 38.92 -45.40
C PRO A 444 -88.98 39.53 -46.78
N GLU A 445 -89.22 40.85 -46.93
CA GLU A 445 -89.05 41.45 -48.25
C GLU A 445 -87.58 41.54 -48.63
N LEU A 446 -86.72 41.86 -47.65
CA LEU A 446 -85.28 41.82 -47.88
C LEU A 446 -84.81 40.43 -48.27
N GLU A 447 -85.32 39.40 -47.58
CA GLU A 447 -84.91 38.03 -47.87
C GLU A 447 -85.37 37.59 -49.25
N GLU A 448 -86.60 37.94 -49.65
CA GLU A 448 -87.04 37.50 -50.97
C GLU A 448 -86.40 38.33 -52.09
N ARG A 449 -86.04 39.58 -51.80
CA ARG A 449 -85.24 40.38 -52.72
C ARG A 449 -83.88 39.73 -53.00
N MET A 450 -83.18 39.33 -51.92
CA MET A 450 -81.86 38.73 -52.08
C MET A 450 -81.94 37.36 -52.74
N GLN A 451 -82.96 36.57 -52.41
CA GLN A 451 -83.00 35.24 -53.00
C GLN A 451 -83.43 35.27 -54.46
N ARG A 452 -84.24 36.27 -54.88
CA ARG A 452 -84.46 36.33 -56.31
C ARG A 452 -83.27 36.94 -57.04
N PHE A 453 -82.48 37.79 -56.38
CA PHE A 453 -81.18 38.20 -56.94
C PHE A 453 -80.27 37.00 -57.17
N ALA A 454 -80.23 36.09 -56.20
CA ALA A 454 -79.40 34.90 -56.33
C ALA A 454 -79.90 33.96 -57.41
N GLN A 455 -81.22 33.79 -57.54
CA GLN A 455 -81.72 32.87 -58.55
C GLN A 455 -81.88 33.50 -59.93
N GLN A 456 -81.56 34.78 -60.12
CA GLN A 456 -81.48 35.29 -61.48
C GLN A 456 -80.13 35.86 -61.88
N HIS A 457 -79.17 35.98 -60.97
CA HIS A 457 -77.84 36.46 -61.33
C HIS A 457 -76.74 35.42 -61.12
N GLN A 458 -77.11 34.15 -60.93
CA GLN A 458 -76.13 33.07 -60.81
C GLN A 458 -76.57 31.85 -61.61
N ALA B 34 -66.81 69.16 -56.51
CA ALA B 34 -67.04 67.94 -55.75
C ALA B 34 -65.82 67.62 -54.89
N LEU B 35 -64.75 68.37 -55.10
CA LEU B 35 -63.54 68.22 -54.33
C LEU B 35 -63.56 69.18 -53.14
N PHE B 36 -62.86 68.80 -52.07
CA PHE B 36 -62.76 69.64 -50.89
C PHE B 36 -61.32 70.08 -50.63
N VAL B 37 -60.48 70.05 -51.64
CA VAL B 37 -59.22 70.77 -51.65
C VAL B 37 -59.32 71.81 -52.76
N HIS B 38 -58.45 72.79 -52.71
CA HIS B 38 -58.41 73.83 -53.72
C HIS B 38 -57.09 73.79 -54.48
N ARG B 39 -57.15 74.06 -55.78
CA ARG B 39 -55.97 74.36 -56.58
C ARG B 39 -56.19 75.66 -57.33
N ASP B 40 -55.15 76.50 -57.34
CA ASP B 40 -55.23 77.80 -57.97
C ASP B 40 -55.27 77.66 -59.47
N THR B 41 -56.43 77.91 -60.06
CA THR B 41 -56.63 78.02 -61.48
C THR B 41 -56.52 79.49 -61.89
N PRO B 42 -56.30 79.79 -63.18
CA PRO B 42 -56.27 81.20 -63.60
C PRO B 42 -57.59 81.95 -63.46
N LYS B 43 -58.71 81.27 -63.22
CA LYS B 43 -59.95 81.94 -62.89
C LYS B 43 -60.36 81.80 -61.44
N ASN B 44 -59.57 81.10 -60.62
CA ASN B 44 -59.84 80.97 -59.19
C ASN B 44 -58.50 80.85 -58.47
N ASN B 45 -57.99 81.97 -58.00
CA ASN B 45 -56.70 82.04 -57.31
C ASN B 45 -56.80 83.17 -56.29
N PRO B 46 -55.85 83.27 -55.35
CA PRO B 46 -55.89 84.40 -54.41
C PRO B 46 -55.62 85.77 -55.02
N GLU B 47 -55.32 85.88 -56.31
CA GLU B 47 -55.27 87.16 -57.00
C GLU B 47 -56.44 87.32 -57.97
N THR B 48 -57.49 86.52 -57.81
CA THR B 48 -58.74 86.79 -58.49
C THR B 48 -59.36 88.03 -57.86
N PRO B 49 -59.76 89.02 -58.64
CA PRO B 49 -60.31 90.25 -58.03
C PRO B 49 -61.68 90.07 -57.39
N PHE B 50 -61.71 90.18 -56.07
CA PHE B 50 -62.95 90.30 -55.32
C PHE B 50 -62.86 91.50 -54.39
N ASP B 51 -63.95 92.25 -54.30
CA ASP B 51 -64.11 93.28 -53.30
C ASP B 51 -65.60 93.55 -53.14
N PHE B 52 -66.01 93.89 -51.93
CA PHE B 52 -67.41 94.23 -51.68
C PHE B 52 -67.72 95.62 -52.21
N THR B 53 -68.97 95.78 -52.66
CA THR B 53 -69.48 97.12 -52.93
C THR B 53 -69.63 97.88 -51.62
N PRO B 54 -69.58 99.23 -51.64
CA PRO B 54 -69.70 99.98 -50.37
C PRO B 54 -71.03 99.84 -49.67
N GLU B 55 -72.14 99.68 -50.41
CA GLU B 55 -73.40 99.36 -49.77
C GLU B 55 -73.38 97.96 -49.15
N ASN B 56 -72.59 97.04 -49.72
CA ASN B 56 -72.38 95.78 -49.04
C ASN B 56 -71.47 95.93 -47.83
N TYR B 57 -70.57 96.91 -47.81
CA TYR B 57 -69.82 97.15 -46.57
C TYR B 57 -70.74 97.67 -45.47
N LYS B 58 -71.73 98.49 -45.83
CA LYS B 58 -72.71 98.89 -44.81
C LYS B 58 -73.60 97.72 -44.38
N ARG B 59 -73.90 96.81 -45.30
CA ARG B 59 -74.63 95.60 -44.91
C ARG B 59 -73.81 94.71 -43.98
N ILE B 60 -72.50 94.63 -44.22
CA ILE B 60 -71.61 93.85 -43.34
C ILE B 60 -71.49 94.51 -41.97
N GLU B 61 -71.50 95.84 -41.92
CA GLU B 61 -71.55 96.56 -40.65
C GLU B 61 -72.81 96.21 -39.87
N ALA B 62 -73.96 96.20 -40.55
CA ALA B 62 -75.21 95.81 -39.90
C ALA B 62 -75.21 94.35 -39.46
N ILE B 63 -74.56 93.47 -40.21
CA ILE B 63 -74.45 92.06 -39.81
C ILE B 63 -73.60 91.91 -38.55
N VAL B 64 -72.42 92.55 -38.54
CA VAL B 64 -71.49 92.39 -37.42
C VAL B 64 -72.04 93.03 -36.15
N LYS B 65 -72.88 94.07 -36.29
CA LYS B 65 -73.52 94.63 -35.10
C LYS B 65 -74.58 93.72 -34.50
N ASN B 66 -74.99 92.63 -35.16
CA ASN B 66 -75.95 91.70 -34.58
C ASN B 66 -75.35 90.80 -33.51
N TYR B 67 -74.02 90.69 -33.43
CA TYR B 67 -73.38 89.73 -32.55
C TYR B 67 -72.60 90.47 -31.47
N PRO B 68 -72.36 89.83 -30.31
CA PRO B 68 -71.69 90.52 -29.20
C PRO B 68 -70.26 90.93 -29.53
N GLU B 69 -69.81 91.99 -28.85
CA GLU B 69 -68.44 92.45 -29.03
C GLU B 69 -67.48 91.43 -28.45
N GLY B 70 -66.40 91.17 -29.17
CA GLY B 70 -65.53 90.08 -28.86
C GLY B 70 -65.84 88.79 -29.60
N HIS B 71 -66.92 88.75 -30.37
CA HIS B 71 -67.36 87.57 -31.10
C HIS B 71 -67.70 87.95 -32.52
N LYS B 72 -66.79 88.68 -33.16
CA LYS B 72 -66.93 89.11 -34.55
C LYS B 72 -66.88 87.92 -35.51
N ALA B 73 -66.29 86.81 -35.08
CA ALA B 73 -66.25 85.57 -35.87
C ALA B 73 -67.62 84.93 -36.06
N ALA B 74 -68.64 85.38 -35.34
CA ALA B 74 -69.99 84.87 -35.52
C ALA B 74 -70.62 85.35 -36.82
N ALA B 75 -70.04 86.33 -37.49
CA ALA B 75 -70.56 86.84 -38.75
C ALA B 75 -69.91 86.18 -39.95
N VAL B 76 -69.30 85.01 -39.79
CA VAL B 76 -68.65 84.35 -40.92
C VAL B 76 -69.68 83.84 -41.91
N LEU B 77 -70.74 83.20 -41.42
CA LEU B 77 -71.77 82.69 -42.33
C LEU B 77 -72.56 83.78 -43.07
N PRO B 78 -73.09 84.85 -42.42
CA PRO B 78 -73.86 85.82 -43.21
C PRO B 78 -73.02 86.65 -44.17
N VAL B 79 -71.78 87.00 -43.81
CA VAL B 79 -70.95 87.78 -44.71
C VAL B 79 -70.47 86.92 -45.88
N LEU B 80 -70.25 85.63 -45.67
CA LEU B 80 -69.87 84.75 -46.77
C LEU B 80 -71.06 84.49 -47.69
N ASP B 81 -72.26 84.39 -47.12
CA ASP B 81 -73.46 84.33 -47.97
C ASP B 81 -73.69 85.65 -48.72
N LEU B 82 -73.35 86.78 -48.10
CA LEU B 82 -73.45 88.07 -48.76
C LEU B 82 -72.46 88.17 -49.92
N ALA B 83 -71.26 87.63 -49.74
CA ALA B 83 -70.25 87.62 -50.80
C ALA B 83 -70.68 86.72 -51.94
N GLN B 84 -71.33 85.61 -51.63
CA GLN B 84 -71.87 84.75 -52.68
C GLN B 84 -73.05 85.41 -53.39
N ARG B 85 -73.86 86.18 -52.67
CA ARG B 85 -74.97 86.88 -53.30
C ARG B 85 -74.49 88.00 -54.20
N GLN B 86 -73.41 88.67 -53.82
CA GLN B 86 -72.84 89.70 -54.68
C GLN B 86 -72.16 89.11 -55.90
N ASN B 87 -71.39 88.03 -55.72
CA ASN B 87 -70.50 87.55 -56.76
C ASN B 87 -71.09 86.42 -57.58
N GLY B 88 -72.12 85.74 -57.09
CA GLY B 88 -72.68 84.57 -57.73
C GLY B 88 -72.08 83.27 -57.24
N TRP B 89 -70.83 83.29 -56.80
CA TRP B 89 -70.11 82.11 -56.33
C TRP B 89 -68.95 82.60 -55.48
N LEU B 90 -68.24 81.66 -54.87
CA LEU B 90 -67.14 82.02 -53.98
C LEU B 90 -65.80 81.64 -54.57
N PRO B 91 -65.03 82.59 -55.10
CA PRO B 91 -63.62 82.30 -55.39
C PRO B 91 -62.83 82.25 -54.10
N ILE B 92 -61.56 81.88 -54.20
CA ILE B 92 -60.76 82.05 -52.99
C ILE B 92 -60.10 83.42 -53.05
N SER B 93 -60.94 84.42 -53.04
CA SER B 93 -60.67 85.78 -52.61
C SER B 93 -61.83 86.34 -51.83
N ALA B 94 -63.04 85.84 -52.06
CA ALA B 94 -64.16 86.12 -51.18
C ALA B 94 -63.94 85.51 -49.81
N MET B 95 -63.35 84.32 -49.77
CA MET B 95 -63.03 83.68 -48.50
C MET B 95 -61.92 84.45 -47.79
N ASN B 96 -60.92 84.91 -48.55
CA ASN B 96 -59.85 85.69 -47.96
C ASN B 96 -60.32 87.09 -47.58
N LYS B 97 -61.27 87.66 -48.31
CA LYS B 97 -61.79 88.98 -47.93
C LYS B 97 -62.66 88.87 -46.69
N VAL B 98 -63.45 87.80 -46.57
CA VAL B 98 -64.23 87.56 -45.36
C VAL B 98 -63.32 87.32 -44.17
N ALA B 99 -62.20 86.62 -44.39
CA ALA B 99 -61.22 86.46 -43.32
C ALA B 99 -60.48 87.76 -43.02
N GLU B 100 -60.39 88.67 -43.98
CA GLU B 100 -59.66 89.91 -43.79
C GLU B 100 -60.51 90.96 -43.07
N ILE B 101 -61.82 91.01 -43.34
CA ILE B 101 -62.66 92.05 -42.75
C ILE B 101 -63.31 91.61 -41.45
N LEU B 102 -63.11 90.36 -41.02
CA LEU B 102 -63.61 89.87 -39.75
C LEU B 102 -62.51 89.52 -38.77
N GLN B 103 -61.24 89.61 -39.22
CA GLN B 103 -60.05 89.27 -38.43
C GLN B 103 -60.11 87.85 -37.89
N VAL B 104 -60.35 86.90 -38.78
CA VAL B 104 -60.39 85.48 -38.44
C VAL B 104 -59.33 84.81 -39.31
N PRO B 105 -58.84 83.62 -38.90
CA PRO B 105 -57.93 82.89 -39.78
C PRO B 105 -58.61 82.46 -41.05
N PRO B 106 -57.90 82.46 -42.19
CA PRO B 106 -58.51 82.04 -43.46
C PRO B 106 -58.94 80.59 -43.50
N MET B 107 -58.26 79.71 -42.75
CA MET B 107 -58.67 78.32 -42.67
C MET B 107 -60.03 78.18 -41.99
N ARG B 108 -60.35 79.08 -41.07
CA ARG B 108 -61.63 79.02 -40.38
C ARG B 108 -62.77 79.52 -41.25
N VAL B 109 -62.46 80.23 -42.34
CA VAL B 109 -63.46 80.54 -43.36
C VAL B 109 -63.54 79.43 -44.40
N TYR B 110 -62.41 78.78 -44.69
CA TYR B 110 -62.41 77.65 -45.63
C TYR B 110 -63.23 76.49 -45.09
N GLU B 111 -63.18 76.28 -43.77
CA GLU B 111 -63.97 75.26 -43.10
C GLU B 111 -65.47 75.51 -43.28
N VAL B 112 -65.90 76.75 -43.08
CA VAL B 112 -67.31 77.10 -43.23
C VAL B 112 -67.74 77.00 -44.69
N ALA B 113 -66.86 77.40 -45.61
CA ALA B 113 -67.22 77.40 -47.02
C ALA B 113 -67.28 75.99 -47.59
N THR B 114 -66.49 75.06 -47.07
CA THR B 114 -66.59 73.68 -47.52
C THR B 114 -67.61 72.86 -46.76
N PHE B 115 -67.97 73.27 -45.54
CA PHE B 115 -68.92 72.50 -44.75
C PHE B 115 -70.34 72.63 -45.28
N TYR B 116 -70.77 73.86 -45.54
CA TYR B 116 -72.14 74.15 -45.88
C TYR B 116 -72.35 74.03 -47.39
N THR B 117 -73.44 73.35 -47.77
CA THR B 117 -73.64 72.97 -49.17
C THR B 117 -74.26 74.06 -50.02
N MET B 118 -74.49 75.26 -49.48
CA MET B 118 -74.95 76.35 -50.32
C MET B 118 -73.83 77.18 -50.90
N TYR B 119 -72.66 77.17 -50.29
CA TYR B 119 -71.57 78.01 -50.75
C TYR B 119 -71.00 77.39 -52.02
N ASN B 120 -71.28 78.02 -53.14
CA ASN B 120 -70.82 77.53 -54.43
C ASN B 120 -69.35 77.90 -54.58
N ARG B 121 -68.48 76.91 -54.46
CA ARG B 121 -67.05 77.10 -54.64
C ARG B 121 -66.62 76.98 -56.10
N LYS B 122 -67.53 76.57 -56.97
CA LYS B 122 -67.39 76.62 -58.40
C LYS B 122 -68.42 77.58 -58.98
N PRO B 123 -68.13 78.24 -60.11
CA PRO B 123 -69.15 79.09 -60.73
C PRO B 123 -70.32 78.31 -61.28
N VAL B 124 -71.48 78.50 -60.65
CA VAL B 124 -72.73 77.89 -61.06
C VAL B 124 -73.42 78.78 -62.09
N GLY B 125 -74.44 78.24 -62.75
CA GLY B 125 -75.20 79.00 -63.72
C GLY B 125 -76.06 80.07 -63.08
N LYS B 126 -76.67 80.89 -63.94
CA LYS B 126 -77.45 82.03 -63.45
C LYS B 126 -78.74 81.60 -62.77
N TYR B 127 -79.25 80.42 -63.11
CA TYR B 127 -80.42 79.85 -62.44
C TYR B 127 -80.04 78.46 -61.93
N HIS B 128 -79.86 78.35 -60.62
CA HIS B 128 -79.33 77.14 -60.00
C HIS B 128 -80.52 76.29 -59.56
N ILE B 129 -80.85 75.27 -60.32
CA ILE B 129 -82.03 74.44 -60.09
C ILE B 129 -81.67 73.32 -59.13
N GLN B 130 -82.44 73.18 -58.06
CA GLN B 130 -82.15 72.24 -56.98
C GLN B 130 -83.35 71.33 -56.80
N VAL B 131 -83.30 70.13 -57.36
CA VAL B 131 -84.40 69.17 -57.27
C VAL B 131 -84.25 68.38 -55.98
N CYS B 132 -85.31 68.30 -55.20
CA CYS B 132 -85.30 67.47 -54.02
C CYS B 132 -85.65 66.03 -54.36
N THR B 133 -84.85 65.09 -53.86
CA THR B 133 -85.05 63.67 -54.13
C THR B 133 -85.03 62.84 -52.86
N THR B 134 -85.33 63.43 -51.71
CA THR B 134 -85.54 62.61 -50.53
C THR B 134 -86.90 61.92 -50.62
N THR B 135 -87.18 61.09 -49.62
CA THR B 135 -88.31 60.16 -49.70
C THR B 135 -89.70 60.80 -49.83
N PRO B 136 -90.07 61.88 -49.12
CA PRO B 136 -91.40 62.49 -49.41
C PRO B 136 -91.53 63.09 -50.79
N CYS B 137 -90.46 63.53 -51.43
CA CYS B 137 -90.55 63.95 -52.84
C CYS B 137 -90.35 62.79 -53.79
N MET B 138 -89.60 61.77 -53.39
CA MET B 138 -89.38 60.63 -54.27
C MET B 138 -90.64 59.79 -54.42
N LEU B 139 -91.41 59.65 -53.33
CA LEU B 139 -92.67 58.93 -53.39
C LEU B 139 -93.69 59.63 -54.27
N ARG B 140 -93.61 60.95 -54.37
CA ARG B 140 -94.49 61.69 -55.27
C ARG B 140 -93.81 62.02 -56.60
N ASN B 141 -92.89 61.15 -57.03
CA ASN B 141 -92.34 61.10 -58.39
C ASN B 141 -91.58 62.37 -58.75
N SER B 142 -90.51 62.63 -58.02
CA SER B 142 -89.57 63.68 -58.38
C SER B 142 -88.58 63.23 -59.45
N ASP B 143 -88.50 61.93 -59.71
CA ASP B 143 -87.62 61.43 -60.75
C ASP B 143 -88.10 61.83 -62.13
N SER B 144 -89.42 61.89 -62.34
CA SER B 144 -89.96 62.37 -63.61
C SER B 144 -89.64 63.84 -63.84
N ILE B 145 -89.59 64.62 -62.77
CA ILE B 145 -89.23 66.04 -62.89
C ILE B 145 -87.75 66.19 -63.17
N LEU B 146 -86.92 65.38 -62.52
CA LEU B 146 -85.48 65.39 -62.82
C LEU B 146 -85.22 65.00 -64.27
N GLU B 147 -85.94 63.99 -64.77
CA GLU B 147 -85.80 63.58 -66.17
C GLU B 147 -86.32 64.65 -67.12
N ALA B 148 -87.38 65.36 -66.74
CA ALA B 148 -87.92 66.42 -67.59
C ALA B 148 -86.96 67.61 -67.69
N ILE B 149 -86.36 68.00 -66.57
CA ILE B 149 -85.38 69.09 -66.58
C ILE B 149 -84.14 68.67 -67.36
N GLN B 150 -83.72 67.41 -67.23
CA GLN B 150 -82.56 66.92 -67.97
C GLN B 150 -82.81 66.90 -69.49
N LYS B 151 -83.95 66.36 -69.93
CA LYS B 151 -84.19 66.31 -71.36
C LYS B 151 -84.67 67.65 -71.92
N LYS B 152 -85.03 68.60 -71.07
CA LYS B 152 -85.28 69.95 -71.55
C LYS B 152 -83.98 70.73 -71.74
N LEU B 153 -83.07 70.61 -70.78
CA LEU B 153 -81.82 71.36 -70.83
C LEU B 153 -80.69 70.62 -71.54
N GLY B 154 -80.83 69.31 -71.73
CA GLY B 154 -79.75 68.56 -72.34
C GLY B 154 -78.58 68.28 -71.43
N ILE B 155 -78.76 68.42 -70.12
CA ILE B 155 -77.67 68.21 -69.18
C ILE B 155 -78.07 67.09 -68.22
N LYS B 156 -77.20 66.78 -67.27
CA LYS B 156 -77.54 65.81 -66.24
C LYS B 156 -77.32 66.43 -64.88
N VAL B 157 -77.39 65.62 -63.82
CA VAL B 157 -77.19 66.11 -62.46
C VAL B 157 -75.75 66.54 -62.28
N GLY B 158 -75.55 67.80 -61.90
CA GLY B 158 -74.25 68.36 -61.67
C GLY B 158 -73.72 69.19 -62.81
N GLU B 159 -74.29 69.06 -64.00
CA GLU B 159 -73.76 69.79 -65.15
C GLU B 159 -74.35 71.19 -65.22
N THR B 160 -73.67 72.03 -65.99
CA THR B 160 -74.10 73.38 -66.30
C THR B 160 -74.36 73.45 -67.80
N THR B 161 -75.40 74.17 -68.20
CA THR B 161 -75.69 74.37 -69.61
C THR B 161 -74.56 75.18 -70.27
N PRO B 162 -74.31 74.98 -71.58
CA PRO B 162 -73.16 75.64 -72.21
C PRO B 162 -73.26 77.15 -72.32
N ASP B 163 -74.44 77.73 -72.12
CA ASP B 163 -74.59 79.18 -72.10
C ASP B 163 -74.61 79.75 -70.68
N LYS B 164 -74.31 78.91 -69.67
CA LYS B 164 -74.17 79.30 -68.27
C LYS B 164 -75.45 79.91 -67.69
N LEU B 165 -76.61 79.36 -68.05
CA LEU B 165 -77.87 79.82 -67.49
C LEU B 165 -78.43 78.90 -66.43
N PHE B 166 -78.15 77.61 -66.51
CA PHE B 166 -78.77 76.64 -65.63
C PHE B 166 -77.73 75.65 -65.13
N THR B 167 -77.73 75.40 -63.83
CA THR B 167 -76.94 74.36 -63.20
C THR B 167 -77.87 73.46 -62.44
N LEU B 168 -78.00 72.21 -62.87
CA LEU B 168 -78.92 71.25 -62.29
C LEU B 168 -78.15 70.33 -61.35
N ILE B 169 -78.36 70.50 -60.05
CA ILE B 169 -77.86 69.55 -59.07
C ILE B 169 -79.05 68.96 -58.33
N GLU B 170 -78.76 67.91 -57.58
CA GLU B 170 -79.77 67.12 -56.88
C GLU B 170 -79.56 67.31 -55.38
N VAL B 171 -80.55 67.83 -54.70
CA VAL B 171 -80.37 68.21 -53.30
C VAL B 171 -81.22 67.35 -52.38
N GLU B 172 -81.05 67.54 -51.08
CA GLU B 172 -81.76 66.81 -50.06
C GLU B 172 -83.03 67.58 -49.70
N CYS B 173 -83.64 67.27 -48.56
CA CYS B 173 -84.96 67.78 -48.19
C CYS B 173 -84.97 69.29 -48.04
N LEU B 174 -85.74 69.96 -48.89
CA LEU B 174 -85.85 71.41 -48.92
C LEU B 174 -86.91 71.97 -48.00
N GLY B 175 -87.62 71.12 -47.26
CA GLY B 175 -88.58 71.58 -46.29
C GLY B 175 -89.91 72.03 -46.82
N ALA B 176 -90.36 71.45 -47.94
CA ALA B 176 -91.64 71.73 -48.56
C ALA B 176 -92.32 70.43 -48.92
N CYS B 177 -92.42 69.54 -47.93
CA CYS B 177 -92.67 68.12 -48.16
C CYS B 177 -94.11 67.83 -48.54
N VAL B 178 -95.07 68.58 -48.02
CA VAL B 178 -96.45 68.33 -48.46
C VAL B 178 -96.69 68.91 -49.84
N ASN B 179 -95.85 69.85 -50.26
CA ASN B 179 -95.87 70.37 -51.61
C ASN B 179 -94.96 69.57 -52.54
N ALA B 180 -94.69 68.32 -52.21
CA ALA B 180 -93.88 67.46 -53.05
C ALA B 180 -94.64 67.13 -54.34
N PRO B 181 -93.93 67.01 -55.46
CA PRO B 181 -92.50 67.27 -55.69
C PRO B 181 -92.20 68.73 -55.98
N MET B 182 -90.96 69.17 -55.77
CA MET B 182 -90.66 70.60 -55.86
C MET B 182 -89.17 70.81 -56.13
N VAL B 183 -88.86 71.97 -56.71
CA VAL B 183 -87.48 72.40 -56.96
C VAL B 183 -87.27 73.75 -56.28
N GLN B 184 -86.01 74.17 -56.22
CA GLN B 184 -85.63 75.52 -55.82
C GLN B 184 -84.77 76.15 -56.91
N ILE B 185 -85.11 77.37 -57.31
CA ILE B 185 -84.35 78.09 -58.34
C ILE B 185 -83.92 79.42 -57.72
N ASN B 186 -82.73 79.39 -57.12
CA ASN B 186 -81.88 80.45 -56.56
C ASN B 186 -82.39 81.10 -55.27
N ASP B 187 -83.69 81.22 -55.09
CA ASP B 187 -84.29 81.66 -53.83
C ASP B 187 -85.67 81.06 -53.65
N ASN B 188 -86.24 80.59 -54.75
CA ASN B 188 -87.69 80.45 -54.88
C ASN B 188 -88.09 78.99 -54.94
N TYR B 189 -89.15 78.65 -54.21
CA TYR B 189 -89.69 77.30 -54.23
C TYR B 189 -90.80 77.19 -55.25
N TYR B 190 -90.64 76.27 -56.20
CA TYR B 190 -91.65 75.97 -57.20
C TYR B 190 -92.19 74.59 -56.88
N GLU B 191 -93.46 74.52 -56.51
CA GLU B 191 -93.98 73.41 -55.73
C GLU B 191 -95.13 72.74 -56.47
N ASP B 192 -95.52 71.56 -55.95
CA ASP B 192 -96.58 70.70 -56.50
C ASP B 192 -96.38 70.40 -57.98
N LEU B 193 -95.14 70.18 -58.37
CA LEU B 193 -94.80 70.20 -59.77
C LEU B 193 -95.17 68.91 -60.49
N THR B 194 -95.48 69.05 -61.76
CA THR B 194 -95.55 68.01 -62.77
C THR B 194 -94.40 68.26 -63.75
N PRO B 195 -94.14 67.35 -64.70
CA PRO B 195 -93.19 67.71 -65.76
C PRO B 195 -93.59 68.90 -66.60
N LYS B 196 -94.90 69.07 -66.87
CA LYS B 196 -95.36 70.20 -67.66
C LYS B 196 -95.14 71.52 -66.94
N ASP B 197 -95.35 71.54 -65.62
CA ASP B 197 -95.17 72.76 -64.83
C ASP B 197 -93.72 73.21 -64.82
N ILE B 198 -92.79 72.27 -64.60
CA ILE B 198 -91.39 72.64 -64.53
C ILE B 198 -90.83 72.94 -65.92
N GLU B 199 -91.39 72.34 -66.97
CA GLU B 199 -90.98 72.71 -68.31
C GLU B 199 -91.46 74.10 -68.68
N GLU B 200 -92.64 74.49 -68.19
CA GLU B 200 -93.12 75.85 -68.39
C GLU B 200 -92.26 76.85 -67.62
N ILE B 201 -91.80 76.47 -66.43
CA ILE B 201 -90.90 77.31 -65.64
C ILE B 201 -89.56 77.51 -66.35
N ILE B 202 -89.00 76.42 -66.90
CA ILE B 202 -87.74 76.53 -67.64
C ILE B 202 -87.92 77.32 -68.93
N ASP B 203 -89.09 77.22 -69.57
CA ASP B 203 -89.42 78.05 -70.73
C ASP B 203 -89.41 79.53 -70.39
N GLU B 204 -90.08 79.92 -69.31
CA GLU B 204 -90.13 81.35 -69.01
C GLU B 204 -88.90 81.84 -68.24
N LEU B 205 -88.01 80.94 -67.81
CA LEU B 205 -86.70 81.37 -67.35
C LEU B 205 -85.72 81.54 -68.51
N LYS B 206 -85.88 80.76 -69.58
CA LYS B 206 -85.10 81.04 -70.79
C LYS B 206 -85.59 82.29 -71.51
N ALA B 207 -86.83 82.70 -71.27
CA ALA B 207 -87.42 83.86 -71.91
C ALA B 207 -87.09 85.17 -71.18
N GLY B 208 -86.30 85.12 -70.12
CA GLY B 208 -85.93 86.32 -69.40
C GLY B 208 -86.90 86.76 -68.33
N LYS B 209 -88.10 86.17 -68.28
CA LYS B 209 -89.06 86.50 -67.24
C LYS B 209 -88.67 85.82 -65.93
N ILE B 210 -89.47 86.04 -64.89
CA ILE B 210 -89.32 85.37 -63.61
C ILE B 210 -90.67 84.76 -63.25
N PRO B 211 -90.71 83.50 -62.81
CA PRO B 211 -91.99 82.87 -62.47
C PRO B 211 -92.42 83.20 -61.04
N LYS B 212 -93.61 82.73 -60.71
CA LYS B 212 -94.14 82.93 -59.36
C LYS B 212 -93.78 81.76 -58.47
N PRO B 213 -93.15 81.99 -57.33
CA PRO B 213 -92.75 80.89 -56.45
C PRO B 213 -93.89 80.28 -55.63
N GLY B 214 -94.61 79.31 -56.19
CA GLY B 214 -95.57 78.61 -55.38
C GLY B 214 -95.92 77.23 -55.88
N PRO B 215 -96.93 76.62 -55.26
CA PRO B 215 -97.53 75.40 -55.82
C PRO B 215 -98.12 75.63 -57.20
N ARG B 216 -97.76 74.74 -58.12
CA ARG B 216 -98.22 74.80 -59.50
C ARG B 216 -99.52 74.04 -59.72
N SER B 217 -100.09 73.45 -58.67
CA SER B 217 -101.44 72.93 -58.71
C SER B 217 -102.41 74.06 -58.35
N GLY B 218 -103.66 73.73 -58.05
CA GLY B 218 -104.64 74.76 -57.78
C GLY B 218 -104.49 75.42 -56.42
N ARG B 219 -103.93 74.71 -55.44
CA ARG B 219 -103.93 75.20 -54.09
C ARG B 219 -102.85 76.27 -53.88
N PHE B 220 -102.95 76.97 -52.75
CA PHE B 220 -102.15 78.18 -52.56
C PHE B 220 -100.84 77.92 -51.84
N SER B 221 -100.88 77.40 -50.61
CA SER B 221 -99.63 77.08 -49.91
C SER B 221 -99.54 75.62 -49.47
N CYS B 222 -100.36 75.18 -48.52
CA CYS B 222 -100.18 73.85 -47.95
C CYS B 222 -101.49 73.18 -47.59
N GLU B 223 -102.63 73.77 -47.94
CA GLU B 223 -103.92 73.27 -47.54
C GLU B 223 -104.25 71.96 -48.25
N PRO B 224 -105.23 71.20 -47.75
CA PRO B 224 -105.73 70.07 -48.54
C PRO B 224 -106.34 70.55 -49.85
N ALA B 225 -106.01 69.86 -50.94
CA ALA B 225 -106.38 70.32 -52.26
C ALA B 225 -107.87 70.17 -52.54
N GLY B 226 -108.57 69.32 -51.78
CA GLY B 226 -110.01 69.19 -51.94
C GLY B 226 -110.78 70.10 -51.00
N GLY B 227 -110.31 71.34 -50.86
CA GLY B 227 -110.93 72.29 -49.96
C GLY B 227 -110.29 72.25 -48.58
N LEU B 228 -110.62 73.27 -47.79
CA LEU B 228 -110.10 73.36 -46.43
C LEU B 228 -110.82 72.35 -45.55
N THR B 229 -110.06 71.46 -44.92
CA THR B 229 -110.62 70.56 -43.91
C THR B 229 -110.62 71.17 -42.52
N SER B 230 -110.17 72.41 -42.40
CA SER B 230 -110.10 73.13 -41.14
C SER B 230 -109.93 74.61 -41.44
N LEU B 231 -110.04 75.43 -40.39
CA LEU B 231 -109.83 76.89 -40.43
C LEU B 231 -110.78 77.59 -41.41
N THR B 232 -111.99 77.06 -41.56
CA THR B 232 -113.00 77.68 -42.39
C THR B 232 -113.80 78.73 -41.65
N GLU B 233 -113.98 78.54 -40.35
CA GLU B 233 -114.67 79.51 -39.52
C GLU B 233 -113.84 80.79 -39.40
N PRO B 234 -114.47 81.93 -39.16
CA PRO B 234 -113.71 83.16 -38.91
C PRO B 234 -112.98 83.07 -37.58
N PRO B 235 -111.69 83.43 -37.56
CA PRO B 235 -110.93 83.40 -36.31
C PRO B 235 -111.44 84.45 -35.34
N LYS B 236 -111.16 84.22 -34.06
CA LYS B 236 -111.94 84.87 -33.03
C LYS B 236 -111.51 86.32 -32.79
N GLY B 237 -110.21 86.59 -32.82
CA GLY B 237 -109.73 87.92 -32.55
C GLY B 237 -109.30 88.08 -31.10
N PRO B 238 -108.91 89.29 -30.72
CA PRO B 238 -108.31 89.49 -29.39
C PRO B 238 -109.34 89.43 -28.27
N GLY B 239 -108.92 88.90 -27.13
CA GLY B 239 -109.76 88.79 -25.96
C GLY B 239 -110.45 87.45 -25.81
N PHE B 240 -110.34 86.57 -26.80
CA PHE B 240 -111.07 85.31 -26.76
C PHE B 240 -110.36 84.31 -25.87
N GLY B 241 -111.12 83.68 -24.98
CA GLY B 241 -110.61 82.63 -24.10
C GLY B 241 -109.58 83.05 -23.10
N VAL B 242 -109.40 84.35 -22.87
CA VAL B 242 -108.35 84.85 -22.00
C VAL B 242 -108.74 84.61 -20.55
N GLN B 243 -107.83 84.02 -19.78
CA GLN B 243 -108.06 83.73 -18.37
C GLN B 243 -108.13 85.01 -17.55
N ALA B 244 -108.74 84.89 -16.38
CA ALA B 244 -109.00 86.05 -15.53
C ALA B 244 -107.72 86.56 -14.87
N GLY B 245 -107.76 87.83 -14.49
CA GLY B 245 -106.64 88.46 -13.82
C GLY B 245 -105.46 88.79 -14.69
N LEU B 246 -105.59 88.63 -16.00
CA LEU B 246 -104.50 88.92 -16.91
C LEU B 246 -104.80 90.18 -17.72
N SER C 29 -60.84 69.64 2.46
CA SER C 29 -60.91 69.81 1.01
C SER C 29 -62.31 69.51 0.48
N ASN C 30 -62.47 69.61 -0.84
CA ASN C 30 -63.76 69.37 -1.49
C ASN C 30 -63.71 68.16 -2.42
N LEU C 31 -62.90 67.16 -2.09
CA LEU C 31 -62.75 65.99 -2.95
C LEU C 31 -64.01 65.14 -2.89
N ILE C 32 -64.50 64.74 -4.06
CA ILE C 32 -65.65 63.87 -4.15
C ILE C 32 -65.15 62.45 -4.37
N GLU C 33 -66.01 61.49 -4.06
CA GLU C 33 -65.64 60.08 -4.11
C GLU C 33 -66.30 59.43 -5.32
N VAL C 34 -65.49 58.83 -6.19
CA VAL C 34 -65.98 58.02 -7.28
C VAL C 34 -65.42 56.62 -7.12
N PHE C 35 -66.07 55.66 -7.76
CA PHE C 35 -65.65 54.27 -7.72
C PHE C 35 -65.24 53.86 -9.12
N VAL C 36 -64.06 53.27 -9.26
CA VAL C 36 -63.59 52.74 -10.53
C VAL C 36 -63.48 51.25 -10.35
N ASP C 37 -64.42 50.51 -10.97
CA ASP C 37 -64.58 49.06 -10.81
C ASP C 37 -64.75 48.67 -9.34
N GLY C 38 -65.48 49.50 -8.59
CA GLY C 38 -65.68 49.31 -7.19
C GLY C 38 -64.63 49.94 -6.29
N GLN C 39 -63.41 50.14 -6.79
CA GLN C 39 -62.33 50.69 -5.99
C GLN C 39 -62.56 52.17 -5.75
N SER C 40 -62.61 52.55 -4.47
CA SER C 40 -62.86 53.94 -4.10
C SER C 40 -61.65 54.80 -4.41
N VAL C 41 -61.90 56.02 -4.88
CA VAL C 41 -60.85 56.97 -5.19
C VAL C 41 -61.40 58.38 -5.06
N MET C 42 -60.63 59.27 -4.43
CA MET C 42 -61.03 60.64 -4.17
C MET C 42 -60.46 61.54 -5.27
N VAL C 43 -61.35 62.19 -6.02
CA VAL C 43 -60.90 63.06 -7.10
C VAL C 43 -61.39 64.48 -6.84
N GLU C 44 -60.66 65.44 -7.41
CA GLU C 44 -61.05 66.84 -7.39
C GLU C 44 -62.34 67.04 -8.20
N PRO C 45 -63.17 68.01 -7.84
CA PRO C 45 -64.27 68.40 -8.73
C PRO C 45 -63.77 68.91 -10.08
N GLY C 46 -64.48 68.52 -11.14
CA GLY C 46 -64.06 68.80 -12.49
C GLY C 46 -63.14 67.78 -13.09
N THR C 47 -62.87 66.69 -12.39
CA THR C 47 -62.05 65.61 -12.92
C THR C 47 -62.87 64.80 -13.92
N THR C 48 -62.26 64.48 -15.05
CA THR C 48 -62.95 63.66 -16.02
C THR C 48 -62.94 62.20 -15.57
N VAL C 49 -63.80 61.40 -16.22
CA VAL C 49 -63.87 59.96 -15.95
C VAL C 49 -62.54 59.29 -16.30
N LEU C 50 -61.89 59.77 -17.35
CA LEU C 50 -60.61 59.21 -17.79
C LEU C 50 -59.53 59.44 -16.75
N GLN C 51 -59.49 60.64 -16.16
CA GLN C 51 -58.48 60.93 -15.14
C GLN C 51 -58.78 60.21 -13.84
N ALA C 52 -60.07 60.00 -13.54
CA ALA C 52 -60.43 59.21 -12.37
C ALA C 52 -59.99 57.76 -12.52
N CYS C 53 -60.09 57.21 -13.74
CA CYS C 53 -59.59 55.86 -13.98
C CYS C 53 -58.07 55.82 -14.01
N GLU C 54 -57.43 56.91 -14.43
CA GLU C 54 -55.98 57.01 -14.39
C GLU C 54 -55.45 57.04 -12.96
N LYS C 55 -56.19 57.66 -12.04
CA LYS C 55 -55.73 57.75 -10.66
C LYS C 55 -55.73 56.40 -9.95
N VAL C 56 -56.45 55.40 -10.45
CA VAL C 56 -56.29 54.02 -9.96
C VAL C 56 -55.48 53.18 -10.95
N GLY C 57 -54.89 53.79 -11.95
CA GLY C 57 -53.96 53.10 -12.82
C GLY C 57 -54.57 52.30 -13.94
N MET C 58 -55.69 52.73 -14.49
CA MET C 58 -56.29 52.11 -15.65
C MET C 58 -56.29 53.12 -16.78
N GLN C 59 -55.64 52.78 -17.88
CA GLN C 59 -55.55 53.69 -19.01
C GLN C 59 -56.66 53.33 -19.99
N ILE C 60 -57.65 54.22 -20.10
CA ILE C 60 -58.77 54.05 -21.03
C ILE C 60 -58.28 54.22 -22.46
N PRO C 61 -58.70 53.40 -23.41
CA PRO C 61 -58.29 53.61 -24.80
C PRO C 61 -58.83 54.90 -25.37
N ARG C 62 -57.94 55.65 -26.02
CA ARG C 62 -58.28 56.96 -26.55
C ARG C 62 -57.59 57.12 -27.91
N PHE C 63 -58.19 57.93 -28.75
CA PHE C 63 -57.52 58.36 -29.96
C PHE C 63 -57.46 59.87 -30.10
N CYS C 64 -58.52 60.58 -29.74
CA CYS C 64 -58.51 62.02 -29.88
C CYS C 64 -58.16 62.74 -28.59
N TYR C 65 -58.24 62.05 -27.46
CA TYR C 65 -57.85 62.68 -26.20
C TYR C 65 -56.35 62.81 -26.13
N HIS C 66 -55.90 64.01 -25.79
CA HIS C 66 -54.50 64.25 -25.48
C HIS C 66 -54.47 65.19 -24.29
N GLU C 67 -53.62 64.90 -23.31
CA GLU C 67 -53.63 65.66 -22.06
C GLU C 67 -53.06 67.07 -22.19
N ARG C 68 -52.44 67.40 -23.32
CA ARG C 68 -51.92 68.74 -23.53
C ARG C 68 -52.70 69.51 -24.57
N LEU C 69 -53.74 68.91 -25.11
CA LEU C 69 -54.61 69.54 -26.08
C LEU C 69 -55.98 69.72 -25.46
N SER C 70 -56.80 70.53 -26.13
CA SER C 70 -58.18 70.68 -25.69
C SER C 70 -58.95 69.40 -25.96
N VAL C 71 -60.04 69.23 -25.20
CA VAL C 71 -60.82 68.00 -25.30
C VAL C 71 -61.75 68.10 -26.49
N ALA C 72 -61.71 67.09 -27.36
CA ALA C 72 -62.52 67.06 -28.56
C ALA C 72 -63.74 66.16 -28.45
N GLY C 73 -63.55 64.94 -27.97
CA GLY C 73 -64.65 64.01 -27.78
C GLY C 73 -65.20 63.40 -29.04
N ASN C 74 -64.39 63.31 -30.11
CA ASN C 74 -64.92 62.99 -31.43
C ASN C 74 -64.34 61.71 -32.03
N CYS C 75 -63.83 60.79 -31.22
CA CYS C 75 -63.50 59.48 -31.75
C CYS C 75 -64.29 58.38 -31.08
N ARG C 76 -64.82 58.65 -29.89
CA ARG C 76 -65.74 57.79 -29.13
C ARG C 76 -65.10 56.47 -28.74
N MET C 77 -63.77 56.43 -28.62
CA MET C 77 -63.11 55.21 -28.20
C MET C 77 -63.09 55.09 -26.68
N CYS C 78 -63.25 56.20 -25.97
CA CYS C 78 -63.20 56.21 -24.53
C CYS C 78 -64.55 55.96 -23.88
N LEU C 79 -65.51 55.41 -24.63
CA LEU C 79 -66.86 55.21 -24.11
C LEU C 79 -66.85 54.14 -23.02
N VAL C 80 -67.33 54.51 -21.84
CA VAL C 80 -67.28 53.63 -20.68
C VAL C 80 -68.66 53.63 -20.03
N GLU C 81 -69.04 52.49 -19.46
CA GLU C 81 -70.30 52.40 -18.75
C GLU C 81 -70.16 52.94 -17.34
N ILE C 82 -71.07 53.83 -16.96
CA ILE C 82 -71.38 54.07 -15.57
C ILE C 82 -72.56 53.19 -15.22
N GLU C 83 -72.48 52.45 -14.12
CA GLU C 83 -73.58 51.57 -13.79
C GLU C 83 -74.77 52.38 -13.31
N LYS C 84 -75.96 51.78 -13.46
CA LYS C 84 -77.27 52.43 -13.30
C LYS C 84 -77.37 53.68 -14.19
N ALA C 85 -76.89 53.55 -15.42
CA ALA C 85 -77.00 54.57 -16.45
C ALA C 85 -77.10 53.87 -17.80
N PRO C 86 -78.19 54.03 -18.54
CA PRO C 86 -78.37 53.22 -19.75
C PRO C 86 -77.71 53.80 -20.98
N LYS C 87 -76.48 54.30 -20.85
CA LYS C 87 -75.76 54.95 -21.95
C LYS C 87 -74.30 55.12 -21.55
N VAL C 88 -73.39 54.77 -22.44
CA VAL C 88 -71.97 54.95 -22.19
C VAL C 88 -71.61 56.42 -22.37
N VAL C 89 -70.67 56.89 -21.57
CA VAL C 89 -70.25 58.28 -21.59
C VAL C 89 -68.83 58.36 -22.13
N ALA C 90 -68.55 59.44 -22.83
CA ALA C 90 -67.21 59.70 -23.32
C ALA C 90 -66.33 60.10 -22.15
N ALA C 91 -65.44 59.21 -21.72
CA ALA C 91 -64.68 59.42 -20.49
C ALA C 91 -63.67 60.55 -20.58
N CYS C 92 -63.25 60.93 -21.78
CA CYS C 92 -62.29 62.02 -21.91
C CYS C 92 -62.92 63.37 -21.62
N ALA C 93 -64.23 63.50 -21.75
CA ALA C 93 -64.91 64.78 -21.64
C ALA C 93 -65.95 64.84 -20.53
N MET C 94 -66.22 63.73 -19.85
CA MET C 94 -67.31 63.68 -18.89
C MET C 94 -66.81 63.95 -17.48
N PRO C 95 -67.23 65.05 -16.84
CA PRO C 95 -66.85 65.25 -15.44
C PRO C 95 -67.62 64.29 -14.55
N VAL C 96 -66.94 63.76 -13.54
CA VAL C 96 -67.53 62.76 -12.66
C VAL C 96 -68.50 63.42 -11.70
N MET C 97 -69.56 62.70 -11.37
CA MET C 97 -70.43 63.05 -10.28
C MET C 97 -70.03 62.24 -9.05
N LYS C 98 -70.56 62.62 -7.89
CA LYS C 98 -70.23 61.92 -6.67
C LYS C 98 -70.87 60.53 -6.66
N GLY C 99 -70.06 59.53 -6.33
CA GLY C 99 -70.56 58.18 -6.16
C GLY C 99 -70.79 57.38 -7.41
N TRP C 100 -70.30 57.85 -8.57
CA TRP C 100 -70.35 57.03 -9.77
C TRP C 100 -69.47 55.80 -9.63
N ASN C 101 -69.95 54.68 -10.14
CA ASN C 101 -69.16 53.46 -10.25
C ASN C 101 -68.81 53.30 -11.72
N ILE C 102 -67.55 53.52 -12.06
CA ILE C 102 -67.09 53.42 -13.43
C ILE C 102 -66.75 51.97 -13.72
N LEU C 103 -67.32 51.42 -14.78
CA LEU C 103 -67.10 50.03 -15.13
C LEU C 103 -66.24 49.99 -16.39
N THR C 104 -64.93 49.90 -16.18
CA THR C 104 -63.99 49.96 -17.29
C THR C 104 -63.86 48.66 -18.05
N ASN C 105 -64.31 47.55 -17.46
CA ASN C 105 -64.15 46.23 -18.08
C ASN C 105 -65.49 45.51 -18.20
N SER C 106 -66.60 46.25 -18.24
CA SER C 106 -67.91 45.63 -18.29
C SER C 106 -68.20 45.15 -19.70
N GLU C 107 -69.38 44.55 -19.88
CA GLU C 107 -69.71 43.95 -21.16
C GLU C 107 -70.03 45.01 -22.21
N LYS C 108 -70.86 45.99 -21.85
CA LYS C 108 -71.23 46.99 -22.85
C LYS C 108 -70.14 48.02 -23.08
N THR C 109 -69.24 48.21 -22.12
CA THR C 109 -68.02 48.99 -22.37
C THR C 109 -67.16 48.33 -23.44
N LYS C 110 -66.99 47.02 -23.35
CA LYS C 110 -66.20 46.30 -24.34
C LYS C 110 -66.92 46.23 -25.68
N LYS C 111 -68.25 46.15 -25.68
CA LYS C 111 -68.99 46.20 -26.94
C LYS C 111 -68.89 47.56 -27.61
N ALA C 112 -68.90 48.63 -26.81
CA ALA C 112 -68.69 49.97 -27.35
C ALA C 112 -67.31 50.13 -27.95
N ARG C 113 -66.29 49.61 -27.26
CA ARG C 113 -64.92 49.69 -27.76
C ARG C 113 -64.74 48.90 -29.05
N GLU C 114 -65.32 47.71 -29.13
CA GLU C 114 -65.19 46.90 -30.34
C GLU C 114 -65.96 47.51 -31.50
N GLY C 115 -67.10 48.12 -31.23
CA GLY C 115 -67.84 48.77 -32.29
C GLY C 115 -67.12 50.00 -32.84
N VAL C 116 -66.55 50.81 -31.96
CA VAL C 116 -65.85 52.00 -32.40
C VAL C 116 -64.56 51.63 -33.13
N MET C 117 -63.86 50.59 -32.67
CA MET C 117 -62.69 50.11 -33.40
C MET C 117 -63.08 49.52 -34.76
N GLU C 118 -64.24 48.89 -34.85
CA GLU C 118 -64.76 48.41 -36.12
C GLU C 118 -65.03 49.56 -37.09
N PHE C 119 -65.60 50.67 -36.59
CA PHE C 119 -65.83 51.79 -37.48
C PHE C 119 -64.54 52.49 -37.88
N LEU C 120 -63.55 52.57 -36.98
CA LEU C 120 -62.25 53.12 -37.35
C LEU C 120 -61.54 52.27 -38.38
N LEU C 121 -61.69 50.96 -38.32
CA LEU C 121 -61.03 50.09 -39.28
C LEU C 121 -61.90 49.77 -40.48
N ALA C 122 -63.10 50.33 -40.59
CA ALA C 122 -63.93 50.13 -41.76
C ALA C 122 -63.29 50.74 -43.01
N ASN C 123 -62.86 51.99 -42.93
CA ASN C 123 -62.29 52.70 -44.08
C ASN C 123 -60.79 52.88 -43.99
N HIS C 124 -60.13 52.26 -43.02
CA HIS C 124 -58.70 52.47 -42.85
C HIS C 124 -57.93 51.60 -43.84
N PRO C 125 -56.92 52.14 -44.52
CA PRO C 125 -56.27 51.38 -45.60
C PRO C 125 -55.38 50.27 -45.05
N LEU C 126 -55.30 49.19 -45.83
CA LEU C 126 -54.40 48.08 -45.52
C LEU C 126 -52.96 48.44 -45.88
N ASP C 127 -52.39 49.34 -45.08
CA ASP C 127 -51.07 49.88 -45.36
C ASP C 127 -50.02 49.55 -44.33
N CYS C 128 -50.33 48.76 -43.30
CA CYS C 128 -49.42 48.50 -42.18
C CYS C 128 -48.01 48.03 -42.56
N PRO C 129 -47.79 47.20 -43.60
CA PRO C 129 -46.40 46.93 -43.96
C PRO C 129 -45.67 48.10 -44.58
N ILE C 130 -46.33 48.94 -45.36
CA ILE C 130 -45.63 50.06 -46.00
C ILE C 130 -45.73 51.33 -45.18
N CYS C 131 -46.09 51.21 -43.91
CA CYS C 131 -46.39 52.34 -43.04
C CYS C 131 -45.32 52.50 -41.98
N ASP C 132 -44.89 53.73 -41.75
CA ASP C 132 -43.86 54.01 -40.76
C ASP C 132 -44.39 53.99 -39.34
N GLN C 133 -45.69 53.87 -39.16
CA GLN C 133 -46.28 53.80 -37.84
C GLN C 133 -46.40 52.37 -37.34
N GLY C 134 -46.12 51.39 -38.21
CA GLY C 134 -46.24 49.98 -37.88
C GLY C 134 -45.30 49.52 -36.79
N GLY C 135 -45.87 49.00 -35.71
CA GLY C 135 -45.13 48.63 -34.54
C GLY C 135 -45.18 49.65 -33.43
N GLU C 136 -45.48 50.90 -33.76
CA GLU C 136 -45.64 51.98 -32.80
C GLU C 136 -46.94 52.73 -33.06
N CYS C 137 -47.96 52.00 -33.48
CA CYS C 137 -49.24 52.58 -33.82
C CYS C 137 -50.22 52.42 -32.67
N ASP C 138 -50.94 53.49 -32.36
CA ASP C 138 -52.05 53.34 -31.41
C ASP C 138 -53.16 52.50 -31.99
N LEU C 139 -53.47 52.67 -33.28
CA LEU C 139 -54.59 51.96 -33.88
C LEU C 139 -54.36 50.46 -33.93
N GLN C 140 -53.14 50.03 -34.29
CA GLN C 140 -52.77 48.62 -34.22
C GLN C 140 -52.84 48.09 -32.79
N ASP C 141 -52.25 48.81 -31.85
CA ASP C 141 -52.09 48.28 -30.49
C ASP C 141 -53.42 48.17 -29.78
N GLN C 142 -54.22 49.23 -29.77
CA GLN C 142 -55.49 49.08 -29.09
C GLN C 142 -56.58 48.49 -29.99
N SER C 143 -56.28 48.18 -31.26
CA SER C 143 -57.09 47.21 -31.98
C SER C 143 -56.80 45.79 -31.53
N MET C 144 -55.53 45.48 -31.24
CA MET C 144 -55.18 44.19 -30.67
C MET C 144 -55.73 44.03 -29.26
N MET C 145 -55.72 45.12 -28.49
CA MET C 145 -56.13 45.03 -27.10
C MET C 145 -57.65 45.11 -26.94
N PHE C 146 -58.32 45.99 -27.67
CA PHE C 146 -59.71 46.28 -27.40
C PHE C 146 -60.65 46.00 -28.56
N GLY C 147 -60.12 45.80 -29.76
CA GLY C 147 -60.96 45.56 -30.91
C GLY C 147 -61.27 44.10 -31.09
N SER C 148 -62.05 43.83 -32.13
CA SER C 148 -62.30 42.47 -32.55
C SER C 148 -61.13 41.96 -33.38
N ASP C 149 -61.23 40.71 -33.83
CA ASP C 149 -60.13 40.07 -34.53
C ASP C 149 -60.39 39.87 -36.01
N ARG C 150 -61.50 40.35 -36.53
CA ARG C 150 -61.81 40.17 -37.95
C ARG C 150 -62.75 41.27 -38.40
N SER C 151 -62.96 41.32 -39.71
CA SER C 151 -63.74 42.36 -40.35
C SER C 151 -65.10 41.83 -40.75
N ARG C 152 -66.12 42.68 -40.62
CA ARG C 152 -67.40 42.49 -41.28
C ARG C 152 -67.59 43.46 -42.42
N PHE C 153 -66.59 44.29 -42.70
CA PHE C 153 -66.69 45.29 -43.74
C PHE C 153 -66.50 44.61 -45.10
N LEU C 154 -67.47 44.78 -45.99
CA LEU C 154 -67.50 44.06 -47.26
C LEU C 154 -67.59 45.00 -48.44
N GLU C 155 -67.24 46.26 -48.26
CA GLU C 155 -67.44 47.28 -49.27
C GLU C 155 -66.10 47.81 -49.76
N GLY C 156 -66.16 48.80 -50.64
CA GLY C 156 -64.98 49.51 -51.02
C GLY C 156 -64.67 50.65 -50.06
N LYS C 157 -63.39 50.81 -49.77
CA LYS C 157 -62.94 51.82 -48.84
C LYS C 157 -62.79 53.16 -49.54
N ARG C 158 -62.76 54.23 -48.76
CA ARG C 158 -62.44 55.51 -49.33
C ARG C 158 -60.93 55.62 -49.53
N ALA C 159 -60.54 56.55 -50.40
CA ALA C 159 -59.16 56.91 -50.58
C ALA C 159 -59.09 58.42 -50.68
N VAL C 160 -58.20 59.02 -49.90
CA VAL C 160 -58.12 60.46 -49.74
C VAL C 160 -56.93 60.96 -50.52
N GLU C 161 -57.12 62.11 -51.18
CA GLU C 161 -56.02 62.83 -51.81
C GLU C 161 -54.97 63.25 -50.78
N ASP C 162 -53.70 63.04 -51.12
CA ASP C 162 -52.60 63.39 -50.23
C ASP C 162 -52.32 64.89 -50.28
N LYS C 163 -51.95 65.44 -49.12
CA LYS C 163 -51.69 66.86 -48.98
C LYS C 163 -50.19 67.09 -48.90
N ASN C 164 -49.78 68.35 -49.04
CA ASN C 164 -48.37 68.72 -49.04
C ASN C 164 -48.22 69.89 -48.07
N ILE C 165 -47.61 69.63 -46.91
CA ILE C 165 -47.45 70.65 -45.89
C ILE C 165 -45.98 70.91 -45.58
N GLY C 166 -45.07 70.48 -46.46
CA GLY C 166 -43.68 70.84 -46.32
C GLY C 166 -42.73 69.67 -46.48
N PRO C 167 -41.44 69.94 -46.31
CA PRO C 167 -40.43 68.88 -46.48
C PRO C 167 -40.13 68.12 -45.19
N LEU C 168 -41.01 68.23 -44.20
CA LEU C 168 -40.79 67.59 -42.92
C LEU C 168 -41.80 66.51 -42.59
N VAL C 169 -43.07 66.76 -42.88
CA VAL C 169 -44.15 65.88 -42.46
C VAL C 169 -44.70 65.21 -43.71
N LYS C 170 -44.40 63.93 -43.88
CA LYS C 170 -45.00 63.15 -44.95
C LYS C 170 -46.47 62.91 -44.63
N THR C 171 -47.32 63.24 -45.59
CA THR C 171 -48.76 63.29 -45.39
C THR C 171 -49.43 62.22 -46.24
N ILE C 172 -50.05 61.24 -45.59
CA ILE C 172 -50.84 60.22 -46.26
C ILE C 172 -52.21 60.22 -45.57
N MET C 173 -53.13 61.01 -46.10
CA MET C 173 -54.40 61.26 -45.45
C MET C 173 -55.42 60.15 -45.63
N THR C 174 -55.09 59.09 -46.35
CA THR C 174 -55.96 57.91 -46.34
C THR C 174 -55.94 57.23 -44.98
N ARG C 175 -54.80 57.31 -44.30
CA ARG C 175 -54.65 56.74 -42.96
C ARG C 175 -55.25 57.63 -41.88
N CYS C 176 -55.67 58.84 -42.21
CA CYS C 176 -56.25 59.75 -41.22
C CYS C 176 -57.54 59.19 -40.67
N ILE C 177 -57.62 59.11 -39.34
CA ILE C 177 -58.80 58.61 -38.66
C ILE C 177 -59.62 59.74 -38.07
N GLN C 178 -59.30 60.99 -38.41
CA GLN C 178 -60.09 62.19 -38.12
C GLN C 178 -60.30 62.40 -36.62
N CYS C 179 -59.19 62.57 -35.92
CA CYS C 179 -59.22 62.77 -34.48
C CYS C 179 -58.89 64.20 -34.07
N THR C 180 -58.44 65.03 -35.01
CA THR C 180 -58.23 66.47 -34.87
C THR C 180 -57.21 66.81 -33.79
N ARG C 181 -56.14 66.03 -33.68
CA ARG C 181 -55.02 66.45 -32.85
C ARG C 181 -54.07 67.36 -33.63
N CYS C 182 -54.01 67.18 -34.95
CA CYS C 182 -53.48 68.17 -35.90
C CYS C 182 -53.91 69.58 -35.56
N ILE C 183 -55.22 69.74 -35.57
CA ILE C 183 -55.84 71.05 -35.59
C ILE C 183 -55.74 71.69 -34.23
N ARG C 184 -55.91 70.90 -33.18
CA ARG C 184 -55.79 71.41 -31.83
C ARG C 184 -54.34 71.73 -31.49
N PHE C 185 -53.38 70.96 -32.02
CA PHE C 185 -51.97 71.30 -31.81
C PHE C 185 -51.63 72.62 -32.49
N ALA C 186 -51.86 72.70 -33.80
CA ALA C 186 -51.53 73.87 -34.58
C ALA C 186 -52.34 75.10 -34.16
N SER C 187 -53.48 74.89 -33.50
CA SER C 187 -54.27 76.01 -33.01
C SER C 187 -53.77 76.50 -31.66
N GLU C 188 -53.58 75.60 -30.70
CA GLU C 188 -53.35 76.06 -29.34
C GLU C 188 -51.88 76.06 -28.92
N ILE C 189 -51.09 75.10 -29.37
CA ILE C 189 -49.68 75.04 -28.97
C ILE C 189 -48.79 75.75 -29.97
N ALA C 190 -48.86 75.35 -31.25
CA ALA C 190 -48.09 76.04 -32.27
C ALA C 190 -48.65 77.42 -32.58
N GLY C 191 -49.93 77.64 -32.33
CA GLY C 191 -50.54 78.95 -32.52
C GLY C 191 -50.63 79.40 -33.97
N VAL C 192 -50.93 78.49 -34.88
CA VAL C 192 -50.83 78.75 -36.31
C VAL C 192 -52.20 78.88 -36.96
N ASP C 193 -53.16 78.04 -36.54
CA ASP C 193 -54.58 78.11 -36.95
C ASP C 193 -54.75 77.89 -38.45
N ASP C 194 -53.95 77.00 -39.02
CA ASP C 194 -53.97 76.76 -40.46
C ASP C 194 -54.24 75.31 -40.86
N LEU C 195 -54.41 74.41 -39.91
CA LEU C 195 -54.98 73.10 -40.20
C LEU C 195 -56.47 73.12 -39.84
N GLY C 196 -57.21 72.25 -40.49
CA GLY C 196 -58.64 72.19 -40.22
C GLY C 196 -59.28 71.07 -41.02
N THR C 197 -60.58 70.91 -40.80
CA THR C 197 -61.38 69.93 -41.51
C THR C 197 -62.17 70.61 -42.60
N THR C 198 -62.02 70.14 -43.83
CA THR C 198 -62.87 70.55 -44.93
C THR C 198 -63.84 69.43 -45.24
N GLY C 199 -64.96 69.78 -45.85
CA GLY C 199 -65.94 68.78 -46.20
C GLY C 199 -66.85 68.44 -45.05
N ARG C 200 -67.55 67.33 -45.23
CA ARG C 200 -68.60 66.95 -44.31
C ARG C 200 -68.84 65.45 -44.45
N GLY C 201 -69.21 64.80 -43.34
CA GLY C 201 -69.49 63.38 -43.37
C GLY C 201 -68.28 62.51 -43.47
N ASN C 202 -68.40 61.40 -44.19
CA ASN C 202 -67.26 60.51 -44.39
C ASN C 202 -66.23 61.10 -45.34
N ASP C 203 -66.58 62.15 -46.08
CA ASP C 203 -65.65 62.86 -46.94
C ASP C 203 -64.99 64.04 -46.25
N MET C 204 -65.00 64.06 -44.92
CA MET C 204 -64.31 65.10 -44.17
C MET C 204 -62.81 64.87 -44.23
N GLN C 205 -62.06 65.89 -44.61
CA GLN C 205 -60.63 65.77 -44.82
C GLN C 205 -59.88 66.78 -43.95
N VAL C 206 -58.79 66.32 -43.34
CA VAL C 206 -57.91 67.19 -42.58
C VAL C 206 -56.85 67.76 -43.53
N GLY C 207 -56.63 69.06 -43.46
CA GLY C 207 -55.63 69.68 -44.32
C GLY C 207 -55.68 71.18 -44.17
N THR C 208 -55.00 71.86 -45.10
CA THR C 208 -54.96 73.30 -45.13
C THR C 208 -55.89 73.91 -46.17
N TYR C 209 -56.49 73.06 -47.01
CA TYR C 209 -57.44 73.32 -48.10
C TYR C 209 -56.78 74.00 -49.31
N ILE C 210 -55.58 74.54 -49.13
CA ILE C 210 -54.81 75.14 -50.19
C ILE C 210 -53.43 74.49 -50.18
N GLU C 211 -52.63 74.82 -51.17
CA GLU C 211 -51.26 74.32 -51.24
C GLU C 211 -50.41 75.19 -50.31
N LYS C 212 -50.57 74.94 -49.01
CA LYS C 212 -49.91 75.71 -47.98
C LYS C 212 -48.88 74.84 -47.29
N MET C 213 -47.81 75.46 -46.84
CA MET C 213 -46.64 74.76 -46.36
C MET C 213 -46.54 75.02 -44.86
N PHE C 214 -47.02 74.08 -44.06
CA PHE C 214 -47.10 74.22 -42.61
C PHE C 214 -45.72 74.17 -41.99
N MET C 215 -45.06 75.32 -41.90
CA MET C 215 -43.68 75.41 -41.44
C MET C 215 -43.66 76.26 -40.17
N SER C 216 -43.89 75.60 -39.04
CA SER C 216 -43.73 76.22 -37.73
C SER C 216 -42.37 75.82 -37.18
N GLU C 217 -42.04 76.33 -35.99
CA GLU C 217 -40.88 75.84 -35.27
C GLU C 217 -41.20 74.59 -34.47
N LEU C 218 -42.49 74.34 -34.22
CA LEU C 218 -42.94 73.16 -33.52
C LEU C 218 -43.73 72.23 -34.43
N SER C 219 -43.49 72.28 -35.74
CA SER C 219 -44.38 71.59 -36.68
C SER C 219 -44.15 70.09 -36.69
N GLY C 220 -43.02 69.61 -36.21
CA GLY C 220 -42.78 68.17 -36.23
C GLY C 220 -43.46 67.40 -35.14
N ASN C 221 -44.10 68.07 -34.20
CA ASN C 221 -44.78 67.39 -33.10
C ASN C 221 -46.12 66.83 -33.50
N ILE C 222 -46.66 67.24 -34.66
CA ILE C 222 -47.84 66.60 -35.20
C ILE C 222 -47.52 65.18 -35.67
N ILE C 223 -46.24 64.87 -35.88
CA ILE C 223 -45.84 63.48 -36.12
C ILE C 223 -45.92 62.68 -34.83
N ASP C 224 -45.59 63.31 -33.70
CA ASP C 224 -45.73 62.65 -32.40
C ASP C 224 -47.18 62.36 -32.08
N ILE C 225 -48.03 63.40 -32.10
CA ILE C 225 -49.37 63.20 -31.58
C ILE C 225 -50.35 62.67 -32.61
N CYS C 226 -49.96 62.49 -33.86
CA CYS C 226 -50.83 61.74 -34.75
C CYS C 226 -50.79 60.28 -34.33
N PRO C 227 -51.92 59.68 -33.94
CA PRO C 227 -51.90 58.28 -33.51
C PRO C 227 -51.66 57.30 -34.63
N VAL C 228 -51.78 57.71 -35.88
CA VAL C 228 -51.72 56.80 -37.01
C VAL C 228 -50.61 57.26 -37.95
N GLY C 229 -50.44 56.57 -39.08
CA GLY C 229 -49.39 56.91 -40.02
C GLY C 229 -49.74 57.99 -41.00
N ALA C 230 -50.75 58.80 -40.67
CA ALA C 230 -51.20 59.85 -41.58
C ALA C 230 -50.18 60.97 -41.66
N LEU C 231 -49.53 61.29 -40.55
CA LEU C 231 -48.48 62.31 -40.51
C LEU C 231 -47.21 61.62 -40.06
N THR C 232 -46.31 61.33 -40.98
CA THR C 232 -45.05 60.69 -40.64
C THR C 232 -43.90 61.61 -40.99
N SER C 233 -42.75 61.31 -40.40
CA SER C 233 -41.54 62.09 -40.63
C SER C 233 -40.98 61.77 -42.00
N LYS C 234 -40.99 62.75 -42.89
CA LYS C 234 -40.37 62.58 -44.21
C LYS C 234 -38.86 62.36 -44.18
N PRO C 235 -38.05 63.01 -43.32
CA PRO C 235 -36.63 62.60 -43.30
C PRO C 235 -36.39 61.22 -42.73
N TYR C 236 -37.18 60.80 -41.75
CA TYR C 236 -37.03 59.48 -41.14
C TYR C 236 -37.59 58.37 -42.02
N ALA C 237 -38.39 58.72 -43.03
CA ALA C 237 -39.32 57.79 -43.67
C ALA C 237 -38.63 56.60 -44.29
N PHE C 238 -39.13 55.41 -43.93
CA PHE C 238 -38.85 54.07 -44.42
C PHE C 238 -37.54 53.50 -43.89
N THR C 239 -36.73 54.28 -43.17
CA THR C 239 -35.36 53.89 -42.89
C THR C 239 -35.26 52.85 -41.77
N ALA C 240 -36.14 52.95 -40.77
CA ALA C 240 -36.08 52.05 -39.64
C ALA C 240 -37.50 51.69 -39.23
N ARG C 241 -37.64 51.14 -38.03
CA ARG C 241 -38.84 50.47 -37.59
C ARG C 241 -38.72 50.37 -36.08
N PRO C 242 -39.80 50.58 -35.29
CA PRO C 242 -39.59 50.87 -33.86
C PRO C 242 -39.09 49.73 -33.01
N TRP C 243 -39.34 48.47 -33.36
CA TRP C 243 -38.95 47.40 -32.45
C TRP C 243 -37.45 47.15 -32.43
N GLU C 244 -36.73 47.58 -33.46
CA GLU C 244 -35.31 47.31 -33.56
C GLU C 244 -34.45 48.47 -33.11
N THR C 245 -35.03 49.52 -32.54
CA THR C 245 -34.27 50.69 -32.14
C THR C 245 -33.92 50.64 -30.67
N ARG C 246 -32.81 51.26 -30.33
CA ARG C 246 -32.32 51.34 -28.96
C ARG C 246 -32.55 52.76 -28.44
N LYS C 247 -33.26 52.86 -27.33
CA LYS C 247 -33.69 54.15 -26.79
C LYS C 247 -32.62 54.68 -25.86
N THR C 248 -31.92 55.74 -26.29
CA THR C 248 -30.91 56.40 -25.49
C THR C 248 -31.46 57.75 -25.02
N GLU C 249 -31.73 57.86 -23.73
CA GLU C 249 -32.36 59.06 -23.17
C GLU C 249 -31.31 60.15 -23.01
N SER C 250 -31.41 61.21 -23.81
CA SER C 250 -30.33 62.20 -23.91
C SER C 250 -30.93 63.60 -23.87
N ILE C 251 -30.10 64.60 -24.17
CA ILE C 251 -30.43 66.01 -23.99
C ILE C 251 -30.20 66.73 -25.32
N ASP C 252 -31.13 67.62 -25.67
CA ASP C 252 -30.93 68.53 -26.78
C ASP C 252 -29.83 69.55 -26.46
N VAL C 253 -29.09 69.95 -27.50
CA VAL C 253 -28.09 71.00 -27.38
C VAL C 253 -28.28 72.06 -28.44
N MET C 254 -29.37 72.00 -29.20
CA MET C 254 -29.59 72.95 -30.29
C MET C 254 -29.99 74.34 -29.80
N ASP C 255 -30.39 74.45 -28.54
CA ASP C 255 -30.66 75.73 -27.91
C ASP C 255 -30.29 75.60 -26.43
N ALA C 256 -30.73 76.54 -25.62
CA ALA C 256 -30.47 76.49 -24.20
C ALA C 256 -31.71 76.15 -23.39
N VAL C 257 -32.71 75.55 -24.01
CA VAL C 257 -33.86 75.05 -23.27
C VAL C 257 -33.51 73.73 -22.60
N GLY C 258 -32.74 72.89 -23.26
CA GLY C 258 -32.32 71.62 -22.69
C GLY C 258 -33.42 70.60 -22.74
N SER C 259 -34.05 70.47 -23.91
CA SER C 259 -35.15 69.53 -24.10
C SER C 259 -34.66 68.09 -23.96
N ASN C 260 -35.32 67.33 -23.10
CA ASN C 260 -34.98 65.92 -22.97
C ASN C 260 -35.46 65.16 -24.20
N ILE C 261 -34.55 64.37 -24.79
CA ILE C 261 -34.84 63.69 -26.04
C ILE C 261 -34.51 62.21 -25.88
N VAL C 262 -35.09 61.40 -26.77
CA VAL C 262 -34.71 60.01 -26.96
C VAL C 262 -33.98 59.92 -28.28
N VAL C 263 -32.74 59.44 -28.24
CA VAL C 263 -31.95 59.24 -29.44
C VAL C 263 -32.07 57.75 -29.76
N SER C 264 -32.93 57.43 -30.72
CA SER C 264 -33.14 56.05 -31.11
C SER C 264 -32.05 55.67 -32.11
N THR C 265 -31.26 54.67 -31.76
CA THR C 265 -30.22 54.16 -32.63
C THR C 265 -30.56 52.74 -33.07
N ARG C 266 -30.06 52.36 -34.23
CA ARG C 266 -30.25 51.02 -34.78
C ARG C 266 -28.92 50.60 -35.36
N THR C 267 -28.29 49.61 -34.74
CA THR C 267 -27.03 48.99 -35.19
C THR C 267 -25.92 50.02 -35.36
N GLY C 268 -25.70 50.82 -34.33
CA GLY C 268 -24.60 51.77 -34.33
C GLY C 268 -24.81 53.02 -35.14
N GLU C 269 -26.06 53.42 -35.38
CA GLU C 269 -26.34 54.59 -36.21
C GLU C 269 -27.62 55.26 -35.71
N VAL C 270 -27.59 56.59 -35.63
CA VAL C 270 -28.75 57.35 -35.15
C VAL C 270 -29.82 57.38 -36.22
N MET C 271 -31.05 57.02 -35.83
CA MET C 271 -32.18 56.91 -36.75
C MET C 271 -33.12 58.10 -36.71
N ARG C 272 -33.52 58.54 -35.52
CA ARG C 272 -34.36 59.71 -35.34
C ARG C 272 -34.18 60.21 -33.92
N ILE C 273 -34.91 61.27 -33.59
CA ILE C 273 -34.94 61.84 -32.25
C ILE C 273 -36.40 62.06 -31.87
N LEU C 274 -36.77 61.61 -30.67
CA LEU C 274 -38.10 61.77 -30.10
C LEU C 274 -38.00 62.50 -28.78
N PRO C 275 -39.03 63.22 -28.36
CA PRO C 275 -38.98 63.86 -27.05
C PRO C 275 -39.11 62.87 -25.91
N ARG C 276 -38.56 63.26 -24.76
CA ARG C 276 -38.98 62.70 -23.48
C ARG C 276 -39.92 63.67 -22.81
N MET C 277 -40.81 63.15 -21.99
CA MET C 277 -41.64 64.00 -21.18
C MET C 277 -40.79 64.59 -20.06
N HIS C 278 -40.81 65.90 -19.94
CA HIS C 278 -40.28 66.58 -18.77
C HIS C 278 -41.14 67.81 -18.56
N GLU C 279 -41.95 67.77 -17.49
CA GLU C 279 -43.00 68.77 -17.28
C GLU C 279 -42.44 70.18 -17.11
N ASP C 280 -41.23 70.29 -16.58
CA ASP C 280 -40.66 71.58 -16.24
C ASP C 280 -39.93 72.26 -17.39
N ILE C 281 -39.71 71.55 -18.50
CA ILE C 281 -38.89 72.10 -19.58
C ILE C 281 -39.63 72.14 -20.89
N ASN C 282 -39.97 70.97 -21.42
CA ASN C 282 -40.26 70.83 -22.84
C ASN C 282 -41.52 70.02 -23.06
N GLU C 283 -42.58 70.30 -22.31
CA GLU C 283 -43.40 69.33 -21.60
C GLU C 283 -43.44 67.92 -22.18
N GLU C 284 -43.83 67.77 -23.44
CA GLU C 284 -43.43 66.58 -24.19
C GLU C 284 -43.14 66.92 -25.65
N TRP C 285 -42.78 68.16 -25.93
CA TRP C 285 -42.54 68.61 -27.28
C TRP C 285 -41.06 68.87 -27.50
N ILE C 286 -40.65 68.91 -28.76
CA ILE C 286 -39.34 69.45 -29.17
C ILE C 286 -39.55 70.29 -30.41
N SER C 287 -38.53 71.08 -30.75
CA SER C 287 -38.58 71.92 -31.93
C SER C 287 -38.10 71.15 -33.16
N ASP C 288 -38.29 71.77 -34.33
CA ASP C 288 -37.96 71.09 -35.58
C ASP C 288 -36.45 71.04 -35.84
N LYS C 289 -35.71 72.03 -35.35
CA LYS C 289 -34.25 71.96 -35.37
C LYS C 289 -33.77 70.78 -34.54
N THR C 290 -34.32 70.65 -33.32
CA THR C 290 -34.03 69.52 -32.44
C THR C 290 -34.41 68.20 -33.09
N ARG C 291 -35.58 68.14 -33.73
CA ARG C 291 -36.09 66.89 -34.24
C ARG C 291 -35.37 66.46 -35.51
N PHE C 292 -34.89 67.41 -36.32
CA PHE C 292 -34.42 67.07 -37.65
C PHE C 292 -33.00 67.52 -37.97
N ALA C 293 -32.25 68.03 -37.01
CA ALA C 293 -30.87 68.38 -37.30
C ALA C 293 -29.91 67.22 -37.08
N TYR C 294 -30.42 66.03 -36.75
CA TYR C 294 -29.58 64.87 -36.48
C TYR C 294 -28.96 64.30 -37.74
N ASP C 295 -29.37 64.72 -38.93
CA ASP C 295 -28.74 64.19 -40.13
C ASP C 295 -27.58 65.06 -40.60
N GLY C 296 -27.35 66.20 -39.95
CA GLY C 296 -26.12 66.93 -40.16
C GLY C 296 -24.96 66.36 -39.39
N LEU C 297 -25.27 65.42 -38.52
CA LEU C 297 -24.35 64.68 -37.69
C LEU C 297 -23.63 63.59 -38.47
N LYS C 298 -23.95 63.42 -39.75
CA LYS C 298 -23.32 62.43 -40.61
C LYS C 298 -22.82 63.04 -41.91
N ARG C 299 -22.69 64.36 -41.96
CA ARG C 299 -22.08 65.07 -43.06
C ARG C 299 -21.08 66.05 -42.49
N GLN C 300 -20.03 66.33 -43.27
CA GLN C 300 -18.97 67.29 -42.94
C GLN C 300 -18.29 66.97 -41.62
N ARG C 301 -18.17 65.69 -41.29
CA ARG C 301 -17.68 65.29 -39.98
C ARG C 301 -16.17 65.27 -39.93
N LEU C 302 -15.63 65.56 -38.75
CA LEU C 302 -14.19 65.46 -38.50
C LEU C 302 -13.92 64.09 -37.91
N THR C 303 -13.21 63.25 -38.67
CA THR C 303 -13.01 61.86 -38.27
C THR C 303 -11.56 61.49 -38.01
N GLU C 304 -10.59 62.27 -38.47
CA GLU C 304 -9.18 61.96 -38.28
C GLU C 304 -8.44 63.23 -37.90
N PRO C 305 -7.39 63.12 -37.10
CA PRO C 305 -6.57 64.30 -36.79
C PRO C 305 -5.83 64.80 -38.02
N MET C 306 -5.91 66.10 -38.26
CA MET C 306 -5.27 66.71 -39.41
C MET C 306 -4.24 67.72 -38.94
N VAL C 307 -3.10 67.75 -39.63
CA VAL C 307 -2.05 68.73 -39.41
C VAL C 307 -1.71 69.39 -40.75
N ARG C 308 -0.95 70.47 -40.68
CA ARG C 308 -0.52 71.18 -41.87
C ARG C 308 0.76 70.55 -42.42
N ASN C 309 0.79 70.27 -43.71
CA ASN C 309 1.98 69.72 -44.34
C ASN C 309 2.87 70.85 -44.85
N GLU C 310 3.85 70.50 -45.68
CA GLU C 310 4.77 71.51 -46.21
C GLU C 310 4.12 72.39 -47.28
N LYS C 311 3.00 71.96 -47.85
CA LYS C 311 2.25 72.81 -48.78
C LYS C 311 1.20 73.66 -48.08
N GLY C 312 1.14 73.63 -46.75
CA GLY C 312 0.13 74.38 -46.04
C GLY C 312 -1.26 73.81 -46.16
N LEU C 313 -1.39 72.51 -46.38
CA LEU C 313 -2.68 71.85 -46.54
C LEU C 313 -2.91 70.88 -45.39
N LEU C 314 -4.18 70.66 -45.06
CA LEU C 314 -4.53 69.75 -43.97
C LEU C 314 -4.43 68.32 -44.46
N THR C 315 -3.52 67.54 -43.87
CA THR C 315 -3.33 66.15 -44.24
C THR C 315 -3.61 65.27 -43.03
N HIS C 316 -4.08 64.06 -43.29
CA HIS C 316 -4.44 63.13 -42.23
C HIS C 316 -3.19 62.63 -41.51
N THR C 317 -3.30 62.45 -40.20
CA THR C 317 -2.17 61.97 -39.42
C THR C 317 -2.69 61.24 -38.18
N THR C 318 -1.77 60.66 -37.43
CA THR C 318 -2.10 59.94 -36.21
C THR C 318 -2.43 60.91 -35.08
N TRP C 319 -2.91 60.34 -33.97
CA TRP C 319 -3.12 61.14 -32.78
C TRP C 319 -1.81 61.56 -32.13
N GLU C 320 -0.77 60.72 -32.21
CA GLU C 320 0.49 61.05 -31.57
C GLU C 320 1.16 62.24 -32.23
N ASP C 321 1.13 62.29 -33.56
CA ASP C 321 1.72 63.40 -34.29
C ASP C 321 0.98 64.71 -34.01
N ALA C 322 -0.35 64.67 -34.00
CA ALA C 322 -1.13 65.88 -33.79
C ALA C 322 -1.01 66.39 -32.35
N LEU C 323 -1.07 65.49 -31.37
CA LEU C 323 -0.90 65.93 -29.99
C LEU C 323 0.53 66.38 -29.70
N SER C 324 1.52 65.78 -30.39
CA SER C 324 2.89 66.26 -30.25
C SER C 324 3.06 67.66 -30.83
N ARG C 325 2.44 67.92 -31.98
CA ARG C 325 2.56 69.25 -32.58
C ARG C 325 1.76 70.30 -31.82
N VAL C 326 0.71 69.91 -31.10
CA VAL C 326 0.01 70.88 -30.26
C VAL C 326 0.79 71.14 -28.98
N ALA C 327 1.34 70.09 -28.36
CA ALA C 327 2.07 70.26 -27.11
C ALA C 327 3.42 70.95 -27.33
N GLY C 328 3.98 70.83 -28.54
CA GLY C 328 5.23 71.54 -28.83
C GLY C 328 5.07 73.04 -28.86
N MET C 329 3.88 73.53 -29.20
CA MET C 329 3.58 74.95 -29.10
C MET C 329 3.05 75.31 -27.71
N LEU C 330 2.34 74.39 -27.05
CA LEU C 330 1.80 74.68 -25.73
C LEU C 330 2.88 74.76 -24.66
N GLN C 331 3.96 74.00 -24.81
CA GLN C 331 5.07 74.06 -23.87
C GLN C 331 5.85 75.37 -23.96
N SER C 332 5.76 76.09 -25.07
CA SER C 332 6.46 77.37 -25.20
C SER C 332 5.60 78.56 -24.80
N CYS C 333 4.29 78.48 -24.99
CA CYS C 333 3.38 79.54 -24.58
C CYS C 333 3.28 79.57 -23.06
N GLN C 334 2.93 80.75 -22.54
CA GLN C 334 2.78 81.01 -21.12
C GLN C 334 2.06 82.33 -20.96
N GLY C 335 1.15 82.40 -20.01
CA GLY C 335 0.50 83.66 -19.71
C GLY C 335 -0.55 83.98 -20.73
N ASN C 336 -0.49 85.20 -21.27
CA ASN C 336 -1.43 85.62 -22.30
C ASN C 336 -1.00 85.22 -23.70
N ASP C 337 -0.02 84.32 -23.82
CA ASP C 337 0.39 83.81 -25.13
C ASP C 337 -0.56 82.79 -25.68
N VAL C 338 -1.39 82.16 -24.85
CA VAL C 338 -2.30 81.12 -25.28
C VAL C 338 -3.71 81.47 -24.83
N ALA C 339 -4.69 81.23 -25.69
CA ALA C 339 -6.07 81.58 -25.42
C ALA C 339 -6.97 80.41 -25.79
N ALA C 340 -8.28 80.64 -25.65
CA ALA C 340 -9.28 79.60 -25.91
C ALA C 340 -10.62 80.25 -26.16
N ILE C 341 -11.29 79.86 -27.23
CA ILE C 341 -12.67 80.22 -27.50
C ILE C 341 -13.51 78.97 -27.36
N ALA C 342 -14.48 79.01 -26.44
CA ALA C 342 -15.43 77.93 -26.27
C ALA C 342 -16.57 78.11 -27.26
N GLY C 343 -16.90 77.06 -27.98
CA GLY C 343 -17.96 77.11 -28.96
C GLY C 343 -19.33 76.92 -28.34
N GLY C 344 -20.32 76.73 -29.21
CA GLY C 344 -21.70 76.73 -28.79
C GLY C 344 -22.27 75.40 -28.38
N LEU C 345 -21.50 74.32 -28.46
CA LEU C 345 -22.01 72.98 -28.22
C LEU C 345 -21.14 72.20 -27.25
N VAL C 346 -20.25 72.87 -26.53
CA VAL C 346 -19.22 72.20 -25.75
C VAL C 346 -19.78 71.83 -24.38
N ASP C 347 -19.62 70.57 -24.00
CA ASP C 347 -20.03 70.08 -22.70
C ASP C 347 -19.15 70.66 -21.59
N ALA C 348 -19.64 70.54 -20.35
CA ALA C 348 -18.95 71.10 -19.20
C ALA C 348 -17.63 70.39 -18.91
N GLU C 349 -17.51 69.13 -19.31
CA GLU C 349 -16.28 68.37 -19.05
C GLU C 349 -15.12 68.91 -19.87
N ALA C 350 -15.34 69.16 -21.16
CA ALA C 350 -14.29 69.73 -21.99
C ALA C 350 -13.99 71.16 -21.61
N LEU C 351 -15.00 71.89 -21.13
CA LEU C 351 -14.80 73.26 -20.69
C LEU C 351 -13.87 73.32 -19.49
N ILE C 352 -14.14 72.51 -18.46
CA ILE C 352 -13.27 72.51 -17.30
C ILE C 352 -11.93 71.83 -17.59
N ALA C 353 -11.89 70.92 -18.58
CA ALA C 353 -10.64 70.32 -19.00
C ALA C 353 -9.72 71.35 -19.62
N LEU C 354 -10.26 72.17 -20.52
CA LEU C 354 -9.42 73.16 -21.17
C LEU C 354 -9.10 74.32 -20.22
N LYS C 355 -9.99 74.58 -19.24
CA LYS C 355 -9.67 75.56 -18.21
C LYS C 355 -8.48 75.11 -17.38
N ASP C 356 -8.48 73.85 -16.93
CA ASP C 356 -7.35 73.34 -16.16
C ASP C 356 -6.07 73.27 -16.99
N LEU C 357 -6.19 72.92 -18.28
CA LEU C 357 -5.03 72.83 -19.16
C LEU C 357 -4.40 74.20 -19.38
N LEU C 358 -5.21 75.22 -19.67
CA LEU C 358 -4.64 76.55 -19.85
C LEU C 358 -4.26 77.21 -18.53
N ASN C 359 -4.80 76.77 -17.40
CA ASN C 359 -4.33 77.29 -16.13
C ASN C 359 -3.01 76.68 -15.69
N ARG C 360 -2.66 75.48 -16.19
CA ARG C 360 -1.29 75.01 -16.02
C ARG C 360 -0.30 75.93 -16.71
N VAL C 361 -0.67 76.47 -17.88
CA VAL C 361 0.16 77.41 -18.62
C VAL C 361 0.00 78.82 -18.07
N ASP C 362 -0.81 78.99 -17.02
CA ASP C 362 -1.12 80.27 -16.35
C ASP C 362 -1.78 81.23 -17.33
N SER C 363 -2.77 80.71 -18.05
CA SER C 363 -3.62 81.50 -18.93
C SER C 363 -5.01 81.52 -18.34
N ASP C 364 -5.54 82.71 -18.08
CA ASP C 364 -6.94 82.88 -17.73
C ASP C 364 -7.77 83.31 -18.93
N THR C 365 -7.21 83.26 -20.13
CA THR C 365 -7.94 83.69 -21.33
C THR C 365 -8.68 82.49 -21.89
N LEU C 366 -9.82 82.19 -21.27
CA LEU C 366 -10.76 81.23 -21.82
C LEU C 366 -12.05 81.97 -22.10
N CYS C 367 -12.39 82.09 -23.37
CA CYS C 367 -13.49 82.92 -23.80
C CYS C 367 -14.57 82.07 -24.45
N THR C 368 -15.73 82.68 -24.64
CA THR C 368 -16.82 82.08 -25.37
C THR C 368 -17.15 82.94 -26.58
N GLU C 369 -17.90 82.39 -27.51
CA GLU C 369 -18.36 83.18 -28.63
C GLU C 369 -19.44 84.16 -28.20
N GLU C 370 -20.36 83.72 -27.36
CA GLU C 370 -21.51 84.55 -27.02
C GLU C 370 -21.10 85.54 -25.95
N VAL C 371 -21.31 86.82 -26.23
CA VAL C 371 -20.89 87.89 -25.35
C VAL C 371 -21.90 88.04 -24.23
N PHE C 372 -21.42 88.11 -23.00
CA PHE C 372 -22.23 88.50 -21.86
C PHE C 372 -21.47 89.61 -21.13
N PRO C 373 -22.14 90.72 -20.80
CA PRO C 373 -21.42 91.87 -20.23
C PRO C 373 -20.94 91.62 -18.80
N THR C 374 -19.61 91.61 -18.63
CA THR C 374 -18.96 91.37 -17.35
C THR C 374 -18.94 92.59 -16.45
N ALA C 375 -19.43 93.74 -16.91
CA ALA C 375 -19.40 94.95 -16.11
C ALA C 375 -20.40 94.86 -14.96
N GLY C 376 -19.96 95.22 -13.77
CA GLY C 376 -20.79 95.14 -12.59
C GLY C 376 -20.49 93.90 -11.79
N ALA C 377 -21.53 93.13 -11.47
CA ALA C 377 -21.30 91.85 -10.82
C ALA C 377 -20.75 90.82 -11.79
N GLY C 378 -21.04 90.98 -13.08
CA GLY C 378 -20.44 90.11 -14.08
C GLY C 378 -21.05 88.73 -14.06
N THR C 379 -20.19 87.71 -14.06
CA THR C 379 -20.62 86.33 -13.94
C THR C 379 -20.20 85.74 -12.60
N ASP C 380 -20.22 86.56 -11.55
CA ASP C 380 -19.80 86.15 -10.22
C ASP C 380 -20.98 85.68 -9.37
N LEU C 381 -22.15 86.23 -9.63
CA LEU C 381 -23.39 85.75 -9.03
C LEU C 381 -24.17 85.03 -10.12
N ARG C 382 -24.74 83.87 -9.78
CA ARG C 382 -25.46 83.11 -10.81
C ARG C 382 -26.77 83.76 -11.20
N SER C 383 -27.34 84.58 -10.32
CA SER C 383 -28.68 85.11 -10.53
C SER C 383 -28.75 86.11 -11.68
N ASN C 384 -27.66 86.73 -12.09
CA ASN C 384 -27.77 87.72 -13.14
C ASN C 384 -27.39 87.19 -14.52
N TYR C 385 -27.38 85.87 -14.72
CA TYR C 385 -27.32 85.34 -16.07
C TYR C 385 -28.19 84.10 -16.29
N LEU C 386 -29.10 83.80 -15.37
CA LEU C 386 -29.99 82.65 -15.51
C LEU C 386 -31.40 83.10 -15.84
N LEU C 387 -32.20 82.13 -16.28
CA LEU C 387 -33.66 82.28 -16.27
C LEU C 387 -34.06 81.96 -14.84
N ASN C 388 -34.06 82.98 -13.99
CA ASN C 388 -34.16 82.78 -12.55
C ASN C 388 -35.55 82.39 -12.11
N THR C 389 -36.56 82.68 -12.92
CA THR C 389 -37.92 82.37 -12.49
C THR C 389 -38.16 80.88 -12.54
N THR C 390 -38.21 80.33 -13.76
CA THR C 390 -37.84 79.01 -14.29
C THR C 390 -38.40 78.97 -15.70
N ILE C 391 -38.20 77.87 -16.43
CA ILE C 391 -39.05 77.63 -17.59
C ILE C 391 -40.50 77.49 -17.16
N ALA C 392 -40.74 76.70 -16.11
CA ALA C 392 -42.08 76.45 -15.60
C ALA C 392 -42.65 77.59 -14.78
N GLY C 393 -41.85 78.61 -14.46
CA GLY C 393 -42.34 79.73 -13.67
C GLY C 393 -43.24 80.68 -14.43
N VAL C 394 -43.31 80.56 -15.76
CA VAL C 394 -44.19 81.39 -16.56
C VAL C 394 -45.65 81.05 -16.26
N GLU C 395 -45.92 79.81 -15.86
CA GLU C 395 -47.26 79.41 -15.46
C GLU C 395 -47.71 80.09 -14.17
N GLU C 396 -46.77 80.53 -13.34
CA GLU C 396 -47.08 81.28 -12.14
C GLU C 396 -47.07 82.79 -12.38
N ALA C 397 -46.58 83.26 -13.51
CA ALA C 397 -46.48 84.69 -13.75
C ALA C 397 -47.77 85.22 -14.37
N ASP C 398 -48.00 86.53 -14.18
CA ASP C 398 -49.14 87.20 -14.78
C ASP C 398 -48.78 88.33 -15.73
N VAL C 399 -47.56 88.85 -15.69
CA VAL C 399 -47.06 89.81 -16.67
C VAL C 399 -45.65 89.38 -17.07
N VAL C 400 -45.42 89.22 -18.37
CA VAL C 400 -44.12 88.85 -18.89
C VAL C 400 -43.63 89.95 -19.82
N LEU C 401 -42.57 90.64 -19.41
CA LEU C 401 -41.90 91.61 -20.26
C LEU C 401 -40.76 90.91 -20.99
N LEU C 402 -40.73 91.03 -22.31
CA LEU C 402 -39.71 90.43 -23.15
C LEU C 402 -38.88 91.55 -23.74
N VAL C 403 -37.58 91.54 -23.51
CA VAL C 403 -36.70 92.62 -23.91
C VAL C 403 -35.71 92.09 -24.93
N GLY C 404 -35.80 92.59 -26.15
CA GLY C 404 -34.77 92.40 -27.16
C GLY C 404 -34.56 90.99 -27.62
N THR C 405 -35.53 90.12 -27.42
CA THR C 405 -35.41 88.72 -27.81
C THR C 405 -36.49 88.38 -28.82
N ASN C 406 -36.22 87.35 -29.63
CA ASN C 406 -37.22 86.70 -30.46
C ASN C 406 -37.30 85.28 -29.92
N PRO C 407 -38.08 85.06 -28.85
CA PRO C 407 -38.07 83.75 -28.19
C PRO C 407 -38.73 82.65 -28.99
N ARG C 408 -39.40 82.97 -30.09
CA ARG C 408 -39.95 81.95 -30.95
C ARG C 408 -38.86 81.12 -31.59
N PHE C 409 -37.77 81.77 -31.99
CA PHE C 409 -36.71 81.10 -32.73
C PHE C 409 -35.42 80.98 -31.94
N GLU C 410 -35.26 81.73 -30.86
CA GLU C 410 -34.10 81.56 -29.99
C GLU C 410 -34.29 80.41 -29.03
N ALA C 411 -35.49 80.26 -28.49
CA ALA C 411 -35.79 79.22 -27.50
C ALA C 411 -37.25 78.82 -27.66
N PRO C 412 -37.57 77.95 -28.63
CA PRO C 412 -38.97 77.79 -29.07
C PRO C 412 -39.90 77.17 -28.04
N LEU C 413 -39.39 76.37 -27.11
CA LEU C 413 -40.30 75.81 -26.13
C LEU C 413 -40.45 76.66 -24.88
N PHE C 414 -39.51 77.58 -24.63
CA PHE C 414 -39.80 78.65 -23.68
C PHE C 414 -40.91 79.54 -24.21
N ASN C 415 -40.91 79.82 -25.52
CA ASN C 415 -42.02 80.53 -26.13
C ASN C 415 -43.31 79.70 -26.09
N ALA C 416 -43.21 78.38 -26.22
CA ALA C 416 -44.40 77.54 -26.12
C ALA C 416 -44.98 77.56 -24.71
N ARG C 417 -44.12 77.61 -23.70
CA ARG C 417 -44.61 77.76 -22.32
C ARG C 417 -45.25 79.13 -22.11
N ILE C 418 -44.69 80.17 -22.76
CA ILE C 418 -45.28 81.51 -22.69
C ILE C 418 -46.66 81.52 -23.34
N ARG C 419 -46.80 80.85 -24.48
CA ARG C 419 -48.11 80.76 -25.13
C ARG C 419 -49.10 79.95 -24.30
N LYS C 420 -48.64 78.91 -23.60
CA LYS C 420 -49.55 78.14 -22.76
C LYS C 420 -50.03 78.99 -21.58
N SER C 421 -49.14 79.78 -20.98
CA SER C 421 -49.57 80.71 -19.94
C SER C 421 -50.46 81.83 -20.49
N TRP C 422 -50.21 82.25 -21.74
CA TRP C 422 -51.05 83.22 -22.41
C TRP C 422 -52.45 82.69 -22.59
N LEU C 423 -52.57 81.44 -22.99
CA LEU C 423 -53.85 80.85 -23.32
C LEU C 423 -54.64 80.52 -22.06
N HIS C 424 -54.02 79.82 -21.11
CA HIS C 424 -54.76 79.26 -19.99
C HIS C 424 -54.76 80.13 -18.74
N ASN C 425 -53.83 81.07 -18.61
CA ASN C 425 -53.74 81.88 -17.40
C ASN C 425 -54.02 83.35 -17.65
N ASP C 426 -54.42 83.71 -18.87
CA ASP C 426 -54.68 85.09 -19.31
C ASP C 426 -53.46 85.98 -19.07
N LEU C 427 -52.31 85.52 -19.54
CA LEU C 427 -51.05 86.21 -19.32
C LEU C 427 -50.98 87.47 -20.17
N LYS C 428 -50.37 88.51 -19.62
CA LYS C 428 -50.08 89.71 -20.38
C LYS C 428 -48.61 89.68 -20.80
N VAL C 429 -48.36 89.85 -22.10
CA VAL C 429 -47.01 89.80 -22.64
C VAL C 429 -46.73 91.12 -23.33
N ALA C 430 -45.57 91.72 -23.05
CA ALA C 430 -45.12 92.92 -23.74
C ALA C 430 -43.70 92.71 -24.24
N LEU C 431 -43.45 93.16 -25.47
CA LEU C 431 -42.18 92.96 -26.15
C LEU C 431 -41.54 94.30 -26.47
N ILE C 432 -40.25 94.42 -26.20
CA ILE C 432 -39.44 95.56 -26.60
C ILE C 432 -38.46 95.09 -27.64
N GLY C 433 -38.63 95.53 -28.87
CA GLY C 433 -37.83 95.09 -29.98
C GLY C 433 -38.61 95.17 -31.26
N SER C 434 -38.14 94.47 -32.28
CA SER C 434 -38.83 94.46 -33.56
C SER C 434 -40.13 93.68 -33.43
N PRO C 435 -41.19 94.09 -34.15
CA PRO C 435 -42.48 93.40 -34.01
C PRO C 435 -42.51 92.02 -34.65
N VAL C 436 -41.89 91.04 -34.00
CA VAL C 436 -41.89 89.69 -34.52
C VAL C 436 -43.21 89.00 -34.17
N ASP C 437 -43.55 87.98 -34.95
CA ASP C 437 -44.69 87.12 -34.64
C ASP C 437 -44.27 86.12 -33.58
N LEU C 438 -45.02 86.07 -32.48
CA LEU C 438 -44.69 85.15 -31.39
C LEU C 438 -45.70 84.03 -31.26
N THR C 439 -46.60 83.87 -32.24
CA THR C 439 -47.76 82.98 -32.26
C THR C 439 -48.74 83.27 -31.12
N TYR C 440 -48.70 84.48 -30.57
CA TYR C 440 -49.76 85.01 -29.72
C TYR C 440 -49.73 86.52 -29.88
N ARG C 441 -50.69 87.18 -29.26
CA ARG C 441 -50.80 88.64 -29.35
C ARG C 441 -50.24 89.27 -28.10
N TYR C 442 -49.34 90.24 -28.29
CA TYR C 442 -48.64 90.90 -27.22
C TYR C 442 -48.77 92.41 -27.38
N ASP C 443 -48.33 93.15 -26.37
CA ASP C 443 -48.31 94.60 -26.44
C ASP C 443 -46.93 95.04 -26.92
N HIS C 444 -46.82 95.40 -28.20
CA HIS C 444 -45.56 95.90 -28.73
C HIS C 444 -45.34 97.32 -28.24
N LEU C 445 -44.38 97.48 -27.34
CA LEU C 445 -44.09 98.79 -26.76
C LEU C 445 -43.21 99.64 -27.66
N GLY C 446 -42.45 99.02 -28.55
CA GLY C 446 -41.50 99.72 -29.40
C GLY C 446 -40.14 99.05 -29.40
N ASP C 447 -39.32 99.44 -30.37
CA ASP C 447 -38.02 98.83 -30.55
C ASP C 447 -36.87 99.64 -29.97
N SER C 448 -37.14 100.80 -29.41
CA SER C 448 -36.06 101.62 -28.90
C SER C 448 -35.66 101.16 -27.50
N PRO C 449 -34.37 101.18 -27.17
CA PRO C 449 -33.95 100.81 -25.80
C PRO C 449 -34.27 101.86 -24.74
N LYS C 450 -34.68 103.07 -25.13
CA LYS C 450 -35.05 104.11 -24.17
C LYS C 450 -36.35 103.79 -23.42
N ILE C 451 -37.14 102.83 -23.91
CA ILE C 451 -38.33 102.37 -23.20
C ILE C 451 -37.93 101.70 -21.88
N LEU C 452 -36.75 101.10 -21.83
CA LEU C 452 -36.25 100.49 -20.60
C LEU C 452 -36.01 101.55 -19.51
N GLN C 453 -35.61 102.75 -19.91
CA GLN C 453 -35.48 103.85 -18.96
C GLN C 453 -36.82 104.53 -18.70
N ASP C 454 -37.72 104.51 -19.68
CA ASP C 454 -39.04 105.09 -19.48
C ASP C 454 -39.87 104.29 -18.49
N ILE C 455 -39.76 102.97 -18.52
CA ILE C 455 -40.42 102.12 -17.52
C ILE C 455 -39.76 102.28 -16.17
N ALA C 456 -38.43 102.46 -16.15
CA ALA C 456 -37.71 102.64 -14.91
C ALA C 456 -37.96 103.99 -14.25
N SER C 457 -38.54 104.96 -14.96
CA SER C 457 -38.84 106.26 -14.39
C SER C 457 -40.33 106.48 -14.17
N GLY C 458 -41.18 105.53 -14.55
CA GLY C 458 -42.60 105.63 -14.35
C GLY C 458 -43.35 106.43 -15.40
N SER C 459 -42.65 107.02 -16.36
CA SER C 459 -43.28 107.85 -17.38
C SER C 459 -43.98 107.05 -18.46
N HIS C 460 -43.72 105.77 -18.56
CA HIS C 460 -44.29 104.88 -19.55
C HIS C 460 -45.56 104.23 -18.97
N PRO C 461 -46.58 103.97 -19.79
CA PRO C 461 -47.81 103.37 -19.26
C PRO C 461 -47.67 101.93 -18.81
N PHE C 462 -46.68 101.19 -19.31
CA PHE C 462 -46.49 99.81 -18.88
C PHE C 462 -45.77 99.71 -17.53
N SER C 463 -45.23 100.84 -17.04
CA SER C 463 -44.59 100.87 -15.73
C SER C 463 -45.60 100.57 -14.62
N GLN C 464 -46.79 101.16 -14.69
CA GLN C 464 -47.79 100.88 -13.67
C GLN C 464 -48.41 99.50 -13.84
N VAL C 465 -48.37 98.95 -15.06
CA VAL C 465 -48.78 97.57 -15.27
C VAL C 465 -47.83 96.62 -14.54
N LEU C 466 -46.52 96.87 -14.66
CA LEU C 466 -45.55 96.10 -13.89
C LEU C 466 -45.67 96.34 -12.39
N GLN C 467 -46.04 97.55 -11.97
CA GLN C 467 -46.13 97.82 -10.54
C GLN C 467 -47.33 97.13 -9.91
N GLU C 468 -48.48 97.11 -10.60
CA GLU C 468 -49.63 96.46 -10.00
C GLU C 468 -49.69 94.96 -10.29
N ALA C 469 -48.68 94.41 -10.96
CA ALA C 469 -48.61 92.99 -11.20
C ALA C 469 -48.13 92.26 -9.96
N LYS C 470 -48.81 91.15 -9.64
CA LYS C 470 -48.46 90.40 -8.43
C LYS C 470 -47.26 89.48 -8.67
N LYS C 471 -47.22 88.81 -9.81
CA LYS C 471 -46.11 87.93 -10.19
C LYS C 471 -45.54 88.35 -11.53
N PRO C 472 -44.79 89.44 -11.59
CA PRO C 472 -44.24 89.89 -12.87
C PRO C 472 -43.01 89.06 -13.25
N MET C 473 -42.50 89.35 -14.44
CA MET C 473 -41.41 88.59 -15.03
C MET C 473 -40.82 89.41 -16.15
N VAL C 474 -39.51 89.65 -16.12
CA VAL C 474 -38.85 90.44 -17.15
C VAL C 474 -37.77 89.55 -17.76
N VAL C 475 -37.96 89.17 -19.01
CA VAL C 475 -37.07 88.24 -19.69
C VAL C 475 -36.23 89.01 -20.69
N LEU C 476 -34.95 89.17 -20.38
CA LEU C 476 -34.01 89.80 -21.29
C LEU C 476 -33.34 88.72 -22.15
N GLY C 477 -33.23 88.98 -23.45
CA GLY C 477 -32.62 88.02 -24.33
C GLY C 477 -31.12 88.20 -24.40
N SER C 478 -30.41 87.07 -24.48
CA SER C 478 -28.96 87.11 -24.58
C SER C 478 -28.47 87.56 -25.95
N SER C 479 -29.35 87.55 -26.95
CA SER C 479 -29.01 88.14 -28.24
C SER C 479 -29.08 89.66 -28.21
N ALA C 480 -29.77 90.25 -27.23
CA ALA C 480 -29.68 91.68 -27.02
C ALA C 480 -28.35 92.06 -26.37
N LEU C 481 -27.72 91.14 -25.66
CA LEU C 481 -26.45 91.37 -24.99
C LEU C 481 -25.26 91.20 -25.92
N GLN C 482 -25.49 90.99 -27.22
CA GLN C 482 -24.42 90.96 -28.20
C GLN C 482 -24.02 92.35 -28.66
N ARG C 483 -24.83 93.36 -28.36
CA ARG C 483 -24.58 94.72 -28.81
C ARG C 483 -23.44 95.33 -28.00
N ASN C 484 -22.97 96.49 -28.49
CA ASN C 484 -21.88 97.18 -27.82
C ASN C 484 -22.30 97.79 -26.49
N ASP C 485 -23.60 98.08 -26.33
CA ASP C 485 -24.15 98.59 -25.08
C ASP C 485 -24.93 97.52 -24.33
N GLY C 486 -24.46 96.28 -24.36
CA GLY C 486 -25.13 95.21 -23.65
C GLY C 486 -25.13 95.39 -22.15
N ALA C 487 -24.09 96.02 -21.60
CA ALA C 487 -24.04 96.28 -20.17
C ALA C 487 -25.06 97.33 -19.76
N ALA C 488 -25.28 98.33 -20.62
CA ALA C 488 -26.29 99.34 -20.32
C ALA C 488 -27.70 98.76 -20.40
N ILE C 489 -27.94 97.88 -21.37
CA ILE C 489 -29.25 97.22 -21.49
C ILE C 489 -29.49 96.30 -20.30
N LEU C 490 -28.47 95.53 -19.90
CA LEU C 490 -28.61 94.63 -18.75
C LEU C 490 -28.82 95.42 -17.47
N ALA C 491 -28.13 96.55 -17.32
CA ALA C 491 -28.33 97.42 -16.16
C ALA C 491 -29.73 98.01 -16.14
N ALA C 492 -30.26 98.36 -17.32
CA ALA C 492 -31.62 98.93 -17.38
C ALA C 492 -32.67 97.89 -17.03
N VAL C 493 -32.50 96.67 -17.54
CA VAL C 493 -33.48 95.61 -17.27
C VAL C 493 -33.41 95.17 -15.81
N SER C 494 -32.20 95.12 -15.24
CA SER C 494 -32.04 94.84 -13.82
C SER C 494 -32.60 95.97 -12.96
N ASN C 495 -32.51 97.21 -13.43
CA ASN C 495 -33.10 98.34 -12.74
C ASN C 495 -34.61 98.26 -12.72
N ILE C 496 -35.21 97.83 -13.84
CA ILE C 496 -36.66 97.59 -13.90
C ILE C 496 -37.05 96.51 -12.90
N ALA C 497 -36.30 95.40 -12.90
CA ALA C 497 -36.63 94.26 -12.03
C ALA C 497 -36.48 94.60 -10.55
N GLN C 498 -35.47 95.40 -10.20
CA GLN C 498 -35.30 95.77 -8.80
C GLN C 498 -36.20 96.93 -8.38
N LYS C 499 -36.63 97.77 -9.33
CA LYS C 499 -37.68 98.73 -9.03
C LYS C 499 -39.00 98.02 -8.74
N ILE C 500 -39.24 96.90 -9.41
CA ILE C 500 -40.44 96.12 -9.12
C ILE C 500 -40.32 95.41 -7.78
N ARG C 501 -39.28 94.58 -7.62
CA ARG C 501 -39.28 93.57 -6.56
C ARG C 501 -39.11 94.17 -5.17
N THR C 502 -38.30 95.22 -5.05
CA THR C 502 -38.09 95.83 -3.73
C THR C 502 -39.24 96.73 -3.30
N SER C 503 -40.17 97.07 -4.19
CA SER C 503 -41.19 98.05 -3.88
C SER C 503 -42.62 97.53 -4.00
N SER C 504 -42.91 96.71 -5.01
CA SER C 504 -44.28 96.31 -5.32
C SER C 504 -44.73 95.19 -4.37
N GLY C 505 -45.86 94.57 -4.70
CA GLY C 505 -46.42 93.51 -3.88
C GLY C 505 -45.89 92.13 -4.20
N VAL C 506 -44.65 92.06 -4.64
CA VAL C 506 -43.95 90.81 -4.90
C VAL C 506 -43.46 90.25 -3.56
N THR C 507 -43.54 88.93 -3.41
CA THR C 507 -43.21 88.29 -2.13
C THR C 507 -41.72 88.41 -1.82
N GLY C 508 -40.87 87.81 -2.64
CA GLY C 508 -39.47 87.66 -2.32
C GLY C 508 -38.99 86.27 -2.65
N ASP C 509 -39.91 85.30 -2.53
CA ASP C 509 -39.67 83.98 -3.08
C ASP C 509 -39.80 83.98 -4.60
N TRP C 510 -40.44 85.00 -5.15
CA TRP C 510 -40.60 85.16 -6.58
C TRP C 510 -39.40 85.87 -7.20
N LYS C 511 -38.96 85.39 -8.35
CA LYS C 511 -37.87 85.99 -9.09
C LYS C 511 -38.45 86.78 -10.25
N VAL C 512 -37.80 87.89 -10.61
CA VAL C 512 -38.25 88.76 -11.69
C VAL C 512 -37.22 88.85 -12.81
N MET C 513 -35.96 89.05 -12.46
CA MET C 513 -34.92 89.19 -13.47
C MET C 513 -34.58 87.85 -14.10
N ASN C 514 -34.53 87.83 -15.43
CA ASN C 514 -34.36 86.59 -16.18
C ASN C 514 -33.54 86.87 -17.43
N ILE C 515 -32.65 85.96 -17.76
CA ILE C 515 -31.91 86.02 -19.01
C ILE C 515 -32.10 84.72 -19.76
N LEU C 516 -32.76 84.80 -20.91
CA LEU C 516 -32.96 83.66 -21.78
C LEU C 516 -31.72 83.50 -22.65
N HIS C 517 -31.16 82.30 -22.66
CA HIS C 517 -29.99 82.00 -23.47
C HIS C 517 -30.38 81.23 -24.71
N ARG C 518 -29.47 81.22 -25.67
CA ARG C 518 -29.65 80.53 -26.93
C ARG C 518 -28.56 79.51 -27.21
N ILE C 519 -27.50 79.50 -26.42
CA ILE C 519 -26.35 78.63 -26.60
C ILE C 519 -26.35 77.58 -25.49
N ALA C 520 -26.20 76.32 -25.86
CA ALA C 520 -26.22 75.23 -24.89
C ALA C 520 -24.96 75.18 -24.04
N SER C 521 -23.86 75.74 -24.50
CA SER C 521 -22.61 75.69 -23.77
C SER C 521 -22.41 76.90 -22.86
N GLN C 522 -23.30 77.88 -22.94
CA GLN C 522 -23.02 79.20 -22.36
C GLN C 522 -23.08 79.20 -20.85
N VAL C 523 -24.14 78.65 -20.28
CA VAL C 523 -24.33 78.72 -18.84
C VAL C 523 -23.32 77.84 -18.10
N ALA C 524 -22.96 76.70 -18.70
CA ALA C 524 -21.90 75.88 -18.12
C ALA C 524 -20.55 76.59 -18.20
N ALA C 525 -20.30 77.32 -19.29
CA ALA C 525 -19.07 78.10 -19.39
C ALA C 525 -19.06 79.30 -18.46
N LEU C 526 -20.22 79.79 -18.04
CA LEU C 526 -20.23 80.87 -17.07
C LEU C 526 -20.16 80.38 -15.64
N ASP C 527 -20.66 79.17 -15.36
CA ASP C 527 -20.51 78.62 -14.02
C ASP C 527 -19.09 78.18 -13.75
N LEU C 528 -18.38 77.73 -14.78
CA LEU C 528 -16.99 77.35 -14.64
C LEU C 528 -16.05 78.54 -14.58
N GLY C 529 -16.52 79.73 -14.95
CA GLY C 529 -15.76 80.93 -14.81
C GLY C 529 -15.02 81.40 -16.04
N TYR C 530 -15.59 81.20 -17.23
CA TYR C 530 -14.94 81.77 -18.40
C TYR C 530 -15.24 83.26 -18.48
N LYS C 531 -14.50 83.93 -19.36
CA LYS C 531 -14.75 85.33 -19.65
C LYS C 531 -15.62 85.38 -20.90
N PRO C 532 -16.91 85.74 -20.79
CA PRO C 532 -17.80 85.66 -21.95
C PRO C 532 -17.50 86.72 -22.99
N GLY C 533 -17.35 86.29 -24.22
CA GLY C 533 -16.96 87.16 -25.31
C GLY C 533 -15.47 87.14 -25.56
N VAL C 534 -15.10 87.50 -26.78
CA VAL C 534 -13.72 87.40 -27.24
C VAL C 534 -12.98 88.72 -27.12
N GLU C 535 -13.44 89.62 -26.23
CA GLU C 535 -12.78 90.91 -26.08
C GLU C 535 -11.40 90.77 -25.44
N ALA C 536 -11.18 89.71 -24.66
CA ALA C 536 -9.87 89.50 -24.06
C ALA C 536 -8.84 89.06 -25.09
N ILE C 537 -9.26 88.37 -26.13
CA ILE C 537 -8.36 88.01 -27.22
C ILE C 537 -8.10 89.22 -28.11
N ARG C 538 -9.11 90.05 -28.33
CA ARG C 538 -8.92 91.29 -29.08
C ARG C 538 -8.07 92.30 -28.32
N LYS C 539 -8.00 92.20 -26.99
CA LYS C 539 -7.17 93.09 -26.20
C LYS C 539 -5.69 92.77 -26.40
N ASN C 540 -5.27 91.56 -26.04
CA ASN C 540 -3.94 91.07 -26.35
C ASN C 540 -4.04 89.76 -27.12
N PRO C 541 -3.68 89.74 -28.40
CA PRO C 541 -3.84 88.53 -29.21
C PRO C 541 -2.82 87.48 -28.86
N PRO C 542 -3.22 86.21 -28.83
CA PRO C 542 -2.32 85.13 -28.44
C PRO C 542 -1.49 84.64 -29.61
N LYS C 543 -0.42 83.92 -29.27
CA LYS C 543 0.33 83.19 -30.28
C LYS C 543 -0.10 81.74 -30.37
N MET C 544 -1.17 81.36 -29.67
CA MET C 544 -1.76 80.03 -29.77
C MET C 544 -3.22 80.15 -29.38
N LEU C 545 -4.10 79.60 -30.21
CA LEU C 545 -5.54 79.76 -30.02
C LEU C 545 -6.20 78.38 -30.08
N PHE C 546 -6.85 77.99 -29.00
CA PHE C 546 -7.67 76.79 -28.99
C PHE C 546 -9.09 77.16 -29.42
N LEU C 547 -9.69 76.31 -30.25
CA LEU C 547 -11.06 76.48 -30.67
C LEU C 547 -11.81 75.19 -30.32
N LEU C 548 -12.44 75.16 -29.15
CA LEU C 548 -13.36 74.08 -28.86
C LEU C 548 -14.67 74.27 -29.62
N GLY C 549 -14.76 73.71 -30.82
CA GLY C 549 -15.99 73.78 -31.60
C GLY C 549 -16.41 75.19 -31.98
N ALA C 550 -15.47 76.11 -32.12
CA ALA C 550 -15.78 77.52 -32.33
C ALA C 550 -16.05 77.76 -33.80
N ASP C 551 -17.33 77.77 -34.17
CA ASP C 551 -17.75 77.92 -35.55
C ASP C 551 -18.54 79.20 -35.78
N GLY C 552 -18.33 80.22 -34.96
CA GLY C 552 -19.01 81.48 -35.16
C GLY C 552 -18.29 82.49 -36.02
N GLY C 553 -17.01 82.25 -36.32
CA GLY C 553 -16.22 83.24 -37.01
C GLY C 553 -15.91 84.47 -36.19
N CYS C 554 -15.96 84.35 -34.86
CA CYS C 554 -15.85 85.51 -33.98
C CYS C 554 -14.43 86.06 -33.96
N VAL C 555 -13.43 85.18 -34.06
CA VAL C 555 -12.04 85.57 -34.17
C VAL C 555 -11.45 84.81 -35.35
N THR C 556 -11.15 85.52 -36.43
CA THR C 556 -10.52 84.96 -37.61
C THR C 556 -9.07 85.40 -37.68
N ARG C 557 -8.33 84.84 -38.65
CA ARG C 557 -6.89 85.04 -38.74
C ARG C 557 -6.47 86.47 -39.06
N GLN C 558 -7.39 87.36 -39.43
CA GLN C 558 -7.06 88.76 -39.56
C GLN C 558 -6.86 89.44 -38.21
N ASP C 559 -7.25 88.78 -37.11
CA ASP C 559 -7.18 89.34 -35.77
C ASP C 559 -6.02 88.78 -34.96
N LEU C 560 -5.21 87.91 -35.53
CA LEU C 560 -4.13 87.24 -34.84
C LEU C 560 -2.79 87.76 -35.33
N PRO C 561 -1.66 87.41 -34.65
CA PRO C 561 -0.35 87.63 -35.27
C PRO C 561 -0.08 86.76 -36.49
N LYS C 562 1.10 86.92 -37.10
CA LYS C 562 1.31 86.45 -38.46
C LYS C 562 1.34 84.92 -38.55
N ASP C 563 2.01 84.25 -37.61
CA ASP C 563 1.94 82.79 -37.53
C ASP C 563 1.34 82.42 -36.17
N CYS C 564 0.02 82.43 -36.10
CA CYS C 564 -0.68 82.01 -34.91
C CYS C 564 -1.05 80.54 -35.04
N PHE C 565 -0.77 79.77 -33.99
CA PHE C 565 -0.99 78.33 -34.01
C PHE C 565 -2.40 78.06 -33.50
N ILE C 566 -3.33 77.84 -34.42
CA ILE C 566 -4.74 77.68 -34.11
C ILE C 566 -5.07 76.20 -34.02
N VAL C 567 -5.73 75.79 -32.95
CA VAL C 567 -6.14 74.41 -32.75
C VAL C 567 -7.65 74.39 -32.68
N TYR C 568 -8.28 73.77 -33.68
CA TYR C 568 -9.73 73.56 -33.67
C TYR C 568 -9.99 72.15 -33.18
N GLN C 569 -10.72 72.04 -32.08
CA GLN C 569 -11.23 70.77 -31.58
C GLN C 569 -12.74 70.77 -31.76
N GLY C 570 -13.22 69.98 -32.69
CA GLY C 570 -14.64 69.92 -32.93
C GLY C 570 -15.01 68.64 -33.63
N HIS C 571 -16.21 68.63 -34.18
CA HIS C 571 -16.73 67.47 -34.88
C HIS C 571 -17.31 67.77 -36.25
N HIS C 572 -17.54 69.04 -36.59
CA HIS C 572 -17.83 69.43 -37.96
C HIS C 572 -16.78 70.39 -38.47
N GLY C 573 -16.49 70.29 -39.76
CA GLY C 573 -15.66 71.30 -40.39
C GLY C 573 -16.50 72.37 -41.04
N ASP C 574 -16.74 73.48 -40.34
CA ASP C 574 -17.57 74.54 -40.90
C ASP C 574 -16.82 75.85 -41.06
N VAL C 575 -16.33 76.43 -39.97
CA VAL C 575 -15.77 77.78 -40.01
C VAL C 575 -14.39 77.77 -39.40
N GLY C 576 -14.28 77.26 -38.18
CA GLY C 576 -13.01 77.28 -37.49
C GLY C 576 -12.02 76.25 -38.00
N ALA C 577 -12.52 75.11 -38.47
CA ALA C 577 -11.64 74.05 -38.98
C ALA C 577 -10.80 74.41 -40.21
N PRO C 578 -11.28 75.16 -41.23
CA PRO C 578 -10.36 75.49 -42.34
C PRO C 578 -9.24 76.46 -41.98
N ILE C 579 -9.34 77.24 -40.92
CA ILE C 579 -8.27 78.16 -40.53
C ILE C 579 -7.41 77.60 -39.40
N ALA C 580 -7.52 76.31 -39.11
CA ALA C 580 -6.76 75.71 -38.04
C ALA C 580 -5.44 75.15 -38.56
N ASP C 581 -4.46 75.05 -37.66
CA ASP C 581 -3.22 74.36 -37.98
C ASP C 581 -3.29 72.89 -37.64
N VAL C 582 -3.88 72.53 -36.49
CA VAL C 582 -4.10 71.14 -36.12
C VAL C 582 -5.56 70.98 -35.77
N ILE C 583 -6.22 70.01 -36.40
CA ILE C 583 -7.61 69.69 -36.11
C ILE C 583 -7.66 68.46 -35.22
N LEU C 584 -8.33 68.60 -34.08
CA LEU C 584 -8.54 67.56 -33.10
C LEU C 584 -9.99 67.07 -33.23
N PRO C 585 -10.23 65.90 -33.82
CA PRO C 585 -11.62 65.48 -34.08
C PRO C 585 -12.30 65.02 -32.80
N GLY C 586 -13.36 65.72 -32.43
CA GLY C 586 -14.06 65.48 -31.19
C GLY C 586 -15.40 64.78 -31.38
N ALA C 587 -16.03 64.53 -30.24
CA ALA C 587 -17.32 63.87 -30.21
C ALA C 587 -18.45 64.88 -30.31
N ALA C 588 -19.65 64.37 -30.57
CA ALA C 588 -20.86 65.16 -30.58
C ALA C 588 -21.73 64.78 -29.40
N TYR C 589 -22.86 65.48 -29.25
CA TYR C 589 -23.74 65.31 -28.10
C TYR C 589 -24.41 63.94 -28.05
N THR C 590 -24.57 63.29 -29.20
CA THR C 590 -25.03 61.90 -29.23
C THR C 590 -23.89 60.92 -29.00
N GLU C 591 -22.66 61.38 -28.91
CA GLU C 591 -21.51 60.51 -28.95
C GLU C 591 -20.71 60.53 -27.65
N LYS C 592 -21.26 61.09 -26.58
CA LYS C 592 -20.56 61.15 -25.30
C LYS C 592 -21.56 61.39 -24.18
N SER C 593 -21.20 60.98 -22.98
CA SER C 593 -21.92 61.34 -21.77
C SER C 593 -21.33 62.65 -21.28
N ALA C 594 -22.18 63.65 -21.07
CA ALA C 594 -21.68 65.01 -21.14
C ALA C 594 -22.64 65.98 -20.47
N THR C 595 -22.11 66.84 -19.61
CA THR C 595 -22.93 67.74 -18.82
C THR C 595 -23.22 69.02 -19.60
N TYR C 596 -24.50 69.31 -19.78
CA TYR C 596 -24.97 70.54 -20.40
C TYR C 596 -25.94 71.21 -19.46
N VAL C 597 -25.84 72.54 -19.35
CA VAL C 597 -26.67 73.32 -18.45
C VAL C 597 -27.54 74.24 -19.28
N ASN C 598 -28.84 74.23 -19.01
CA ASN C 598 -29.78 74.99 -19.82
C ASN C 598 -29.78 76.46 -19.38
N THR C 599 -30.76 77.23 -19.84
CA THR C 599 -30.82 78.65 -19.54
C THR C 599 -31.23 78.95 -18.10
N GLU C 600 -31.75 77.97 -17.37
CA GLU C 600 -32.23 78.22 -16.01
C GLU C 600 -31.32 77.63 -14.95
N GLY C 601 -30.14 77.14 -15.33
CA GLY C 601 -29.19 76.63 -14.38
C GLY C 601 -29.30 75.15 -14.08
N ARG C 602 -30.19 74.43 -14.75
CA ARG C 602 -30.37 73.01 -14.53
C ARG C 602 -29.29 72.24 -15.29
N ALA C 603 -28.42 71.57 -14.55
CA ALA C 603 -27.37 70.75 -15.15
C ALA C 603 -27.96 69.43 -15.58
N GLN C 604 -27.57 68.97 -16.79
CA GLN C 604 -28.13 67.78 -17.40
C GLN C 604 -27.05 67.02 -18.14
N GLN C 605 -27.10 65.70 -18.05
CA GLN C 605 -26.12 64.87 -18.75
C GLN C 605 -26.77 64.13 -19.92
N THR C 606 -26.04 64.09 -21.03
CA THR C 606 -26.41 63.23 -22.15
C THR C 606 -25.93 61.81 -21.87
N LYS C 607 -26.25 60.91 -22.78
CA LYS C 607 -25.71 59.57 -22.74
C LYS C 607 -25.11 59.25 -24.10
N VAL C 608 -24.20 58.28 -24.11
CA VAL C 608 -23.61 57.83 -25.36
C VAL C 608 -24.66 57.05 -26.14
N ALA C 609 -24.95 57.50 -27.35
CA ALA C 609 -25.87 56.78 -28.23
C ALA C 609 -25.12 55.97 -29.28
N VAL C 610 -24.23 56.62 -30.03
CA VAL C 610 -23.27 55.95 -30.87
C VAL C 610 -21.88 56.40 -30.45
N MET C 611 -20.88 55.76 -30.97
CA MET C 611 -19.52 56.22 -30.74
C MET C 611 -19.10 57.22 -31.80
N PRO C 612 -18.08 58.05 -31.54
CA PRO C 612 -17.64 59.02 -32.55
C PRO C 612 -17.08 58.34 -33.78
N PRO C 613 -17.32 58.89 -34.96
CA PRO C 613 -16.89 58.22 -36.18
C PRO C 613 -15.39 58.34 -36.40
N GLY C 614 -14.81 57.27 -36.95
CA GLY C 614 -13.42 57.34 -37.36
C GLY C 614 -12.50 57.27 -36.16
N LEU C 615 -11.54 58.19 -36.12
CA LEU C 615 -10.62 58.30 -35.00
C LEU C 615 -11.00 59.44 -34.05
N ALA C 616 -12.26 59.88 -34.09
CA ALA C 616 -12.67 60.98 -33.23
C ALA C 616 -12.85 60.47 -31.81
N ARG C 617 -12.54 61.33 -30.85
CA ARG C 617 -12.53 60.94 -29.45
C ARG C 617 -13.42 61.88 -28.65
N GLU C 618 -13.73 61.46 -27.43
CA GLU C 618 -14.43 62.33 -26.49
C GLU C 618 -13.51 63.48 -26.12
N ASP C 619 -14.11 64.62 -25.79
CA ASP C 619 -13.39 65.89 -25.85
C ASP C 619 -12.42 66.08 -24.69
N TRP C 620 -12.87 65.81 -23.46
CA TRP C 620 -11.95 65.93 -22.33
C TRP C 620 -10.88 64.87 -22.36
N LYS C 621 -11.16 63.71 -22.98
CA LYS C 621 -10.13 62.71 -23.26
C LYS C 621 -9.01 63.31 -24.10
N ILE C 622 -9.37 64.13 -25.10
CA ILE C 622 -8.38 64.73 -25.98
C ILE C 622 -7.56 65.76 -25.23
N ILE C 623 -8.23 66.60 -24.43
CA ILE C 623 -7.52 67.62 -23.65
C ILE C 623 -6.61 66.99 -22.60
N ARG C 624 -7.07 65.90 -21.99
CA ARG C 624 -6.29 65.21 -20.96
C ARG C 624 -5.12 64.42 -21.55
N ALA C 625 -5.29 63.85 -22.75
CA ALA C 625 -4.16 63.22 -23.44
C ALA C 625 -3.13 64.28 -23.86
N LEU C 626 -3.61 65.43 -24.30
CA LEU C 626 -2.74 66.56 -24.60
C LEU C 626 -1.96 67.03 -23.38
N SER C 627 -2.62 67.04 -22.22
CA SER C 627 -1.95 67.42 -20.98
C SER C 627 -0.91 66.40 -20.58
N GLU C 628 -1.13 65.12 -20.88
CA GLU C 628 -0.11 64.13 -20.59
C GLU C 628 1.07 64.23 -21.55
N ILE C 629 0.82 64.58 -22.82
CA ILE C 629 1.92 64.75 -23.78
C ILE C 629 2.76 65.97 -23.41
N ALA C 630 2.13 67.05 -22.97
CA ALA C 630 2.81 68.30 -22.67
C ALA C 630 3.55 68.28 -21.34
N GLY C 631 3.52 67.19 -20.59
CA GLY C 631 4.21 67.12 -19.31
C GLY C 631 3.49 67.77 -18.16
N MET C 632 2.20 68.03 -18.31
CA MET C 632 1.39 68.75 -17.33
C MET C 632 0.08 68.01 -17.08
N THR C 633 0.21 66.72 -16.75
CA THR C 633 -0.90 65.78 -16.59
C THR C 633 -1.92 66.25 -15.56
N LEU C 634 -3.19 66.34 -16.00
CA LEU C 634 -4.35 66.77 -15.23
C LEU C 634 -4.82 65.65 -14.30
N PRO C 635 -5.34 65.99 -13.11
CA PRO C 635 -5.62 64.99 -12.08
C PRO C 635 -6.95 64.25 -12.22
N TYR C 636 -7.21 63.74 -13.42
CA TYR C 636 -8.38 62.91 -13.65
C TYR C 636 -8.10 61.92 -14.78
N ASP C 637 -8.73 60.75 -14.67
CA ASP C 637 -8.54 59.70 -15.66
C ASP C 637 -9.87 59.21 -16.22
N THR C 638 -10.90 59.16 -15.38
CA THR C 638 -12.22 58.72 -15.77
C THR C 638 -13.17 59.91 -15.84
N LEU C 639 -14.37 59.64 -16.35
CA LEU C 639 -15.39 60.69 -16.44
C LEU C 639 -15.91 61.09 -15.08
N ASP C 640 -15.97 60.13 -14.14
CA ASP C 640 -16.41 60.44 -12.78
C ASP C 640 -15.43 61.34 -12.07
N GLN C 641 -14.13 61.23 -12.39
CA GLN C 641 -13.15 62.13 -11.79
C GLN C 641 -13.23 63.53 -12.39
N VAL C 642 -13.56 63.64 -13.69
CA VAL C 642 -13.84 64.94 -14.29
C VAL C 642 -15.04 65.57 -13.63
N ARG C 643 -16.05 64.77 -13.31
CA ARG C 643 -17.21 65.32 -12.64
C ARG C 643 -16.96 65.63 -11.17
N ASN C 644 -16.01 64.95 -10.53
CA ASN C 644 -15.59 65.40 -9.19
C ASN C 644 -14.88 66.75 -9.25
N ARG C 645 -14.02 66.94 -10.26
CA ARG C 645 -13.42 68.26 -10.50
C ARG C 645 -14.49 69.31 -10.77
N LEU C 646 -15.51 68.94 -11.55
CA LEU C 646 -16.60 69.83 -11.89
C LEU C 646 -17.44 70.18 -10.67
N GLU C 647 -17.55 69.25 -9.72
CA GLU C 647 -18.20 69.54 -8.44
C GLU C 647 -17.35 70.47 -7.60
N GLU C 648 -16.02 70.33 -7.68
CA GLU C 648 -15.13 71.25 -6.97
C GLU C 648 -15.24 72.67 -7.49
N VAL C 649 -15.43 72.83 -8.80
CA VAL C 649 -15.44 74.19 -9.35
C VAL C 649 -16.78 74.88 -9.09
N SER C 650 -17.89 74.18 -9.30
CA SER C 650 -19.20 74.65 -8.86
C SER C 650 -20.11 73.44 -8.70
N PRO C 651 -20.60 73.18 -7.48
CA PRO C 651 -21.17 71.87 -7.17
C PRO C 651 -22.56 71.62 -7.74
N ASN C 652 -23.15 72.59 -8.42
CA ASN C 652 -24.44 72.45 -9.05
C ASN C 652 -24.35 71.91 -10.47
N LEU C 653 -23.16 71.57 -10.93
CA LEU C 653 -22.99 70.95 -12.24
C LEU C 653 -23.08 69.45 -12.20
N VAL C 654 -23.15 68.85 -11.01
CA VAL C 654 -23.24 67.42 -10.86
C VAL C 654 -24.53 67.01 -10.16
N ARG C 655 -25.43 67.94 -9.94
CA ARG C 655 -26.74 67.64 -9.39
C ARG C 655 -27.73 67.79 -10.53
N TYR C 656 -28.04 66.66 -11.15
CA TYR C 656 -28.71 66.63 -12.43
C TYR C 656 -30.22 66.73 -12.27
N ASP C 657 -30.85 67.50 -13.18
CA ASP C 657 -32.27 67.83 -13.17
C ASP C 657 -32.65 68.52 -11.85
N ASP C 658 -31.82 69.44 -11.41
CA ASP C 658 -32.04 70.22 -10.20
C ASP C 658 -31.79 71.67 -10.52
N VAL C 659 -32.79 72.52 -10.31
CA VAL C 659 -32.63 73.96 -10.45
C VAL C 659 -32.30 74.51 -9.07
N GLU C 660 -31.09 75.04 -8.92
CA GLU C 660 -30.65 75.61 -7.66
C GLU C 660 -31.05 77.08 -7.61
N GLY C 661 -31.70 77.47 -6.51
CA GLY C 661 -32.13 78.85 -6.38
C GLY C 661 -30.96 79.78 -6.18
N ALA C 662 -30.95 80.87 -6.94
CA ALA C 662 -29.89 81.87 -6.90
C ALA C 662 -30.45 83.16 -6.33
N ASN C 663 -29.95 83.57 -5.18
CA ASN C 663 -30.42 84.74 -4.47
C ASN C 663 -29.59 85.94 -4.94
N TYR C 664 -29.64 87.05 -4.18
CA TYR C 664 -28.64 88.13 -4.21
C TYR C 664 -28.74 88.96 -5.49
N PHE C 665 -29.98 89.30 -5.87
CA PHE C 665 -30.22 90.25 -6.94
C PHE C 665 -29.87 91.66 -6.52
N GLN C 666 -29.97 91.96 -5.22
CA GLN C 666 -29.71 93.30 -4.72
C GLN C 666 -28.23 93.65 -4.83
N GLN C 667 -27.35 92.68 -4.58
CA GLN C 667 -25.92 92.93 -4.65
C GLN C 667 -25.46 93.06 -6.09
N ALA C 668 -26.04 92.27 -6.99
CA ALA C 668 -25.78 92.44 -8.42
C ALA C 668 -26.31 93.79 -8.92
N SER C 669 -27.41 94.27 -8.35
CA SER C 669 -27.92 95.57 -8.74
C SER C 669 -27.03 96.69 -8.23
N GLU C 670 -26.57 96.60 -6.98
CA GLU C 670 -25.68 97.62 -6.41
C GLU C 670 -24.33 97.63 -7.11
N LEU C 671 -23.87 96.48 -7.61
CA LEU C 671 -22.69 96.48 -8.47
C LEU C 671 -23.00 96.99 -9.86
N SER C 672 -24.26 96.90 -10.31
CA SER C 672 -24.58 97.35 -11.65
C SER C 672 -24.63 98.88 -11.75
N LYS C 673 -24.97 99.55 -10.66
CA LYS C 673 -25.16 101.00 -10.66
C LYS C 673 -23.86 101.79 -10.61
N LEU C 674 -22.71 101.13 -10.62
CA LEU C 674 -21.44 101.84 -10.54
C LEU C 674 -21.10 102.53 -11.87
N VAL C 675 -20.90 101.75 -12.92
CA VAL C 675 -20.55 102.27 -14.23
C VAL C 675 -21.82 102.54 -15.01
N ASN C 676 -22.01 103.78 -15.43
CA ASN C 676 -23.19 104.19 -16.17
C ASN C 676 -22.85 104.16 -17.66
N GLN C 677 -23.05 103.00 -18.28
CA GLN C 677 -22.84 102.87 -19.71
C GLN C 677 -23.99 103.51 -20.47
N GLN C 678 -23.68 104.13 -21.60
CA GLN C 678 -24.67 104.85 -22.39
C GLN C 678 -25.27 103.94 -23.45
N LEU C 679 -26.58 104.05 -23.62
CA LEU C 679 -27.31 103.23 -24.58
C LEU C 679 -27.08 103.74 -26.01
N LEU C 680 -26.85 102.82 -26.92
CA LEU C 680 -26.81 103.18 -28.34
C LEU C 680 -28.22 103.51 -28.81
N ALA C 681 -28.29 104.33 -29.86
CA ALA C 681 -29.57 104.74 -30.40
C ALA C 681 -30.17 103.73 -31.37
N ASP C 682 -29.49 102.63 -31.62
CA ASP C 682 -29.98 101.64 -32.57
C ASP C 682 -31.14 100.86 -31.96
N PRO C 683 -32.14 100.48 -32.75
CA PRO C 683 -33.25 99.69 -32.23
C PRO C 683 -32.85 98.25 -31.97
N LEU C 684 -33.52 97.64 -31.01
CA LEU C 684 -33.31 96.23 -30.67
C LEU C 684 -33.84 95.35 -31.79
N VAL C 685 -32.93 94.81 -32.59
CA VAL C 685 -33.28 93.94 -33.71
C VAL C 685 -32.69 92.56 -33.43
N PRO C 686 -33.50 91.51 -33.31
CA PRO C 686 -32.94 90.19 -33.11
C PRO C 686 -32.33 89.65 -34.39
N PRO C 687 -31.34 88.76 -34.30
CA PRO C 687 -30.73 88.21 -35.51
C PRO C 687 -31.59 87.18 -36.23
N GLN C 688 -32.65 86.68 -35.60
CA GLN C 688 -33.51 85.65 -36.15
C GLN C 688 -34.92 86.22 -36.23
N LEU C 689 -35.27 86.80 -37.37
CA LEU C 689 -36.55 87.49 -37.50
C LEU C 689 -37.67 86.58 -37.99
N THR C 690 -37.42 85.77 -39.01
CA THR C 690 -38.43 84.94 -39.63
C THR C 690 -38.04 83.46 -39.49
N ILE C 691 -38.89 82.61 -40.06
CA ILE C 691 -38.65 81.17 -40.07
C ILE C 691 -37.46 80.80 -40.96
N LYS C 692 -37.09 81.70 -41.87
CA LYS C 692 -35.94 81.50 -42.76
C LYS C 692 -34.65 81.38 -41.97
N ASP C 693 -34.43 82.27 -41.00
CA ASP C 693 -33.20 82.31 -40.23
C ASP C 693 -33.19 81.34 -39.06
N PHE C 694 -34.25 80.58 -38.87
CA PHE C 694 -34.32 79.66 -37.75
C PHE C 694 -33.48 78.41 -37.97
N TYR C 695 -33.61 77.79 -39.15
CA TYR C 695 -33.23 76.38 -39.32
C TYR C 695 -31.72 76.14 -39.30
N MET C 696 -30.91 77.16 -39.58
CA MET C 696 -29.46 77.00 -39.56
C MET C 696 -28.87 78.01 -38.59
N THR C 697 -28.43 77.53 -37.43
CA THR C 697 -27.81 78.37 -36.40
C THR C 697 -26.45 77.88 -35.94
N ASP C 698 -26.26 76.58 -35.83
CA ASP C 698 -24.97 76.02 -35.41
C ASP C 698 -24.45 75.06 -36.47
N SER C 699 -23.30 74.45 -36.18
CA SER C 699 -22.59 73.66 -37.18
C SER C 699 -23.25 72.32 -37.47
N ILE C 700 -24.04 71.79 -36.55
CA ILE C 700 -24.77 70.57 -36.87
C ILE C 700 -25.96 70.89 -37.77
N SER C 701 -26.65 71.99 -37.50
CA SER C 701 -27.78 72.40 -38.33
C SER C 701 -27.34 72.91 -39.69
N ARG C 702 -26.13 73.45 -39.78
CA ARG C 702 -25.64 73.89 -41.08
C ARG C 702 -25.20 72.73 -41.96
N ALA C 703 -24.81 71.61 -41.36
CA ALA C 703 -24.44 70.42 -42.11
C ALA C 703 -25.62 69.54 -42.45
N SER C 704 -26.84 69.96 -42.11
CA SER C 704 -28.02 69.14 -42.29
C SER C 704 -28.68 69.45 -43.62
N GLN C 705 -28.95 68.38 -44.38
CA GLN C 705 -29.67 68.52 -45.64
C GLN C 705 -31.16 68.73 -45.42
N THR C 706 -31.68 68.23 -44.29
CA THR C 706 -33.06 68.47 -43.94
C THR C 706 -33.32 69.94 -43.64
N MET C 707 -32.43 70.57 -42.88
CA MET C 707 -32.55 72.01 -42.63
C MET C 707 -32.32 72.82 -43.90
N ALA C 708 -31.52 72.30 -44.83
CA ALA C 708 -31.36 72.94 -46.13
C ALA C 708 -32.66 72.90 -46.92
N LYS C 709 -33.37 71.76 -46.88
CA LYS C 709 -34.67 71.69 -47.52
C LYS C 709 -35.69 72.56 -46.81
N CYS C 710 -35.57 72.73 -45.50
CA CYS C 710 -36.48 73.61 -44.76
C CYS C 710 -36.28 75.06 -45.16
N VAL C 711 -35.02 75.50 -45.28
CA VAL C 711 -34.72 76.87 -45.71
C VAL C 711 -35.19 77.08 -47.15
N LYS C 712 -34.86 76.13 -48.03
CA LYS C 712 -35.28 76.23 -49.43
C LYS C 712 -36.79 76.15 -49.59
N ALA C 713 -37.48 75.54 -48.64
CA ALA C 713 -38.94 75.53 -48.64
C ALA C 713 -39.49 76.90 -48.22
N VAL C 714 -38.94 77.48 -47.15
CA VAL C 714 -39.49 78.75 -46.66
C VAL C 714 -38.94 79.96 -47.38
N THR C 715 -38.08 79.78 -48.40
CA THR C 715 -37.66 80.92 -49.21
C THR C 715 -38.31 81.01 -50.58
N GLU C 716 -38.88 79.93 -51.10
CA GLU C 716 -39.45 79.96 -52.46
C GLU C 716 -40.76 80.74 -52.52
N ALA D 34 20.34 -17.63 43.93
CA ALA D 34 20.54 -17.98 45.33
C ALA D 34 19.86 -19.31 45.65
N ARG D 35 18.61 -19.46 45.19
CA ARG D 35 17.95 -20.75 45.28
C ARG D 35 18.45 -21.70 44.18
N GLN D 36 18.29 -21.29 42.92
CA GLN D 36 18.76 -21.99 41.74
C GLN D 36 18.63 -20.98 40.61
N TRP D 37 19.72 -20.69 39.90
CA TRP D 37 19.70 -19.60 38.93
C TRP D 37 18.84 -19.96 37.73
N GLN D 38 17.94 -19.05 37.40
CA GLN D 38 16.97 -19.03 36.33
C GLN D 38 17.08 -17.63 35.74
N PRO D 39 16.67 -17.38 34.47
CA PRO D 39 17.32 -16.31 33.72
C PRO D 39 16.87 -14.92 34.11
N ASP D 40 17.35 -13.95 33.37
CA ASP D 40 16.75 -12.64 33.33
C ASP D 40 16.21 -12.39 31.92
N VAL D 41 15.61 -11.22 31.74
CA VAL D 41 15.19 -10.80 30.41
C VAL D 41 16.39 -10.54 29.51
N GLU D 42 17.54 -10.16 30.10
CA GLU D 42 18.74 -9.90 29.32
C GLU D 42 19.30 -11.15 28.67
N TRP D 43 19.14 -12.32 29.31
CA TRP D 43 19.66 -13.54 28.71
C TRP D 43 18.78 -14.03 27.57
N ALA D 44 17.46 -13.88 27.72
CA ALA D 44 16.54 -14.43 26.74
C ALA D 44 16.50 -13.63 25.44
N GLU D 45 16.94 -12.38 25.45
CA GLU D 45 16.89 -11.56 24.25
C GLU D 45 17.99 -11.88 23.26
N GLN D 46 19.04 -12.60 23.66
CA GLN D 46 20.07 -12.96 22.70
C GLN D 46 19.70 -14.20 21.87
N TYR D 47 18.61 -14.87 22.22
CA TYR D 47 18.12 -15.99 21.43
C TYR D 47 16.89 -15.62 20.60
N GLY D 48 16.67 -14.33 20.40
CA GLY D 48 15.63 -13.84 19.53
C GLY D 48 16.19 -13.23 18.27
N GLY D 49 15.34 -12.47 17.59
CA GLY D 49 15.78 -11.79 16.39
C GLY D 49 15.96 -12.74 15.22
N ALA D 50 16.74 -12.27 14.25
CA ALA D 50 16.98 -13.02 13.03
C ALA D 50 18.29 -13.80 13.04
N VAL D 51 19.25 -13.41 13.89
CA VAL D 51 20.55 -14.06 13.97
C VAL D 51 20.92 -14.27 15.43
N MET D 52 21.60 -15.39 15.70
CA MET D 52 22.18 -15.62 17.02
C MET D 52 23.32 -14.65 17.31
N TYR D 53 24.37 -14.69 16.49
CA TYR D 53 25.53 -13.82 16.64
C TYR D 53 25.53 -12.78 15.54
N PRO D 54 25.16 -11.53 15.81
CA PRO D 54 25.06 -10.53 14.74
C PRO D 54 26.41 -9.94 14.40
N THR D 55 26.80 -10.05 13.13
CA THR D 55 27.93 -9.30 12.60
C THR D 55 27.40 -7.99 12.01
N LYS D 56 28.23 -7.31 11.21
CA LYS D 56 27.84 -6.04 10.63
C LYS D 56 26.73 -6.20 9.59
N GLU D 57 26.90 -7.12 8.64
CA GLU D 57 25.99 -7.26 7.52
C GLU D 57 24.67 -7.92 7.88
N THR D 58 24.55 -8.52 9.07
CA THR D 58 23.31 -9.13 9.50
C THR D 58 22.63 -8.36 10.63
N ALA D 59 23.18 -7.22 11.03
CA ALA D 59 22.64 -6.48 12.17
C ALA D 59 21.36 -5.72 11.83
N HIS D 60 21.08 -5.49 10.54
CA HIS D 60 19.90 -4.74 10.13
C HIS D 60 18.77 -5.66 9.69
N TRP D 61 18.80 -6.94 10.08
CA TRP D 61 17.72 -7.87 9.78
C TRP D 61 16.68 -7.78 10.89
N LYS D 62 15.49 -7.31 10.56
CA LYS D 62 14.39 -7.42 11.50
C LYS D 62 13.84 -8.85 11.47
N PRO D 63 13.34 -9.35 12.59
CA PRO D 63 12.86 -10.75 12.64
C PRO D 63 11.58 -10.93 11.83
N PRO D 64 11.29 -12.15 11.40
CA PRO D 64 10.05 -12.39 10.62
C PRO D 64 8.82 -12.27 11.49
N PRO D 65 7.63 -12.12 10.90
CA PRO D 65 6.41 -12.04 11.71
C PRO D 65 6.05 -13.38 12.32
N TRP D 66 5.15 -13.33 13.31
CA TRP D 66 4.85 -14.51 14.11
C TRP D 66 3.99 -15.51 13.36
N ASN D 67 3.01 -15.05 12.59
CA ASN D 67 2.14 -15.91 11.82
C ASN D 67 2.58 -16.07 10.37
N ASP D 68 3.79 -15.59 10.05
CA ASP D 68 4.44 -15.71 8.74
C ASP D 68 3.70 -15.00 7.61
N VAL D 69 2.78 -14.09 7.93
CA VAL D 69 2.17 -13.25 6.90
C VAL D 69 2.79 -11.86 7.04
N ASP D 70 2.85 -11.15 5.94
CA ASP D 70 3.53 -9.87 5.87
C ASP D 70 2.54 -8.75 5.62
N PRO D 71 2.89 -7.51 5.95
CA PRO D 71 2.12 -6.37 5.44
C PRO D 71 2.36 -6.20 3.96
N PRO D 72 1.30 -6.27 3.13
CA PRO D 72 1.46 -6.14 1.69
C PRO D 72 1.76 -4.71 1.24
N SER D 78 -6.30 -1.56 -5.68
CA SER D 78 -6.46 -0.68 -6.85
C SER D 78 -7.40 -1.31 -7.88
N ASN D 79 -7.99 -0.46 -8.72
CA ASN D 79 -8.89 -0.91 -9.77
C ASN D 79 -8.80 0.06 -10.95
N LEU D 80 -9.13 -0.44 -12.13
CA LEU D 80 -8.93 0.30 -13.36
C LEU D 80 -9.94 1.43 -13.52
N THR D 81 -9.47 2.58 -13.98
CA THR D 81 -10.31 3.75 -14.24
C THR D 81 -10.14 4.13 -15.71
N LEU D 82 -11.25 4.12 -16.45
CA LEU D 82 -11.24 4.44 -17.87
C LEU D 82 -12.05 5.69 -18.13
N ASN D 83 -11.57 6.51 -19.05
CA ASN D 83 -12.26 7.71 -19.48
C ASN D 83 -12.67 7.49 -20.94
N PHE D 84 -13.88 6.98 -21.14
CA PHE D 84 -14.41 6.80 -22.49
C PHE D 84 -14.84 8.15 -23.03
N GLY D 85 -13.89 8.85 -23.65
CA GLY D 85 -14.14 10.17 -24.14
C GLY D 85 -15.01 10.19 -25.39
N PRO D 86 -15.17 11.37 -25.97
CA PRO D 86 -16.04 11.52 -27.14
C PRO D 86 -15.46 11.02 -28.45
N GLN D 87 -14.26 10.44 -28.44
CA GLN D 87 -13.56 10.02 -29.65
C GLN D 87 -14.25 8.88 -30.39
N GLY D 93 -25.09 10.87 -30.97
CA GLY D 93 -24.99 11.37 -29.62
C GLY D 93 -23.59 11.23 -29.04
N VAL D 94 -23.15 12.23 -28.28
CA VAL D 94 -21.79 12.31 -27.79
C VAL D 94 -21.79 12.28 -26.27
N LEU D 95 -21.03 11.36 -25.68
CA LEU D 95 -21.07 11.06 -24.27
C LEU D 95 -19.68 10.74 -23.77
N ARG D 96 -19.36 11.23 -22.58
CA ARG D 96 -18.11 10.92 -21.90
C ARG D 96 -18.44 10.13 -20.64
N LEU D 97 -17.84 8.94 -20.52
CA LEU D 97 -18.05 8.07 -19.37
C LEU D 97 -16.73 7.90 -18.65
N VAL D 98 -16.71 8.26 -17.37
CA VAL D 98 -15.58 7.96 -16.50
C VAL D 98 -15.94 6.67 -15.78
N MET D 99 -15.37 5.57 -16.24
CA MET D 99 -15.62 4.27 -15.65
C MET D 99 -14.68 3.99 -14.50
N GLU D 100 -15.14 3.16 -13.58
CA GLU D 100 -14.28 2.47 -12.63
C GLU D 100 -14.52 0.98 -12.84
N LEU D 101 -13.60 0.30 -13.51
CA LEU D 101 -13.71 -1.12 -13.72
C LEU D 101 -13.02 -1.90 -12.62
N SER D 102 -13.51 -3.11 -12.38
CA SER D 102 -12.88 -4.06 -11.46
C SER D 102 -12.61 -5.34 -12.21
N GLY D 103 -12.00 -5.22 -13.39
CA GLY D 103 -11.80 -6.35 -14.27
C GLY D 103 -12.79 -6.30 -15.41
N GLU D 104 -13.71 -7.27 -15.44
CA GLU D 104 -14.85 -7.16 -16.34
C GLU D 104 -16.00 -6.38 -15.74
N MET D 105 -16.07 -6.33 -14.42
CA MET D 105 -17.19 -5.68 -13.72
C MET D 105 -17.10 -4.16 -13.85
N VAL D 106 -18.26 -3.52 -13.87
CA VAL D 106 -18.38 -2.08 -13.76
C VAL D 106 -18.74 -1.75 -12.32
N ARG D 107 -17.92 -0.94 -11.67
CA ARG D 107 -18.17 -0.50 -10.30
C ARG D 107 -18.85 0.86 -10.24
N LYS D 108 -18.27 1.86 -10.86
CA LYS D 108 -18.84 3.20 -10.89
C LYS D 108 -18.92 3.68 -12.33
N CYS D 109 -20.05 4.28 -12.67
CA CYS D 109 -20.23 4.93 -13.96
C CYS D 109 -20.46 6.42 -13.71
N ASP D 110 -19.67 7.27 -14.36
CA ASP D 110 -19.71 8.70 -14.14
C ASP D 110 -19.92 9.36 -15.51
N PRO D 111 -21.17 9.51 -15.95
CA PRO D 111 -21.40 10.16 -17.25
C PRO D 111 -21.19 11.66 -17.17
N HIS D 112 -20.37 12.18 -18.06
CA HIS D 112 -20.12 13.61 -18.16
C HIS D 112 -20.85 14.16 -19.37
N ILE D 113 -21.74 15.12 -19.11
CA ILE D 113 -22.63 15.68 -20.13
C ILE D 113 -22.34 17.17 -20.23
N GLY D 114 -23.13 17.86 -21.04
CA GLY D 114 -22.86 19.23 -21.37
C GLY D 114 -22.13 19.40 -22.68
N LEU D 115 -21.81 18.30 -23.35
CA LEU D 115 -21.13 18.34 -24.64
C LEU D 115 -22.04 18.83 -25.75
N LEU D 116 -23.34 18.78 -25.55
CA LEU D 116 -24.29 19.39 -26.47
C LEU D 116 -25.18 20.41 -25.74
N HIS D 117 -24.72 20.92 -24.60
CA HIS D 117 -25.44 21.97 -23.93
C HIS D 117 -25.26 23.26 -24.70
N 2MR D 118 -26.37 23.84 -25.14
CA 2MR D 118 -26.31 24.93 -26.06
CB 2MR D 118 -26.98 24.61 -27.39
CG 2MR D 118 -26.26 23.46 -28.04
CD 2MR D 118 -27.21 22.82 -29.04
NE 2MR D 118 -28.39 22.29 -28.44
CZ 2MR D 118 -29.26 21.45 -29.20
NH1 2MR D 118 -30.36 20.90 -28.77
CQ1 2MR D 118 -30.88 21.07 -27.46
NH2 2MR D 118 -28.87 21.20 -30.55
CQ2 2MR D 118 -29.64 20.38 -31.43
C 2MR D 118 -26.96 26.18 -25.56
O 2MR D 118 -27.04 27.19 -26.22
N GLY D 119 -27.44 26.11 -24.32
CA GLY D 119 -28.08 27.25 -23.69
C GLY D 119 -29.42 27.54 -24.34
N THR D 120 -30.20 26.48 -24.53
CA THR D 120 -31.45 26.57 -25.28
C THR D 120 -32.47 27.41 -24.53
N GLU D 121 -32.69 27.09 -23.27
CA GLU D 121 -33.74 27.73 -22.51
C GLU D 121 -33.34 29.09 -21.95
N LYS D 122 -32.11 29.53 -22.17
CA LYS D 122 -31.78 30.94 -22.00
C LYS D 122 -32.07 31.71 -23.29
N LEU D 123 -31.83 31.08 -24.44
CA LEU D 123 -32.17 31.69 -25.72
C LEU D 123 -33.68 31.81 -25.92
N ILE D 124 -34.45 30.93 -25.28
CA ILE D 124 -35.91 31.06 -25.32
C ILE D 124 -36.38 32.33 -24.63
N GLU D 125 -35.66 32.78 -23.60
CA GLU D 125 -36.06 33.95 -22.84
C GLU D 125 -35.98 35.25 -23.62
N TYR D 126 -35.21 35.30 -24.70
CA TYR D 126 -35.06 36.48 -25.53
C TYR D 126 -35.86 36.40 -26.82
N LYS D 127 -36.73 35.41 -26.96
CA LYS D 127 -37.44 35.14 -28.21
C LYS D 127 -38.90 34.90 -27.89
N THR D 128 -39.79 35.26 -28.81
CA THR D 128 -41.21 35.14 -28.52
C THR D 128 -41.65 33.67 -28.58
N TYR D 129 -42.93 33.45 -28.32
CA TYR D 129 -43.45 32.09 -28.19
C TYR D 129 -43.45 31.36 -29.53
N LEU D 130 -43.88 32.04 -30.59
CA LEU D 130 -43.74 31.52 -31.94
C LEU D 130 -42.27 31.34 -32.31
N GLN D 131 -41.43 32.31 -31.95
CA GLN D 131 -40.00 32.22 -32.24
C GLN D 131 -39.30 31.14 -31.44
N ALA D 132 -39.81 30.80 -30.26
CA ALA D 132 -39.16 29.79 -29.43
C ALA D 132 -39.71 28.40 -29.67
N LEU D 133 -40.81 28.27 -30.39
CA LEU D 133 -41.29 26.97 -30.84
C LEU D 133 -40.24 26.10 -31.56
N PRO D 134 -39.45 26.59 -32.54
CA PRO D 134 -38.52 25.66 -33.20
C PRO D 134 -37.33 25.22 -32.36
N TYR D 135 -37.13 25.72 -31.14
CA TYR D 135 -36.14 25.10 -30.25
C TYR D 135 -36.60 23.73 -29.78
N PHE D 136 -37.91 23.52 -29.70
CA PHE D 136 -38.42 22.28 -29.17
C PHE D 136 -38.30 21.14 -30.18
N ASP D 137 -38.27 21.46 -31.47
CA ASP D 137 -37.91 20.48 -32.49
C ASP D 137 -36.52 19.90 -32.28
N ARG D 138 -35.60 20.70 -31.78
CA ARG D 138 -34.20 20.36 -31.74
C ARG D 138 -33.77 19.84 -30.38
N LEU D 139 -34.70 19.74 -29.43
CA LEU D 139 -34.37 19.13 -28.14
C LEU D 139 -34.27 17.62 -28.28
N ASP D 140 -35.38 16.97 -28.58
CA ASP D 140 -35.43 15.54 -28.80
C ASP D 140 -35.61 15.41 -30.30
N TYR D 141 -34.50 15.36 -31.02
CA TYR D 141 -34.54 15.47 -32.46
C TYR D 141 -34.89 14.18 -33.17
N VAL D 142 -35.47 13.19 -32.49
CA VAL D 142 -36.19 12.13 -33.18
C VAL D 142 -37.64 12.08 -32.73
N SER D 143 -38.07 13.04 -31.91
CA SER D 143 -39.42 13.13 -31.39
C SER D 143 -39.96 14.55 -31.57
N MET D 144 -39.83 15.10 -32.78
CA MET D 144 -39.95 16.53 -33.03
C MET D 144 -41.35 17.06 -32.72
N MET D 145 -42.37 16.48 -33.35
CA MET D 145 -43.73 16.99 -33.19
C MET D 145 -44.29 16.68 -31.81
N CYS D 146 -43.72 15.73 -31.09
CA CYS D 146 -44.14 15.51 -29.70
C CYS D 146 -43.66 16.66 -28.80
N ASN D 147 -42.44 17.16 -29.00
CA ASN D 147 -41.99 18.26 -28.16
C ASN D 147 -42.66 19.56 -28.57
N GLU D 148 -42.88 19.74 -29.88
CA GLU D 148 -43.76 20.79 -30.38
C GLU D 148 -45.11 20.77 -29.69
N GLN D 149 -45.69 19.58 -29.58
CA GLN D 149 -47.02 19.44 -29.00
C GLN D 149 -47.03 19.76 -27.52
N ALA D 150 -45.99 19.35 -26.78
CA ALA D 150 -45.96 19.63 -25.35
C ALA D 150 -45.79 21.11 -25.07
N TYR D 151 -44.93 21.79 -25.85
CA TYR D 151 -44.79 23.23 -25.70
C TYR D 151 -46.05 23.97 -26.12
N SER D 152 -46.71 23.48 -27.18
CA SER D 152 -47.94 24.10 -27.65
C SER D 152 -49.04 23.95 -26.61
N LEU D 153 -49.11 22.78 -25.96
CA LEU D 153 -50.10 22.57 -24.91
C LEU D 153 -49.81 23.45 -23.70
N ALA D 154 -48.54 23.67 -23.38
CA ALA D 154 -48.19 24.57 -22.28
C ALA D 154 -48.63 26.01 -22.57
N VAL D 155 -48.38 26.48 -23.80
CA VAL D 155 -48.76 27.84 -24.14
C VAL D 155 -50.27 27.99 -24.20
N GLU D 156 -50.97 26.99 -24.76
CA GLU D 156 -52.42 27.02 -24.84
C GLU D 156 -53.07 26.87 -23.47
N LYS D 157 -52.39 26.26 -22.51
CA LYS D 157 -52.89 26.20 -21.16
C LYS D 157 -52.74 27.55 -20.46
N LEU D 158 -51.64 28.25 -20.73
CA LEU D 158 -51.50 29.59 -20.17
C LEU D 158 -52.41 30.60 -20.86
N LEU D 159 -52.72 30.40 -22.14
CA LEU D 159 -53.52 31.33 -22.92
C LEU D 159 -55.02 31.17 -22.71
N ASN D 160 -55.45 30.09 -22.06
CA ASN D 160 -56.86 29.75 -21.83
C ASN D 160 -57.61 29.61 -23.16
N ILE D 161 -56.97 28.99 -24.15
CA ILE D 161 -57.63 28.70 -25.43
C ILE D 161 -57.41 27.24 -25.76
N GLN D 162 -58.20 26.76 -26.72
CA GLN D 162 -58.11 25.36 -27.10
C GLN D 162 -58.05 25.22 -28.61
N PRO D 163 -57.31 24.23 -29.12
CA PRO D 163 -57.26 23.99 -30.56
C PRO D 163 -58.58 23.44 -31.07
N PRO D 164 -58.86 23.56 -32.36
CA PRO D 164 -60.05 22.94 -32.93
C PRO D 164 -59.93 21.41 -32.94
N PRO D 165 -61.04 20.68 -33.10
CA PRO D 165 -60.97 19.21 -33.04
C PRO D 165 -60.11 18.56 -34.12
N ARG D 166 -60.18 19.06 -35.36
CA ARG D 166 -59.35 18.52 -36.42
C ARG D 166 -57.87 18.72 -36.12
N ALA D 167 -57.51 19.86 -35.52
CA ALA D 167 -56.13 20.10 -35.13
C ALA D 167 -55.68 19.13 -34.05
N GLN D 168 -56.57 18.79 -33.13
CA GLN D 168 -56.26 17.81 -32.09
C GLN D 168 -56.04 16.41 -32.67
N TRP D 169 -56.87 16.03 -33.64
CA TRP D 169 -56.68 14.73 -34.27
C TRP D 169 -55.42 14.69 -35.13
N ILE D 170 -55.06 15.81 -35.77
CA ILE D 170 -53.78 15.86 -36.49
C ILE D 170 -52.61 15.79 -35.52
N ARG D 171 -52.73 16.46 -34.36
CA ARG D 171 -51.67 16.42 -33.35
C ARG D 171 -51.46 15.01 -32.81
N VAL D 172 -52.55 14.28 -32.57
CA VAL D 172 -52.43 12.91 -32.09
C VAL D 172 -51.92 11.98 -33.19
N LEU D 173 -52.37 12.20 -34.44
CA LEU D 173 -51.95 11.39 -35.57
C LEU D 173 -50.45 11.53 -35.83
N PHE D 174 -49.97 12.75 -35.97
CA PHE D 174 -48.56 12.97 -36.20
C PHE D 174 -47.72 12.74 -34.95
N GLY D 175 -48.31 12.80 -33.75
CA GLY D 175 -47.58 12.35 -32.57
C GLY D 175 -47.38 10.85 -32.54
N GLU D 176 -48.31 10.09 -33.10
CA GLU D 176 -48.09 8.65 -33.16
C GLU D 176 -47.18 8.24 -34.32
N ILE D 177 -47.21 8.99 -35.42
CA ILE D 177 -46.19 8.82 -36.45
C ILE D 177 -44.81 9.17 -35.88
N THR D 178 -44.75 10.17 -35.02
CA THR D 178 -43.52 10.53 -34.33
C THR D 178 -43.08 9.45 -33.36
N ARG D 179 -44.03 8.80 -32.70
CA ARG D 179 -43.70 7.72 -31.78
C ARG D 179 -43.15 6.52 -32.53
N LEU D 180 -43.67 6.26 -33.73
CA LEU D 180 -43.06 5.24 -34.59
C LEU D 180 -41.64 5.60 -35.00
N LEU D 181 -41.41 6.88 -35.35
CA LEU D 181 -40.07 7.34 -35.69
C LEU D 181 -39.09 7.14 -34.53
N ASN D 182 -39.52 7.49 -33.32
CA ASN D 182 -38.63 7.40 -32.17
C ASN D 182 -38.39 5.95 -31.77
N HIS D 183 -39.40 5.09 -31.83
CA HIS D 183 -39.13 3.72 -31.43
C HIS D 183 -38.37 2.94 -32.50
N ILE D 184 -38.49 3.31 -33.77
CA ILE D 184 -37.59 2.76 -34.79
C ILE D 184 -36.15 3.16 -34.50
N MET D 185 -35.93 4.45 -34.22
CA MET D 185 -34.60 4.93 -33.87
C MET D 185 -34.05 4.23 -32.62
N ALA D 186 -34.90 4.05 -31.61
CA ALA D 186 -34.49 3.45 -30.35
C ALA D 186 -34.09 1.99 -30.53
N VAL D 187 -35.00 1.19 -31.09
CA VAL D 187 -34.76 -0.23 -31.27
C VAL D 187 -33.60 -0.49 -32.22
N THR D 188 -33.58 0.21 -33.36
CA THR D 188 -32.57 -0.10 -34.37
C THR D 188 -31.18 0.42 -34.00
N THR D 189 -31.04 1.57 -33.32
CA THR D 189 -29.69 1.91 -32.91
C THR D 189 -29.25 1.17 -31.65
N HIS D 190 -30.20 0.75 -30.80
CA HIS D 190 -29.85 -0.12 -29.69
C HIS D 190 -29.40 -1.49 -30.17
N ALA D 191 -29.95 -1.97 -31.28
CA ALA D 191 -29.46 -3.18 -31.90
C ALA D 191 -28.16 -2.95 -32.68
N LEU D 192 -28.01 -1.78 -33.29
CA LEU D 192 -26.80 -1.44 -34.04
C LEU D 192 -25.58 -1.33 -33.13
N ASP D 193 -25.77 -0.86 -31.90
CA ASP D 193 -24.66 -0.74 -30.97
C ASP D 193 -24.25 -2.09 -30.37
N ILE D 194 -25.18 -3.04 -30.32
CA ILE D 194 -24.85 -4.38 -29.86
C ILE D 194 -24.21 -5.20 -30.98
N GLY D 195 -24.60 -4.95 -32.23
CA GLY D 195 -23.93 -5.58 -33.35
C GLY D 195 -24.87 -5.93 -34.48
N ALA D 196 -26.16 -6.00 -34.17
CA ALA D 196 -27.20 -6.29 -35.16
C ALA D 196 -27.39 -5.05 -36.02
N MET D 197 -26.73 -5.00 -37.17
CA MET D 197 -26.64 -3.77 -37.96
C MET D 197 -27.68 -3.68 -39.07
N THR D 198 -28.33 -4.77 -39.42
CA THR D 198 -29.22 -4.92 -40.57
C THR D 198 -30.66 -4.41 -40.40
N PRO D 199 -31.38 -4.64 -39.29
CA PRO D 199 -32.73 -4.06 -39.19
C PRO D 199 -32.74 -2.55 -39.03
N PHE D 200 -31.61 -1.94 -38.70
CA PHE D 200 -31.37 -0.52 -38.89
C PHE D 200 -31.72 -0.09 -40.31
N PHE D 201 -31.07 -0.73 -41.29
CA PHE D 201 -31.31 -0.43 -42.69
C PHE D 201 -32.71 -0.84 -43.12
N TRP D 202 -33.26 -1.88 -42.50
CA TRP D 202 -34.61 -2.29 -42.90
C TRP D 202 -35.66 -1.28 -42.45
N MET D 203 -35.52 -0.74 -41.25
CA MET D 203 -36.53 0.13 -40.70
C MET D 203 -36.30 1.59 -41.03
N PHE D 204 -35.10 1.96 -41.49
CA PHE D 204 -34.97 3.36 -41.88
C PHE D 204 -35.54 3.68 -43.26
N GLU D 205 -35.93 2.68 -44.06
CA GLU D 205 -36.73 3.00 -45.24
C GLU D 205 -38.14 3.41 -44.85
N GLU D 206 -38.72 2.72 -43.87
CA GLU D 206 -40.02 3.12 -43.33
C GLU D 206 -39.92 4.48 -42.65
N ARG D 207 -38.79 4.72 -42.00
CA ARG D 207 -38.54 6.02 -41.37
C ARG D 207 -38.35 7.12 -42.41
N GLU D 208 -37.76 6.80 -43.55
CA GLU D 208 -37.68 7.72 -44.68
C GLU D 208 -39.06 8.06 -45.23
N LYS D 209 -39.96 7.08 -45.25
CA LYS D 209 -41.33 7.38 -45.72
C LYS D 209 -42.09 8.24 -44.73
N MET D 210 -41.88 8.03 -43.43
CA MET D 210 -42.50 8.95 -42.47
C MET D 210 -41.90 10.34 -42.50
N PHE D 211 -40.61 10.45 -42.86
CA PHE D 211 -40.09 11.79 -43.10
C PHE D 211 -40.66 12.41 -44.35
N GLU D 212 -41.05 11.60 -45.34
CA GLU D 212 -41.79 12.15 -46.46
C GLU D 212 -43.17 12.64 -46.03
N PHE D 213 -43.76 12.01 -45.02
CA PHE D 213 -45.01 12.52 -44.48
C PHE D 213 -44.82 13.87 -43.79
N TYR D 214 -43.73 14.01 -43.02
CA TYR D 214 -43.41 15.30 -42.41
C TYR D 214 -43.13 16.37 -43.45
N GLU D 215 -42.42 16.02 -44.51
CA GLU D 215 -42.11 16.99 -45.54
C GLU D 215 -43.36 17.39 -46.32
N ARG D 216 -44.27 16.46 -46.56
CA ARG D 216 -45.50 16.80 -47.25
C ARG D 216 -46.45 17.60 -46.39
N VAL D 217 -46.36 17.49 -45.06
CA VAL D 217 -47.25 18.28 -44.24
C VAL D 217 -46.64 19.63 -43.85
N SER D 218 -45.31 19.77 -43.90
CA SER D 218 -44.69 21.00 -43.40
C SER D 218 -43.58 21.56 -44.28
N GLY D 219 -42.95 20.77 -45.14
CA GLY D 219 -41.83 21.25 -45.91
C GLY D 219 -40.48 20.81 -45.40
N ALA D 220 -40.41 20.32 -44.17
CA ALA D 220 -39.15 19.86 -43.61
C ALA D 220 -39.25 18.38 -43.30
N ARG D 221 -38.13 17.70 -43.50
CA ARG D 221 -38.09 16.28 -43.18
C ARG D 221 -38.06 16.03 -41.68
N MET D 222 -37.38 16.88 -40.91
CA MET D 222 -37.29 16.67 -39.47
C MET D 222 -37.97 17.76 -38.65
N HIS D 223 -37.49 18.99 -38.73
CA HIS D 223 -37.93 20.03 -37.79
C HIS D 223 -39.04 20.80 -38.49
N ALA D 224 -40.27 20.38 -38.23
CA ALA D 224 -41.41 20.85 -38.99
C ALA D 224 -41.84 22.25 -38.59
N ALA D 225 -41.76 22.57 -37.29
CA ALA D 225 -42.40 23.73 -36.67
C ALA D 225 -43.88 23.79 -37.02
N TYR D 226 -44.54 22.63 -36.96
CA TYR D 226 -45.88 22.44 -37.50
C TYR D 226 -46.95 22.52 -36.44
N VAL D 227 -46.69 21.97 -35.26
CA VAL D 227 -47.64 22.00 -34.15
C VAL D 227 -47.40 23.31 -33.40
N ARG D 228 -48.25 24.29 -33.65
CA ARG D 228 -48.09 25.59 -33.05
C ARG D 228 -49.17 25.78 -32.00
N PRO D 229 -48.93 26.65 -31.00
CA PRO D 229 -49.99 26.95 -30.02
C PRO D 229 -51.19 27.59 -30.69
N GLY D 230 -52.32 26.88 -30.64
CA GLY D 230 -53.52 27.26 -31.36
C GLY D 230 -53.99 26.21 -32.35
N GLY D 231 -53.23 25.16 -32.57
CA GLY D 231 -53.62 24.14 -33.52
C GLY D 231 -52.43 23.56 -34.25
N VAL D 232 -52.46 23.61 -35.58
CA VAL D 232 -51.30 23.33 -36.41
C VAL D 232 -51.17 24.47 -37.40
N HIS D 233 -50.06 24.48 -38.13
CA HIS D 233 -49.77 25.61 -39.00
C HIS D 233 -50.59 25.62 -40.28
N GLN D 234 -50.88 24.45 -40.83
CA GLN D 234 -51.41 24.40 -42.17
C GLN D 234 -52.16 23.10 -42.31
N ASP D 235 -53.14 23.06 -43.20
CA ASP D 235 -53.97 21.87 -43.26
C ASP D 235 -53.25 20.79 -44.06
N LEU D 236 -53.69 19.54 -43.84
CA LEU D 236 -53.16 18.38 -44.54
C LEU D 236 -53.38 18.52 -46.04
N PRO D 237 -52.37 18.29 -46.86
CA PRO D 237 -52.58 18.34 -48.31
C PRO D 237 -53.39 17.14 -48.76
N LEU D 238 -54.06 17.30 -49.90
CA LEU D 238 -54.95 16.27 -50.41
C LEU D 238 -54.16 15.06 -50.86
N GLY D 239 -54.63 13.88 -50.45
CA GLY D 239 -53.93 12.65 -50.74
C GLY D 239 -52.90 12.24 -49.71
N LEU D 240 -52.86 12.91 -48.56
CA LEU D 240 -51.88 12.56 -47.54
C LEU D 240 -52.37 11.41 -46.67
N MET D 241 -53.65 11.43 -46.29
CA MET D 241 -54.20 10.38 -45.44
C MET D 241 -54.26 9.04 -46.15
N ASP D 242 -54.41 9.05 -47.48
CA ASP D 242 -54.33 7.81 -48.25
C ASP D 242 -52.94 7.23 -48.22
N ASP D 243 -51.92 8.09 -48.25
CA ASP D 243 -50.54 7.60 -48.18
C ASP D 243 -50.18 7.14 -46.78
N ILE D 244 -50.74 7.78 -45.75
CA ILE D 244 -50.57 7.28 -44.39
C ILE D 244 -51.28 5.93 -44.23
N TYR D 245 -52.42 5.75 -44.89
CA TYR D 245 -53.08 4.44 -44.91
C TYR D 245 -52.21 3.38 -45.58
N GLU D 246 -51.62 3.71 -46.73
CA GLU D 246 -50.78 2.76 -47.43
C GLU D 246 -49.52 2.43 -46.64
N PHE D 247 -49.02 3.39 -45.85
CA PHE D 247 -47.90 3.12 -44.97
C PHE D 247 -48.29 2.18 -43.83
N SER D 248 -49.35 2.54 -43.09
CA SER D 248 -49.76 1.77 -41.92
C SER D 248 -50.34 0.41 -42.27
N LYS D 249 -50.78 0.22 -43.51
CA LYS D 249 -51.24 -1.09 -43.95
C LYS D 249 -50.10 -2.09 -44.01
N ASN D 250 -48.90 -1.63 -44.33
CA ASN D 250 -47.75 -2.51 -44.52
C ASN D 250 -46.76 -2.48 -43.36
N PHE D 251 -46.87 -1.51 -42.45
CA PHE D 251 -45.85 -1.35 -41.42
C PHE D 251 -45.87 -2.46 -40.36
N SER D 252 -47.00 -3.16 -40.22
CA SER D 252 -47.07 -4.28 -39.28
C SER D 252 -46.13 -5.41 -39.68
N LEU D 253 -45.99 -5.65 -40.99
CA LEU D 253 -45.04 -6.65 -41.48
C LEU D 253 -43.60 -6.24 -41.22
N ARG D 254 -43.32 -4.93 -41.22
CA ARG D 254 -41.98 -4.45 -40.94
C ARG D 254 -41.63 -4.65 -39.48
N ILE D 255 -42.59 -4.37 -38.58
CA ILE D 255 -42.41 -4.69 -37.17
C ILE D 255 -42.25 -6.20 -36.99
N ASP D 256 -42.97 -6.98 -37.79
CA ASP D 256 -42.89 -8.44 -37.70
C ASP D 256 -41.51 -8.97 -38.07
N GLU D 257 -40.87 -8.40 -39.08
CA GLU D 257 -39.56 -8.94 -39.45
C GLU D 257 -38.43 -8.37 -38.58
N LEU D 258 -38.59 -7.14 -38.05
CA LEU D 258 -37.75 -6.70 -36.94
C LEU D 258 -37.83 -7.66 -35.76
N GLU D 259 -39.04 -7.97 -35.33
CA GLU D 259 -39.28 -8.85 -34.20
C GLU D 259 -38.85 -10.28 -34.50
N GLU D 260 -38.85 -10.65 -35.79
CA GLU D 260 -38.33 -11.94 -36.21
C GLU D 260 -36.82 -12.01 -36.06
N MET D 261 -36.13 -10.92 -36.37
CA MET D 261 -34.68 -10.92 -36.23
C MET D 261 -34.24 -10.89 -34.78
N LEU D 262 -34.94 -10.16 -33.92
CA LEU D 262 -34.38 -9.90 -32.60
C LEU D 262 -35.03 -10.65 -31.44
N THR D 263 -36.36 -10.82 -31.42
CA THR D 263 -37.06 -11.13 -30.18
C THR D 263 -36.81 -12.56 -29.70
N ASN D 264 -36.91 -13.54 -30.58
CA ASN D 264 -36.63 -14.92 -30.20
C ASN D 264 -35.17 -15.30 -30.38
N ASN D 265 -34.35 -14.40 -30.90
CA ASN D 265 -32.93 -14.67 -31.11
C ASN D 265 -32.21 -14.80 -29.77
N ARG D 266 -31.43 -15.87 -29.63
CA ARG D 266 -30.80 -16.17 -28.35
C ARG D 266 -29.65 -15.22 -28.03
N ILE D 267 -29.03 -14.66 -29.05
CA ILE D 267 -27.93 -13.73 -28.81
C ILE D 267 -28.47 -12.40 -28.34
N TRP D 268 -29.58 -11.96 -28.93
CA TRP D 268 -30.25 -10.75 -28.47
C TRP D 268 -30.82 -10.90 -27.08
N ARG D 269 -31.28 -12.11 -26.72
CA ARG D 269 -31.72 -12.35 -25.36
C ARG D 269 -30.55 -12.41 -24.39
N ASN D 270 -29.39 -12.90 -24.83
CA ASN D 270 -28.24 -12.92 -23.94
C ASN D 270 -27.70 -11.52 -23.64
N ARG D 271 -28.02 -10.53 -24.45
CA ARG D 271 -27.56 -9.18 -24.20
C ARG D 271 -28.58 -8.33 -23.45
N THR D 272 -29.79 -8.84 -23.19
CA THR D 272 -30.89 -8.02 -22.71
C THR D 272 -31.68 -8.57 -21.52
N VAL D 273 -31.63 -9.87 -21.24
CA VAL D 273 -32.64 -10.47 -20.35
C VAL D 273 -32.32 -10.22 -18.87
N ASP D 274 -31.06 -10.20 -18.47
CA ASP D 274 -30.78 -9.92 -17.06
C ASP D 274 -30.05 -8.60 -16.86
N ILE D 275 -30.24 -7.67 -17.78
CA ILE D 275 -29.42 -6.46 -17.86
C ILE D 275 -30.31 -5.26 -17.55
N GLY D 276 -29.82 -4.38 -16.67
CA GLY D 276 -30.49 -3.13 -16.41
C GLY D 276 -31.74 -3.25 -15.57
N VAL D 277 -31.74 -4.17 -14.61
CA VAL D 277 -32.94 -4.43 -13.82
C VAL D 277 -33.20 -3.26 -12.89
N VAL D 278 -34.33 -2.60 -13.08
CA VAL D 278 -34.77 -1.50 -12.25
C VAL D 278 -36.00 -1.98 -11.49
N THR D 279 -35.95 -1.85 -10.17
CA THR D 279 -37.16 -2.10 -9.39
C THR D 279 -38.13 -0.95 -9.60
N ALA D 280 -39.40 -1.20 -9.25
CA ALA D 280 -40.43 -0.19 -9.46
C ALA D 280 -40.25 1.01 -8.53
N GLU D 281 -39.82 0.77 -7.30
CA GLU D 281 -39.68 1.85 -6.33
C GLU D 281 -38.48 2.73 -6.64
N ASP D 282 -37.40 2.15 -7.16
CA ASP D 282 -36.28 2.96 -7.60
C ASP D 282 -36.53 3.62 -8.94
N ALA D 283 -37.46 3.08 -9.74
CA ALA D 283 -37.84 3.76 -10.98
C ALA D 283 -38.69 4.98 -10.69
N LEU D 284 -39.62 4.87 -9.75
CA LEU D 284 -40.35 6.05 -9.28
C LEU D 284 -39.44 7.01 -8.52
N ASN D 285 -38.43 6.48 -7.83
CA ASN D 285 -37.62 7.35 -6.98
C ASN D 285 -36.56 8.09 -7.78
N TYR D 286 -36.12 7.55 -8.92
CA TYR D 286 -35.10 8.22 -9.68
C TYR D 286 -35.67 9.05 -10.82
N GLY D 287 -36.99 9.26 -10.83
CA GLY D 287 -37.58 10.13 -11.83
C GLY D 287 -37.70 9.52 -13.20
N PHE D 288 -37.85 8.21 -13.29
CA PHE D 288 -37.98 7.57 -14.58
C PHE D 288 -39.40 7.75 -15.08
N SER D 289 -39.58 7.62 -16.39
CA SER D 289 -40.91 7.77 -16.97
C SER D 289 -41.01 6.97 -18.25
N GLY D 290 -42.23 6.64 -18.61
CA GLY D 290 -42.47 5.98 -19.90
C GLY D 290 -42.12 4.52 -19.85
N VAL D 291 -41.31 4.10 -20.83
CA VAL D 291 -40.91 2.71 -20.96
C VAL D 291 -40.06 2.27 -19.77
N MET D 292 -39.32 3.21 -19.16
CA MET D 292 -38.53 2.90 -17.98
C MET D 292 -39.39 2.54 -16.78
N LEU D 293 -40.57 3.16 -16.63
CA LEU D 293 -41.47 2.73 -15.57
C LEU D 293 -42.25 1.49 -15.97
N ARG D 294 -42.72 1.44 -17.20
CA ARG D 294 -43.64 0.40 -17.62
C ARG D 294 -42.95 -0.94 -17.88
N GLY D 295 -41.63 -0.96 -18.05
CA GLY D 295 -40.92 -2.22 -18.09
C GLY D 295 -40.81 -2.89 -16.74
N SER D 296 -40.95 -2.12 -15.66
CA SER D 296 -40.91 -2.64 -14.31
C SER D 296 -42.27 -3.02 -13.77
N GLY D 297 -43.34 -2.79 -14.51
CA GLY D 297 -44.66 -3.15 -14.06
C GLY D 297 -45.51 -2.01 -13.55
N ILE D 298 -45.04 -0.77 -13.65
CA ILE D 298 -45.81 0.37 -13.17
C ILE D 298 -46.80 0.76 -14.24
N GLN D 299 -48.09 0.68 -13.92
CA GLN D 299 -49.16 0.93 -14.89
C GLN D 299 -49.41 2.43 -14.98
N TRP D 300 -48.49 3.12 -15.65
CA TRP D 300 -48.58 4.56 -15.81
C TRP D 300 -48.29 4.93 -17.26
N ASP D 301 -49.27 5.52 -17.91
CA ASP D 301 -49.11 6.11 -19.23
C ASP D 301 -49.88 7.41 -19.19
N LEU D 302 -49.22 8.51 -19.55
CA LEU D 302 -49.86 9.82 -19.43
C LEU D 302 -50.97 10.04 -20.45
N ARG D 303 -51.01 9.24 -21.52
CA ARG D 303 -52.12 9.36 -22.46
C ARG D 303 -53.40 8.76 -21.90
N LYS D 304 -53.28 7.81 -20.97
CA LYS D 304 -54.43 7.24 -20.30
C LYS D 304 -54.84 8.04 -19.08
N THR D 305 -53.88 8.30 -18.19
CA THR D 305 -54.16 8.80 -16.85
C THR D 305 -54.45 10.29 -16.86
N GLN D 306 -53.60 11.07 -17.51
CA GLN D 306 -53.75 12.52 -17.61
C GLN D 306 -53.87 12.90 -19.08
N PRO D 307 -55.01 12.59 -19.71
CA PRO D 307 -55.05 12.61 -21.17
C PRO D 307 -55.09 14.03 -21.75
N TYR D 308 -54.41 14.16 -22.88
CA TYR D 308 -54.38 15.36 -23.70
C TYR D 308 -54.98 14.96 -25.05
N ASP D 309 -54.81 15.81 -26.05
CA ASP D 309 -55.86 16.30 -26.93
C ASP D 309 -57.07 15.41 -27.20
N VAL D 310 -56.89 14.31 -27.94
CA VAL D 310 -58.00 13.40 -28.17
C VAL D 310 -57.57 11.97 -27.89
N TYR D 311 -56.61 11.79 -26.98
CA TYR D 311 -56.23 10.44 -26.60
C TYR D 311 -57.28 9.76 -25.71
N ASP D 312 -58.22 10.51 -25.16
CA ASP D 312 -59.34 9.89 -24.48
C ASP D 312 -60.43 9.40 -25.45
N GLN D 313 -60.25 9.62 -26.75
CA GLN D 313 -61.20 9.19 -27.76
C GLN D 313 -60.65 8.08 -28.65
N VAL D 314 -59.41 7.67 -28.45
CA VAL D 314 -58.84 6.54 -29.17
C VAL D 314 -58.71 5.38 -28.21
N GLU D 315 -58.70 4.17 -28.77
CA GLU D 315 -58.61 2.95 -28.00
C GLU D 315 -57.29 2.29 -28.29
N PHE D 316 -56.50 2.03 -27.25
CA PHE D 316 -55.21 1.38 -27.41
C PHE D 316 -54.84 0.71 -26.10
N ASP D 317 -53.81 -0.12 -26.17
CA ASP D 317 -53.31 -0.85 -25.02
C ASP D 317 -51.95 -0.31 -24.62
N VAL D 318 -51.57 -0.60 -23.39
CA VAL D 318 -50.34 -0.08 -22.81
C VAL D 318 -49.48 -1.27 -22.41
N PRO D 319 -48.35 -1.52 -23.09
CA PRO D 319 -47.53 -2.70 -22.78
C PRO D 319 -46.81 -2.55 -21.44
N ILE D 320 -46.88 -3.59 -20.64
CA ILE D 320 -46.37 -3.58 -19.27
C ILE D 320 -45.34 -4.70 -19.16
N GLY D 321 -44.09 -4.33 -18.90
CA GLY D 321 -43.05 -5.32 -18.68
C GLY D 321 -43.17 -5.97 -17.32
N SER D 322 -42.46 -7.09 -17.17
CA SER D 322 -42.57 -7.89 -15.96
C SER D 322 -41.28 -8.09 -15.19
N ARG D 323 -40.11 -7.90 -15.81
CA ARG D 323 -38.84 -8.14 -15.13
C ARG D 323 -37.95 -6.92 -15.05
N GLY D 324 -38.32 -5.80 -15.68
CA GLY D 324 -37.60 -4.56 -15.51
C GLY D 324 -36.25 -4.50 -16.19
N ASP D 325 -36.03 -5.33 -17.20
CA ASP D 325 -34.74 -5.50 -17.84
C ASP D 325 -34.67 -4.75 -19.16
N CYS D 326 -33.57 -4.93 -19.90
CA CYS D 326 -33.49 -4.39 -21.25
C CYS D 326 -34.47 -5.08 -22.19
N TYR D 327 -34.78 -6.35 -21.92
CA TYR D 327 -35.57 -7.15 -22.85
C TYR D 327 -37.06 -6.81 -22.77
N ASP D 328 -37.60 -6.61 -21.57
CA ASP D 328 -38.99 -6.18 -21.47
C ASP D 328 -39.17 -4.76 -21.97
N ARG D 329 -38.17 -3.91 -21.81
CA ARG D 329 -38.27 -2.55 -22.34
C ARG D 329 -38.20 -2.56 -23.87
N TYR D 330 -37.41 -3.47 -24.44
CA TYR D 330 -37.43 -3.71 -25.88
C TYR D 330 -38.82 -4.14 -26.35
N LEU D 331 -39.41 -5.12 -25.66
CA LEU D 331 -40.73 -5.61 -26.05
C LEU D 331 -41.81 -4.55 -25.84
N CYS D 332 -41.64 -3.69 -24.83
CA CYS D 332 -42.54 -2.58 -24.63
C CYS D 332 -42.44 -1.58 -25.78
N ARG D 333 -41.25 -1.34 -26.31
CA ARG D 333 -41.15 -0.42 -27.44
C ARG D 333 -41.71 -1.03 -28.73
N VAL D 334 -41.52 -2.33 -28.92
CA VAL D 334 -42.09 -2.98 -30.11
C VAL D 334 -43.61 -3.02 -30.04
N GLU D 335 -44.15 -3.28 -28.85
CA GLU D 335 -45.59 -3.27 -28.70
C GLU D 335 -46.17 -1.86 -28.72
N GLU D 336 -45.38 -0.84 -28.32
CA GLU D 336 -45.86 0.53 -28.50
C GLU D 336 -45.85 0.94 -29.96
N MET D 337 -44.98 0.34 -30.78
CA MET D 337 -45.12 0.52 -32.23
C MET D 337 -46.41 -0.11 -32.76
N ARG D 338 -46.75 -1.29 -32.24
CA ARG D 338 -48.02 -1.94 -32.61
C ARG D 338 -49.22 -1.06 -32.24
N GLN D 339 -49.22 -0.54 -31.01
CA GLN D 339 -50.35 0.25 -30.54
C GLN D 339 -50.39 1.62 -31.21
N SER D 340 -49.23 2.13 -31.63
CA SER D 340 -49.22 3.38 -32.39
C SER D 340 -49.83 3.19 -33.77
N ILE D 341 -49.58 2.03 -34.40
CA ILE D 341 -50.28 1.70 -35.65
C ILE D 341 -51.78 1.62 -35.43
N ARG D 342 -52.20 1.02 -34.31
CA ARG D 342 -53.62 0.98 -33.95
C ARG D 342 -54.24 2.37 -33.83
N ILE D 343 -53.53 3.28 -33.15
CA ILE D 343 -54.01 4.66 -32.98
C ILE D 343 -54.05 5.39 -34.31
N ILE D 344 -53.06 5.16 -35.18
CA ILE D 344 -53.02 5.83 -36.48
C ILE D 344 -54.18 5.37 -37.36
N SER D 345 -54.54 4.08 -37.29
CA SER D 345 -55.72 3.60 -38.00
C SER D 345 -56.99 4.26 -37.48
N GLN D 346 -57.11 4.38 -36.16
CA GLN D 346 -58.30 5.01 -35.60
C GLN D 346 -58.36 6.51 -35.91
N CYS D 347 -57.21 7.19 -35.97
CA CYS D 347 -57.18 8.61 -36.30
C CYS D 347 -57.42 8.87 -37.77
N LEU D 348 -57.00 7.95 -38.65
CA LEU D 348 -57.38 8.08 -40.06
C LEU D 348 -58.85 7.84 -40.27
N ASN D 349 -59.46 6.96 -39.46
CA ASN D 349 -60.88 6.72 -39.63
C ASN D 349 -61.76 7.77 -38.97
N LYS D 350 -61.23 8.56 -38.04
CA LYS D 350 -62.05 9.49 -37.26
C LYS D 350 -61.60 10.94 -37.40
N MET D 351 -60.98 11.30 -38.52
CA MET D 351 -60.55 12.67 -38.75
C MET D 351 -61.76 13.54 -39.07
N PRO D 352 -62.04 14.59 -38.29
CA PRO D 352 -63.20 15.41 -38.53
C PRO D 352 -62.89 16.52 -39.52
N PRO D 353 -63.90 17.13 -40.12
CA PRO D 353 -63.67 18.34 -40.91
C PRO D 353 -63.46 19.54 -39.99
N GLY D 354 -63.07 20.65 -40.60
CA GLY D 354 -63.05 21.90 -39.89
C GLY D 354 -61.75 22.63 -40.07
N GLU D 355 -61.60 23.69 -39.29
CA GLU D 355 -60.41 24.52 -39.30
C GLU D 355 -59.28 23.84 -38.53
N ILE D 356 -58.07 24.33 -38.76
CA ILE D 356 -56.89 23.72 -38.16
C ILE D 356 -56.17 24.64 -37.18
N LYS D 357 -56.45 25.94 -37.19
CA LYS D 357 -55.98 26.86 -36.17
C LYS D 357 -57.15 27.21 -35.27
N VAL D 358 -56.84 27.68 -34.06
CA VAL D 358 -57.89 28.28 -33.25
C VAL D 358 -58.35 29.54 -33.97
N ASP D 359 -59.65 29.80 -33.94
CA ASP D 359 -60.21 30.92 -34.69
C ASP D 359 -60.19 32.21 -33.89
N ASP D 360 -59.30 32.30 -32.91
CA ASP D 360 -58.91 33.53 -32.26
C ASP D 360 -57.75 34.09 -33.07
N ALA D 361 -57.97 35.21 -33.76
CA ALA D 361 -56.91 35.81 -34.55
C ALA D 361 -55.96 36.67 -33.73
N LYS D 362 -56.16 36.75 -32.43
CA LYS D 362 -55.19 37.38 -31.54
C LYS D 362 -54.18 36.37 -31.02
N VAL D 363 -54.31 35.11 -31.40
CA VAL D 363 -53.38 34.05 -31.03
C VAL D 363 -52.83 33.42 -32.30
N SER D 364 -53.72 32.88 -33.13
CA SER D 364 -53.30 32.30 -34.40
C SER D 364 -53.42 33.33 -35.51
N PRO D 365 -52.45 33.39 -36.42
CA PRO D 365 -52.51 34.36 -37.50
C PRO D 365 -53.60 34.01 -38.49
N PRO D 366 -54.29 35.00 -39.05
CA PRO D 366 -55.35 34.73 -40.02
C PRO D 366 -54.80 34.20 -41.33
N LYS D 367 -55.72 33.76 -42.19
CA LYS D 367 -55.37 33.28 -43.52
C LYS D 367 -54.80 34.41 -44.36
N ARG D 368 -53.97 34.04 -45.34
CA ARG D 368 -53.34 35.05 -46.18
C ARG D 368 -54.30 35.68 -47.17
N ALA D 369 -55.44 35.04 -47.44
CA ALA D 369 -56.43 35.64 -48.32
C ALA D 369 -57.19 36.76 -47.62
N GLU D 370 -57.37 36.66 -46.31
CA GLU D 370 -58.06 37.68 -45.56
C GLU D 370 -57.12 38.68 -44.93
N MET D 371 -55.85 38.30 -44.73
CA MET D 371 -54.81 39.26 -44.40
C MET D 371 -54.65 40.30 -45.50
N LYS D 372 -54.83 39.90 -46.75
CA LYS D 372 -54.70 40.79 -47.88
C LYS D 372 -56.01 41.46 -48.27
N THR D 373 -57.06 41.27 -47.48
CA THR D 373 -58.37 41.87 -47.74
C THR D 373 -58.87 42.70 -46.58
N SER D 374 -58.72 42.23 -45.35
CA SER D 374 -59.31 42.86 -44.18
C SER D 374 -58.28 43.66 -43.41
N MET D 375 -58.78 44.65 -42.67
CA MET D 375 -57.91 45.54 -41.92
C MET D 375 -57.53 44.96 -40.56
N GLU D 376 -58.50 44.39 -39.86
CA GLU D 376 -58.22 43.68 -38.61
C GLU D 376 -57.29 42.51 -38.83
N SER D 377 -57.44 41.81 -39.95
CA SER D 377 -56.59 40.67 -40.25
C SER D 377 -55.16 41.10 -40.56
N LEU D 378 -54.98 42.25 -41.20
CA LEU D 378 -53.63 42.72 -41.48
C LEU D 378 -52.94 43.24 -40.22
N ILE D 379 -53.68 43.98 -39.38
CA ILE D 379 -53.17 44.39 -38.08
C ILE D 379 -52.77 43.17 -37.25
N HIS D 380 -53.61 42.14 -37.27
CA HIS D 380 -53.35 40.96 -36.45
C HIS D 380 -52.17 40.15 -36.97
N HIS D 381 -52.06 40.00 -38.29
CA HIS D 381 -50.88 39.38 -38.90
C HIS D 381 -49.60 40.11 -38.55
N PHE D 382 -49.63 41.45 -38.69
CA PHE D 382 -48.48 42.31 -38.35
C PHE D 382 -48.06 42.09 -36.90
N LYS D 383 -49.01 42.22 -35.98
CA LYS D 383 -48.67 42.16 -34.57
C LYS D 383 -48.35 40.76 -34.08
N LEU D 384 -48.85 39.71 -34.75
CA LEU D 384 -48.46 38.38 -34.33
C LEU D 384 -47.12 37.95 -34.91
N TYR D 385 -46.70 38.51 -36.04
CA TYR D 385 -45.39 38.16 -36.56
C TYR D 385 -44.31 39.18 -36.24
N THR D 386 -44.63 40.24 -35.50
CA THR D 386 -43.57 41.10 -34.98
C THR D 386 -43.52 41.09 -33.46
N GLU D 387 -44.62 41.43 -32.80
CA GLU D 387 -44.64 41.37 -31.34
C GLU D 387 -44.86 39.95 -30.85
N GLY D 388 -45.82 39.25 -31.44
CA GLY D 388 -46.33 38.04 -30.85
C GLY D 388 -47.46 38.33 -29.88
N TYR D 389 -48.28 37.32 -29.65
CA TYR D 389 -49.36 37.44 -28.68
C TYR D 389 -48.81 37.53 -27.27
N GLN D 390 -49.47 38.33 -26.45
CA GLN D 390 -49.15 38.36 -25.03
C GLN D 390 -49.79 37.16 -24.36
N VAL D 391 -49.10 36.61 -23.38
CA VAL D 391 -49.63 35.49 -22.62
C VAL D 391 -49.91 36.01 -21.22
N PRO D 392 -51.01 35.63 -20.58
CA PRO D 392 -51.26 36.11 -19.23
C PRO D 392 -50.22 35.58 -18.25
N PRO D 393 -49.94 36.33 -17.18
CA PRO D 393 -48.96 35.89 -16.19
C PRO D 393 -49.41 34.62 -15.47
N GLY D 394 -48.44 33.84 -15.07
CA GLY D 394 -48.69 32.55 -14.47
C GLY D 394 -47.71 31.54 -15.03
N ALA D 395 -47.55 30.43 -14.32
CA ALA D 395 -46.60 29.41 -14.70
C ALA D 395 -47.30 28.07 -14.69
N THR D 396 -47.12 27.30 -15.76
CA THR D 396 -47.64 25.96 -15.85
C THR D 396 -46.51 24.96 -15.91
N TYR D 397 -46.82 23.72 -15.55
CA TYR D 397 -46.00 22.57 -15.88
C TYR D 397 -46.86 21.63 -16.69
N THR D 398 -46.60 21.55 -17.99
CA THR D 398 -47.37 20.71 -18.90
C THR D 398 -46.49 19.57 -19.35
N ALA D 399 -46.93 18.36 -19.07
CA ALA D 399 -46.21 17.15 -19.45
C ALA D 399 -47.07 16.34 -20.41
N ILE D 400 -46.39 15.57 -21.26
CA ILE D 400 -47.05 14.65 -22.17
C ILE D 400 -46.36 13.30 -22.04
N GLU D 401 -46.95 12.31 -22.69
CA GLU D 401 -46.29 11.01 -22.85
C GLU D 401 -45.50 11.08 -24.14
N ALA D 402 -44.26 11.55 -24.02
CA ALA D 402 -43.31 11.51 -25.11
C ALA D 402 -42.93 10.07 -25.40
N PRO D 403 -42.41 9.76 -26.59
CA PRO D 403 -41.98 8.38 -26.86
C PRO D 403 -40.74 7.96 -26.09
N LYS D 404 -40.08 8.87 -25.36
CA LYS D 404 -39.06 8.50 -24.41
C LYS D 404 -39.52 8.54 -22.97
N GLY D 405 -40.67 9.10 -22.70
CA GLY D 405 -41.16 9.18 -21.35
C GLY D 405 -42.00 10.42 -21.15
N GLU D 406 -41.71 11.15 -20.10
CA GLU D 406 -42.45 12.36 -19.75
C GLU D 406 -41.66 13.58 -20.19
N PHE D 407 -42.09 14.23 -21.26
CA PHE D 407 -41.49 15.48 -21.70
C PHE D 407 -42.32 16.61 -21.13
N GLY D 408 -41.78 17.29 -20.12
CA GLY D 408 -42.47 18.37 -19.46
C GLY D 408 -41.87 19.71 -19.80
N VAL D 409 -42.70 20.75 -19.73
CA VAL D 409 -42.27 22.13 -19.91
C VAL D 409 -42.77 22.93 -18.72
N TYR D 410 -41.85 23.49 -17.95
CA TYR D 410 -42.23 24.46 -16.93
C TYR D 410 -42.02 25.84 -17.53
N LEU D 411 -43.12 26.49 -17.87
CA LEU D 411 -43.11 27.70 -18.69
C LEU D 411 -43.69 28.86 -17.90
N VAL D 412 -42.91 29.92 -17.74
CA VAL D 412 -43.29 31.07 -16.94
C VAL D 412 -43.52 32.25 -17.87
N SER D 413 -44.69 32.86 -17.78
CA SER D 413 -44.99 34.10 -18.48
C SER D 413 -45.05 35.23 -17.48
N ASP D 414 -44.38 36.35 -17.81
CA ASP D 414 -44.49 37.55 -17.00
C ASP D 414 -45.51 38.53 -17.53
N GLY D 415 -46.34 38.11 -18.48
CA GLY D 415 -47.37 38.95 -19.03
C GLY D 415 -47.05 39.52 -20.38
N SER D 416 -45.85 39.28 -20.90
CA SER D 416 -45.43 39.83 -22.17
C SER D 416 -45.46 38.77 -23.26
N SER D 417 -44.95 39.13 -24.42
CA SER D 417 -44.91 38.28 -25.59
C SER D 417 -43.70 37.36 -25.64
N ARG D 418 -42.81 37.45 -24.67
CA ARG D 418 -41.69 36.54 -24.57
C ARG D 418 -41.77 35.77 -23.26
N PRO D 419 -41.34 34.50 -23.23
CA PRO D 419 -41.32 33.76 -21.97
C PRO D 419 -40.36 34.36 -20.97
N TYR D 420 -40.77 34.36 -19.71
CA TYR D 420 -39.86 34.76 -18.66
C TYR D 420 -38.89 33.64 -18.33
N ARG D 421 -39.41 32.42 -18.22
CA ARG D 421 -38.59 31.25 -17.93
C ARG D 421 -39.26 30.07 -18.62
N CYS D 422 -38.46 29.21 -19.24
CA CYS D 422 -38.98 27.99 -19.84
C CYS D 422 -38.05 26.86 -19.43
N LYS D 423 -38.40 26.15 -18.36
CA LYS D 423 -37.63 24.99 -17.95
C LYS D 423 -38.13 23.78 -18.72
N ILE D 424 -37.20 23.03 -19.30
CA ILE D 424 -37.51 21.88 -20.15
C ILE D 424 -37.18 20.63 -19.37
N LYS D 425 -38.20 19.91 -18.93
CA LYS D 425 -37.99 18.60 -18.33
C LYS D 425 -37.90 17.56 -19.43
N ALA D 426 -36.80 16.84 -19.47
CA ALA D 426 -36.66 15.78 -20.44
C ALA D 426 -36.47 14.44 -19.73
N PRO D 427 -36.97 13.36 -20.31
CA PRO D 427 -36.85 12.05 -19.62
C PRO D 427 -35.43 11.54 -19.55
N GLY D 428 -34.66 11.75 -20.62
CA GLY D 428 -33.32 11.21 -20.71
C GLY D 428 -32.35 11.76 -19.70
N PHE D 429 -32.64 12.94 -19.14
CA PHE D 429 -31.80 13.52 -18.10
C PHE D 429 -31.85 12.68 -16.83
N ALA D 430 -33.05 12.36 -16.34
CA ALA D 430 -33.19 11.48 -15.18
C ALA D 430 -32.80 10.05 -15.50
N HIS D 431 -33.01 9.61 -16.75
CA HIS D 431 -32.61 8.25 -17.13
C HIS D 431 -31.09 8.09 -17.12
N LEU D 432 -30.38 9.09 -17.63
CA LEU D 432 -28.92 9.07 -17.59
C LEU D 432 -28.40 9.34 -16.18
N ALA D 433 -29.19 9.99 -15.32
CA ALA D 433 -28.85 10.03 -13.91
C ALA D 433 -28.95 8.65 -13.27
N GLY D 434 -29.92 7.85 -13.69
CA GLY D 434 -30.04 6.49 -13.18
C GLY D 434 -29.12 5.46 -13.82
N LEU D 435 -28.41 5.87 -14.88
CA LEU D 435 -27.44 5.00 -15.56
C LEU D 435 -26.44 4.35 -14.61
N ASP D 436 -25.90 5.12 -13.65
CA ASP D 436 -24.91 4.57 -12.72
C ASP D 436 -25.49 3.49 -11.83
N LYS D 437 -26.74 3.64 -11.36
CA LYS D 437 -27.35 2.59 -10.57
C LYS D 437 -27.64 1.37 -11.41
N MET D 438 -28.13 1.57 -12.64
CA MET D 438 -28.50 0.43 -13.49
C MET D 438 -27.30 -0.37 -13.97
N SER D 439 -26.09 0.17 -13.89
CA SER D 439 -24.90 -0.52 -14.35
C SER D 439 -24.05 -1.09 -13.22
N LYS D 440 -24.55 -1.05 -11.98
CA LYS D 440 -23.82 -1.65 -10.88
C LYS D 440 -23.89 -3.16 -10.96
N GLY D 441 -22.73 -3.81 -10.93
CA GLY D 441 -22.67 -5.25 -11.00
C GLY D 441 -22.75 -5.83 -12.38
N HIS D 442 -22.78 -5.01 -13.42
CA HIS D 442 -22.76 -5.47 -14.79
C HIS D 442 -21.37 -5.27 -15.37
N MET D 443 -21.24 -5.61 -16.65
CA MET D 443 -19.98 -5.60 -17.35
C MET D 443 -19.87 -4.40 -18.28
N LEU D 444 -18.74 -4.29 -18.96
CA LEU D 444 -18.47 -3.10 -19.76
C LEU D 444 -19.29 -3.10 -21.04
N ALA D 445 -19.50 -4.27 -21.64
CA ALA D 445 -20.36 -4.37 -22.80
C ALA D 445 -21.84 -4.39 -22.44
N ASP D 446 -22.17 -4.53 -21.16
CA ASP D 446 -23.55 -4.36 -20.73
C ASP D 446 -23.95 -2.89 -20.63
N VAL D 447 -22.98 -2.00 -20.45
CA VAL D 447 -23.30 -0.59 -20.29
C VAL D 447 -23.77 0.02 -21.61
N VAL D 448 -23.25 -0.44 -22.75
CA VAL D 448 -23.74 0.08 -24.02
C VAL D 448 -25.17 -0.40 -24.28
N ALA D 449 -25.53 -1.57 -23.77
CA ALA D 449 -26.91 -2.03 -23.86
C ALA D 449 -27.82 -1.27 -22.90
N ILE D 450 -27.28 -0.82 -21.76
CA ILE D 450 -28.08 -0.01 -20.84
C ILE D 450 -28.27 1.40 -21.39
N ILE D 451 -27.24 1.95 -22.03
CA ILE D 451 -27.36 3.24 -22.71
C ILE D 451 -28.29 3.10 -23.92
N GLY D 452 -28.42 1.91 -24.48
CA GLY D 452 -29.45 1.71 -25.47
C GLY D 452 -30.86 1.54 -24.94
N THR D 453 -31.05 0.87 -23.80
CA THR D 453 -32.41 0.59 -23.33
C THR D 453 -33.07 1.82 -22.72
N GLN D 454 -32.29 2.77 -22.22
CA GLN D 454 -32.77 4.11 -21.92
C GLN D 454 -32.55 4.88 -23.20
N ASP D 455 -33.62 5.27 -23.87
CA ASP D 455 -33.40 5.88 -25.18
C ASP D 455 -32.91 7.31 -24.96
N ILE D 456 -31.60 7.49 -25.05
CA ILE D 456 -30.96 8.75 -24.70
C ILE D 456 -30.62 9.50 -25.97
N VAL D 457 -31.26 10.65 -26.14
CA VAL D 457 -30.82 11.69 -27.06
C VAL D 457 -30.18 12.79 -26.22
N PHE D 458 -28.95 13.15 -26.55
CA PHE D 458 -28.23 14.08 -25.71
C PHE D 458 -28.61 15.53 -25.95
N GLY D 459 -29.41 15.80 -26.99
CA GLY D 459 -30.01 17.11 -27.12
C GLY D 459 -30.98 17.39 -25.98
N GLU D 460 -31.84 16.43 -25.67
CA GLU D 460 -32.75 16.65 -24.55
C GLU D 460 -32.06 16.47 -23.21
N VAL D 461 -30.96 15.71 -23.14
CA VAL D 461 -30.23 15.60 -21.88
C VAL D 461 -29.50 16.89 -21.58
N ASP D 462 -28.98 17.53 -22.61
CA ASP D 462 -28.08 18.66 -22.44
C ASP D 462 -28.77 20.01 -22.54
N ARG D 463 -29.81 20.12 -23.39
CA ARG D 463 -30.47 21.39 -23.76
C ARG D 463 -29.46 22.40 -24.28
N THR E 45 -68.71 30.95 -24.94
CA THR E 45 -67.28 30.71 -24.86
C THR E 45 -66.95 29.27 -25.19
N ARG E 46 -67.78 28.65 -26.02
CA ARG E 46 -67.61 27.22 -26.24
C ARG E 46 -66.44 26.83 -27.14
N PRO E 47 -66.31 27.30 -28.40
CA PRO E 47 -65.36 26.62 -29.30
C PRO E 47 -63.90 26.94 -29.02
N THR E 48 -63.56 28.21 -28.79
CA THR E 48 -62.16 28.63 -28.79
C THR E 48 -61.57 28.79 -27.41
N VAL E 49 -62.37 28.81 -26.36
CA VAL E 49 -61.88 29.02 -25.00
C VAL E 49 -61.61 27.65 -24.37
N ARG E 50 -60.51 27.56 -23.63
CA ARG E 50 -60.19 26.33 -22.90
C ARG E 50 -61.25 26.09 -21.83
N PRO E 51 -61.87 24.91 -21.81
CA PRO E 51 -62.94 24.67 -20.83
C PRO E 51 -62.40 24.49 -19.43
N ARG E 52 -63.09 25.08 -18.47
CA ARG E 52 -62.63 25.10 -17.10
C ARG E 52 -63.01 23.81 -16.38
N ASN E 53 -62.08 23.28 -15.59
CA ASN E 53 -62.28 22.07 -14.79
C ASN E 53 -62.50 22.50 -13.35
N ASP E 54 -63.78 22.65 -12.98
CA ASP E 54 -64.12 23.12 -11.65
C ASP E 54 -63.87 22.05 -10.59
N VAL E 55 -64.00 20.78 -10.98
CA VAL E 55 -63.86 19.68 -10.03
C VAL E 55 -62.43 19.57 -9.53
N ALA E 56 -61.47 19.55 -10.45
CA ALA E 56 -60.06 19.48 -10.07
C ALA E 56 -59.63 20.75 -9.36
N HIS E 57 -60.21 21.90 -9.70
CA HIS E 57 -59.91 23.15 -9.01
C HIS E 57 -60.33 23.08 -7.54
N LYS E 58 -61.54 22.59 -7.29
CA LYS E 58 -62.05 22.45 -5.93
C LYS E 58 -61.26 21.41 -5.14
N GLN E 59 -60.92 20.29 -5.77
CA GLN E 59 -60.15 19.24 -5.09
C GLN E 59 -58.73 19.70 -4.76
N LEU E 60 -58.08 20.43 -5.68
CA LEU E 60 -56.75 20.93 -5.40
C LEU E 60 -56.77 22.04 -4.35
N SER E 61 -57.85 22.82 -4.29
CA SER E 61 -57.97 23.82 -3.24
C SER E 61 -58.15 23.16 -1.86
N ALA E 62 -58.95 22.09 -1.80
CA ALA E 62 -59.14 21.36 -0.54
C ALA E 62 -57.86 20.68 -0.10
N PHE E 63 -57.11 20.10 -1.04
CA PHE E 63 -55.85 19.47 -0.68
C PHE E 63 -54.78 20.49 -0.33
N GLY E 64 -54.86 21.70 -0.88
CA GLY E 64 -53.96 22.75 -0.47
C GLY E 64 -54.23 23.24 0.94
N GLU E 65 -55.52 23.37 1.30
CA GLU E 65 -55.89 23.60 2.70
C GLU E 65 -55.36 22.50 3.61
N TYR E 66 -55.49 21.25 3.16
CA TYR E 66 -55.02 20.08 3.90
C TYR E 66 -53.52 20.15 4.17
N VAL E 67 -52.73 20.43 3.14
CA VAL E 67 -51.28 20.51 3.28
C VAL E 67 -50.88 21.71 4.13
N ALA E 68 -51.58 22.84 3.96
CA ALA E 68 -51.26 24.05 4.72
C ALA E 68 -51.53 23.88 6.20
N GLU E 69 -52.57 23.14 6.57
CA GLU E 69 -52.84 22.97 8.00
C GLU E 69 -52.19 21.72 8.60
N ILE E 70 -51.63 20.83 7.78
CA ILE E 70 -50.77 19.80 8.37
C ILE E 70 -49.39 20.35 8.66
N LEU E 71 -48.86 21.21 7.78
CA LEU E 71 -47.51 21.73 7.92
C LEU E 71 -47.47 23.26 8.03
N PRO E 72 -48.06 23.87 9.06
CA PRO E 72 -48.02 25.33 9.14
C PRO E 72 -46.69 25.90 9.61
N LYS E 73 -45.74 25.04 9.99
CA LYS E 73 -44.42 25.52 10.35
C LYS E 73 -43.67 26.06 9.14
N TYR E 74 -44.01 25.60 7.94
CA TYR E 74 -43.23 26.00 6.77
C TYR E 74 -44.07 26.59 5.66
N VAL E 75 -45.35 26.23 5.59
CA VAL E 75 -46.20 26.64 4.46
C VAL E 75 -46.51 28.13 4.59
N GLN E 76 -46.13 28.89 3.56
CA GLN E 76 -46.31 30.34 3.54
C GLN E 76 -47.46 30.78 2.65
N GLN E 77 -47.57 30.22 1.45
CA GLN E 77 -48.74 30.45 0.61
C GLN E 77 -49.16 29.15 -0.04
N VAL E 78 -50.47 29.07 -0.33
CA VAL E 78 -51.05 28.01 -1.12
C VAL E 78 -51.97 28.66 -2.13
N GLN E 79 -51.79 28.34 -3.42
CA GLN E 79 -52.64 28.93 -4.43
C GLN E 79 -52.93 27.91 -5.52
N VAL E 80 -54.11 28.03 -6.12
CA VAL E 80 -54.54 27.19 -7.22
C VAL E 80 -54.86 28.09 -8.39
N SER E 81 -54.27 27.81 -9.55
CA SER E 81 -54.41 28.69 -10.69
C SER E 81 -55.76 28.45 -11.39
N CYS E 82 -56.03 29.30 -12.38
CA CYS E 82 -57.30 29.22 -13.11
C CYS E 82 -57.36 27.99 -13.99
N PHE E 83 -56.20 27.47 -14.43
CA PHE E 83 -56.13 26.21 -15.15
C PHE E 83 -55.79 25.04 -14.24
N SER E 84 -56.08 25.18 -12.94
CA SER E 84 -56.12 24.10 -11.95
C SER E 84 -54.77 23.41 -11.76
N GLU E 85 -53.81 24.18 -11.27
CA GLU E 85 -52.56 23.64 -10.76
C GLU E 85 -52.32 24.17 -9.36
N LEU E 86 -51.87 23.29 -8.46
CA LEU E 86 -51.66 23.61 -7.06
C LEU E 86 -50.21 23.97 -6.79
N GLU E 87 -49.99 25.15 -6.21
CA GLU E 87 -48.68 25.60 -5.78
C GLU E 87 -48.66 25.70 -4.27
N ILE E 88 -47.64 25.13 -3.66
CA ILE E 88 -47.36 25.31 -2.24
C ILE E 88 -46.11 26.17 -2.15
N CYS E 89 -46.20 27.26 -1.42
CA CYS E 89 -45.05 28.14 -1.18
C CYS E 89 -44.57 27.91 0.24
N ILE E 90 -43.34 27.44 0.39
CA ILE E 90 -42.82 27.05 1.70
C ILE E 90 -41.63 27.93 2.05
N HIS E 91 -41.27 27.89 3.31
CA HIS E 91 -40.05 28.45 3.82
C HIS E 91 -38.90 27.50 3.52
N PRO E 92 -37.71 28.00 3.19
CA PRO E 92 -36.61 27.08 2.78
C PRO E 92 -36.04 26.22 3.89
N ASP E 93 -36.38 26.45 5.15
CA ASP E 93 -35.98 25.50 6.19
C ASP E 93 -36.81 24.22 6.15
N GLY E 94 -37.92 24.22 5.43
CA GLY E 94 -38.76 23.05 5.36
C GLY E 94 -38.82 22.39 4.01
N VAL E 95 -37.69 22.33 3.32
CA VAL E 95 -37.64 21.59 2.07
C VAL E 95 -37.76 20.09 2.34
N ILE E 96 -36.97 19.58 3.28
CA ILE E 96 -37.01 18.16 3.63
C ILE E 96 -38.31 17.74 4.34
N PRO E 97 -38.86 18.48 5.35
CA PRO E 97 -40.15 18.04 5.91
C PRO E 97 -41.33 18.05 4.94
N VAL E 98 -41.46 19.08 4.09
CA VAL E 98 -42.60 19.15 3.18
C VAL E 98 -42.49 18.10 2.07
N LEU E 99 -41.29 17.90 1.53
CA LEU E 99 -41.12 16.90 0.48
C LEU E 99 -41.22 15.48 1.04
N THR E 100 -40.71 15.24 2.25
CA THR E 100 -40.84 13.91 2.84
C THR E 100 -42.29 13.64 3.22
N PHE E 101 -43.03 14.67 3.63
CA PHE E 101 -44.46 14.53 3.85
C PHE E 101 -45.19 14.15 2.57
N LEU E 102 -45.01 14.95 1.51
CA LEU E 102 -45.70 14.70 0.25
C LEU E 102 -45.27 13.41 -0.41
N ARG E 103 -44.06 12.93 -0.12
CA ARG E 103 -43.61 11.63 -0.61
C ARG E 103 -44.28 10.50 0.17
N ASP E 104 -44.35 10.62 1.51
CA ASP E 104 -44.69 9.49 2.36
C ASP E 104 -46.10 9.49 2.93
N HIS E 105 -46.87 10.56 2.77
CA HIS E 105 -48.20 10.58 3.35
C HIS E 105 -49.16 9.77 2.50
N SER E 106 -50.14 9.16 3.15
CA SER E 106 -51.04 8.25 2.46
C SER E 106 -52.07 8.99 1.62
N ASN E 107 -52.38 10.23 1.97
CA ASN E 107 -53.24 11.04 1.12
C ASN E 107 -52.47 11.87 0.11
N ALA E 108 -51.15 11.73 0.03
CA ALA E 108 -50.38 12.47 -0.96
C ALA E 108 -49.70 11.55 -1.98
N GLN E 109 -48.77 10.70 -1.52
CA GLN E 109 -48.01 9.72 -2.31
C GLN E 109 -47.42 10.33 -3.59
N PHE E 110 -46.75 11.47 -3.46
CA PHE E 110 -46.05 12.06 -4.59
C PHE E 110 -44.71 11.36 -4.72
N LYS E 111 -44.76 10.17 -5.32
CA LYS E 111 -43.60 9.29 -5.39
C LYS E 111 -42.57 9.76 -6.39
N SER E 112 -42.95 10.58 -7.35
CA SER E 112 -42.09 10.95 -8.46
C SER E 112 -41.81 12.44 -8.44
N LEU E 113 -40.55 12.80 -8.27
CA LEU E 113 -40.09 14.14 -8.58
C LEU E 113 -40.01 14.27 -10.09
N ALA E 114 -40.95 15.00 -10.68
CA ALA E 114 -40.94 15.19 -12.12
C ALA E 114 -39.79 16.12 -12.52
N ASP E 115 -39.80 17.34 -12.02
CA ASP E 115 -38.82 18.32 -12.44
C ASP E 115 -38.42 19.17 -11.24
N LEU E 116 -37.17 19.63 -11.25
CA LEU E 116 -36.69 20.61 -10.28
C LEU E 116 -36.05 21.77 -11.03
N THR E 117 -36.38 22.98 -10.60
CA THR E 117 -36.24 24.20 -11.38
C THR E 117 -35.85 25.32 -10.44
N ALA E 118 -35.03 26.25 -10.92
CA ALA E 118 -34.89 27.55 -10.29
C ALA E 118 -35.29 28.64 -11.27
N VAL E 119 -35.88 29.71 -10.75
CA VAL E 119 -36.25 30.88 -11.53
C VAL E 119 -35.55 32.09 -10.93
N ASP E 120 -34.79 32.81 -11.74
CA ASP E 120 -34.11 34.02 -11.29
C ASP E 120 -35.04 35.22 -11.43
N ILE E 121 -35.33 35.89 -10.32
CA ILE E 121 -36.11 37.12 -10.34
C ILE E 121 -35.31 38.19 -9.61
N PRO E 122 -34.61 39.07 -10.33
CA PRO E 122 -33.65 39.97 -9.67
C PRO E 122 -34.27 41.05 -8.80
N THR E 123 -35.54 41.39 -8.98
CA THR E 123 -36.15 42.42 -8.15
C THR E 123 -36.47 41.94 -6.73
N ARG E 124 -36.31 40.66 -6.45
CA ARG E 124 -36.49 40.12 -5.11
C ARG E 124 -35.15 40.06 -4.39
N GLN E 125 -35.17 40.28 -3.08
CA GLN E 125 -33.92 40.17 -2.32
C GLN E 125 -33.51 38.72 -2.13
N ASN E 126 -34.43 37.77 -2.30
CA ASN E 126 -34.11 36.36 -2.44
C ASN E 126 -34.44 36.03 -3.90
N ARG E 127 -33.46 36.23 -4.77
CA ARG E 127 -33.71 36.33 -6.21
C ARG E 127 -34.02 35.00 -6.87
N PHE E 128 -33.69 33.88 -6.24
CA PHE E 128 -33.91 32.58 -6.86
C PHE E 128 -35.16 31.94 -6.28
N GLU E 129 -35.93 31.31 -7.14
CA GLU E 129 -37.20 30.69 -6.76
C GLU E 129 -37.09 29.22 -7.17
N ILE E 130 -36.91 28.34 -6.21
CA ILE E 130 -36.69 26.93 -6.49
C ILE E 130 -38.03 26.22 -6.57
N VAL E 131 -38.26 25.52 -7.68
CA VAL E 131 -39.57 24.97 -8.02
C VAL E 131 -39.46 23.46 -8.10
N TYR E 132 -40.12 22.78 -7.17
CA TYR E 132 -40.25 21.33 -7.17
C TYR E 132 -41.56 20.96 -7.84
N ASN E 133 -41.47 20.19 -8.92
CA ASN E 133 -42.65 19.68 -9.61
C ASN E 133 -42.78 18.19 -9.32
N LEU E 134 -43.90 17.82 -8.72
CA LEU E 134 -44.10 16.48 -8.17
C LEU E 134 -45.32 15.83 -8.81
N LEU E 135 -45.42 14.53 -8.64
CA LEU E 135 -46.44 13.74 -9.31
C LEU E 135 -46.88 12.59 -8.41
N SER E 136 -48.18 12.47 -8.20
CA SER E 136 -48.76 11.37 -7.45
C SER E 136 -49.40 10.42 -8.44
N LEU E 137 -48.77 9.26 -8.66
CA LEU E 137 -49.38 8.26 -9.52
C LEU E 137 -50.57 7.59 -8.85
N ARG E 138 -50.61 7.59 -7.52
CA ARG E 138 -51.75 7.04 -6.78
C ARG E 138 -53.00 7.87 -7.02
N PHE E 139 -52.87 9.19 -6.93
CA PHE E 139 -54.03 10.06 -6.99
C PHE E 139 -54.07 10.84 -8.29
N ASN E 140 -53.25 10.46 -9.27
CA ASN E 140 -53.31 10.94 -10.65
C ASN E 140 -53.12 12.46 -10.73
N SER E 141 -52.30 13.01 -9.84
CA SER E 141 -52.29 14.44 -9.62
C SER E 141 -50.89 14.98 -9.45
N ARG E 142 -50.76 16.29 -9.63
CA ARG E 142 -49.51 17.00 -9.56
C ARG E 142 -49.59 18.09 -8.52
N ILE E 143 -48.45 18.40 -7.90
CA ILE E 143 -48.34 19.49 -6.95
C ILE E 143 -47.04 20.22 -7.29
N ARG E 144 -46.97 21.49 -6.88
CA ARG E 144 -45.78 22.31 -7.08
C ARG E 144 -45.37 22.92 -5.75
N VAL E 145 -44.11 22.71 -5.37
CA VAL E 145 -43.60 23.16 -4.08
C VAL E 145 -42.49 24.16 -4.36
N LYS E 146 -42.71 25.42 -4.01
CA LYS E 146 -41.83 26.51 -4.37
C LYS E 146 -41.16 27.07 -3.12
N THR E 147 -39.88 27.39 -3.23
CA THR E 147 -39.15 28.03 -2.14
C THR E 147 -38.20 29.06 -2.73
N TYR E 148 -37.33 29.62 -1.90
CA TYR E 148 -36.54 30.78 -2.31
C TYR E 148 -35.18 30.78 -1.62
N THR E 149 -34.23 31.46 -2.26
CA THR E 149 -32.91 31.71 -1.67
C THR E 149 -32.29 32.89 -2.41
N ASP E 150 -31.28 33.48 -1.79
CA ASP E 150 -30.39 34.41 -2.47
C ASP E 150 -29.10 33.68 -2.87
N GLU E 151 -28.09 34.44 -3.26
CA GLU E 151 -26.82 33.86 -3.73
C GLU E 151 -26.09 33.09 -2.65
N LEU E 152 -26.22 33.51 -1.38
CA LEU E 152 -25.32 33.02 -0.35
C LEU E 152 -25.96 32.06 0.64
N THR E 153 -27.26 31.81 0.56
CA THR E 153 -27.90 30.91 1.50
C THR E 153 -28.03 29.53 0.87
N PRO E 154 -27.47 28.50 1.49
CA PRO E 154 -27.61 27.15 0.92
C PRO E 154 -29.00 26.58 1.19
N VAL E 155 -29.54 25.91 0.18
CA VAL E 155 -30.79 25.18 0.30
C VAL E 155 -30.43 23.74 0.60
N GLU E 156 -31.19 23.10 1.49
CA GLU E 156 -30.87 21.73 1.88
C GLU E 156 -31.16 20.77 0.73
N SER E 157 -30.16 19.96 0.38
CA SER E 157 -30.28 19.03 -0.73
C SER E 157 -31.30 17.93 -0.43
N SER E 158 -32.16 17.66 -1.40
CA SER E 158 -33.29 16.77 -1.23
C SER E 158 -33.06 15.42 -1.92
N VAL E 159 -31.81 14.96 -1.97
CA VAL E 159 -31.54 13.61 -2.47
C VAL E 159 -31.92 12.55 -1.44
N SER E 160 -32.13 12.93 -0.19
CA SER E 160 -32.61 11.99 0.82
C SER E 160 -34.10 11.71 0.67
N VAL E 161 -34.82 12.47 -0.14
CA VAL E 161 -36.22 12.23 -0.41
C VAL E 161 -36.42 11.67 -1.80
N TYR E 162 -35.89 12.35 -2.82
CA TYR E 162 -35.94 11.90 -4.20
C TYR E 162 -34.52 11.82 -4.71
N LYS E 163 -34.09 10.63 -5.12
CA LYS E 163 -32.78 10.50 -5.75
C LYS E 163 -32.75 11.01 -7.18
N ALA E 164 -33.91 11.41 -7.74
CA ALA E 164 -33.92 12.11 -9.01
C ALA E 164 -33.27 13.48 -8.89
N ALA E 165 -33.32 14.08 -7.70
CA ALA E 165 -32.87 15.44 -7.47
C ALA E 165 -31.37 15.63 -7.63
N ASN E 166 -30.60 14.53 -7.73
CA ASN E 166 -29.14 14.57 -7.70
C ASN E 166 -28.58 15.42 -8.83
N TRP E 167 -29.05 15.21 -10.06
CA TRP E 167 -28.57 16.02 -11.15
C TRP E 167 -29.35 17.31 -11.35
N TYR E 168 -30.60 17.37 -10.91
CA TYR E 168 -31.39 18.59 -11.04
C TYR E 168 -30.81 19.71 -10.18
N GLU E 169 -30.42 19.43 -8.96
CA GLU E 169 -29.92 20.51 -8.13
C GLU E 169 -28.45 20.79 -8.40
N ARG E 170 -27.75 19.83 -8.96
CA ARG E 170 -26.44 20.07 -9.54
C ARG E 170 -26.53 20.96 -10.78
N GLU E 171 -27.61 20.82 -11.55
CA GLU E 171 -27.88 21.73 -12.64
C GLU E 171 -28.24 23.12 -12.13
N ILE E 172 -28.96 23.20 -11.02
CA ILE E 172 -29.28 24.50 -10.44
C ILE E 172 -28.03 25.18 -9.92
N TRP E 173 -27.10 24.42 -9.35
CA TRP E 173 -25.80 24.97 -8.97
C TRP E 173 -25.02 25.47 -10.18
N ASP E 174 -25.00 24.67 -11.25
CA ASP E 174 -24.23 25.04 -12.44
C ASP E 174 -24.81 26.28 -13.11
N MET E 175 -26.12 26.39 -13.18
CA MET E 175 -26.77 27.44 -13.94
C MET E 175 -27.06 28.69 -13.15
N PHE E 176 -27.34 28.58 -11.86
CA PHE E 176 -27.74 29.71 -11.04
C PHE E 176 -26.80 30.01 -9.90
N GLY E 177 -25.91 29.10 -9.53
CA GLY E 177 -25.05 29.32 -8.40
C GLY E 177 -25.71 29.11 -7.05
N VAL E 178 -26.86 28.46 -7.02
CA VAL E 178 -27.49 28.11 -5.76
C VAL E 178 -26.78 26.90 -5.18
N PHE E 179 -26.14 27.08 -4.04
CA PHE E 179 -25.48 25.98 -3.38
C PHE E 179 -26.49 25.08 -2.69
N PHE E 180 -26.24 23.77 -2.72
CA PHE E 180 -27.10 22.78 -2.07
C PHE E 180 -26.30 22.06 -0.99
N ALA E 181 -26.70 22.29 0.26
CA ALA E 181 -26.00 21.74 1.41
C ALA E 181 -26.33 20.27 1.58
N ASN E 182 -25.32 19.49 1.97
CA ASN E 182 -25.39 18.03 2.15
C ASN E 182 -25.83 17.33 0.87
N HIS E 183 -25.03 17.51 -0.17
CA HIS E 183 -25.15 16.91 -1.50
C HIS E 183 -24.01 15.92 -1.72
N PRO E 184 -24.28 14.78 -2.37
CA PRO E 184 -23.24 13.76 -2.58
C PRO E 184 -22.07 14.21 -3.46
N ASP E 185 -22.34 14.66 -4.68
CA ASP E 185 -21.29 15.09 -5.60
C ASP E 185 -21.80 16.34 -6.30
N LEU E 186 -21.58 17.49 -5.68
CA LEU E 186 -22.04 18.76 -6.23
C LEU E 186 -20.89 19.38 -7.01
N ARG E 187 -21.11 19.61 -8.29
CA ARG E 187 -20.15 20.17 -9.23
C ARG E 187 -20.92 20.67 -10.43
N ARG E 188 -20.21 20.95 -11.52
CA ARG E 188 -20.91 21.41 -12.72
C ARG E 188 -21.37 20.21 -13.53
N ILE E 189 -22.42 20.41 -14.32
CA ILE E 189 -22.94 19.31 -15.11
C ILE E 189 -23.13 19.71 -16.57
N LEU E 190 -23.32 21.00 -16.84
CA LEU E 190 -23.67 21.42 -18.19
C LEU E 190 -22.68 22.40 -18.80
N THR E 191 -22.10 23.31 -18.03
CA THR E 191 -21.14 24.23 -18.59
C THR E 191 -19.79 23.55 -18.83
N ASP E 192 -18.92 24.27 -19.51
CA ASP E 192 -17.54 23.85 -19.74
C ASP E 192 -16.79 23.83 -18.42
N TYR E 193 -15.64 23.15 -18.41
CA TYR E 193 -14.95 22.89 -17.13
C TYR E 193 -14.34 24.15 -16.53
N GLY E 194 -13.73 24.99 -17.36
CA GLY E 194 -13.15 26.19 -16.80
C GLY E 194 -14.09 27.38 -16.77
N PHE E 195 -15.38 27.11 -16.96
CA PHE E 195 -16.37 28.17 -17.18
C PHE E 195 -16.62 28.94 -15.89
N GLU E 196 -16.40 30.25 -15.94
CA GLU E 196 -16.67 31.12 -14.80
C GLU E 196 -18.06 31.72 -14.93
N GLY E 197 -18.80 31.71 -13.84
CA GLY E 197 -20.12 32.32 -13.82
C GLY E 197 -21.22 31.30 -13.89
N HIS E 198 -22.44 31.80 -13.82
CA HIS E 198 -23.64 30.98 -13.80
C HIS E 198 -24.60 31.54 -14.83
N PRO E 199 -24.87 30.83 -15.92
CA PRO E 199 -25.43 31.47 -17.11
C PRO E 199 -26.90 31.79 -17.07
N PHE E 200 -27.71 30.99 -16.39
CA PHE E 200 -29.15 31.23 -16.44
C PHE E 200 -29.60 32.31 -15.48
N ARG E 201 -28.67 32.93 -14.75
CA ARG E 201 -28.95 34.20 -14.10
C ARG E 201 -29.24 35.27 -15.15
N LYS E 202 -30.08 36.22 -14.78
CA LYS E 202 -30.48 37.22 -15.75
C LYS E 202 -29.49 38.36 -15.88
N ASP E 203 -28.50 38.47 -15.01
CA ASP E 203 -27.41 39.40 -15.25
C ASP E 203 -26.29 38.80 -16.08
N PHE E 204 -26.39 37.55 -16.46
CA PHE E 204 -25.39 36.97 -17.35
C PHE E 204 -25.80 37.22 -18.78
N PRO E 205 -24.92 37.73 -19.63
CA PRO E 205 -25.31 38.05 -21.01
C PRO E 205 -25.53 36.80 -21.84
N LEU E 206 -26.14 36.99 -23.00
CA LEU E 206 -26.61 35.85 -23.81
C LEU E 206 -25.44 35.09 -24.41
N SER E 207 -24.67 35.75 -25.27
CA SER E 207 -23.29 35.33 -25.44
C SER E 207 -22.56 35.65 -24.15
N GLY E 208 -21.55 34.84 -23.81
CA GLY E 208 -20.99 34.98 -22.48
C GLY E 208 -19.99 36.09 -22.36
N TYR E 209 -18.83 35.80 -21.77
CA TYR E 209 -17.73 36.73 -21.80
C TYR E 209 -16.53 36.21 -22.57
N VAL E 210 -16.41 34.90 -22.70
CA VAL E 210 -15.32 34.30 -23.45
C VAL E 210 -15.90 33.55 -24.65
N GLU E 211 -15.06 33.37 -25.66
CA GLU E 211 -15.37 32.57 -26.83
C GLU E 211 -14.14 31.75 -27.17
N LEU E 212 -14.33 30.68 -27.93
CA LEU E 212 -13.23 29.79 -28.25
C LEU E 212 -12.87 29.85 -29.72
N ARG E 213 -11.62 29.51 -30.00
CA ARG E 213 -11.13 29.25 -31.35
C ARG E 213 -9.88 28.42 -31.20
N TYR E 214 -9.47 27.79 -32.29
CA TYR E 214 -8.21 27.07 -32.28
C TYR E 214 -7.10 28.00 -32.73
N ASP E 215 -6.05 28.08 -31.95
CA ASP E 215 -4.92 28.93 -32.25
C ASP E 215 -3.70 28.09 -32.55
N ASP E 216 -3.08 28.32 -33.70
CA ASP E 216 -2.03 27.46 -34.22
C ASP E 216 -0.66 27.79 -33.63
N GLU E 217 -0.52 28.93 -32.95
CA GLU E 217 0.72 29.25 -32.24
C GLU E 217 0.96 28.25 -31.11
N VAL E 218 0.03 28.19 -30.16
CA VAL E 218 0.17 27.33 -29.00
C VAL E 218 -0.38 25.94 -29.23
N LYS E 219 -0.92 25.66 -30.42
CA LYS E 219 -1.49 24.36 -30.82
C LYS E 219 -2.60 23.93 -29.86
N ARG E 220 -3.53 24.83 -29.61
CA ARG E 220 -4.47 24.66 -28.53
C ARG E 220 -5.71 25.49 -28.80
N VAL E 221 -6.88 24.93 -28.48
CA VAL E 221 -8.11 25.71 -28.40
C VAL E 221 -7.97 26.70 -27.26
N VAL E 222 -8.08 28.00 -27.57
CA VAL E 222 -7.86 29.04 -26.58
C VAL E 222 -9.16 29.80 -26.35
N ALA E 223 -9.18 30.56 -25.26
CA ALA E 223 -10.32 31.38 -24.87
C ALA E 223 -9.93 32.85 -24.93
N GLU E 224 -10.69 33.63 -25.65
CA GLU E 224 -10.50 35.06 -25.82
C GLU E 224 -11.80 35.75 -25.46
N PRO E 225 -11.76 37.05 -25.15
CA PRO E 225 -13.03 37.77 -24.90
C PRO E 225 -13.91 37.81 -26.13
N VAL E 226 -15.22 37.67 -25.89
CA VAL E 226 -16.17 37.44 -26.96
C VAL E 226 -16.35 38.70 -27.79
N GLU E 227 -16.30 38.55 -29.10
CA GLU E 227 -16.58 39.62 -30.05
C GLU E 227 -17.44 39.03 -31.15
N LEU E 228 -18.63 39.58 -31.33
CA LEU E 228 -19.55 39.09 -32.34
C LEU E 228 -19.33 39.87 -33.63
N ALA E 229 -19.32 39.15 -34.76
CA ALA E 229 -19.30 39.81 -36.07
C ALA E 229 -20.58 40.58 -36.31
N GLN E 230 -21.68 40.12 -35.75
CA GLN E 230 -22.92 40.86 -35.71
C GLN E 230 -23.47 40.79 -34.31
N GLU E 231 -23.72 41.93 -33.71
CA GLU E 231 -24.31 42.01 -32.38
C GLU E 231 -25.71 41.41 -32.40
N PHE E 232 -26.07 40.70 -31.32
CA PHE E 232 -27.44 40.31 -31.11
C PHE E 232 -28.32 41.55 -31.00
N ARG E 233 -29.35 41.60 -31.82
CA ARG E 233 -30.18 42.78 -31.95
C ARG E 233 -31.32 42.71 -30.94
N LYS E 234 -31.27 43.55 -29.93
CA LYS E 234 -32.29 43.59 -28.90
C LYS E 234 -33.55 44.23 -29.46
N PHE E 235 -34.64 43.48 -29.47
CA PHE E 235 -35.91 43.97 -29.95
C PHE E 235 -36.78 44.36 -28.77
N ASP E 236 -37.35 45.56 -28.85
CA ASP E 236 -38.27 46.07 -27.83
C ASP E 236 -39.68 45.82 -28.33
N LEU E 237 -40.29 44.76 -27.85
CA LEU E 237 -41.55 44.28 -28.40
C LEU E 237 -42.75 44.56 -27.51
N ASN E 238 -42.54 45.02 -26.28
CA ASN E 238 -43.64 45.20 -25.35
C ASN E 238 -44.56 46.32 -25.79
N SER E 239 -45.85 46.01 -25.89
CA SER E 239 -46.83 47.01 -26.23
C SER E 239 -47.07 47.93 -25.05
N PRO E 240 -47.25 49.24 -25.27
CA PRO E 240 -47.52 50.16 -24.18
C PRO E 240 -48.96 50.16 -23.69
N TRP E 241 -49.80 49.28 -24.22
CA TRP E 241 -51.17 49.16 -23.76
C TRP E 241 -51.30 47.89 -22.94
N GLU E 242 -52.07 47.98 -21.85
CA GLU E 242 -52.22 46.83 -20.96
C GLU E 242 -53.03 45.74 -21.63
N ALA E 243 -52.55 44.51 -21.54
CA ALA E 243 -53.22 43.43 -22.23
C ALA E 243 -54.25 42.73 -21.36
N PHE E 244 -53.99 42.60 -20.06
CA PHE E 244 -54.82 41.74 -19.21
C PHE E 244 -55.22 42.50 -17.96
N PRO E 245 -56.46 43.03 -17.90
CA PRO E 245 -56.89 43.83 -16.75
C PRO E 245 -57.02 43.05 -15.46
N ALA E 246 -57.17 41.72 -15.51
CA ALA E 246 -57.28 40.94 -14.30
C ALA E 246 -55.97 40.87 -13.52
N TYR E 247 -54.85 41.11 -14.20
CA TYR E 247 -53.53 41.07 -13.59
C TYR E 247 -52.99 42.47 -13.28
N ARG E 248 -53.88 43.45 -13.17
CA ARG E 248 -53.44 44.83 -12.98
C ARG E 248 -52.88 45.03 -11.58
N GLN E 249 -51.62 45.37 -11.50
CA GLN E 249 -51.05 45.71 -10.23
C GLN E 249 -51.48 47.12 -9.83
N PRO E 250 -51.85 47.33 -8.57
CA PRO E 250 -52.33 48.65 -8.16
C PRO E 250 -51.18 49.64 -8.10
N PRO E 251 -51.43 50.91 -8.43
CA PRO E 251 -50.37 51.91 -8.38
C PRO E 251 -50.00 52.28 -6.94
N GLU E 252 -48.91 53.03 -6.82
CA GLU E 252 -48.44 53.49 -5.52
C GLU E 252 -49.30 54.63 -5.01
N SER F 68 5.32 18.31 -72.54
CA SER F 68 6.46 17.41 -72.41
C SER F 68 6.01 15.98 -72.15
N ARG F 69 6.94 15.15 -71.68
CA ARG F 69 6.58 13.78 -71.29
C ARG F 69 6.30 13.70 -69.80
N GLY F 70 7.18 14.27 -68.98
CA GLY F 70 7.02 14.20 -67.53
C GLY F 70 5.79 14.94 -67.03
N GLU F 71 5.37 15.99 -67.74
CA GLU F 71 4.13 16.67 -67.41
C GLU F 71 2.92 15.75 -67.64
N TYR F 72 2.95 14.98 -68.72
CA TYR F 72 1.91 14.00 -68.98
C TYR F 72 1.94 12.89 -67.93
N VAL F 73 3.14 12.47 -67.51
CA VAL F 73 3.26 11.40 -66.51
C VAL F 73 2.69 11.84 -65.17
N VAL F 74 3.04 13.06 -64.72
CA VAL F 74 2.53 13.50 -63.44
C VAL F 74 1.05 13.87 -63.54
N ALA F 75 0.56 14.23 -64.73
CA ALA F 75 -0.87 14.46 -64.90
C ALA F 75 -1.67 13.16 -64.80
N LYS F 76 -1.18 12.10 -65.41
CA LYS F 76 -1.89 10.82 -65.31
C LYS F 76 -1.77 10.22 -63.92
N LEU F 77 -0.64 10.42 -63.23
CA LEU F 77 -0.52 9.92 -61.87
C LEU F 77 -1.40 10.71 -60.90
N ASP F 78 -1.52 12.03 -61.11
CA ASP F 78 -2.47 12.85 -60.36
C ASP F 78 -3.90 12.38 -60.57
N ASP F 79 -4.28 12.12 -61.83
CA ASP F 79 -5.63 11.66 -62.11
C ASP F 79 -5.90 10.29 -61.49
N LEU F 80 -4.87 9.42 -61.46
CA LEU F 80 -5.01 8.11 -60.83
C LEU F 80 -5.21 8.19 -59.33
N ILE F 81 -4.34 8.95 -58.64
CA ILE F 81 -4.47 9.04 -57.18
C ILE F 81 -5.69 9.84 -56.78
N ASN F 82 -6.13 10.79 -57.61
CA ASN F 82 -7.37 11.52 -57.30
C ASN F 82 -8.59 10.64 -57.52
N TRP F 83 -8.55 9.76 -58.53
CA TRP F 83 -9.59 8.75 -58.71
C TRP F 83 -9.68 7.84 -57.49
N ALA F 84 -8.54 7.37 -57.02
CA ALA F 84 -8.52 6.44 -55.88
C ALA F 84 -8.95 7.12 -54.60
N ARG F 85 -8.61 8.40 -54.42
CA ARG F 85 -8.97 9.06 -53.18
C ARG F 85 -10.41 9.56 -53.16
N ARG F 86 -10.98 9.94 -54.32
CA ARG F 86 -12.38 10.36 -54.28
C ARG F 86 -13.33 9.20 -54.36
N SER F 87 -12.91 8.07 -54.96
CA SER F 87 -13.78 6.93 -55.09
C SER F 87 -13.66 5.97 -53.92
N SER F 88 -12.89 6.33 -52.90
CA SER F 88 -12.75 5.53 -51.69
C SER F 88 -12.72 6.44 -50.46
N LEU F 89 -13.63 7.40 -50.38
CA LEU F 89 -13.73 8.25 -49.20
C LEU F 89 -14.27 7.46 -48.02
N TRP F 90 -13.65 7.61 -46.86
CA TRP F 90 -14.11 6.91 -45.66
C TRP F 90 -14.44 7.92 -44.58
N PRO F 91 -15.70 8.11 -44.23
CA PRO F 91 -16.06 9.20 -43.32
C PRO F 91 -16.06 8.82 -41.84
N MET F 92 -15.59 9.75 -41.04
CA MET F 92 -15.78 9.74 -39.61
C MET F 92 -16.80 10.82 -39.31
N THR F 93 -18.02 10.41 -39.02
CA THR F 93 -19.07 11.35 -38.69
C THR F 93 -19.05 11.64 -37.21
N PHE F 94 -19.01 12.92 -36.86
CA PHE F 94 -19.33 13.36 -35.51
C PHE F 94 -20.83 13.45 -35.34
N GLY F 95 -21.38 12.47 -34.64
CA GLY F 95 -22.79 12.48 -34.34
C GLY F 95 -23.10 13.40 -33.18
N LEU F 96 -23.07 14.70 -33.42
CA LEU F 96 -23.22 15.66 -32.34
C LEU F 96 -24.69 15.85 -31.99
N ALA F 97 -25.51 16.14 -32.99
CA ALA F 97 -26.88 16.60 -32.82
C ALA F 97 -27.70 16.07 -33.97
N CYS F 98 -28.78 16.79 -34.33
CA CYS F 98 -29.82 16.29 -35.24
C CYS F 98 -29.29 15.92 -36.61
N CYS F 99 -28.20 16.55 -37.05
CA CYS F 99 -27.58 16.22 -38.33
C CYS F 99 -27.04 14.80 -38.40
N ALA F 100 -26.80 14.16 -37.25
CA ALA F 100 -26.42 12.76 -37.24
C ALA F 100 -27.54 11.89 -37.78
N VAL F 101 -28.80 12.23 -37.46
CA VAL F 101 -29.96 11.50 -37.96
C VAL F 101 -30.03 11.58 -39.47
N GLU F 102 -29.64 12.71 -40.03
CA GLU F 102 -29.71 12.86 -41.47
C GLU F 102 -28.52 12.21 -42.16
N MET F 103 -27.35 12.16 -41.50
CA MET F 103 -26.26 11.34 -41.99
C MET F 103 -26.65 9.86 -42.00
N MET F 104 -27.37 9.43 -40.97
CA MET F 104 -27.87 8.06 -40.91
C MET F 104 -28.91 7.77 -41.99
N HIS F 105 -29.68 8.79 -42.38
CA HIS F 105 -30.53 8.64 -43.57
C HIS F 105 -29.72 8.65 -44.86
N MET F 106 -28.58 9.33 -44.87
CA MET F 106 -27.75 9.29 -46.06
C MET F 106 -27.03 7.95 -46.19
N ALA F 107 -26.88 7.21 -45.10
CA ALA F 107 -26.40 5.84 -45.15
C ALA F 107 -27.53 4.82 -45.24
N ALA F 108 -28.78 5.23 -45.03
CA ALA F 108 -29.95 4.38 -45.11
C ALA F 108 -30.13 3.89 -46.56
N PRO F 109 -30.94 2.83 -46.77
CA PRO F 109 -31.00 2.24 -48.13
C PRO F 109 -31.48 3.13 -49.25
N ARG F 110 -32.18 4.25 -49.01
CA ARG F 110 -32.62 5.07 -50.13
C ARG F 110 -31.46 5.79 -50.79
N TYR F 111 -30.64 6.48 -50.01
CA TYR F 111 -29.56 7.25 -50.58
C TYR F 111 -28.24 6.50 -50.61
N ASP F 112 -27.94 5.76 -49.54
CA ASP F 112 -26.94 4.69 -49.55
C ASP F 112 -25.53 5.18 -49.91
N MET F 113 -24.85 5.85 -48.96
CA MET F 113 -23.48 6.33 -49.17
C MET F 113 -22.52 5.25 -49.64
N ASP F 114 -22.75 3.99 -49.26
CA ASP F 114 -21.78 2.92 -49.48
C ASP F 114 -21.59 2.61 -50.96
N ARG F 115 -22.59 2.86 -51.79
CA ARG F 115 -22.45 2.57 -53.21
C ARG F 115 -21.57 3.59 -53.93
N PHE F 116 -21.28 4.73 -53.31
CA PHE F 116 -20.29 5.66 -53.85
C PHE F 116 -18.89 5.36 -53.34
N GLY F 117 -18.69 4.25 -52.63
CA GLY F 117 -17.42 3.98 -52.00
C GLY F 117 -17.23 4.69 -50.68
N VAL F 118 -18.32 5.02 -49.99
CA VAL F 118 -18.29 5.84 -48.78
C VAL F 118 -18.81 4.97 -47.65
N VAL F 119 -17.90 4.42 -46.84
CA VAL F 119 -18.23 3.39 -45.86
C VAL F 119 -19.00 3.98 -44.69
N PHE F 120 -19.56 3.11 -43.85
CA PHE F 120 -20.43 3.52 -42.75
C PHE F 120 -19.64 3.37 -41.44
N ARG F 121 -19.35 4.52 -40.81
CA ARG F 121 -18.71 4.63 -39.49
C ARG F 121 -17.34 3.94 -39.47
N ALA F 122 -16.43 4.52 -40.25
CA ALA F 122 -15.03 4.13 -40.16
C ALA F 122 -14.40 4.71 -38.91
N SER F 123 -13.36 4.04 -38.41
CA SER F 123 -12.69 4.51 -37.21
C SER F 123 -11.86 5.76 -37.54
N PRO F 124 -11.71 6.69 -36.57
CA PRO F 124 -11.08 7.99 -36.89
C PRO F 124 -9.62 7.91 -37.27
N ARG F 125 -8.92 6.82 -36.96
CA ARG F 125 -7.51 6.72 -37.31
C ARG F 125 -7.30 6.10 -38.68
N GLN F 126 -8.38 5.81 -39.41
CA GLN F 126 -8.29 5.36 -40.79
C GLN F 126 -9.28 6.10 -41.69
N SER F 127 -9.97 7.11 -41.18
CA SER F 127 -10.95 7.83 -41.97
C SER F 127 -10.27 8.89 -42.82
N ASP F 128 -10.96 9.27 -43.90
CA ASP F 128 -10.43 10.22 -44.86
C ASP F 128 -11.09 11.59 -44.76
N VAL F 129 -12.33 11.64 -44.28
CA VAL F 129 -13.10 12.86 -44.27
C VAL F 129 -13.88 12.93 -42.95
N MET F 130 -13.79 14.06 -42.27
CA MET F 130 -14.48 14.28 -41.01
C MET F 130 -15.75 15.06 -41.30
N ILE F 131 -16.89 14.55 -40.83
CA ILE F 131 -18.16 15.23 -41.07
C ILE F 131 -18.67 15.75 -39.73
N VAL F 132 -18.57 17.06 -39.54
CA VAL F 132 -19.06 17.70 -38.32
C VAL F 132 -20.56 17.87 -38.49
N ALA F 133 -21.33 16.98 -37.88
CA ALA F 133 -22.76 16.90 -38.09
C ALA F 133 -23.45 17.20 -36.77
N GLY F 134 -23.65 18.47 -36.49
CA GLY F 134 -24.36 18.86 -35.31
C GLY F 134 -23.78 20.11 -34.71
N THR F 135 -24.25 20.45 -33.52
CA THR F 135 -23.84 21.67 -32.86
C THR F 135 -22.55 21.44 -32.11
N LEU F 136 -21.49 22.12 -32.51
CA LEU F 136 -20.23 22.08 -31.79
C LEU F 136 -20.28 23.09 -30.65
N THR F 137 -20.30 22.60 -29.43
CA THR F 137 -20.32 23.46 -28.27
C THR F 137 -18.89 23.78 -27.84
N ASN F 138 -18.77 24.71 -26.89
CA ASN F 138 -17.46 25.06 -26.36
C ASN F 138 -16.85 23.92 -25.56
N LYS F 139 -17.68 23.08 -24.95
CA LYS F 139 -17.16 22.03 -24.09
C LYS F 139 -16.51 20.90 -24.89
N MET F 140 -17.00 20.64 -26.10
CA MET F 140 -16.53 19.52 -26.89
C MET F 140 -15.51 19.93 -27.95
N ALA F 141 -15.33 21.22 -28.20
CA ALA F 141 -14.41 21.69 -29.25
C ALA F 141 -12.96 21.21 -29.16
N PRO F 142 -12.29 21.11 -28.00
CA PRO F 142 -10.95 20.49 -28.02
C PRO F 142 -10.97 19.00 -28.32
N ALA F 143 -12.06 18.29 -28.03
CA ALA F 143 -12.16 16.88 -28.43
C ALA F 143 -12.28 16.75 -29.95
N LEU F 144 -13.03 17.67 -30.58
CA LEU F 144 -13.10 17.76 -32.04
C LEU F 144 -11.72 18.00 -32.64
N ARG F 145 -10.99 18.98 -32.10
CA ARG F 145 -9.67 19.29 -32.64
C ARG F 145 -8.68 18.16 -32.39
N LYS F 146 -8.83 17.42 -31.29
CA LYS F 146 -7.96 16.27 -31.04
C LYS F 146 -8.21 15.15 -32.03
N VAL F 147 -9.48 14.86 -32.33
CA VAL F 147 -9.81 13.85 -33.33
C VAL F 147 -9.32 14.28 -34.72
N TYR F 148 -9.47 15.57 -35.04
CA TYR F 148 -8.96 16.08 -36.32
C TYR F 148 -7.45 15.96 -36.42
N ASP F 149 -6.74 16.22 -35.31
CA ASP F 149 -5.29 16.05 -35.29
C ASP F 149 -4.86 14.59 -35.39
N GLN F 150 -5.73 13.65 -35.00
CA GLN F 150 -5.40 12.24 -35.13
C GLN F 150 -5.74 11.66 -36.50
N MET F 151 -6.13 12.49 -37.46
CA MET F 151 -6.54 11.95 -38.77
C MET F 151 -5.40 12.03 -39.76
N PRO F 152 -5.14 10.96 -40.52
CA PRO F 152 -4.05 11.00 -41.49
C PRO F 152 -4.39 11.83 -42.70
N GLU F 153 -3.37 12.48 -43.25
CA GLU F 153 -3.59 13.24 -44.47
C GLU F 153 -3.72 12.30 -45.67
N PRO F 154 -4.49 12.70 -46.71
CA PRO F 154 -5.34 13.88 -46.85
C PRO F 154 -6.64 13.76 -46.06
N ARG F 155 -6.81 14.59 -45.05
CA ARG F 155 -8.04 14.65 -44.30
C ARG F 155 -8.86 15.84 -44.76
N TYR F 156 -10.18 15.69 -44.72
CA TYR F 156 -11.11 16.68 -45.22
C TYR F 156 -12.19 16.90 -44.18
N VAL F 157 -12.71 18.11 -44.11
CA VAL F 157 -13.78 18.42 -43.16
C VAL F 157 -14.98 18.92 -43.94
N VAL F 158 -16.09 18.21 -43.81
CA VAL F 158 -17.37 18.64 -44.33
C VAL F 158 -18.18 19.16 -43.15
N SER F 159 -18.50 20.45 -43.16
CA SER F 159 -19.39 21.02 -42.17
C SER F 159 -20.82 20.80 -42.61
N MET F 160 -21.59 20.11 -41.78
CA MET F 160 -22.96 19.74 -42.11
C MET F 160 -23.92 20.48 -41.20
N GLY F 161 -24.78 21.30 -41.79
CA GLY F 161 -25.81 21.95 -41.03
C GLY F 161 -25.39 23.31 -40.49
N SER F 162 -26.39 24.08 -40.04
CA SER F 162 -26.18 25.48 -39.74
C SER F 162 -25.38 25.69 -38.46
N CYS F 163 -25.49 24.80 -37.47
CA CYS F 163 -24.71 25.00 -36.26
C CYS F 163 -23.26 24.65 -36.46
N ALA F 164 -22.97 23.68 -37.32
CA ALA F 164 -21.58 23.42 -37.65
C ALA F 164 -21.04 24.48 -38.58
N ASN F 165 -21.89 25.10 -39.40
CA ASN F 165 -21.42 26.11 -40.33
C ASN F 165 -21.10 27.42 -39.60
N GLY F 166 -22.08 27.95 -38.86
CA GLY F 166 -21.89 29.25 -38.27
C GLY F 166 -22.54 29.44 -36.91
N GLY F 167 -22.93 28.33 -36.28
CA GLY F 167 -23.56 28.40 -34.99
C GLY F 167 -25.06 28.24 -35.08
N GLY F 168 -25.65 28.75 -36.16
CA GLY F 168 -27.03 28.53 -36.48
C GLY F 168 -28.03 29.12 -35.51
N TYR F 169 -28.82 28.23 -34.91
CA TYR F 169 -29.89 28.63 -34.01
C TYR F 169 -29.37 28.93 -32.63
N TYR F 170 -28.11 28.60 -32.38
CA TYR F 170 -27.44 28.80 -31.12
C TYR F 170 -26.20 29.67 -31.32
N HIS F 171 -26.28 30.57 -32.31
CA HIS F 171 -25.16 31.43 -32.67
C HIS F 171 -24.82 32.38 -31.53
N TYR F 172 -25.83 32.95 -30.89
CA TYR F 172 -25.61 33.92 -29.83
C TYR F 172 -25.54 33.29 -28.47
N SER F 173 -25.38 31.97 -28.39
CA SER F 173 -25.28 31.27 -27.13
C SER F 173 -23.92 31.49 -26.47
N TYR F 174 -23.92 31.40 -25.15
CA TYR F 174 -22.69 31.51 -24.37
C TYR F 174 -21.79 30.29 -24.53
N SER F 175 -22.34 29.14 -24.91
CA SER F 175 -21.60 27.88 -24.86
C SER F 175 -21.51 27.17 -26.20
N VAL F 176 -21.55 27.89 -27.33
CA VAL F 176 -21.53 27.29 -28.64
C VAL F 176 -20.39 27.89 -29.45
N VAL F 177 -19.56 27.03 -30.06
CA VAL F 177 -18.57 27.48 -31.02
C VAL F 177 -19.29 27.91 -32.30
N ARG F 178 -19.09 29.16 -32.69
CA ARG F 178 -19.86 29.76 -33.79
C ARG F 178 -19.26 29.30 -35.12
N GLY F 179 -19.61 28.09 -35.49
CA GLY F 179 -19.04 27.48 -36.67
C GLY F 179 -17.87 26.60 -36.34
N CYS F 180 -17.80 25.41 -36.92
CA CYS F 180 -16.68 24.51 -36.65
C CYS F 180 -15.41 24.96 -37.36
N ASP F 181 -15.47 25.95 -38.24
CA ASP F 181 -14.28 26.48 -38.87
C ASP F 181 -13.53 27.49 -38.02
N ARG F 182 -13.98 27.74 -36.80
CA ARG F 182 -13.13 28.35 -35.78
C ARG F 182 -12.16 27.34 -35.18
N ILE F 183 -12.39 26.06 -35.43
CA ILE F 183 -11.63 24.98 -34.81
C ILE F 183 -10.83 24.21 -35.85
N VAL F 184 -11.48 23.79 -36.94
CA VAL F 184 -10.84 22.96 -37.96
C VAL F 184 -10.95 23.62 -39.33
N PRO F 185 -10.04 23.33 -40.26
CA PRO F 185 -10.21 23.86 -41.62
C PRO F 185 -11.28 23.07 -42.36
N VAL F 186 -12.28 23.78 -42.88
CA VAL F 186 -13.46 23.17 -43.48
C VAL F 186 -13.40 23.29 -44.99
N ASP F 187 -13.63 22.18 -45.69
CA ASP F 187 -13.61 22.07 -47.14
C ASP F 187 -14.97 22.33 -47.79
N ILE F 188 -16.02 21.68 -47.30
CA ILE F 188 -17.36 21.77 -47.87
C ILE F 188 -18.32 22.19 -46.77
N TYR F 189 -19.07 23.24 -47.02
CA TYR F 189 -20.13 23.70 -46.11
C TYR F 189 -21.46 23.23 -46.67
N VAL F 190 -22.19 22.45 -45.89
CA VAL F 190 -23.48 21.91 -46.30
C VAL F 190 -24.56 22.67 -45.54
N PRO F 191 -25.40 23.47 -46.21
CA PRO F 191 -26.37 24.31 -45.51
C PRO F 191 -27.71 23.62 -45.26
N GLY F 192 -28.25 23.88 -44.08
CA GLY F 192 -29.56 23.37 -43.75
C GLY F 192 -29.70 23.21 -42.25
N CYS F 193 -30.94 23.07 -41.81
CA CYS F 193 -31.25 22.80 -40.41
C CYS F 193 -32.40 21.81 -40.30
N PRO F 194 -32.15 20.52 -40.58
CA PRO F 194 -30.93 19.92 -41.12
C PRO F 194 -30.98 20.03 -42.63
N PRO F 195 -29.84 19.93 -43.31
CA PRO F 195 -29.89 19.70 -44.75
C PRO F 195 -30.49 18.32 -44.96
N THR F 196 -31.17 18.14 -46.08
CA THR F 196 -31.70 16.82 -46.38
C THR F 196 -30.54 15.85 -46.61
N ALA F 197 -30.84 14.55 -46.47
CA ALA F 197 -29.81 13.53 -46.68
C ALA F 197 -29.30 13.54 -48.11
N GLU F 198 -30.17 13.90 -49.04
CA GLU F 198 -29.79 14.13 -50.42
C GLU F 198 -28.88 15.34 -50.56
N ALA F 199 -29.08 16.37 -49.73
CA ALA F 199 -28.21 17.54 -49.75
C ALA F 199 -26.83 17.21 -49.18
N LEU F 200 -26.77 16.37 -48.16
CA LEU F 200 -25.48 15.90 -47.66
C LEU F 200 -24.77 15.04 -48.69
N LEU F 201 -25.51 14.21 -49.42
CA LEU F 201 -24.90 13.42 -50.48
C LEU F 201 -24.41 14.30 -51.63
N TYR F 202 -25.13 15.39 -51.88
CA TYR F 202 -24.68 16.40 -52.83
C TYR F 202 -23.36 17.03 -52.38
N GLY F 203 -23.25 17.36 -51.10
CA GLY F 203 -22.00 17.88 -50.57
C GLY F 203 -20.84 16.90 -50.62
N ILE F 204 -21.11 15.61 -50.43
CA ILE F 204 -20.06 14.61 -50.53
C ILE F 204 -19.62 14.44 -51.98
N LEU F 205 -20.54 14.54 -52.93
CA LEU F 205 -20.16 14.49 -54.34
C LEU F 205 -19.40 15.74 -54.78
N GLN F 206 -19.74 16.89 -54.19
CA GLN F 206 -18.96 18.10 -54.45
C GLN F 206 -17.55 17.99 -53.86
N LEU F 207 -17.42 17.35 -52.71
CA LEU F 207 -16.11 17.06 -52.14
C LEU F 207 -15.30 16.13 -53.04
N GLN F 208 -15.98 15.15 -53.65
CA GLN F 208 -15.30 14.26 -54.61
C GLN F 208 -14.84 15.02 -55.84
N LYS F 209 -15.64 15.98 -56.31
CA LYS F 209 -15.21 16.82 -57.42
C LYS F 209 -14.04 17.72 -57.05
N LYS F 210 -13.99 18.17 -55.79
CA LYS F 210 -12.86 18.97 -55.34
C LYS F 210 -11.58 18.13 -55.22
N ILE F 211 -11.70 16.86 -54.83
CA ILE F 211 -10.56 15.96 -54.84
C ILE F 211 -10.15 15.63 -56.26
N LYS F 212 -11.11 15.61 -57.20
CA LYS F 212 -10.81 15.27 -58.59
C LYS F 212 -9.93 16.32 -59.26
N ARG F 213 -10.09 17.60 -58.93
CA ARG F 213 -9.29 18.64 -59.54
C ARG F 213 -8.11 19.07 -58.66
N GLU F 214 -7.59 18.17 -57.84
CA GLU F 214 -6.33 18.43 -57.15
C GLU F 214 -5.14 18.21 -58.08
N LYS F 215 -4.07 18.95 -57.82
CA LYS F 215 -2.90 18.99 -58.69
C LYS F 215 -1.62 18.77 -57.89
N ARG F 216 -1.59 17.71 -57.08
CA ARG F 216 -0.49 17.52 -56.14
C ARG F 216 0.83 17.23 -56.85
N LEU F 217 0.84 16.21 -57.72
CA LEU F 217 2.08 15.88 -58.41
C LEU F 217 2.42 16.88 -59.51
N ARG F 218 1.43 17.60 -60.04
CA ARG F 218 1.74 18.63 -61.03
C ARG F 218 2.44 19.83 -60.39
N ILE F 219 1.94 20.26 -59.23
CA ILE F 219 2.61 21.32 -58.48
C ILE F 219 3.96 20.86 -57.94
N TRP F 220 4.06 19.57 -57.57
CA TRP F 220 5.35 19.00 -57.20
C TRP F 220 6.34 19.02 -58.36
N TYR F 221 5.86 18.73 -59.56
CA TYR F 221 6.75 18.71 -60.73
C TYR F 221 7.13 20.13 -61.16
N ARG F 222 6.27 21.11 -60.88
CA ARG F 222 6.58 22.48 -61.22
C ARG F 222 7.32 23.22 -60.13
N ARG F 223 7.37 22.70 -58.90
CA ARG F 223 8.17 23.34 -57.86
C ARG F 223 9.59 22.81 -57.90
N THR G 42 -56.94 -2.56 -20.77
CA THR G 42 -56.42 -1.36 -21.40
C THR G 42 -54.89 -1.38 -21.29
N TYR G 43 -54.37 -2.38 -20.58
CA TYR G 43 -52.95 -2.67 -20.58
C TYR G 43 -52.76 -4.13 -20.97
N LYS G 44 -51.63 -4.45 -21.57
CA LYS G 44 -51.30 -5.83 -21.87
C LYS G 44 -49.92 -6.16 -21.33
N TYR G 45 -49.73 -7.42 -20.96
CA TYR G 45 -48.48 -7.90 -20.39
C TYR G 45 -47.59 -8.40 -21.50
N VAL G 46 -46.57 -7.62 -21.87
CA VAL G 46 -45.50 -8.21 -22.66
C VAL G 46 -44.64 -9.10 -21.77
N ASN G 47 -44.32 -10.29 -22.28
CA ASN G 47 -43.44 -11.28 -21.64
C ASN G 47 -43.97 -11.72 -20.28
N LEU G 48 -45.17 -12.29 -20.29
CA LEU G 48 -45.72 -13.00 -19.14
C LEU G 48 -46.29 -14.33 -19.61
N ARG G 49 -45.50 -15.04 -20.40
CA ARG G 49 -45.84 -16.38 -20.86
C ARG G 49 -45.18 -17.41 -19.96
N GLU G 50 -45.95 -18.40 -19.55
CA GLU G 50 -45.39 -19.53 -18.83
C GLU G 50 -45.07 -20.65 -19.82
N PRO G 51 -43.81 -21.01 -19.99
CA PRO G 51 -43.48 -22.10 -20.92
C PRO G 51 -43.93 -23.44 -20.37
N SER G 52 -44.41 -24.30 -21.27
CA SER G 52 -44.99 -25.57 -20.87
C SER G 52 -43.91 -26.56 -20.46
N MET G 53 -44.21 -27.37 -19.46
CA MET G 53 -43.26 -28.35 -18.93
C MET G 53 -43.64 -29.77 -19.29
N ASP G 54 -44.56 -29.96 -20.24
CA ASP G 54 -44.73 -31.27 -20.84
C ASP G 54 -43.54 -31.61 -21.72
N MET G 55 -43.39 -32.90 -22.02
CA MET G 55 -42.22 -33.38 -22.74
C MET G 55 -42.19 -32.89 -24.19
N LYS G 56 -43.36 -32.60 -24.74
CA LYS G 56 -43.47 -32.09 -26.11
C LYS G 56 -42.83 -30.71 -26.23
N SER G 57 -43.23 -29.76 -25.37
CA SER G 57 -42.70 -28.42 -25.45
C SER G 57 -41.27 -28.33 -24.96
N VAL G 58 -40.91 -29.15 -23.96
CA VAL G 58 -39.52 -29.21 -23.50
C VAL G 58 -38.61 -29.74 -24.61
N THR G 59 -39.08 -30.73 -25.37
CA THR G 59 -38.27 -31.23 -26.48
C THR G 59 -38.26 -30.23 -27.63
N ASP G 60 -39.34 -29.45 -27.80
CA ASP G 60 -39.34 -28.37 -28.79
C ASP G 60 -38.30 -27.31 -28.45
N ARG G 61 -38.21 -26.92 -27.18
CA ARG G 61 -37.22 -25.93 -26.76
C ARG G 61 -35.80 -26.48 -26.82
N ALA G 62 -35.62 -27.77 -26.50
CA ALA G 62 -34.28 -28.35 -26.58
C ALA G 62 -33.84 -28.56 -28.02
N ALA G 63 -34.79 -28.83 -28.93
CA ALA G 63 -34.45 -28.84 -30.35
C ALA G 63 -34.13 -27.45 -30.86
N GLN G 64 -34.82 -26.43 -30.34
CA GLN G 64 -34.49 -25.05 -30.68
C GLN G 64 -33.10 -24.67 -30.16
N THR G 65 -32.73 -25.18 -28.99
CA THR G 65 -31.41 -24.89 -28.44
C THR G 65 -30.30 -25.59 -29.23
N LEU G 66 -30.41 -26.91 -29.38
CA LEU G 66 -29.32 -27.68 -29.98
C LEU G 66 -29.28 -27.54 -31.50
N LEU G 67 -30.42 -27.34 -32.15
CA LEU G 67 -30.51 -27.36 -33.61
C LEU G 67 -30.65 -25.98 -34.21
N TRP G 68 -30.68 -24.93 -33.38
CA TRP G 68 -30.46 -23.54 -33.77
C TRP G 68 -31.57 -22.99 -34.65
N THR G 69 -32.83 -23.27 -34.27
CA THR G 69 -33.96 -23.07 -35.16
C THR G 69 -34.24 -21.58 -35.40
N GLU G 70 -34.23 -20.77 -34.33
CA GLU G 70 -34.48 -19.34 -34.49
C GLU G 70 -33.34 -18.64 -35.21
N LEU G 71 -32.13 -19.20 -35.15
CA LEU G 71 -31.02 -18.65 -35.90
C LEU G 71 -31.20 -18.90 -37.40
N ILE G 72 -31.76 -20.06 -37.76
CA ILE G 72 -32.09 -20.32 -39.15
C ILE G 72 -33.26 -19.46 -39.60
N ARG G 73 -34.17 -19.13 -38.67
CA ARG G 73 -35.24 -18.16 -38.97
C ARG G 73 -34.68 -16.78 -39.32
N GLY G 74 -33.70 -16.32 -38.53
CA GLY G 74 -33.08 -15.03 -38.83
C GLY G 74 -32.27 -15.03 -40.11
N LEU G 75 -31.53 -16.12 -40.36
CA LEU G 75 -30.88 -16.32 -41.65
C LEU G 75 -31.87 -16.31 -42.80
N GLY G 76 -33.05 -16.89 -42.59
CA GLY G 76 -34.05 -16.92 -43.64
C GLY G 76 -34.63 -15.56 -43.92
N MET G 77 -34.78 -14.72 -42.89
CA MET G 77 -35.30 -13.38 -43.13
C MET G 77 -34.28 -12.51 -43.86
N THR G 78 -32.99 -12.64 -43.50
CA THR G 78 -31.95 -11.92 -44.23
C THR G 78 -31.82 -12.44 -45.66
N LEU G 79 -32.02 -13.74 -45.86
CA LEU G 79 -32.03 -14.33 -47.19
C LEU G 79 -33.22 -13.86 -48.01
N SER G 80 -34.36 -13.62 -47.36
CA SER G 80 -35.50 -13.02 -48.04
C SER G 80 -35.17 -11.61 -48.52
N TYR G 81 -34.50 -10.82 -47.67
CA TYR G 81 -34.12 -9.49 -48.16
C TYR G 81 -33.02 -9.50 -49.20
N LEU G 82 -32.24 -10.59 -49.30
CA LEU G 82 -31.26 -10.68 -50.38
C LEU G 82 -31.92 -10.64 -51.74
N PHE G 83 -33.08 -11.26 -51.89
CA PHE G 83 -33.74 -11.40 -53.18
C PHE G 83 -34.86 -10.40 -53.38
N ARG G 84 -34.78 -9.24 -52.74
CA ARG G 84 -35.70 -8.15 -53.00
C ARG G 84 -35.01 -7.12 -53.89
N GLU G 85 -35.83 -6.28 -54.50
CA GLU G 85 -35.29 -5.10 -55.16
C GLU G 85 -35.00 -4.06 -54.11
N PRO G 86 -33.76 -3.57 -54.01
CA PRO G 86 -33.42 -2.60 -52.97
C PRO G 86 -34.05 -1.24 -53.24
N ALA G 87 -34.09 -0.44 -52.19
CA ALA G 87 -34.75 0.86 -52.24
C ALA G 87 -33.84 2.00 -52.69
N THR G 88 -32.67 1.68 -53.24
CA THR G 88 -31.71 2.72 -53.57
C THR G 88 -32.09 3.42 -54.86
N ILE G 89 -32.12 4.74 -54.82
CA ILE G 89 -32.32 5.53 -56.02
C ILE G 89 -30.95 5.94 -56.57
N ASN G 90 -30.92 6.27 -57.85
CA ASN G 90 -29.65 6.54 -58.53
C ASN G 90 -29.40 8.05 -58.51
N TYR G 91 -28.94 8.53 -57.39
CA TYR G 91 -28.54 9.92 -57.28
C TYR G 91 -27.16 10.10 -57.91
N PRO G 92 -26.89 11.21 -58.62
CA PRO G 92 -27.68 12.42 -58.92
C PRO G 92 -28.69 12.26 -60.04
N PHE G 93 -28.79 11.09 -60.64
CA PHE G 93 -29.64 10.99 -61.82
C PHE G 93 -31.09 10.81 -61.41
N GLU G 94 -31.33 10.27 -60.23
CA GLU G 94 -32.65 10.14 -59.65
C GLU G 94 -32.70 10.94 -58.36
N LYS G 95 -33.86 11.49 -58.07
CA LYS G 95 -33.99 12.45 -56.99
C LYS G 95 -35.03 11.98 -55.98
N GLY G 96 -34.83 12.35 -54.73
CA GLY G 96 -35.79 12.08 -53.68
C GLY G 96 -37.04 12.89 -53.87
N PRO G 97 -38.19 12.31 -53.52
CA PRO G 97 -39.47 12.98 -53.78
C PRO G 97 -39.70 14.12 -52.79
N LEU G 98 -40.09 15.27 -53.31
CA LEU G 98 -40.37 16.44 -52.49
C LEU G 98 -41.82 16.89 -52.71
N SER G 99 -42.20 17.91 -51.97
CA SER G 99 -43.53 18.49 -52.02
C SER G 99 -43.39 19.98 -52.36
N PRO G 100 -44.46 20.64 -52.82
CA PRO G 100 -44.37 22.10 -53.03
C PRO G 100 -44.28 22.91 -51.75
N ARG G 101 -44.42 22.31 -50.57
CA ARG G 101 -44.23 23.03 -49.33
C ARG G 101 -42.77 23.09 -48.91
N PHE G 102 -41.87 22.51 -49.70
CA PHE G 102 -40.49 22.27 -49.27
C PHE G 102 -39.73 23.56 -49.01
N ARG G 103 -38.93 23.53 -47.96
CA ARG G 103 -38.23 24.71 -47.46
C ARG G 103 -36.75 24.53 -47.77
N GLY G 104 -36.31 25.08 -48.89
CA GLY G 104 -34.93 24.95 -49.30
C GLY G 104 -34.16 26.25 -49.30
N GLU G 105 -33.77 26.74 -50.47
CA GLU G 105 -32.94 27.93 -50.56
C GLU G 105 -33.80 29.17 -50.71
N HIS G 106 -33.39 30.25 -50.06
CA HIS G 106 -34.14 31.49 -50.04
C HIS G 106 -33.98 32.25 -51.35
N ALA G 107 -35.02 33.00 -51.69
CA ALA G 107 -35.05 33.81 -52.90
C ALA G 107 -35.98 34.99 -52.68
N LEU G 108 -35.69 36.10 -53.35
CA LEU G 108 -36.59 37.25 -53.38
C LEU G 108 -37.34 37.29 -54.69
N ARG G 109 -38.66 37.41 -54.62
CA ARG G 109 -39.51 37.35 -55.80
C ARG G 109 -39.81 38.74 -56.32
N ARG G 110 -40.35 38.77 -57.54
CA ARG G 110 -40.79 39.99 -58.18
C ARG G 110 -42.28 39.89 -58.48
N TYR G 111 -42.82 40.96 -59.04
CA TYR G 111 -44.16 40.95 -59.58
C TYR G 111 -44.11 40.51 -61.04
N PRO G 112 -45.27 40.29 -61.69
CA PRO G 112 -45.25 40.17 -63.16
C PRO G 112 -45.10 41.47 -63.93
N SER G 113 -44.21 42.34 -63.47
CA SER G 113 -43.73 43.48 -64.20
C SER G 113 -42.23 43.66 -64.02
N GLY G 114 -41.59 42.83 -63.20
CA GLY G 114 -40.21 42.99 -62.85
C GLY G 114 -39.98 43.79 -61.59
N GLU G 115 -41.01 44.39 -61.02
CA GLU G 115 -40.88 45.14 -59.79
C GLU G 115 -40.79 44.19 -58.61
N GLU G 116 -39.84 44.44 -57.73
CA GLU G 116 -39.57 43.51 -56.65
C GLU G 116 -40.66 43.63 -55.60
N ARG G 117 -41.04 42.49 -55.04
CA ARG G 117 -42.19 42.46 -54.15
C ARG G 117 -41.88 43.05 -52.79
N CYS G 118 -40.62 43.02 -52.38
CA CYS G 118 -40.24 43.44 -51.04
C CYS G 118 -40.41 44.93 -50.86
N ILE G 119 -41.36 45.29 -50.00
CA ILE G 119 -41.64 46.67 -49.65
C ILE G 119 -41.06 47.02 -48.28
N ALA G 120 -40.09 46.24 -47.80
CA ALA G 120 -39.19 46.61 -46.70
C ALA G 120 -39.92 46.80 -45.37
N CYS G 121 -40.83 45.88 -45.06
CA CYS G 121 -41.67 46.03 -43.89
C CYS G 121 -41.05 45.44 -42.63
N LYS G 122 -40.02 44.62 -42.80
CA LYS G 122 -39.20 44.02 -41.74
C LYS G 122 -39.97 43.06 -40.84
N LEU G 123 -41.07 42.48 -41.32
CA LEU G 123 -41.72 41.41 -40.56
C LEU G 123 -40.88 40.15 -40.54
N CYS G 124 -40.18 39.88 -41.64
CA CYS G 124 -39.42 38.66 -41.75
C CYS G 124 -38.19 38.67 -40.86
N GLU G 125 -37.55 39.83 -40.67
CA GLU G 125 -36.45 39.83 -39.72
C GLU G 125 -36.94 39.94 -38.28
N ALA G 126 -38.16 40.43 -38.07
CA ALA G 126 -38.72 40.45 -36.73
C ALA G 126 -39.17 39.07 -36.28
N VAL G 127 -39.59 38.22 -37.21
CA VAL G 127 -40.06 36.90 -36.82
C VAL G 127 -38.97 35.86 -36.92
N CYS G 128 -37.82 36.18 -37.54
CA CYS G 128 -36.73 35.24 -37.79
C CYS G 128 -36.14 34.73 -36.49
N PRO G 129 -36.32 33.43 -36.19
CA PRO G 129 -35.99 32.94 -34.84
C PRO G 129 -34.51 32.86 -34.57
N ALA G 130 -33.67 32.99 -35.60
CA ALA G 130 -32.23 32.95 -35.44
C ALA G 130 -31.56 34.31 -35.62
N GLN G 131 -32.35 35.35 -35.87
CA GLN G 131 -31.88 36.68 -36.31
C GLN G 131 -30.89 36.55 -37.46
N ALA G 132 -31.28 35.77 -38.46
CA ALA G 132 -30.48 35.54 -39.64
C ALA G 132 -30.74 36.55 -40.73
N ILE G 133 -31.79 37.36 -40.63
CA ILE G 133 -32.13 38.36 -41.61
C ILE G 133 -31.71 39.73 -41.08
N THR G 134 -31.07 40.51 -41.93
CA THR G 134 -30.74 41.91 -41.66
C THR G 134 -31.26 42.75 -42.80
N ILE G 135 -32.02 43.80 -42.48
CA ILE G 135 -32.69 44.64 -43.48
C ILE G 135 -32.36 46.10 -43.19
N GLU G 136 -32.03 46.85 -44.23
CA GLU G 136 -32.03 48.30 -44.17
C GLU G 136 -32.77 48.83 -45.38
N ALA G 137 -33.49 49.92 -45.19
CA ALA G 137 -34.30 50.48 -46.25
C ALA G 137 -34.10 51.98 -46.33
N GLU G 138 -34.59 52.54 -47.44
CA GLU G 138 -34.69 53.97 -47.65
C GLU G 138 -35.66 54.21 -48.79
N PRO G 139 -36.22 55.41 -48.92
CA PRO G 139 -36.93 55.74 -50.16
C PRO G 139 -35.94 55.86 -51.31
N ARG G 140 -36.26 55.20 -52.42
CA ARG G 140 -35.38 55.27 -53.57
C ARG G 140 -35.81 56.43 -54.47
N ALA G 141 -35.28 56.46 -55.69
CA ALA G 141 -35.36 57.65 -56.53
C ALA G 141 -36.79 57.96 -56.98
N ASP G 142 -37.60 56.94 -57.24
CA ASP G 142 -39.00 57.18 -57.57
C ASP G 142 -39.90 57.16 -56.35
N GLY G 143 -39.34 57.19 -55.14
CA GLY G 143 -40.12 57.34 -53.95
C GLY G 143 -40.75 56.10 -53.39
N SER G 144 -40.25 54.92 -53.74
CA SER G 144 -40.84 53.68 -53.27
C SER G 144 -40.15 53.21 -51.99
N ARG G 145 -40.87 52.44 -51.19
CA ARG G 145 -40.33 51.88 -49.95
C ARG G 145 -39.63 50.58 -50.28
N ARG G 146 -38.31 50.62 -50.48
CA ARG G 146 -37.55 49.46 -50.92
C ARG G 146 -36.30 49.30 -50.07
N THR G 147 -35.79 48.08 -50.02
CA THR G 147 -34.61 47.78 -49.23
C THR G 147 -33.33 48.22 -49.95
N THR G 148 -32.32 48.56 -49.15
CA THR G 148 -30.96 48.69 -49.63
C THR G 148 -30.04 47.61 -49.10
N ARG G 149 -30.49 46.91 -48.06
CA ARG G 149 -29.83 45.73 -47.53
C ARG G 149 -30.90 44.69 -47.29
N TYR G 150 -30.68 43.47 -47.79
CA TYR G 150 -31.49 42.33 -47.38
C TYR G 150 -30.51 41.17 -47.29
N ASP G 151 -29.94 40.97 -46.11
CA ASP G 151 -28.99 39.90 -45.89
C ASP G 151 -29.67 38.74 -45.20
N ILE G 152 -29.40 37.52 -45.68
CA ILE G 152 -29.77 36.31 -44.95
C ILE G 152 -28.50 35.51 -44.75
N ASP G 153 -28.05 35.42 -43.50
CA ASP G 153 -26.98 34.51 -43.14
C ASP G 153 -27.53 33.10 -43.17
N MET G 154 -27.17 32.34 -44.20
CA MET G 154 -27.68 30.99 -44.36
C MET G 154 -27.04 30.02 -43.38
N THR G 155 -25.94 30.41 -42.76
CA THR G 155 -25.34 29.64 -41.69
C THR G 155 -26.00 29.88 -40.35
N LYS G 156 -26.69 31.01 -40.18
CA LYS G 156 -27.53 31.20 -39.00
C LYS G 156 -28.93 30.67 -39.22
N CYS G 157 -29.39 30.64 -40.47
CA CYS G 157 -30.76 30.31 -40.82
C CYS G 157 -31.14 28.90 -40.37
N ILE G 158 -32.35 28.75 -39.84
CA ILE G 158 -32.80 27.44 -39.38
C ILE G 158 -33.80 26.82 -40.32
N TYR G 159 -34.09 27.48 -41.44
CA TYR G 159 -34.83 26.92 -42.57
C TYR G 159 -36.23 26.50 -42.14
N CYS G 160 -36.85 27.32 -41.29
CA CYS G 160 -38.17 27.03 -40.77
C CYS G 160 -39.27 27.74 -41.52
N GLY G 161 -38.93 28.70 -42.38
CA GLY G 161 -39.92 29.31 -43.23
C GLY G 161 -40.88 30.24 -42.56
N PHE G 162 -40.54 30.77 -41.38
CA PHE G 162 -41.39 31.78 -40.74
C PHE G 162 -41.37 33.08 -41.53
N CYS G 163 -40.27 33.35 -42.22
CA CYS G 163 -40.14 34.59 -42.96
C CYS G 163 -41.06 34.65 -44.16
N GLN G 164 -41.29 33.52 -44.83
CA GLN G 164 -42.17 33.56 -45.99
C GLN G 164 -43.63 33.55 -45.61
N GLU G 165 -43.97 33.16 -44.40
CA GLU G 165 -45.35 33.22 -43.95
C GLU G 165 -45.66 34.52 -43.24
N ALA G 166 -44.65 35.21 -42.72
CA ALA G 166 -44.83 36.56 -42.23
C ALA G 166 -44.88 37.58 -43.33
N CYS G 167 -44.40 37.24 -44.52
CA CYS G 167 -44.29 38.20 -45.59
C CYS G 167 -45.66 38.51 -46.17
N PRO G 168 -46.10 39.76 -46.18
CA PRO G 168 -47.44 40.09 -46.64
C PRO G 168 -47.59 40.19 -48.14
N VAL G 169 -46.51 40.06 -48.90
CA VAL G 169 -46.55 40.32 -50.34
C VAL G 169 -45.92 39.15 -51.09
N ASP G 170 -45.58 38.09 -50.35
CA ASP G 170 -44.90 36.89 -50.87
C ASP G 170 -43.56 37.24 -51.52
N ALA G 171 -42.78 38.11 -50.86
CA ALA G 171 -41.53 38.56 -51.43
C ALA G 171 -40.40 37.60 -51.14
N ILE G 172 -40.21 37.25 -49.87
CA ILE G 172 -39.25 36.24 -49.53
C ILE G 172 -39.96 34.89 -49.54
N VAL G 173 -39.33 33.92 -50.17
CA VAL G 173 -39.80 32.55 -50.16
C VAL G 173 -38.61 31.66 -49.88
N GLU G 174 -38.89 30.52 -49.34
CA GLU G 174 -37.89 29.52 -49.15
C GLU G 174 -38.16 28.47 -50.22
N GLY G 175 -37.33 28.47 -51.25
CA GLY G 175 -37.67 27.84 -52.49
C GLY G 175 -37.37 26.36 -52.53
N PRO G 176 -37.24 25.84 -53.73
CA PRO G 176 -37.12 24.39 -53.91
C PRO G 176 -35.69 23.87 -53.81
N ASN G 177 -34.71 24.75 -54.01
CA ASN G 177 -33.32 24.31 -54.10
C ASN G 177 -32.79 23.89 -52.75
N PHE G 178 -32.23 22.69 -52.68
CA PHE G 178 -31.50 22.25 -51.51
C PHE G 178 -30.05 21.90 -51.83
N GLU G 179 -29.68 21.92 -53.11
CA GLU G 179 -28.34 21.55 -53.54
C GLU G 179 -27.52 22.80 -53.82
N PHE G 180 -27.11 23.45 -52.74
CA PHE G 180 -26.37 24.71 -52.82
C PHE G 180 -25.24 24.73 -51.81
N SER G 181 -24.56 23.60 -51.65
CA SER G 181 -23.38 23.54 -50.79
C SER G 181 -22.24 24.33 -51.41
N THR G 182 -21.49 25.01 -50.57
CA THR G 182 -20.39 25.85 -51.00
C THR G 182 -19.08 25.27 -50.50
N GLU G 183 -17.98 25.85 -50.95
CA GLU G 183 -16.66 25.49 -50.46
C GLU G 183 -16.11 26.48 -49.45
N THR G 184 -16.79 27.59 -49.23
CA THR G 184 -16.30 28.64 -48.36
C THR G 184 -17.47 29.12 -47.50
N HIS G 185 -17.15 29.55 -46.27
CA HIS G 185 -18.18 29.96 -45.32
C HIS G 185 -18.91 31.22 -45.76
N GLU G 186 -18.18 32.22 -46.28
CA GLU G 186 -18.85 33.45 -46.63
C GLU G 186 -19.65 33.36 -47.94
N GLU G 187 -19.57 32.26 -48.68
CA GLU G 187 -20.51 32.11 -49.79
C GLU G 187 -21.92 31.77 -49.31
N LEU G 188 -22.09 31.44 -48.03
CA LEU G 188 -23.38 31.20 -47.43
C LEU G 188 -23.88 32.39 -46.63
N LEU G 189 -23.46 33.59 -46.99
CA LEU G 189 -23.92 34.83 -46.38
C LEU G 189 -24.51 35.65 -47.51
N TYR G 190 -25.79 35.45 -47.77
CA TYR G 190 -26.41 35.99 -48.97
C TYR G 190 -26.77 37.45 -48.76
N ASN G 191 -26.44 38.29 -49.73
CA ASN G 191 -26.91 39.67 -49.71
C ASN G 191 -28.16 39.78 -50.56
N LYS G 192 -28.58 41.01 -50.86
CA LYS G 192 -29.78 41.21 -51.65
C LYS G 192 -29.58 40.78 -53.10
N GLU G 193 -28.36 40.90 -53.63
CA GLU G 193 -28.12 40.59 -55.03
C GLU G 193 -28.20 39.09 -55.29
N LYS G 194 -27.63 38.29 -54.39
CA LYS G 194 -27.71 36.84 -54.48
C LYS G 194 -29.14 36.35 -54.33
N LEU G 195 -29.91 36.98 -53.45
CA LEU G 195 -31.29 36.54 -53.24
C LEU G 195 -32.20 36.93 -54.40
N LEU G 196 -32.01 38.13 -54.96
CA LEU G 196 -32.73 38.50 -56.17
C LEU G 196 -32.32 37.64 -57.36
N ASN G 197 -31.06 37.22 -57.43
CA ASN G 197 -30.66 36.30 -58.49
C ASN G 197 -31.21 34.89 -58.27
N ASN G 198 -31.40 34.47 -57.01
CA ASN G 198 -32.08 33.20 -56.77
C ASN G 198 -33.54 33.27 -57.15
N GLY G 199 -34.17 34.43 -56.94
CA GLY G 199 -35.54 34.62 -57.41
C GLY G 199 -35.64 34.57 -58.91
N ASP G 200 -34.73 35.25 -59.61
CA ASP G 200 -34.73 35.24 -61.07
C ASP G 200 -34.32 33.87 -61.62
N LYS G 201 -33.55 33.12 -60.86
CA LYS G 201 -33.13 31.78 -61.28
C LYS G 201 -34.27 30.78 -61.12
N TRP G 202 -35.00 30.83 -60.01
CA TRP G 202 -35.95 29.78 -59.67
C TRP G 202 -37.40 30.20 -59.77
N GLU G 203 -37.70 31.37 -60.36
CA GLU G 203 -39.06 31.90 -60.33
C GLU G 203 -40.05 31.04 -61.10
N ALA G 204 -39.58 30.37 -62.17
CA ALA G 204 -40.42 29.47 -62.95
C ALA G 204 -40.94 28.31 -62.12
N GLU G 205 -40.23 27.93 -61.06
CA GLU G 205 -40.57 26.85 -60.16
C GLU G 205 -41.23 27.33 -58.88
N ILE G 206 -40.78 28.47 -58.37
CA ILE G 206 -41.36 29.04 -57.16
C ILE G 206 -42.80 29.48 -57.41
N ALA G 207 -43.09 30.05 -58.58
CA ALA G 207 -44.45 30.45 -58.91
C ALA G 207 -45.38 29.25 -59.00
N ALA G 208 -44.90 28.13 -59.51
CA ALA G 208 -45.72 26.93 -59.59
C ALA G 208 -45.90 26.26 -58.23
N ASN G 209 -44.90 26.31 -57.35
CA ASN G 209 -45.10 25.79 -56.00
C ASN G 209 -46.06 26.65 -55.19
N ILE G 210 -45.98 27.98 -55.35
CA ILE G 210 -46.93 28.86 -54.68
C ILE G 210 -48.33 28.67 -55.24
N GLN G 211 -48.43 28.42 -56.55
CA GLN G 211 -49.72 28.10 -57.15
C GLN G 211 -50.27 26.78 -56.61
N ALA G 212 -49.40 25.83 -56.29
CA ALA G 212 -49.83 24.56 -55.73
C ALA G 212 -50.22 24.64 -54.27
N ASP G 213 -49.67 25.59 -53.51
CA ASP G 213 -49.86 25.58 -52.07
C ASP G 213 -50.61 26.78 -51.49
N TYR G 214 -50.89 27.83 -52.27
CA TYR G 214 -51.39 29.08 -51.69
C TYR G 214 -52.81 28.97 -51.14
N LEU G 215 -53.57 27.96 -51.53
CA LEU G 215 -54.91 27.78 -51.00
C LEU G 215 -54.90 27.12 -49.62
N TYR G 216 -53.79 26.47 -49.26
CA TYR G 216 -53.63 25.94 -47.92
C TYR G 216 -53.16 26.99 -46.92
N ARG G 217 -52.81 28.18 -47.38
CA ARG G 217 -52.19 29.19 -46.55
C ARG G 217 -53.15 30.31 -46.22
N MET H 1 12.27 -29.64 -49.91
CA MET H 1 12.93 -28.58 -50.64
C MET H 1 11.89 -27.68 -51.28
N ASN H 2 10.89 -28.31 -51.92
CA ASN H 2 9.78 -27.56 -52.48
C ASN H 2 9.00 -26.84 -51.40
N LEU H 3 8.89 -27.46 -50.22
CA LEU H 3 8.27 -26.80 -49.07
C LEU H 3 9.04 -25.56 -48.66
N MET H 4 10.37 -25.68 -48.51
CA MET H 4 11.18 -24.55 -48.07
C MET H 4 11.24 -23.45 -49.12
N ILE H 5 11.23 -23.82 -50.40
CA ILE H 5 11.16 -22.83 -51.47
C ILE H 5 9.82 -22.08 -51.42
N THR H 6 8.73 -22.79 -51.14
CA THR H 6 7.43 -22.14 -51.04
C THR H 6 7.34 -21.24 -49.80
N LEU H 7 7.95 -21.68 -48.69
CA LEU H 7 8.00 -20.87 -47.49
C LEU H 7 8.83 -19.61 -47.70
N LEU H 8 9.95 -19.73 -48.41
CA LEU H 8 10.79 -18.58 -48.72
C LEU H 8 10.08 -17.63 -49.67
N THR H 9 9.30 -18.16 -50.61
CA THR H 9 8.50 -17.33 -51.50
C THR H 9 7.43 -16.56 -50.73
N ASN H 10 6.72 -17.24 -49.82
CA ASN H 10 5.67 -16.59 -49.04
C ASN H 10 6.24 -15.53 -48.10
N PHE H 11 7.38 -15.83 -47.47
CA PHE H 11 8.03 -14.87 -46.58
C PHE H 11 8.55 -13.66 -47.35
N THR H 12 9.10 -13.88 -48.55
CA THR H 12 9.61 -12.78 -49.35
C THR H 12 8.48 -11.91 -49.88
N LEU H 13 7.35 -12.51 -50.29
CA LEU H 13 6.19 -11.73 -50.69
C LEU H 13 5.61 -10.94 -49.53
N ALA H 14 5.56 -11.53 -48.33
CA ALA H 14 5.04 -10.83 -47.16
C ALA H 14 5.94 -9.66 -46.77
N THR H 15 7.26 -9.88 -46.76
CA THR H 15 8.20 -8.83 -46.43
C THR H 15 8.22 -7.75 -47.50
N LEU H 16 7.99 -8.13 -48.76
CA LEU H 16 7.92 -7.14 -49.84
C LEU H 16 6.68 -6.28 -49.74
N LEU H 17 5.53 -6.89 -49.40
CA LEU H 17 4.32 -6.09 -49.25
C LEU H 17 4.37 -5.22 -47.99
N VAL H 18 5.04 -5.69 -46.94
CA VAL H 18 5.25 -4.85 -45.76
C VAL H 18 6.19 -3.69 -46.06
N THR H 19 7.27 -3.95 -46.82
CA THR H 19 8.21 -2.91 -47.19
C THR H 19 7.58 -1.87 -48.11
N ILE H 20 6.76 -2.30 -49.06
CA ILE H 20 6.04 -1.36 -49.92
C ILE H 20 5.01 -0.57 -49.11
N ALA H 21 4.28 -1.22 -48.21
CA ALA H 21 3.27 -0.53 -47.43
C ALA H 21 3.85 0.35 -46.33
N PHE H 22 5.14 0.21 -46.02
CA PHE H 22 5.79 1.19 -45.17
C PHE H 22 6.51 2.29 -45.93
N TRP H 23 7.09 2.02 -47.09
CA TRP H 23 7.91 3.00 -47.79
C TRP H 23 7.17 3.84 -48.82
N LEU H 24 6.12 3.32 -49.44
CA LEU H 24 5.39 4.10 -50.44
C LEU H 24 4.67 5.34 -49.89
N PRO H 25 4.01 5.33 -48.72
CA PRO H 25 3.48 6.61 -48.23
C PRO H 25 4.51 7.52 -47.58
N GLN H 26 5.72 7.03 -47.29
CA GLN H 26 6.77 7.89 -46.76
C GLN H 26 7.42 8.75 -47.82
N LEU H 27 7.18 8.46 -49.11
CA LEU H 27 7.64 9.36 -50.16
C LEU H 27 6.89 10.68 -50.14
N ASN H 28 5.69 10.69 -49.58
CA ASN H 28 4.94 11.91 -49.34
C ASN H 28 5.67 12.77 -48.31
N VAL H 29 5.62 14.08 -48.53
CA VAL H 29 6.33 15.06 -47.71
C VAL H 29 5.20 15.85 -47.01
N TYR H 30 4.15 15.11 -46.64
CA TYR H 30 2.85 15.60 -46.16
C TYR H 30 2.87 16.77 -45.18
N SER H 31 3.38 16.54 -43.98
CA SER H 31 3.59 17.54 -42.93
C SER H 31 4.33 16.86 -41.80
N GLU H 32 5.09 17.65 -41.04
CA GLU H 32 5.70 17.17 -39.82
C GLU H 32 4.71 17.43 -38.69
N LYS H 33 3.97 16.39 -38.30
CA LYS H 33 2.84 16.56 -37.38
C LYS H 33 3.30 16.83 -35.96
N THR H 34 2.58 17.71 -35.28
CA THR H 34 2.87 18.07 -33.90
C THR H 34 1.92 17.34 -32.96
N SER H 35 2.47 16.83 -31.85
CA SER H 35 1.81 16.00 -30.83
C SER H 35 1.11 14.80 -31.45
N PRO H 36 1.85 13.78 -31.91
CA PRO H 36 1.17 12.60 -32.46
C PRO H 36 0.69 11.65 -31.37
N ASP H 42 -6.71 7.41 -25.81
CA ASP H 42 -6.72 6.30 -24.86
C ASP H 42 -7.74 6.48 -23.72
N PRO H 43 -8.43 5.39 -23.36
CA PRO H 43 -9.40 5.45 -22.25
C PRO H 43 -8.74 5.74 -20.91
N MET H 44 -7.75 4.94 -20.52
CA MET H 44 -6.99 5.24 -19.33
C MET H 44 -6.04 6.40 -19.61
N GLY H 45 -5.71 7.16 -18.57
CA GLY H 45 -4.83 8.29 -18.78
C GLY H 45 -3.40 7.88 -19.03
N SER H 46 -2.69 7.45 -17.98
CA SER H 46 -1.36 6.90 -18.16
C SER H 46 -1.02 5.79 -17.18
N ALA H 47 -2.00 5.24 -16.46
CA ALA H 47 -1.76 4.33 -15.35
C ALA H 47 -1.22 2.98 -15.83
N ARG H 48 -0.77 2.18 -14.85
CA ARG H 48 -0.24 0.86 -15.14
C ARG H 48 -1.30 -0.07 -15.70
N LEU H 49 -0.85 -1.06 -16.46
CA LEU H 49 -1.71 -2.11 -16.96
C LEU H 49 -2.24 -2.94 -15.79
N PRO H 50 -3.55 -2.98 -15.56
CA PRO H 50 -4.07 -3.83 -14.49
C PRO H 50 -3.98 -5.30 -14.86
N PHE H 51 -3.41 -6.08 -13.96
CA PHE H 51 -3.39 -7.53 -14.15
C PHE H 51 -4.78 -8.09 -13.88
N SER H 52 -5.20 -9.01 -14.72
CA SER H 52 -6.47 -9.71 -14.54
C SER H 52 -6.18 -11.18 -14.33
N MET H 53 -6.63 -11.72 -13.20
CA MET H 53 -6.34 -13.11 -12.85
C MET H 53 -7.03 -14.09 -13.79
N LYS H 54 -8.17 -13.68 -14.32
CA LYS H 54 -9.06 -14.51 -15.10
C LYS H 54 -8.53 -14.78 -16.51
N PHE H 55 -7.89 -13.77 -17.11
CA PHE H 55 -7.24 -13.96 -18.41
C PHE H 55 -6.08 -14.95 -18.30
N PHE H 56 -5.35 -14.89 -17.20
CA PHE H 56 -4.28 -15.86 -16.98
C PHE H 56 -4.84 -17.25 -16.77
N LEU H 57 -5.97 -17.35 -16.05
CA LEU H 57 -6.57 -18.66 -15.82
C LEU H 57 -7.09 -19.28 -17.12
N VAL H 58 -7.60 -18.45 -18.04
CA VAL H 58 -8.05 -19.05 -19.29
C VAL H 58 -6.86 -19.43 -20.17
N ALA H 59 -5.73 -18.71 -20.06
CA ALA H 59 -4.54 -19.11 -20.80
C ALA H 59 -3.97 -20.44 -20.28
N ILE H 60 -3.95 -20.63 -18.96
CA ILE H 60 -3.44 -21.89 -18.41
C ILE H 60 -4.40 -23.04 -18.69
N THR H 61 -5.71 -22.77 -18.65
CA THR H 61 -6.68 -23.82 -18.98
C THR H 61 -6.55 -24.23 -20.44
N PHE H 62 -6.27 -23.26 -21.32
CA PHE H 62 -5.89 -23.57 -22.69
C PHE H 62 -4.66 -24.45 -22.76
N LEU H 63 -3.61 -24.11 -22.01
CA LEU H 63 -2.36 -24.87 -22.11
C LEU H 63 -2.53 -26.30 -21.63
N LEU H 64 -3.30 -26.51 -20.57
CA LEU H 64 -3.50 -27.85 -20.05
C LEU H 64 -4.40 -28.69 -20.96
N PHE H 65 -5.47 -28.09 -21.49
CA PHE H 65 -6.29 -28.86 -22.43
C PHE H 65 -5.56 -29.06 -23.75
N ASP H 66 -4.62 -28.18 -24.09
CA ASP H 66 -3.82 -28.35 -25.29
C ASP H 66 -2.81 -29.48 -25.14
N LEU H 67 -2.27 -29.68 -23.93
CA LEU H 67 -1.43 -30.84 -23.68
C LEU H 67 -2.24 -32.13 -23.72
N GLU H 68 -3.46 -32.11 -23.19
CA GLU H 68 -4.35 -33.25 -23.30
C GLU H 68 -4.71 -33.54 -24.77
N ILE H 69 -4.84 -32.50 -25.59
CA ILE H 69 -5.06 -32.67 -27.02
C ILE H 69 -3.83 -33.28 -27.69
N ALA H 70 -2.63 -32.88 -27.24
CA ALA H 70 -1.40 -33.48 -27.74
C ALA H 70 -1.34 -34.98 -27.43
N LEU H 71 -1.88 -35.38 -26.29
CA LEU H 71 -2.07 -36.80 -26.04
C LEU H 71 -3.12 -37.40 -26.98
N LEU H 72 -4.15 -36.64 -27.35
CA LEU H 72 -5.22 -37.22 -28.17
C LEU H 72 -4.85 -37.38 -29.65
N LEU H 73 -3.81 -36.71 -30.13
CA LEU H 73 -3.56 -36.66 -31.57
C LEU H 73 -3.20 -37.97 -32.28
N PRO H 74 -2.49 -38.96 -31.70
CA PRO H 74 -2.26 -40.18 -32.50
C PRO H 74 -3.40 -41.19 -32.58
N LEU H 75 -4.63 -40.79 -32.22
CA LEU H 75 -5.77 -41.71 -32.30
C LEU H 75 -6.15 -42.23 -33.70
N PRO H 76 -6.12 -41.46 -34.80
CA PRO H 76 -6.40 -42.08 -36.12
C PRO H 76 -5.40 -43.14 -36.53
N TRP H 77 -4.19 -43.10 -35.99
CA TRP H 77 -3.22 -44.16 -36.17
C TRP H 77 -3.39 -45.25 -35.12
N ALA H 78 -3.90 -44.89 -33.95
CA ALA H 78 -4.10 -45.85 -32.88
C ALA H 78 -5.26 -46.79 -33.16
N SER H 79 -6.19 -46.40 -34.02
CA SER H 79 -7.30 -47.28 -34.38
C SER H 79 -6.85 -48.53 -35.14
N GLN H 80 -5.67 -48.52 -35.74
CA GLN H 80 -5.20 -49.58 -36.60
C GLN H 80 -4.59 -50.76 -35.84
N THR H 81 -4.64 -50.75 -34.51
CA THR H 81 -3.84 -51.67 -33.74
C THR H 81 -4.51 -53.03 -33.62
N THR H 82 -3.70 -54.00 -33.19
CA THR H 82 -4.17 -55.35 -32.88
C THR H 82 -4.67 -55.45 -31.45
N ASN H 83 -4.25 -54.55 -30.57
CA ASN H 83 -4.71 -54.54 -29.19
C ASN H 83 -5.81 -53.50 -29.04
N LEU H 84 -6.96 -53.78 -29.67
CA LEU H 84 -8.01 -52.77 -29.80
C LEU H 84 -8.76 -52.49 -28.50
N ASN H 85 -8.95 -53.50 -27.65
CA ASN H 85 -9.65 -53.27 -26.39
C ASN H 85 -8.86 -52.32 -25.49
N THR H 86 -7.55 -52.53 -25.42
CA THR H 86 -6.67 -51.65 -24.65
C THR H 86 -6.66 -50.25 -25.22
N MET H 87 -6.58 -50.14 -26.56
CA MET H 87 -6.55 -48.84 -27.22
C MET H 87 -7.83 -48.06 -27.00
N LEU H 88 -8.97 -48.74 -27.14
CA LEU H 88 -10.26 -48.09 -26.92
C LEU H 88 -10.43 -47.65 -25.48
N THR H 89 -9.97 -48.49 -24.54
CA THR H 89 -10.05 -48.14 -23.13
C THR H 89 -9.19 -46.92 -22.81
N MET H 90 -7.98 -46.85 -23.37
CA MET H 90 -7.12 -45.72 -23.04
C MET H 90 -7.56 -44.44 -23.75
N ALA H 91 -8.16 -44.56 -24.93
CA ALA H 91 -8.69 -43.38 -25.62
C ALA H 91 -9.88 -42.80 -24.86
N LEU H 92 -10.82 -43.67 -24.48
CA LEU H 92 -11.96 -43.21 -23.67
C LEU H 92 -11.50 -42.70 -22.31
N LEU H 93 -10.41 -43.25 -21.77
CA LEU H 93 -9.90 -42.76 -20.50
C LEU H 93 -9.24 -41.40 -20.64
N LEU H 94 -8.55 -41.14 -21.76
CA LEU H 94 -7.96 -39.81 -21.97
C LEU H 94 -9.03 -38.75 -22.17
N ILE H 95 -10.05 -39.05 -22.98
CA ILE H 95 -11.09 -38.05 -23.19
C ILE H 95 -11.93 -37.89 -21.92
N PHE H 96 -12.07 -38.96 -21.13
CA PHE H 96 -12.75 -38.84 -19.84
C PHE H 96 -11.96 -38.03 -18.84
N LEU H 97 -10.63 -38.13 -18.86
CA LEU H 97 -9.85 -37.28 -17.95
C LEU H 97 -9.83 -35.84 -18.41
N LEU H 98 -9.96 -35.60 -19.72
CA LEU H 98 -10.13 -34.22 -20.20
C LEU H 98 -11.48 -33.69 -19.76
N ALA H 99 -12.52 -34.54 -19.76
CA ALA H 99 -13.84 -34.13 -19.28
C ALA H 99 -13.86 -33.94 -17.77
N VAL H 100 -13.12 -34.74 -17.02
CA VAL H 100 -13.02 -34.57 -15.56
C VAL H 100 -12.26 -33.29 -15.23
N SER H 101 -11.26 -32.94 -16.05
CA SER H 101 -10.60 -31.64 -15.90
C SER H 101 -11.56 -30.49 -16.17
N LEU H 102 -12.41 -30.64 -17.19
CA LEU H 102 -13.41 -29.60 -17.48
C LEU H 102 -14.47 -29.51 -16.39
N ALA H 103 -14.87 -30.65 -15.82
CA ALA H 103 -15.86 -30.65 -14.74
C ALA H 103 -15.30 -30.04 -13.47
N TYR H 104 -14.03 -30.32 -13.16
CA TYR H 104 -13.41 -29.71 -12.00
C TYR H 104 -13.21 -28.22 -12.20
N GLU H 105 -12.89 -27.82 -13.44
CA GLU H 105 -12.78 -26.41 -13.77
C GLU H 105 -14.13 -25.70 -13.65
N TRP H 106 -15.21 -26.41 -13.98
CA TRP H 106 -16.56 -25.91 -13.75
C TRP H 106 -16.82 -25.70 -12.26
N THR H 107 -16.77 -26.79 -11.50
CA THR H 107 -17.36 -26.82 -10.16
C THR H 107 -16.50 -26.16 -9.09
N GLN H 108 -15.46 -25.42 -9.46
CA GLN H 108 -14.70 -24.61 -8.52
C GLN H 108 -14.73 -23.13 -8.90
N LYS H 109 -15.75 -22.73 -9.67
CA LYS H 109 -15.97 -21.34 -10.13
C LYS H 109 -14.80 -20.82 -10.95
N GLY H 110 -14.08 -21.70 -11.63
CA GLY H 110 -12.94 -21.30 -12.44
C GLY H 110 -13.36 -20.67 -13.75
N LEU H 111 -14.44 -21.18 -14.32
CA LEU H 111 -14.98 -20.64 -15.56
C LEU H 111 -16.07 -19.62 -15.22
N GLU H 112 -15.64 -18.49 -14.66
CA GLU H 112 -16.57 -17.46 -14.24
C GLU H 112 -16.06 -16.10 -14.65
N TRP H 113 -16.97 -15.30 -15.22
CA TRP H 113 -16.84 -13.93 -15.76
C TRP H 113 -16.05 -13.89 -17.07
N THR H 114 -15.39 -15.02 -17.42
CA THR H 114 -15.14 -15.50 -18.78
C THR H 114 -15.48 -16.97 -18.67
N GLU H 115 -16.75 -17.31 -18.84
CA GLU H 115 -17.23 -18.65 -18.53
C GLU H 115 -16.79 -19.65 -19.59
N MET I 1 9.57 -24.19 -62.95
CA MET I 1 8.22 -24.64 -63.24
C MET I 1 7.42 -24.75 -61.95
N PHE I 2 8.12 -25.10 -60.86
CA PHE I 2 7.47 -25.12 -59.56
C PHE I 2 7.19 -23.72 -59.03
N MET I 3 8.06 -22.77 -59.36
CA MET I 3 7.83 -21.39 -58.96
C MET I 3 6.61 -20.80 -59.66
N ILE I 4 6.34 -21.24 -60.90
CA ILE I 4 5.11 -20.87 -61.59
C ILE I 4 3.90 -21.37 -60.81
N ASN I 5 3.99 -22.58 -60.26
CA ASN I 5 2.88 -23.16 -59.50
C ASN I 5 2.69 -22.41 -58.18
N VAL I 6 3.79 -22.02 -57.53
CA VAL I 6 3.69 -21.29 -56.28
C VAL I 6 3.10 -19.90 -56.50
N LEU I 7 3.52 -19.19 -57.56
CA LEU I 7 2.98 -17.86 -57.82
C LEU I 7 1.54 -17.92 -58.29
N THR I 8 1.16 -18.92 -59.09
CA THR I 8 -0.23 -19.09 -59.46
C THR I 8 -1.09 -19.63 -58.32
N LEU I 9 -0.48 -20.06 -57.21
CA LEU I 9 -1.25 -20.13 -55.98
C LEU I 9 -1.40 -18.76 -55.34
N ILE I 10 -0.27 -18.09 -55.06
CA ILE I 10 -0.29 -17.02 -54.06
C ILE I 10 -0.81 -15.70 -54.61
N ILE I 11 -0.68 -15.42 -55.90
CA ILE I 11 -1.21 -14.19 -56.48
C ILE I 11 -2.73 -14.25 -56.68
N PRO I 12 -3.33 -15.37 -57.15
CA PRO I 12 -4.81 -15.42 -57.11
C PRO I 12 -5.41 -15.44 -55.72
N ILE I 13 -4.66 -15.85 -54.69
CA ILE I 13 -5.11 -15.64 -53.31
C ILE I 13 -5.32 -14.15 -53.05
N LEU I 14 -4.36 -13.33 -53.47
CA LEU I 14 -4.45 -11.90 -53.21
C LEU I 14 -5.56 -11.26 -54.04
N LEU I 15 -5.79 -11.75 -55.26
CA LEU I 15 -6.89 -11.22 -56.07
C LEU I 15 -8.25 -11.64 -55.51
N ALA I 16 -8.38 -12.88 -55.03
CA ALA I 16 -9.63 -13.31 -54.43
C ALA I 16 -9.90 -12.61 -53.10
N VAL I 17 -8.85 -12.28 -52.35
CA VAL I 17 -9.01 -11.47 -51.15
C VAL I 17 -9.44 -10.05 -51.52
N ALA I 18 -8.89 -9.52 -52.63
CA ALA I 18 -9.25 -8.18 -53.07
C ALA I 18 -10.72 -8.10 -53.46
N PHE I 19 -11.23 -9.10 -54.17
CA PHE I 19 -12.62 -9.06 -54.58
C PHE I 19 -13.58 -9.67 -53.57
N LEU I 20 -13.08 -10.32 -52.51
CA LEU I 20 -13.94 -10.66 -51.39
C LEU I 20 -14.44 -9.42 -50.66
N THR I 21 -13.66 -8.34 -50.66
CA THR I 21 -14.11 -7.08 -50.09
C THR I 21 -15.30 -6.53 -50.87
N LEU I 22 -15.23 -6.60 -52.20
CA LEU I 22 -16.36 -6.22 -53.04
C LEU I 22 -17.56 -7.12 -52.81
N VAL I 23 -17.35 -8.43 -52.77
CA VAL I 23 -18.45 -9.38 -52.57
C VAL I 23 -19.10 -9.18 -51.21
N GLU I 24 -18.30 -8.87 -50.20
CA GLU I 24 -18.84 -8.63 -48.87
C GLU I 24 -19.66 -7.35 -48.82
N ARG I 25 -19.16 -6.27 -49.43
CA ARG I 25 -19.92 -5.03 -49.44
C ARG I 25 -21.19 -5.13 -50.28
N LYS I 26 -21.17 -5.90 -51.38
CA LYS I 26 -22.38 -6.06 -52.18
C LYS I 26 -23.41 -6.95 -51.48
N VAL I 27 -22.97 -8.07 -50.90
CA VAL I 27 -23.89 -9.00 -50.26
C VAL I 27 -24.47 -8.40 -48.97
N LEU I 28 -23.64 -7.70 -48.19
CA LEU I 28 -24.17 -6.92 -47.07
C LEU I 28 -25.08 -5.80 -47.56
N GLY I 29 -24.82 -5.23 -48.73
CA GLY I 29 -25.73 -4.25 -49.29
C GLY I 29 -27.11 -4.80 -49.62
N TYR I 30 -27.17 -5.87 -50.41
CA TYR I 30 -28.48 -6.37 -50.84
C TYR I 30 -29.25 -7.01 -49.71
N MET I 31 -28.57 -7.59 -48.73
CA MET I 31 -29.27 -8.12 -47.57
C MET I 31 -29.79 -7.02 -46.64
N GLN I 32 -29.19 -5.83 -46.68
CA GLN I 32 -29.65 -4.69 -45.92
C GLN I 32 -30.55 -3.77 -46.74
N PHE I 33 -31.21 -4.31 -47.77
CA PHE I 33 -32.21 -3.66 -48.59
C PHE I 33 -31.65 -2.46 -49.35
N ARG I 34 -30.34 -2.45 -49.59
CA ARG I 34 -29.66 -1.36 -50.27
C ARG I 34 -28.76 -1.97 -51.34
N LYS I 35 -27.85 -1.19 -51.88
CA LYS I 35 -26.88 -1.71 -52.83
C LYS I 35 -25.50 -1.59 -52.22
N GLY I 36 -24.59 -2.43 -52.70
CA GLY I 36 -23.19 -2.24 -52.41
C GLY I 36 -22.61 -1.31 -53.45
N PRO I 37 -21.28 -1.30 -53.58
CA PRO I 37 -20.65 -0.38 -54.54
C PRO I 37 -21.00 -0.72 -55.99
N ASN I 38 -21.49 0.29 -56.71
CA ASN I 38 -21.79 0.13 -58.13
C ASN I 38 -21.41 1.35 -58.97
N VAL I 39 -20.69 2.31 -58.42
CA VAL I 39 -20.35 3.54 -59.12
C VAL I 39 -18.90 3.54 -59.59
N VAL I 40 -18.01 2.96 -58.79
CA VAL I 40 -16.57 3.10 -59.03
C VAL I 40 -16.14 2.29 -60.25
N GLY I 41 -16.47 1.00 -60.28
CA GLY I 41 -16.34 0.24 -61.49
C GLY I 41 -17.71 -0.05 -62.07
N PRO I 42 -17.78 -0.83 -63.14
CA PRO I 42 -19.08 -1.36 -63.56
C PRO I 42 -19.59 -2.37 -62.55
N TYR I 43 -20.58 -1.92 -61.78
CA TYR I 43 -21.13 -2.62 -60.61
C TYR I 43 -20.04 -2.90 -59.57
N GLY I 44 -19.08 -1.99 -59.44
CA GLY I 44 -18.13 -2.01 -58.35
C GLY I 44 -16.87 -2.79 -58.59
N LEU I 45 -16.56 -3.16 -59.83
CA LEU I 45 -15.38 -3.98 -60.10
C LEU I 45 -14.07 -3.24 -59.88
N LEU I 46 -14.08 -1.91 -59.84
CA LEU I 46 -12.87 -1.13 -59.59
C LEU I 46 -12.77 -0.66 -58.15
N GLN I 47 -13.78 -0.97 -57.33
CA GLN I 47 -13.74 -0.62 -55.91
C GLN I 47 -12.56 -1.23 -55.12
N PRO I 48 -12.17 -2.51 -55.27
CA PRO I 48 -10.98 -2.97 -54.54
C PRO I 48 -9.69 -2.31 -54.97
N ILE I 49 -9.57 -1.96 -56.25
CA ILE I 49 -8.36 -1.32 -56.75
C ILE I 49 -8.24 0.10 -56.19
N ALA I 50 -9.35 0.84 -56.20
CA ALA I 50 -9.38 2.19 -55.65
C ALA I 50 -9.13 2.19 -54.16
N ASP I 51 -9.70 1.20 -53.46
CA ASP I 51 -9.49 1.07 -52.03
C ASP I 51 -8.04 0.73 -51.71
N ALA I 52 -7.42 -0.14 -52.51
CA ALA I 52 -6.03 -0.51 -52.26
C ALA I 52 -5.07 0.64 -52.52
N ILE I 53 -5.33 1.42 -53.58
CA ILE I 53 -4.47 2.56 -53.86
C ILE I 53 -4.66 3.65 -52.82
N LYS I 54 -5.90 3.82 -52.30
CA LYS I 54 -6.14 4.77 -51.23
C LYS I 54 -5.43 4.36 -49.95
N LEU I 55 -5.47 3.07 -49.61
CA LEU I 55 -4.85 2.61 -48.38
C LEU I 55 -3.34 2.59 -48.46
N PHE I 56 -2.75 2.50 -49.65
CA PHE I 56 -1.30 2.44 -49.72
C PHE I 56 -0.64 3.80 -49.97
N ILE I 57 -1.38 4.88 -50.10
CA ILE I 57 -0.80 6.22 -50.16
C ILE I 57 -1.30 7.12 -49.03
N LYS I 58 -2.13 6.59 -48.15
CA LYS I 58 -2.59 7.32 -46.98
C LYS I 58 -1.42 7.55 -46.02
N GLU I 59 -1.46 8.68 -45.30
CA GLU I 59 -0.40 9.04 -44.37
C GLU I 59 -0.26 7.99 -43.28
N PRO I 60 0.97 7.57 -42.96
CA PRO I 60 1.18 6.68 -41.82
C PRO I 60 0.77 7.35 -40.53
N LEU I 61 0.26 6.54 -39.60
CA LEU I 61 -0.25 7.03 -38.32
C LEU I 61 0.87 7.55 -37.41
N ARG I 62 2.14 7.26 -37.76
CA ARG I 62 3.38 7.70 -37.13
C ARG I 62 3.39 7.26 -35.66
N PRO I 63 3.59 5.97 -35.39
CA PRO I 63 3.49 5.47 -34.03
C PRO I 63 4.79 5.64 -33.27
N ALA I 64 4.68 5.69 -31.95
CA ALA I 64 5.83 5.49 -31.08
C ALA I 64 5.77 4.04 -30.62
N THR I 65 6.42 3.17 -31.38
CA THR I 65 6.29 1.74 -31.14
C THR I 65 7.05 1.32 -29.89
N SER I 66 6.43 0.44 -29.10
CA SER I 66 7.12 -0.17 -27.98
C SER I 66 8.24 -1.08 -28.43
N SER I 67 8.13 -1.62 -29.64
CA SER I 67 9.21 -2.36 -30.27
C SER I 67 9.17 -2.11 -31.76
N ILE I 68 10.33 -1.88 -32.35
CA ILE I 68 10.43 -1.85 -33.81
C ILE I 68 10.21 -3.24 -34.39
N SER I 69 10.84 -4.24 -33.78
CA SER I 69 10.92 -5.58 -34.35
C SER I 69 9.55 -6.25 -34.37
N MET I 70 8.78 -6.16 -33.29
CA MET I 70 7.48 -6.78 -33.28
C MET I 70 6.45 -6.01 -34.10
N PHE I 71 6.60 -4.68 -34.18
CA PHE I 71 5.76 -3.87 -35.04
C PHE I 71 5.95 -4.25 -36.50
N ILE I 72 7.17 -4.61 -36.89
CA ILE I 72 7.37 -5.03 -38.27
C ILE I 72 7.01 -6.49 -38.47
N LEU I 73 7.29 -7.35 -37.49
CA LEU I 73 7.10 -8.78 -37.69
C LEU I 73 5.66 -9.25 -37.50
N ALA I 74 4.79 -8.47 -36.87
CA ALA I 74 3.39 -8.90 -36.78
C ALA I 74 2.66 -8.92 -38.13
N PRO I 75 2.79 -7.91 -39.02
CA PRO I 75 2.20 -8.10 -40.35
C PRO I 75 2.92 -9.14 -41.20
N ILE I 76 4.23 -9.29 -41.04
CA ILE I 76 4.97 -10.27 -41.84
C ILE I 76 4.56 -11.68 -41.44
N LEU I 77 4.43 -11.93 -40.14
CA LEU I 77 3.98 -13.23 -39.68
C LEU I 77 2.53 -13.49 -40.03
N ALA I 78 1.68 -12.44 -39.94
CA ALA I 78 0.28 -12.58 -40.32
C ALA I 78 0.13 -12.96 -41.79
N LEU I 79 0.87 -12.29 -42.68
CA LEU I 79 0.76 -12.59 -44.11
C LEU I 79 1.42 -13.92 -44.46
N THR I 80 2.57 -14.24 -43.85
CA THR I 80 3.24 -15.51 -44.15
C THR I 80 2.40 -16.69 -43.68
N LEU I 81 1.86 -16.64 -42.47
CA LEU I 81 0.96 -17.68 -42.02
C LEU I 81 -0.37 -17.66 -42.75
N ALA I 82 -0.79 -16.52 -43.30
CA ALA I 82 -2.00 -16.51 -44.11
C ALA I 82 -1.78 -17.22 -45.44
N LEU I 83 -0.58 -17.10 -46.00
CA LEU I 83 -0.29 -17.69 -47.30
C LEU I 83 0.16 -19.14 -47.21
N THR I 84 0.76 -19.56 -46.10
CA THR I 84 1.23 -20.95 -46.01
C THR I 84 0.13 -21.92 -45.65
N MET I 85 -1.06 -21.45 -45.29
CA MET I 85 -2.17 -22.35 -45.00
C MET I 85 -2.81 -22.93 -46.26
N TRP I 86 -2.39 -22.47 -47.44
CA TRP I 86 -2.99 -22.86 -48.71
C TRP I 86 -2.24 -23.98 -49.39
N ILE I 87 -0.96 -24.12 -49.12
CA ILE I 87 -0.11 -25.10 -49.81
C ILE I 87 -0.39 -26.58 -49.56
N PRO I 88 -1.03 -27.06 -48.48
CA PRO I 88 -1.42 -28.48 -48.49
C PRO I 88 -2.83 -28.76 -48.98
N LEU I 89 -3.58 -27.74 -49.37
CA LEU I 89 -5.00 -27.89 -49.68
C LEU I 89 -5.22 -28.72 -50.93
N PRO I 90 -5.85 -29.88 -50.83
CA PRO I 90 -6.04 -30.72 -52.02
C PRO I 90 -7.19 -30.19 -52.86
N MET I 91 -6.86 -29.55 -53.97
CA MET I 91 -7.88 -28.89 -54.78
C MET I 91 -7.71 -29.12 -56.28
N PRO I 92 -7.75 -30.39 -56.75
CA PRO I 92 -7.79 -31.75 -56.17
C PRO I 92 -6.41 -32.20 -55.73
N TYR I 93 -5.38 -31.57 -56.30
CA TYR I 93 -4.03 -31.90 -55.96
C TYR I 93 -3.43 -30.77 -55.15
N PRO I 94 -2.78 -31.07 -54.03
CA PRO I 94 -2.12 -30.01 -53.26
C PRO I 94 -0.82 -29.58 -53.91
N LEU I 95 -0.47 -28.31 -53.65
CA LEU I 95 0.83 -27.79 -54.07
C LEU I 95 1.97 -28.54 -53.37
N ILE I 96 1.86 -28.71 -52.07
CA ILE I 96 2.81 -29.48 -51.29
C ILE I 96 2.02 -30.66 -50.73
N ASN I 97 2.20 -31.83 -51.31
CA ASN I 97 1.49 -33.02 -50.88
C ASN I 97 2.26 -33.61 -49.70
N MET I 98 1.70 -33.48 -48.52
CA MET I 98 2.36 -33.96 -47.31
C MET I 98 1.43 -34.88 -46.55
N ASN I 99 2.05 -35.80 -45.80
CA ASN I 99 1.30 -36.83 -45.08
C ASN I 99 0.54 -36.24 -43.90
N LEU I 100 1.00 -35.12 -43.36
CA LEU I 100 0.41 -34.55 -42.16
C LEU I 100 -0.13 -33.16 -42.44
N GLY I 101 -0.86 -32.98 -43.55
CA GLY I 101 -1.29 -31.66 -43.96
C GLY I 101 -2.34 -31.06 -43.05
N VAL I 102 -3.23 -31.90 -42.52
CA VAL I 102 -4.19 -31.44 -41.52
C VAL I 102 -3.48 -30.92 -40.28
N LEU I 103 -2.51 -31.69 -39.81
CA LEU I 103 -1.74 -31.31 -38.64
C LEU I 103 -0.86 -30.09 -38.91
N PHE I 104 -0.38 -29.98 -40.15
CA PHE I 104 0.34 -28.78 -40.60
C PHE I 104 -0.54 -27.54 -40.52
N MET I 105 -1.78 -27.64 -41.00
CA MET I 105 -2.67 -26.50 -40.97
C MET I 105 -3.07 -26.15 -39.54
N LEU I 106 -3.25 -27.15 -38.69
CA LEU I 106 -3.57 -26.89 -37.30
C LEU I 106 -2.41 -26.22 -36.58
N ALA I 107 -1.17 -26.61 -36.90
CA ALA I 107 0.00 -26.00 -36.27
C ALA I 107 0.23 -24.58 -36.79
N MET I 108 0.06 -24.35 -38.08
CA MET I 108 0.25 -23.00 -38.60
C MET I 108 -0.89 -22.07 -38.21
N SER I 109 -2.08 -22.61 -37.93
CA SER I 109 -3.14 -21.77 -37.39
C SER I 109 -2.96 -21.51 -35.90
N SER I 110 -2.30 -22.42 -35.19
CA SER I 110 -1.96 -22.13 -33.79
C SER I 110 -0.87 -21.08 -33.71
N LEU I 111 0.00 -21.00 -34.71
CA LEU I 111 1.01 -19.95 -34.72
C LEU I 111 0.45 -18.57 -35.04
N ALA I 112 -0.80 -18.47 -35.48
CA ALA I 112 -1.33 -17.21 -35.98
C ALA I 112 -1.64 -16.20 -34.89
N VAL I 113 -1.63 -16.59 -33.62
CA VAL I 113 -1.98 -15.64 -32.55
C VAL I 113 -0.85 -14.69 -32.20
N TYR I 114 0.38 -14.97 -32.67
CA TYR I 114 1.50 -14.10 -32.31
C TYR I 114 1.40 -12.77 -33.03
N SER I 115 0.76 -12.73 -34.19
CA SER I 115 0.52 -11.44 -34.86
C SER I 115 -0.37 -10.56 -34.01
N ILE I 116 -1.37 -11.16 -33.37
CA ILE I 116 -2.26 -10.41 -32.46
C ILE I 116 -1.50 -9.96 -31.23
N LEU I 117 -0.73 -10.86 -30.63
CA LEU I 117 -0.03 -10.54 -29.38
C LEU I 117 1.09 -9.53 -29.60
N TRP I 118 1.87 -9.67 -30.67
CA TRP I 118 2.94 -8.75 -30.96
C TRP I 118 2.42 -7.40 -31.43
N SER I 119 1.30 -7.38 -32.16
CA SER I 119 0.71 -6.11 -32.55
C SER I 119 0.13 -5.39 -31.34
N GLY I 120 -0.42 -6.12 -30.38
CA GLY I 120 -0.92 -5.47 -29.18
C GLY I 120 0.16 -5.01 -28.24
N TRP I 121 1.27 -5.73 -28.15
CA TRP I 121 2.34 -5.23 -27.30
C TRP I 121 3.15 -4.13 -27.99
N ALA I 122 3.25 -4.15 -29.32
CA ALA I 122 4.05 -3.17 -30.03
C ALA I 122 3.41 -1.79 -30.10
N SER I 123 2.21 -1.62 -29.55
CA SER I 123 1.62 -0.30 -29.36
C SER I 123 1.89 0.18 -27.94
N ASN I 124 1.89 1.50 -27.76
CA ASN I 124 2.05 2.04 -26.42
C ASN I 124 0.78 1.98 -25.58
N SER I 125 -0.37 1.76 -26.21
CA SER I 125 -1.63 1.85 -25.49
C SER I 125 -1.83 0.61 -24.62
N LYS I 126 -2.38 0.83 -23.42
CA LYS I 126 -2.76 -0.31 -22.60
C LYS I 126 -4.10 -0.89 -23.02
N TYR I 127 -4.98 -0.05 -23.57
CA TYR I 127 -6.28 -0.54 -24.03
C TYR I 127 -6.11 -1.43 -25.27
N ALA I 128 -5.14 -1.10 -26.12
CA ALA I 128 -4.85 -1.93 -27.28
C ALA I 128 -4.27 -3.28 -26.86
N LEU I 129 -3.43 -3.28 -25.81
CA LEU I 129 -2.89 -4.51 -25.28
C LEU I 129 -3.97 -5.36 -24.63
N ILE I 130 -4.93 -4.73 -23.94
CA ILE I 130 -6.04 -5.47 -23.32
C ILE I 130 -6.92 -6.11 -24.39
N GLY I 131 -7.24 -5.35 -25.46
CA GLY I 131 -7.99 -5.92 -26.57
C GLY I 131 -7.26 -7.04 -27.28
N ALA I 132 -5.93 -6.94 -27.37
CA ALA I 132 -5.16 -8.01 -28.00
C ALA I 132 -5.12 -9.25 -27.13
N LEU I 133 -5.02 -9.09 -25.80
CA LEU I 133 -5.03 -10.24 -24.92
C LEU I 133 -6.39 -10.93 -24.93
N ARG I 134 -7.47 -10.17 -25.03
CA ARG I 134 -8.79 -10.78 -25.13
C ARG I 134 -8.98 -11.50 -26.47
N ALA I 135 -8.42 -10.93 -27.55
CA ALA I 135 -8.48 -11.60 -28.85
C ALA I 135 -7.67 -12.88 -28.86
N VAL I 136 -6.48 -12.86 -28.23
CA VAL I 136 -5.63 -14.05 -28.14
C VAL I 136 -6.32 -15.13 -27.30
N ALA I 137 -6.99 -14.74 -26.21
CA ALA I 137 -7.66 -15.73 -25.37
C ALA I 137 -8.86 -16.34 -26.07
N GLN I 138 -9.59 -15.54 -26.84
CA GLN I 138 -10.66 -16.06 -27.70
C GLN I 138 -10.13 -17.06 -28.72
N THR I 139 -9.02 -16.73 -29.37
CA THR I 139 -8.52 -17.57 -30.45
C THR I 139 -7.94 -18.87 -29.93
N ILE I 140 -7.23 -18.81 -28.79
CA ILE I 140 -6.69 -20.05 -28.22
C ILE I 140 -7.82 -20.89 -27.63
N SER I 141 -8.91 -20.26 -27.17
CA SER I 141 -10.04 -21.04 -26.69
C SER I 141 -10.69 -21.82 -27.83
N TYR I 142 -10.89 -21.18 -28.98
CA TYR I 142 -11.56 -21.89 -30.06
C TYR I 142 -10.64 -22.84 -30.85
N GLU I 143 -9.32 -22.69 -30.73
CA GLU I 143 -8.41 -23.68 -31.32
C GLU I 143 -8.54 -25.05 -30.66
N VAL I 144 -8.95 -25.09 -29.38
CA VAL I 144 -9.18 -26.35 -28.68
C VAL I 144 -10.26 -27.16 -29.39
N THR I 145 -11.41 -26.54 -29.63
CA THR I 145 -12.49 -27.27 -30.30
C THR I 145 -12.21 -27.52 -31.76
N LEU I 146 -11.44 -26.62 -32.42
CA LEU I 146 -10.87 -26.95 -33.74
C LEU I 146 -10.12 -28.27 -33.72
N ALA I 147 -9.17 -28.41 -32.79
CA ALA I 147 -8.31 -29.59 -32.76
C ALA I 147 -9.10 -30.85 -32.42
N ILE I 148 -10.06 -30.77 -31.50
CA ILE I 148 -10.76 -31.98 -31.10
C ILE I 148 -11.81 -32.40 -32.14
N ILE I 149 -12.54 -31.44 -32.73
CA ILE I 149 -13.44 -31.73 -33.84
C ILE I 149 -12.68 -32.32 -35.02
N LEU I 150 -11.52 -31.75 -35.31
CA LEU I 150 -10.71 -32.16 -36.45
C LEU I 150 -10.16 -33.56 -36.27
N LEU I 151 -9.74 -33.88 -35.04
CA LEU I 151 -9.32 -35.23 -34.70
C LEU I 151 -10.47 -36.21 -34.83
N SER I 152 -11.67 -35.81 -34.41
CA SER I 152 -12.83 -36.69 -34.47
C SER I 152 -13.23 -37.01 -35.90
N VAL I 153 -13.11 -36.03 -36.80
CA VAL I 153 -13.45 -36.30 -38.20
C VAL I 153 -12.34 -37.10 -38.87
N LEU I 154 -11.08 -36.85 -38.50
CA LEU I 154 -9.98 -37.66 -39.02
C LEU I 154 -10.01 -39.10 -38.54
N LEU I 155 -10.74 -39.39 -37.46
CA LEU I 155 -11.04 -40.78 -37.13
C LEU I 155 -11.89 -41.48 -38.19
N MET I 156 -12.60 -40.74 -39.04
CA MET I 156 -13.21 -41.30 -40.24
C MET I 156 -12.34 -41.14 -41.47
N ASN I 157 -11.42 -40.16 -41.47
CA ASN I 157 -10.49 -40.04 -42.59
C ASN I 157 -9.52 -41.22 -42.63
N GLY I 158 -8.89 -41.53 -41.52
CA GLY I 158 -7.90 -42.58 -41.44
C GLY I 158 -6.49 -42.09 -41.23
N SER I 159 -6.19 -40.86 -41.63
CA SER I 159 -4.86 -40.30 -41.51
C SER I 159 -4.98 -38.78 -41.44
N PHE I 160 -3.85 -38.12 -41.28
CA PHE I 160 -3.75 -36.67 -41.33
C PHE I 160 -3.62 -36.16 -42.75
N THR I 161 -3.66 -37.05 -43.74
CA THR I 161 -3.47 -36.68 -45.12
C THR I 161 -4.71 -35.97 -45.63
N LEU I 162 -4.53 -34.77 -46.16
CA LEU I 162 -5.62 -34.01 -46.72
C LEU I 162 -6.16 -34.60 -48.01
N SER I 163 -5.30 -35.21 -48.83
CA SER I 163 -5.77 -35.74 -50.11
C SER I 163 -6.61 -37.00 -49.92
N THR I 164 -6.37 -37.75 -48.84
CA THR I 164 -7.19 -38.90 -48.49
C THR I 164 -8.62 -38.50 -48.14
N LEU I 165 -8.82 -37.26 -47.68
CA LEU I 165 -10.12 -36.79 -47.24
C LEU I 165 -11.09 -36.61 -48.40
N ILE I 166 -10.61 -36.63 -49.65
CA ILE I 166 -11.47 -36.74 -50.82
C ILE I 166 -11.92 -38.18 -51.03
N ILE I 167 -10.99 -39.13 -50.84
CA ILE I 167 -11.28 -40.56 -50.96
C ILE I 167 -12.29 -40.98 -49.91
N THR I 168 -12.16 -40.41 -48.70
CA THR I 168 -13.08 -40.66 -47.59
C THR I 168 -14.51 -40.33 -47.95
N GLN I 169 -14.72 -39.29 -48.76
CA GLN I 169 -16.06 -38.80 -49.05
C GLN I 169 -16.49 -39.13 -50.47
N GLU I 170 -16.10 -40.30 -50.98
CA GLU I 170 -16.52 -40.68 -52.33
C GLU I 170 -17.90 -41.29 -52.37
N GLN I 171 -18.44 -41.71 -51.23
CA GLN I 171 -19.79 -42.26 -51.17
C GLN I 171 -20.78 -41.31 -50.54
N VAL I 172 -20.37 -40.55 -49.54
CA VAL I 172 -21.26 -39.63 -48.85
C VAL I 172 -20.44 -38.41 -48.46
N TRP I 173 -21.08 -37.24 -48.45
CA TRP I 173 -20.51 -36.10 -47.75
C TRP I 173 -20.30 -36.45 -46.29
N LEU I 174 -19.19 -36.00 -45.74
CA LEU I 174 -18.85 -36.38 -44.39
C LEU I 174 -19.60 -35.56 -43.36
N ILE I 175 -20.35 -34.55 -43.81
CA ILE I 175 -21.30 -33.84 -42.96
C ILE I 175 -22.51 -34.72 -42.64
N PHE I 176 -22.78 -35.78 -43.41
CA PHE I 176 -23.89 -36.65 -43.05
C PHE I 176 -23.58 -37.53 -41.83
N PRO I 177 -22.41 -38.17 -41.67
CA PRO I 177 -22.14 -38.78 -40.37
C PRO I 177 -21.66 -37.82 -39.30
N ALA I 178 -21.34 -36.57 -39.64
CA ALA I 178 -20.72 -35.68 -38.66
C ALA I 178 -21.27 -34.26 -38.75
N TRP I 179 -22.60 -34.11 -38.86
CA TRP I 179 -23.15 -32.75 -38.82
C TRP I 179 -23.06 -32.00 -37.48
N PRO I 180 -23.07 -32.61 -36.29
CA PRO I 180 -22.84 -31.77 -35.10
C PRO I 180 -21.40 -31.28 -35.02
N LEU I 181 -20.45 -32.13 -35.41
CA LEU I 181 -19.06 -31.70 -35.53
C LEU I 181 -18.92 -30.65 -36.63
N ALA I 182 -19.72 -30.75 -37.69
CA ALA I 182 -19.69 -29.74 -38.75
C ALA I 182 -20.17 -28.40 -38.27
N MET I 183 -21.25 -28.36 -37.49
CA MET I 183 -21.78 -27.06 -37.08
C MET I 183 -20.94 -26.43 -35.97
N MET I 184 -20.39 -27.24 -35.05
CA MET I 184 -19.48 -26.68 -34.06
C MET I 184 -18.14 -26.30 -34.68
N TRP I 185 -17.69 -27.04 -35.71
CA TRP I 185 -16.53 -26.64 -36.49
C TRP I 185 -16.75 -25.31 -37.18
N PHE I 186 -17.93 -25.12 -37.74
CA PHE I 186 -18.22 -23.91 -38.50
C PHE I 186 -18.27 -22.69 -37.61
N ILE I 187 -18.90 -22.81 -36.44
CA ILE I 187 -18.91 -21.67 -35.51
C ILE I 187 -17.54 -21.47 -34.89
N SER I 188 -16.74 -22.53 -34.75
CA SER I 188 -15.40 -22.36 -34.23
C SER I 188 -14.48 -21.69 -35.25
N THR I 189 -14.66 -21.96 -36.54
CA THR I 189 -13.93 -21.22 -37.57
C THR I 189 -14.42 -19.78 -37.66
N LEU I 190 -15.70 -19.56 -37.37
CA LEU I 190 -16.24 -18.21 -37.32
C LEU I 190 -15.65 -17.43 -36.17
N ALA I 191 -15.29 -18.11 -35.09
CA ALA I 191 -14.68 -17.45 -33.93
C ALA I 191 -13.15 -17.44 -33.99
N GLU I 192 -12.52 -18.19 -34.89
CA GLU I 192 -11.07 -18.10 -35.07
C GLU I 192 -10.66 -16.81 -35.74
N THR I 193 -11.42 -16.39 -36.75
CA THR I 193 -10.99 -15.32 -37.65
C THR I 193 -11.43 -13.95 -37.20
N ASN I 194 -11.92 -13.83 -35.95
CA ASN I 194 -12.53 -12.62 -35.40
C ASN I 194 -13.61 -12.08 -36.33
N ARG I 195 -14.63 -12.90 -36.51
CA ARG I 195 -15.67 -12.69 -37.50
C ARG I 195 -17.00 -12.66 -36.78
N ALA I 196 -17.90 -11.76 -37.20
CA ALA I 196 -19.15 -11.53 -36.48
C ALA I 196 -20.03 -12.79 -36.54
N PRO I 197 -20.68 -13.17 -35.42
CA PRO I 197 -20.85 -12.47 -34.12
C PRO I 197 -19.72 -12.60 -33.09
N PHE I 198 -18.46 -12.76 -33.51
CA PHE I 198 -17.35 -12.96 -32.60
C PHE I 198 -16.24 -11.92 -32.80
N ASP I 199 -16.56 -10.77 -33.42
CA ASP I 199 -15.55 -9.74 -33.66
C ASP I 199 -15.67 -8.65 -32.60
N LEU I 200 -15.12 -8.94 -31.43
CA LEU I 200 -15.11 -7.98 -30.34
C LEU I 200 -14.01 -6.94 -30.49
N THR I 201 -13.06 -7.17 -31.38
CA THR I 201 -12.04 -6.16 -31.68
C THR I 201 -12.64 -4.96 -32.38
N GLU I 202 -13.81 -5.11 -33.00
CA GLU I 202 -14.53 -4.03 -33.62
C GLU I 202 -15.70 -3.52 -32.76
N GLY I 203 -15.79 -3.96 -31.52
CA GLY I 203 -16.86 -3.55 -30.64
C GLY I 203 -16.55 -2.30 -29.83
N PHE I 211 -7.22 -4.02 -31.82
CA PHE I 211 -5.98 -4.34 -31.14
C PHE I 211 -4.77 -3.85 -31.93
N ASN I 212 -4.92 -3.79 -33.25
CA ASN I 212 -3.83 -3.37 -34.12
C ASN I 212 -4.15 -2.04 -34.79
N VAL I 213 -4.69 -1.10 -34.02
CA VAL I 213 -5.08 0.21 -34.53
C VAL I 213 -3.95 1.20 -34.36
N GLU I 214 -2.74 0.70 -34.12
CA GLU I 214 -1.55 1.52 -34.08
C GLU I 214 -0.86 1.61 -35.44
N TYR I 215 -1.12 0.62 -36.31
CA TYR I 215 -0.51 0.55 -37.62
C TYR I 215 -1.08 1.62 -38.55
N ALA I 216 -0.38 1.80 -39.67
CA ALA I 216 -0.78 2.74 -40.70
C ALA I 216 -1.89 2.11 -41.55
N ALA I 217 -2.30 2.81 -42.62
CA ALA I 217 -3.37 2.29 -43.47
C ALA I 217 -2.86 1.13 -44.33
N GLY I 218 -1.62 1.19 -44.77
CA GLY I 218 -0.97 0.11 -45.48
C GLY I 218 -0.85 -1.17 -44.67
N PRO I 219 -0.17 -1.12 -43.52
CA PRO I 219 -0.16 -2.31 -42.64
C PRO I 219 -1.53 -2.75 -42.13
N PHE I 220 -2.50 -1.85 -41.98
CA PHE I 220 -3.85 -2.30 -41.65
C PHE I 220 -4.46 -3.05 -42.83
N ALA I 221 -4.17 -2.63 -44.05
CA ALA I 221 -4.60 -3.39 -45.23
C ALA I 221 -3.91 -4.75 -45.28
N LEU I 222 -2.67 -4.84 -44.78
CA LEU I 222 -1.98 -6.12 -44.75
C LEU I 222 -2.59 -7.07 -43.72
N PHE I 223 -2.92 -6.58 -42.52
CA PHE I 223 -3.65 -7.42 -41.56
C PHE I 223 -5.03 -7.80 -42.08
N PHE I 224 -5.68 -6.87 -42.78
CA PHE I 224 -7.00 -7.11 -43.34
C PHE I 224 -6.95 -8.21 -44.40
N MET I 225 -5.92 -8.20 -45.23
CA MET I 225 -5.84 -9.19 -46.29
C MET I 225 -5.33 -10.53 -45.78
N ALA I 226 -4.54 -10.52 -44.71
CA ALA I 226 -4.21 -11.78 -44.03
C ALA I 226 -5.45 -12.40 -43.39
N GLU I 227 -6.32 -11.57 -42.81
CA GLU I 227 -7.57 -12.07 -42.24
C GLU I 227 -8.48 -12.65 -43.32
N TYR I 228 -8.57 -11.99 -44.48
CA TYR I 228 -9.46 -12.55 -45.50
C TYR I 228 -8.88 -13.77 -46.21
N ALA I 229 -7.55 -13.86 -46.32
CA ALA I 229 -6.95 -15.10 -46.79
C ALA I 229 -7.23 -16.23 -45.82
N ASN I 230 -7.22 -15.95 -44.52
CA ASN I 230 -7.60 -16.95 -43.53
C ASN I 230 -9.06 -17.35 -43.67
N ILE I 231 -9.94 -16.40 -43.98
CA ILE I 231 -11.37 -16.70 -44.08
C ILE I 231 -11.66 -17.59 -45.30
N ILE I 232 -11.14 -17.20 -46.48
CA ILE I 232 -11.31 -18.01 -47.68
C ILE I 232 -10.68 -19.39 -47.50
N MET I 233 -9.52 -19.43 -46.84
CA MET I 233 -8.81 -20.68 -46.61
C MET I 233 -9.61 -21.62 -45.70
N MET I 234 -10.14 -21.09 -44.60
CA MET I 234 -10.91 -21.95 -43.68
C MET I 234 -12.20 -22.42 -44.32
N ASN I 235 -12.78 -21.62 -45.23
CA ASN I 235 -13.96 -22.10 -45.95
C ASN I 235 -13.61 -23.18 -46.96
N ILE I 236 -12.46 -23.06 -47.62
CA ILE I 236 -12.00 -24.11 -48.53
C ILE I 236 -11.67 -25.38 -47.76
N PHE I 237 -11.08 -25.23 -46.58
CA PHE I 237 -10.75 -26.38 -45.73
C PHE I 237 -11.99 -27.05 -45.17
N THR I 238 -13.00 -26.27 -44.80
CA THR I 238 -14.26 -26.84 -44.32
C THR I 238 -15.04 -27.52 -45.44
N THR I 239 -14.95 -26.96 -46.66
CA THR I 239 -15.51 -27.60 -47.85
C THR I 239 -14.86 -28.95 -48.11
N THR I 240 -13.53 -28.99 -48.12
CA THR I 240 -12.80 -30.24 -48.35
C THR I 240 -13.06 -31.23 -47.23
N LEU I 241 -13.30 -30.74 -46.02
CA LEU I 241 -13.40 -31.56 -44.83
C LEU I 241 -14.78 -32.17 -44.64
N PHE I 242 -15.86 -31.46 -45.02
CA PHE I 242 -17.21 -31.97 -44.83
C PHE I 242 -18.03 -32.11 -46.09
N LEU I 243 -17.69 -31.43 -47.16
CA LEU I 243 -18.52 -31.38 -48.37
C LEU I 243 -17.71 -31.78 -49.59
N GLY I 244 -16.99 -32.90 -49.48
CA GLY I 244 -16.04 -33.32 -50.49
C GLY I 244 -16.60 -33.61 -51.86
N ALA I 245 -16.04 -32.95 -52.85
CA ALA I 245 -16.56 -32.95 -54.20
C ALA I 245 -16.18 -34.23 -54.92
N PHE I 246 -16.82 -34.45 -56.07
CA PHE I 246 -16.46 -35.58 -56.90
C PHE I 246 -15.14 -35.29 -57.62
N HIS I 247 -14.25 -36.27 -57.61
CA HIS I 247 -12.95 -36.13 -58.25
C HIS I 247 -12.81 -37.20 -59.33
N ASN I 248 -12.91 -36.77 -60.58
CA ASN I 248 -12.48 -37.58 -61.70
C ASN I 248 -10.99 -37.35 -61.89
N PRO I 249 -10.15 -38.40 -61.78
CA PRO I 249 -8.71 -38.20 -61.91
C PRO I 249 -8.24 -37.82 -63.30
N TYR I 250 -9.09 -37.96 -64.32
CA TYR I 250 -8.71 -37.56 -65.67
C TYR I 250 -9.14 -36.14 -66.00
N MET I 251 -10.23 -35.66 -65.40
CA MET I 251 -10.66 -34.28 -65.54
C MET I 251 -10.67 -33.65 -64.15
N PRO I 252 -9.53 -33.12 -63.69
CA PRO I 252 -9.47 -32.54 -62.34
C PRO I 252 -10.22 -31.23 -62.20
N GLU I 253 -10.49 -30.55 -63.32
CA GLU I 253 -11.19 -29.28 -63.28
C GLU I 253 -12.63 -29.43 -62.84
N LEU I 254 -13.21 -30.64 -62.96
CA LEU I 254 -14.53 -30.90 -62.38
C LEU I 254 -14.52 -30.73 -60.87
N TYR I 255 -13.54 -31.35 -60.20
CA TYR I 255 -13.37 -31.15 -58.76
C TYR I 255 -13.08 -29.69 -58.44
N THR I 256 -12.29 -29.02 -59.29
CA THR I 256 -11.92 -27.64 -58.99
C THR I 256 -13.11 -26.70 -59.06
N ILE I 257 -13.95 -26.85 -60.11
CA ILE I 257 -15.20 -26.07 -60.21
C ILE I 257 -16.13 -26.39 -59.05
N ASN I 258 -16.20 -27.66 -58.66
CA ASN I 258 -17.15 -28.09 -57.65
C ASN I 258 -16.78 -27.56 -56.26
N PHE I 259 -15.51 -27.70 -55.85
CA PHE I 259 -15.14 -27.20 -54.53
C PHE I 259 -15.08 -25.68 -54.54
N THR I 260 -14.81 -25.05 -55.70
CA THR I 260 -14.81 -23.60 -55.74
C THR I 260 -16.21 -23.03 -55.55
N ILE I 261 -17.24 -23.66 -56.15
CA ILE I 261 -18.62 -23.24 -55.93
C ILE I 261 -19.01 -23.44 -54.47
N LYS I 262 -18.63 -24.58 -53.89
CA LYS I 262 -19.01 -24.85 -52.49
C LYS I 262 -18.29 -23.90 -51.52
N SER I 263 -17.03 -23.57 -51.80
CA SER I 263 -16.30 -22.66 -50.93
C SER I 263 -16.78 -21.22 -51.06
N LEU I 264 -17.19 -20.81 -52.27
CA LEU I 264 -17.84 -19.53 -52.43
C LEU I 264 -19.14 -19.45 -51.64
N LEU I 265 -19.95 -20.52 -51.68
CA LEU I 265 -21.18 -20.55 -50.90
C LEU I 265 -20.91 -20.48 -49.41
N LEU I 266 -19.83 -21.10 -48.96
CA LEU I 266 -19.54 -21.08 -47.53
C LEU I 266 -18.96 -19.73 -47.08
N SER I 267 -18.19 -19.06 -47.95
CA SER I 267 -17.73 -17.71 -47.64
C SER I 267 -18.89 -16.71 -47.63
N ILE I 268 -19.84 -16.85 -48.57
CA ILE I 268 -21.05 -16.05 -48.57
C ILE I 268 -21.90 -16.35 -47.34
N THR I 269 -21.84 -17.59 -46.83
CA THR I 269 -22.52 -17.90 -45.57
C THR I 269 -21.88 -17.16 -44.39
N PHE I 270 -20.54 -17.00 -44.39
CA PHE I 270 -19.91 -16.10 -43.41
C PHE I 270 -20.43 -14.66 -43.55
N LEU I 271 -20.52 -14.18 -44.79
CA LEU I 271 -21.02 -12.82 -45.04
C LEU I 271 -22.47 -12.65 -44.58
N TRP I 272 -23.25 -13.71 -44.70
CA TRP I 272 -24.68 -13.72 -44.40
C TRP I 272 -24.95 -13.96 -42.93
N ILE I 273 -24.00 -14.52 -42.20
CA ILE I 273 -24.12 -14.61 -40.75
C ILE I 273 -23.71 -13.30 -40.11
N ARG I 274 -22.68 -12.61 -40.63
CA ARG I 274 -22.34 -11.32 -40.03
C ARG I 274 -23.40 -10.25 -40.28
N ALA I 275 -24.29 -10.46 -41.24
CA ALA I 275 -25.38 -9.54 -41.53
C ALA I 275 -26.69 -9.94 -40.88
N SER I 276 -26.65 -10.88 -39.94
CA SER I 276 -27.87 -11.42 -39.36
C SER I 276 -27.91 -11.41 -37.85
N TYR I 277 -26.78 -11.25 -37.16
CA TYR I 277 -26.77 -11.51 -35.73
C TYR I 277 -26.09 -10.41 -34.96
N PRO I 278 -26.55 -10.13 -33.74
CA PRO I 278 -25.80 -9.25 -32.85
C PRO I 278 -24.57 -9.96 -32.32
N ARG I 279 -23.64 -9.18 -31.80
CA ARG I 279 -22.40 -9.74 -31.28
C ARG I 279 -22.63 -10.36 -29.91
N PHE I 280 -21.72 -11.25 -29.54
CA PHE I 280 -21.67 -11.77 -28.18
C PHE I 280 -20.95 -10.80 -27.27
N ARG I 281 -21.35 -10.79 -26.01
CA ARG I 281 -20.48 -10.25 -24.99
C ARG I 281 -19.33 -11.25 -24.79
N TYR I 282 -18.20 -10.75 -24.28
CA TYR I 282 -16.96 -11.53 -24.25
C TYR I 282 -17.09 -12.81 -23.43
N ASP I 283 -17.67 -12.70 -22.25
CA ASP I 283 -17.91 -13.88 -21.45
C ASP I 283 -18.98 -14.78 -22.05
N GLN I 284 -19.86 -14.27 -22.91
CA GLN I 284 -20.88 -15.12 -23.52
C GLN I 284 -20.28 -16.07 -24.54
N LEU I 285 -19.30 -15.63 -25.32
CA LEU I 285 -18.64 -16.60 -26.19
C LEU I 285 -17.59 -17.43 -25.44
N MET I 286 -17.02 -16.92 -24.35
CA MET I 286 -16.23 -17.81 -23.49
C MET I 286 -17.09 -18.92 -22.90
N HIS I 287 -18.31 -18.58 -22.49
CA HIS I 287 -19.30 -19.57 -22.07
C HIS I 287 -19.64 -20.52 -23.19
N LEU I 288 -19.89 -19.97 -24.39
CA LEU I 288 -20.24 -20.74 -25.58
C LEU I 288 -19.17 -21.75 -25.94
N LEU I 289 -17.90 -21.39 -25.78
CA LEU I 289 -16.88 -22.40 -25.95
C LEU I 289 -16.90 -23.39 -24.80
N TRP I 290 -16.53 -22.92 -23.61
CA TRP I 290 -16.04 -23.79 -22.55
C TRP I 290 -17.15 -24.60 -21.91
N LYS I 291 -18.38 -24.11 -21.91
CA LYS I 291 -19.45 -24.79 -21.22
C LYS I 291 -20.49 -25.37 -22.15
N ASN I 292 -20.44 -25.05 -23.44
CA ASN I 292 -21.35 -25.61 -24.43
C ASN I 292 -20.64 -26.44 -25.48
N PHE I 293 -19.69 -25.86 -26.25
CA PHE I 293 -19.13 -26.61 -27.37
C PHE I 293 -18.18 -27.68 -26.89
N LEU I 294 -17.35 -27.36 -25.91
CA LEU I 294 -16.34 -28.30 -25.44
C LEU I 294 -16.88 -29.58 -24.79
N PRO I 295 -17.96 -29.58 -23.97
CA PRO I 295 -18.51 -30.88 -23.53
C PRO I 295 -19.06 -31.72 -24.66
N LEU I 296 -19.80 -31.10 -25.59
CA LEU I 296 -20.28 -31.80 -26.78
C LEU I 296 -19.13 -32.30 -27.62
N THR I 297 -18.04 -31.53 -27.69
CA THR I 297 -16.91 -31.92 -28.52
C THR I 297 -16.19 -33.11 -27.91
N LEU I 298 -16.08 -33.17 -26.58
CA LEU I 298 -15.47 -34.32 -25.93
C LEU I 298 -16.36 -35.55 -26.05
N ALA I 299 -17.68 -35.37 -25.93
CA ALA I 299 -18.60 -36.50 -26.05
C ALA I 299 -18.61 -37.06 -27.46
N LEU I 300 -18.64 -36.20 -28.47
CA LEU I 300 -18.59 -36.67 -29.84
C LEU I 300 -17.20 -37.18 -30.22
N CYS I 301 -16.16 -36.74 -29.51
CA CYS I 301 -14.84 -37.33 -29.75
C CYS I 301 -14.78 -38.75 -29.21
N MET I 302 -15.37 -38.99 -28.04
CA MET I 302 -15.55 -40.37 -27.55
C MET I 302 -16.41 -41.19 -28.50
N TRP I 303 -17.44 -40.57 -29.06
CA TRP I 303 -18.33 -41.27 -29.98
C TRP I 303 -17.63 -41.65 -31.28
N HIS I 304 -16.82 -40.76 -31.83
CA HIS I 304 -16.11 -41.10 -33.06
C HIS I 304 -14.83 -41.87 -32.83
N VAL I 305 -14.35 -41.98 -31.58
CA VAL I 305 -13.37 -43.01 -31.27
C VAL I 305 -14.04 -44.39 -31.30
N SER I 306 -15.15 -44.53 -30.58
CA SER I 306 -15.68 -45.86 -30.33
C SER I 306 -16.62 -46.36 -31.42
N LEU I 307 -17.09 -45.48 -32.30
CA LEU I 307 -18.07 -45.88 -33.32
C LEU I 307 -17.47 -46.72 -34.45
N PRO I 308 -16.32 -46.40 -35.07
CA PRO I 308 -15.80 -47.30 -36.11
C PRO I 308 -15.34 -48.64 -35.58
N ILE I 309 -15.16 -48.77 -34.27
CA ILE I 309 -14.88 -50.06 -33.67
C ILE I 309 -16.16 -50.88 -33.50
N LEU I 310 -17.28 -50.24 -33.17
CA LEU I 310 -18.51 -50.98 -33.00
C LEU I 310 -19.24 -51.22 -34.32
N LEU I 311 -18.93 -50.46 -35.37
CA LEU I 311 -19.51 -50.70 -36.69
C LEU I 311 -18.62 -51.52 -37.59
N SER I 312 -17.42 -51.88 -37.13
CA SER I 312 -16.36 -52.49 -37.93
C SER I 312 -16.07 -51.66 -39.18
N SER I 313 -15.76 -50.40 -38.95
CA SER I 313 -15.53 -49.46 -40.04
C SER I 313 -14.32 -48.61 -39.76
N ILE I 314 -13.25 -49.23 -39.30
CA ILE I 314 -12.00 -48.48 -39.11
C ILE I 314 -11.40 -48.19 -40.47
N PRO I 315 -11.12 -46.93 -40.80
CA PRO I 315 -10.54 -46.60 -42.10
C PRO I 315 -9.10 -47.02 -42.19
N PRO I 316 -8.56 -47.19 -43.40
CA PRO I 316 -7.16 -47.58 -43.54
C PRO I 316 -6.20 -46.44 -43.27
N GLN I 317 -5.03 -46.81 -42.77
CA GLN I 317 -3.95 -45.86 -42.58
C GLN I 317 -3.46 -45.30 -43.91
N THR I 318 -3.24 -46.17 -44.89
CA THR I 318 -2.78 -45.73 -46.20
C THR I 318 -3.93 -45.21 -47.05
N MET J 1 26.91 -27.21 -49.42
CA MET J 1 26.16 -26.40 -48.47
C MET J 1 24.78 -27.00 -48.18
N MET J 2 24.10 -27.47 -49.23
CA MET J 2 22.74 -27.95 -49.07
C MET J 2 22.70 -29.32 -48.39
N THR J 3 23.79 -30.08 -48.51
CA THR J 3 23.90 -31.31 -47.73
C THR J 3 23.94 -31.00 -46.23
N TYR J 4 24.63 -29.93 -45.84
CA TYR J 4 24.90 -29.63 -44.45
C TYR J 4 23.79 -28.84 -43.77
N ILE J 5 22.54 -29.00 -44.23
CA ILE J 5 21.45 -28.13 -43.76
C ILE J 5 21.09 -28.42 -42.30
N VAL J 6 21.29 -29.66 -41.83
CA VAL J 6 21.00 -29.97 -40.44
C VAL J 6 22.03 -29.35 -39.51
N PHE J 7 23.30 -29.37 -39.93
CA PHE J 7 24.35 -28.72 -39.17
C PHE J 7 24.17 -27.20 -39.17
N ILE J 8 23.75 -26.64 -40.30
CA ILE J 8 23.51 -25.20 -40.38
C ILE J 8 22.34 -24.79 -39.47
N LEU J 9 21.25 -25.56 -39.48
CA LEU J 9 20.13 -25.28 -38.59
C LEU J 9 20.50 -25.47 -37.12
N SER J 10 21.44 -26.37 -36.82
CA SER J 10 21.91 -26.47 -35.45
C SER J 10 22.75 -25.27 -35.04
N ILE J 11 23.56 -24.74 -35.95
CA ILE J 11 24.33 -23.53 -35.65
C ILE J 11 23.40 -22.35 -35.41
N ILE J 12 22.32 -22.26 -36.21
CA ILE J 12 21.30 -21.22 -36.00
C ILE J 12 20.60 -21.44 -34.66
N PHE J 13 20.40 -22.69 -34.27
CA PHE J 13 19.75 -23.05 -33.01
C PHE J 13 20.59 -22.62 -31.80
N VAL J 14 21.90 -22.88 -31.87
CA VAL J 14 22.82 -22.48 -30.80
C VAL J 14 22.92 -20.96 -30.74
N MET J 15 22.96 -20.30 -31.89
CA MET J 15 23.01 -18.84 -31.91
C MET J 15 21.74 -18.21 -31.37
N GLY J 16 20.58 -18.83 -31.62
CA GLY J 16 19.35 -18.32 -31.04
C GLY J 16 19.27 -18.55 -29.54
N PHE J 17 19.87 -19.64 -29.06
CA PHE J 17 19.91 -19.82 -27.61
C PHE J 17 20.86 -18.84 -26.95
N VAL J 18 21.98 -18.50 -27.62
CA VAL J 18 22.84 -17.42 -27.15
C VAL J 18 22.09 -16.10 -27.17
N GLY J 19 21.25 -15.90 -28.18
CA GLY J 19 20.39 -14.74 -28.31
C GLY J 19 19.45 -14.52 -27.15
N PHE J 20 18.65 -15.52 -26.77
CA PHE J 20 17.73 -15.24 -25.68
C PHE J 20 18.34 -15.50 -24.31
N SER J 21 19.44 -16.28 -24.22
CA SER J 21 20.03 -16.60 -22.94
C SER J 21 20.78 -15.43 -22.33
N SER J 22 21.23 -14.47 -23.14
CA SER J 22 21.82 -13.25 -22.63
C SER J 22 20.78 -12.29 -22.09
N LYS J 23 19.50 -12.55 -22.37
CA LYS J 23 18.32 -12.00 -21.72
C LYS J 23 18.24 -10.48 -21.81
N PRO J 24 17.98 -9.90 -22.98
CA PRO J 24 17.82 -8.43 -23.05
C PRO J 24 16.55 -7.96 -22.36
N SER J 25 15.48 -8.74 -22.44
CA SER J 25 14.16 -8.53 -21.87
C SER J 25 13.44 -9.87 -22.04
N PRO J 26 12.44 -10.18 -21.22
CA PRO J 26 11.70 -11.45 -21.42
C PRO J 26 10.88 -11.48 -22.70
N ILE J 27 10.56 -10.33 -23.27
CA ILE J 27 9.77 -10.30 -24.50
C ILE J 27 10.65 -10.59 -25.72
N TYR J 28 11.83 -9.98 -25.77
CA TYR J 28 12.79 -10.34 -26.82
C TYR J 28 13.37 -11.73 -26.59
N GLY J 29 13.46 -12.14 -25.32
CA GLY J 29 13.84 -13.51 -25.03
C GLY J 29 12.81 -14.52 -25.51
N GLY J 30 11.53 -14.19 -25.37
CA GLY J 30 10.48 -15.02 -25.91
C GLY J 30 10.52 -15.09 -27.42
N LEU J 31 10.78 -13.94 -28.07
CA LEU J 31 10.91 -13.91 -29.53
C LEU J 31 12.08 -14.78 -30.02
N GLY J 32 13.22 -14.68 -29.34
CA GLY J 32 14.37 -15.51 -29.70
C GLY J 32 14.12 -16.99 -29.45
N LEU J 33 13.36 -17.32 -28.41
CA LEU J 33 13.04 -18.72 -28.17
C LEU J 33 12.02 -19.25 -29.17
N ILE J 34 11.13 -18.40 -29.69
CA ILE J 34 10.23 -18.80 -30.78
C ILE J 34 11.02 -19.12 -32.05
N VAL J 35 11.97 -18.25 -32.40
CA VAL J 35 12.81 -18.50 -33.58
C VAL J 35 13.67 -19.74 -33.40
N SER J 36 14.18 -19.95 -32.19
CA SER J 36 14.99 -21.11 -31.90
C SER J 36 14.16 -22.40 -31.93
N GLY J 37 12.92 -22.34 -31.45
CA GLY J 37 12.03 -23.48 -31.56
C GLY J 37 11.68 -23.81 -33.00
N GLY J 38 11.53 -22.79 -33.84
CA GLY J 38 11.29 -23.04 -35.25
C GLY J 38 12.47 -23.69 -35.95
N VAL J 39 13.69 -23.22 -35.68
CA VAL J 39 14.83 -23.82 -36.37
C VAL J 39 15.17 -25.20 -35.79
N GLY J 40 14.96 -25.44 -34.50
CA GLY J 40 15.16 -26.78 -33.96
C GLY J 40 14.09 -27.75 -34.43
N CYS J 41 12.88 -27.24 -34.64
CA CYS J 41 11.86 -28.02 -35.31
C CYS J 41 12.27 -28.35 -36.74
N GLY J 42 12.95 -27.42 -37.42
CA GLY J 42 13.51 -27.74 -38.73
C GLY J 42 14.57 -28.83 -38.68
N ILE J 43 15.37 -28.84 -37.60
CA ILE J 43 16.33 -29.92 -37.37
C ILE J 43 15.62 -31.27 -37.25
N VAL J 44 14.52 -31.30 -36.49
CA VAL J 44 13.75 -32.53 -36.32
C VAL J 44 13.09 -32.95 -37.65
N LEU J 45 12.55 -31.99 -38.39
CA LEU J 45 11.87 -32.28 -39.64
C LEU J 45 12.83 -32.71 -40.74
N ASN J 46 14.10 -32.35 -40.66
CA ASN J 46 15.07 -32.81 -41.64
C ASN J 46 15.76 -34.12 -41.23
N PHE J 47 15.20 -34.86 -40.28
CA PHE J 47 15.47 -36.28 -40.17
C PHE J 47 14.30 -37.13 -40.62
N GLY J 48 13.11 -36.56 -40.73
CA GLY J 48 11.94 -37.34 -41.04
C GLY J 48 11.02 -37.60 -39.86
N GLY J 49 11.23 -36.94 -38.73
CA GLY J 49 10.28 -37.03 -37.64
C GLY J 49 9.22 -35.95 -37.76
N SER J 50 8.31 -36.13 -38.71
CA SER J 50 7.41 -35.05 -39.08
C SER J 50 6.33 -34.80 -38.05
N PHE J 51 5.83 -35.87 -37.41
CA PHE J 51 4.84 -35.69 -36.36
C PHE J 51 5.46 -35.00 -35.16
N LEU J 52 6.72 -35.26 -34.86
CA LEU J 52 7.36 -34.65 -33.70
C LEU J 52 7.65 -33.17 -33.94
N GLY J 53 8.04 -32.81 -35.17
CA GLY J 53 8.18 -31.41 -35.51
C GLY J 53 6.85 -30.68 -35.53
N LEU J 54 5.81 -31.33 -36.03
CA LEU J 54 4.50 -30.69 -35.95
C LEU J 54 3.96 -30.65 -34.54
N MET J 55 4.44 -31.55 -33.65
CA MET J 55 4.13 -31.39 -32.24
C MET J 55 4.85 -30.20 -31.65
N VAL J 56 6.08 -29.91 -32.12
CA VAL J 56 6.76 -28.69 -31.69
C VAL J 56 5.95 -27.46 -32.05
N PHE J 57 5.58 -27.33 -33.33
CA PHE J 57 4.82 -26.16 -33.77
C PHE J 57 3.44 -26.08 -33.12
N LEU J 58 2.77 -27.22 -32.96
CA LEU J 58 1.39 -27.15 -32.47
C LEU J 58 1.33 -27.00 -30.96
N ILE J 59 2.28 -27.55 -30.22
CA ILE J 59 2.21 -27.63 -28.78
C ILE J 59 3.19 -26.68 -28.12
N TYR J 60 4.48 -26.78 -28.46
CA TYR J 60 5.49 -25.95 -27.84
C TYR J 60 5.29 -24.49 -28.23
N LEU J 61 5.49 -24.18 -29.50
CA LEU J 61 5.28 -22.83 -30.00
C LEU J 61 3.81 -22.47 -30.05
N GLY J 62 2.93 -23.46 -30.19
CA GLY J 62 1.53 -23.15 -30.41
C GLY J 62 0.73 -22.96 -29.14
N GLY J 63 1.07 -23.64 -28.05
CA GLY J 63 0.40 -23.35 -26.82
C GLY J 63 1.31 -22.75 -25.77
N MET J 64 2.52 -23.30 -25.60
CA MET J 64 3.24 -22.96 -24.39
C MET J 64 3.95 -21.64 -24.52
N MET J 65 4.57 -21.36 -25.67
CA MET J 65 5.16 -20.04 -25.86
C MET J 65 4.10 -18.98 -26.08
N VAL J 66 2.90 -19.38 -26.51
CA VAL J 66 1.76 -18.45 -26.51
C VAL J 66 1.40 -18.05 -25.10
N VAL J 67 1.34 -19.02 -24.19
CA VAL J 67 1.01 -18.70 -22.79
C VAL J 67 2.16 -17.95 -22.11
N PHE J 68 3.40 -18.23 -22.50
CA PHE J 68 4.53 -17.45 -22.01
C PHE J 68 4.48 -15.99 -22.47
N GLY J 69 4.22 -15.77 -23.77
CA GLY J 69 4.08 -14.39 -24.25
C GLY J 69 2.86 -13.70 -23.69
N TYR J 70 1.79 -14.46 -23.47
CA TYR J 70 0.56 -13.93 -22.91
C TYR J 70 0.75 -13.51 -21.46
N THR J 71 1.50 -14.30 -20.69
CA THR J 71 1.79 -13.95 -19.31
C THR J 71 2.80 -12.81 -19.24
N THR J 72 3.77 -12.80 -20.16
CA THR J 72 4.79 -11.76 -20.17
C THR J 72 4.19 -10.41 -20.54
N ALA J 73 3.17 -10.39 -21.39
CA ALA J 73 2.50 -9.13 -21.70
C ALA J 73 1.68 -8.58 -20.55
N MET J 74 1.29 -9.42 -19.59
CA MET J 74 0.55 -8.96 -18.43
C MET J 74 1.46 -8.53 -17.28
N ALA J 75 2.78 -8.56 -17.49
CA ALA J 75 3.77 -7.98 -16.61
C ALA J 75 4.68 -7.13 -17.48
N THR J 76 5.82 -6.69 -16.91
CA THR J 76 6.90 -5.91 -17.54
C THR J 76 6.40 -4.77 -18.44
N GLU J 77 5.85 -3.73 -17.80
CA GLU J 77 5.14 -2.63 -18.45
C GLU J 77 5.93 -1.97 -19.58
N GLN J 78 5.25 -1.82 -20.72
CA GLN J 78 5.84 -1.38 -21.98
C GLN J 78 6.21 0.10 -21.93
N TYR J 79 7.18 0.46 -22.77
CA TYR J 79 7.65 1.83 -22.93
C TYR J 79 8.12 1.97 -24.37
N PRO J 80 7.94 3.14 -24.99
CA PRO J 80 8.29 3.28 -26.42
C PRO J 80 9.79 3.29 -26.69
N GLU J 81 10.15 3.40 -27.96
CA GLU J 81 11.53 3.30 -28.42
C GLU J 81 11.74 4.39 -29.47
N VAL J 82 12.81 4.25 -30.26
CA VAL J 82 13.04 5.19 -31.36
C VAL J 82 11.96 4.98 -32.42
N TRP J 83 11.46 6.10 -32.97
CA TRP J 83 10.38 6.03 -33.95
C TRP J 83 10.54 7.09 -35.04
N VAL J 84 11.78 7.50 -35.32
CA VAL J 84 12.07 8.47 -36.38
C VAL J 84 11.72 7.85 -37.74
N SER J 85 11.49 8.70 -38.75
CA SER J 85 11.00 8.36 -40.08
C SER J 85 11.80 7.26 -40.79
N ASN J 86 11.21 6.71 -41.86
CA ASN J 86 11.30 5.30 -42.24
C ASN J 86 12.71 4.75 -42.43
N LYS J 87 13.73 5.59 -42.56
CA LYS J 87 15.10 5.10 -42.52
C LYS J 87 15.43 4.54 -41.15
N VAL J 88 15.04 5.26 -40.10
CA VAL J 88 15.37 4.83 -38.75
C VAL J 88 14.45 3.70 -38.29
N VAL J 89 13.15 3.79 -38.57
CA VAL J 89 12.21 2.82 -37.99
C VAL J 89 12.20 1.49 -38.73
N LEU J 90 12.67 1.45 -39.98
CA LEU J 90 12.68 0.17 -40.70
C LEU J 90 14.04 -0.12 -41.32
N GLY J 91 14.75 0.93 -41.75
CA GLY J 91 16.06 0.72 -42.34
C GLY J 91 17.08 0.23 -41.33
N THR J 92 16.99 0.69 -40.08
CA THR J 92 17.84 0.14 -39.03
C THR J 92 17.47 -1.30 -38.72
N PHE J 93 16.19 -1.65 -38.83
CA PHE J 93 15.75 -3.03 -38.68
C PHE J 93 16.35 -3.93 -39.78
N ILE J 94 16.33 -3.44 -41.02
CA ILE J 94 16.88 -4.20 -42.14
C ILE J 94 18.39 -4.36 -42.02
N THR J 95 19.10 -3.28 -41.62
CA THR J 95 20.55 -3.40 -41.43
C THR J 95 20.90 -4.28 -40.24
N GLY J 96 20.08 -4.26 -39.18
CA GLY J 96 20.34 -5.14 -38.06
C GLY J 96 20.15 -6.60 -38.39
N LEU J 97 19.09 -6.93 -39.11
CA LEU J 97 18.91 -8.31 -39.55
C LEU J 97 19.96 -8.71 -40.59
N LEU J 98 20.44 -7.76 -41.39
CA LEU J 98 21.51 -8.05 -42.34
C LEU J 98 22.81 -8.37 -41.61
N MET J 99 23.10 -7.63 -40.54
CA MET J 99 24.25 -7.94 -39.70
C MET J 99 24.08 -9.29 -38.99
N GLU J 100 22.85 -9.64 -38.60
CA GLU J 100 22.63 -10.92 -37.93
C GLU J 100 22.82 -12.10 -38.89
N PHE J 101 22.27 -12.01 -40.10
CA PHE J 101 22.48 -13.10 -41.05
C PHE J 101 23.92 -13.12 -41.58
N LEU J 102 24.59 -11.97 -41.64
CA LEU J 102 26.00 -11.98 -41.97
C LEU J 102 26.84 -12.55 -40.82
N MET J 103 26.35 -12.47 -39.58
CA MET J 103 26.99 -13.17 -38.48
C MET J 103 26.78 -14.68 -38.57
N VAL J 104 25.58 -15.10 -38.98
CA VAL J 104 25.29 -16.51 -39.25
C VAL J 104 26.22 -17.05 -40.34
N TYR J 105 26.52 -16.22 -41.35
CA TYR J 105 27.50 -16.61 -42.35
C TYR J 105 28.94 -16.53 -41.81
N TYR J 106 29.22 -15.59 -40.91
CA TYR J 106 30.60 -15.30 -40.51
C TYR J 106 31.10 -16.28 -39.45
N VAL J 107 30.20 -16.92 -38.70
CA VAL J 107 30.64 -17.97 -37.79
C VAL J 107 31.03 -19.25 -38.52
N LEU J 108 30.74 -19.34 -39.82
CA LEU J 108 31.14 -20.48 -40.64
C LEU J 108 32.40 -20.08 -41.42
N LYS J 109 33.51 -20.04 -40.68
CA LYS J 109 34.80 -19.54 -41.15
C LYS J 109 35.79 -20.71 -41.15
N ASP J 110 37.05 -20.44 -41.52
CA ASP J 110 38.07 -21.47 -41.64
C ASP J 110 38.41 -22.14 -40.31
N LYS J 111 38.13 -21.49 -39.18
CA LYS J 111 38.25 -22.17 -37.90
C LYS J 111 37.13 -23.17 -37.66
N GLU J 112 36.03 -23.07 -38.40
CA GLU J 112 34.90 -23.99 -38.26
C GLU J 112 35.05 -25.22 -39.14
N VAL J 113 35.58 -25.06 -40.36
CA VAL J 113 35.77 -26.19 -41.26
C VAL J 113 36.90 -27.11 -40.78
N GLU J 114 37.76 -26.63 -39.88
CA GLU J 114 38.71 -27.50 -39.20
C GLU J 114 38.01 -28.49 -38.27
N ILE J 115 36.79 -28.18 -37.82
CA ILE J 115 35.99 -29.10 -37.06
C ILE J 115 35.08 -29.85 -38.02
N VAL J 116 34.70 -29.19 -39.12
CA VAL J 116 33.77 -29.81 -40.06
C VAL J 116 34.50 -30.83 -40.94
N PHE J 117 35.53 -30.40 -41.67
CA PHE J 117 36.14 -31.29 -42.65
C PHE J 117 36.99 -32.38 -42.01
N LYS J 118 37.39 -32.22 -40.75
CA LYS J 118 38.08 -33.30 -40.06
C LYS J 118 37.11 -34.37 -39.58
N PHE J 119 35.89 -33.97 -39.23
CA PHE J 119 34.85 -34.86 -38.72
C PHE J 119 33.59 -34.69 -39.57
N ASN J 120 33.75 -34.91 -40.88
CA ASN J 120 32.69 -34.73 -41.89
C ASN J 120 31.43 -35.49 -41.51
N GLY J 121 30.38 -34.74 -41.20
CA GLY J 121 29.13 -35.31 -40.74
C GLY J 121 28.31 -35.77 -41.92
N MET J 122 28.15 -34.90 -42.92
CA MET J 122 27.42 -35.28 -44.11
C MET J 122 28.22 -36.25 -44.96
N GLY J 123 27.52 -36.98 -45.81
CA GLY J 123 28.06 -38.15 -46.47
C GLY J 123 27.46 -39.38 -45.81
N ASP J 124 27.35 -39.33 -44.49
CA ASP J 124 26.77 -40.42 -43.71
C ASP J 124 25.94 -39.93 -42.54
N TRP J 125 25.32 -38.75 -42.63
CA TRP J 125 24.70 -38.21 -41.43
C TRP J 125 23.29 -38.74 -41.20
N VAL J 126 22.36 -38.38 -42.08
CA VAL J 126 20.97 -38.78 -41.92
C VAL J 126 20.84 -40.16 -42.56
N ILE J 127 20.93 -41.20 -41.74
CA ILE J 127 20.80 -42.55 -42.20
C ILE J 127 19.38 -43.07 -41.97
N TYR J 128 18.42 -42.16 -41.82
CA TYR J 128 17.03 -42.52 -41.55
C TYR J 128 16.42 -43.27 -42.73
N ASP J 129 16.69 -42.81 -43.95
CA ASP J 129 16.22 -43.48 -45.15
C ASP J 129 17.33 -44.42 -45.65
N THR J 130 17.62 -45.42 -44.82
CA THR J 130 18.54 -46.51 -45.17
C THR J 130 17.69 -47.76 -45.35
N GLY J 131 17.38 -48.09 -46.58
CA GLY J 131 16.49 -49.18 -46.85
C GLY J 131 15.03 -48.76 -46.83
N ASP J 132 14.18 -49.75 -46.60
CA ASP J 132 12.74 -49.54 -46.67
C ASP J 132 12.08 -49.72 -45.32
N SER J 133 11.07 -48.90 -45.05
CA SER J 133 10.17 -49.09 -43.92
C SER J 133 8.91 -49.84 -44.32
N GLY J 134 8.24 -49.41 -45.38
CA GLY J 134 7.02 -50.03 -45.82
C GLY J 134 5.91 -49.03 -46.09
N PHE J 135 4.67 -49.39 -45.77
CA PHE J 135 3.53 -48.51 -45.97
C PHE J 135 3.18 -47.71 -44.72
N PHE J 136 4.17 -47.44 -43.86
CA PHE J 136 3.92 -46.70 -42.64
C PHE J 136 5.11 -45.79 -42.39
N SER J 137 4.95 -44.92 -41.42
CA SER J 137 6.07 -44.30 -40.75
C SER J 137 6.35 -45.07 -39.47
N GLU J 138 7.63 -45.39 -39.24
CA GLU J 138 8.02 -46.03 -38.00
C GLU J 138 7.80 -45.09 -36.81
N GLU J 139 8.08 -43.81 -37.04
CA GLU J 139 7.88 -42.76 -36.06
C GLU J 139 6.40 -42.62 -35.69
N ALA J 140 5.53 -42.69 -36.70
CA ALA J 140 4.09 -42.57 -36.45
C ALA J 140 3.54 -43.79 -35.72
N MET J 141 4.01 -44.99 -36.07
CA MET J 141 3.52 -46.19 -35.39
C MET J 141 4.05 -46.29 -33.96
N GLY J 142 5.27 -45.83 -33.72
CA GLY J 142 5.76 -45.77 -32.36
C GLY J 142 5.02 -44.77 -31.50
N ILE J 143 4.62 -43.65 -32.09
CA ILE J 143 3.77 -42.71 -31.36
C ILE J 143 2.36 -43.27 -31.17
N ALA J 144 1.86 -44.00 -32.16
CA ALA J 144 0.53 -44.59 -32.10
C ALA J 144 0.43 -45.73 -31.10
N ALA J 145 1.54 -46.39 -30.79
CA ALA J 145 1.54 -47.46 -29.80
C ALA J 145 1.53 -46.95 -28.36
N LEU J 146 1.24 -45.67 -28.14
CA LEU J 146 0.96 -45.13 -26.82
C LEU J 146 -0.31 -45.72 -26.22
N TYR J 147 -1.23 -46.17 -27.06
CA TYR J 147 -2.54 -46.63 -26.62
C TYR J 147 -2.63 -48.14 -26.44
N SER J 148 -1.97 -48.90 -27.31
CA SER J 148 -1.92 -50.35 -27.17
C SER J 148 -0.85 -50.78 -26.18
N TYR J 149 0.36 -50.24 -26.31
CA TYR J 149 1.47 -50.64 -25.45
C TYR J 149 1.64 -49.73 -24.24
N GLY J 150 1.45 -48.43 -24.41
CA GLY J 150 1.79 -47.47 -23.37
C GLY J 150 0.68 -47.16 -22.40
N THR J 151 0.08 -48.20 -21.82
CA THR J 151 -1.08 -48.03 -20.94
C THR J 151 -0.70 -47.29 -19.66
N TRP J 152 0.36 -47.73 -18.99
CA TRP J 152 0.81 -47.11 -17.75
C TRP J 152 1.28 -45.68 -17.98
N LEU J 153 1.85 -45.43 -19.15
CA LEU J 153 2.33 -44.10 -19.48
C LEU J 153 1.15 -43.15 -19.70
N VAL J 154 0.08 -43.64 -20.32
CA VAL J 154 -1.15 -42.87 -20.48
C VAL J 154 -1.79 -42.59 -19.13
N ILE J 155 -1.80 -43.59 -18.23
CA ILE J 155 -2.42 -43.42 -16.91
C ILE J 155 -1.70 -42.36 -16.11
N VAL J 156 -0.37 -42.44 -16.05
CA VAL J 156 0.38 -41.47 -15.24
C VAL J 156 0.39 -40.09 -15.89
N THR J 157 0.36 -40.01 -17.23
CA THR J 157 0.38 -38.71 -17.89
C THR J 157 -0.98 -38.01 -17.75
N GLY J 158 -2.07 -38.73 -17.96
CA GLY J 158 -3.38 -38.14 -17.80
C GLY J 158 -3.71 -37.82 -16.35
N TRP J 159 -3.20 -38.62 -15.42
CA TRP J 159 -3.39 -38.28 -14.01
C TRP J 159 -2.58 -37.05 -13.63
N SER J 160 -1.36 -36.90 -14.16
CA SER J 160 -0.58 -35.70 -13.89
C SER J 160 -1.18 -34.47 -14.54
N LEU J 161 -1.90 -34.62 -15.65
CA LEU J 161 -2.55 -33.45 -16.23
C LEU J 161 -3.80 -33.06 -15.46
N LEU J 162 -4.59 -34.03 -15.01
CA LEU J 162 -5.71 -33.73 -14.11
C LEU J 162 -5.23 -33.08 -12.82
N ILE J 163 -4.17 -33.62 -12.22
CA ILE J 163 -3.56 -33.02 -11.05
C ILE J 163 -2.98 -31.65 -11.37
N GLY J 164 -2.49 -31.44 -12.59
CA GLY J 164 -2.02 -30.12 -12.98
C GLY J 164 -3.13 -29.08 -13.02
N VAL J 165 -4.31 -29.48 -13.52
CA VAL J 165 -5.48 -28.61 -13.49
C VAL J 165 -5.87 -28.27 -12.06
N VAL J 166 -5.91 -29.30 -11.19
CA VAL J 166 -6.27 -29.11 -9.79
C VAL J 166 -5.27 -28.22 -9.06
N VAL J 167 -3.97 -28.44 -9.32
CA VAL J 167 -2.89 -27.72 -8.67
C VAL J 167 -2.90 -26.24 -9.08
N ILE J 168 -3.10 -25.95 -10.37
CA ILE J 168 -3.19 -24.57 -10.82
C ILE J 168 -4.41 -23.88 -10.21
N MET J 169 -5.55 -24.58 -10.15
CA MET J 169 -6.72 -23.95 -9.55
C MET J 169 -6.59 -23.77 -8.03
N GLU J 170 -5.72 -24.54 -7.38
CA GLU J 170 -5.47 -24.29 -5.96
C GLU J 170 -4.53 -23.10 -5.75
N ILE J 171 -3.39 -23.09 -6.43
CA ILE J 171 -2.38 -22.08 -6.12
C ILE J 171 -2.68 -20.71 -6.71
N THR J 172 -3.62 -20.60 -7.63
CA THR J 172 -3.97 -19.31 -8.22
C THR J 172 -5.15 -18.65 -7.56
N ARG J 173 -5.91 -19.38 -6.75
CA ARG J 173 -7.06 -18.82 -6.06
C ARG J 173 -6.63 -17.81 -5.00
N GLY J 174 -5.50 -18.05 -4.35
CA GLY J 174 -5.03 -17.14 -3.33
C GLY J 174 -5.83 -17.17 -2.04
N ASN J 175 -6.47 -18.29 -1.73
CA ASN J 175 -7.30 -18.41 -0.54
C ASN J 175 -7.09 -19.77 0.11
N FME K 1 32.74 -37.30 -30.06
CN FME K 1 33.91 -37.73 -30.63
O1 FME K 1 35.01 -37.19 -30.44
CA FME K 1 31.46 -37.92 -30.27
CB FME K 1 30.48 -37.71 -29.10
CG FME K 1 30.77 -36.43 -28.37
SD FME K 1 29.28 -35.95 -27.54
CE FME K 1 28.12 -35.90 -28.84
C FME K 1 30.77 -37.40 -31.54
O FME K 1 31.38 -36.83 -32.45
N SER K 2 29.47 -37.59 -31.58
CA SER K 2 28.65 -37.26 -32.75
C SER K 2 28.51 -35.73 -32.93
N LEU K 3 28.17 -35.29 -34.14
CA LEU K 3 28.40 -33.90 -34.54
C LEU K 3 27.28 -32.94 -34.17
N VAL K 4 26.03 -33.23 -34.58
CA VAL K 4 24.95 -32.28 -34.30
C VAL K 4 24.53 -32.35 -32.84
N TYR K 5 24.88 -33.45 -32.15
CA TYR K 5 24.53 -33.61 -30.76
C TYR K 5 25.36 -32.69 -29.89
N MET K 6 26.59 -32.40 -30.32
CA MET K 6 27.42 -31.41 -29.64
C MET K 6 26.79 -30.04 -29.69
N ASN K 7 26.19 -29.68 -30.82
CA ASN K 7 25.49 -28.41 -30.93
C ASN K 7 24.26 -28.36 -30.04
N ILE K 8 23.49 -29.45 -30.00
CA ILE K 8 22.27 -29.43 -29.18
C ILE K 8 22.62 -29.41 -27.68
N MET K 9 23.67 -30.13 -27.29
CA MET K 9 24.14 -30.04 -25.91
C MET K 9 24.72 -28.67 -25.58
N MET K 10 25.38 -28.04 -26.55
CA MET K 10 25.92 -26.70 -26.32
C MET K 10 24.81 -25.69 -26.16
N ALA K 11 23.72 -25.84 -26.92
CA ALA K 11 22.54 -25.02 -26.73
C ALA K 11 21.92 -25.24 -25.36
N PHE K 12 21.87 -26.51 -24.91
CA PHE K 12 21.40 -26.83 -23.56
C PHE K 12 22.26 -26.17 -22.50
N THR K 13 23.58 -26.16 -22.67
CA THR K 13 24.43 -25.59 -21.64
C THR K 13 24.39 -24.06 -21.66
N VAL K 14 24.20 -23.46 -22.83
CA VAL K 14 24.04 -22.02 -22.91
C VAL K 14 22.75 -21.57 -22.23
N SER K 15 21.66 -22.30 -22.45
CA SER K 15 20.41 -21.99 -21.76
C SER K 15 20.47 -22.35 -20.26
N LEU K 16 21.29 -23.35 -19.90
CA LEU K 16 21.56 -23.65 -18.49
C LEU K 16 22.24 -22.46 -17.81
N THR K 17 23.37 -22.01 -18.36
CA THR K 17 24.09 -20.86 -17.82
C THR K 17 23.29 -19.57 -17.89
N GLY K 18 22.34 -19.46 -18.82
CA GLY K 18 21.39 -18.37 -18.77
C GLY K 18 20.47 -18.48 -17.57
N LEU K 19 19.97 -19.69 -17.31
CA LEU K 19 19.23 -19.92 -16.07
C LEU K 19 20.13 -19.81 -14.84
N LEU K 20 21.42 -20.10 -14.97
CA LEU K 20 22.31 -20.05 -13.81
C LEU K 20 22.94 -18.68 -13.61
N MET K 21 22.49 -17.66 -14.35
CA MET K 21 22.94 -16.28 -14.21
C MET K 21 21.71 -15.39 -14.30
N TYR K 22 21.11 -15.07 -13.15
CA TYR K 22 19.92 -14.25 -13.14
C TYR K 22 20.26 -12.79 -13.44
N ARG K 23 19.53 -12.17 -14.36
CA ARG K 23 19.69 -10.73 -14.49
C ARG K 23 18.62 -9.96 -13.73
N SER K 24 17.37 -10.02 -14.20
CA SER K 24 16.35 -9.17 -13.58
C SER K 24 15.05 -9.89 -13.29
N HIS K 25 14.59 -10.73 -14.20
CA HIS K 25 13.21 -11.20 -14.20
C HIS K 25 13.12 -12.70 -13.94
N LEU K 26 11.99 -13.09 -13.35
CA LEU K 26 11.69 -14.50 -13.17
C LEU K 26 11.24 -15.14 -14.49
N MET K 27 10.65 -14.33 -15.37
CA MET K 27 10.21 -14.83 -16.67
C MET K 27 11.39 -15.24 -17.53
N SER K 28 12.50 -14.52 -17.43
CA SER K 28 13.71 -14.90 -18.17
C SER K 28 14.26 -16.23 -17.67
N SER K 29 14.09 -16.50 -16.38
CA SER K 29 14.49 -17.77 -15.81
C SER K 29 13.62 -18.91 -16.35
N LEU K 30 12.31 -18.68 -16.41
CA LEU K 30 11.42 -19.68 -17.01
C LEU K 30 11.70 -19.88 -18.50
N LEU K 31 12.08 -18.81 -19.20
CA LEU K 31 12.46 -18.91 -20.61
C LEU K 31 13.70 -19.77 -20.80
N CYS K 32 14.72 -19.57 -19.96
CA CYS K 32 15.93 -20.38 -20.07
C CYS K 32 15.65 -21.84 -19.71
N LEU K 33 14.78 -22.07 -18.72
CA LEU K 33 14.38 -23.42 -18.35
C LEU K 33 13.64 -24.13 -19.49
N GLU K 34 12.77 -23.40 -20.18
CA GLU K 34 12.05 -24.06 -21.27
C GLU K 34 12.86 -24.14 -22.54
N GLY K 35 13.89 -23.30 -22.70
CA GLY K 35 14.87 -23.54 -23.74
C GLY K 35 15.66 -24.82 -23.48
N MET K 36 15.98 -25.08 -22.21
CA MET K 36 16.59 -26.35 -21.82
C MET K 36 15.69 -27.52 -22.18
N MET K 37 14.39 -27.37 -21.94
CA MET K 37 13.43 -28.42 -22.32
C MET K 37 13.37 -28.60 -23.83
N LEU K 38 13.41 -27.51 -24.59
CA LEU K 38 13.40 -27.60 -26.04
C LEU K 38 14.60 -28.36 -26.57
N SER K 39 15.80 -28.02 -26.08
CA SER K 39 17.00 -28.73 -26.48
C SER K 39 16.97 -30.21 -26.06
N LEU K 40 16.35 -30.51 -24.91
CA LEU K 40 16.17 -31.92 -24.55
C LEU K 40 15.23 -32.64 -25.51
N PHE K 41 14.17 -31.96 -25.96
CA PHE K 41 13.26 -32.52 -26.95
C PHE K 41 14.00 -32.82 -28.25
N ILE K 42 14.76 -31.85 -28.74
CA ILE K 42 15.47 -32.00 -30.01
C ILE K 42 16.47 -33.13 -29.92
N LEU K 43 17.19 -33.23 -28.81
CA LEU K 43 18.25 -34.23 -28.69
C LEU K 43 17.68 -35.63 -28.55
N ALA K 44 16.63 -35.80 -27.73
CA ALA K 44 15.96 -37.08 -27.60
C ALA K 44 15.33 -37.51 -28.91
N THR K 45 14.75 -36.56 -29.65
CA THR K 45 14.13 -36.86 -30.92
C THR K 45 15.16 -37.32 -31.95
N LEU K 46 16.30 -36.62 -32.03
CA LEU K 46 17.31 -36.99 -33.03
C LEU K 46 17.94 -38.33 -32.72
N MET K 47 18.13 -38.66 -31.43
CA MET K 47 18.63 -40.00 -31.09
C MET K 47 17.64 -41.09 -31.45
N ILE K 48 16.37 -40.90 -31.05
CA ILE K 48 15.36 -41.94 -31.23
C ILE K 48 15.03 -42.13 -32.72
N LEU K 49 15.09 -41.08 -33.51
CA LEU K 49 14.91 -41.21 -34.95
C LEU K 49 16.14 -41.84 -35.60
N ASN K 50 17.33 -41.50 -35.10
CA ASN K 50 18.56 -42.05 -35.67
C ASN K 50 18.67 -43.55 -35.40
N SER K 51 18.22 -44.00 -34.24
CA SER K 51 18.37 -45.40 -33.85
C SER K 51 17.32 -46.31 -34.45
N HIS K 52 16.30 -45.74 -35.13
CA HIS K 52 15.11 -46.45 -35.60
C HIS K 52 14.45 -47.26 -34.50
N PHE K 53 14.45 -46.70 -33.29
CA PHE K 53 13.90 -47.35 -32.12
C PHE K 53 12.46 -46.88 -31.95
N THR K 54 11.53 -47.80 -32.22
CA THR K 54 10.14 -47.47 -32.52
C THR K 54 9.39 -47.01 -31.28
N LEU K 55 9.42 -47.79 -30.21
CA LEU K 55 8.59 -47.50 -29.04
C LEU K 55 9.05 -46.30 -28.24
N ALA K 56 10.22 -45.74 -28.50
CA ALA K 56 10.58 -44.49 -27.85
C ALA K 56 10.15 -43.28 -28.66
N SER K 57 9.37 -43.46 -29.72
CA SER K 57 8.84 -42.32 -30.46
C SER K 57 7.84 -41.54 -29.62
N MET K 58 7.17 -42.20 -28.69
CA MET K 58 6.22 -41.54 -27.80
C MET K 58 6.91 -40.86 -26.62
N MET K 59 8.21 -41.10 -26.42
CA MET K 59 8.93 -40.48 -25.31
C MET K 59 9.04 -38.95 -25.39
N PRO K 60 9.44 -38.32 -26.50
CA PRO K 60 9.55 -36.84 -26.47
C PRO K 60 8.22 -36.12 -26.34
N ILE K 61 7.13 -36.74 -26.79
CA ILE K 61 5.79 -36.18 -26.56
C ILE K 61 5.49 -36.12 -25.07
N ILE K 62 5.85 -37.18 -24.35
CA ILE K 62 5.64 -37.23 -22.90
C ILE K 62 6.55 -36.24 -22.18
N LEU K 63 7.79 -36.09 -22.67
CA LEU K 63 8.69 -35.03 -22.19
C LEU K 63 8.07 -33.65 -22.35
N LEU K 64 7.50 -33.39 -23.53
CA LEU K 64 6.87 -32.11 -23.82
C LEU K 64 5.65 -31.87 -22.94
N VAL K 65 4.84 -32.90 -22.72
CA VAL K 65 3.61 -32.76 -21.94
C VAL K 65 3.92 -32.49 -20.47
N PHE K 66 4.78 -33.32 -19.86
CA PHE K 66 5.12 -33.14 -18.45
C PHE K 66 5.86 -31.84 -18.20
N ALA K 67 6.76 -31.44 -19.09
CA ALA K 67 7.47 -30.21 -18.83
C ALA K 67 6.67 -28.96 -19.23
N ALA K 68 5.68 -29.07 -20.10
CA ALA K 68 4.81 -27.92 -20.31
C ALA K 68 3.79 -27.78 -19.20
N CYS K 69 3.39 -28.88 -18.56
CA CYS K 69 2.61 -28.78 -17.32
C CYS K 69 3.45 -28.13 -16.21
N GLU K 70 4.73 -28.51 -16.15
CA GLU K 70 5.71 -27.86 -15.29
C GLU K 70 5.82 -26.36 -15.57
N ALA K 71 5.83 -25.97 -16.85
CA ALA K 71 5.91 -24.57 -17.20
C ALA K 71 4.63 -23.80 -16.87
N ALA K 72 3.47 -24.47 -16.98
CA ALA K 72 2.23 -23.86 -16.52
C ALA K 72 2.27 -23.61 -15.02
N LEU K 73 2.85 -24.54 -14.27
CA LEU K 73 3.03 -24.37 -12.84
C LEU K 73 3.98 -23.20 -12.56
N GLY K 74 5.03 -23.06 -13.36
CA GLY K 74 5.95 -21.95 -13.16
C GLY K 74 5.34 -20.60 -13.48
N LEU K 75 4.51 -20.54 -14.53
CA LEU K 75 3.81 -19.31 -14.86
C LEU K 75 2.80 -18.93 -13.78
N SER K 76 2.15 -19.92 -13.15
CA SER K 76 1.23 -19.59 -12.08
C SER K 76 1.96 -19.11 -10.83
N LEU K 77 3.12 -19.69 -10.54
CA LEU K 77 3.95 -19.18 -9.43
C LEU K 77 4.43 -17.76 -9.70
N LEU K 78 4.83 -17.48 -10.94
CA LEU K 78 5.25 -16.13 -11.31
C LEU K 78 4.11 -15.14 -11.20
N VAL K 79 2.90 -15.57 -11.55
CA VAL K 79 1.73 -14.69 -11.45
C VAL K 79 1.39 -14.39 -10.00
N MET K 80 1.50 -15.38 -9.12
CA MET K 80 1.25 -15.11 -7.69
C MET K 80 2.32 -14.20 -7.09
N VAL K 81 3.57 -14.35 -7.54
CA VAL K 81 4.63 -13.43 -7.12
C VAL K 81 4.36 -12.01 -7.61
N SER K 82 4.00 -11.87 -8.89
CA SER K 82 3.76 -10.56 -9.48
C SER K 82 2.50 -9.90 -8.94
N ASN K 83 1.54 -10.68 -8.45
CA ASN K 83 0.40 -10.10 -7.76
C ASN K 83 0.73 -9.74 -6.31
N THR K 84 1.71 -10.41 -5.71
CA THR K 84 2.18 -9.97 -4.41
C THR K 84 2.92 -8.63 -4.51
N TYR K 85 3.85 -8.51 -5.45
CA TYR K 85 4.77 -7.37 -5.44
C TYR K 85 4.49 -6.31 -6.50
N GLY K 86 3.88 -6.65 -7.62
CA GLY K 86 3.72 -5.68 -8.68
C GLY K 86 4.58 -5.99 -9.88
N THR K 87 5.82 -6.42 -9.63
CA THR K 87 6.74 -6.88 -10.66
C THR K 87 7.16 -8.31 -10.35
N ASP K 88 7.73 -8.97 -11.36
CA ASP K 88 8.26 -10.33 -11.19
C ASP K 88 9.76 -10.33 -10.94
N TYR K 89 10.29 -9.28 -10.32
CA TYR K 89 11.72 -9.17 -10.09
C TYR K 89 12.20 -10.20 -9.08
N VAL K 90 13.39 -10.75 -9.34
CA VAL K 90 13.97 -11.71 -8.41
C VAL K 90 14.50 -11.05 -7.15
N GLN K 91 14.75 -9.74 -7.17
CA GLN K 91 15.17 -9.06 -5.96
C GLN K 91 14.00 -8.70 -5.05
N ASN K 92 12.76 -8.82 -5.54
CA ASN K 92 11.62 -8.79 -4.64
C ASN K 92 11.42 -10.12 -3.91
N LEU K 93 12.05 -11.18 -4.41
CA LEU K 93 11.99 -12.49 -3.76
C LEU K 93 13.25 -12.69 -2.92
N ASN K 94 13.32 -11.94 -1.82
CA ASN K 94 14.44 -12.11 -0.90
C ASN K 94 14.04 -12.00 0.57
N LEU K 95 12.77 -12.26 0.91
CA LEU K 95 12.36 -12.20 2.31
C LEU K 95 12.80 -13.40 3.12
N LEU K 96 13.30 -14.45 2.47
CA LEU K 96 13.78 -15.64 3.17
C LEU K 96 15.26 -15.57 3.49
N GLN K 97 15.84 -14.36 3.46
CA GLN K 97 17.17 -14.13 3.99
C GLN K 97 17.21 -14.27 5.52
N CYS K 98 16.09 -14.07 6.20
CA CYS K 98 16.06 -14.13 7.66
C CYS K 98 14.72 -14.65 8.16
N FME L 1 60.68 -66.34 76.37
CN FME L 1 61.01 -65.52 77.43
O1 FME L 1 60.76 -64.31 77.41
CA FME L 1 60.04 -65.84 75.21
CB FME L 1 60.05 -66.84 74.04
CG FME L 1 59.96 -66.15 72.71
SD FME L 1 58.31 -66.39 72.11
CE FME L 1 58.27 -68.12 71.83
C FME L 1 58.58 -65.46 75.46
O FME L 1 58.02 -64.51 74.91
N ASN L 2 57.94 -66.23 76.33
CA ASN L 2 56.53 -66.04 76.60
C ASN L 2 56.24 -64.84 77.50
N LEU L 3 57.25 -64.36 78.20
CA LEU L 3 57.11 -63.18 79.05
C LEU L 3 57.51 -61.89 78.35
N PHE L 4 58.63 -61.94 77.61
CA PHE L 4 59.20 -60.79 76.92
C PHE L 4 58.23 -60.23 75.89
N SER L 5 57.81 -61.08 74.94
CA SER L 5 56.94 -60.65 73.85
C SER L 5 55.55 -60.27 74.36
N SER L 6 55.07 -60.97 75.39
CA SER L 6 53.76 -60.68 75.96
C SER L 6 53.73 -59.29 76.57
N LEU L 7 54.69 -58.97 77.44
CA LEU L 7 54.66 -57.65 78.06
C LEU L 7 55.05 -56.54 77.08
N THR L 8 55.83 -56.90 76.03
CA THR L 8 56.11 -55.99 74.94
C THR L 8 54.85 -55.53 74.23
N LEU L 9 53.98 -56.47 73.84
CA LEU L 9 52.76 -56.05 73.16
C LEU L 9 51.71 -55.50 74.14
N VAL L 10 51.78 -55.91 75.41
CA VAL L 10 50.84 -55.41 76.42
C VAL L 10 51.09 -53.94 76.70
N THR L 11 52.35 -53.49 76.63
CA THR L 11 52.66 -52.05 76.74
C THR L 11 51.90 -51.21 75.71
N LEU L 12 51.96 -51.62 74.44
CA LEU L 12 51.34 -50.84 73.38
C LEU L 12 49.81 -50.95 73.40
N ILE L 13 49.28 -52.13 73.69
CA ILE L 13 47.82 -52.26 73.75
C ILE L 13 47.26 -51.54 74.97
N LEU L 14 48.01 -51.53 76.08
CA LEU L 14 47.65 -50.74 77.24
C LEU L 14 47.65 -49.26 76.92
N LEU L 15 48.56 -48.81 76.05
CA LEU L 15 48.49 -47.42 75.60
C LEU L 15 47.26 -47.16 74.74
N THR L 16 46.87 -48.12 73.91
CA THR L 16 45.74 -47.87 73.01
C THR L 16 44.38 -47.97 73.68
N MET L 17 44.30 -48.62 74.85
CA MET L 17 43.00 -48.74 75.53
C MET L 17 42.33 -47.41 75.95
N PRO L 18 43.03 -46.38 76.46
CA PRO L 18 42.31 -45.11 76.72
C PRO L 18 41.84 -44.40 75.46
N ILE L 19 42.43 -44.66 74.30
CA ILE L 19 41.91 -44.09 73.06
C ILE L 19 40.54 -44.68 72.75
N ALA L 20 40.37 -45.99 72.94
CA ALA L 20 39.05 -46.59 72.83
C ALA L 20 38.10 -46.09 73.90
N ALA L 21 38.62 -45.80 75.10
CA ALA L 21 37.78 -45.27 76.18
C ALA L 21 37.24 -43.87 75.84
N ILE L 22 38.12 -42.97 75.38
CA ILE L 22 37.69 -41.62 75.03
C ILE L 22 36.84 -41.61 73.76
N ASN L 23 37.05 -42.58 72.85
CA ASN L 23 36.19 -42.64 71.67
C ASN L 23 34.83 -43.24 71.96
N PHE L 24 34.69 -44.04 73.02
CA PHE L 24 33.41 -44.67 73.35
C PHE L 24 32.78 -44.05 74.59
N ASN L 25 32.86 -42.72 74.72
CA ASN L 25 32.41 -42.05 75.94
C ASN L 25 30.92 -41.77 75.94
N THR L 26 30.32 -41.88 77.12
CA THR L 26 28.94 -41.46 77.35
C THR L 26 28.86 -40.36 78.40
N HIS L 27 29.48 -40.57 79.55
CA HIS L 27 29.31 -39.75 80.74
C HIS L 27 30.42 -38.71 80.85
N LYS L 28 30.23 -37.79 81.79
CA LYS L 28 31.27 -36.83 82.14
C LYS L 28 32.33 -37.55 82.98
N PHE L 29 33.60 -37.39 82.59
CA PHE L 29 34.66 -38.25 83.08
C PHE L 29 34.99 -38.01 84.55
N THR L 30 35.44 -39.09 85.20
CA THR L 30 35.96 -39.05 86.56
C THR L 30 37.47 -38.85 86.50
N ASN L 31 37.87 -37.67 86.00
CA ASN L 31 39.25 -37.24 85.78
C ASN L 31 39.99 -38.21 84.84
N TYR L 32 39.52 -38.22 83.59
CA TYR L 32 40.20 -38.89 82.48
C TYR L 32 41.70 -38.56 82.31
N PRO L 33 42.19 -37.34 82.57
CA PRO L 33 43.67 -37.17 82.61
C PRO L 33 44.36 -38.00 83.68
N LEU L 34 43.74 -38.21 84.84
CA LEU L 34 44.30 -39.13 85.82
C LEU L 34 44.29 -40.56 85.30
N TYR L 35 43.28 -40.91 84.51
CA TYR L 35 43.22 -42.24 83.91
C TYR L 35 44.35 -42.45 82.90
N VAL L 36 44.63 -41.45 82.06
CA VAL L 36 45.71 -41.56 81.09
C VAL L 36 47.07 -41.58 81.77
N LYS L 37 47.24 -40.77 82.83
CA LYS L 37 48.50 -40.76 83.56
C LYS L 37 48.73 -42.07 84.30
N THR L 38 47.68 -42.64 84.89
CA THR L 38 47.77 -43.95 85.52
C THR L 38 48.11 -45.03 84.52
N THR L 39 47.51 -44.94 83.32
CA THR L 39 47.73 -45.95 82.29
C THR L 39 49.15 -45.90 81.75
N ILE L 40 49.71 -44.71 81.60
CA ILE L 40 51.08 -44.63 81.09
C ILE L 40 52.12 -44.94 82.18
N SER L 41 51.80 -44.66 83.45
CA SER L 41 52.63 -45.18 84.54
C SER L 41 52.65 -46.70 84.55
N CYS L 42 51.49 -47.32 84.30
CA CYS L 42 51.45 -48.77 84.22
C CYS L 42 52.15 -49.28 82.97
N ALA L 43 52.13 -48.51 81.88
CA ALA L 43 52.87 -48.90 80.69
C ALA L 43 54.38 -48.86 80.93
N PHE L 44 54.83 -47.88 81.71
CA PHE L 44 56.24 -47.84 82.12
C PHE L 44 56.62 -49.04 82.95
N ILE L 45 55.78 -49.36 83.96
CA ILE L 45 56.02 -50.54 84.80
C ILE L 45 56.00 -51.82 83.97
N THR L 46 55.10 -51.88 82.98
CA THR L 46 54.98 -53.06 82.13
C THR L 46 56.18 -53.21 81.21
N SER L 47 56.65 -52.12 80.63
CA SER L 47 57.78 -52.17 79.72
C SER L 47 59.12 -52.35 80.43
N MET L 48 59.18 -52.12 81.74
CA MET L 48 60.43 -52.34 82.46
C MET L 48 60.87 -53.80 82.49
N ILE L 49 59.94 -54.75 82.51
CA ILE L 49 60.30 -56.18 82.60
C ILE L 49 61.01 -56.67 81.33
N PRO L 50 60.56 -56.37 80.09
CA PRO L 50 61.41 -56.72 78.94
C PRO L 50 62.74 -56.00 78.91
N THR L 51 62.82 -54.79 79.46
CA THR L 51 64.10 -54.10 79.58
C THR L 51 65.02 -54.81 80.58
N MET L 52 64.46 -55.27 81.70
CA MET L 52 65.27 -55.97 82.69
C MET L 52 65.75 -57.32 82.17
N MET L 53 64.93 -58.02 81.41
CA MET L 53 65.41 -59.28 80.84
C MET L 53 66.10 -59.09 79.49
N PHE L 54 66.26 -57.85 79.04
CA PHE L 54 67.31 -57.55 78.07
C PHE L 54 68.64 -57.27 78.77
N ILE L 55 68.61 -56.62 79.93
CA ILE L 55 69.84 -56.40 80.69
C ILE L 55 70.39 -57.72 81.23
N HIS L 56 69.51 -58.68 81.53
CA HIS L 56 69.94 -59.96 82.08
C HIS L 56 70.73 -60.77 81.06
N THR L 57 70.22 -60.90 79.83
CA THR L 57 70.88 -61.71 78.81
C THR L 57 71.28 -60.96 77.55
N GLY L 58 70.56 -59.92 77.15
CA GLY L 58 70.70 -59.44 75.79
C GLY L 58 69.65 -60.01 74.86
N GLN L 59 68.53 -60.45 75.41
CA GLN L 59 67.49 -61.13 74.65
C GLN L 59 66.77 -60.15 73.73
N GLU L 60 67.04 -60.26 72.44
CA GLU L 60 66.42 -59.45 71.41
C GLU L 60 65.55 -60.34 70.54
N MET L 61 64.40 -59.82 70.12
CA MET L 61 63.54 -60.58 69.23
C MET L 61 62.72 -59.64 68.38
N ILE L 62 61.95 -60.22 67.46
CA ILE L 62 61.09 -59.51 66.52
C ILE L 62 59.74 -60.19 66.53
N ILE L 63 58.68 -59.44 66.75
CA ILE L 63 57.33 -59.98 66.76
C ILE L 63 56.69 -59.60 65.43
N SER L 64 56.70 -60.53 64.49
CA SER L 64 56.04 -60.35 63.20
C SER L 64 54.65 -60.98 63.25
N ASN L 65 53.81 -60.41 64.11
CA ASN L 65 52.61 -61.09 64.57
C ASN L 65 51.45 -61.11 63.58
N TRP L 66 51.30 -60.08 62.75
CA TRP L 66 50.17 -60.00 61.83
C TRP L 66 50.64 -59.73 60.42
N HIS L 67 50.42 -60.69 59.53
CA HIS L 67 50.61 -60.47 58.11
C HIS L 67 49.57 -59.48 57.61
N TRP L 68 50.03 -58.41 56.97
CA TRP L 68 49.14 -57.38 56.48
C TRP L 68 48.97 -57.42 54.97
N LEU L 69 50.06 -57.56 54.23
CA LEU L 69 50.02 -57.34 52.78
C LEU L 69 51.24 -57.98 52.14
N THR L 70 51.05 -58.57 50.96
CA THR L 70 52.17 -59.15 50.20
C THR L 70 52.11 -58.65 48.76
N ILE L 71 52.93 -57.66 48.44
CA ILE L 71 52.99 -57.16 47.08
C ILE L 71 54.08 -57.91 46.33
N GLN L 72 53.79 -59.16 45.96
CA GLN L 72 54.50 -60.04 45.03
C GLN L 72 55.91 -60.44 45.41
N THR L 73 56.61 -59.64 46.18
CA THR L 73 57.93 -59.97 46.68
C THR L 73 58.15 -59.38 48.07
N LEU L 74 57.16 -58.70 48.64
CA LEU L 74 57.35 -57.86 49.81
C LEU L 74 56.21 -58.19 50.75
N LYS L 75 56.42 -59.17 51.62
CA LYS L 75 55.43 -59.52 52.62
C LYS L 75 55.48 -58.49 53.74
N LEU L 76 54.54 -57.55 53.73
CA LEU L 76 54.46 -56.52 54.74
C LEU L 76 53.71 -57.09 55.94
N SER L 77 54.41 -57.31 57.03
CA SER L 77 53.82 -57.80 58.27
C SER L 77 53.99 -56.76 59.35
N LEU L 78 53.04 -56.73 60.28
CA LEU L 78 53.17 -55.92 61.48
C LEU L 78 54.31 -56.50 62.30
N SER L 79 55.46 -55.84 62.28
CA SER L 79 56.71 -56.42 62.74
C SER L 79 57.35 -55.50 63.76
N PHE L 80 57.47 -55.98 65.00
CA PHE L 80 57.93 -55.17 66.12
C PHE L 80 59.35 -55.56 66.50
N LYS L 81 60.31 -54.67 66.23
CA LYS L 81 61.73 -54.95 66.45
C LYS L 81 62.10 -54.58 67.89
N MET L 82 62.36 -55.60 68.72
CA MET L 82 62.79 -55.38 70.09
C MET L 82 64.29 -55.63 70.19
N ASP L 83 65.06 -54.56 70.03
CA ASP L 83 66.50 -54.60 70.21
C ASP L 83 66.89 -53.64 71.34
N PHE L 84 68.19 -53.37 71.43
CA PHE L 84 68.75 -52.40 72.36
C PHE L 84 68.03 -51.05 72.31
N PHE L 85 67.70 -50.60 71.09
CA PHE L 85 67.16 -49.25 70.91
C PHE L 85 65.74 -49.15 71.45
N SER L 86 64.89 -50.14 71.13
CA SER L 86 63.54 -50.16 71.66
C SER L 86 63.54 -50.35 73.17
N MET L 87 64.33 -51.31 73.65
CA MET L 87 64.36 -51.65 75.07
C MET L 87 64.93 -50.54 75.93
N MET L 88 65.74 -49.64 75.38
CA MET L 88 66.13 -48.50 76.19
C MET L 88 65.20 -47.30 76.00
N PHE L 89 64.72 -47.06 74.77
CA PHE L 89 63.97 -45.83 74.52
C PHE L 89 62.54 -45.88 75.04
N VAL L 90 61.92 -47.06 75.08
CA VAL L 90 60.52 -47.13 75.50
C VAL L 90 60.33 -46.81 76.99
N PRO L 91 61.10 -47.34 77.96
CA PRO L 91 60.88 -46.88 79.34
C PRO L 91 61.27 -45.43 79.59
N VAL L 92 62.27 -44.89 78.90
CA VAL L 92 62.63 -43.49 79.07
C VAL L 92 61.51 -42.59 78.55
N ALA L 93 60.94 -42.93 77.38
CA ALA L 93 59.85 -42.16 76.82
C ALA L 93 58.59 -42.25 77.67
N LEU L 94 58.33 -43.43 78.25
CA LEU L 94 57.15 -43.58 79.11
C LEU L 94 57.33 -42.84 80.43
N PHE L 95 58.54 -42.85 81.00
CA PHE L 95 58.79 -42.13 82.24
C PHE L 95 58.68 -40.62 82.04
N VAL L 96 59.26 -40.12 80.95
CA VAL L 96 59.16 -38.69 80.64
C VAL L 96 57.73 -38.29 80.33
N THR L 97 57.00 -39.13 79.58
CA THR L 97 55.61 -38.82 79.23
C THR L 97 54.71 -38.83 80.46
N TRP L 98 54.97 -39.73 81.40
CA TRP L 98 54.26 -39.77 82.67
C TRP L 98 54.50 -38.51 83.48
N SER L 99 55.74 -38.02 83.49
CA SER L 99 56.02 -36.74 84.15
C SER L 99 55.37 -35.57 83.43
N ILE L 100 55.35 -35.58 82.09
CA ILE L 100 54.75 -34.49 81.32
C ILE L 100 53.24 -34.45 81.54
N MET L 101 52.62 -35.61 81.68
CA MET L 101 51.17 -35.61 81.89
C MET L 101 50.78 -35.25 83.32
N GLU L 102 51.59 -35.63 84.32
CA GLU L 102 51.28 -35.12 85.66
C GLU L 102 51.59 -33.63 85.76
N PHE L 103 52.52 -33.13 84.96
CA PHE L 103 52.68 -31.68 84.80
C PHE L 103 51.45 -31.06 84.14
N SER L 104 50.87 -31.77 83.16
CA SER L 104 49.79 -31.22 82.35
C SER L 104 48.49 -31.17 83.12
N MET L 105 48.31 -32.07 84.09
CA MET L 105 47.15 -32.02 84.97
C MET L 105 47.14 -30.77 85.84
N TRP L 106 48.29 -30.11 86.01
CA TRP L 106 48.44 -28.83 86.68
C TRP L 106 48.37 -27.66 85.71
N TYR L 107 49.11 -27.76 84.60
CA TYR L 107 49.30 -26.61 83.73
C TYR L 107 48.07 -26.32 82.88
N MET L 108 47.46 -27.35 82.30
CA MET L 108 46.31 -27.20 81.43
C MET L 108 44.99 -27.35 82.19
N HIS L 109 44.99 -27.01 83.48
CA HIS L 109 43.82 -27.25 84.31
C HIS L 109 42.68 -26.27 83.99
N SER L 110 43.02 -25.08 83.51
CA SER L 110 41.99 -24.11 83.14
C SER L 110 41.29 -24.48 81.84
N ASP L 111 41.84 -25.40 81.08
CA ASP L 111 41.29 -25.77 79.78
C ASP L 111 40.03 -26.60 79.97
N PRO L 112 38.90 -26.23 79.34
CA PRO L 112 37.74 -27.13 79.32
C PRO L 112 37.82 -28.19 78.24
N ASN L 113 38.86 -28.20 77.43
CA ASN L 113 39.10 -29.24 76.42
C ASN L 113 40.33 -30.07 76.80
N ILE L 114 40.46 -30.35 78.10
CA ILE L 114 41.65 -31.04 78.59
C ILE L 114 41.63 -32.51 78.20
N ASN L 115 40.43 -33.08 77.97
CA ASN L 115 40.35 -34.48 77.56
C ASN L 115 40.83 -34.67 76.13
N GLN L 116 40.54 -33.72 75.25
CA GLN L 116 41.09 -33.75 73.90
C GLN L 116 42.60 -33.57 73.90
N PHE L 117 43.11 -32.79 74.85
CA PHE L 117 44.55 -32.58 74.96
C PHE L 117 45.27 -33.87 75.39
N PHE L 118 44.73 -34.55 76.40
CA PHE L 118 45.32 -35.81 76.82
C PHE L 118 45.12 -36.92 75.79
N LYS L 119 44.01 -36.90 75.05
CA LYS L 119 43.82 -37.81 73.91
C LYS L 119 44.90 -37.60 72.86
N TYR L 120 45.16 -36.34 72.48
CA TYR L 120 46.19 -36.05 71.49
C TYR L 120 47.58 -36.39 71.98
N LEU L 121 47.85 -36.20 73.27
CA LEU L 121 49.18 -36.48 73.78
C LEU L 121 49.43 -37.98 73.86
N LEU L 122 48.38 -38.75 74.19
CA LEU L 122 48.47 -40.21 74.10
C LEU L 122 48.61 -40.69 72.66
N LEU L 123 47.94 -40.01 71.71
CA LEU L 123 48.09 -40.39 70.30
C LEU L 123 49.50 -40.13 69.80
N PHE L 124 50.12 -39.03 70.25
CA PHE L 124 51.52 -38.78 69.92
C PHE L 124 52.43 -39.86 70.50
N LEU L 125 52.17 -40.28 71.74
CA LEU L 125 53.00 -41.32 72.35
C LEU L 125 52.85 -42.65 71.63
N ILE L 126 51.63 -42.97 71.19
CA ILE L 126 51.38 -44.20 70.43
C ILE L 126 52.11 -44.15 69.09
N THR L 127 52.07 -43.02 68.40
CA THR L 127 52.77 -42.92 67.11
C THR L 127 54.29 -42.97 67.28
N MET L 128 54.82 -42.41 68.37
CA MET L 128 56.26 -42.48 68.57
C MET L 128 56.72 -43.89 68.90
N LEU L 129 55.93 -44.63 69.69
CA LEU L 129 56.31 -46.02 69.92
C LEU L 129 56.04 -46.92 68.73
N ILE L 130 55.16 -46.52 67.81
CA ILE L 130 55.09 -47.20 66.52
C ILE L 130 56.39 -46.98 65.75
N LEU L 131 56.92 -45.75 65.81
CA LEU L 131 58.17 -45.43 65.13
C LEU L 131 59.34 -46.24 65.68
N VAL L 132 59.57 -46.17 66.99
CA VAL L 132 60.81 -46.72 67.54
C VAL L 132 60.79 -48.23 67.69
N THR L 133 59.65 -48.88 67.49
CA THR L 133 59.56 -50.33 67.51
C THR L 133 59.38 -50.92 66.12
N ALA L 134 59.42 -50.09 65.09
CA ALA L 134 59.15 -50.57 63.74
C ALA L 134 60.31 -51.39 63.20
N ASN L 135 59.97 -52.44 62.46
CA ASN L 135 60.99 -53.25 61.81
C ASN L 135 61.05 -53.06 60.31
N ASN L 136 60.00 -52.58 59.67
CA ASN L 136 60.09 -52.25 58.26
C ASN L 136 59.80 -50.77 58.06
N LEU L 137 60.14 -50.30 56.86
CA LEU L 137 60.11 -48.87 56.60
C LEU L 137 58.70 -48.34 56.38
N PHE L 138 57.74 -49.20 56.05
CA PHE L 138 56.36 -48.75 55.98
C PHE L 138 55.83 -48.39 57.36
N GLN L 139 56.09 -49.25 58.34
CA GLN L 139 55.65 -49.01 59.71
C GLN L 139 56.39 -47.84 60.35
N LEU L 140 57.66 -47.67 60.01
CA LEU L 140 58.40 -46.52 60.52
C LEU L 140 57.92 -45.25 59.85
N PHE L 141 57.45 -45.35 58.60
CA PHE L 141 56.84 -44.21 57.95
C PHE L 141 55.49 -43.88 58.57
N ILE L 142 54.76 -44.89 59.03
CA ILE L 142 53.51 -44.68 59.78
C ILE L 142 53.79 -43.89 61.05
N GLY L 143 54.75 -44.36 61.86
CA GLY L 143 55.09 -43.64 63.09
C GLY L 143 55.65 -42.26 62.85
N TRP L 144 56.41 -42.10 61.76
CA TRP L 144 57.04 -40.83 61.39
C TRP L 144 56.00 -39.78 61.01
N GLU L 145 55.10 -40.14 60.09
CA GLU L 145 54.02 -39.22 59.73
C GLU L 145 53.05 -39.02 60.88
N GLY L 146 52.89 -40.02 61.74
CA GLY L 146 52.05 -39.86 62.90
C GLY L 146 52.56 -38.82 63.87
N VAL L 147 53.87 -38.83 64.15
CA VAL L 147 54.39 -37.80 65.05
C VAL L 147 54.41 -36.44 64.36
N GLY L 148 54.53 -36.40 63.03
CA GLY L 148 54.40 -35.12 62.33
C GLY L 148 53.00 -34.53 62.41
N ILE L 149 51.98 -35.37 62.27
CA ILE L 149 50.61 -34.89 62.32
C ILE L 149 50.18 -34.54 63.74
N MET L 150 50.64 -35.30 64.73
CA MET L 150 50.33 -34.91 66.10
C MET L 150 51.11 -33.68 66.51
N SER L 151 52.28 -33.45 65.90
CA SER L 151 52.98 -32.18 66.06
C SER L 151 52.15 -31.03 65.52
N PHE L 152 51.55 -31.20 64.34
CA PHE L 152 50.61 -30.21 63.80
C PHE L 152 49.47 -29.91 64.78
N LEU L 153 48.77 -30.96 65.21
CA LEU L 153 47.57 -30.79 66.03
C LEU L 153 47.88 -30.26 67.42
N LEU L 154 49.10 -30.48 67.92
CA LEU L 154 49.46 -29.99 69.25
C LEU L 154 50.19 -28.65 69.24
N ILE L 155 50.84 -28.27 68.15
CA ILE L 155 51.24 -26.87 67.97
C ILE L 155 50.01 -26.00 67.82
N GLY L 156 49.07 -26.41 66.97
CA GLY L 156 47.86 -25.63 66.78
C GLY L 156 46.80 -25.95 67.79
N TRP L 157 47.16 -26.09 69.07
CA TRP L 157 46.18 -26.34 70.11
C TRP L 157 45.30 -25.13 70.35
N TRP L 158 45.87 -23.94 70.41
CA TRP L 158 45.06 -22.73 70.42
C TRP L 158 44.92 -22.29 68.97
N TYR L 159 43.89 -22.81 68.33
CA TYR L 159 43.72 -22.69 66.89
C TYR L 159 43.11 -21.37 66.48
N GLY L 160 42.56 -20.59 67.41
CA GLY L 160 42.13 -19.25 67.09
C GLY L 160 43.25 -18.25 66.99
N ARG L 161 44.44 -18.62 67.45
CA ARG L 161 45.62 -17.79 67.27
C ARG L 161 46.20 -18.01 65.89
N THR L 162 46.52 -16.92 65.21
CA THR L 162 47.00 -16.99 63.84
C THR L 162 48.42 -17.55 63.78
N ASP L 163 49.29 -17.10 64.69
CA ASP L 163 50.69 -17.49 64.62
C ASP L 163 50.89 -18.94 65.02
N ALA L 164 50.00 -19.51 65.84
CA ALA L 164 50.09 -20.93 66.19
C ALA L 164 49.77 -21.80 64.99
N ASN L 165 48.74 -21.43 64.21
CA ASN L 165 48.44 -22.14 62.97
C ASN L 165 49.54 -21.95 61.94
N THR L 166 50.16 -20.77 61.93
CA THR L 166 51.28 -20.51 61.02
C THR L 166 52.47 -21.41 61.35
N ALA L 167 52.80 -21.52 62.63
CA ALA L 167 53.90 -22.38 63.06
C ALA L 167 53.57 -23.85 62.83
N ALA L 168 52.30 -24.24 62.95
CA ALA L 168 51.91 -25.61 62.67
C ALA L 168 52.08 -25.95 61.19
N LEU L 169 51.67 -25.04 60.31
CA LEU L 169 51.85 -25.26 58.88
C LEU L 169 53.32 -25.25 58.50
N GLN L 170 54.12 -24.42 59.17
CA GLN L 170 55.56 -24.38 58.94
C GLN L 170 56.24 -25.68 59.37
N ALA L 171 55.87 -26.21 60.54
CA ALA L 171 56.38 -27.49 61.02
C ALA L 171 56.03 -28.62 60.05
N ILE L 172 54.82 -28.59 59.50
CA ILE L 172 54.42 -29.60 58.52
C ILE L 172 55.24 -29.45 57.23
N LEU L 173 55.50 -28.21 56.80
CA LEU L 173 56.27 -27.98 55.58
C LEU L 173 57.68 -28.53 55.70
N TYR L 174 58.34 -28.27 56.83
CA TYR L 174 59.70 -28.78 56.99
C TYR L 174 59.74 -30.29 57.21
N ASN L 175 58.75 -30.85 57.92
CA ASN L 175 58.70 -32.30 58.04
C ASN L 175 58.43 -32.99 56.71
N ARG L 176 57.63 -32.40 55.82
CA ARG L 176 57.41 -33.03 54.52
C ARG L 176 58.60 -32.87 53.58
N ILE L 177 59.39 -31.79 53.74
CA ILE L 177 60.65 -31.72 53.02
C ILE L 177 61.61 -32.82 53.49
N GLY L 178 61.59 -33.14 54.79
CA GLY L 178 62.30 -34.34 55.25
C GLY L 178 61.71 -35.64 54.73
N ASP L 179 60.40 -35.67 54.56
CA ASP L 179 59.74 -36.88 54.05
C ASP L 179 60.07 -37.15 52.60
N ILE L 180 60.43 -36.13 51.83
CA ILE L 180 60.99 -36.31 50.48
C ILE L 180 62.18 -37.27 50.54
N GLY L 181 63.11 -37.02 51.44
CA GLY L 181 64.26 -37.89 51.58
C GLY L 181 63.94 -39.24 52.17
N PHE L 182 62.98 -39.30 53.09
CA PHE L 182 62.61 -40.60 53.67
C PHE L 182 61.98 -41.52 52.62
N ILE L 183 61.11 -40.97 51.76
CA ILE L 183 60.49 -41.77 50.71
C ILE L 183 61.51 -42.09 49.61
N LEU L 184 62.50 -41.20 49.40
CA LEU L 184 63.65 -41.53 48.56
C LEU L 184 64.40 -42.75 49.07
N ALA L 185 64.61 -42.82 50.38
CA ALA L 185 65.28 -43.97 50.98
C ALA L 185 64.45 -45.25 50.83
N MET L 186 63.14 -45.17 51.10
CA MET L 186 62.27 -46.33 50.93
C MET L 186 62.24 -46.81 49.49
N ALA L 187 62.28 -45.87 48.53
CA ALA L 187 62.28 -46.24 47.12
C ALA L 187 63.59 -46.92 46.74
N TRP L 188 64.71 -46.40 47.24
CA TRP L 188 66.00 -47.04 46.99
C TRP L 188 66.03 -48.45 47.55
N PHE L 189 65.52 -48.65 48.77
CA PHE L 189 65.62 -49.98 49.37
C PHE L 189 64.70 -50.97 48.69
N LEU L 190 63.49 -50.54 48.29
CA LEU L 190 62.60 -51.44 47.58
C LEU L 190 63.15 -51.81 46.20
N ILE L 191 63.70 -50.84 45.48
CA ILE L 191 64.13 -51.17 44.12
C ILE L 191 65.45 -51.92 44.11
N ASN L 192 66.38 -51.59 45.01
CA ASN L 192 67.70 -52.21 44.95
C ASN L 192 67.87 -53.42 45.85
N LEU L 193 67.15 -53.51 46.97
CA LEU L 193 67.35 -54.61 47.90
C LEU L 193 66.08 -55.40 48.17
N ASN L 194 64.97 -55.05 47.50
CA ASN L 194 63.69 -55.77 47.52
C ASN L 194 63.08 -55.87 48.92
N THR L 195 63.33 -54.89 49.79
CA THR L 195 62.81 -55.02 51.13
C THR L 195 62.57 -53.66 51.74
N TRP L 196 61.70 -53.66 52.74
CA TRP L 196 61.59 -52.59 53.71
C TRP L 196 62.00 -53.05 55.10
N ASP L 197 62.00 -54.37 55.35
CA ASP L 197 62.50 -54.93 56.59
C ASP L 197 63.98 -54.61 56.79
N LEU L 198 64.36 -54.29 58.02
CA LEU L 198 65.73 -53.92 58.31
C LEU L 198 66.68 -55.10 58.28
N GLN L 199 66.16 -56.32 58.41
CA GLN L 199 67.00 -57.50 58.51
C GLN L 199 67.66 -57.81 57.18
N GLN L 200 66.89 -57.74 56.10
CA GLN L 200 67.46 -57.95 54.78
C GLN L 200 68.32 -56.78 54.35
N ILE L 201 68.00 -55.57 54.82
CA ILE L 201 68.86 -54.41 54.58
C ILE L 201 70.22 -54.59 55.25
N PHE L 202 70.22 -55.11 56.48
CA PHE L 202 71.46 -55.33 57.21
C PHE L 202 72.21 -56.56 56.73
N MET L 203 71.52 -57.50 56.09
CA MET L 203 72.18 -58.72 55.63
C MET L 203 72.76 -58.55 54.23
N LEU L 204 72.10 -57.82 53.35
CA LEU L 204 72.64 -57.65 51.99
C LEU L 204 73.83 -56.69 52.00
N ASN L 205 73.75 -55.62 52.79
CA ASN L 205 74.80 -54.64 53.09
C ASN L 205 75.42 -54.05 51.83
N PRO L 206 74.71 -53.16 51.12
CA PRO L 206 75.24 -52.66 49.84
C PRO L 206 76.41 -51.71 50.02
N ASN L 207 77.24 -51.66 48.99
CA ASN L 207 78.43 -50.81 48.97
C ASN L 207 78.10 -49.39 48.50
N ASP L 208 77.33 -49.27 47.43
CA ASP L 208 77.02 -47.98 46.82
C ASP L 208 75.73 -47.38 47.42
N SER L 209 75.79 -47.16 48.73
CA SER L 209 74.66 -46.67 49.52
C SER L 209 74.77 -45.18 49.80
N ASN L 210 75.23 -44.38 48.84
CA ASN L 210 75.32 -42.94 49.05
C ASN L 210 73.94 -42.31 49.08
N LEU L 211 73.14 -42.54 48.04
CA LEU L 211 71.80 -41.96 47.85
C LEU L 211 70.76 -42.33 48.92
N PRO L 212 70.62 -43.59 49.39
CA PRO L 212 69.68 -43.81 50.50
C PRO L 212 70.12 -43.16 51.79
N LEU L 213 71.42 -43.08 52.05
CA LEU L 213 71.87 -42.37 53.24
C LEU L 213 71.68 -40.87 53.11
N MET L 214 71.80 -40.31 51.90
CA MET L 214 71.48 -38.90 51.70
C MET L 214 70.00 -38.64 51.94
N GLY L 215 69.15 -39.58 51.52
CA GLY L 215 67.73 -39.47 51.82
C GLY L 215 67.42 -39.54 53.31
N LEU L 216 68.11 -40.44 54.02
CA LEU L 216 67.91 -40.56 55.46
C LEU L 216 68.43 -39.35 56.22
N ILE L 217 69.54 -38.75 55.76
CA ILE L 217 70.04 -37.53 56.39
C ILE L 217 69.10 -36.36 56.12
N LEU L 218 68.49 -36.31 54.92
CA LEU L 218 67.48 -35.29 54.66
C LEU L 218 66.24 -35.48 55.54
N ALA L 219 65.87 -36.74 55.80
CA ALA L 219 64.76 -37.03 56.71
C ALA L 219 65.09 -36.60 58.13
N ALA L 220 66.33 -36.84 58.59
CA ALA L 220 66.74 -36.39 59.90
C ALA L 220 66.88 -34.87 59.96
N THR L 221 67.24 -34.24 58.85
CA THR L 221 67.36 -32.79 58.79
C THR L 221 65.99 -32.15 58.94
N GLY L 222 64.97 -32.75 58.34
CA GLY L 222 63.61 -32.29 58.58
C GLY L 222 63.15 -32.54 60.01
N LYS L 223 63.35 -33.76 60.49
CA LYS L 223 62.71 -34.15 61.74
C LYS L 223 63.48 -33.66 62.97
N SER L 224 64.81 -33.70 62.94
CA SER L 224 65.61 -33.31 64.10
C SER L 224 66.10 -31.87 64.03
N ALA L 225 65.52 -31.05 63.13
CA ALA L 225 65.77 -29.61 63.05
C ALA L 225 67.24 -29.28 62.83
N GLN L 226 67.85 -30.00 61.90
CA GLN L 226 69.23 -29.71 61.53
C GLN L 226 69.25 -28.50 60.61
N PHE L 227 70.46 -28.04 60.28
CA PHE L 227 70.62 -26.78 59.58
C PHE L 227 70.09 -26.87 58.14
N GLY L 228 69.42 -25.80 57.71
CA GLY L 228 68.74 -25.80 56.43
C GLY L 228 67.26 -26.03 56.59
N LEU L 229 66.89 -26.91 57.52
CA LEU L 229 65.50 -27.22 57.79
C LEU L 229 65.15 -27.02 59.27
N HIS L 230 65.99 -26.31 60.01
CA HIS L 230 65.78 -26.04 61.44
C HIS L 230 64.68 -25.08 61.92
N PRO L 231 64.26 -24.00 61.21
CA PRO L 231 63.50 -22.95 61.91
C PRO L 231 62.07 -23.29 62.31
N TRP L 232 61.59 -24.51 62.07
CA TRP L 232 60.27 -24.85 62.59
C TRP L 232 60.29 -25.13 64.07
N LEU L 233 61.44 -25.50 64.62
CA LEU L 233 61.53 -25.88 66.02
C LEU L 233 61.44 -24.70 66.99
N PRO L 234 62.08 -23.53 66.77
CA PRO L 234 61.76 -22.40 67.65
C PRO L 234 60.37 -21.83 67.41
N SER L 235 59.87 -21.88 66.18
CA SER L 235 58.51 -21.44 65.90
C SER L 235 57.49 -22.35 66.57
N ALA L 236 57.83 -23.62 66.76
CA ALA L 236 57.00 -24.64 67.38
C ALA L 236 56.80 -24.45 68.87
N MET L 237 57.39 -23.42 69.47
CA MET L 237 57.15 -23.08 70.87
C MET L 237 55.87 -22.29 71.08
N GLU L 238 55.09 -22.07 70.02
CA GLU L 238 53.83 -21.37 70.15
C GLU L 238 52.72 -22.28 70.67
N GLY L 239 52.95 -23.59 70.68
CA GLY L 239 52.04 -24.49 71.32
C GLY L 239 52.11 -24.39 72.83
N PRO L 240 51.31 -25.21 73.51
CA PRO L 240 51.38 -25.25 74.97
C PRO L 240 52.70 -25.83 75.44
N THR L 241 53.08 -25.45 76.67
CA THR L 241 54.36 -25.89 77.22
C THR L 241 54.49 -27.41 77.41
N PRO L 242 53.46 -28.20 77.80
CA PRO L 242 53.64 -29.66 77.77
C PRO L 242 53.86 -30.23 76.39
N VAL L 243 53.30 -29.60 75.35
CA VAL L 243 53.55 -30.02 73.98
C VAL L 243 55.02 -29.84 73.63
N SER L 244 55.56 -28.66 73.91
CA SER L 244 56.97 -28.38 73.66
C SER L 244 57.87 -29.31 74.46
N ALA L 245 57.54 -29.49 75.75
CA ALA L 245 58.31 -30.30 76.68
C ALA L 245 58.37 -31.76 76.26
N LEU L 246 57.23 -32.36 75.95
CA LEU L 246 57.26 -33.77 75.57
C LEU L 246 57.77 -33.94 74.15
N LEU L 247 57.12 -33.27 73.19
CA LEU L 247 57.39 -33.53 71.78
C LEU L 247 58.73 -32.92 71.36
N HIS L 248 58.86 -31.61 71.47
CA HIS L 248 59.87 -30.89 70.73
C HIS L 248 61.16 -30.71 71.50
N SER L 249 61.35 -31.51 72.56
CA SER L 249 62.60 -31.54 73.30
C SER L 249 63.21 -32.93 73.29
N SER L 250 62.41 -33.96 73.51
CA SER L 250 62.93 -35.22 74.00
C SER L 250 62.45 -36.42 73.19
N THR L 251 61.26 -36.31 72.60
CA THR L 251 60.60 -37.48 72.06
C THR L 251 60.35 -37.39 70.56
N MET L 252 59.80 -36.28 70.05
CA MET L 252 59.61 -36.18 68.61
C MET L 252 60.91 -35.89 67.90
N VAL L 253 61.65 -34.88 68.36
CA VAL L 253 62.74 -34.33 67.56
C VAL L 253 63.99 -35.20 67.62
N VAL L 254 63.95 -36.27 68.41
CA VAL L 254 65.02 -37.26 68.37
C VAL L 254 64.80 -38.33 67.31
N ALA L 255 63.70 -38.25 66.54
CA ALA L 255 63.36 -39.34 65.63
C ALA L 255 64.24 -39.38 64.40
N GLY L 256 64.76 -38.24 63.96
CA GLY L 256 65.71 -38.26 62.86
C GLY L 256 67.05 -38.80 63.30
N ILE L 257 67.49 -38.40 64.50
CA ILE L 257 68.67 -38.97 65.13
C ILE L 257 68.49 -40.47 65.34
N PHE L 258 67.31 -40.86 65.81
CA PHE L 258 67.01 -42.27 66.03
C PHE L 258 66.96 -43.05 64.73
N LEU L 259 66.50 -42.41 63.65
CA LEU L 259 66.50 -43.04 62.33
C LEU L 259 67.91 -43.30 61.84
N LEU L 260 68.81 -42.34 62.03
CA LEU L 260 70.19 -42.58 61.59
C LEU L 260 70.93 -43.53 62.52
N ILE L 261 70.54 -43.59 63.80
CA ILE L 261 71.11 -44.58 64.70
C ILE L 261 70.61 -45.98 64.34
N ARG L 262 69.38 -46.07 63.84
CA ARG L 262 68.82 -47.35 63.43
C ARG L 262 69.58 -47.95 62.25
N PHE L 263 70.16 -47.11 61.39
CA PHE L 263 70.93 -47.54 60.23
C PHE L 263 72.43 -47.43 60.46
N TYR L 264 72.93 -47.75 61.65
CA TYR L 264 74.38 -47.78 61.85
C TYR L 264 75.14 -48.89 61.09
N PRO L 265 74.58 -50.07 60.76
CA PRO L 265 75.35 -50.98 59.88
C PRO L 265 75.50 -50.47 58.46
N LEU L 266 74.76 -49.45 58.06
CA LEU L 266 74.93 -48.86 56.73
C LEU L 266 75.75 -47.58 56.75
N THR L 267 75.81 -46.89 57.88
CA THR L 267 76.68 -45.73 57.99
C THR L 267 78.09 -46.10 58.46
N GLU L 268 78.27 -47.29 59.04
CA GLU L 268 79.61 -47.69 59.44
C GLU L 268 80.49 -48.07 58.26
N ASN L 269 79.90 -48.35 57.10
CA ASN L 269 80.64 -48.70 55.89
C ASN L 269 80.61 -47.58 54.86
N ASN L 270 80.33 -46.35 55.29
CA ASN L 270 80.20 -45.22 54.37
C ASN L 270 80.80 -44.00 55.08
N LYS L 271 82.04 -43.66 54.72
CA LYS L 271 82.68 -42.49 55.31
C LYS L 271 82.14 -41.19 54.72
N PHE L 272 81.54 -41.24 53.53
CA PHE L 272 80.95 -40.05 52.93
C PHE L 272 79.71 -39.60 53.70
N GLY L 273 78.84 -40.55 54.04
CA GLY L 273 77.69 -40.22 54.87
C GLY L 273 78.09 -39.79 56.27
N GLN L 274 79.16 -40.36 56.81
CA GLN L 274 79.67 -39.93 58.11
C GLN L 274 80.20 -38.52 58.07
N SER L 275 80.88 -38.15 56.97
CA SER L 275 81.36 -36.77 56.83
C SER L 275 80.22 -35.79 56.66
N ILE L 276 79.17 -36.19 55.93
CA ILE L 276 77.99 -35.34 55.76
C ILE L 276 77.28 -35.12 57.09
N MET L 277 77.09 -36.19 57.87
CA MET L 277 76.43 -36.07 59.18
C MET L 277 77.27 -35.25 60.14
N LEU L 278 78.59 -35.40 60.09
CA LEU L 278 79.48 -34.65 60.97
C LEU L 278 79.45 -33.15 60.65
N CYS L 279 79.56 -32.80 59.37
CA CYS L 279 79.54 -31.39 58.97
C CYS L 279 78.18 -30.76 59.24
N LEU L 280 77.09 -31.47 58.93
CA LEU L 280 75.76 -30.92 59.15
C LEU L 280 75.45 -30.76 60.62
N GLY L 281 75.85 -31.73 61.46
CA GLY L 281 75.62 -31.62 62.87
C GLY L 281 76.45 -30.53 63.52
N ALA L 282 77.69 -30.34 63.05
CA ALA L 282 78.53 -29.29 63.60
C ALA L 282 78.01 -27.91 63.22
N MET L 283 77.54 -27.77 61.97
CA MET L 283 76.91 -26.52 61.54
C MET L 283 75.65 -26.22 62.34
N THR L 284 74.85 -27.26 62.64
CA THR L 284 73.62 -27.06 63.42
C THR L 284 73.92 -26.65 64.85
N THR L 285 74.84 -27.37 65.51
CA THR L 285 75.13 -27.07 66.91
C THR L 285 75.92 -25.76 67.06
N LEU L 286 76.62 -25.30 66.02
CA LEU L 286 77.18 -23.97 66.06
C LEU L 286 76.09 -22.92 65.94
N PHE L 287 75.30 -22.99 64.85
CA PHE L 287 74.39 -21.91 64.49
C PHE L 287 73.28 -21.75 65.51
N THR L 288 72.72 -22.85 66.00
CA THR L 288 71.59 -22.74 66.92
C THR L 288 72.02 -22.28 68.31
N ALA L 289 73.15 -22.80 68.81
CA ALA L 289 73.63 -22.35 70.11
C ALA L 289 74.19 -20.95 70.05
N MET L 290 74.58 -20.46 68.87
CA MET L 290 74.96 -19.06 68.74
C MET L 290 73.73 -18.15 68.63
N CYS L 291 72.67 -18.63 67.98
CA CYS L 291 71.42 -17.88 67.96
C CYS L 291 70.74 -17.85 69.32
N ALA L 292 71.01 -18.83 70.18
CA ALA L 292 70.41 -18.86 71.51
C ALA L 292 70.93 -17.76 72.43
N LEU L 293 72.07 -17.15 72.10
CA LEU L 293 72.76 -16.31 73.07
C LEU L 293 72.09 -14.98 73.31
N THR L 294 71.33 -14.45 72.35
CA THR L 294 70.66 -13.16 72.53
C THR L 294 69.17 -13.22 72.29
N GLN L 295 68.55 -14.39 72.37
CA GLN L 295 67.10 -14.44 72.33
C GLN L 295 66.52 -14.02 73.69
N ASN L 296 65.26 -13.60 73.67
CA ASN L 296 64.62 -13.05 74.84
C ASN L 296 63.48 -13.91 75.38
N ASP L 297 62.81 -14.69 74.52
CA ASP L 297 61.77 -15.61 74.97
C ASP L 297 62.42 -16.89 75.44
N ILE L 298 62.07 -17.33 76.65
CA ILE L 298 62.75 -18.46 77.30
C ILE L 298 62.51 -19.77 76.55
N LYS L 299 61.32 -19.95 75.98
CA LYS L 299 61.03 -21.19 75.26
C LYS L 299 61.78 -21.26 73.94
N LYS L 300 61.99 -20.11 73.30
CA LYS L 300 62.88 -20.04 72.15
C LYS L 300 64.29 -20.48 72.51
N ILE L 301 64.78 -20.05 73.68
CA ILE L 301 66.15 -20.38 74.07
C ILE L 301 66.30 -21.86 74.39
N ILE L 302 65.29 -22.46 75.02
CA ILE L 302 65.37 -23.89 75.30
C ILE L 302 65.15 -24.70 74.01
N ALA L 303 64.43 -24.13 73.04
CA ALA L 303 64.30 -24.80 71.74
C ALA L 303 65.61 -24.76 70.95
N PHE L 304 66.33 -23.63 71.02
CA PHE L 304 67.65 -23.61 70.41
C PHE L 304 68.63 -24.50 71.18
N SER L 305 68.42 -24.68 72.49
CA SER L 305 69.23 -25.60 73.27
C SER L 305 69.05 -27.03 72.81
N THR L 306 67.78 -27.46 72.66
CA THR L 306 67.56 -28.83 72.23
C THR L 306 67.94 -29.05 70.77
N SER L 307 67.88 -28.01 69.93
CA SER L 307 68.36 -28.19 68.56
C SER L 307 69.88 -28.24 68.50
N SER L 308 70.58 -27.51 69.37
CA SER L 308 72.03 -27.62 69.45
C SER L 308 72.46 -28.99 69.98
N GLN L 309 71.70 -29.53 70.94
CA GLN L 309 72.00 -30.88 71.41
C GLN L 309 71.72 -31.93 70.35
N LEU L 310 70.68 -31.73 69.54
CA LEU L 310 70.45 -32.64 68.41
C LEU L 310 71.55 -32.53 67.36
N GLY L 311 72.12 -31.33 67.18
CA GLY L 311 73.28 -31.20 66.32
C GLY L 311 74.49 -31.93 66.88
N LEU L 312 74.66 -31.91 68.20
CA LEU L 312 75.73 -32.69 68.83
C LEU L 312 75.49 -34.19 68.66
N MET L 313 74.23 -34.63 68.73
CA MET L 313 73.90 -36.02 68.46
C MET L 313 74.21 -36.41 67.02
N MET L 314 73.96 -35.49 66.09
CA MET L 314 74.30 -35.74 64.69
C MET L 314 75.81 -35.82 64.50
N VAL L 315 76.57 -34.98 65.22
CA VAL L 315 78.04 -35.05 65.23
C VAL L 315 78.50 -36.43 65.70
N THR L 316 77.99 -36.88 66.84
CA THR L 316 78.49 -38.16 67.35
C THR L 316 77.94 -39.36 66.60
N ILE L 317 76.88 -39.21 65.80
CA ILE L 317 76.61 -40.24 64.79
C ILE L 317 77.69 -40.21 63.72
N GLY L 318 78.06 -39.02 63.26
CA GLY L 318 79.03 -38.85 62.17
C GLY L 318 80.44 -39.31 62.48
N ILE L 319 80.78 -39.55 63.74
CA ILE L 319 82.08 -40.10 64.10
C ILE L 319 82.00 -41.59 64.38
N ASN L 320 80.96 -42.26 63.86
CA ASN L 320 80.71 -43.71 64.01
C ASN L 320 80.59 -44.10 65.49
N GLN L 321 79.78 -43.33 66.22
CA GLN L 321 79.42 -43.64 67.60
C GLN L 321 77.91 -43.58 67.72
N PRO L 322 77.20 -44.61 67.25
CA PRO L 322 75.73 -44.56 67.27
C PRO L 322 75.15 -44.78 68.66
N HIS L 323 75.82 -45.60 69.46
CA HIS L 323 75.32 -45.93 70.77
C HIS L 323 75.55 -44.81 71.77
N LEU L 324 76.62 -44.01 71.59
CA LEU L 324 76.78 -42.82 72.38
C LEU L 324 75.71 -41.79 72.04
N ALA L 325 75.34 -41.69 70.76
CA ALA L 325 74.27 -40.79 70.34
C ALA L 325 72.93 -41.23 70.92
N PHE L 326 72.68 -42.53 70.98
CA PHE L 326 71.42 -43.00 71.52
C PHE L 326 71.37 -42.88 73.03
N LEU L 327 72.51 -43.13 73.70
CA LEU L 327 72.63 -42.85 75.12
C LEU L 327 72.45 -41.37 75.41
N HIS L 328 72.87 -40.50 74.50
CA HIS L 328 72.65 -39.08 74.71
C HIS L 328 71.21 -38.67 74.45
N ILE L 329 70.50 -39.39 73.57
CA ILE L 329 69.04 -39.22 73.48
C ILE L 329 68.38 -39.55 74.81
N CYS L 330 68.68 -40.73 75.35
CA CYS L 330 68.07 -41.18 76.60
C CYS L 330 68.48 -40.29 77.78
N THR L 331 69.69 -39.75 77.74
CA THR L 331 70.13 -38.81 78.76
C THR L 331 69.43 -37.46 78.61
N HIS L 332 69.37 -36.95 77.38
CA HIS L 332 68.89 -35.61 77.09
C HIS L 332 67.41 -35.46 77.39
N ALA L 333 66.66 -36.57 77.30
CA ALA L 333 65.23 -36.59 77.60
C ALA L 333 64.91 -36.01 78.97
N PHE L 334 65.60 -36.48 80.00
CA PHE L 334 65.32 -36.12 81.38
C PHE L 334 65.51 -34.63 81.64
N PHE L 335 66.71 -34.12 81.39
CA PHE L 335 66.95 -32.73 81.77
C PHE L 335 66.34 -31.74 80.79
N LYS L 336 66.13 -32.09 79.51
CA LYS L 336 65.54 -31.08 78.65
C LYS L 336 64.02 -31.00 78.83
N ALA L 337 63.37 -32.14 79.12
CA ALA L 337 61.99 -32.08 79.56
C ALA L 337 61.85 -31.35 80.88
N MET L 338 62.84 -31.51 81.78
CA MET L 338 62.77 -30.82 83.06
C MET L 338 62.98 -29.32 82.91
N LEU L 339 63.83 -28.89 81.97
CA LEU L 339 64.02 -27.46 81.74
C LEU L 339 62.78 -26.82 81.14
N PHE L 340 62.13 -27.51 80.20
CA PHE L 340 60.84 -26.99 79.70
C PHE L 340 59.77 -26.96 80.79
N MET L 341 59.76 -27.95 81.68
CA MET L 341 58.77 -27.93 82.76
C MET L 341 59.05 -26.84 83.79
N CYS L 342 60.32 -26.54 84.05
CA CYS L 342 60.64 -25.44 84.95
C CYS L 342 60.30 -24.10 84.34
N SER L 343 60.54 -23.95 83.03
CA SER L 343 60.12 -22.73 82.35
C SER L 343 58.60 -22.61 82.33
N GLY L 344 57.88 -23.73 82.23
CA GLY L 344 56.42 -23.67 82.29
C GLY L 344 55.91 -23.32 83.67
N SER L 345 56.58 -23.80 84.73
CA SER L 345 56.21 -23.42 86.08
C SER L 345 56.47 -21.93 86.34
N ILE L 346 57.56 -21.40 85.77
CA ILE L 346 57.83 -19.95 85.87
C ILE L 346 56.78 -19.14 85.10
N ILE L 347 56.44 -19.59 83.88
CA ILE L 347 55.45 -18.88 83.05
C ILE L 347 54.08 -18.90 83.71
N HIS L 348 53.69 -20.02 84.29
CA HIS L 348 52.38 -20.09 84.96
C HIS L 348 52.38 -19.31 86.26
N SER L 349 53.52 -19.23 86.95
CA SER L 349 53.58 -18.40 88.14
C SER L 349 53.76 -16.91 87.84
N LEU L 350 53.87 -16.52 86.57
CA LEU L 350 53.99 -15.12 86.19
C LEU L 350 52.94 -14.71 85.16
N ASN L 351 51.88 -15.52 85.01
CA ASN L 351 50.69 -15.22 84.21
C ASN L 351 51.03 -15.01 82.73
N ASP L 352 51.49 -16.11 82.12
CA ASP L 352 51.89 -16.18 80.70
C ASP L 352 52.97 -15.17 80.36
N GLU L 353 53.89 -14.96 81.28
CA GLU L 353 55.08 -14.16 81.01
C GLU L 353 56.19 -15.09 80.57
N GLN L 354 56.53 -15.03 79.28
CA GLN L 354 57.47 -15.96 78.69
C GLN L 354 58.79 -15.28 78.33
N ASP L 355 59.00 -14.06 78.78
CA ASP L 355 60.16 -13.26 78.40
C ASP L 355 61.08 -13.11 79.61
N ILE L 356 62.38 -13.36 79.40
CA ILE L 356 63.32 -13.37 80.52
C ILE L 356 63.67 -11.98 81.01
N ARG L 357 63.34 -10.93 80.26
CA ARG L 357 63.57 -9.57 80.68
C ARG L 357 62.50 -9.05 81.62
N LYS L 358 61.48 -9.84 81.93
CA LYS L 358 60.50 -9.53 82.97
C LYS L 358 60.47 -10.64 84.00
N MET L 359 61.65 -11.13 84.35
CA MET L 359 61.82 -12.21 85.31
C MET L 359 62.92 -11.84 86.28
N GLY L 360 63.41 -12.79 87.05
CA GLY L 360 64.44 -12.49 88.01
C GLY L 360 63.88 -12.31 89.41
N GLY L 361 64.76 -12.43 90.39
CA GLY L 361 64.31 -12.42 91.77
C GLY L 361 63.51 -13.64 92.14
N LEU L 362 63.75 -14.76 91.47
CA LEU L 362 62.99 -15.99 91.66
C LEU L 362 63.82 -17.08 92.32
N PHE L 363 64.90 -16.71 93.00
CA PHE L 363 65.73 -17.69 93.68
C PHE L 363 65.02 -18.26 94.89
N LYS L 364 64.50 -17.39 95.76
CA LYS L 364 63.74 -17.81 96.92
C LYS L 364 62.24 -17.82 96.69
N ALA L 365 61.76 -17.13 95.65
CA ALA L 365 60.32 -17.08 95.40
C ALA L 365 59.80 -18.41 94.89
N MET L 366 60.56 -19.08 94.01
CA MET L 366 60.22 -20.39 93.49
C MET L 366 61.41 -21.31 93.78
N PRO L 367 61.54 -21.82 95.01
CA PRO L 367 62.78 -22.53 95.37
C PRO L 367 62.90 -23.90 94.71
N PHE L 368 61.80 -24.63 94.55
CA PHE L 368 61.86 -25.94 93.91
C PHE L 368 62.11 -25.80 92.41
N THR L 369 61.52 -24.77 91.79
CA THR L 369 61.75 -24.50 90.38
C THR L 369 63.16 -24.00 90.14
N THR L 370 63.68 -23.16 91.05
CA THR L 370 65.08 -22.71 90.99
C THR L 370 66.03 -23.89 91.09
N THR L 371 65.75 -24.79 92.04
CA THR L 371 66.57 -25.98 92.25
C THR L 371 66.61 -26.85 91.00
N ALA L 372 65.43 -27.21 90.48
CA ALA L 372 65.40 -28.11 89.34
C ALA L 372 65.90 -27.44 88.07
N LEU L 373 65.76 -26.12 87.95
CA LEU L 373 66.30 -25.43 86.78
C LEU L 373 67.82 -25.36 86.81
N ILE L 374 68.40 -25.17 88.01
CA ILE L 374 69.86 -25.17 88.13
C ILE L 374 70.41 -26.57 87.89
N ILE L 375 69.72 -27.60 88.39
CA ILE L 375 70.16 -28.98 88.18
C ILE L 375 70.05 -29.36 86.70
N GLY L 376 68.99 -28.92 86.03
CA GLY L 376 68.88 -29.15 84.59
C GLY L 376 69.91 -28.41 83.78
N SER L 377 70.25 -27.18 84.20
CA SER L 377 71.29 -26.42 83.50
C SER L 377 72.66 -27.08 83.67
N LEU L 378 72.96 -27.57 84.87
CA LEU L 378 74.24 -28.25 85.09
C LEU L 378 74.30 -29.57 84.35
N ALA L 379 73.17 -30.29 84.26
CA ALA L 379 73.14 -31.49 83.44
C ALA L 379 73.29 -31.17 81.96
N LEU L 380 72.79 -30.01 81.52
CA LEU L 380 72.94 -29.61 80.13
C LEU L 380 74.39 -29.27 79.80
N THR L 381 75.06 -28.52 80.67
CA THR L 381 76.42 -28.08 80.38
C THR L 381 77.46 -29.18 80.52
N GLY L 382 77.16 -30.25 81.24
CA GLY L 382 78.14 -31.29 81.45
C GLY L 382 78.85 -31.17 82.78
N MET L 383 78.07 -30.97 83.84
CA MET L 383 78.59 -31.11 85.19
C MET L 383 79.08 -32.53 85.40
N PRO L 384 80.20 -32.72 86.08
CA PRO L 384 80.72 -34.08 86.31
C PRO L 384 79.77 -34.92 87.15
N PHE L 385 79.42 -36.09 86.59
CA PHE L 385 78.65 -37.17 87.20
C PHE L 385 77.20 -36.81 87.45
N LEU L 386 76.63 -35.87 86.71
CA LEU L 386 75.18 -35.80 86.56
C LEU L 386 74.81 -36.66 85.36
N THR L 387 73.57 -36.54 84.85
CA THR L 387 73.18 -37.41 83.74
C THR L 387 73.89 -37.02 82.45
N GLY L 388 74.09 -35.71 82.22
CA GLY L 388 74.66 -35.24 80.98
C GLY L 388 76.13 -35.54 80.82
N PHE L 389 76.81 -35.84 81.93
CA PHE L 389 78.23 -36.20 81.89
C PHE L 389 78.45 -37.49 81.11
N TYR L 390 77.79 -38.57 81.54
CA TYR L 390 77.97 -39.92 81.02
C TYR L 390 77.68 -40.06 79.52
N SER L 391 77.04 -39.07 78.91
CA SER L 391 76.83 -39.06 77.47
C SER L 391 77.68 -38.00 76.79
N LYS L 392 77.53 -36.72 77.18
CA LYS L 392 78.15 -35.63 76.44
C LYS L 392 79.67 -35.60 76.61
N ASP L 393 80.16 -35.97 77.80
CA ASP L 393 81.60 -35.99 78.02
C ASP L 393 82.26 -37.09 77.20
N LEU L 394 81.63 -38.27 77.11
CA LEU L 394 82.17 -39.32 76.25
C LEU L 394 82.01 -38.98 74.77
N ILE L 395 80.99 -38.20 74.42
CA ILE L 395 80.86 -37.72 73.04
C ILE L 395 82.04 -36.83 72.67
N ILE L 396 82.40 -35.90 73.56
CA ILE L 396 83.54 -35.03 73.24
C ILE L 396 84.86 -35.80 73.31
N GLU L 397 84.97 -36.76 74.23
CA GLU L 397 86.19 -37.57 74.32
C GLU L 397 86.36 -38.52 73.14
N SER L 398 85.26 -38.89 72.47
CA SER L 398 85.38 -39.68 71.26
C SER L 398 85.46 -38.81 70.01
N ALA L 399 85.00 -37.57 70.07
CA ALA L 399 85.11 -36.65 68.95
C ALA L 399 86.50 -36.05 68.86
N ASN L 400 87.23 -36.01 69.97
CA ASN L 400 88.62 -35.57 69.92
C ASN L 400 89.52 -36.64 69.30
N THR L 401 89.34 -37.89 69.74
CA THR L 401 90.27 -38.97 69.42
C THR L 401 89.72 -39.85 68.30
N SER L 402 89.63 -39.27 67.10
CA SER L 402 89.19 -40.01 65.92
C SER L 402 89.65 -39.28 64.67
N TYR L 403 89.66 -40.00 63.56
CA TYR L 403 90.00 -39.41 62.27
C TYR L 403 88.84 -38.51 61.83
N THR L 404 88.91 -37.23 62.18
CA THR L 404 87.75 -36.36 62.21
C THR L 404 88.02 -35.10 61.39
N ASN L 405 86.97 -34.56 60.78
CA ASN L 405 86.94 -33.17 60.37
C ASN L 405 87.30 -32.28 61.56
N ALA L 406 88.40 -31.53 61.41
CA ALA L 406 88.92 -30.76 62.53
C ALA L 406 88.09 -29.51 62.81
N TRP L 407 87.60 -28.87 61.74
CA TRP L 407 86.75 -27.70 61.90
C TRP L 407 85.42 -28.07 62.55
N ALA L 408 84.92 -29.28 62.30
CA ALA L 408 83.70 -29.75 62.94
C ALA L 408 83.90 -29.94 64.42
N LEU L 409 85.04 -30.49 64.83
CA LEU L 409 85.38 -30.64 66.24
C LEU L 409 85.55 -29.29 66.92
N LEU L 410 86.13 -28.32 66.20
CA LEU L 410 86.35 -27.00 66.79
C LEU L 410 85.02 -26.26 66.98
N MET L 411 84.12 -26.35 65.99
CA MET L 411 82.79 -25.78 66.14
C MET L 411 81.96 -26.51 67.19
N THR L 412 82.21 -27.80 67.38
CA THR L 412 81.59 -28.55 68.46
C THR L 412 82.02 -28.03 69.83
N LEU L 413 83.31 -27.71 69.96
CA LEU L 413 83.80 -27.16 71.23
C LEU L 413 83.28 -25.74 71.47
N VAL L 414 83.17 -24.94 70.40
CA VAL L 414 82.58 -23.61 70.52
C VAL L 414 81.11 -23.71 70.95
N ALA L 415 80.38 -24.70 70.42
CA ALA L 415 79.02 -24.94 70.86
C ALA L 415 78.96 -25.41 72.30
N THR L 416 79.96 -26.19 72.73
CA THR L 416 80.06 -26.65 74.11
C THR L 416 80.22 -25.48 75.07
N SER L 417 80.97 -24.46 74.66
CA SER L 417 81.05 -23.23 75.46
C SER L 417 79.72 -22.47 75.43
N PHE L 418 79.07 -22.42 74.27
CA PHE L 418 77.82 -21.67 74.12
C PHE L 418 76.70 -22.24 74.98
N THR L 419 76.70 -23.56 75.21
CA THR L 419 75.71 -24.17 76.09
C THR L 419 75.79 -23.61 77.51
N ALA L 420 77.02 -23.48 78.03
CA ALA L 420 77.21 -22.88 79.35
C ALA L 420 76.82 -21.41 79.34
N ILE L 421 77.07 -20.72 78.23
CA ILE L 421 76.72 -19.30 78.14
C ILE L 421 75.21 -19.10 78.22
N TYR L 422 74.43 -19.82 77.39
CA TYR L 422 72.98 -19.61 77.49
C TYR L 422 72.37 -20.25 78.73
N SER L 423 73.01 -21.27 79.32
CA SER L 423 72.51 -21.83 80.57
C SER L 423 72.58 -20.82 81.71
N THR L 424 73.74 -20.17 81.87
CA THR L 424 73.80 -19.13 82.88
C THR L 424 73.04 -17.87 82.47
N ARG L 425 72.77 -17.67 81.18
CA ARG L 425 71.86 -16.60 80.77
C ARG L 425 70.45 -16.85 81.27
N ILE L 426 69.96 -18.10 81.13
CA ILE L 426 68.64 -18.47 81.63
C ILE L 426 68.59 -18.34 83.15
N ILE L 427 69.63 -18.81 83.83
CA ILE L 427 69.67 -18.72 85.30
C ILE L 427 69.74 -17.27 85.76
N PHE L 428 70.50 -16.43 85.05
CA PHE L 428 70.69 -15.05 85.46
C PHE L 428 69.44 -14.22 85.23
N PHE L 429 68.95 -14.16 83.99
CA PHE L 429 67.78 -13.34 83.73
C PHE L 429 66.49 -13.95 84.28
N ALA L 430 66.46 -15.25 84.55
CA ALA L 430 65.23 -15.86 85.01
C ALA L 430 65.13 -15.93 86.53
N LEU L 431 66.23 -16.21 87.22
CA LEU L 431 66.23 -16.43 88.65
C LEU L 431 67.00 -15.38 89.43
N LEU L 432 68.16 -14.97 88.94
CA LEU L 432 69.02 -14.09 89.71
C LEU L 432 68.54 -12.64 89.61
N GLY L 433 69.17 -11.79 90.41
CA GLY L 433 68.85 -10.39 90.37
C GLY L 433 67.60 -10.07 91.19
N GLN L 434 66.92 -9.02 90.78
CA GLN L 434 65.75 -8.48 91.45
C GLN L 434 64.56 -8.61 90.52
N PRO L 435 63.32 -8.57 91.05
CA PRO L 435 62.14 -8.77 90.18
C PRO L 435 62.00 -7.73 89.08
N ARG L 436 61.42 -8.17 87.98
CA ARG L 436 61.02 -7.30 86.89
C ARG L 436 59.60 -7.55 86.44
N PHE L 437 58.96 -8.62 86.94
CA PHE L 437 57.58 -8.93 86.62
C PHE L 437 56.64 -7.90 87.26
N PRO L 438 55.43 -7.75 86.72
CA PRO L 438 54.47 -6.78 87.30
C PRO L 438 54.07 -7.10 88.74
N THR L 439 53.48 -6.10 89.37
CA THR L 439 53.45 -5.97 90.82
C THR L 439 52.59 -7.01 91.52
N LEU L 440 51.55 -7.50 90.88
CA LEU L 440 50.66 -8.48 91.51
C LEU L 440 51.38 -9.84 91.51
N ILE L 441 51.87 -10.25 92.67
CA ILE L 441 52.53 -11.55 92.78
C ILE L 441 51.46 -12.63 92.83
N ASN L 442 51.50 -13.54 91.86
CA ASN L 442 50.70 -14.76 91.86
C ASN L 442 51.61 -15.98 91.84
N ILE L 443 52.76 -15.87 92.51
CA ILE L 443 53.74 -16.94 92.53
C ILE L 443 53.27 -18.05 93.45
N ASN L 444 53.02 -19.22 92.89
CA ASN L 444 52.58 -20.38 93.67
C ASN L 444 52.97 -21.63 92.91
N GLU L 445 53.57 -22.59 93.61
CA GLU L 445 53.96 -23.85 92.99
C GLU L 445 53.71 -25.04 93.90
N ASN L 446 52.83 -24.91 94.88
CA ASN L 446 52.67 -25.91 95.92
C ASN L 446 51.49 -26.85 95.63
N ASN L 447 51.57 -27.51 94.48
CA ASN L 447 50.60 -28.53 94.09
C ASN L 447 51.36 -29.83 93.86
N PRO L 448 50.96 -30.94 94.50
CA PRO L 448 51.73 -32.20 94.36
C PRO L 448 51.83 -32.76 92.95
N PHE L 449 50.96 -32.35 92.03
CA PHE L 449 51.12 -32.71 90.62
C PHE L 449 52.39 -32.11 90.05
N LEU L 450 52.55 -30.80 90.21
CA LEU L 450 53.74 -30.10 89.74
C LEU L 450 55.00 -30.58 90.45
N ILE L 451 54.89 -30.77 91.77
CA ILE L 451 56.04 -31.17 92.57
C ILE L 451 56.50 -32.58 92.19
N ASN L 452 55.57 -33.53 92.11
CA ASN L 452 55.96 -34.89 91.73
C ASN L 452 56.41 -34.99 90.29
N SER L 453 55.81 -34.19 89.40
CA SER L 453 56.17 -34.24 87.99
C SER L 453 57.57 -33.71 87.75
N ILE L 454 57.97 -32.64 88.45
CA ILE L 454 59.36 -32.22 88.32
C ILE L 454 60.28 -33.09 89.18
N LYS L 455 59.75 -33.72 90.24
CA LYS L 455 60.57 -34.49 91.16
C LYS L 455 61.08 -35.78 90.56
N ARG L 456 60.24 -36.48 89.80
CA ARG L 456 60.66 -37.75 89.23
C ARG L 456 61.66 -37.56 88.10
N LEU L 457 61.49 -36.51 87.29
CA LEU L 457 62.53 -36.14 86.35
C LEU L 457 63.76 -35.56 87.02
N LEU L 458 63.63 -35.03 88.23
CA LEU L 458 64.79 -34.56 88.96
C LEU L 458 65.64 -35.73 89.46
N ILE L 459 64.98 -36.76 89.99
CA ILE L 459 65.65 -38.00 90.34
C ILE L 459 66.26 -38.66 89.11
N GLY L 460 65.56 -38.57 87.97
CA GLY L 460 66.11 -39.07 86.72
C GLY L 460 67.36 -38.32 86.28
N SER L 461 67.29 -36.98 86.28
CA SER L 461 68.45 -36.18 85.89
C SER L 461 69.59 -36.25 86.90
N LEU L 462 69.35 -36.74 88.11
CA LEU L 462 70.47 -37.00 88.99
C LEU L 462 71.09 -38.38 88.79
N PHE L 463 70.27 -39.43 88.65
CA PHE L 463 70.79 -40.79 88.78
C PHE L 463 70.73 -41.64 87.51
N ALA L 464 69.88 -41.29 86.54
CA ALA L 464 69.60 -42.19 85.44
C ALA L 464 70.75 -42.27 84.45
N GLY L 465 71.61 -41.26 84.39
CA GLY L 465 72.79 -41.36 83.55
C GLY L 465 73.74 -42.45 84.02
N PHE L 466 74.05 -42.45 85.32
CA PHE L 466 74.84 -43.50 85.94
C PHE L 466 74.18 -44.87 85.78
N ILE L 467 72.86 -44.94 86.06
CA ILE L 467 72.12 -46.20 86.04
C ILE L 467 72.10 -46.79 84.64
N ILE L 468 71.77 -45.98 83.64
CA ILE L 468 71.66 -46.47 82.26
C ILE L 468 73.04 -46.81 81.70
N SER L 469 74.02 -45.92 81.87
CA SER L 469 75.34 -46.16 81.31
C SER L 469 76.09 -47.29 82.01
N ASN L 470 75.65 -47.72 83.20
CA ASN L 470 76.18 -48.94 83.77
C ASN L 470 75.21 -50.10 83.69
N ASN L 471 74.09 -49.95 82.98
CA ASN L 471 73.29 -51.10 82.60
C ASN L 471 73.42 -51.49 81.14
N ILE L 472 73.86 -50.58 80.28
CA ILE L 472 73.95 -50.87 78.85
C ILE L 472 75.17 -51.75 78.57
N PRO L 473 75.04 -52.74 77.69
CA PRO L 473 76.19 -53.56 77.35
C PRO L 473 77.13 -52.81 76.44
N PRO L 474 78.44 -53.12 76.49
CA PRO L 474 79.40 -52.42 75.63
C PRO L 474 79.24 -52.82 74.17
N MET L 475 79.03 -51.81 73.31
CA MET L 475 78.87 -52.03 71.88
C MET L 475 80.00 -51.46 71.04
N THR L 476 80.77 -50.53 71.58
CA THR L 476 82.00 -50.06 70.97
C THR L 476 83.15 -50.26 71.96
N ILE L 477 84.36 -49.93 71.52
CA ILE L 477 85.53 -49.88 72.39
C ILE L 477 85.78 -48.42 72.73
N PRO L 478 85.62 -48.01 74.00
CA PRO L 478 85.76 -46.59 74.33
C PRO L 478 87.23 -46.16 74.38
N GLN L 479 87.49 -44.96 73.87
CA GLN L 479 88.82 -44.38 73.95
C GLN L 479 89.01 -43.81 75.34
N MET L 480 89.79 -44.50 76.16
CA MET L 480 90.08 -44.05 77.51
C MET L 480 91.51 -43.62 77.70
N THR L 481 92.35 -43.73 76.66
CA THR L 481 93.73 -43.27 76.70
C THR L 481 93.87 -42.06 75.79
N MET L 482 94.19 -40.92 76.39
CA MET L 482 94.31 -39.65 75.68
C MET L 482 95.09 -38.69 76.57
N PRO L 483 95.75 -37.68 75.99
CA PRO L 483 96.51 -36.74 76.82
C PRO L 483 95.62 -35.85 77.67
N HIS L 484 96.27 -35.14 78.59
CA HIS L 484 95.55 -34.49 79.69
C HIS L 484 94.76 -33.27 79.21
N TYR L 485 95.32 -32.52 78.25
CA TYR L 485 94.57 -31.40 77.68
C TYR L 485 93.40 -31.90 76.83
N LEU L 486 93.54 -33.08 76.24
CA LEU L 486 92.52 -33.63 75.36
C LEU L 486 91.46 -34.40 76.14
N LYS L 487 91.75 -34.75 77.39
CA LYS L 487 90.78 -35.41 78.26
C LYS L 487 89.91 -34.37 78.96
N MET L 488 90.51 -33.25 79.37
CA MET L 488 89.83 -32.22 80.14
C MET L 488 89.13 -31.18 79.26
N THR L 489 89.05 -31.42 77.95
CA THR L 489 88.75 -30.36 76.99
C THR L 489 87.31 -29.87 77.12
N ALA L 490 86.34 -30.80 77.19
CA ALA L 490 84.93 -30.42 77.31
C ALA L 490 84.66 -29.64 78.58
N LEU L 491 85.23 -30.12 79.70
CA LEU L 491 85.06 -29.46 80.99
C LEU L 491 85.73 -28.09 80.99
N THR L 492 86.91 -27.98 80.37
CA THR L 492 87.65 -26.72 80.33
C THR L 492 86.91 -25.67 79.51
N VAL L 493 86.46 -26.04 78.32
CA VAL L 493 85.77 -25.08 77.45
C VAL L 493 84.39 -24.74 78.03
N THR L 494 83.78 -25.68 78.76
CA THR L 494 82.52 -25.39 79.46
C THR L 494 82.71 -24.35 80.56
N ILE L 495 83.75 -24.52 81.39
CA ILE L 495 84.01 -23.57 82.47
C ILE L 495 84.46 -22.23 81.91
N LEU L 496 85.21 -22.21 80.81
CA LEU L 496 85.58 -20.94 80.18
C LEU L 496 84.37 -20.23 79.58
N GLY L 497 83.40 -20.99 79.08
CA GLY L 497 82.14 -20.40 78.65
C GLY L 497 81.36 -19.81 79.82
N PHE L 498 81.34 -20.52 80.97
CA PHE L 498 80.78 -19.98 82.20
C PHE L 498 81.44 -18.66 82.60
N ILE L 499 82.77 -18.60 82.54
CA ILE L 499 83.49 -17.40 82.97
C ILE L 499 83.24 -16.23 82.02
N LEU L 500 83.28 -16.48 80.71
CA LEU L 500 83.03 -15.43 79.73
C LEU L 500 81.60 -14.91 79.83
N ALA L 501 80.65 -15.80 80.08
CA ALA L 501 79.28 -15.34 80.23
C ALA L 501 79.02 -14.70 81.59
N LEU L 502 79.82 -15.03 82.61
CA LEU L 502 79.77 -14.25 83.85
C LEU L 502 80.23 -12.83 83.63
N GLU L 503 81.26 -12.65 82.79
CA GLU L 503 81.67 -11.31 82.38
C GLU L 503 80.54 -10.59 81.66
N ILE L 504 79.88 -11.30 80.74
CA ILE L 504 78.75 -10.72 79.99
C ILE L 504 77.60 -10.35 80.92
N SER L 505 77.38 -11.16 81.96
CA SER L 505 76.32 -10.88 82.93
C SER L 505 76.65 -9.69 83.80
N ASN L 506 77.90 -9.60 84.28
CA ASN L 506 78.28 -8.49 85.14
C ASN L 506 78.38 -7.17 84.37
N THR L 507 78.58 -7.22 83.05
CA THR L 507 78.55 -6.00 82.26
C THR L 507 77.14 -5.55 81.87
N THR L 508 76.09 -6.08 82.52
CA THR L 508 74.74 -5.60 82.29
C THR L 508 74.30 -4.58 83.33
N HIS L 509 74.77 -4.70 84.58
CA HIS L 509 74.39 -3.79 85.64
C HIS L 509 75.00 -2.41 85.51
N TYR L 510 75.94 -2.21 84.59
CA TYR L 510 76.64 -0.96 84.43
C TYR L 510 75.71 0.10 83.86
N LEU L 511 76.06 1.37 84.06
CA LEU L 511 75.27 2.48 83.53
C LEU L 511 75.85 2.93 82.19
N LYS L 512 75.91 1.98 81.26
CA LYS L 512 76.37 2.23 79.91
C LYS L 512 75.29 1.79 78.93
N PHE L 513 75.07 2.59 77.89
CA PHE L 513 74.05 2.32 76.88
C PHE L 513 74.75 2.12 75.54
N ASN L 514 75.00 0.86 75.20
CA ASN L 514 75.70 0.51 73.97
C ASN L 514 74.72 0.37 72.83
N TYR L 515 75.03 1.04 71.72
CA TYR L 515 74.26 0.88 70.50
C TYR L 515 74.46 -0.54 69.95
N PRO L 516 73.43 -1.11 69.31
CA PRO L 516 73.55 -2.51 68.87
C PRO L 516 74.51 -2.68 67.70
N SER L 517 75.16 -3.84 67.70
CA SER L 517 76.14 -4.21 66.68
C SER L 517 75.45 -5.01 65.57
N ASN L 518 76.26 -5.63 64.72
CA ASN L 518 75.73 -6.54 63.69
C ASN L 518 75.72 -8.00 64.16
N THR L 519 76.61 -8.37 65.08
CA THR L 519 76.56 -9.69 65.68
C THR L 519 75.32 -9.86 66.56
N PHE L 520 74.94 -8.79 67.27
CA PHE L 520 73.74 -8.83 68.10
C PHE L 520 72.48 -8.90 67.24
N LYS L 521 72.44 -8.16 66.13
CA LYS L 521 71.32 -8.24 65.22
C LYS L 521 71.28 -9.53 64.43
N PHE L 522 72.42 -10.20 64.27
CA PHE L 522 72.43 -11.53 63.65
C PHE L 522 71.87 -12.57 64.61
N SER L 523 72.40 -12.63 65.82
CA SER L 523 71.97 -13.66 66.77
C SER L 523 70.60 -13.37 67.38
N ASN L 524 70.12 -12.13 67.30
CA ASN L 524 68.84 -11.76 67.91
C ASN L 524 67.69 -11.89 66.93
N LEU L 525 67.93 -11.65 65.65
CA LEU L 525 66.95 -11.86 64.59
C LEU L 525 67.10 -13.23 63.94
N LEU L 526 67.46 -14.25 64.74
CA LEU L 526 67.39 -15.66 64.41
C LEU L 526 68.40 -16.09 63.36
N GLY L 527 69.42 -15.28 63.10
CA GLY L 527 70.37 -15.60 62.05
C GLY L 527 69.93 -15.24 60.67
N TYR L 528 68.83 -14.48 60.54
CA TYR L 528 68.25 -13.89 59.32
C TYR L 528 67.65 -14.93 58.37
N TYR L 529 67.83 -16.22 58.63
CA TYR L 529 67.31 -17.33 57.84
C TYR L 529 65.82 -17.62 58.10
N PRO L 530 65.29 -17.50 59.32
CA PRO L 530 63.82 -17.45 59.44
C PRO L 530 63.20 -16.11 59.03
N THR L 531 64.00 -15.15 58.58
CA THR L 531 63.50 -13.88 58.09
C THR L 531 63.42 -13.84 56.57
N ILE L 532 64.51 -14.16 55.88
CA ILE L 532 64.53 -14.08 54.42
C ILE L 532 63.76 -15.24 53.82
N MET L 533 64.14 -16.47 54.17
CA MET L 533 63.56 -17.67 53.56
C MET L 533 62.12 -17.95 54.00
N HIS L 534 61.61 -17.23 55.00
CA HIS L 534 60.20 -17.26 55.33
C HIS L 534 59.45 -16.09 54.72
N ARG L 535 60.11 -15.29 53.90
CA ARG L 535 59.51 -14.24 53.09
C ARG L 535 59.78 -14.41 51.61
N LEU L 536 60.96 -14.89 51.24
CA LEU L 536 61.38 -14.94 49.84
C LEU L 536 60.84 -16.19 49.15
N THR L 537 61.06 -17.36 49.73
CA THR L 537 60.57 -18.61 49.16
C THR L 537 59.04 -18.73 49.25
N PRO L 538 58.34 -18.32 50.33
CA PRO L 538 56.88 -18.25 50.23
C PRO L 538 56.37 -17.12 49.34
N TYR L 539 57.21 -16.18 48.91
CA TYR L 539 56.75 -15.24 47.89
C TYR L 539 56.64 -15.91 46.53
N MET L 540 57.62 -16.74 46.17
CA MET L 540 57.65 -17.32 44.84
C MET L 540 56.61 -18.41 44.67
N ASN L 541 56.44 -19.28 45.67
CA ASN L 541 55.47 -20.36 45.57
C ASN L 541 54.03 -19.89 45.71
N LEU L 542 53.81 -18.60 45.96
CA LEU L 542 52.47 -18.05 46.08
C LEU L 542 52.12 -17.10 44.95
N THR L 543 53.11 -16.49 44.29
CA THR L 543 52.87 -15.62 43.16
C THR L 543 53.06 -16.30 41.81
N MET L 544 54.03 -17.22 41.70
CA MET L 544 54.14 -18.04 40.50
C MET L 544 52.96 -19.00 40.39
N SER L 545 52.37 -19.36 41.53
CA SER L 545 51.21 -20.24 41.56
C SER L 545 49.96 -19.58 40.99
N GLN L 546 49.95 -18.25 40.85
CA GLN L 546 48.87 -17.58 40.14
C GLN L 546 49.32 -16.87 38.87
N LYS L 547 50.32 -15.99 38.97
CA LYS L 547 50.70 -15.19 37.80
C LYS L 547 51.49 -16.00 36.78
N SER L 548 51.93 -17.20 37.12
CA SER L 548 52.52 -18.10 36.13
C SER L 548 51.86 -19.47 36.10
N ALA L 549 50.97 -19.79 37.04
CA ALA L 549 50.25 -21.07 37.02
C ALA L 549 48.74 -20.91 36.89
N SER L 550 48.08 -20.17 37.80
CA SER L 550 46.62 -20.15 37.81
C SER L 550 46.07 -19.23 36.74
N SER L 551 46.36 -17.92 36.86
CA SER L 551 45.81 -16.95 35.92
C SER L 551 46.47 -17.05 34.56
N LEU L 552 47.73 -17.47 34.52
CA LEU L 552 48.46 -17.52 33.26
C LEU L 552 48.07 -18.75 32.46
N LEU L 553 48.18 -19.94 33.06
CA LEU L 553 48.06 -21.18 32.30
C LEU L 553 46.62 -21.70 32.21
N ASP L 554 45.89 -21.73 33.32
CA ASP L 554 44.53 -22.27 33.24
C ASP L 554 43.56 -21.28 32.64
N LEU L 555 43.50 -20.07 33.18
CA LEU L 555 42.45 -19.13 32.82
C LEU L 555 42.84 -18.23 31.66
N ILE L 556 44.05 -18.36 31.11
CA ILE L 556 44.36 -17.68 29.85
C ILE L 556 44.86 -18.65 28.80
N TRP L 557 46.03 -19.28 29.01
CA TRP L 557 46.76 -19.78 27.86
C TRP L 557 46.34 -21.16 27.40
N LEU L 558 46.04 -22.08 28.32
CA LEU L 558 45.39 -23.32 27.91
C LEU L 558 43.91 -23.12 27.65
N GLU L 559 43.35 -21.99 28.08
CA GLU L 559 42.01 -21.58 27.73
C GLU L 559 41.97 -20.82 26.41
N THR L 560 43.11 -20.32 25.94
CA THR L 560 43.15 -19.69 24.63
C THR L 560 43.28 -20.75 23.53
N ILE L 561 44.14 -21.75 23.73
CA ILE L 561 44.49 -22.63 22.63
C ILE L 561 43.53 -23.81 22.49
N LEU L 562 43.10 -24.45 23.59
CA LEU L 562 42.24 -25.62 23.37
C LEU L 562 40.77 -25.23 23.12
N PRO L 563 40.04 -24.46 24.02
CA PRO L 563 38.63 -24.23 23.70
C PRO L 563 38.36 -23.07 22.74
N LYS L 564 39.11 -21.98 22.83
CA LYS L 564 38.61 -20.69 22.38
C LYS L 564 39.20 -20.18 21.07
N THR L 565 40.42 -20.57 20.69
CA THR L 565 40.81 -20.30 19.31
C THR L 565 40.24 -21.35 18.37
N ILE L 566 39.71 -22.45 18.92
CA ILE L 566 38.85 -23.34 18.13
C ILE L 566 37.46 -22.73 17.99
N SER L 567 36.84 -22.34 19.10
CA SER L 567 35.45 -21.89 19.08
C SER L 567 35.26 -20.57 18.33
N LEU L 568 36.28 -19.70 18.34
CA LEU L 568 36.23 -18.51 17.51
C LEU L 568 36.28 -18.86 16.03
N ALA L 569 36.99 -19.93 15.67
CA ALA L 569 37.11 -20.31 14.27
C ALA L 569 35.80 -20.90 13.75
N GLN L 570 34.98 -21.49 14.61
CA GLN L 570 33.72 -22.04 14.10
C GLN L 570 32.63 -20.98 13.98
N MET L 571 32.51 -20.08 14.97
CA MET L 571 31.44 -19.08 14.90
C MET L 571 31.72 -18.03 13.84
N LYS L 572 32.98 -17.85 13.42
CA LYS L 572 33.26 -16.97 12.30
C LYS L 572 33.00 -17.63 10.95
N MET L 573 33.26 -18.94 10.82
CA MET L 573 32.97 -19.64 9.58
C MET L 573 31.47 -19.78 9.33
N SER L 574 30.64 -19.65 10.36
CA SER L 574 29.22 -19.49 10.12
C SER L 574 28.92 -18.14 9.49
N THR L 575 29.42 -17.07 10.10
CA THR L 575 29.12 -15.72 9.67
C THR L 575 29.79 -15.36 8.33
N THR L 576 30.72 -16.18 7.83
CA THR L 576 31.21 -16.05 6.47
C THR L 576 30.48 -16.94 5.48
N ILE L 577 29.66 -17.88 5.96
CA ILE L 577 28.86 -18.74 5.10
C ILE L 577 27.37 -18.40 5.20
N THR L 578 26.86 -18.24 6.42
CA THR L 578 25.44 -17.93 6.63
C THR L 578 25.10 -16.46 6.43
N SER L 579 26.01 -15.67 5.86
CA SER L 579 25.78 -14.27 5.55
C SER L 579 25.15 -14.08 4.18
N GLN L 580 24.46 -15.11 3.67
CA GLN L 580 23.82 -15.03 2.36
C GLN L 580 22.65 -14.05 2.40
N LYS L 581 22.57 -13.20 1.38
CA LYS L 581 21.59 -12.12 1.36
C LYS L 581 20.19 -12.60 0.99
N GLY L 582 19.99 -13.89 0.77
CA GLY L 582 18.69 -14.41 0.38
C GLY L 582 18.32 -14.19 -1.07
N LEU L 583 19.26 -13.71 -1.88
CA LEU L 583 18.99 -13.42 -3.28
C LEU L 583 19.21 -14.67 -4.12
N ILE L 584 18.33 -14.86 -5.10
CA ILE L 584 18.33 -16.11 -5.84
C ILE L 584 19.43 -16.11 -6.89
N LYS L 585 19.85 -14.92 -7.36
CA LYS L 585 21.03 -14.81 -8.21
C LYS L 585 22.29 -15.26 -7.49
N LEU L 586 22.41 -14.92 -6.20
CA LEU L 586 23.60 -15.26 -5.43
C LEU L 586 23.69 -16.76 -5.18
N TYR L 587 22.54 -17.44 -5.14
CA TYR L 587 22.52 -18.88 -4.91
C TYR L 587 22.86 -19.66 -6.17
N PHE L 588 22.28 -19.26 -7.31
CA PHE L 588 22.54 -19.99 -8.56
C PHE L 588 23.92 -19.66 -9.14
N LEU L 589 24.44 -18.46 -8.92
CA LEU L 589 25.79 -18.19 -9.38
C LEU L 589 26.83 -18.92 -8.55
N SER L 590 26.50 -19.28 -7.31
CA SER L 590 27.32 -20.22 -6.55
C SER L 590 27.23 -21.63 -7.13
N PHE L 591 26.10 -21.98 -7.74
CA PHE L 591 25.99 -23.29 -8.39
C PHE L 591 26.83 -23.33 -9.66
N LEU L 592 26.97 -22.19 -10.35
CA LEU L 592 27.59 -22.17 -11.67
C LEU L 592 29.10 -22.35 -11.59
N ILE L 593 29.75 -21.70 -10.61
CA ILE L 593 31.20 -21.82 -10.48
C ILE L 593 31.58 -23.24 -10.05
N THR L 594 30.69 -23.93 -9.35
CA THR L 594 30.89 -25.34 -9.04
C THR L 594 30.91 -26.20 -10.31
N ILE L 595 30.03 -25.88 -11.26
CA ILE L 595 30.07 -26.54 -12.57
C ILE L 595 31.39 -26.22 -13.28
N LEU L 596 31.88 -24.98 -13.15
CA LEU L 596 33.16 -24.62 -13.75
C LEU L 596 34.33 -25.27 -13.03
N ILE L 597 34.19 -25.59 -11.75
CA ILE L 597 35.28 -26.21 -10.99
C ILE L 597 35.26 -27.73 -11.10
N SER L 598 34.09 -28.35 -10.99
CA SER L 598 34.03 -29.81 -10.96
C SER L 598 34.27 -30.43 -12.33
N THR L 599 33.90 -29.74 -13.41
CA THR L 599 34.09 -30.31 -14.73
C THR L 599 35.52 -30.07 -15.24
N THR L 600 35.90 -28.81 -15.42
CA THR L 600 37.16 -28.49 -16.09
C THR L 600 38.35 -28.72 -15.17
N LEU L 601 38.30 -28.19 -13.95
CA LEU L 601 39.43 -28.28 -13.03
C LEU L 601 39.52 -29.67 -12.40
N LEU L 602 38.44 -30.09 -11.71
CA LEU L 602 38.49 -31.31 -10.93
C LEU L 602 38.46 -32.57 -11.79
N ASN L 603 38.01 -32.46 -13.05
CA ASN L 603 37.98 -33.53 -14.05
C ASN L 603 37.14 -34.72 -13.57
N PHE L 604 35.85 -34.45 -13.44
CA PHE L 604 34.88 -35.45 -13.02
C PHE L 604 34.05 -35.99 -14.18
N HIS L 605 34.22 -35.45 -15.38
CA HIS L 605 33.44 -35.86 -16.55
C HIS L 605 34.12 -36.95 -17.35
N GLU L 606 35.04 -37.69 -16.73
CA GLU L 606 35.87 -38.64 -17.46
C GLU L 606 36.20 -39.87 -16.61
N FME M 1 26.52 -60.50 35.79
CN FME M 1 26.44 -61.62 36.58
O1 FME M 1 26.28 -61.56 37.81
CA FME M 1 26.42 -59.16 36.30
CB FME M 1 27.26 -58.15 35.49
CG FME M 1 28.65 -58.09 36.04
SD FME M 1 28.55 -57.39 37.66
CE FME M 1 27.76 -55.86 37.39
C FME M 1 25.00 -58.64 36.28
O FME M 1 24.67 -57.50 36.63
N LEU M 2 24.12 -59.52 35.85
CA LEU M 2 22.75 -59.19 35.55
C LEU M 2 21.96 -59.08 36.84
N LYS M 3 22.48 -59.74 37.88
CA LYS M 3 21.93 -59.70 39.22
C LYS M 3 22.18 -58.37 39.93
N TYR M 4 22.96 -57.47 39.34
CA TYR M 4 23.05 -56.10 39.81
C TYR M 4 22.43 -55.10 38.85
N ILE M 5 22.36 -55.45 37.56
CA ILE M 5 21.73 -54.57 36.59
C ILE M 5 20.22 -54.54 36.78
N ILE M 6 19.63 -55.70 37.04
CA ILE M 6 18.18 -55.78 37.24
C ILE M 6 17.68 -55.11 38.52
N PRO M 7 18.34 -55.20 39.70
CA PRO M 7 17.90 -54.35 40.82
C PRO M 7 18.13 -52.87 40.62
N THR M 8 19.18 -52.49 39.87
CA THR M 8 19.37 -51.09 39.53
C THR M 8 18.24 -50.60 38.62
N MET M 9 17.75 -51.45 37.73
CA MET M 9 16.62 -51.04 36.91
C MET M 9 15.31 -51.10 37.68
N MET M 10 15.21 -51.94 38.70
CA MET M 10 14.03 -51.96 39.55
C MET M 10 14.03 -50.83 40.55
N LEU M 11 15.14 -50.11 40.70
CA LEU M 11 15.11 -48.84 41.41
C LEU M 11 14.28 -47.78 40.69
N MET M 12 14.01 -47.91 39.38
CA MET M 12 13.14 -46.95 38.71
C MET M 12 11.67 -47.11 39.07
N PRO M 13 11.05 -48.31 39.06
CA PRO M 13 9.70 -48.40 39.63
C PRO M 13 9.68 -48.23 41.13
N LEU M 14 10.81 -48.40 41.80
CA LEU M 14 10.88 -48.13 43.21
C LEU M 14 10.85 -46.63 43.50
N THR M 15 11.35 -45.79 42.58
CA THR M 15 11.31 -44.36 42.82
C THR M 15 10.11 -43.68 42.17
N TRP M 16 9.49 -44.27 41.15
CA TRP M 16 8.33 -43.61 40.54
C TRP M 16 7.00 -44.04 41.12
N LEU M 17 6.96 -45.16 41.84
CA LEU M 17 5.74 -45.66 42.46
C LEU M 17 5.68 -45.42 43.95
N SER M 18 6.55 -44.57 44.49
CA SER M 18 6.58 -44.34 45.93
C SER M 18 5.62 -43.24 46.34
N LYS M 19 5.29 -43.24 47.63
CA LYS M 19 4.61 -42.10 48.23
C LYS M 19 5.51 -40.88 48.17
N ASN M 20 4.88 -39.70 48.22
CA ASN M 20 5.60 -38.45 47.96
C ASN M 20 6.63 -38.14 49.04
N SER M 21 6.40 -38.59 50.27
CA SER M 21 7.38 -38.41 51.33
C SER M 21 8.30 -39.60 51.48
N MET M 22 8.07 -40.68 50.74
CA MET M 22 8.84 -41.91 50.87
C MET M 22 9.84 -42.10 49.75
N ILE M 23 10.05 -41.11 48.88
CA ILE M 23 10.92 -41.35 47.74
C ILE M 23 12.40 -41.27 48.08
N TRP M 24 12.77 -40.66 49.21
CA TRP M 24 14.18 -40.73 49.57
C TRP M 24 14.49 -41.98 50.38
N ILE M 25 13.55 -42.35 51.27
CA ILE M 25 13.77 -43.48 52.18
C ILE M 25 13.87 -44.78 51.41
N ASN M 26 12.95 -45.00 50.46
CA ASN M 26 12.91 -46.26 49.73
C ASN M 26 14.13 -46.43 48.84
N THR M 27 14.52 -45.35 48.14
CA THR M 27 15.67 -45.43 47.24
C THR M 27 16.97 -45.58 48.02
N THR M 28 17.09 -44.89 49.16
CA THR M 28 18.26 -45.07 50.02
C THR M 28 18.34 -46.50 50.53
N LEU M 29 17.21 -47.07 50.97
CA LEU M 29 17.20 -48.41 51.53
C LEU M 29 17.58 -49.46 50.49
N HIS M 30 16.94 -49.40 49.32
CA HIS M 30 17.19 -50.45 48.35
C HIS M 30 18.52 -50.28 47.64
N SER M 31 19.02 -49.05 47.50
CA SER M 31 20.37 -48.88 47.00
C SER M 31 21.42 -49.32 48.02
N LEU M 32 21.12 -49.19 49.32
CA LEU M 32 22.01 -49.80 50.32
C LEU M 32 21.97 -51.32 50.26
N LEU M 33 20.82 -51.91 49.91
CA LEU M 33 20.77 -53.36 49.74
C LEU M 33 21.57 -53.81 48.52
N ILE M 34 21.49 -53.05 47.42
CA ILE M 34 22.28 -53.35 46.23
C ILE M 34 23.78 -53.20 46.52
N SER M 35 24.15 -52.21 47.32
CA SER M 35 25.54 -52.06 47.70
C SER M 35 26.00 -53.16 48.65
N LEU M 36 25.10 -53.66 49.50
CA LEU M 36 25.40 -54.85 50.30
C LEU M 36 25.67 -56.04 49.42
N THR M 37 24.89 -56.19 48.36
CA THR M 37 25.03 -57.33 47.47
C THR M 37 26.27 -57.21 46.59
N SER M 38 26.76 -55.98 46.35
CA SER M 38 27.90 -55.72 45.47
C SER M 38 29.20 -56.40 45.92
N LEU M 39 29.28 -56.84 47.18
CA LEU M 39 30.47 -57.51 47.67
C LEU M 39 30.58 -58.95 47.21
N LEU M 40 29.57 -59.50 46.53
CA LEU M 40 29.67 -60.83 45.96
C LEU M 40 30.53 -60.89 44.71
N LEU M 41 30.99 -59.75 44.21
CA LEU M 41 31.95 -59.65 43.12
C LEU M 41 33.37 -59.95 43.56
N LEU M 42 33.61 -60.17 44.84
CA LEU M 42 34.94 -60.42 45.37
C LEU M 42 35.41 -61.85 45.19
N ASN M 43 34.64 -62.68 44.48
CA ASN M 43 35.06 -64.03 44.11
C ASN M 43 36.08 -63.91 42.99
N GLN M 44 37.30 -63.56 43.35
CA GLN M 44 38.38 -63.40 42.41
C GLN M 44 39.40 -64.51 42.62
N PHE M 45 40.20 -64.75 41.59
CA PHE M 45 41.18 -65.83 41.61
C PHE M 45 42.53 -65.27 41.19
N GLY M 46 43.59 -65.95 41.61
CA GLY M 46 44.94 -65.47 41.34
C GLY M 46 45.36 -65.60 39.89
N ASP M 47 44.73 -66.51 39.16
CA ASP M 47 45.01 -66.71 37.75
C ASP M 47 43.93 -66.13 36.84
N ASN M 48 42.66 -66.38 37.17
CA ASN M 48 41.55 -66.16 36.26
C ASN M 48 40.71 -64.98 36.73
N SER M 49 40.12 -64.28 35.78
CA SER M 49 39.18 -63.22 36.07
C SER M 49 37.77 -63.80 36.15
N LEU M 50 36.92 -63.15 36.94
CA LEU M 50 35.56 -63.65 37.17
C LEU M 50 34.74 -63.32 35.93
N ASN M 51 34.68 -64.29 35.01
CA ASN M 51 34.12 -64.12 33.68
C ASN M 51 32.70 -64.65 33.70
N PHE M 52 31.72 -63.75 33.77
CA PHE M 52 30.33 -64.16 33.95
C PHE M 52 29.74 -64.72 32.67
N SER M 53 29.64 -63.89 31.63
CA SER M 53 28.93 -64.24 30.43
C SER M 53 29.75 -63.75 29.23
N LEU M 54 29.13 -63.82 28.05
CA LEU M 54 29.75 -63.27 26.85
C LEU M 54 29.84 -61.76 26.92
N THR M 55 28.93 -61.11 27.64
CA THR M 55 28.84 -59.67 27.68
C THR M 55 29.57 -59.06 28.88
N PHE M 56 29.67 -59.78 30.00
CA PHE M 56 30.17 -59.19 31.23
C PHE M 56 31.26 -60.04 31.87
N PHE M 57 32.26 -59.37 32.43
CA PHE M 57 33.25 -60.00 33.29
C PHE M 57 33.65 -58.98 34.34
N SER M 58 34.33 -59.45 35.38
CA SER M 58 34.77 -58.55 36.44
C SER M 58 36.07 -59.09 37.01
N ASP M 59 37.19 -58.51 36.60
CA ASP M 59 38.47 -58.83 37.22
C ASP M 59 38.65 -57.98 38.47
N SER M 60 39.85 -58.00 39.04
CA SER M 60 40.11 -57.32 40.30
C SER M 60 40.34 -55.82 40.14
N LEU M 61 40.31 -55.30 38.91
CA LEU M 61 40.30 -53.86 38.69
C LEU M 61 38.90 -53.29 38.71
N SER M 62 37.99 -53.91 37.98
CA SER M 62 36.62 -53.40 37.92
C SER M 62 35.86 -53.64 39.21
N THR M 63 36.24 -54.65 40.00
CA THR M 63 35.51 -55.00 41.21
C THR M 63 35.49 -53.91 42.29
N PRO M 64 36.61 -53.25 42.67
CA PRO M 64 36.48 -52.17 43.66
C PRO M 64 35.77 -50.96 43.11
N LEU M 65 35.87 -50.70 41.81
CA LEU M 65 35.13 -49.62 41.18
C LEU M 65 33.64 -49.89 41.17
N LEU M 66 33.25 -51.16 41.04
CA LEU M 66 31.83 -51.53 41.10
C LEU M 66 31.29 -51.40 42.51
N ILE M 67 32.06 -51.82 43.51
CA ILE M 67 31.64 -51.67 44.89
C ILE M 67 31.54 -50.18 45.26
N LEU M 68 32.48 -49.37 44.77
CA LEU M 68 32.45 -47.93 44.99
C LEU M 68 31.27 -47.27 44.27
N THR M 69 30.96 -47.72 43.05
CA THR M 69 29.84 -47.17 42.30
C THR M 69 28.51 -47.51 42.97
N MET M 70 28.32 -48.77 43.35
CA MET M 70 27.09 -49.18 44.00
C MET M 70 26.98 -48.65 45.42
N TRP M 71 28.10 -48.26 46.04
CA TRP M 71 28.05 -47.62 47.35
C TRP M 71 27.79 -46.12 47.25
N LEU M 72 28.19 -45.50 46.14
CA LEU M 72 28.08 -44.06 46.03
C LEU M 72 26.65 -43.58 45.84
N LEU M 73 25.75 -44.44 45.35
CA LEU M 73 24.37 -44.01 45.10
C LEU M 73 23.60 -43.67 46.38
N PRO M 74 23.60 -44.49 47.45
CA PRO M 74 22.95 -44.02 48.69
C PRO M 74 23.56 -42.76 49.28
N LEU M 75 24.87 -42.57 49.12
CA LEU M 75 25.51 -41.37 49.63
C LEU M 75 25.08 -40.14 48.85
N MET M 76 24.88 -40.28 47.53
CA MET M 76 24.34 -39.17 46.76
C MET M 76 22.89 -38.87 47.09
N LEU M 77 22.11 -39.92 47.41
CA LEU M 77 20.73 -39.69 47.83
C LEU M 77 20.66 -38.98 49.17
N MET M 78 21.57 -39.31 50.09
CA MET M 78 21.64 -38.59 51.36
C MET M 78 22.12 -37.17 51.17
N ALA M 79 23.07 -36.96 50.26
CA ALA M 79 23.67 -35.65 50.10
C ALA M 79 22.73 -34.67 49.41
N SER M 80 21.87 -35.15 48.52
CA SER M 80 21.07 -34.23 47.71
C SER M 80 19.68 -33.95 48.25
N GLN M 81 19.25 -34.63 49.30
CA GLN M 81 17.87 -34.52 49.77
C GLN M 81 17.61 -33.31 50.66
N HIS M 82 18.54 -32.37 50.78
CA HIS M 82 18.23 -31.14 51.50
C HIS M 82 18.06 -29.96 50.56
N HIS M 83 18.93 -29.79 49.58
CA HIS M 83 18.79 -28.69 48.66
C HIS M 83 17.67 -28.90 47.65
N LEU M 84 17.17 -30.13 47.52
CA LEU M 84 16.01 -30.42 46.70
C LEU M 84 14.75 -30.59 47.52
N SER M 85 14.75 -30.15 48.77
CA SER M 85 13.57 -30.33 49.60
C SER M 85 12.42 -29.42 49.18
N LYS M 86 12.70 -28.32 48.48
CA LYS M 86 11.66 -27.46 47.95
C LYS M 86 11.46 -27.66 46.45
N GLU M 87 11.99 -28.74 45.89
CA GLU M 87 11.81 -29.04 44.49
C GLU M 87 10.43 -29.66 44.27
N ASN M 88 9.95 -29.54 43.03
CA ASN M 88 8.77 -30.27 42.58
C ASN M 88 8.99 -31.77 42.74
N LEU M 89 7.90 -32.48 43.04
CA LEU M 89 7.95 -33.93 43.24
C LEU M 89 8.39 -34.67 41.98
N ALA M 90 7.87 -34.25 40.82
CA ALA M 90 8.21 -34.90 39.56
C ALA M 90 9.66 -34.63 39.18
N ARG M 91 10.14 -33.40 39.38
CA ARG M 91 11.55 -33.12 39.15
C ARG M 91 12.45 -33.82 40.16
N LYS M 92 11.96 -34.05 41.37
CA LYS M 92 12.73 -34.76 42.37
C LYS M 92 12.90 -36.22 41.98
N LYS M 93 11.82 -36.84 41.50
CA LYS M 93 11.91 -38.21 40.99
C LYS M 93 12.75 -38.28 39.71
N LEU M 94 12.75 -37.23 38.90
CA LEU M 94 13.62 -37.20 37.72
C LEU M 94 15.09 -37.11 38.11
N PHE M 95 15.41 -36.35 39.17
CA PHE M 95 16.78 -36.30 39.67
C PHE M 95 17.24 -37.66 40.16
N ILE M 96 16.38 -38.32 40.95
CA ILE M 96 16.71 -39.64 41.47
C ILE M 96 16.86 -40.64 40.33
N SER M 97 16.03 -40.50 39.29
CA SER M 97 16.12 -41.37 38.13
C SER M 97 17.39 -41.13 37.32
N MET M 98 17.86 -39.87 37.27
CA MET M 98 19.13 -39.62 36.59
C MET M 98 20.29 -40.24 37.35
N LEU M 99 20.24 -40.19 38.69
CA LEU M 99 21.29 -40.85 39.48
C LEU M 99 21.26 -42.36 39.30
N ILE M 100 20.05 -42.94 39.24
CA ILE M 100 19.94 -44.39 39.06
C ILE M 100 20.39 -44.81 37.67
N LEU M 101 20.02 -44.02 36.65
CA LEU M 101 20.42 -44.31 35.28
C LEU M 101 21.92 -44.15 35.08
N LEU M 102 22.53 -43.19 35.79
CA LEU M 102 23.97 -43.06 35.77
C LEU M 102 24.64 -44.26 36.43
N GLN M 103 24.10 -44.75 37.55
CA GLN M 103 24.62 -45.97 38.16
C GLN M 103 24.51 -47.16 37.22
N LEU M 104 23.40 -47.23 36.49
CA LEU M 104 23.17 -48.33 35.55
C LEU M 104 24.17 -48.30 34.41
N PHE M 105 24.51 -47.10 33.94
CA PHE M 105 25.49 -47.00 32.87
C PHE M 105 26.90 -47.27 33.39
N LEU M 106 27.19 -46.89 34.63
CA LEU M 106 28.53 -47.11 35.17
C LEU M 106 28.79 -48.59 35.45
N ILE M 107 27.82 -49.30 36.02
CA ILE M 107 28.12 -50.67 36.46
C ILE M 107 28.17 -51.66 35.31
N MET M 108 27.76 -51.27 34.10
CA MET M 108 28.09 -52.03 32.90
C MET M 108 29.02 -51.26 31.98
N THR M 109 29.54 -50.12 32.41
CA THR M 109 30.77 -49.61 31.83
C THR M 109 31.97 -50.38 32.38
N PHE M 110 31.99 -50.64 33.67
CA PHE M 110 33.14 -51.35 34.24
C PHE M 110 33.15 -52.83 33.92
N THR M 111 32.01 -53.43 33.64
CA THR M 111 31.97 -54.86 33.38
C THR M 111 31.87 -55.18 31.90
N ALA M 112 32.19 -54.24 31.02
CA ALA M 112 32.04 -54.50 29.60
C ALA M 112 33.18 -55.37 29.11
N THR M 113 32.84 -56.61 28.77
CA THR M 113 33.78 -57.54 28.14
C THR M 113 34.31 -56.98 26.83
N GLU M 114 33.42 -56.47 26.00
CA GLU M 114 33.76 -56.00 24.67
C GLU M 114 33.89 -54.48 24.67
N LEU M 115 34.92 -53.99 23.97
CA LEU M 115 35.36 -52.61 24.13
C LEU M 115 34.46 -51.58 23.44
N ILE M 116 33.69 -51.96 22.42
CA ILE M 116 32.80 -50.95 21.87
C ILE M 116 31.54 -50.85 22.74
N PHE M 117 31.20 -51.89 23.49
CA PHE M 117 30.14 -51.76 24.48
C PHE M 117 30.62 -50.95 25.67
N PHE M 118 31.90 -51.08 26.02
CA PHE M 118 32.55 -50.15 26.93
C PHE M 118 32.48 -48.72 26.41
N TYR M 119 32.66 -48.52 25.10
CA TYR M 119 32.59 -47.18 24.55
C TYR M 119 31.18 -46.61 24.61
N ILE M 120 30.18 -47.44 24.29
CA ILE M 120 28.79 -47.00 24.30
C ILE M 120 28.35 -46.65 25.71
N MET M 121 28.70 -47.47 26.70
CA MET M 121 28.37 -47.13 28.08
C MET M 121 29.21 -45.97 28.60
N PHE M 122 30.46 -45.88 28.18
CA PHE M 122 31.39 -44.84 28.60
C PHE M 122 30.97 -43.48 28.12
N GLU M 123 30.31 -43.41 26.97
CA GLU M 123 29.75 -42.16 26.50
C GLU M 123 28.28 -41.98 26.87
N ALA M 124 27.61 -43.06 27.29
CA ALA M 124 26.27 -42.95 27.83
C ALA M 124 26.28 -42.36 29.23
N THR M 125 27.39 -42.50 29.96
CA THR M 125 27.48 -41.89 31.29
C THR M 125 27.52 -40.36 31.26
N LEU M 126 27.73 -39.74 30.10
CA LEU M 126 27.78 -38.29 30.03
C LEU M 126 26.42 -37.66 30.25
N VAL M 127 25.40 -38.25 29.65
CA VAL M 127 24.10 -37.60 29.47
C VAL M 127 23.33 -37.47 30.78
N PRO M 128 23.31 -38.46 31.71
CA PRO M 128 22.78 -38.12 33.04
C PRO M 128 23.61 -37.10 33.79
N THR M 129 24.94 -37.13 33.64
CA THR M 129 25.77 -36.12 34.30
C THR M 129 25.56 -34.75 33.68
N LEU M 130 25.36 -34.72 32.36
CA LEU M 130 24.93 -33.54 31.64
C LEU M 130 23.64 -32.95 32.20
N ILE M 131 22.62 -33.79 32.37
CA ILE M 131 21.32 -33.32 32.86
C ILE M 131 21.43 -32.87 34.31
N ILE M 132 22.22 -33.56 35.14
CA ILE M 132 22.38 -33.19 36.53
C ILE M 132 23.06 -31.83 36.67
N ILE M 133 24.19 -31.63 35.97
CA ILE M 133 24.92 -30.36 36.01
C ILE M 133 24.07 -29.24 35.43
N THR M 134 23.57 -29.42 34.21
CA THR M 134 22.88 -28.35 33.52
C THR M 134 21.37 -28.41 33.70
N ARG M 135 20.89 -29.01 34.78
CA ARG M 135 19.52 -28.77 35.22
C ARG M 135 19.51 -28.34 36.68
N TRP M 136 20.24 -29.07 37.53
CA TRP M 136 20.19 -28.83 38.96
C TRP M 136 21.45 -28.13 39.47
N GLY M 137 22.19 -27.48 38.58
CA GLY M 137 23.31 -26.66 38.96
C GLY M 137 22.85 -25.38 39.64
N ASN M 138 23.82 -24.57 40.03
CA ASN M 138 23.56 -23.50 40.96
C ASN M 138 23.58 -22.12 40.33
N GLN M 139 24.68 -21.74 39.67
CA GLN M 139 24.89 -20.38 39.22
C GLN M 139 24.63 -20.27 37.72
N THR M 140 24.99 -19.10 37.16
CA THR M 140 24.70 -18.78 35.77
C THR M 140 25.49 -19.63 34.81
N GLU M 141 26.76 -19.89 35.12
CA GLU M 141 27.66 -20.53 34.17
C GLU M 141 27.60 -22.05 34.24
N ARG M 142 26.49 -22.62 34.70
CA ARG M 142 26.34 -24.07 34.63
C ARG M 142 26.15 -24.54 33.20
N LEU M 143 25.71 -23.66 32.29
CA LEU M 143 25.50 -24.09 30.92
C LEU M 143 26.80 -24.06 30.13
N ASN M 144 27.76 -23.25 30.56
CA ASN M 144 29.09 -23.30 29.96
C ASN M 144 29.91 -24.42 30.58
N ALA M 145 29.52 -24.86 31.78
CA ALA M 145 30.21 -25.96 32.44
C ALA M 145 29.95 -27.28 31.73
N GLY M 146 28.67 -27.57 31.44
CA GLY M 146 28.33 -28.78 30.72
C GLY M 146 28.64 -28.74 29.25
N LEU M 147 28.71 -27.55 28.66
CA LEU M 147 29.02 -27.43 27.23
C LEU M 147 30.48 -27.80 26.98
N TYR M 148 31.38 -27.32 27.84
CA TYR M 148 32.77 -27.73 27.78
C TYR M 148 32.98 -29.13 28.36
N PHE M 149 32.04 -29.61 29.17
CA PHE M 149 32.07 -31.01 29.57
C PHE M 149 31.71 -31.91 28.39
N LEU M 150 30.61 -31.59 27.70
CA LEU M 150 30.17 -32.42 26.59
C LEU M 150 31.08 -32.30 25.37
N PHE M 151 31.69 -31.13 25.15
CA PHE M 151 32.55 -30.99 23.99
C PHE M 151 33.88 -31.72 24.18
N TYR M 152 34.50 -31.57 25.35
CA TYR M 152 35.80 -32.19 25.58
C TYR M 152 35.70 -33.71 25.65
N THR M 153 34.64 -34.23 26.25
CA THR M 153 34.53 -35.67 26.42
C THR M 153 34.10 -36.36 25.13
N LEU M 154 33.51 -35.62 24.19
CA LEU M 154 33.16 -36.19 22.90
C LEU M 154 34.22 -35.97 21.85
N ALA M 155 34.97 -34.86 21.91
CA ALA M 155 36.03 -34.65 20.92
C ALA M 155 37.24 -35.54 21.20
N GLY M 156 37.40 -35.99 22.43
CA GLY M 156 38.43 -36.96 22.74
C GLY M 156 37.99 -38.37 22.39
N SER M 157 36.72 -38.67 22.66
CA SER M 157 36.19 -40.01 22.44
C SER M 157 35.88 -40.30 20.99
N LEU M 158 35.89 -39.29 20.14
CA LEU M 158 35.54 -39.54 18.74
C LEU M 158 36.64 -40.28 17.98
N PRO M 159 37.94 -39.94 18.08
CA PRO M 159 38.94 -40.82 17.47
C PRO M 159 39.05 -42.18 18.14
N LEU M 160 38.66 -42.29 19.41
CA LEU M 160 38.59 -43.60 20.07
C LEU M 160 37.58 -44.51 19.41
N LEU M 161 36.49 -43.96 18.89
CA LEU M 161 35.47 -44.77 18.22
C LEU M 161 36.00 -45.36 16.92
N VAL M 162 36.75 -44.57 16.14
CA VAL M 162 37.34 -45.08 14.92
C VAL M 162 38.47 -46.06 15.25
N ALA M 163 39.19 -45.82 16.34
CA ALA M 163 40.30 -46.67 16.72
C ALA M 163 39.83 -48.05 17.17
N LEU M 164 38.72 -48.11 17.92
CA LEU M 164 38.22 -49.41 18.37
C LEU M 164 37.61 -50.21 17.23
N ILE M 165 36.99 -49.54 16.26
CA ILE M 165 36.46 -50.26 15.10
C ILE M 165 37.59 -50.73 14.20
N TYR M 166 38.69 -49.96 14.16
CA TYR M 166 39.89 -50.42 13.43
C TYR M 166 40.50 -51.65 14.08
N ILE M 167 40.44 -51.75 15.41
CA ILE M 167 40.87 -52.98 16.08
C ILE M 167 39.90 -54.11 15.78
N GLN M 168 38.60 -53.78 15.66
CA GLN M 168 37.58 -54.78 15.36
C GLN M 168 37.77 -55.38 13.98
N ASN M 169 38.07 -54.55 12.99
CA ASN M 169 38.26 -55.05 11.63
C ASN M 169 39.57 -55.79 11.47
N THR M 170 40.61 -55.40 12.21
CA THR M 170 41.93 -56.00 12.05
C THR M 170 42.10 -57.26 12.90
N MET M 171 41.84 -57.18 14.21
CA MET M 171 42.01 -58.34 15.07
C MET M 171 40.87 -59.34 14.93
N GLY M 172 39.65 -58.86 14.72
CA GLY M 172 38.50 -59.71 14.66
C GLY M 172 37.54 -59.57 15.83
N SER M 173 38.01 -59.03 16.95
CA SER M 173 37.16 -58.94 18.13
C SER M 173 37.64 -57.80 19.01
N LEU M 174 36.71 -57.26 19.81
CA LEU M 174 37.03 -56.30 20.84
C LEU M 174 36.77 -56.86 22.23
N ASN M 175 36.51 -58.16 22.33
CA ASN M 175 36.56 -58.85 23.61
C ASN M 175 37.95 -58.64 24.22
N PHE M 176 37.96 -58.22 25.49
CA PHE M 176 39.21 -58.05 26.21
C PHE M 176 39.86 -59.39 26.48
N LEU M 177 39.04 -60.43 26.71
CA LEU M 177 39.57 -61.77 26.97
C LEU M 177 40.22 -62.37 25.74
N ILE M 178 39.64 -62.11 24.56
CA ILE M 178 40.25 -62.57 23.32
C ILE M 178 41.53 -61.78 23.03
N LEU M 179 41.48 -60.46 23.20
CA LEU M 179 42.63 -59.61 22.93
C LEU M 179 43.74 -59.74 23.96
N GLN M 180 43.50 -60.42 25.09
CA GLN M 180 44.62 -60.85 25.93
C GLN M 180 45.51 -61.84 25.21
N TYR M 181 44.95 -62.67 24.34
CA TYR M 181 45.71 -63.74 23.71
C TYR M 181 45.99 -63.50 22.24
N TRP M 182 45.38 -62.49 21.63
CA TRP M 182 45.63 -62.20 20.21
C TRP M 182 46.30 -60.85 20.01
N VAL M 183 46.84 -60.25 21.06
CA VAL M 183 47.49 -58.95 20.92
C VAL M 183 48.80 -59.11 20.17
N GLN M 184 49.02 -58.24 19.21
CA GLN M 184 50.21 -58.17 18.39
C GLN M 184 51.04 -56.97 18.80
N PRO M 185 52.37 -57.01 18.63
CA PRO M 185 53.19 -55.84 18.97
C PRO M 185 52.97 -54.72 17.97
N MET M 186 52.66 -53.54 18.49
CA MET M 186 52.40 -52.37 17.65
C MET M 186 53.70 -51.66 17.38
N PRO M 187 54.21 -51.66 16.14
CA PRO M 187 55.55 -51.11 15.89
C PRO M 187 55.58 -49.60 15.81
N ASN M 188 56.73 -49.05 15.43
CA ASN M 188 56.90 -47.62 15.27
C ASN M 188 56.52 -47.23 13.85
N SER M 189 55.42 -46.49 13.70
CA SER M 189 55.05 -45.87 12.44
C SER M 189 54.16 -44.69 12.77
N TRP M 190 53.89 -43.85 11.77
CA TRP M 190 53.02 -42.71 12.01
C TRP M 190 51.56 -43.13 12.12
N SER M 191 51.17 -44.16 11.37
CA SER M 191 49.83 -44.72 11.49
C SER M 191 49.59 -45.26 12.89
N ASN M 192 50.56 -46.01 13.42
CA ASN M 192 50.45 -46.52 14.78
C ASN M 192 50.59 -45.42 15.82
N THR M 193 51.27 -44.31 15.47
CA THR M 193 51.33 -43.16 16.36
C THR M 193 49.96 -42.53 16.57
N PHE M 194 49.28 -42.20 15.46
CA PHE M 194 47.93 -41.66 15.59
C PHE M 194 46.93 -42.69 16.11
N MET M 195 47.21 -43.98 15.89
CA MET M 195 46.43 -45.04 16.52
C MET M 195 46.54 -44.97 18.05
N TRP M 196 47.76 -44.80 18.55
CA TRP M 196 47.98 -44.67 19.99
C TRP M 196 47.31 -43.43 20.55
N LEU M 197 47.43 -42.29 19.84
CA LEU M 197 46.76 -41.06 20.27
C LEU M 197 45.24 -41.20 20.28
N ALA M 198 44.68 -41.87 19.27
CA ALA M 198 43.23 -42.07 19.23
C ALA M 198 42.77 -42.97 20.36
N CYS M 199 43.57 -43.99 20.70
CA CYS M 199 43.20 -44.86 21.81
C CYS M 199 43.42 -44.21 23.17
N MET M 200 44.24 -43.18 23.28
CA MET M 200 44.60 -42.66 24.59
C MET M 200 44.00 -41.30 24.95
N MET M 201 43.80 -40.39 23.98
CA MET M 201 43.44 -39.01 24.29
C MET M 201 42.05 -38.88 24.90
N ALA M 202 41.14 -39.83 24.62
CA ALA M 202 39.82 -39.82 25.23
C ALA M 202 39.91 -39.98 26.74
N PHE M 203 40.67 -40.98 27.17
CA PHE M 203 40.84 -41.20 28.59
C PHE M 203 41.75 -40.15 29.19
N MET M 204 42.64 -39.56 28.39
CA MET M 204 43.42 -38.41 28.85
C MET M 204 42.53 -37.23 29.19
N VAL M 205 41.46 -37.01 28.40
CA VAL M 205 40.47 -36.00 28.76
C VAL M 205 39.71 -36.42 30.01
N LYS M 206 39.37 -37.71 30.12
CA LYS M 206 38.53 -38.13 31.23
C LYS M 206 39.27 -38.29 32.56
N MET M 207 40.61 -38.31 32.57
CA MET M 207 41.32 -38.49 33.83
C MET M 207 41.21 -37.31 34.78
N PRO M 208 41.50 -36.05 34.38
CA PRO M 208 41.97 -35.38 33.16
C PRO M 208 43.48 -35.22 33.10
N LEU M 209 44.00 -35.18 31.88
CA LEU M 209 45.38 -34.77 31.67
C LEU M 209 45.53 -33.28 31.97
N TYR M 210 46.71 -32.89 32.45
CA TYR M 210 47.03 -31.47 32.56
C TYR M 210 47.16 -30.87 31.16
N GLY M 211 46.49 -29.75 30.95
CA GLY M 211 46.33 -29.17 29.64
C GLY M 211 44.98 -29.46 29.01
N LEU M 212 44.41 -30.62 29.31
CA LEU M 212 43.06 -30.98 28.92
C LEU M 212 42.09 -30.92 30.09
N HIS M 213 42.51 -30.33 31.20
CA HIS M 213 41.76 -30.43 32.44
C HIS M 213 40.78 -29.31 32.67
N LEU M 214 40.66 -28.37 31.73
CA LEU M 214 39.94 -27.13 32.01
C LEU M 214 38.43 -27.29 32.05
N TRP M 215 37.89 -28.43 31.64
CA TRP M 215 36.47 -28.68 31.84
C TRP M 215 36.14 -28.94 33.30
N LEU M 216 37.08 -29.49 34.06
CA LEU M 216 36.81 -30.01 35.39
C LEU M 216 36.59 -28.94 36.46
N PRO M 217 37.39 -27.84 36.58
CA PRO M 217 37.07 -26.86 37.64
C PRO M 217 35.91 -25.94 37.30
N LYS M 218 35.12 -26.29 36.29
CA LYS M 218 33.81 -25.71 36.05
C LYS M 218 32.71 -26.75 36.16
N ALA M 219 32.98 -27.97 35.69
CA ALA M 219 31.98 -29.03 35.78
C ALA M 219 31.80 -29.51 37.22
N HIS M 220 32.87 -29.49 38.02
CA HIS M 220 32.71 -29.81 39.43
C HIS M 220 32.17 -28.63 40.22
N VAL M 221 32.49 -27.42 39.82
CA VAL M 221 32.09 -26.25 40.59
C VAL M 221 30.62 -25.93 40.37
N GLU M 222 30.15 -25.98 39.13
CA GLU M 222 28.78 -25.63 38.84
C GLU M 222 27.80 -26.78 39.02
N ALA M 223 28.27 -27.93 39.46
CA ALA M 223 27.40 -29.07 39.69
C ALA M 223 26.70 -28.94 41.03
N PRO M 224 25.59 -29.67 41.23
CA PRO M 224 25.11 -29.91 42.59
C PRO M 224 25.94 -30.99 43.28
N ILE M 225 25.52 -31.41 44.47
CA ILE M 225 26.40 -32.22 45.30
C ILE M 225 26.53 -33.64 44.76
N ALA M 226 25.42 -34.25 44.33
CA ALA M 226 25.47 -35.61 43.79
C ALA M 226 26.27 -35.65 42.50
N GLY M 227 26.16 -34.60 41.69
CA GLY M 227 26.95 -34.50 40.47
C GLY M 227 28.44 -34.40 40.74
N SER M 228 28.83 -33.55 41.70
CA SER M 228 30.24 -33.41 42.05
C SER M 228 30.80 -34.68 42.67
N MET M 229 30.00 -35.36 43.51
CA MET M 229 30.39 -36.64 44.09
C MET M 229 30.65 -37.68 43.03
N VAL M 230 29.71 -37.84 42.07
CA VAL M 230 29.89 -38.91 41.10
C VAL M 230 30.97 -38.56 40.10
N LEU M 231 31.16 -37.26 39.80
CA LEU M 231 32.22 -36.83 38.91
C LEU M 231 33.59 -37.07 39.50
N ALA M 232 33.80 -36.70 40.76
CA ALA M 232 35.11 -36.91 41.35
C ALA M 232 35.34 -38.33 41.82
N ALA M 233 34.29 -39.14 41.96
CA ALA M 233 34.51 -40.47 42.49
C ALA M 233 34.52 -41.58 41.45
N ILE M 234 33.76 -41.48 40.36
CA ILE M 234 33.67 -42.55 39.37
C ILE M 234 34.02 -42.06 37.97
N LEU M 235 33.53 -40.88 37.59
CA LEU M 235 33.62 -40.45 36.21
C LEU M 235 35.02 -40.01 35.82
N LEU M 236 35.86 -39.65 36.80
CA LEU M 236 37.28 -39.49 36.53
C LEU M 236 37.97 -40.83 36.41
N LYS M 237 37.43 -41.84 37.07
CA LYS M 237 38.09 -43.12 37.18
C LYS M 237 37.80 -44.00 35.98
N LEU M 238 36.77 -43.62 35.22
CA LEU M 238 36.51 -44.26 33.93
C LEU M 238 37.69 -44.12 32.98
N GLY M 239 38.42 -43.00 33.05
CA GLY M 239 39.60 -42.84 32.22
C GLY M 239 40.74 -43.77 32.61
N GLY M 240 40.96 -43.95 33.92
CA GLY M 240 41.97 -44.88 34.37
C GLY M 240 41.62 -46.32 34.06
N TYR M 241 40.33 -46.65 34.17
CA TYR M 241 39.86 -47.98 33.81
C TYR M 241 40.04 -48.25 32.32
N GLY M 242 39.69 -47.27 31.48
CA GLY M 242 39.86 -47.43 30.05
C GLY M 242 41.31 -47.48 29.61
N MET M 243 42.19 -46.73 30.28
CA MET M 243 43.62 -46.81 29.99
C MET M 243 44.19 -48.18 30.37
N MET M 244 43.79 -48.70 31.53
CA MET M 244 44.28 -50.02 31.91
C MET M 244 43.72 -51.13 31.05
N ARG M 245 42.58 -50.91 30.39
CA ARG M 245 42.16 -51.89 29.39
C ARG M 245 42.89 -51.69 28.06
N ILE M 246 43.19 -50.46 27.68
CA ILE M 246 43.61 -50.17 26.32
C ILE M 246 45.13 -50.20 26.14
N THR M 247 45.91 -50.12 27.22
CA THR M 247 47.37 -50.22 27.05
C THR M 247 47.84 -51.65 26.86
N LEU M 248 46.94 -52.63 26.97
CA LEU M 248 47.27 -53.98 26.51
C LEU M 248 47.54 -54.00 25.01
N LEU M 249 46.74 -53.26 24.25
CA LEU M 249 46.84 -53.25 22.79
C LEU M 249 47.92 -52.32 22.27
N LEU M 250 48.49 -51.46 23.11
CA LEU M 250 49.35 -50.38 22.66
C LEU M 250 50.81 -50.60 23.03
N ASN M 251 51.25 -51.81 23.00
CA ASN M 251 52.65 -52.11 23.26
C ASN M 251 53.35 -52.52 21.97
N PRO M 252 54.65 -52.20 21.80
CA PRO M 252 55.52 -51.41 22.68
C PRO M 252 55.62 -49.95 22.27
N ILE M 253 54.60 -49.43 21.56
CA ILE M 253 54.67 -48.03 21.12
C ILE M 253 54.46 -47.09 22.29
N THR M 254 53.84 -47.56 23.37
CA THR M 254 53.69 -46.75 24.58
C THR M 254 55.05 -46.43 25.20
N ASP M 255 56.01 -47.35 25.09
CA ASP M 255 57.30 -47.22 25.77
C ASP M 255 58.16 -46.08 25.23
N PHE M 256 57.80 -45.48 24.09
CA PHE M 256 58.42 -44.25 23.66
C PHE M 256 57.42 -43.16 23.28
N MET M 257 56.13 -43.47 23.19
CA MET M 257 55.12 -42.45 22.97
C MET M 257 54.55 -41.86 24.26
N ALA M 258 54.83 -42.47 25.40
CA ALA M 258 54.26 -41.99 26.65
C ALA M 258 55.05 -40.85 27.26
N TYR M 259 56.24 -40.53 26.72
CA TYR M 259 57.10 -39.51 27.32
C TYR M 259 56.49 -38.11 27.42
N PRO M 260 55.85 -37.52 26.39
CA PRO M 260 55.29 -36.17 26.62
C PRO M 260 54.11 -36.16 27.56
N PHE M 261 53.33 -37.23 27.63
CA PHE M 261 52.22 -37.28 28.56
C PHE M 261 52.69 -37.56 29.98
N ILE M 262 53.78 -38.30 30.14
CA ILE M 262 54.42 -38.43 31.45
C ILE M 262 54.96 -37.07 31.90
N MET M 263 55.52 -36.29 30.97
CA MET M 263 55.99 -34.95 31.34
C MET M 263 54.84 -34.02 31.72
N LEU M 264 53.75 -34.07 30.95
CA LEU M 264 52.56 -33.26 31.24
C LEU M 264 51.97 -33.60 32.60
N SER M 265 51.88 -34.88 32.94
CA SER M 265 51.28 -35.24 34.23
C SER M 265 52.24 -34.98 35.38
N LEU M 266 53.53 -35.27 35.22
CA LEU M 266 54.51 -35.01 36.27
C LEU M 266 54.69 -33.52 36.55
N TRP M 267 54.45 -32.67 35.56
CA TRP M 267 54.54 -31.24 35.83
C TRP M 267 53.19 -30.64 36.20
N GLY M 268 52.09 -31.19 35.71
CA GLY M 268 50.79 -30.71 36.09
C GLY M 268 50.37 -31.09 37.48
N MET M 269 50.94 -32.16 38.03
CA MET M 269 50.70 -32.43 39.45
C MET M 269 51.40 -31.42 40.34
N ILE M 270 52.42 -30.72 39.82
CA ILE M 270 53.02 -29.62 40.55
C ILE M 270 52.22 -28.35 40.33
N MET M 271 51.80 -28.11 39.08
CA MET M 271 51.09 -26.89 38.72
C MET M 271 49.72 -26.82 39.38
N THR M 272 48.91 -27.88 39.27
CA THR M 272 47.58 -27.86 39.86
C THR M 272 47.61 -27.89 41.38
N SER M 273 48.67 -28.43 41.98
CA SER M 273 48.81 -28.33 43.43
C SER M 273 49.17 -26.92 43.87
N SER M 274 50.03 -26.24 43.09
CA SER M 274 50.29 -24.83 43.34
C SER M 274 49.03 -23.98 43.15
N ILE M 275 48.19 -24.38 42.20
CA ILE M 275 46.91 -23.71 41.96
C ILE M 275 45.97 -23.93 43.14
N CYS M 276 46.00 -25.13 43.73
CA CYS M 276 45.25 -25.39 44.96
C CYS M 276 45.72 -24.51 46.12
N LEU M 277 47.00 -24.15 46.15
CA LEU M 277 47.46 -23.24 47.20
C LEU M 277 46.89 -21.83 47.09
N ARG M 278 46.31 -21.45 45.95
CA ARG M 278 45.77 -20.11 45.74
C ARG M 278 44.37 -20.15 45.15
N GLN M 279 43.48 -20.96 45.74
CA GLN M 279 42.08 -20.95 45.36
C GLN M 279 41.25 -20.22 46.42
N THR M 280 40.47 -19.25 45.96
CA THR M 280 39.49 -18.59 46.82
C THR M 280 38.23 -19.43 46.98
N ASP M 281 38.01 -20.37 46.08
CA ASP M 281 36.80 -21.17 46.00
C ASP M 281 37.12 -22.57 46.54
N LEU M 282 36.36 -23.02 47.54
CA LEU M 282 36.65 -24.28 48.20
C LEU M 282 36.39 -25.47 47.28
N LYS M 283 35.27 -25.43 46.56
CA LYS M 283 34.94 -26.48 45.61
C LYS M 283 35.92 -26.50 44.44
N SER M 284 36.45 -25.34 44.04
CA SER M 284 37.52 -25.30 43.05
C SER M 284 38.82 -25.89 43.60
N LEU M 285 39.09 -25.69 44.89
CA LEU M 285 40.29 -26.26 45.49
C LEU M 285 40.21 -27.78 45.49
N ILE M 286 39.03 -28.33 45.79
CA ILE M 286 38.86 -29.78 45.75
C ILE M 286 38.93 -30.30 44.32
N ALA M 287 38.46 -29.50 43.35
CA ALA M 287 38.53 -29.90 41.94
C ALA M 287 39.97 -29.96 41.43
N TYR M 288 40.76 -28.91 41.68
CA TYR M 288 42.14 -28.92 41.25
C TYR M 288 42.98 -29.96 42.02
N SER M 289 42.58 -30.27 43.26
CA SER M 289 43.22 -31.38 43.97
C SER M 289 42.92 -32.71 43.29
N SER M 290 41.71 -32.87 42.77
CA SER M 290 41.36 -34.08 42.03
C SER M 290 42.20 -34.23 40.78
N VAL M 291 42.45 -33.12 40.08
CA VAL M 291 43.33 -33.16 38.91
C VAL M 291 44.76 -33.53 39.32
N SER M 292 45.25 -32.94 40.42
CA SER M 292 46.60 -33.20 40.89
C SER M 292 46.80 -34.63 41.33
N HIS M 293 45.78 -35.26 41.89
CA HIS M 293 45.90 -36.66 42.28
C HIS M 293 45.72 -37.62 41.12
N MET M 294 44.90 -37.26 40.13
CA MET M 294 44.75 -38.13 38.97
C MET M 294 45.95 -38.08 38.04
N ALA M 295 46.76 -37.02 38.13
CA ALA M 295 48.00 -36.96 37.34
C ALA M 295 48.95 -38.11 37.70
N LEU M 296 49.01 -38.50 38.98
CA LEU M 296 49.84 -39.62 39.37
C LEU M 296 49.31 -40.93 38.81
N VAL M 297 47.98 -41.06 38.71
CA VAL M 297 47.38 -42.25 38.13
C VAL M 297 47.71 -42.33 36.64
N ILE M 298 47.77 -41.18 35.97
CA ILE M 298 48.18 -41.16 34.56
C ILE M 298 49.63 -41.60 34.41
N VAL M 299 50.51 -41.13 35.30
CA VAL M 299 51.92 -41.53 35.23
C VAL M 299 52.07 -43.03 35.48
N ALA M 300 51.34 -43.54 36.48
CA ALA M 300 51.44 -44.95 36.83
C ALA M 300 50.84 -45.86 35.76
N ILE M 301 49.87 -45.37 35.01
CA ILE M 301 49.41 -46.19 33.89
C ILE M 301 50.41 -46.13 32.73
N LEU M 302 51.00 -44.96 32.49
CA LEU M 302 51.87 -44.84 31.33
C LEU M 302 53.25 -45.47 31.54
N ILE M 303 53.66 -45.78 32.77
CA ILE M 303 54.93 -46.49 32.91
C ILE M 303 54.76 -48.00 33.06
N GLN M 304 53.53 -48.47 33.29
CA GLN M 304 53.05 -49.87 33.16
C GLN M 304 53.97 -50.92 33.82
N THR M 305 54.25 -50.70 35.09
CA THR M 305 54.84 -51.72 35.93
C THR M 305 53.79 -52.24 36.90
N PRO M 306 53.98 -53.44 37.48
CA PRO M 306 52.94 -53.97 38.40
C PRO M 306 52.68 -53.13 39.63
N TRP M 307 53.74 -52.64 40.28
CA TRP M 307 53.59 -51.73 41.41
C TRP M 307 52.86 -50.46 41.02
N SER M 308 53.05 -49.98 39.79
CA SER M 308 52.36 -48.79 39.33
C SER M 308 50.87 -49.02 39.16
N TYR M 309 50.47 -50.17 38.60
CA TYR M 309 49.05 -50.42 38.44
C TYR M 309 48.37 -50.69 39.77
N MET M 310 49.07 -51.37 40.69
CA MET M 310 48.53 -51.56 42.03
C MET M 310 48.34 -50.24 42.76
N GLY M 311 49.35 -49.37 42.71
CA GLY M 311 49.21 -48.06 43.30
C GLY M 311 48.18 -47.19 42.62
N ALA M 312 48.02 -47.34 41.32
CA ALA M 312 47.06 -46.51 40.60
C ALA M 312 45.62 -46.92 40.91
N THR M 313 45.35 -48.22 41.02
CA THR M 313 43.98 -48.60 41.37
C THR M 313 43.68 -48.34 42.84
N ALA M 314 44.68 -48.49 43.73
CA ALA M 314 44.51 -48.11 45.13
C ALA M 314 44.27 -46.62 45.26
N LEU M 315 44.96 -45.83 44.45
CA LEU M 315 44.84 -44.39 44.52
C LEU M 315 43.51 -43.93 43.92
N MET M 316 43.00 -44.63 42.91
CA MET M 316 41.68 -44.29 42.36
C MET M 316 40.56 -44.55 43.37
N ILE M 317 40.59 -45.71 44.04
CA ILE M 317 39.54 -45.99 45.02
C ILE M 317 39.63 -45.05 46.22
N ALA M 318 40.85 -44.83 46.71
CA ALA M 318 41.08 -43.96 47.86
C ALA M 318 40.70 -42.52 47.56
N HIS M 319 41.08 -42.03 46.38
CA HIS M 319 40.77 -40.66 46.00
C HIS M 319 39.29 -40.48 45.72
N GLY M 320 38.60 -41.51 45.22
CA GLY M 320 37.16 -41.43 45.05
C GLY M 320 36.46 -41.21 46.37
N LEU M 321 36.78 -42.02 47.38
CA LEU M 321 36.20 -41.85 48.71
C LEU M 321 36.56 -40.51 49.33
N THR M 322 37.84 -40.11 49.24
CA THR M 322 38.30 -38.88 49.89
C THR M 322 37.72 -37.63 49.23
N SER M 323 37.68 -37.57 47.91
CA SER M 323 37.18 -36.38 47.24
C SER M 323 35.66 -36.28 47.34
N SER M 324 34.97 -37.43 47.36
CA SER M 324 33.53 -37.40 47.62
C SER M 324 33.23 -36.84 49.02
N MET M 325 34.04 -37.23 50.02
CA MET M 325 33.85 -36.70 51.36
C MET M 325 34.16 -35.20 51.43
N LEU M 326 35.19 -34.76 50.71
CA LEU M 326 35.55 -33.33 50.73
C LEU M 326 34.50 -32.48 50.05
N PHE M 327 33.92 -32.95 48.94
CA PHE M 327 32.81 -32.21 48.33
C PHE M 327 31.59 -32.18 49.23
N CYS M 328 31.34 -33.26 49.97
CA CYS M 328 30.20 -33.24 50.89
C CYS M 328 30.43 -32.30 52.07
N LEU M 329 31.67 -32.16 52.53
CA LEU M 329 32.00 -31.18 53.56
C LEU M 329 31.80 -29.75 53.05
N ALA M 330 32.27 -29.49 51.83
CA ALA M 330 32.11 -28.16 51.23
C ALA M 330 30.64 -27.83 51.02
N ASN M 331 29.82 -28.82 50.66
CA ASN M 331 28.39 -28.60 50.57
C ASN M 331 27.76 -28.39 51.94
N SER M 332 28.27 -29.07 52.98
CA SER M 332 27.71 -28.88 54.32
C SER M 332 27.95 -27.45 54.82
N ASN M 333 29.05 -26.82 54.42
CA ASN M 333 29.18 -25.40 54.74
C ASN M 333 28.48 -24.48 53.74
N TYR M 334 28.34 -24.91 52.48
CA TYR M 334 27.59 -24.11 51.51
C TYR M 334 26.10 -24.07 51.83
N GLU M 335 25.58 -25.09 52.50
CA GLU M 335 24.19 -25.09 52.94
C GLU M 335 23.93 -24.17 54.12
N ARG M 336 24.97 -23.54 54.67
CA ARG M 336 24.84 -22.60 55.77
C ARG M 336 25.23 -21.18 55.38
N VAL M 337 26.31 -20.99 54.62
CA VAL M 337 26.73 -19.63 54.29
C VAL M 337 26.35 -19.22 52.87
N HIS M 338 25.90 -20.15 52.04
CA HIS M 338 25.41 -19.90 50.67
C HIS M 338 26.47 -19.25 49.78
N SER M 339 27.73 -19.57 50.03
CA SER M 339 28.85 -19.10 49.22
C SER M 339 29.96 -20.14 49.29
N ARG M 340 30.64 -20.33 48.18
CA ARG M 340 31.75 -21.27 48.11
C ARG M 340 33.09 -20.60 48.33
N THR M 341 33.09 -19.34 48.76
CA THR M 341 34.34 -18.65 49.07
C THR M 341 34.92 -19.22 50.35
N MET M 342 36.19 -19.64 50.28
CA MET M 342 36.79 -20.34 51.41
C MET M 342 37.16 -19.39 52.54
N ILE M 343 37.41 -18.12 52.23
CA ILE M 343 37.82 -17.14 53.23
C ILE M 343 36.63 -16.49 53.92
N LEU M 344 35.39 -16.84 53.52
CA LEU M 344 34.22 -16.17 54.06
C LEU M 344 33.93 -16.59 55.49
N ALA M 345 33.68 -17.88 55.71
CA ALA M 345 33.35 -18.39 57.04
C ALA M 345 34.53 -19.20 57.56
N ARG M 346 35.14 -18.72 58.63
CA ARG M 346 36.30 -19.33 59.24
C ARG M 346 35.96 -19.74 60.66
N GLY M 347 36.94 -20.34 61.34
CA GLY M 347 36.81 -20.65 62.76
C GLY M 347 35.70 -21.63 63.10
N LEU M 348 35.36 -22.52 62.17
CA LEU M 348 34.18 -23.34 62.31
C LEU M 348 34.35 -24.50 63.27
N GLN M 349 35.55 -24.71 63.82
CA GLN M 349 35.69 -25.68 64.90
C GLN M 349 35.11 -25.13 66.20
N THR M 350 35.09 -23.80 66.35
CA THR M 350 34.46 -23.17 67.51
C THR M 350 32.94 -23.31 67.49
N LEU M 351 32.35 -23.65 66.35
CA LEU M 351 30.92 -23.81 66.24
C LEU M 351 30.51 -25.24 65.91
N LEU M 352 31.34 -25.98 65.17
CA LEU M 352 31.06 -27.35 64.74
C LEU M 352 32.28 -28.20 65.03
N PRO M 353 32.38 -28.78 66.22
CA PRO M 353 33.58 -29.56 66.56
C PRO M 353 33.66 -30.93 65.90
N LEU M 354 32.53 -31.64 65.81
CA LEU M 354 32.53 -32.97 65.23
C LEU M 354 32.70 -32.91 63.72
N MET M 355 32.06 -31.93 63.08
CA MET M 355 32.29 -31.72 61.66
C MET M 355 33.73 -31.29 61.40
N ALA M 356 34.34 -30.54 62.33
CA ALA M 356 35.76 -30.23 62.21
C ALA M 356 36.63 -31.48 62.34
N ALA M 357 36.18 -32.46 63.14
CA ALA M 357 36.90 -33.74 63.18
C ALA M 357 36.78 -34.48 61.84
N TRP M 358 35.62 -34.43 61.20
CA TRP M 358 35.47 -35.05 59.89
C TRP M 358 36.31 -34.32 58.84
N TRP M 359 36.38 -32.99 58.93
CA TRP M 359 37.28 -32.21 58.08
C TRP M 359 38.73 -32.60 58.30
N LEU M 360 39.12 -32.82 59.55
CA LEU M 360 40.48 -33.23 59.86
C LEU M 360 40.81 -34.59 59.26
N LEU M 361 39.87 -35.55 59.38
CA LEU M 361 40.10 -36.88 58.82
C LEU M 361 40.18 -36.84 57.31
N ALA M 362 39.30 -36.06 56.67
CA ALA M 362 39.34 -35.93 55.21
C ALA M 362 40.59 -35.20 54.74
N SER M 363 41.10 -34.26 55.55
CA SER M 363 42.33 -33.58 55.19
C SER M 363 43.55 -34.48 55.36
N LEU M 364 43.55 -35.33 56.39
CA LEU M 364 44.66 -36.25 56.59
C LEU M 364 44.67 -37.34 55.54
N THR M 365 43.50 -37.81 55.12
CA THR M 365 43.46 -38.73 54.00
C THR M 365 43.74 -38.04 52.67
N ASN M 366 43.53 -36.73 52.59
CA ASN M 366 43.87 -36.01 51.36
C ASN M 366 45.38 -35.96 51.15
N LEU M 367 46.14 -35.70 52.21
CA LEU M 367 47.58 -35.57 52.13
C LEU M 367 48.32 -36.90 52.27
N ALA M 368 47.59 -38.02 52.11
CA ALA M 368 48.12 -39.38 52.10
C ALA M 368 48.85 -39.72 53.40
N LEU M 369 48.09 -39.73 54.48
CA LEU M 369 48.64 -40.11 55.77
C LEU M 369 48.63 -41.64 55.91
N PRO M 370 49.77 -42.26 56.23
CA PRO M 370 49.77 -43.71 56.43
C PRO M 370 49.06 -44.09 57.71
N PRO M 371 48.53 -45.32 57.81
CA PRO M 371 48.47 -46.38 56.81
C PRO M 371 47.23 -46.39 55.93
N SER M 372 46.75 -45.23 55.49
CA SER M 372 45.57 -45.23 54.63
C SER M 372 45.92 -45.74 53.25
N ILE M 373 44.88 -46.16 52.52
CA ILE M 373 45.09 -46.63 51.16
C ILE M 373 45.39 -45.48 50.21
N ASN M 374 45.10 -44.24 50.62
CA ASN M 374 45.64 -43.05 49.99
C ASN M 374 47.16 -43.10 49.93
N LEU M 375 47.79 -43.37 51.08
CA LEU M 375 49.24 -43.45 51.11
C LEU M 375 49.74 -44.71 50.43
N ILE M 376 48.96 -45.81 50.45
CA ILE M 376 49.38 -47.03 49.75
C ILE M 376 49.47 -46.78 48.25
N GLY M 377 48.45 -46.12 47.68
CA GLY M 377 48.49 -45.78 46.28
C GLY M 377 49.57 -44.77 45.94
N GLU M 378 49.64 -43.67 46.70
CA GLU M 378 50.67 -42.64 46.54
C GLU M 378 52.07 -43.23 46.60
N LEU M 379 52.32 -44.06 47.62
CA LEU M 379 53.63 -44.62 47.85
C LEU M 379 54.01 -45.60 46.76
N PHE M 380 53.07 -46.45 46.31
CA PHE M 380 53.43 -47.42 45.27
C PHE M 380 53.69 -46.75 43.94
N VAL M 381 52.94 -45.69 43.62
CA VAL M 381 53.21 -44.94 42.40
C VAL M 381 54.58 -44.25 42.48
N VAL M 382 54.94 -43.76 43.67
CA VAL M 382 56.27 -43.16 43.84
C VAL M 382 57.38 -44.19 43.71
N MET M 383 57.17 -45.40 44.25
CA MET M 383 58.15 -46.49 44.10
C MET M 383 58.36 -46.85 42.64
N SER M 384 57.26 -47.01 41.90
CA SER M 384 57.37 -47.42 40.50
C SER M 384 57.97 -46.32 39.63
N THR M 385 57.67 -45.05 39.93
CA THR M 385 58.31 -43.99 39.15
C THR M 385 59.77 -43.78 39.52
N PHE M 386 60.16 -44.10 40.76
CA PHE M 386 61.58 -44.08 41.10
C PHE M 386 62.32 -45.19 40.36
N SER M 387 61.68 -46.36 40.22
CA SER M 387 62.26 -47.40 39.38
C SER M 387 62.30 -46.98 37.91
N TRP M 388 61.32 -46.20 37.47
CA TRP M 388 61.27 -45.75 36.09
C TRP M 388 62.40 -44.78 35.77
N SER M 389 62.58 -43.76 36.62
CA SER M 389 63.71 -42.85 36.54
C SER M 389 63.96 -42.32 37.94
N ASN M 390 65.23 -42.32 38.36
CA ASN M 390 65.54 -41.94 39.73
C ASN M 390 65.36 -40.45 39.99
N ILE M 391 65.32 -39.63 38.94
CA ILE M 391 65.23 -38.18 39.11
C ILE M 391 63.80 -37.75 39.41
N THR M 392 62.80 -38.58 39.10
CA THR M 392 61.40 -38.25 39.32
C THR M 392 61.01 -38.16 40.79
N ILE M 393 61.88 -38.60 41.71
CA ILE M 393 61.62 -38.51 43.15
C ILE M 393 61.56 -37.05 43.60
N ILE M 394 62.23 -36.14 42.88
CA ILE M 394 62.18 -34.72 43.22
C ILE M 394 60.79 -34.17 42.98
N LEU M 395 60.23 -34.44 41.79
CA LEU M 395 58.88 -34.00 41.48
C LEU M 395 57.84 -34.68 42.36
N MET M 396 58.04 -35.96 42.68
CA MET M 396 57.11 -36.68 43.54
C MET M 396 57.09 -36.13 44.96
N GLY M 397 58.27 -35.94 45.57
CA GLY M 397 58.33 -35.40 46.91
C GLY M 397 57.90 -33.95 47.00
N LEU M 398 58.17 -33.17 45.94
CA LEU M 398 57.73 -31.79 45.92
C LEU M 398 56.21 -31.70 45.81
N ASN M 399 55.62 -32.62 45.03
CA ASN M 399 54.16 -32.71 44.97
C ASN M 399 53.57 -33.10 46.31
N MET M 400 54.21 -34.02 47.03
CA MET M 400 53.70 -34.41 48.33
C MET M 400 53.79 -33.28 49.35
N VAL M 401 54.85 -32.45 49.25
CA VAL M 401 54.95 -31.26 50.08
C VAL M 401 53.80 -30.30 49.81
N ILE M 402 53.55 -29.98 48.54
CA ILE M 402 52.49 -29.04 48.21
C ILE M 402 51.12 -29.62 48.52
N THR M 403 50.97 -30.95 48.42
CA THR M 403 49.72 -31.62 48.76
C THR M 403 49.38 -31.45 50.23
N ALA M 404 50.35 -31.73 51.11
CA ALA M 404 50.14 -31.50 52.53
C ALA M 404 49.91 -30.03 52.84
N LEU M 405 50.56 -29.13 52.07
CA LEU M 405 50.37 -27.70 52.29
C LEU M 405 48.95 -27.25 51.98
N TYR M 406 48.40 -27.62 50.81
CA TYR M 406 47.06 -27.12 50.50
C TYR M 406 46.00 -27.85 51.30
N SER M 407 46.25 -29.12 51.67
CA SER M 407 45.32 -29.83 52.54
C SER M 407 45.20 -29.15 53.90
N LEU M 408 46.34 -28.88 54.54
CA LEU M 408 46.25 -28.24 55.84
C LEU M 408 45.93 -26.76 55.75
N TYR M 409 46.15 -26.11 54.60
CA TYR M 409 45.68 -24.74 54.45
C TYR M 409 44.16 -24.70 54.31
N MET M 410 43.59 -25.68 53.62
CA MET M 410 42.13 -25.82 53.58
C MET M 410 41.56 -26.09 54.97
N LEU M 411 42.25 -26.92 55.75
CA LEU M 411 41.83 -27.20 57.12
C LEU M 411 41.91 -25.94 58.00
N ILE M 412 43.00 -25.18 57.89
CA ILE M 412 43.18 -23.97 58.69
C ILE M 412 42.16 -22.91 58.29
N THR M 413 41.95 -22.72 56.98
CA THR M 413 41.09 -21.64 56.52
C THR M 413 39.62 -21.95 56.80
N THR M 414 39.17 -23.17 56.55
CA THR M 414 37.76 -23.48 56.78
C THR M 414 37.46 -23.71 58.26
N GLN M 415 38.41 -24.26 59.02
CA GLN M 415 38.08 -24.77 60.35
C GLN M 415 38.67 -23.97 61.50
N ARG M 416 39.70 -23.19 61.27
CA ARG M 416 40.46 -22.60 62.37
C ARG M 416 40.51 -21.08 62.23
N GLY M 417 41.24 -20.46 63.14
CA GLY M 417 41.31 -19.02 63.20
C GLY M 417 40.14 -18.44 63.97
N LYS M 418 39.96 -17.14 63.80
CA LYS M 418 38.82 -16.45 64.37
C LYS M 418 37.61 -16.63 63.47
N HIS M 419 36.46 -16.88 64.07
CA HIS M 419 35.25 -17.06 63.29
C HIS M 419 34.77 -15.73 62.73
N THR M 420 33.84 -15.81 61.80
CA THR M 420 33.30 -14.61 61.18
C THR M 420 32.22 -14.03 62.07
N HIS M 421 32.30 -12.73 62.33
CA HIS M 421 31.36 -12.06 63.21
C HIS M 421 29.99 -11.90 62.56
N HIS M 422 29.96 -11.58 61.27
CA HIS M 422 28.71 -11.24 60.60
C HIS M 422 28.00 -12.42 59.99
N ILE M 423 28.32 -13.64 60.41
CA ILE M 423 27.64 -14.85 59.96
C ILE M 423 27.07 -15.54 61.19
N ASN M 424 25.74 -15.62 61.26
CA ASN M 424 25.07 -16.14 62.45
C ASN M 424 24.06 -17.25 62.15
N ASN M 425 24.02 -17.75 60.92
CA ASN M 425 23.13 -18.84 60.57
C ASN M 425 23.84 -20.20 60.58
N ILE M 426 24.96 -20.30 61.29
CA ILE M 426 25.73 -21.55 61.34
C ILE M 426 24.98 -22.51 62.25
N LEU M 427 24.24 -23.43 61.66
CA LEU M 427 23.44 -24.40 62.40
C LEU M 427 24.33 -25.45 63.03
N PRO M 428 23.84 -26.16 64.05
CA PRO M 428 24.53 -27.37 64.50
C PRO M 428 24.49 -28.43 63.41
N SER M 429 25.43 -29.36 63.49
CA SER M 429 25.56 -30.39 62.46
C SER M 429 24.39 -31.35 62.54
N PHE M 430 23.68 -31.50 61.42
CA PHE M 430 22.56 -32.43 61.34
C PHE M 430 23.05 -33.86 61.44
N THR M 431 22.11 -34.76 61.70
CA THR M 431 22.44 -36.18 61.77
C THR M 431 22.68 -36.74 60.37
N ARG M 432 22.02 -36.16 59.36
CA ARG M 432 22.22 -36.56 57.96
C ARG M 432 23.64 -36.25 57.48
N GLU M 433 24.16 -35.06 57.84
CA GLU M 433 25.48 -34.66 57.39
C GLU M 433 26.57 -35.51 58.02
N ASN M 434 26.45 -35.80 59.32
CA ASN M 434 27.45 -36.64 59.97
C ASN M 434 27.32 -38.09 59.52
N ALA M 435 26.11 -38.53 59.15
CA ALA M 435 25.94 -39.85 58.54
C ALA M 435 26.63 -39.93 57.20
N LEU M 436 26.56 -38.85 56.43
CA LEU M 436 27.25 -38.78 55.14
C LEU M 436 28.77 -38.83 55.30
N MET M 437 29.30 -38.08 56.28
CA MET M 437 30.74 -38.07 56.52
C MET M 437 31.24 -39.42 57.02
N SER M 438 30.47 -40.05 57.89
CA SER M 438 30.88 -41.34 58.43
C SER M 438 30.80 -42.44 57.39
N LEU M 439 29.76 -42.44 56.54
CA LEU M 439 29.68 -43.43 55.48
C LEU M 439 30.67 -43.18 54.37
N HIS M 440 31.27 -41.99 54.29
CA HIS M 440 32.49 -41.86 53.50
C HIS M 440 33.71 -42.42 54.21
N MET M 441 33.99 -41.93 55.42
CA MET M 441 35.29 -42.12 56.04
C MET M 441 35.47 -43.53 56.61
N LEU M 442 34.44 -44.08 57.24
CA LEU M 442 34.55 -45.42 57.82
C LEU M 442 34.84 -46.53 56.81
N PRO M 443 34.28 -46.58 55.59
CA PRO M 443 34.80 -47.58 54.63
C PRO M 443 36.24 -47.31 54.21
N LEU M 444 36.63 -46.05 54.09
CA LEU M 444 38.01 -45.71 53.75
C LEU M 444 38.96 -46.12 54.86
N LEU M 445 38.56 -45.97 56.12
CA LEU M 445 39.40 -46.40 57.23
C LEU M 445 39.43 -47.91 57.36
N LEU M 446 38.31 -48.59 57.05
CA LEU M 446 38.30 -50.05 57.12
C LEU M 446 39.12 -50.68 56.01
N LEU M 447 39.21 -50.03 54.84
CA LEU M 447 40.03 -50.58 53.76
C LEU M 447 41.52 -50.53 54.04
N SER M 448 41.96 -49.82 55.08
CA SER M 448 43.35 -49.91 55.50
C SER M 448 43.63 -51.23 56.21
N LEU M 449 42.61 -51.84 56.82
CA LEU M 449 42.81 -53.09 57.53
C LEU M 449 43.01 -54.25 56.57
N ASN M 450 42.32 -54.24 55.43
CA ASN M 450 42.44 -55.29 54.43
C ASN M 450 42.58 -54.61 53.08
N PRO M 451 43.77 -54.13 52.73
CA PRO M 451 43.93 -53.36 51.50
C PRO M 451 44.07 -54.20 50.23
N LYS M 452 44.05 -55.53 50.33
CA LYS M 452 44.37 -56.34 49.16
C LYS M 452 43.21 -56.41 48.17
N ILE M 453 42.00 -56.04 48.57
CA ILE M 453 40.87 -56.14 47.66
C ILE M 453 40.83 -54.97 46.69
N ILE M 454 41.55 -53.90 46.98
CA ILE M 454 41.56 -52.71 46.13
C ILE M 454 42.89 -52.56 45.40
N LEU M 455 43.66 -53.64 45.26
CA LEU M 455 44.96 -53.57 44.61
C LEU M 455 45.00 -54.24 43.23
N GLY M 456 43.86 -54.34 42.55
CA GLY M 456 43.87 -54.60 41.12
C GLY M 456 44.19 -56.01 40.69
N PRO M 457 44.28 -56.23 39.37
CA PRO M 457 44.33 -57.60 38.84
C PRO M 457 45.65 -58.31 39.06
N LEU M 458 46.68 -57.59 39.48
CA LEU M 458 48.03 -58.13 39.54
C LEU M 458 48.62 -57.91 40.92
N TYR M 459 47.76 -58.04 41.93
CA TYR M 459 48.17 -58.19 43.31
C TYR M 459 48.85 -59.54 43.53
N MET N 1 -7.95 -25.29 1.95
CA MET N 1 -7.99 -26.31 0.91
C MET N 1 -9.07 -27.33 1.23
N ASN N 2 -9.81 -27.77 0.21
CA ASN N 2 -10.78 -28.84 0.35
C ASN N 2 -10.07 -30.11 0.76
N PRO N 3 -10.48 -30.78 1.85
CA PRO N 3 -9.79 -32.00 2.28
C PRO N 3 -9.77 -33.14 1.28
N ILE N 4 -10.76 -33.23 0.38
CA ILE N 4 -10.68 -34.22 -0.70
C ILE N 4 -9.54 -33.87 -1.65
N ILE N 5 -9.39 -32.58 -1.96
CA ILE N 5 -8.30 -32.13 -2.82
C ILE N 5 -6.96 -32.32 -2.12
N LEU N 6 -6.93 -32.13 -0.79
CA LEU N 6 -5.72 -32.37 -0.02
C LEU N 6 -5.34 -33.85 -0.03
N ILE N 7 -6.32 -34.74 0.10
CA ILE N 7 -6.03 -36.18 0.09
C ILE N 7 -5.57 -36.62 -1.30
N ILE N 8 -6.22 -36.12 -2.36
CA ILE N 8 -5.83 -36.50 -3.72
C ILE N 8 -4.43 -35.97 -4.06
N ILE N 9 -4.10 -34.77 -3.59
CA ILE N 9 -2.77 -34.20 -3.85
C ILE N 9 -1.69 -34.93 -3.03
N LEU N 10 -1.99 -35.32 -1.80
CA LEU N 10 -1.01 -36.07 -1.02
C LEU N 10 -0.82 -37.48 -1.55
N MET N 11 -1.88 -38.10 -2.06
CA MET N 11 -1.72 -39.36 -2.77
C MET N 11 -0.95 -39.19 -4.07
N THR N 12 -1.01 -38.01 -4.69
CA THR N 12 -0.22 -37.80 -5.90
C THR N 12 1.26 -37.61 -5.58
N VAL N 13 1.56 -36.96 -4.45
CA VAL N 13 2.94 -36.89 -3.95
C VAL N 13 3.48 -38.29 -3.68
N MET N 14 2.72 -39.08 -2.92
CA MET N 14 3.11 -40.45 -2.60
C MET N 14 3.21 -41.31 -3.85
N LEU N 15 2.31 -41.09 -4.81
CA LEU N 15 2.31 -41.87 -6.03
C LEU N 15 3.53 -41.55 -6.90
N GLY N 16 3.92 -40.27 -6.94
CA GLY N 16 5.13 -39.92 -7.66
C GLY N 16 6.38 -40.55 -7.06
N THR N 17 6.46 -40.58 -5.73
CA THR N 17 7.60 -41.23 -5.09
C THR N 17 7.58 -42.75 -5.31
N ILE N 18 6.41 -43.37 -5.25
CA ILE N 18 6.28 -44.80 -5.51
C ILE N 18 6.64 -45.13 -6.96
N ILE N 19 6.26 -44.26 -7.89
CA ILE N 19 6.61 -44.45 -9.30
C ILE N 19 8.12 -44.37 -9.51
N VAL N 20 8.79 -43.46 -8.79
CA VAL N 20 10.27 -43.44 -8.86
C VAL N 20 10.84 -44.73 -8.26
N MET N 21 10.22 -45.24 -7.19
CA MET N 21 10.77 -46.42 -6.52
C MET N 21 10.61 -47.71 -7.32
N ILE N 22 9.48 -47.90 -8.01
CA ILE N 22 9.15 -49.21 -8.55
C ILE N 22 9.49 -49.37 -10.02
N SER N 23 9.83 -48.30 -10.73
CA SER N 23 9.93 -48.36 -12.18
C SER N 23 11.33 -48.67 -12.65
N THR N 24 11.42 -49.38 -13.78
CA THR N 24 12.66 -49.82 -14.38
C THR N 24 13.10 -48.94 -15.53
N HIS N 25 12.27 -47.99 -15.95
CA HIS N 25 12.51 -47.16 -17.11
C HIS N 25 12.84 -45.75 -16.65
N TRP N 26 13.84 -45.13 -17.28
CA TRP N 26 14.31 -43.81 -16.85
C TRP N 26 13.27 -42.72 -17.06
N LEU N 27 12.47 -42.85 -18.12
CA LEU N 27 11.41 -41.87 -18.38
C LEU N 27 10.37 -41.91 -17.27
N LEU N 28 10.11 -43.09 -16.72
CA LEU N 28 9.16 -43.18 -15.61
C LEU N 28 9.76 -42.61 -14.32
N ILE N 29 11.08 -42.68 -14.16
CA ILE N 29 11.76 -42.00 -13.06
C ILE N 29 11.55 -40.50 -13.17
N TRP N 30 11.82 -39.95 -14.36
CA TRP N 30 11.68 -38.52 -14.59
C TRP N 30 10.23 -38.08 -14.42
N ILE N 31 9.28 -38.91 -14.86
CA ILE N 31 7.86 -38.67 -14.69
C ILE N 31 7.48 -38.66 -13.21
N GLY N 32 8.05 -39.58 -12.42
CA GLY N 32 7.76 -39.60 -11.01
C GLY N 32 8.27 -38.38 -10.28
N PHE N 33 9.44 -37.87 -10.69
CA PHE N 33 9.91 -36.61 -10.10
C PHE N 33 9.05 -35.41 -10.54
N GLU N 34 8.62 -35.39 -11.80
CA GLU N 34 7.74 -34.30 -12.27
C GLU N 34 6.40 -34.30 -11.53
N MET N 35 5.82 -35.49 -11.36
CA MET N 35 4.56 -35.63 -10.64
C MET N 35 4.72 -35.26 -9.17
N ASN N 36 5.85 -35.64 -8.57
CA ASN N 36 6.10 -35.35 -7.17
C ASN N 36 6.24 -33.85 -6.93
N MET N 37 6.98 -33.15 -7.80
CA MET N 37 7.15 -31.70 -7.67
C MET N 37 5.84 -30.95 -7.89
N LEU N 38 5.16 -31.28 -8.99
CA LEU N 38 3.86 -30.68 -9.33
C LEU N 38 2.84 -30.85 -8.21
N ALA N 39 2.83 -32.03 -7.59
CA ALA N 39 1.86 -32.26 -6.53
C ALA N 39 2.28 -31.63 -5.21
N ILE N 40 3.57 -31.48 -4.94
CA ILE N 40 3.93 -30.93 -3.64
C ILE N 40 3.84 -29.41 -3.61
N ILE N 41 3.82 -28.72 -4.76
CA ILE N 41 3.72 -27.25 -4.77
C ILE N 41 2.50 -26.67 -4.04
N PRO N 42 1.26 -27.20 -4.17
CA PRO N 42 0.17 -26.63 -3.35
C PRO N 42 0.23 -26.95 -1.88
N ILE N 43 1.01 -27.96 -1.46
CA ILE N 43 1.17 -28.22 -0.04
C ILE N 43 1.97 -27.10 0.59
N MET N 44 2.89 -26.52 -0.15
CA MET N 44 3.69 -25.41 0.33
C MET N 44 2.91 -24.10 0.36
N MET N 45 2.01 -23.89 -0.61
CA MET N 45 1.20 -22.69 -0.68
C MET N 45 -0.13 -22.84 0.04
N LYS N 46 -0.18 -23.66 1.09
CA LYS N 46 -1.41 -23.97 1.79
C LYS N 46 -1.97 -22.78 2.58
N LYS N 47 -1.14 -21.81 2.92
CA LYS N 47 -1.56 -20.69 3.75
C LYS N 47 -1.65 -19.36 3.01
N HIS N 48 -1.01 -19.25 1.84
CA HIS N 48 -1.14 -18.12 0.90
C HIS N 48 -0.69 -16.79 1.52
N ASN N 49 0.57 -16.76 1.94
CA ASN N 49 1.30 -15.57 2.32
C ASN N 49 2.47 -15.41 1.35
N PRO N 50 3.12 -14.23 1.29
CA PRO N 50 4.24 -14.07 0.34
C PRO N 50 5.43 -14.98 0.58
N ARG N 51 5.66 -15.41 1.83
CA ARG N 51 6.80 -16.27 2.12
C ARG N 51 6.62 -17.64 1.51
N ALA N 52 5.41 -18.20 1.55
CA ALA N 52 5.18 -19.51 0.94
C ALA N 52 5.24 -19.44 -0.58
N THR N 53 4.81 -18.34 -1.18
CA THR N 53 4.92 -18.21 -2.63
C THR N 53 6.37 -18.06 -3.07
N GLU N 54 7.15 -17.29 -2.30
CA GLU N 54 8.59 -17.18 -2.56
C GLU N 54 9.30 -18.53 -2.38
N ALA N 55 8.92 -19.27 -1.34
CA ALA N 55 9.52 -20.57 -1.08
C ALA N 55 9.15 -21.58 -2.15
N SER N 56 7.90 -21.57 -2.60
CA SER N 56 7.46 -22.44 -3.68
C SER N 56 8.13 -22.09 -4.99
N THR N 57 8.41 -20.80 -5.21
CA THR N 57 9.09 -20.39 -6.43
C THR N 57 10.54 -20.87 -6.45
N LYS N 58 11.25 -20.68 -5.33
CA LYS N 58 12.64 -21.12 -5.24
C LYS N 58 12.75 -22.65 -5.30
N TYR N 59 11.82 -23.35 -4.65
CA TYR N 59 11.78 -24.80 -4.73
C TYR N 59 11.49 -25.28 -6.14
N PHE N 60 10.54 -24.62 -6.82
CA PHE N 60 10.23 -24.96 -8.20
C PHE N 60 11.44 -24.79 -9.10
N LEU N 61 12.17 -23.68 -8.94
CA LEU N 61 13.31 -23.42 -9.82
C LEU N 61 14.43 -24.43 -9.60
N THR N 62 14.74 -24.75 -8.35
CA THR N 62 15.82 -25.70 -8.08
C THR N 62 15.43 -27.12 -8.52
N GLN N 63 14.21 -27.56 -8.19
CA GLN N 63 13.81 -28.90 -8.57
C GLN N 63 13.58 -29.03 -10.07
N SER N 64 13.20 -27.94 -10.73
CA SER N 64 13.01 -27.96 -12.18
C SER N 64 14.35 -28.04 -12.91
N THR N 65 15.35 -27.30 -12.43
CA THR N 65 16.69 -27.39 -12.99
C THR N 65 17.27 -28.79 -12.78
N ALA N 66 17.01 -29.38 -11.60
CA ALA N 66 17.46 -30.74 -11.35
C ALA N 66 16.76 -31.76 -12.23
N SER N 67 15.48 -31.53 -12.55
CA SER N 67 14.76 -32.44 -13.43
C SER N 67 15.29 -32.35 -14.85
N MET N 68 15.62 -31.14 -15.31
CA MET N 68 16.21 -30.98 -16.64
C MET N 68 17.59 -31.63 -16.73
N LEU N 69 18.41 -31.47 -15.68
CA LEU N 69 19.71 -32.13 -15.69
C LEU N 69 19.57 -33.64 -15.59
N LEU N 70 18.54 -34.13 -14.90
CA LEU N 70 18.27 -35.56 -14.85
C LEU N 70 17.91 -36.10 -16.23
N MET N 71 17.07 -35.37 -16.98
CA MET N 71 16.73 -35.80 -18.32
C MET N 71 17.90 -35.72 -19.29
N MET N 72 18.79 -34.72 -19.12
CA MET N 72 20.00 -34.68 -19.91
C MET N 72 20.92 -35.86 -19.60
N ALA N 73 20.99 -36.27 -18.33
CA ALA N 73 21.74 -37.48 -17.97
C ALA N 73 21.14 -38.73 -18.61
N ILE N 74 19.81 -38.83 -18.60
CA ILE N 74 19.11 -39.96 -19.21
C ILE N 74 19.35 -40.00 -20.73
N ILE N 75 19.37 -38.83 -21.36
CA ILE N 75 19.56 -38.74 -22.81
C ILE N 75 20.99 -39.10 -23.20
N ILE N 76 21.97 -38.68 -22.40
CA ILE N 76 23.36 -39.10 -22.64
C ILE N 76 23.52 -40.61 -22.42
N ASN N 77 22.78 -41.19 -21.46
CA ASN N 77 22.77 -42.64 -21.30
C ASN N 77 22.16 -43.33 -22.51
N LEU N 78 21.15 -42.73 -23.13
CA LEU N 78 20.58 -43.34 -24.33
C LEU N 78 21.54 -43.23 -25.52
N MET N 79 22.33 -42.16 -25.58
CA MET N 79 23.43 -42.09 -26.56
C MET N 79 24.38 -43.26 -26.38
N PHE N 80 24.94 -43.40 -25.20
CA PHE N 80 26.05 -44.31 -25.02
C PHE N 80 25.61 -45.72 -24.62
N SER N 81 24.31 -45.99 -24.55
CA SER N 81 23.86 -47.34 -24.29
C SER N 81 22.67 -47.81 -25.12
N GLY N 82 21.93 -46.91 -25.78
CA GLY N 82 20.84 -47.32 -26.63
C GLY N 82 19.69 -48.01 -25.93
N GLN N 83 19.52 -47.78 -24.64
CA GLN N 83 18.53 -48.49 -23.85
C GLN N 83 18.07 -47.59 -22.71
N TRP N 84 17.19 -48.11 -21.88
CA TRP N 84 16.53 -47.30 -20.86
C TRP N 84 16.44 -47.96 -19.49
N THR N 85 17.20 -49.03 -19.23
CA THR N 85 17.05 -49.74 -17.97
C THR N 85 17.59 -48.88 -16.83
N VAL N 86 16.81 -48.74 -15.77
CA VAL N 86 17.32 -48.04 -14.58
C VAL N 86 18.27 -49.01 -13.88
N MET N 87 19.56 -48.77 -14.10
CA MET N 87 20.67 -49.53 -13.60
C MET N 87 21.86 -48.58 -13.68
N LYS N 88 23.07 -49.12 -13.71
CA LYS N 88 24.27 -48.31 -13.91
C LYS N 88 24.21 -47.53 -15.23
N LEU N 89 24.96 -46.44 -15.27
CA LEU N 89 25.05 -45.55 -16.42
C LEU N 89 26.31 -45.88 -17.21
N PHE N 90 26.31 -45.52 -18.48
CA PHE N 90 27.33 -45.97 -19.42
C PHE N 90 28.14 -44.81 -19.97
N ASN N 91 28.24 -43.72 -19.20
CA ASN N 91 29.10 -42.59 -19.51
C ASN N 91 29.38 -41.93 -18.19
N PRO N 92 30.63 -41.56 -17.89
CA PRO N 92 30.88 -40.68 -16.73
C PRO N 92 30.25 -39.31 -16.82
N MET N 93 29.94 -38.82 -18.02
CA MET N 93 29.20 -37.57 -18.14
C MET N 93 27.77 -37.72 -17.65
N ALA N 94 27.11 -38.82 -18.02
CA ALA N 94 25.76 -39.09 -17.53
C ALA N 94 25.76 -39.37 -16.03
N SER N 95 26.79 -40.07 -15.55
CA SER N 95 26.91 -40.34 -14.11
C SER N 95 27.12 -39.05 -13.33
N MET N 96 27.97 -38.16 -13.84
CA MET N 96 28.22 -36.88 -13.18
C MET N 96 26.98 -36.01 -13.17
N LEU N 97 26.29 -35.91 -14.31
CA LEU N 97 25.09 -35.08 -14.38
C LEU N 97 23.95 -35.64 -13.53
N MET N 98 23.82 -36.97 -13.46
CA MET N 98 22.76 -37.52 -12.64
C MET N 98 23.08 -37.42 -11.15
N THR N 99 24.36 -37.53 -10.78
CA THR N 99 24.74 -37.30 -9.38
C THR N 99 24.52 -35.84 -8.99
N MET N 100 24.84 -34.90 -9.89
CA MET N 100 24.55 -33.49 -9.64
C MET N 100 23.06 -33.22 -9.52
N ALA N 101 22.25 -33.85 -10.39
CA ALA N 101 20.81 -33.62 -10.38
C ALA N 101 20.17 -34.19 -9.12
N LEU N 102 20.59 -35.37 -8.70
CA LEU N 102 20.06 -35.93 -7.46
C LEU N 102 20.56 -35.18 -6.24
N ALA N 103 21.78 -34.63 -6.29
CA ALA N 103 22.25 -33.80 -5.19
C ALA N 103 21.49 -32.48 -5.10
N MET N 104 21.08 -31.92 -6.24
CA MET N 104 20.19 -30.76 -6.23
C MET N 104 18.82 -31.12 -5.68
N LYS N 105 18.33 -32.32 -6.00
CA LYS N 105 17.02 -32.74 -5.49
C LYS N 105 17.04 -32.97 -3.99
N LEU N 106 18.15 -33.48 -3.47
CA LEU N 106 18.28 -33.69 -2.02
C LEU N 106 18.60 -32.41 -1.27
N GLY N 107 19.09 -31.39 -1.96
CA GLY N 107 19.61 -30.22 -1.28
C GLY N 107 20.94 -30.46 -0.62
N MET N 108 21.72 -31.41 -1.12
CA MET N 108 23.09 -31.57 -0.68
C MET N 108 23.93 -30.41 -1.19
N ALA N 109 24.94 -30.04 -0.40
CA ALA N 109 25.79 -28.92 -0.73
C ALA N 109 26.70 -29.27 -1.90
N PRO N 110 27.08 -28.28 -2.74
CA PRO N 110 26.83 -26.83 -2.71
C PRO N 110 25.50 -26.43 -3.32
N PHE N 111 24.64 -27.41 -3.56
CA PHE N 111 23.29 -27.16 -4.04
C PHE N 111 22.31 -27.10 -2.87
N HIS N 112 22.79 -26.70 -1.71
CA HIS N 112 22.04 -26.64 -0.46
C HIS N 112 21.31 -25.32 -0.29
N PHE N 113 21.58 -24.33 -1.13
CA PHE N 113 21.17 -22.95 -0.89
C PHE N 113 19.68 -22.70 -1.01
N TRP N 114 18.84 -23.73 -1.19
CA TRP N 114 17.41 -23.53 -1.19
C TRP N 114 16.71 -24.09 0.04
N VAL N 115 17.30 -25.09 0.69
CA VAL N 115 16.65 -25.86 1.75
C VAL N 115 16.31 -25.02 2.99
N PRO N 116 17.18 -24.17 3.57
CA PRO N 116 16.72 -23.36 4.71
C PRO N 116 15.68 -22.31 4.34
N GLU N 117 15.80 -21.70 3.16
CA GLU N 117 14.84 -20.69 2.73
C GLU N 117 13.47 -21.30 2.48
N VAL N 118 13.42 -22.40 1.73
CA VAL N 118 12.15 -23.04 1.40
C VAL N 118 11.53 -23.65 2.65
N THR N 119 12.35 -24.25 3.53
CA THR N 119 11.84 -24.79 4.78
C THR N 119 11.35 -23.68 5.71
N GLN N 120 11.94 -22.50 5.63
CA GLN N 120 11.47 -21.35 6.40
C GLN N 120 10.12 -20.84 5.88
N GLY N 121 9.95 -20.80 4.56
CA GLY N 121 8.78 -20.15 4.01
C GLY N 121 7.49 -20.91 4.16
N ILE N 122 7.55 -22.23 4.27
CA ILE N 122 6.37 -23.08 4.18
C ILE N 122 5.97 -23.50 5.59
N PRO N 123 4.74 -24.02 5.84
CA PRO N 123 4.40 -24.45 7.20
C PRO N 123 5.15 -25.68 7.68
N LEU N 124 4.86 -26.12 8.91
CA LEU N 124 5.63 -27.19 9.52
C LEU N 124 5.29 -28.56 8.94
N SER N 125 4.05 -28.78 8.54
CA SER N 125 3.68 -30.08 7.96
C SER N 125 4.25 -30.25 6.56
N SER N 126 4.19 -29.20 5.74
CA SER N 126 4.83 -29.25 4.43
C SER N 126 6.34 -29.28 4.55
N GLY N 127 6.91 -28.66 5.58
CA GLY N 127 8.33 -28.79 5.83
C GLY N 127 8.71 -30.20 6.22
N LEU N 128 7.85 -30.87 6.97
CA LEU N 128 8.03 -32.27 7.31
C LEU N 128 8.02 -33.15 6.06
N ILE N 129 7.05 -32.90 5.17
CA ILE N 129 6.98 -33.63 3.91
C ILE N 129 8.23 -33.39 3.08
N LEU N 130 8.71 -32.14 3.03
CA LEU N 130 9.87 -31.80 2.21
C LEU N 130 11.17 -32.37 2.78
N LEU N 131 11.27 -32.49 4.09
CA LEU N 131 12.52 -33.00 4.65
C LEU N 131 12.51 -34.50 4.91
N THR N 132 11.35 -35.16 4.82
CA THR N 132 11.31 -36.61 4.98
C THR N 132 10.89 -37.33 3.70
N TRP N 133 9.71 -37.02 3.15
CA TRP N 133 9.19 -37.83 2.04
C TRP N 133 9.90 -37.53 0.74
N GLN N 134 10.36 -36.31 0.54
CA GLN N 134 11.01 -35.93 -0.70
C GLN N 134 12.43 -36.43 -0.80
N LYS N 135 13.01 -36.92 0.29
CA LYS N 135 14.34 -37.50 0.23
C LYS N 135 14.32 -38.92 -0.33
N LEU N 136 13.15 -39.56 -0.36
CA LEU N 136 13.09 -40.99 -0.61
C LEU N 136 13.36 -41.34 -2.07
N ALA N 137 12.83 -40.55 -3.00
CA ALA N 137 13.01 -40.85 -4.41
C ALA N 137 14.45 -40.66 -4.91
N PRO N 138 15.15 -39.54 -4.63
CA PRO N 138 16.54 -39.47 -5.10
C PRO N 138 17.49 -40.41 -4.40
N MET N 139 17.23 -40.77 -3.14
CA MET N 139 18.05 -41.80 -2.51
C MET N 139 17.80 -43.16 -3.11
N SER N 140 16.60 -43.41 -3.63
CA SER N 140 16.35 -44.66 -4.35
C SER N 140 17.11 -44.69 -5.67
N VAL N 141 17.15 -43.57 -6.39
CA VAL N 141 17.88 -43.56 -7.66
C VAL N 141 19.38 -43.66 -7.40
N LEU N 142 19.88 -43.02 -6.33
CA LEU N 142 21.28 -43.18 -5.97
C LEU N 142 21.60 -44.59 -5.49
N TYR N 143 20.62 -45.29 -4.91
CA TYR N 143 20.78 -46.70 -4.58
C TYR N 143 20.90 -47.56 -5.83
N GLN N 144 20.22 -47.18 -6.91
CA GLN N 144 20.21 -48.06 -8.08
C GLN N 144 21.32 -47.77 -9.08
N ILE N 145 21.99 -46.62 -9.00
CA ILE N 145 23.01 -46.26 -9.99
C ILE N 145 24.41 -46.29 -9.39
N LEU N 146 24.56 -46.77 -8.18
CA LEU N 146 25.86 -46.81 -7.49
C LEU N 146 27.02 -47.59 -8.15
N PRO N 147 26.82 -48.53 -9.09
CA PRO N 147 27.96 -48.94 -9.93
C PRO N 147 28.53 -47.84 -10.81
N SER N 148 27.82 -46.74 -11.03
CA SER N 148 28.28 -45.68 -11.90
C SER N 148 28.74 -44.41 -11.19
N ILE N 149 28.45 -44.28 -9.89
CA ILE N 149 28.70 -43.01 -9.20
C ILE N 149 30.20 -42.84 -8.99
N ASN N 150 30.70 -41.67 -9.40
CA ASN N 150 32.09 -41.32 -9.17
C ASN N 150 32.34 -41.16 -7.67
N LEU N 151 33.41 -41.80 -7.20
CA LEU N 151 33.69 -41.84 -5.78
C LEU N 151 34.10 -40.48 -5.23
N ASP N 152 35.02 -39.80 -5.93
CA ASP N 152 35.53 -38.52 -5.46
C ASP N 152 34.44 -37.46 -5.45
N LEU N 153 33.54 -37.50 -6.44
CA LEU N 153 32.44 -36.56 -6.52
C LEU N 153 31.46 -36.74 -5.35
N ILE N 154 31.03 -37.98 -5.10
CA ILE N 154 30.05 -38.20 -4.03
C ILE N 154 30.68 -37.98 -2.67
N LEU N 155 31.99 -38.24 -2.51
CA LEU N 155 32.60 -37.96 -1.22
C LEU N 155 32.81 -36.47 -1.01
N THR N 156 33.10 -35.72 -2.07
CA THR N 156 33.21 -34.27 -1.98
C THR N 156 31.88 -33.64 -1.62
N LEU N 157 30.80 -34.06 -2.30
CA LEU N 157 29.48 -33.54 -1.98
C LEU N 157 29.04 -33.93 -0.58
N SER N 158 29.45 -35.11 -0.12
CA SER N 158 29.09 -35.53 1.23
C SER N 158 29.83 -34.72 2.29
N ILE N 159 31.13 -34.48 2.11
CA ILE N 159 31.85 -33.73 3.14
C ILE N 159 31.46 -32.25 3.09
N LEU N 160 31.17 -31.72 1.90
CA LEU N 160 30.72 -30.34 1.81
C LEU N 160 29.32 -30.19 2.40
N SER N 161 28.49 -31.22 2.26
CA SER N 161 27.17 -31.23 2.91
C SER N 161 27.30 -31.26 4.43
N ILE N 162 28.18 -32.11 4.96
CA ILE N 162 28.31 -32.22 6.41
C ILE N 162 28.93 -30.95 6.99
N THR N 163 29.91 -30.36 6.30
CA THR N 163 30.51 -29.13 6.80
C THR N 163 29.56 -27.95 6.74
N ILE N 164 28.83 -27.79 5.62
CA ILE N 164 27.94 -26.64 5.52
C ILE N 164 26.69 -26.81 6.39
N GLY N 165 26.16 -28.03 6.49
CA GLY N 165 25.09 -28.27 7.44
C GLY N 165 25.50 -28.18 8.89
N GLY N 166 26.79 -28.34 9.18
CA GLY N 166 27.28 -28.00 10.50
C GLY N 166 27.35 -26.51 10.72
N TRP N 167 28.16 -25.80 9.92
CA TRP N 167 28.36 -24.37 10.10
C TRP N 167 27.14 -23.51 9.77
N GLY N 168 26.05 -24.10 9.29
CA GLY N 168 24.83 -23.32 9.11
C GLY N 168 24.03 -23.13 10.38
N GLY N 169 24.16 -24.03 11.34
CA GLY N 169 23.36 -23.99 12.54
C GLY N 169 23.87 -23.17 13.70
N LEU N 170 24.93 -22.38 13.53
CA LEU N 170 25.34 -21.46 14.59
C LEU N 170 24.35 -20.33 14.75
N ASN N 171 24.11 -19.61 13.67
CA ASN N 171 23.50 -18.29 13.74
C ASN N 171 21.97 -18.33 13.77
N GLN N 172 21.38 -19.51 13.97
CA GLN N 172 19.96 -19.71 13.72
C GLN N 172 19.15 -19.69 15.01
N THR N 173 18.01 -19.02 14.95
CA THR N 173 16.98 -19.15 15.96
C THR N 173 15.68 -19.71 15.39
N GLN N 174 15.54 -19.78 14.08
CA GLN N 174 14.35 -20.33 13.44
C GLN N 174 14.47 -21.84 13.40
N LEU N 175 13.45 -22.54 13.92
CA LEU N 175 13.52 -24.00 14.06
C LEU N 175 13.54 -24.71 12.72
N ARG N 176 12.83 -24.17 11.73
CA ARG N 176 12.77 -24.80 10.42
C ARG N 176 14.10 -24.70 9.69
N LYS N 177 14.82 -23.59 9.85
CA LYS N 177 16.15 -23.49 9.29
C LYS N 177 17.13 -24.44 10.00
N ILE N 178 16.94 -24.66 11.30
CA ILE N 178 17.76 -25.61 12.04
C ILE N 178 17.54 -27.02 11.53
N MET N 179 16.28 -27.39 11.29
CA MET N 179 15.98 -28.70 10.74
C MET N 179 16.48 -28.84 9.31
N ALA N 180 16.54 -27.74 8.56
CA ALA N 180 17.05 -27.80 7.21
C ALA N 180 18.57 -28.00 7.16
N TYR N 181 19.30 -27.33 8.05
CA TYR N 181 20.74 -27.56 8.08
C TYR N 181 21.08 -28.94 8.66
N SER N 182 20.27 -29.42 9.60
CA SER N 182 20.36 -30.80 10.06
C SER N 182 20.10 -31.78 8.92
N SER N 183 19.20 -31.41 8.00
CA SER N 183 18.95 -32.22 6.82
C SER N 183 20.16 -32.28 5.92
N ILE N 184 20.81 -31.15 5.67
CA ILE N 184 21.98 -31.12 4.80
C ILE N 184 23.12 -31.98 5.37
N ALA N 185 23.35 -31.88 6.67
CA ALA N 185 24.37 -32.68 7.33
C ALA N 185 24.06 -34.18 7.26
N HIS N 186 22.79 -34.55 7.51
CA HIS N 186 22.45 -35.97 7.48
C HIS N 186 22.45 -36.55 6.07
N MET N 187 22.10 -35.77 5.05
CA MET N 187 22.20 -36.30 3.70
C MET N 187 23.64 -36.49 3.28
N GLY N 188 24.55 -35.63 3.77
CA GLY N 188 25.97 -35.88 3.60
C GLY N 188 26.42 -37.19 4.24
N TRP N 189 25.93 -37.46 5.45
CA TRP N 189 26.23 -38.75 6.09
C TRP N 189 25.67 -39.94 5.31
N MET N 190 24.48 -39.79 4.72
CA MET N 190 23.88 -40.92 4.00
C MET N 190 24.63 -41.21 2.71
N THR N 191 25.01 -40.17 1.97
CA THR N 191 25.74 -40.41 0.73
C THR N 191 27.21 -40.70 0.95
N ALA N 192 27.74 -40.51 2.16
CA ALA N 192 29.12 -40.91 2.42
C ALA N 192 29.29 -42.43 2.39
N VAL N 193 28.31 -43.17 2.92
CA VAL N 193 28.40 -44.62 3.03
C VAL N 193 27.76 -45.32 1.83
N LEU N 194 27.28 -44.57 0.84
CA LEU N 194 26.51 -45.13 -0.25
C LEU N 194 27.33 -46.08 -1.12
N LEU N 195 28.56 -45.69 -1.46
CA LEU N 195 29.35 -46.57 -2.32
C LEU N 195 30.08 -47.66 -1.55
N TYR N 196 29.96 -47.69 -0.22
CA TYR N 196 30.58 -48.74 0.57
C TYR N 196 29.55 -49.76 1.05
N ASN N 197 28.46 -49.30 1.63
CA ASN N 197 27.37 -50.18 2.04
C ASN N 197 26.09 -49.36 2.02
N PRO N 198 25.24 -49.53 1.00
CA PRO N 198 23.99 -48.76 0.94
C PRO N 198 22.91 -49.23 1.91
N THR N 199 23.11 -50.34 2.60
CA THR N 199 22.19 -50.68 3.68
C THR N 199 22.35 -49.70 4.83
N MET N 200 23.56 -49.21 5.07
CA MET N 200 23.75 -48.22 6.12
C MET N 200 23.20 -46.86 5.69
N THR N 201 23.21 -46.59 4.38
CA THR N 201 22.46 -45.49 3.81
C THR N 201 20.97 -45.59 4.15
N LEU N 202 20.38 -46.77 3.96
CA LEU N 202 18.95 -46.92 4.27
C LEU N 202 18.68 -46.85 5.76
N LEU N 203 19.61 -47.34 6.57
CA LEU N 203 19.48 -47.23 8.03
C LEU N 203 19.51 -45.78 8.47
N ASN N 204 20.45 -45.00 7.93
CA ASN N 204 20.54 -43.59 8.28
C ASN N 204 19.32 -42.83 7.79
N LEU N 205 18.80 -43.19 6.62
CA LEU N 205 17.61 -42.53 6.09
C LEU N 205 16.38 -42.82 6.95
N ILE N 206 16.22 -44.07 7.41
CA ILE N 206 15.05 -44.41 8.21
C ILE N 206 15.12 -43.78 9.60
N ILE N 207 16.29 -43.85 10.25
CA ILE N 207 16.43 -43.25 11.58
C ILE N 207 16.31 -41.74 11.50
N TYR N 208 16.85 -41.12 10.44
CA TYR N 208 16.72 -39.68 10.26
C TYR N 208 15.26 -39.28 10.02
N ILE N 209 14.51 -40.08 9.27
CA ILE N 209 13.10 -39.76 9.04
C ILE N 209 12.30 -39.88 10.33
N ILE N 210 12.60 -40.88 11.15
CA ILE N 210 11.91 -41.03 12.44
C ILE N 210 12.21 -39.85 13.37
N MET N 211 13.47 -39.43 13.44
CA MET N 211 13.83 -38.33 14.35
C MET N 211 13.31 -36.99 13.83
N THR N 212 13.34 -36.80 12.51
CA THR N 212 12.83 -35.57 11.90
C THR N 212 11.33 -35.45 12.06
N SER N 213 10.62 -36.58 11.92
CA SER N 213 9.19 -36.55 12.08
C SER N 213 8.79 -36.36 13.53
N THR N 214 9.60 -36.86 14.46
CA THR N 214 9.38 -36.58 15.87
C THR N 214 9.54 -35.09 16.16
N MET N 215 10.58 -34.47 15.60
CA MET N 215 10.83 -33.05 15.85
C MET N 215 9.76 -32.16 15.22
N PHE N 216 9.36 -32.46 13.97
CA PHE N 216 8.31 -31.66 13.35
C PHE N 216 6.95 -31.90 13.99
N THR N 217 6.69 -33.11 14.50
CA THR N 217 5.43 -33.37 15.17
C THR N 217 5.36 -32.65 16.50
N LEU N 218 6.49 -32.57 17.20
CA LEU N 218 6.55 -31.79 18.43
C LEU N 218 6.45 -30.29 18.18
N PHE N 219 7.03 -29.82 17.06
CA PHE N 219 6.91 -28.41 16.72
C PHE N 219 5.49 -28.05 16.31
N MET N 220 4.76 -28.98 15.70
CA MET N 220 3.36 -28.74 15.40
C MET N 220 2.51 -28.81 16.67
N ALA N 221 2.85 -29.73 17.57
CA ALA N 221 2.09 -29.90 18.80
C ALA N 221 2.27 -28.75 19.77
N ASN N 222 3.39 -28.02 19.69
CA ASN N 222 3.58 -26.88 20.57
C ASN N 222 3.33 -25.53 19.91
N SER N 223 3.08 -25.52 18.60
CA SER N 223 2.88 -24.31 17.80
C SER N 223 4.07 -23.36 17.92
N THR N 224 5.27 -23.92 17.84
CA THR N 224 6.50 -23.18 18.00
C THR N 224 7.29 -23.25 16.70
N THR N 225 7.69 -22.09 16.19
CA THR N 225 8.53 -22.03 15.00
C THR N 225 9.89 -21.43 15.24
N THR N 226 10.13 -20.85 16.42
CA THR N 226 11.43 -20.28 16.77
C THR N 226 11.91 -20.89 18.06
N THR N 227 13.22 -20.69 18.33
CA THR N 227 13.80 -21.10 19.60
C THR N 227 13.17 -20.36 20.76
N LEU N 228 12.98 -19.05 20.58
CA LEU N 228 12.44 -18.16 21.61
C LEU N 228 11.01 -18.54 21.98
N SER N 229 10.24 -19.05 21.02
CA SER N 229 8.89 -19.52 21.30
C SER N 229 8.86 -20.97 21.75
N LEU N 230 9.87 -21.75 21.38
CA LEU N 230 9.99 -23.11 21.93
C LEU N 230 10.32 -23.08 23.41
N SER N 231 10.96 -22.01 23.88
CA SER N 231 11.36 -21.91 25.28
C SER N 231 10.22 -21.57 26.24
N HIS N 232 8.99 -21.38 25.77
CA HIS N 232 7.84 -21.19 26.64
C HIS N 232 7.10 -22.48 26.92
N THR N 233 7.67 -23.63 26.54
CA THR N 233 6.92 -24.87 26.55
C THR N 233 6.83 -25.47 27.95
N TRP N 234 7.82 -25.19 28.79
CA TRP N 234 7.87 -25.74 30.14
C TRP N 234 6.73 -25.23 31.02
N ASN N 235 6.28 -24.00 30.78
CA ASN N 235 5.17 -23.44 31.54
C ASN N 235 3.83 -23.83 30.93
N LYS N 236 3.84 -24.42 29.73
CA LYS N 236 2.61 -24.77 29.03
C LYS N 236 2.40 -26.27 29.00
N ALA N 237 3.35 -27.03 28.45
CA ALA N 237 3.26 -28.49 28.39
C ALA N 237 4.63 -29.04 28.80
N PRO N 238 4.77 -29.46 30.06
CA PRO N 238 6.11 -29.83 30.55
C PRO N 238 6.64 -31.15 30.01
N ILE N 239 5.77 -32.08 29.60
CA ILE N 239 6.25 -33.34 29.02
C ILE N 239 6.89 -33.08 27.66
N MET N 240 6.42 -32.06 26.93
CA MET N 240 7.04 -31.64 25.68
C MET N 240 8.42 -31.05 25.86
N THR N 241 8.77 -30.60 27.06
CA THR N 241 10.07 -29.98 27.29
C THR N 241 11.18 -31.00 27.22
N ILE N 242 10.91 -32.23 27.65
CA ILE N 242 11.95 -33.23 27.67
C ILE N 242 11.97 -34.01 26.36
N LEU N 243 10.79 -34.21 25.74
CA LEU N 243 10.72 -35.07 24.55
C LEU N 243 11.41 -34.42 23.35
N VAL N 244 11.15 -33.12 23.13
CA VAL N 244 11.82 -32.34 22.07
C VAL N 244 13.32 -32.43 22.22
N LEU N 245 13.79 -32.34 23.45
CA LEU N 245 15.21 -32.12 23.65
C LEU N 245 16.00 -33.41 23.75
N ILE N 246 15.41 -34.51 24.22
CA ILE N 246 16.16 -35.75 24.11
C ILE N 246 15.99 -36.40 22.75
N THR N 247 14.93 -36.06 21.99
CA THR N 247 14.92 -36.34 20.56
C THR N 247 15.99 -35.53 19.83
N LEU N 248 16.20 -34.28 20.25
CA LEU N 248 17.24 -33.48 19.63
C LEU N 248 18.63 -33.91 20.05
N LEU N 249 18.77 -34.53 21.23
CA LEU N 249 20.02 -35.21 21.56
C LEU N 249 20.22 -36.47 20.73
N SER N 250 19.12 -37.10 20.31
CA SER N 250 19.24 -38.20 19.36
C SER N 250 19.71 -37.71 18.00
N MET N 251 19.18 -36.56 17.53
CA MET N 251 19.37 -36.18 16.13
C MET N 251 20.81 -35.82 15.80
N GLY N 252 21.53 -35.24 16.75
CA GLY N 252 22.93 -34.97 16.51
C GLY N 252 23.75 -36.23 16.42
N GLY N 253 23.33 -37.27 17.13
CA GLY N 253 24.04 -38.53 17.14
C GLY N 253 24.84 -38.58 18.42
N LEU N 254 24.29 -39.23 19.42
CA LEU N 254 24.86 -39.24 20.75
C LEU N 254 24.32 -40.44 21.51
N PRO N 255 25.18 -41.33 21.99
CA PRO N 255 24.72 -42.56 22.62
C PRO N 255 24.15 -42.27 24.00
N PRO N 256 23.29 -43.16 24.54
CA PRO N 256 22.80 -44.45 24.05
C PRO N 256 21.56 -44.33 23.16
N LEU N 257 21.37 -43.17 22.55
CA LEU N 257 20.18 -42.91 21.77
C LEU N 257 20.35 -43.48 20.36
N SER N 258 19.21 -43.64 19.68
CA SER N 258 19.21 -44.34 18.40
C SER N 258 19.78 -43.51 17.25
N GLY N 259 19.96 -42.21 17.43
CA GLY N 259 20.63 -41.43 16.41
C GLY N 259 22.12 -41.58 16.36
N PHE N 260 22.70 -42.26 17.36
CA PHE N 260 24.10 -42.64 17.30
C PHE N 260 24.32 -43.87 16.44
N MET N 261 23.30 -44.74 16.35
CA MET N 261 23.32 -45.92 15.48
C MET N 261 23.73 -45.67 14.03
N PRO N 262 23.12 -44.67 13.26
CA PRO N 262 23.53 -44.53 11.85
C PRO N 262 24.96 -44.09 11.67
N LYS N 263 25.39 -43.06 12.42
CA LYS N 263 26.73 -42.54 12.27
C LYS N 263 27.78 -43.55 12.70
N TRP N 264 27.47 -44.34 13.73
CA TRP N 264 28.39 -45.39 14.16
C TRP N 264 28.48 -46.52 13.14
N MET N 265 27.36 -46.92 12.54
CA MET N 265 27.43 -47.93 11.49
C MET N 265 28.11 -47.43 10.22
N ILE N 266 27.98 -46.13 9.93
CA ILE N 266 28.67 -45.55 8.78
C ILE N 266 30.17 -45.50 9.00
N ILE N 267 30.60 -45.06 10.19
CA ILE N 267 32.02 -45.10 10.55
C ILE N 267 32.54 -46.53 10.52
N GLN N 268 31.71 -47.48 10.94
CA GLN N 268 32.08 -48.88 10.99
C GLN N 268 32.25 -49.48 9.59
N GLU N 269 31.39 -49.11 8.64
CA GLU N 269 31.49 -49.65 7.29
C GLU N 269 32.44 -48.87 6.40
N MET N 270 32.88 -47.69 6.82
CA MET N 270 33.89 -47.00 6.03
C MET N 270 35.30 -47.32 6.46
N THR N 271 35.49 -47.85 7.67
CA THR N 271 36.81 -48.28 8.12
C THR N 271 37.10 -49.73 7.75
N LYS N 272 36.10 -50.48 7.31
CA LYS N 272 36.37 -51.74 6.63
C LYS N 272 37.10 -51.50 5.33
N ASN N 273 36.76 -50.41 4.65
CA ASN N 273 37.29 -50.05 3.36
C ASN N 273 38.53 -49.18 3.46
N ASP N 274 39.23 -49.24 4.59
CA ASP N 274 40.52 -48.58 4.84
C ASP N 274 40.44 -47.06 4.70
N SER N 275 39.29 -46.47 5.05
CA SER N 275 39.16 -45.02 5.14
C SER N 275 39.07 -44.66 6.62
N ILE N 276 40.11 -44.00 7.12
CA ILE N 276 40.21 -43.67 8.53
C ILE N 276 40.10 -42.16 8.76
N ILE N 277 40.70 -41.37 7.86
CA ILE N 277 40.65 -39.91 7.96
C ILE N 277 39.22 -39.43 7.78
N LEU N 278 38.49 -40.03 6.84
CA LEU N 278 37.22 -39.46 6.41
C LEU N 278 36.10 -39.62 7.45
N PRO N 279 35.84 -40.81 8.05
CA PRO N 279 34.81 -40.84 9.10
C PRO N 279 35.19 -40.07 10.34
N THR N 280 36.49 -39.95 10.63
CA THR N 280 36.95 -39.13 11.74
C THR N 280 36.60 -37.66 11.54
N LEU N 281 36.92 -37.11 10.36
CA LEU N 281 36.64 -35.69 10.13
C LEU N 281 35.14 -35.42 9.97
N MET N 282 34.41 -36.35 9.35
CA MET N 282 32.96 -36.18 9.25
C MET N 282 32.29 -36.22 10.62
N ALA N 283 32.78 -37.07 11.52
CA ALA N 283 32.15 -37.10 12.82
C ALA N 283 32.64 -36.00 13.75
N ILE N 284 33.81 -35.41 13.49
CA ILE N 284 34.17 -34.15 14.17
C ILE N 284 33.23 -33.03 13.76
N THR N 285 32.88 -32.96 12.47
CA THR N 285 31.88 -31.97 12.05
C THR N 285 30.48 -32.30 12.59
N ALA N 286 30.19 -33.59 12.80
CA ALA N 286 28.98 -33.93 13.53
C ALA N 286 29.03 -33.48 14.99
N LEU N 287 30.23 -33.45 15.59
CA LEU N 287 30.35 -32.89 16.93
C LEU N 287 30.14 -31.37 16.91
N LEU N 288 30.44 -30.72 15.79
CA LEU N 288 30.12 -29.31 15.63
C LEU N 288 28.60 -29.09 15.57
N ASN N 289 27.89 -30.00 14.89
CA ASN N 289 26.42 -30.05 14.99
C ASN N 289 25.95 -30.25 16.44
N LEU N 290 26.60 -31.15 17.18
CA LEU N 290 26.29 -31.35 18.59
C LEU N 290 26.50 -30.08 19.41
N TYR N 291 27.57 -29.34 19.11
CA TYR N 291 27.89 -28.09 19.76
C TYR N 291 26.73 -27.10 19.67
N PHE N 292 26.24 -26.88 18.44
CA PHE N 292 25.15 -25.92 18.30
C PHE N 292 23.82 -26.46 18.86
N TYR N 293 23.55 -27.75 18.68
CA TYR N 293 22.25 -28.25 19.09
C TYR N 293 22.19 -28.45 20.61
N MET N 294 23.34 -28.67 21.23
CA MET N 294 23.43 -28.69 22.68
C MET N 294 23.23 -27.31 23.27
N ARG N 295 23.71 -26.27 22.55
CA ARG N 295 23.37 -24.90 22.99
C ARG N 295 21.87 -24.64 22.93
N LEU N 296 21.19 -25.18 21.91
CA LEU N 296 19.72 -25.05 21.89
C LEU N 296 19.05 -25.83 23.03
N THR N 297 19.58 -27.02 23.36
CA THR N 297 19.05 -27.79 24.48
C THR N 297 19.19 -27.03 25.80
N TYR N 298 20.33 -26.36 25.98
CA TYR N 298 20.52 -25.48 27.14
C TYR N 298 19.50 -24.36 27.17
N SER N 299 19.25 -23.76 26.02
CA SER N 299 18.31 -22.64 25.97
C SER N 299 16.86 -23.07 26.22
N THR N 300 16.51 -24.34 25.96
CA THR N 300 15.11 -24.71 26.19
C THR N 300 14.85 -25.40 27.53
N ALA N 301 15.64 -26.41 27.95
CA ALA N 301 15.44 -26.96 29.29
C ALA N 301 16.44 -26.42 30.30
N LEU N 302 17.02 -25.26 30.02
CA LEU N 302 17.88 -24.52 30.93
C LEU N 302 17.69 -23.07 30.49
N THR N 303 18.71 -22.23 30.62
CA THR N 303 18.70 -20.86 31.11
C THR N 303 17.50 -20.01 30.70
N MET N 304 17.27 -19.75 29.42
CA MET N 304 16.28 -18.72 29.05
C MET N 304 14.85 -19.26 29.11
N PHE N 305 14.33 -19.31 30.34
CA PHE N 305 12.96 -19.70 30.66
C PHE N 305 11.80 -18.73 30.46
N PRO N 306 11.95 -17.38 30.63
CA PRO N 306 10.87 -16.57 31.23
C PRO N 306 9.55 -16.61 30.48
N SER N 307 8.46 -16.46 31.22
CA SER N 307 7.14 -16.69 30.68
C SER N 307 6.38 -15.37 30.51
N THR N 308 5.13 -15.49 30.09
CA THR N 308 4.20 -14.38 29.97
C THR N 308 2.96 -14.69 30.81
N ASN N 309 2.08 -13.69 30.95
CA ASN N 309 0.92 -13.86 31.81
C ASN N 309 -0.18 -14.69 31.16
N ASN N 310 -0.27 -14.68 29.84
CA ASN N 310 -1.36 -15.37 29.16
C ASN N 310 -1.17 -16.89 29.10
N MET N 311 -0.02 -17.38 29.55
CA MET N 311 0.12 -18.79 29.91
C MET N 311 -0.91 -19.21 30.95
N LYS N 312 -1.27 -18.31 31.88
CA LYS N 312 -2.31 -18.61 32.87
C LYS N 312 -3.65 -18.91 32.23
N MET N 313 -3.89 -18.40 31.03
CA MET N 313 -5.09 -18.71 30.28
C MET N 313 -4.93 -19.95 29.42
N LYS N 314 -3.73 -20.18 28.88
CA LYS N 314 -3.50 -21.42 28.15
C LYS N 314 -3.48 -22.65 29.05
N TRP N 315 -3.32 -22.47 30.37
CA TRP N 315 -3.32 -23.61 31.29
C TRP N 315 -4.69 -24.29 31.36
N GLN N 316 -5.76 -23.57 31.08
CA GLN N 316 -7.10 -24.10 31.23
C GLN N 316 -7.61 -24.83 29.99
N PHE N 317 -6.74 -25.08 29.01
CA PHE N 317 -7.14 -25.76 27.79
C PHE N 317 -6.13 -26.87 27.47
N PRO N 318 -6.59 -28.10 27.29
CA PRO N 318 -5.69 -29.15 26.83
C PRO N 318 -5.58 -29.14 25.30
N THR N 319 -4.60 -29.90 24.82
CA THR N 319 -4.34 -29.97 23.38
C THR N 319 -5.43 -30.79 22.70
N THR N 320 -5.90 -30.32 21.57
CA THR N 320 -6.76 -31.10 20.70
C THR N 320 -6.05 -31.53 19.42
N LYS N 321 -4.78 -31.16 19.27
CA LYS N 321 -4.02 -31.51 18.08
C LYS N 321 -3.74 -33.00 18.04
N ARG N 322 -4.02 -33.62 16.90
CA ARG N 322 -3.75 -35.04 16.73
C ARG N 322 -2.25 -35.23 16.61
N MET N 323 -1.60 -35.48 17.74
CA MET N 323 -0.16 -35.74 17.79
C MET N 323 0.08 -37.18 17.34
N THR N 324 -0.12 -37.40 16.04
CA THR N 324 -0.19 -38.75 15.49
C THR N 324 1.17 -39.40 15.49
N LEU N 325 1.24 -40.60 16.08
CA LEU N 325 2.43 -41.45 16.21
C LEU N 325 3.53 -40.81 17.05
N LEU N 326 3.24 -39.72 17.76
CA LEU N 326 4.27 -39.03 18.53
C LEU N 326 4.87 -39.84 19.67
N PRO N 327 4.12 -40.60 20.49
CA PRO N 327 4.82 -41.52 21.40
C PRO N 327 5.53 -42.66 20.69
N THR N 328 4.98 -43.17 19.59
CA THR N 328 5.66 -44.22 18.82
C THR N 328 6.95 -43.70 18.21
N MET N 329 6.89 -42.54 17.56
CA MET N 329 8.10 -41.94 16.98
C MET N 329 9.10 -41.51 18.04
N THR N 330 8.63 -41.14 19.23
CA THR N 330 9.56 -40.70 20.26
C THR N 330 10.25 -41.89 20.92
N VAL N 331 9.56 -43.03 21.03
CA VAL N 331 10.20 -44.23 21.54
C VAL N 331 11.14 -44.82 20.48
N LEU N 332 10.77 -44.74 19.20
CA LEU N 332 11.64 -45.27 18.15
C LEU N 332 12.88 -44.42 17.96
N SER N 333 12.80 -43.12 18.19
CA SER N 333 13.94 -42.24 17.95
C SER N 333 14.91 -42.20 19.11
N THR N 334 14.62 -42.86 20.23
CA THR N 334 15.49 -42.81 21.40
C THR N 334 15.99 -44.17 21.86
N MET N 335 15.10 -45.14 22.00
CA MET N 335 15.41 -46.41 22.65
C MET N 335 15.55 -47.55 21.65
N LEU N 336 16.16 -47.29 20.51
CA LEU N 336 16.27 -48.31 19.47
C LEU N 336 17.70 -48.81 19.28
N LEU N 337 18.67 -48.21 19.96
CA LEU N 337 20.05 -48.70 19.90
C LEU N 337 20.28 -50.12 20.43
N PRO N 338 19.60 -50.64 21.46
CA PRO N 338 19.75 -52.08 21.77
C PRO N 338 19.26 -53.01 20.66
N LEU N 339 18.41 -52.53 19.76
CA LEU N 339 17.94 -53.30 18.62
C LEU N 339 18.69 -52.92 17.35
N THR N 340 19.96 -52.57 17.46
CA THR N 340 20.75 -52.20 16.29
C THR N 340 20.93 -53.30 15.24
N PRO N 341 21.11 -54.62 15.58
CA PRO N 341 21.19 -55.60 14.47
C PRO N 341 19.88 -55.90 13.76
N ILE N 342 18.83 -55.12 13.99
CA ILE N 342 17.64 -55.17 13.16
C ILE N 342 17.89 -54.61 11.76
N LEU N 343 19.03 -53.93 11.54
CA LEU N 343 19.37 -53.31 10.27
C LEU N 343 19.53 -54.29 9.12
N SER N 344 19.63 -55.60 9.40
CA SER N 344 19.73 -56.58 8.33
C SER N 344 18.44 -56.73 7.55
N ILE N 345 17.30 -56.26 8.08
CA ILE N 345 16.05 -56.30 7.33
C ILE N 345 16.05 -55.33 6.14
N LEU N 346 17.01 -54.42 6.08
CA LEU N 346 17.15 -53.49 4.97
C LEU N 346 18.14 -53.98 3.92
N GLU N 347 18.71 -55.16 4.10
CA GLU N 347 19.70 -55.69 3.16
C GLU N 347 19.04 -56.11 1.85
N PRO O 87 58.07 -35.12 7.62
CA PRO O 87 56.93 -34.54 8.32
C PRO O 87 57.26 -33.18 8.93
N LEU O 88 58.45 -33.08 9.52
CA LEU O 88 58.93 -31.84 10.11
C LEU O 88 59.24 -30.78 9.06
N ASN O 89 59.49 -31.18 7.81
CA ASN O 89 59.79 -30.22 6.76
C ASN O 89 58.55 -29.42 6.38
N TYR O 90 57.42 -30.10 6.17
CA TYR O 90 56.17 -29.40 5.90
C TYR O 90 55.59 -28.77 7.16
N LEU O 91 56.00 -29.25 8.34
CA LEU O 91 55.55 -28.63 9.60
C LEU O 91 56.12 -27.23 9.76
N ILE O 92 57.30 -26.98 9.19
CA ILE O 92 57.85 -25.63 9.17
C ILE O 92 57.18 -24.81 8.08
N GLY O 93 57.05 -25.38 6.88
CA GLY O 93 56.56 -24.62 5.74
C GLY O 93 55.09 -24.27 5.81
N GLY O 94 54.30 -25.08 6.53
CA GLY O 94 52.93 -24.70 6.80
C GLY O 94 52.81 -23.62 7.85
N CYS O 95 53.71 -23.65 8.86
CA CYS O 95 53.75 -22.59 9.86
C CYS O 95 54.20 -21.26 9.26
N ALA O 96 55.16 -21.31 8.33
CA ALA O 96 55.58 -20.09 7.64
C ALA O 96 54.51 -19.62 6.66
N GLY O 97 53.68 -20.53 6.17
CA GLY O 97 52.51 -20.13 5.40
C GLY O 97 51.47 -19.41 6.25
N GLY O 98 51.41 -19.73 7.53
CA GLY O 98 50.53 -19.01 8.43
C GLY O 98 51.01 -17.62 8.74
N LEU O 99 52.33 -17.41 8.72
CA LEU O 99 52.87 -16.08 8.95
C LEU O 99 52.72 -15.18 7.73
N THR O 100 52.49 -15.75 6.54
CA THR O 100 52.09 -14.99 5.38
C THR O 100 50.61 -15.20 5.03
N LEU O 101 49.81 -15.68 5.99
CA LEU O 101 48.38 -15.82 5.76
C LEU O 101 47.68 -14.49 5.85
N GLY O 102 48.01 -13.69 6.85
CA GLY O 102 47.42 -12.37 7.02
C GLY O 102 48.16 -11.54 8.05
N ILE O 110 46.06 -15.18 14.24
CA ILE O 110 45.92 -15.92 12.99
C ILE O 110 47.33 -16.23 12.48
N GLY O 111 48.32 -15.58 13.07
CA GLY O 111 49.71 -15.80 12.70
C GLY O 111 50.26 -17.08 13.29
N ALA O 112 50.32 -17.16 14.62
CA ALA O 112 50.71 -18.40 15.29
C ALA O 112 49.53 -19.35 15.48
N ALA O 113 48.31 -18.91 15.18
CA ALA O 113 47.16 -19.82 15.22
C ALA O 113 47.20 -20.75 14.01
N ALA O 114 47.45 -20.20 12.82
CA ALA O 114 47.59 -21.02 11.63
C ALA O 114 48.90 -21.80 11.61
N CYS O 115 49.88 -21.39 12.42
CA CYS O 115 51.11 -22.15 12.57
C CYS O 115 50.84 -23.52 13.18
N ALA O 116 49.91 -23.60 14.14
CA ALA O 116 49.48 -24.87 14.68
C ALA O 116 48.37 -25.51 13.85
N TYR O 117 47.93 -24.87 12.77
CA TYR O 117 46.84 -25.38 11.94
C TYR O 117 47.30 -25.76 10.53
N MET O 118 47.98 -24.84 9.83
CA MET O 118 48.44 -25.13 8.48
C MET O 118 49.62 -26.09 8.48
N GLY O 119 50.56 -25.92 9.41
CA GLY O 119 51.67 -26.85 9.52
C GLY O 119 51.25 -28.21 10.04
N LEU O 120 50.20 -28.24 10.86
CA LEU O 120 49.68 -29.52 11.35
C LEU O 120 48.88 -30.23 10.27
N THR O 121 48.32 -29.48 9.32
CA THR O 121 47.66 -30.10 8.18
C THR O 121 48.69 -30.52 7.13
N ALA O 122 49.75 -29.71 6.97
CA ALA O 122 50.82 -30.06 6.04
C ALA O 122 51.65 -31.23 6.55
N ALA O 123 51.71 -31.43 7.87
CA ALA O 123 52.42 -32.58 8.41
C ALA O 123 51.70 -33.87 8.07
N LEU O 124 50.36 -33.84 8.04
CA LEU O 124 49.58 -35.02 7.69
C LEU O 124 49.73 -35.41 6.22
N VAL O 125 50.10 -34.48 5.36
CA VAL O 125 50.25 -34.76 3.93
C VAL O 125 51.49 -35.62 3.70
N LYS O 126 52.61 -35.26 4.32
CA LYS O 126 53.85 -36.03 4.15
C LYS O 126 53.76 -37.37 4.84
N MET O 127 53.07 -37.43 6.00
CA MET O 127 52.84 -38.71 6.66
C MET O 127 51.89 -39.59 5.86
N GLY O 128 50.93 -39.00 5.16
CA GLY O 128 50.08 -39.77 4.28
C GLY O 128 50.82 -40.29 3.06
N GLN O 129 51.75 -39.50 2.55
CA GLN O 129 52.61 -39.97 1.45
C GLN O 129 53.54 -41.07 1.93
N LEU O 130 53.96 -41.03 3.20
CA LEU O 130 54.79 -42.10 3.76
C LEU O 130 53.99 -43.38 3.92
N GLU O 131 52.91 -43.36 4.71
CA GLU O 131 52.21 -44.59 5.06
C GLU O 131 50.93 -44.81 4.27
N GLY O 132 50.80 -44.19 3.09
CA GLY O 132 49.74 -44.54 2.15
C GLY O 132 48.33 -44.22 2.59
N TRP O 133 48.08 -43.03 3.11
CA TRP O 133 46.79 -42.71 3.70
C TRP O 133 45.84 -42.21 2.62
N LYS O 134 44.68 -42.87 2.52
CA LYS O 134 43.68 -42.52 1.52
C LYS O 134 42.48 -41.89 2.21
N VAL O 135 42.17 -40.65 1.85
CA VAL O 135 40.98 -40.00 2.35
C VAL O 135 39.76 -40.32 1.47
N PHE O 136 39.96 -40.43 0.15
CA PHE O 136 38.91 -40.87 -0.77
C PHE O 136 39.18 -42.32 -1.11
N ALA O 137 38.86 -43.21 -0.18
CA ALA O 137 39.28 -44.61 -0.30
C ALA O 137 38.36 -45.40 -1.21
N GLU O 138 38.97 -46.22 -2.06
CA GLU O 138 38.23 -47.06 -2.99
C GLU O 138 37.48 -48.15 -2.24
N PRO O 139 36.21 -48.40 -2.58
CA PRO O 139 35.45 -49.46 -1.89
C PRO O 139 36.02 -50.83 -2.23
N LYS O 140 36.30 -51.61 -1.19
CA LYS O 140 36.92 -52.91 -1.38
C LYS O 140 36.09 -54.09 -0.88
N VAL O 141 35.33 -53.94 0.21
CA VAL O 141 34.61 -55.08 0.78
C VAL O 141 33.12 -55.02 0.49
N GLY P 51 31.99 -20.85 94.26
CA GLY P 51 31.07 -19.74 94.14
C GLY P 51 31.33 -18.88 92.93
N LYS P 52 30.45 -17.90 92.71
CA LYS P 52 30.44 -16.93 91.59
C LYS P 52 30.75 -17.58 90.23
N ARG P 53 30.06 -18.70 89.99
CA ARG P 53 30.30 -19.48 88.78
C ARG P 53 29.78 -18.75 87.55
N LEU P 54 30.49 -18.90 86.43
CA LEU P 54 30.24 -18.16 85.21
C LEU P 54 29.72 -19.08 84.12
N PHE P 55 28.72 -18.60 83.38
CA PHE P 55 28.16 -19.38 82.29
C PHE P 55 29.09 -19.35 81.10
N ILE P 56 29.34 -20.52 80.51
CA ILE P 56 30.28 -20.66 79.41
C ILE P 56 29.47 -20.83 78.13
N ILE P 57 29.58 -19.87 77.22
CA ILE P 57 28.90 -19.96 75.93
C ILE P 57 29.67 -20.94 75.05
N LYS P 58 29.00 -22.01 74.65
CA LYS P 58 29.54 -23.02 73.76
C LYS P 58 28.45 -23.43 72.81
N PRO P 59 28.78 -23.94 71.62
CA PRO P 59 27.74 -24.37 70.68
C PRO P 59 27.01 -25.61 71.18
N SER P 60 25.96 -25.95 70.43
CA SER P 60 25.05 -27.02 70.81
C SER P 60 25.76 -28.36 70.75
N GLY P 61 26.03 -28.93 71.92
CA GLY P 61 26.60 -30.25 72.03
C GLY P 61 25.59 -31.37 72.08
N PHE P 62 24.30 -31.08 71.87
CA PHE P 62 23.30 -32.14 71.88
C PHE P 62 23.37 -32.97 70.61
N TYR P 63 23.52 -32.33 69.45
CA TYR P 63 23.32 -33.02 68.20
C TYR P 63 24.50 -33.91 67.83
N ASP P 64 25.72 -33.46 68.12
CA ASP P 64 26.91 -34.29 67.91
C ASP P 64 26.89 -35.51 68.83
N LYS P 65 26.53 -35.30 70.10
CA LYS P 65 26.43 -36.42 71.04
C LYS P 65 25.33 -37.39 70.64
N ARG P 66 24.21 -36.87 70.14
CA ARG P 66 23.11 -37.73 69.69
C ARG P 66 23.52 -38.55 68.47
N PHE P 67 24.26 -37.94 67.54
CA PHE P 67 24.79 -38.69 66.41
C PHE P 67 25.75 -39.78 66.84
N LEU P 68 26.65 -39.48 67.79
CA LEU P 68 27.64 -40.49 68.16
C LEU P 68 27.01 -41.61 68.98
N LYS P 69 25.97 -41.29 69.76
CA LYS P 69 25.19 -42.33 70.44
C LYS P 69 24.51 -43.25 69.43
N LEU P 70 23.86 -42.66 68.41
CA LEU P 70 23.23 -43.46 67.38
C LEU P 70 24.25 -44.24 66.55
N LEU P 71 25.42 -43.66 66.31
CA LEU P 71 26.45 -44.31 65.53
C LEU P 71 26.99 -45.54 66.24
N ARG P 72 27.35 -45.40 67.52
CA ARG P 72 27.80 -46.53 68.32
C ARG P 72 26.70 -47.57 68.49
N PHE P 73 25.44 -47.13 68.63
CA PHE P 73 24.33 -48.06 68.80
C PHE P 73 24.09 -48.89 67.55
N TYR P 74 23.97 -48.24 66.39
CA TYR P 74 23.69 -48.99 65.17
C TYR P 74 24.89 -49.74 64.64
N ILE P 75 26.12 -49.39 65.04
CA ILE P 75 27.22 -50.29 64.78
C ILE P 75 27.11 -51.53 65.65
N LEU P 76 26.95 -51.35 66.96
CA LEU P 76 26.97 -52.49 67.88
C LEU P 76 25.75 -53.38 67.78
N LEU P 77 24.64 -52.89 67.20
CA LEU P 77 23.40 -53.64 67.11
C LEU P 77 23.54 -54.90 66.27
N THR P 78 24.38 -54.88 65.25
CA THR P 78 24.80 -56.12 64.62
C THR P 78 26.27 -56.45 64.86
N GLY P 79 27.04 -55.55 65.48
CA GLY P 79 28.41 -55.88 65.79
C GLY P 79 28.52 -56.92 66.90
N ILE P 80 27.76 -56.74 67.98
CA ILE P 80 27.77 -57.67 69.10
C ILE P 80 27.19 -59.04 68.71
N PRO P 81 26.10 -59.16 67.91
CA PRO P 81 25.77 -60.50 67.38
C PRO P 81 26.84 -61.11 66.49
N VAL P 82 27.52 -60.31 65.66
CA VAL P 82 28.57 -60.87 64.79
C VAL P 82 29.77 -61.32 65.61
N VAL P 83 30.18 -60.55 66.62
CA VAL P 83 31.34 -60.93 67.43
C VAL P 83 31.02 -62.15 68.30
N ILE P 84 29.81 -62.18 68.88
CA ILE P 84 29.41 -63.36 69.66
C ILE P 84 29.27 -64.58 68.76
N GLY P 85 28.76 -64.40 67.54
CA GLY P 85 28.66 -65.51 66.61
C GLY P 85 30.01 -66.04 66.15
N ILE P 86 30.95 -65.14 65.86
CA ILE P 86 32.30 -65.52 65.48
C ILE P 86 33.01 -66.25 66.62
N THR P 87 32.80 -65.79 67.86
CA THR P 87 33.41 -66.46 69.01
C THR P 87 32.82 -67.85 69.23
N LEU P 88 31.49 -67.97 69.13
CA LEU P 88 30.85 -69.27 69.31
C LEU P 88 31.21 -70.24 68.19
N ILE P 89 31.34 -69.76 66.96
CA ILE P 89 31.76 -70.62 65.85
C ILE P 89 33.20 -71.10 66.04
N ASN P 90 34.11 -70.18 66.34
CA ASN P 90 35.52 -70.55 66.48
C ASN P 90 35.77 -71.42 67.70
N VAL P 91 34.94 -71.31 68.75
CA VAL P 91 35.07 -72.22 69.88
C VAL P 91 34.44 -73.58 69.57
N PHE P 92 33.14 -73.60 69.24
CA PHE P 92 32.42 -74.86 69.19
C PHE P 92 32.52 -75.55 67.83
N ILE P 93 32.23 -74.83 66.74
CA ILE P 93 32.30 -75.45 65.42
C ILE P 93 33.75 -75.63 65.01
N GLY P 94 34.59 -74.64 65.28
CA GLY P 94 36.02 -74.82 65.27
C GLY P 94 36.66 -74.70 63.89
N GLU P 95 37.97 -74.50 63.93
CA GLU P 95 38.79 -74.33 62.74
C GLU P 95 39.16 -75.70 62.18
N ALA P 96 39.10 -75.82 60.85
CA ALA P 96 39.35 -77.11 60.22
C ALA P 96 40.84 -77.43 60.20
N GLU P 97 41.14 -78.70 59.95
CA GLU P 97 42.50 -79.22 59.94
C GLU P 97 42.89 -79.61 58.52
N LEU P 98 44.14 -79.34 58.15
CA LEU P 98 44.62 -79.71 56.83
C LEU P 98 44.80 -81.21 56.75
N ALA P 99 44.26 -81.81 55.69
CA ALA P 99 44.40 -83.23 55.43
C ALA P 99 44.78 -83.46 53.97
N GLU P 100 45.49 -84.55 53.74
CA GLU P 100 45.78 -84.95 52.37
C GLU P 100 44.51 -85.50 51.74
N ILE P 101 44.38 -85.27 50.43
CA ILE P 101 43.23 -85.75 49.67
C ILE P 101 43.31 -87.26 49.56
N PRO P 102 42.29 -87.99 50.01
CA PRO P 102 42.33 -89.45 49.90
C PRO P 102 42.22 -89.90 48.45
N GLU P 103 42.68 -91.12 48.21
CA GLU P 103 42.76 -91.64 46.84
C GLU P 103 41.38 -91.99 46.34
N GLY P 104 40.92 -91.28 45.30
CA GLY P 104 39.63 -91.54 44.71
C GLY P 104 38.50 -90.65 45.18
N TYR P 105 38.79 -89.57 45.89
CA TYR P 105 37.78 -88.64 46.38
C TYR P 105 38.00 -87.26 45.77
N VAL P 106 36.94 -86.70 45.20
CA VAL P 106 36.97 -85.36 44.61
C VAL P 106 36.25 -84.42 45.57
N PRO P 107 36.95 -83.52 46.26
CA PRO P 107 36.28 -82.63 47.20
C PRO P 107 35.49 -81.54 46.48
N GLU P 108 34.49 -81.03 47.19
CA GLU P 108 33.77 -79.87 46.71
C GLU P 108 34.65 -78.63 46.80
N HIS P 109 34.22 -77.56 46.11
CA HIS P 109 35.03 -76.35 46.03
C HIS P 109 35.14 -75.65 47.38
N TRP P 110 34.11 -75.75 48.22
CA TRP P 110 34.11 -75.12 49.53
C TRP P 110 34.84 -75.94 50.58
N GLU P 111 35.33 -77.12 50.22
CA GLU P 111 36.07 -77.98 51.14
C GLU P 111 37.57 -77.75 51.07
N TYR P 112 38.03 -76.78 50.30
CA TYR P 112 39.44 -76.43 50.22
C TYR P 112 39.79 -75.24 51.10
N PHE P 113 38.84 -74.72 51.85
CA PHE P 113 39.05 -73.53 52.65
C PHE P 113 38.91 -73.87 54.11
N LYS P 114 39.60 -73.10 54.95
CA LYS P 114 39.83 -73.48 56.34
C LYS P 114 38.65 -73.14 57.24
N HIS P 115 38.35 -71.87 57.42
CA HIS P 115 37.46 -71.32 58.43
C HIS P 115 36.01 -71.61 58.08
N PRO P 116 35.14 -71.84 59.09
CA PRO P 116 33.73 -72.16 58.79
C PRO P 116 32.97 -71.06 58.07
N ILE P 117 33.26 -69.79 58.36
CA ILE P 117 32.58 -68.70 57.67
C ILE P 117 33.05 -68.62 56.23
N SER P 118 34.33 -68.91 55.98
CA SER P 118 34.83 -68.97 54.61
C SER P 118 34.23 -70.13 53.84
N ARG P 119 34.05 -71.28 54.49
CA ARG P 119 33.41 -72.42 53.85
C ARG P 119 31.95 -72.13 53.56
N TRP P 120 31.28 -71.39 54.45
CA TRP P 120 29.89 -71.01 54.23
C TRP P 120 29.76 -70.04 53.07
N ILE P 121 30.68 -69.08 52.97
CA ILE P 121 30.65 -68.11 51.87
C ILE P 121 30.94 -68.79 50.54
N ALA P 122 31.90 -69.73 50.51
CA ALA P 122 32.21 -70.42 49.27
C ALA P 122 31.12 -71.41 48.87
N ARG P 123 30.41 -72.00 49.84
CA ARG P 123 29.34 -72.93 49.52
C ARG P 123 28.06 -72.20 49.11
N THR P 124 27.78 -71.07 49.75
CA THR P 124 26.49 -70.41 49.62
C THR P 124 26.45 -69.45 48.44
N PHE P 125 27.49 -68.64 48.27
CA PHE P 125 27.45 -67.56 47.27
C PHE P 125 28.36 -67.79 46.08
N PHE P 126 29.57 -68.27 46.29
CA PHE P 126 30.59 -68.20 45.25
C PHE P 126 30.54 -69.42 44.33
N ASP P 127 30.81 -69.17 43.06
CA ASP P 127 30.94 -70.25 42.09
C ASP P 127 32.24 -71.02 42.32
N ALA P 128 32.24 -72.27 41.89
CA ALA P 128 33.46 -73.06 41.92
C ALA P 128 34.46 -72.51 40.89
N PRO P 129 35.76 -72.67 41.14
CA PRO P 129 36.74 -72.32 40.11
C PRO P 129 36.64 -73.19 38.86
N GLU P 130 36.13 -74.41 38.99
CA GLU P 130 35.78 -75.21 37.82
C GLU P 130 34.73 -74.53 36.97
N LYS P 131 33.70 -73.97 37.62
CA LYS P 131 32.61 -73.34 36.89
C LYS P 131 33.08 -72.11 36.13
N ASN P 132 33.80 -71.20 36.82
CA ASN P 132 34.36 -70.02 36.18
C ASN P 132 35.36 -70.40 35.09
N TYR P 133 36.16 -71.43 35.34
CA TYR P 133 37.21 -71.83 34.41
C TYR P 133 36.64 -72.38 33.10
N GLU P 134 35.75 -73.36 33.21
CA GLU P 134 35.18 -73.98 32.03
C GLU P 134 34.17 -73.07 31.35
N ARG P 135 33.51 -72.20 32.12
CA ARG P 135 32.66 -71.19 31.53
C ARG P 135 33.48 -70.16 30.75
N THR P 136 34.67 -69.82 31.25
CA THR P 136 35.58 -68.95 30.52
C THR P 136 36.04 -69.61 29.23
N MET P 137 36.32 -70.91 29.27
CA MET P 137 36.69 -71.62 28.05
C MET P 137 35.56 -71.63 27.03
N ALA P 138 34.31 -71.77 27.50
CA ALA P 138 33.16 -71.70 26.60
C ALA P 138 33.02 -70.32 25.97
N ILE P 139 33.17 -69.26 26.77
CA ILE P 139 33.13 -67.89 26.29
C ILE P 139 34.22 -67.63 25.27
N LEU P 140 35.45 -68.11 25.55
CA LEU P 140 36.56 -67.89 24.64
C LEU P 140 36.38 -68.63 23.32
N GLN P 141 35.78 -69.83 23.36
CA GLN P 141 35.50 -70.55 22.12
C GLN P 141 34.48 -69.81 21.27
N ILE P 142 33.37 -69.37 21.90
CA ILE P 142 32.32 -68.68 21.17
C ILE P 142 32.82 -67.36 20.58
N GLU P 143 33.60 -66.60 21.36
CA GLU P 143 34.06 -65.30 20.90
C GLU P 143 35.18 -65.42 19.86
N SER P 144 36.05 -66.44 19.97
CA SER P 144 37.08 -66.62 18.95
C SER P 144 36.48 -67.12 17.65
N GLU P 145 35.45 -67.96 17.73
CA GLU P 145 34.75 -68.39 16.52
C GLU P 145 34.04 -67.24 15.84
N LYS P 146 33.41 -66.35 16.63
CA LYS P 146 32.79 -65.16 16.04
C LYS P 146 33.84 -64.24 15.40
N ALA P 147 35.02 -64.14 16.02
CA ALA P 147 36.05 -63.28 15.45
C ALA P 147 36.61 -63.82 14.14
N GLU P 148 36.79 -65.15 14.07
CA GLU P 148 37.26 -65.75 12.82
C GLU P 148 36.20 -65.67 11.73
N LEU P 149 34.92 -65.78 12.11
CA LEU P 149 33.85 -65.60 11.13
C LEU P 149 33.78 -64.16 10.64
N ARG P 150 34.08 -63.17 11.50
CA ARG P 150 34.10 -61.78 11.05
C ARG P 150 35.24 -61.52 10.08
N LEU P 151 36.41 -62.12 10.34
CA LEU P 151 37.53 -61.97 9.41
C LEU P 151 37.26 -62.64 8.07
N LYS P 152 36.63 -63.83 8.11
CA LYS P 152 36.21 -64.48 6.87
C LYS P 152 35.15 -63.66 6.13
N GLU P 153 34.28 -62.98 6.86
CA GLU P 153 33.25 -62.14 6.24
C GLU P 153 33.87 -60.96 5.51
N LEU P 154 34.90 -60.36 6.11
CA LEU P 154 35.63 -59.28 5.44
C LEU P 154 36.32 -59.78 4.17
N GLU P 155 36.96 -60.94 4.24
CA GLU P 155 37.68 -61.44 3.08
C GLU P 155 36.74 -61.89 1.96
N VAL P 156 35.62 -62.51 2.32
CA VAL P 156 34.57 -62.88 1.38
C VAL P 156 34.01 -61.64 0.68
N ARG P 157 33.74 -60.57 1.43
CA ARG P 157 33.24 -59.34 0.81
C ARG P 157 34.26 -58.71 -0.12
N ARG P 158 35.54 -58.77 0.24
CA ARG P 158 36.57 -58.21 -0.64
C ARG P 158 36.66 -58.97 -1.95
N LEU P 159 36.63 -60.31 -1.88
CA LEU P 159 36.76 -61.12 -3.09
C LEU P 159 35.50 -61.06 -3.95
N MET P 160 34.33 -61.00 -3.33
CA MET P 160 33.09 -60.88 -4.10
C MET P 160 32.94 -59.50 -4.73
N ARG P 161 33.45 -58.44 -4.10
CA ARG P 161 33.40 -57.15 -4.77
C ARG P 161 34.41 -57.09 -5.91
N ALA P 162 35.58 -57.73 -5.73
CA ALA P 162 36.61 -57.68 -6.76
C ALA P 162 36.22 -58.49 -7.98
N LYS P 163 35.74 -59.72 -7.79
CA LYS P 163 35.49 -60.61 -8.92
C LYS P 163 34.04 -60.62 -9.37
N GLY P 164 33.09 -60.39 -8.49
CA GLY P 164 31.69 -60.39 -8.88
C GLY P 164 31.10 -61.75 -9.16
N ASP P 165 31.75 -62.83 -8.74
CA ASP P 165 31.31 -64.18 -9.00
C ASP P 165 30.60 -64.83 -7.82
N GLY P 166 30.24 -64.04 -6.81
CA GLY P 166 29.50 -64.56 -5.68
C GLY P 166 28.04 -64.16 -5.77
N PRO P 167 27.23 -64.60 -4.80
CA PRO P 167 25.83 -64.14 -4.75
C PRO P 167 25.68 -62.69 -4.35
N TRP P 168 26.69 -62.07 -3.74
CA TRP P 168 26.58 -60.69 -3.33
C TRP P 168 27.13 -59.79 -4.43
N PHE P 169 26.79 -58.51 -4.35
CA PHE P 169 27.24 -57.46 -5.28
C PHE P 169 26.84 -57.74 -6.72
N GLN P 170 25.68 -58.36 -6.91
CA GLN P 170 25.20 -58.74 -8.24
C GLN P 170 24.24 -57.65 -8.70
N TYR P 171 24.78 -56.62 -9.30
CA TYR P 171 23.94 -55.54 -9.77
C TYR P 171 23.27 -55.95 -11.09
N PRO P 172 22.04 -55.52 -11.32
CA PRO P 172 21.27 -56.10 -12.43
C PRO P 172 21.74 -55.65 -13.79
N THR P 173 21.61 -56.56 -14.74
CA THR P 173 21.73 -56.30 -16.17
C THR P 173 20.34 -56.45 -16.79
N ILE P 174 20.28 -56.37 -18.11
CA ILE P 174 19.02 -56.43 -18.82
C ILE P 174 18.56 -57.87 -18.94
N ASP P 175 17.30 -58.12 -18.59
CA ASP P 175 16.69 -59.44 -18.76
C ASP P 175 16.59 -59.77 -20.24
N LYS P 176 17.09 -60.94 -20.64
CA LYS P 176 16.97 -61.37 -22.02
C LYS P 176 15.66 -62.09 -22.30
N ALA P 177 14.72 -62.09 -21.35
CA ALA P 177 13.35 -62.49 -21.62
C ALA P 177 12.51 -61.35 -22.16
N LEU P 178 13.12 -60.19 -22.39
CA LEU P 178 12.45 -59.08 -23.05
C LEU P 178 12.69 -59.07 -24.55
N ILE P 179 13.68 -59.83 -25.02
CA ILE P 179 14.06 -59.81 -26.43
C ILE P 179 13.00 -60.49 -27.27
N ASP P 180 12.55 -59.83 -28.32
CA ASP P 180 11.65 -60.41 -29.30
C ASP P 180 12.47 -61.22 -30.31
N HIS P 181 12.28 -62.54 -30.33
CA HIS P 181 12.96 -63.41 -31.26
C HIS P 181 12.11 -63.74 -32.48
N SER P 182 10.98 -63.06 -32.66
CA SER P 182 10.10 -63.29 -33.78
C SER P 182 10.74 -62.81 -35.07
N PRO P 183 10.36 -63.37 -36.23
CA PRO P 183 10.88 -62.88 -37.52
C PRO P 183 10.39 -61.47 -37.80
N LYS P 184 11.33 -60.53 -37.88
CA LYS P 184 11.01 -59.12 -37.97
C LYS P 184 10.59 -58.75 -39.39
N ALA P 185 10.45 -57.45 -39.63
CA ALA P 185 10.01 -56.97 -40.93
C ALA P 185 11.13 -56.95 -41.96
N THR P 186 12.37 -56.73 -41.53
CA THR P 186 13.54 -56.77 -42.41
C THR P 186 14.46 -57.89 -41.97
N PRO P 187 15.16 -58.55 -42.90
CA PRO P 187 15.91 -59.75 -42.53
C PRO P 187 17.25 -59.53 -41.83
N ASP P 188 17.96 -58.46 -42.17
CA ASP P 188 19.34 -58.27 -41.68
C ASP P 188 19.29 -57.69 -40.27
N ASN P 189 19.13 -58.58 -39.30
CA ASN P 189 19.13 -58.20 -37.88
C ASN P 189 19.43 -59.38 -36.95
N ASP Q 71 45.81 -19.54 89.91
CA ASP Q 71 46.28 -18.45 89.05
C ASP Q 71 45.22 -17.36 88.85
N ALA Q 72 45.71 -16.14 88.55
CA ALA Q 72 44.94 -14.99 88.06
C ALA Q 72 43.74 -14.65 88.94
N PRO Q 73 43.94 -14.00 90.09
CA PRO Q 73 42.81 -13.65 90.94
C PRO Q 73 41.96 -12.58 90.27
N PRO Q 74 40.65 -12.56 90.54
CA PRO Q 74 39.77 -11.64 89.81
C PRO Q 74 39.94 -10.21 90.27
N LEU Q 75 39.77 -9.28 89.33
CA LEU Q 75 39.86 -7.86 89.61
C LEU Q 75 38.47 -7.30 89.91
N THR Q 76 38.45 -6.25 90.73
CA THR Q 76 37.23 -5.50 91.03
C THR Q 76 37.49 -4.02 90.74
N LEU Q 77 36.41 -3.23 90.71
CA LEU Q 77 36.57 -1.78 90.59
C LEU Q 77 37.26 -1.19 91.82
N GLU Q 78 37.01 -1.78 92.99
CA GLU Q 78 37.70 -1.35 94.20
C GLU Q 78 39.18 -1.68 94.12
N GLY Q 79 39.53 -2.86 93.63
CA GLY Q 79 40.93 -3.24 93.52
C GLY Q 79 41.70 -2.44 92.48
N ILE Q 80 41.08 -2.23 91.30
CA ILE Q 80 41.69 -1.41 90.26
C ILE Q 80 41.84 0.03 90.73
N LYS Q 81 40.82 0.55 91.43
CA LYS Q 81 40.88 1.92 91.95
C LYS Q 81 41.97 2.08 92.99
N ASP Q 82 42.07 1.10 93.91
CA ASP Q 82 43.13 1.11 94.93
C ASP Q 82 44.51 1.05 94.31
N ARG Q 83 44.69 0.20 93.28
CA ARG Q 83 46.01 0.07 92.69
C ARG Q 83 46.39 1.25 91.81
N VAL Q 84 45.42 1.86 91.10
CA VAL Q 84 45.73 3.04 90.28
C VAL Q 84 46.06 4.23 91.16
N LEU Q 85 45.31 4.43 92.25
CA LEU Q 85 45.66 5.49 93.19
C LEU Q 85 46.95 5.16 93.94
N TYR Q 86 47.26 3.88 94.10
CA TYR Q 86 48.50 3.47 94.76
C TYR Q 86 49.70 3.81 93.89
N VAL Q 87 49.58 3.61 92.58
CA VAL Q 87 50.66 3.99 91.67
C VAL Q 87 50.77 5.50 91.61
N LEU Q 88 49.64 6.21 91.59
CA LEU Q 88 49.70 7.66 91.49
C LEU Q 88 50.06 8.35 92.81
N LYS Q 89 50.07 7.64 93.93
CA LYS Q 89 50.63 8.18 95.16
C LYS Q 89 52.11 7.88 95.31
N LEU Q 90 52.69 7.09 94.39
CA LEU Q 90 54.12 6.83 94.37
C LEU Q 90 54.82 7.62 93.29
N TYR Q 91 54.15 8.61 92.72
CA TYR Q 91 54.71 9.49 91.71
C TYR Q 91 54.93 10.85 92.35
N ASP Q 92 56.18 11.34 92.29
CA ASP Q 92 56.59 12.48 93.10
C ASP Q 92 55.96 13.79 92.66
N LYS Q 93 55.46 13.86 91.43
CA LYS Q 93 54.83 15.07 90.94
C LYS Q 93 53.36 15.19 91.35
N ILE Q 94 52.82 14.22 92.07
CA ILE Q 94 51.49 14.29 92.66
C ILE Q 94 51.64 14.14 94.16
N ASP Q 95 51.19 15.15 94.90
CA ASP Q 95 51.10 15.04 96.35
C ASP Q 95 49.90 14.18 96.73
N PRO Q 96 50.00 13.39 97.81
CA PRO Q 96 48.95 12.39 98.08
C PRO Q 96 47.64 12.95 98.64
N GLU Q 97 47.59 14.20 99.07
CA GLU Q 97 46.32 14.75 99.57
C GLU Q 97 45.48 15.41 98.48
N LYS Q 98 46.10 15.91 97.42
CA LYS Q 98 45.37 16.54 96.33
C LYS Q 98 44.80 15.52 95.34
N LEU Q 99 45.35 14.32 95.32
CA LEU Q 99 44.90 13.26 94.43
C LEU Q 99 43.53 12.74 94.87
N SER Q 100 42.64 12.56 93.90
CA SER Q 100 41.35 11.93 94.13
C SER Q 100 41.02 11.07 92.91
N VAL Q 101 39.81 10.51 92.90
CA VAL Q 101 39.41 9.64 91.81
C VAL Q 101 39.13 10.45 90.54
N ASN Q 102 38.73 11.71 90.68
CA ASN Q 102 38.37 12.55 89.55
C ASN Q 102 39.38 13.67 89.34
N SER Q 103 40.57 13.54 89.90
CA SER Q 103 41.61 14.56 89.76
C SER Q 103 42.15 14.54 88.34
N HIS Q 104 41.68 15.45 87.51
CA HIS Q 104 42.13 15.56 86.13
C HIS Q 104 43.61 15.94 86.08
N PHE Q 105 44.36 15.33 85.18
CA PHE Q 105 45.82 15.45 85.25
C PHE Q 105 46.31 16.79 84.76
N MET Q 106 45.68 17.36 83.74
CA MET Q 106 46.17 18.63 83.19
C MET Q 106 45.56 19.83 83.90
N LYS Q 107 44.21 19.88 83.98
CA LYS Q 107 43.55 21.04 84.57
C LYS Q 107 43.72 21.08 86.09
N ASP Q 108 43.53 19.95 86.76
CA ASP Q 108 43.51 19.97 88.22
C ASP Q 108 44.89 19.77 88.82
N LEU Q 109 45.59 18.70 88.44
CA LEU Q 109 46.82 18.30 89.10
C LEU Q 109 48.06 19.02 88.58
N GLY Q 110 47.93 19.81 87.52
CA GLY Q 110 49.06 20.58 87.02
C GLY Q 110 50.14 19.76 86.36
N LEU Q 111 49.80 18.61 85.81
CA LEU Q 111 50.77 17.74 85.16
C LEU Q 111 50.85 18.04 83.67
N ASP Q 112 51.88 17.48 83.05
CA ASP Q 112 52.15 17.68 81.63
C ASP Q 112 51.47 16.58 80.82
N SER Q 113 51.51 16.73 79.50
CA SER Q 113 51.07 15.64 78.62
C SER Q 113 52.03 14.46 78.68
N LEU Q 114 53.34 14.75 78.74
CA LEU Q 114 54.36 13.71 78.81
C LEU Q 114 54.26 12.93 80.13
N ASP Q 115 53.94 13.64 81.21
CA ASP Q 115 53.74 13.00 82.50
C ASP Q 115 52.51 12.12 82.50
N GLN Q 116 51.46 12.52 81.78
CA GLN Q 116 50.28 11.67 81.63
C GLN Q 116 50.60 10.42 80.82
N VAL Q 117 51.48 10.56 79.82
CA VAL Q 117 51.95 9.40 79.06
C VAL Q 117 52.72 8.43 79.96
N GLU Q 118 53.58 8.96 80.84
CA GLU Q 118 54.25 8.10 81.82
C GLU Q 118 53.28 7.49 82.82
N ILE Q 119 52.19 8.18 83.13
CA ILE Q 119 51.17 7.60 83.99
C ILE Q 119 50.50 6.41 83.31
N ILE Q 120 50.19 6.54 82.03
CA ILE Q 120 49.61 5.43 81.26
C ILE Q 120 50.58 4.26 81.18
N MET Q 121 51.87 4.56 80.99
CA MET Q 121 52.89 3.51 80.97
C MET Q 121 53.05 2.83 82.33
N ALA Q 122 52.89 3.58 83.42
CA ALA Q 122 52.89 2.97 84.75
C ALA Q 122 51.66 2.09 84.95
N MET Q 123 50.51 2.48 84.38
CA MET Q 123 49.33 1.62 84.43
C MET Q 123 49.57 0.32 83.65
N GLU Q 124 50.22 0.43 82.48
CA GLU Q 124 50.56 -0.75 81.68
C GLU Q 124 51.51 -1.68 82.41
N ASP Q 125 52.51 -1.12 83.09
CA ASP Q 125 53.43 -1.92 83.88
C ASP Q 125 52.76 -2.50 85.11
N GLU Q 126 51.72 -1.82 85.61
CA GLU Q 126 51.00 -2.31 86.79
C GLU Q 126 50.11 -3.50 86.44
N PHE Q 127 49.27 -3.35 85.41
CA PHE Q 127 48.24 -4.34 85.13
C PHE Q 127 48.59 -5.27 83.97
N GLY Q 128 49.80 -5.17 83.42
CA GLY Q 128 50.30 -6.20 82.52
C GLY Q 128 49.65 -6.26 81.16
N PHE Q 129 49.18 -5.13 80.63
CA PHE Q 129 48.68 -5.11 79.27
C PHE Q 129 48.90 -3.72 78.69
N GLU Q 130 48.96 -3.67 77.36
CA GLU Q 130 49.19 -2.42 76.64
C GLU Q 130 47.87 -1.69 76.44
N ILE Q 131 47.85 -0.42 76.80
CA ILE Q 131 46.79 0.50 76.40
C ILE Q 131 47.22 1.16 75.09
N PRO Q 132 46.42 1.08 74.03
CA PRO Q 132 46.79 1.72 72.77
C PRO Q 132 46.78 3.23 72.88
N ASP Q 133 47.53 3.86 71.97
CA ASP Q 133 47.78 5.30 72.06
C ASP Q 133 46.54 6.11 71.78
N ILE Q 134 45.65 5.61 70.90
CA ILE Q 134 44.40 6.29 70.61
C ILE Q 134 43.47 6.29 71.83
N ASP Q 135 43.63 5.31 72.72
CA ASP Q 135 42.90 5.31 73.97
C ASP Q 135 43.75 5.78 75.15
N ALA Q 136 45.08 5.80 75.00
CA ALA Q 136 45.93 6.39 76.03
C ALA Q 136 45.76 7.90 76.06
N GLU Q 137 45.64 8.53 74.89
CA GLU Q 137 45.60 9.98 74.81
C GLU Q 137 44.24 10.55 75.17
N LYS Q 138 43.27 9.73 75.56
CA LYS Q 138 41.96 10.20 75.96
C LYS Q 138 41.68 9.99 77.44
N LEU Q 139 42.46 9.15 78.12
CA LEU Q 139 42.33 8.95 79.55
C LEU Q 139 43.06 10.10 80.24
N MET Q 140 42.30 11.03 80.82
CA MET Q 140 42.89 12.21 81.44
C MET Q 140 42.49 12.37 82.90
N CYS Q 141 41.99 11.32 83.53
CA CYS Q 141 41.73 11.28 84.96
C CYS Q 141 41.80 9.83 85.41
N PRO Q 142 42.06 9.57 86.70
CA PRO Q 142 42.16 8.17 87.14
C PRO Q 142 40.86 7.39 87.08
N GLN Q 143 39.70 8.05 87.13
CA GLN Q 143 38.43 7.34 87.01
C GLN Q 143 38.24 6.79 85.60
N GLU Q 144 38.69 7.52 84.59
CA GLU Q 144 38.64 7.02 83.22
C GLU Q 144 39.62 5.87 83.01
N ILE Q 145 40.77 5.91 83.68
CA ILE Q 145 41.74 4.81 83.61
C ILE Q 145 41.17 3.55 84.25
N VAL Q 146 40.52 3.70 85.41
CA VAL Q 146 39.90 2.56 86.09
C VAL Q 146 38.74 1.99 85.26
N ASP Q 147 37.91 2.86 84.67
CA ASP Q 147 36.82 2.40 83.83
C ASP Q 147 37.32 1.74 82.55
N TYR Q 148 38.45 2.20 82.02
CA TYR Q 148 38.98 1.62 80.79
C TYR Q 148 39.60 0.25 81.06
N ILE Q 149 40.31 0.10 82.17
CA ILE Q 149 40.82 -1.21 82.57
C ILE Q 149 39.66 -2.14 82.92
N ALA Q 150 38.58 -1.59 83.49
CA ALA Q 150 37.39 -2.37 83.77
C ALA Q 150 36.72 -2.87 82.51
N ASP Q 151 36.74 -2.08 81.44
CA ASP Q 151 36.16 -2.52 80.18
C ASP Q 151 37.08 -3.50 79.46
N LYS Q 152 38.39 -3.30 79.55
CA LYS Q 152 39.32 -4.20 78.87
C LYS Q 152 39.57 -5.50 79.62
N LYS Q 153 39.19 -5.59 80.89
CA LYS Q 153 39.33 -6.83 81.64
C LYS Q 153 38.02 -7.45 82.08
N ASP Q 154 36.89 -6.77 81.86
CA ASP Q 154 35.53 -7.26 82.15
C ASP Q 154 35.36 -7.63 83.63
N VAL Q 155 35.46 -6.61 84.48
CA VAL Q 155 35.31 -6.82 85.91
C VAL Q 155 33.83 -6.65 86.27
N TYR Q 156 33.47 -7.11 87.48
CA TYR Q 156 32.08 -7.30 87.93
C TYR Q 156 31.28 -8.14 86.94
N GLU Q 157 31.77 -9.35 86.75
CA GLU Q 157 31.12 -10.36 85.94
C GLU Q 157 30.13 -11.13 86.80
N PRO R 2 40.44 -55.53 -36.94
CA PRO R 2 40.04 -56.94 -36.89
C PRO R 2 40.27 -57.69 -38.20
N GLY R 3 39.21 -58.25 -38.78
CA GLY R 3 39.32 -59.06 -39.96
C GLY R 3 38.81 -58.37 -41.22
N ILE R 4 39.22 -58.92 -42.35
CA ILE R 4 38.79 -58.41 -43.65
C ILE R 4 37.35 -58.84 -43.89
N VAL R 5 36.48 -57.89 -44.22
CA VAL R 5 35.12 -58.24 -44.60
C VAL R 5 35.14 -58.79 -46.03
N GLU R 6 34.46 -59.90 -46.24
CA GLU R 6 34.57 -60.66 -47.48
C GLU R 6 33.41 -60.29 -48.39
N LEU R 7 33.71 -59.71 -49.54
CA LEU R 7 32.68 -59.27 -50.46
C LEU R 7 32.73 -60.09 -51.75
N PRO R 8 31.58 -60.34 -52.38
CA PRO R 8 31.61 -61.07 -53.65
C PRO R 8 32.11 -60.19 -54.78
N SER R 9 32.65 -60.82 -55.81
CA SER R 9 33.15 -60.11 -56.96
C SER R 9 32.01 -59.49 -57.75
N LEU R 10 32.36 -58.59 -58.68
CA LEU R 10 31.34 -57.99 -59.52
C LEU R 10 30.82 -58.97 -60.57
N GLU R 11 31.50 -60.09 -60.79
CA GLU R 11 30.97 -61.16 -61.63
C GLU R 11 30.02 -62.07 -60.87
N ASP R 12 30.11 -62.09 -59.55
CA ASP R 12 29.12 -62.79 -58.73
C ASP R 12 27.82 -62.01 -58.61
N LEU R 13 27.80 -60.76 -59.03
CA LEU R 13 26.65 -59.89 -58.88
C LEU R 13 25.96 -59.60 -60.20
N LYS R 14 26.45 -60.14 -61.31
CA LYS R 14 25.83 -59.90 -62.61
C LYS R 14 24.70 -60.87 -62.84
N VAL R 15 23.52 -60.32 -63.15
CA VAL R 15 22.35 -61.09 -63.54
C VAL R 15 21.53 -60.17 -64.44
N GLN R 16 20.71 -60.77 -65.30
CA GLN R 16 19.86 -59.98 -66.17
C GLN R 16 18.75 -59.33 -65.35
N GLU R 17 18.59 -58.02 -65.50
CA GLU R 17 17.74 -57.26 -64.61
C GLU R 17 16.33 -57.12 -65.16
N VAL R 18 15.36 -57.08 -64.25
CA VAL R 18 13.99 -56.80 -64.63
C VAL R 18 13.88 -55.30 -64.83
N LYS R 19 14.10 -54.85 -66.06
CA LYS R 19 14.16 -53.42 -66.38
C LYS R 19 12.78 -52.89 -66.77
N VAL R 20 11.84 -53.04 -65.84
CA VAL R 20 10.50 -52.49 -66.02
C VAL R 20 10.22 -51.57 -64.83
N SER R 21 9.18 -50.77 -64.97
CA SER R 21 8.86 -49.75 -63.98
C SER R 21 8.00 -50.32 -62.87
N SER R 22 7.69 -49.47 -61.88
CA SER R 22 6.98 -49.93 -60.69
C SER R 22 5.51 -50.19 -60.97
N SER R 23 4.90 -49.42 -61.87
CA SER R 23 3.53 -49.70 -62.26
C SER R 23 3.44 -50.98 -63.08
N VAL R 24 4.48 -51.29 -63.85
CA VAL R 24 4.51 -52.52 -64.62
C VAL R 24 4.63 -53.72 -63.69
N LEU R 25 5.39 -53.56 -62.61
CA LEU R 25 5.50 -54.61 -61.62
C LEU R 25 4.21 -54.77 -60.82
N LYS R 26 3.57 -53.65 -60.49
CA LYS R 26 2.37 -53.70 -59.67
C LYS R 26 1.17 -54.19 -60.46
N ALA R 27 1.18 -54.01 -61.79
CA ALA R 27 0.07 -54.48 -62.60
C ALA R 27 0.05 -56.00 -62.72
N ALA R 28 1.23 -56.62 -62.78
CA ALA R 28 1.35 -58.07 -62.81
C ALA R 28 1.65 -58.66 -61.45
N ALA R 29 1.36 -57.94 -60.37
CA ALA R 29 1.89 -58.32 -59.06
C ALA R 29 1.24 -59.59 -58.54
N HIS R 30 -0.09 -59.69 -58.61
CA HIS R 30 -0.79 -60.83 -58.04
C HIS R 30 -0.50 -62.11 -58.83
N HIS R 31 -0.40 -62.00 -60.16
CA HIS R 31 -0.02 -63.14 -60.95
C HIS R 31 1.44 -63.51 -60.75
N TYR R 32 2.29 -62.54 -60.43
CA TYR R 32 3.68 -62.83 -60.10
C TYR R 32 3.78 -63.58 -58.78
N GLY R 33 2.97 -63.20 -57.80
CA GLY R 33 2.97 -63.91 -56.54
C GLY R 33 2.40 -65.31 -56.65
N ALA R 34 1.42 -65.50 -57.53
CA ALA R 34 0.89 -66.84 -57.76
C ALA R 34 1.89 -67.72 -58.52
N GLN R 35 2.43 -67.21 -59.63
CA GLN R 35 3.20 -68.05 -60.54
C GLN R 35 4.65 -68.21 -60.14
N CYS R 36 5.27 -67.16 -59.62
CA CYS R 36 6.68 -67.20 -59.22
C CYS R 36 6.81 -67.42 -57.72
N ASP R 37 5.93 -68.24 -57.15
CA ASP R 37 5.86 -68.39 -55.70
C ASP R 37 7.09 -69.10 -55.14
N LYS R 38 7.46 -70.24 -55.73
CA LYS R 38 8.43 -71.13 -55.10
C LYS R 38 9.85 -70.58 -55.03
N PRO R 39 10.46 -70.02 -56.10
CA PRO R 39 11.81 -69.44 -55.89
C PRO R 39 11.80 -68.18 -55.05
N ASN R 40 10.72 -67.39 -55.08
CA ASN R 40 10.60 -66.23 -54.22
C ASN R 40 10.55 -66.63 -52.74
N LYS R 41 9.79 -67.67 -52.42
CA LYS R 41 9.70 -68.11 -51.03
C LYS R 41 10.95 -68.83 -50.57
N GLU R 42 11.62 -69.59 -51.47
CA GLU R 42 12.94 -70.12 -51.14
C GLU R 42 13.92 -69.01 -50.84
N PHE R 43 13.88 -67.93 -51.61
CA PHE R 43 14.80 -66.81 -51.38
C PHE R 43 14.49 -66.08 -50.09
N MET R 44 13.22 -65.87 -49.76
CA MET R 44 12.96 -65.10 -48.55
C MET R 44 13.14 -65.94 -47.29
N LEU R 45 12.94 -67.26 -47.38
CA LEU R 45 13.37 -68.14 -46.30
C LEU R 45 14.88 -68.13 -46.15
N CYS R 46 15.62 -68.15 -47.26
CA CYS R 46 17.07 -68.05 -47.21
C CYS R 46 17.52 -66.70 -46.69
N ARG R 47 16.72 -65.67 -46.89
CA ARG R 47 17.10 -64.32 -46.52
C ARG R 47 16.84 -64.05 -45.05
N TRP R 48 15.72 -64.54 -44.51
CA TRP R 48 15.52 -64.46 -43.06
C TRP R 48 16.25 -65.54 -42.28
N GLU R 49 16.81 -66.55 -42.91
CA GLU R 49 17.60 -67.50 -42.15
C GLU R 49 19.10 -67.24 -42.21
N GLU R 50 19.65 -66.92 -43.38
CA GLU R 50 21.07 -66.64 -43.47
C GLU R 50 21.42 -65.29 -42.86
N LYS R 51 20.45 -64.35 -42.87
CA LYS R 51 20.59 -62.98 -42.34
C LYS R 51 21.75 -62.22 -42.97
N ASP R 52 22.04 -62.52 -44.23
CA ASP R 52 23.24 -62.08 -44.90
C ASP R 52 22.94 -62.08 -46.40
N PRO R 53 23.09 -60.94 -47.08
CA PRO R 53 22.86 -60.92 -48.54
C PRO R 53 23.90 -61.65 -49.35
N ARG R 54 25.03 -62.03 -48.75
CA ARG R 54 26.08 -62.71 -49.48
C ARG R 54 25.83 -64.21 -49.59
N ARG R 55 25.02 -64.78 -48.71
CA ARG R 55 24.70 -66.19 -48.74
C ARG R 55 23.40 -66.46 -49.50
N CYS R 56 22.83 -65.45 -50.15
CA CYS R 56 21.53 -65.56 -50.80
C CYS R 56 21.60 -65.22 -52.28
N LEU R 57 22.81 -65.10 -52.85
CA LEU R 57 22.98 -64.52 -54.17
C LEU R 57 22.42 -65.42 -55.26
N GLU R 58 22.59 -66.74 -55.13
CA GLU R 58 22.12 -67.63 -56.18
C GLU R 58 20.60 -67.79 -56.13
N GLU R 59 20.02 -67.80 -54.93
CA GLU R 59 18.56 -67.79 -54.83
C GLU R 59 17.98 -66.47 -55.34
N GLY R 60 18.69 -65.36 -55.16
CA GLY R 60 18.25 -64.11 -55.75
C GLY R 60 18.36 -64.10 -57.27
N LYS R 61 19.39 -64.77 -57.81
CA LYS R 61 19.47 -64.97 -59.26
C LYS R 61 18.34 -65.85 -59.77
N LEU R 62 17.93 -66.85 -59.00
CA LEU R 62 16.79 -67.67 -59.39
C LEU R 62 15.49 -66.88 -59.36
N VAL R 63 15.37 -65.96 -58.39
CA VAL R 63 14.23 -65.04 -58.35
C VAL R 63 14.19 -64.16 -59.59
N ASN R 64 15.33 -63.57 -59.95
CA ASN R 64 15.41 -62.70 -61.11
C ASN R 64 15.15 -63.48 -62.40
N GLN R 65 15.64 -64.72 -62.48
CA GLN R 65 15.41 -65.58 -63.64
C GLN R 65 13.92 -65.93 -63.78
N CYS R 66 13.27 -66.29 -62.68
CA CYS R 66 11.87 -66.68 -62.75
C CYS R 66 10.97 -65.47 -63.02
N ALA R 67 11.37 -64.29 -62.55
CA ALA R 67 10.66 -63.06 -62.89
C ALA R 67 10.77 -62.74 -64.37
N LEU R 68 11.99 -62.91 -64.93
CA LEU R 68 12.16 -62.69 -66.36
C LEU R 68 11.37 -63.69 -67.20
N GLU R 69 11.28 -64.95 -66.74
CA GLU R 69 10.48 -65.93 -67.47
C GLU R 69 8.99 -65.61 -67.37
N PHE R 70 8.55 -65.09 -66.23
CA PHE R 70 7.18 -64.61 -66.05
C PHE R 70 6.84 -63.50 -67.05
N PHE R 71 7.74 -62.51 -67.16
CA PHE R 71 7.43 -61.41 -68.07
C PHE R 71 7.60 -61.78 -69.53
N ARG R 72 8.49 -62.73 -69.86
CA ARG R 72 8.52 -63.26 -71.22
C ARG R 72 7.23 -63.99 -71.56
N GLN R 73 6.67 -64.72 -70.57
CA GLN R 73 5.45 -65.47 -70.82
C GLN R 73 4.24 -64.54 -70.91
N ILE R 74 4.30 -63.39 -70.26
CA ILE R 74 3.31 -62.34 -70.53
C ILE R 74 3.48 -61.81 -71.95
N LYS R 75 4.73 -61.52 -72.33
CA LYS R 75 5.01 -60.86 -73.60
C LYS R 75 4.63 -61.72 -74.80
N ARG R 76 4.78 -63.05 -74.68
CA ARG R 76 4.43 -63.94 -75.79
C ARG R 76 2.92 -64.07 -76.00
N HIS R 77 2.12 -63.82 -74.98
CA HIS R 77 0.70 -64.14 -75.04
C HIS R 77 -0.21 -62.92 -74.92
N CYS R 78 -0.02 -62.10 -73.90
CA CYS R 78 -1.00 -61.10 -73.48
C CYS R 78 -0.37 -59.73 -73.36
N ALA R 79 0.35 -59.31 -74.40
CA ALA R 79 1.14 -58.09 -74.33
C ALA R 79 0.26 -56.84 -74.35
N GLU R 80 -0.73 -56.80 -75.23
CA GLU R 80 -1.58 -55.61 -75.35
C GLU R 80 -2.57 -55.41 -74.20
N PRO R 81 -3.28 -56.43 -73.67
CA PRO R 81 -4.08 -56.17 -72.45
C PRO R 81 -3.23 -55.79 -71.25
N PHE R 82 -2.03 -56.35 -71.12
CA PHE R 82 -1.16 -55.97 -70.01
C PHE R 82 -0.66 -54.54 -70.17
N THR R 83 -0.32 -54.14 -71.39
CA THR R 83 0.13 -52.77 -71.63
C THR R 83 -1.00 -51.76 -71.39
N GLU R 84 -2.21 -52.10 -71.86
CA GLU R 84 -3.40 -51.32 -71.56
C GLU R 84 -3.67 -51.21 -70.07
N TYR R 85 -3.34 -52.26 -69.31
CA TYR R 85 -3.59 -52.22 -67.87
C TYR R 85 -2.52 -51.44 -67.12
N TRP R 86 -1.22 -51.64 -67.42
CA TRP R 86 -0.24 -50.88 -66.66
C TRP R 86 -0.14 -49.44 -67.09
N THR R 87 -0.60 -49.07 -68.28
CA THR R 87 -0.71 -47.66 -68.63
C THR R 87 -1.73 -46.96 -67.74
N CYS R 88 -2.87 -47.61 -67.51
CA CYS R 88 -3.90 -47.03 -66.66
C CYS R 88 -3.51 -47.04 -65.19
N ILE R 89 -2.80 -48.08 -64.74
CA ILE R 89 -2.22 -48.08 -63.39
C ILE R 89 -1.19 -46.96 -63.27
N ASP R 90 -0.44 -46.73 -64.34
CA ASP R 90 0.66 -45.78 -64.32
C ASP R 90 0.19 -44.34 -64.33
N TYR R 91 -1.04 -44.07 -64.83
CA TYR R 91 -1.54 -42.70 -64.81
C TYR R 91 -1.76 -42.18 -63.38
N SER R 92 -2.12 -43.05 -62.46
CA SER R 92 -2.54 -42.63 -61.13
C SER R 92 -1.34 -42.20 -60.29
N GLY R 93 -1.61 -41.28 -59.36
CA GLY R 93 -0.56 -40.82 -58.47
C GLY R 93 -0.24 -41.83 -57.39
N LEU R 94 -1.26 -42.32 -56.70
CA LEU R 94 -1.11 -43.38 -55.71
C LEU R 94 -1.12 -44.77 -56.32
N GLN R 95 -1.23 -44.87 -57.65
CA GLN R 95 -1.26 -46.12 -58.42
C GLN R 95 -2.39 -47.04 -57.94
N LEU R 96 -3.62 -46.53 -58.05
CA LEU R 96 -4.76 -47.25 -57.52
C LEU R 96 -5.13 -48.44 -58.39
N PHE R 97 -5.51 -49.54 -57.75
CA PHE R 97 -6.14 -50.64 -58.46
C PHE R 97 -7.59 -50.34 -58.80
N ARG R 98 -8.29 -49.58 -57.95
CA ARG R 98 -9.73 -49.41 -58.09
C ARG R 98 -10.11 -48.48 -59.24
N ARG R 99 -9.17 -47.74 -59.79
CA ARG R 99 -9.46 -46.88 -60.92
C ARG R 99 -9.41 -47.63 -62.25
N CYS R 100 -9.01 -48.90 -62.25
CA CYS R 100 -8.61 -49.60 -63.47
C CYS R 100 -9.24 -50.99 -63.52
N ARG R 101 -10.55 -51.08 -63.27
CA ARG R 101 -11.15 -52.41 -63.14
C ARG R 101 -11.45 -53.05 -64.49
N LYS R 102 -11.73 -52.27 -65.53
CA LYS R 102 -12.02 -52.87 -66.83
C LYS R 102 -10.76 -53.38 -67.51
N GLU R 103 -9.64 -52.67 -67.35
CA GLU R 103 -8.37 -53.15 -67.89
C GLU R 103 -7.86 -54.35 -67.10
N GLN R 104 -8.13 -54.37 -65.79
CA GLN R 104 -7.85 -55.55 -64.98
C GLN R 104 -8.67 -56.74 -65.44
N ALA R 105 -9.96 -56.52 -65.74
CA ALA R 105 -10.83 -57.60 -66.17
C ALA R 105 -10.37 -58.16 -67.53
N GLN R 106 -9.95 -57.28 -68.44
CA GLN R 106 -9.49 -57.75 -69.74
C GLN R 106 -8.15 -58.48 -69.64
N PHE R 107 -7.24 -57.97 -68.79
CA PHE R 107 -5.97 -58.66 -68.56
C PHE R 107 -6.17 -60.03 -67.93
N ASP R 108 -7.04 -60.12 -66.92
CA ASP R 108 -7.33 -61.41 -66.29
C ASP R 108 -8.04 -62.36 -67.23
N LYS R 109 -8.90 -61.84 -68.11
CA LYS R 109 -9.58 -62.68 -69.10
C LYS R 109 -8.59 -63.30 -70.07
N CYS R 110 -7.69 -62.46 -70.63
CA CYS R 110 -6.72 -62.97 -71.60
C CYS R 110 -5.70 -63.90 -70.94
N VAL R 111 -5.37 -63.65 -69.66
CA VAL R 111 -4.40 -64.49 -68.98
C VAL R 111 -5.01 -65.83 -68.57
N LEU R 112 -6.27 -65.84 -68.13
CA LEU R 112 -6.94 -67.10 -67.81
C LEU R 112 -7.24 -67.91 -69.07
N ASP R 113 -7.51 -67.24 -70.20
CA ASP R 113 -7.72 -67.95 -71.45
C ASP R 113 -6.42 -68.55 -71.98
N LYS R 114 -5.42 -67.71 -72.23
CA LYS R 114 -4.23 -68.17 -72.93
C LYS R 114 -3.22 -68.87 -72.04
N LEU R 115 -3.29 -68.68 -70.72
CA LEU R 115 -2.30 -69.25 -69.82
C LEU R 115 -2.89 -70.01 -68.64
N GLY R 116 -4.14 -69.75 -68.25
CA GLY R 116 -4.75 -70.49 -67.17
C GLY R 116 -4.42 -69.99 -65.78
N TRP R 117 -3.93 -68.77 -65.65
CA TRP R 117 -3.52 -68.24 -64.36
C TRP R 117 -4.74 -67.60 -63.68
N VAL R 118 -5.12 -68.14 -62.54
CA VAL R 118 -6.18 -67.56 -61.73
C VAL R 118 -5.55 -66.51 -60.83
N ARG R 119 -6.12 -65.31 -60.82
CA ARG R 119 -5.67 -64.27 -59.91
C ARG R 119 -6.01 -64.67 -58.48
N PRO R 120 -5.06 -64.55 -57.54
CA PRO R 120 -5.33 -64.97 -56.16
C PRO R 120 -6.40 -64.13 -55.49
N ASP R 121 -7.20 -64.77 -54.65
CA ASP R 121 -8.26 -64.10 -53.93
C ASP R 121 -7.69 -63.19 -52.85
N LEU R 122 -8.57 -62.39 -52.26
CA LEU R 122 -8.20 -61.50 -51.17
C LEU R 122 -7.91 -62.33 -49.92
N GLY R 123 -6.64 -62.34 -49.49
CA GLY R 123 -6.21 -63.10 -48.34
C GLY R 123 -5.13 -64.12 -48.64
N GLU R 124 -4.95 -64.50 -49.90
CA GLU R 124 -4.09 -65.64 -50.21
C GLU R 124 -2.62 -65.27 -50.23
N LEU R 125 -2.25 -64.20 -50.94
CA LEU R 125 -0.84 -63.83 -51.09
C LEU R 125 -0.19 -63.34 -49.81
N SER R 126 -0.95 -63.12 -48.75
CA SER R 126 -0.41 -62.75 -47.46
C SER R 126 -0.35 -63.92 -46.49
N LYS R 127 -0.58 -65.15 -46.97
CA LYS R 127 -0.47 -66.31 -46.10
C LYS R 127 0.99 -66.64 -45.83
N VAL R 128 1.24 -67.25 -44.68
CA VAL R 128 2.54 -67.80 -44.35
C VAL R 128 2.59 -69.22 -44.87
N THR R 129 3.48 -69.46 -45.83
CA THR R 129 3.59 -70.75 -46.48
C THR R 129 4.76 -71.54 -45.91
N LYS R 130 4.90 -72.78 -46.35
CA LYS R 130 6.04 -73.61 -45.98
C LYS R 130 6.89 -73.90 -47.21
N VAL R 131 8.19 -74.00 -47.00
CA VAL R 131 9.18 -74.11 -48.07
C VAL R 131 10.04 -75.34 -47.80
N LYS R 132 10.15 -76.22 -48.78
CA LYS R 132 11.07 -77.34 -48.69
C LYS R 132 12.43 -76.91 -49.24
N THR R 133 13.46 -77.00 -48.40
CA THR R 133 14.81 -76.61 -48.76
C THR R 133 15.76 -77.80 -48.66
N ASP R 134 16.86 -77.70 -49.40
CA ASP R 134 17.91 -78.69 -49.38
C ASP R 134 19.21 -78.14 -48.81
N ARG R 135 19.24 -76.87 -48.40
CA ARG R 135 20.36 -76.28 -47.71
C ARG R 135 20.21 -76.50 -46.21
N PRO R 136 21.32 -76.56 -45.47
CA PRO R 136 21.22 -76.76 -44.02
C PRO R 136 20.77 -75.48 -43.31
N LEU R 137 20.17 -75.68 -42.15
CA LEU R 137 19.78 -74.57 -41.30
C LEU R 137 21.04 -73.91 -40.73
N PRO R 138 21.17 -72.57 -40.81
CA PRO R 138 22.31 -71.90 -40.18
C PRO R 138 22.32 -72.05 -38.67
N GLU R 139 23.32 -72.75 -38.14
CA GLU R 139 23.34 -73.06 -36.72
C GLU R 139 23.75 -71.87 -35.86
N ASN R 140 24.50 -70.92 -36.42
CA ASN R 140 24.85 -69.69 -35.70
C ASN R 140 24.80 -68.54 -36.71
N PRO R 141 23.60 -68.04 -37.02
CA PRO R 141 23.51 -66.91 -37.96
C PRO R 141 23.97 -65.60 -37.38
N TYR R 142 23.96 -65.45 -36.06
CA TYR R 142 24.45 -64.23 -35.44
C TYR R 142 25.94 -64.25 -35.18
N HIS R 143 26.59 -65.40 -35.37
CA HIS R 143 28.00 -65.63 -35.08
C HIS R 143 28.33 -65.29 -33.63
N SER R 144 27.43 -65.67 -32.73
CA SER R 144 27.65 -65.48 -31.31
C SER R 144 28.76 -66.39 -30.82
N ARG R 145 29.63 -65.85 -29.99
CA ARG R 145 30.69 -66.65 -29.39
C ARG R 145 30.13 -67.40 -28.18
N ALA R 146 31.01 -68.00 -27.38
CA ALA R 146 30.57 -68.76 -26.22
C ALA R 146 30.02 -67.84 -25.15
N ARG R 147 28.91 -68.25 -24.56
CA ARG R 147 28.25 -67.47 -23.54
C ARG R 147 29.01 -67.55 -22.22
N PRO R 148 29.00 -66.48 -21.43
CA PRO R 148 29.66 -66.54 -20.12
C PRO R 148 28.95 -67.49 -19.18
N GLU R 149 29.75 -68.20 -18.39
CA GLU R 149 29.20 -69.17 -17.47
C GLU R 149 28.48 -68.44 -16.33
N PRO R 150 27.26 -68.86 -15.99
CA PRO R 150 26.50 -68.12 -14.98
C PRO R 150 27.07 -68.30 -13.59
N ASN R 151 26.69 -67.39 -12.71
CA ASN R 151 27.11 -67.50 -11.32
C ASN R 151 26.42 -68.70 -10.67
N PRO R 152 27.13 -69.44 -9.82
CA PRO R 152 26.52 -70.63 -9.20
C PRO R 152 25.40 -70.24 -8.26
N GLU R 153 24.30 -70.99 -8.36
CA GLU R 153 23.13 -70.72 -7.53
C GLU R 153 23.39 -71.15 -6.09
N VAL R 154 22.40 -70.93 -5.24
CA VAL R 154 22.46 -71.42 -3.87
C VAL R 154 21.79 -72.77 -3.80
N GLU R 155 22.37 -73.68 -3.03
CA GLU R 155 21.77 -75.00 -2.83
C GLU R 155 22.13 -75.47 -1.44
N GLY R 156 21.21 -76.20 -0.84
CA GLY R 156 21.36 -76.64 0.53
C GLY R 156 20.37 -75.95 1.44
N ASP R 157 20.09 -76.60 2.57
CA ASP R 157 19.14 -76.05 3.52
C ASP R 157 19.77 -74.88 4.28
N LEU R 158 18.93 -74.10 4.94
CA LEU R 158 19.33 -72.82 5.52
C LEU R 158 19.54 -73.03 7.02
N LYS R 159 20.78 -73.24 7.41
CA LYS R 159 21.11 -73.34 8.82
C LYS R 159 21.07 -71.96 9.46
N PRO R 160 20.78 -71.87 10.76
CA PRO R 160 20.77 -70.56 11.44
C PRO R 160 22.17 -69.95 11.49
N ALA R 161 22.18 -68.65 11.78
CA ALA R 161 23.42 -67.90 11.83
C ALA R 161 24.28 -68.38 12.99
N ARG R 162 25.54 -68.68 12.71
CA ARG R 162 26.48 -69.15 13.72
C ARG R 162 26.72 -68.05 14.73
N HIS R 163 26.16 -68.22 15.93
CA HIS R 163 26.23 -67.29 17.05
C HIS R 163 25.63 -65.93 16.70
N GLY R 164 24.57 -65.94 15.90
CA GLY R 164 23.75 -64.77 15.69
C GLY R 164 24.30 -63.71 14.75
N SER R 165 24.02 -62.45 15.08
CA SER R 165 24.33 -61.34 14.18
C SER R 165 25.82 -61.05 14.11
N ARG R 166 26.56 -61.39 15.17
CA ARG R 166 28.00 -61.12 15.32
C ARG R 166 28.34 -59.64 15.20
N LEU R 167 27.42 -58.77 15.57
CA LEU R 167 27.63 -57.32 15.47
C LEU R 167 28.16 -56.85 16.82
N PHE R 168 29.48 -56.92 16.95
CA PHE R 168 30.32 -56.39 18.03
C PHE R 168 30.10 -56.96 19.42
N PHE R 169 28.84 -57.09 19.86
CA PHE R 169 28.56 -57.66 21.16
C PHE R 169 27.16 -58.23 21.24
N TRP R 170 26.38 -58.07 20.18
CA TRP R 170 25.02 -58.57 20.19
C TRP R 170 25.05 -60.07 19.93
N THR R 171 24.75 -60.84 20.96
CA THR R 171 24.87 -62.28 20.92
C THR R 171 23.79 -62.95 20.09
N MET R 172 22.73 -62.25 19.72
CA MET R 172 21.74 -62.81 18.81
C MET R 172 21.59 -61.96 17.56
N SER S 3 51.50 -76.18 64.27
CA SER S 3 52.86 -75.87 63.85
C SER S 3 53.06 -76.05 62.36
N TRP S 4 54.31 -75.93 61.92
CA TRP S 4 54.65 -75.91 60.50
C TRP S 4 55.66 -76.98 60.16
N ASP S 5 56.21 -76.94 58.95
CA ASP S 5 57.18 -77.91 58.49
C ASP S 5 58.57 -77.38 58.74
N LYS S 6 59.37 -78.12 59.52
CA LYS S 6 60.71 -77.70 59.90
C LYS S 6 61.73 -77.86 58.79
N ASP S 7 61.37 -78.47 57.66
CA ASP S 7 62.30 -78.56 56.54
C ASP S 7 62.29 -77.30 55.69
N VAL S 8 61.10 -76.79 55.37
CA VAL S 8 60.98 -75.60 54.54
C VAL S 8 61.31 -74.33 55.33
N TYR S 9 61.15 -74.34 56.65
CA TYR S 9 61.55 -73.23 57.51
C TYR S 9 62.56 -73.75 58.52
N PRO S 10 63.82 -73.94 58.12
CA PRO S 10 64.78 -74.64 58.98
C PRO S 10 65.26 -73.76 60.12
N GLU S 11 65.56 -74.41 61.23
CA GLU S 11 66.13 -73.76 62.39
C GLU S 11 67.33 -74.55 62.90
N PRO S 12 68.42 -73.88 63.25
CA PRO S 12 69.53 -74.54 63.94
C PRO S 12 69.10 -74.98 65.33
N PRO S 13 69.78 -75.97 65.91
CA PRO S 13 69.40 -76.46 67.24
C PRO S 13 69.57 -75.39 68.32
N ARG S 14 68.53 -75.25 69.15
CA ARG S 14 68.54 -74.26 70.22
C ARG S 14 69.54 -74.68 71.29
N ARG S 15 70.41 -73.74 71.69
CA ARG S 15 71.47 -73.99 72.66
C ARG S 15 71.46 -72.83 73.65
N THR S 16 70.71 -72.99 74.74
CA THR S 16 70.68 -71.95 75.75
C THR S 16 71.66 -72.27 76.88
N PRO S 17 72.27 -71.27 77.50
CA PRO S 17 73.19 -71.55 78.62
C PRO S 17 72.44 -71.71 79.93
N ALA S 18 73.09 -72.41 80.85
CA ALA S 18 72.50 -72.72 82.14
C ALA S 18 72.56 -71.50 83.07
N PRO S 19 71.59 -71.38 84.00
CA PRO S 19 71.67 -70.29 84.98
C PRO S 19 72.82 -70.49 85.95
N SER S 20 73.82 -69.61 85.87
CA SER S 20 74.96 -69.63 86.78
C SER S 20 74.96 -68.32 87.57
N PRO S 21 74.22 -68.25 88.68
CA PRO S 21 74.20 -67.01 89.47
C PRO S 21 75.48 -66.89 90.28
N GLN S 22 75.95 -65.65 90.42
CA GLN S 22 77.14 -65.37 91.21
C GLN S 22 76.87 -64.50 92.42
N THR S 23 76.05 -63.46 92.26
CA THR S 23 75.88 -62.46 93.29
C THR S 23 74.86 -62.91 94.33
N SER S 24 74.88 -62.22 95.47
CA SER S 24 74.00 -62.56 96.59
C SER S 24 72.56 -62.12 96.36
N LEU S 25 72.33 -61.12 95.53
CA LEU S 25 70.99 -60.60 95.34
C LEU S 25 70.19 -61.51 94.42
N PRO S 26 68.94 -61.80 94.73
CA PRO S 26 68.10 -62.55 93.80
C PRO S 26 67.62 -61.67 92.66
N ASN S 27 67.62 -62.23 91.45
CA ASN S 27 67.11 -61.48 90.32
C ASN S 27 65.59 -61.37 90.39
N PRO S 28 65.02 -60.30 89.85
CA PRO S 28 63.54 -60.21 89.81
C PRO S 28 62.90 -61.11 88.77
N ILE S 29 63.68 -61.61 87.81
CA ILE S 29 63.08 -62.22 86.62
C ILE S 29 62.63 -63.65 86.86
N THR S 30 63.26 -64.38 87.79
CA THR S 30 62.74 -65.69 88.16
C THR S 30 61.38 -65.59 88.84
N TYR S 31 61.22 -64.58 89.71
CA TYR S 31 59.94 -64.40 90.37
C TYR S 31 58.89 -63.85 89.41
N LEU S 32 59.31 -62.99 88.47
CA LEU S 32 58.40 -62.53 87.42
C LEU S 32 58.00 -63.67 86.49
N THR S 33 58.91 -64.59 86.19
CA THR S 33 58.61 -65.73 85.35
C THR S 33 57.64 -66.68 86.04
N LYS S 34 57.85 -66.94 87.33
CA LYS S 34 56.94 -67.81 88.06
C LYS S 34 55.58 -67.16 88.29
N ALA S 35 55.55 -65.85 88.50
CA ALA S 35 54.29 -65.13 88.63
C ALA S 35 53.51 -65.12 87.32
N PHE S 36 54.22 -64.86 86.21
CA PHE S 36 53.60 -64.93 84.89
C PHE S 36 53.10 -66.33 84.58
N ASP S 37 53.86 -67.36 85.00
CA ASP S 37 53.43 -68.74 84.84
C ASP S 37 52.12 -68.99 85.57
N LEU S 38 52.11 -68.81 86.90
CA LEU S 38 50.96 -69.18 87.71
C LEU S 38 49.75 -68.29 87.48
N LEU S 39 49.95 -67.08 86.95
CA LEU S 39 48.80 -66.22 86.69
C LEU S 39 48.30 -66.29 85.26
N VAL S 40 49.18 -66.52 84.28
CA VAL S 40 48.86 -66.37 82.86
C VAL S 40 49.03 -67.67 82.10
N ASP S 41 50.16 -68.36 82.31
CA ASP S 41 50.51 -69.46 81.43
C ASP S 41 49.65 -70.69 81.73
N ARG S 42 49.16 -70.81 82.96
CA ARG S 42 48.22 -71.90 83.27
C ARG S 42 46.78 -71.60 82.83
N PRO S 43 46.15 -70.44 83.12
CA PRO S 43 44.74 -70.29 82.72
C PRO S 43 44.53 -70.16 81.23
N VAL S 44 45.46 -69.51 80.51
CA VAL S 44 45.43 -69.51 79.04
C VAL S 44 45.50 -70.93 78.50
N THR S 45 46.35 -71.76 79.11
CA THR S 45 46.44 -73.17 78.72
C THR S 45 45.14 -73.91 79.01
N LEU S 46 44.48 -73.59 80.12
CA LEU S 46 43.21 -74.24 80.45
C LEU S 46 42.09 -73.87 79.47
N VAL S 47 42.04 -72.59 79.08
CA VAL S 47 41.06 -72.17 78.08
C VAL S 47 41.36 -72.80 76.74
N ARG S 48 42.65 -72.91 76.39
CA ARG S 48 43.03 -73.59 75.15
C ARG S 48 42.70 -75.08 75.20
N GLU S 49 42.77 -75.70 76.38
CA GLU S 49 42.38 -77.10 76.51
C GLU S 49 40.88 -77.27 76.33
N PHE S 50 40.08 -76.35 76.86
CA PHE S 50 38.63 -76.40 76.65
C PHE S 50 38.28 -76.20 75.19
N ILE S 51 38.91 -75.21 74.54
CA ILE S 51 38.67 -74.95 73.12
C ILE S 51 39.15 -76.12 72.28
N GLU S 52 40.24 -76.76 72.69
CA GLU S 52 40.77 -77.94 72.00
C GLU S 52 39.84 -79.14 72.12
N ARG S 53 39.20 -79.29 73.29
CA ARG S 53 38.17 -80.32 73.44
C ARG S 53 36.97 -80.03 72.55
N GLN S 54 36.59 -78.76 72.41
CA GLN S 54 35.49 -78.45 71.52
C GLN S 54 35.88 -78.62 70.05
N HIS S 55 37.17 -78.45 69.71
CA HIS S 55 37.62 -78.80 68.38
C HIS S 55 37.58 -80.30 68.16
N ALA S 56 37.90 -81.08 69.19
CA ALA S 56 37.89 -82.53 69.06
C ALA S 56 36.48 -83.11 69.06
N LYS S 57 35.48 -82.35 69.53
CA LYS S 57 34.11 -82.85 69.46
C LYS S 57 33.60 -82.94 68.02
N ASN S 58 34.08 -82.07 67.12
CA ASN S 58 33.69 -82.14 65.70
C ASN S 58 34.91 -81.87 64.82
N LYS S 59 35.63 -82.94 64.49
CA LYS S 59 36.81 -82.84 63.63
C LYS S 59 36.40 -82.97 62.17
N TYR S 60 36.86 -82.04 61.35
CA TYR S 60 36.57 -82.06 59.92
C TYR S 60 37.72 -81.36 59.21
N TYR S 61 37.84 -81.63 57.91
CA TYR S 61 39.09 -81.35 57.22
C TYR S 61 38.90 -80.43 56.02
N TYR S 62 39.90 -79.59 55.78
CA TYR S 62 40.06 -78.85 54.54
C TYR S 62 41.25 -79.39 53.79
N TYR S 63 41.36 -79.01 52.52
CA TYR S 63 42.29 -79.64 51.61
C TYR S 63 43.11 -78.62 50.86
N HIS S 64 44.23 -79.09 50.30
CA HIS S 64 45.06 -78.32 49.40
C HIS S 64 44.74 -78.70 47.96
N ARG S 65 44.42 -77.72 47.13
CA ARG S 65 44.01 -77.98 45.77
C ARG S 65 45.21 -78.35 44.91
N GLU S 66 45.04 -79.35 44.05
CA GLU S 66 46.10 -79.86 43.19
C GLU S 66 45.76 -79.50 41.75
N PHE S 67 46.61 -78.69 41.13
CA PHE S 67 46.50 -78.36 39.72
C PHE S 67 47.40 -79.29 38.93
N ARG S 68 46.82 -80.15 38.11
CA ARG S 68 47.63 -81.01 37.24
C ARG S 68 48.22 -80.18 36.10
N ARG S 69 49.33 -80.67 35.57
CA ARG S 69 50.10 -79.89 34.59
C ARG S 69 49.47 -80.06 33.21
N VAL S 70 48.98 -78.96 32.65
CA VAL S 70 48.37 -78.91 31.34
C VAL S 70 49.48 -78.58 30.35
N PRO S 71 49.27 -78.65 29.02
CA PRO S 71 50.33 -78.19 28.10
C PRO S 71 50.61 -76.70 28.22
N ASP S 72 51.89 -76.37 28.29
CA ASP S 72 52.34 -74.99 28.45
C ASP S 72 52.30 -74.25 27.11
N ILE S 73 52.78 -73.00 27.12
CA ILE S 73 52.61 -72.11 25.98
C ILE S 73 53.50 -72.53 24.79
N THR S 74 54.53 -73.33 25.03
CA THR S 74 55.43 -73.72 23.96
C THR S 74 54.83 -74.76 23.03
N GLU S 75 53.87 -75.55 23.52
CA GLU S 75 53.20 -76.55 22.71
C GLU S 75 51.72 -76.24 22.51
N CYS S 76 51.36 -74.97 22.59
CA CYS S 76 50.05 -74.50 22.16
C CYS S 76 50.18 -73.82 20.81
N HIS S 77 49.15 -73.99 19.98
CA HIS S 77 49.12 -73.37 18.67
C HIS S 77 48.99 -71.85 18.80
N GLU S 78 49.47 -71.16 17.78
CA GLU S 78 49.33 -69.70 17.75
C GLU S 78 47.88 -69.33 17.52
N LYS S 79 47.38 -68.38 18.34
CA LYS S 79 46.01 -67.87 18.30
C LYS S 79 44.97 -68.97 18.52
N ASP S 80 45.25 -69.86 19.48
CA ASP S 80 44.35 -70.94 19.85
C ASP S 80 43.99 -70.75 21.33
N VAL S 81 42.91 -70.01 21.59
CA VAL S 81 42.62 -69.54 22.93
C VAL S 81 42.23 -70.65 23.90
N LEU S 82 41.77 -71.80 23.40
CA LEU S 82 41.32 -72.86 24.30
C LEU S 82 42.49 -73.52 25.00
N CYS S 83 43.61 -73.68 24.29
CA CYS S 83 44.81 -74.28 24.89
C CYS S 83 45.71 -73.23 25.51
N MET S 84 45.84 -72.06 24.90
CA MET S 84 46.72 -71.07 25.49
C MET S 84 46.05 -70.34 26.65
N PHE S 85 44.73 -70.43 26.80
CA PHE S 85 44.12 -70.03 28.06
C PHE S 85 44.55 -70.93 29.19
N GLU S 86 44.57 -72.25 28.96
CA GLU S 86 45.04 -73.20 29.97
C GLU S 86 46.52 -73.00 30.26
N ALA S 87 47.31 -72.74 29.21
CA ALA S 87 48.74 -72.46 29.38
C ALA S 87 48.96 -71.18 30.16
N GLU S 88 48.13 -70.16 29.94
CA GLU S 88 48.30 -68.89 30.63
C GLU S 88 47.89 -69.00 32.09
N MET S 89 46.82 -69.75 32.38
CA MET S 89 46.42 -69.96 33.77
C MET S 89 47.48 -70.77 34.51
N GLN S 90 48.08 -71.75 33.83
CA GLN S 90 49.16 -72.53 34.41
C GLN S 90 50.37 -71.66 34.72
N TRP S 91 50.72 -70.77 33.77
CA TRP S 91 51.85 -69.89 33.96
C TRP S 91 51.61 -68.86 35.05
N LYS S 92 50.37 -68.39 35.20
CA LYS S 92 50.07 -67.42 36.25
C LYS S 92 50.12 -68.06 37.63
N ARG S 93 49.63 -69.30 37.76
CA ARG S 93 49.78 -69.99 39.03
C ARG S 93 51.24 -70.29 39.34
N ASP S 94 52.03 -70.65 38.32
CA ASP S 94 53.46 -70.87 38.55
C ASP S 94 54.19 -69.59 38.90
N TYR S 95 53.77 -68.46 38.34
CA TYR S 95 54.35 -67.17 38.66
C TYR S 95 54.05 -66.77 40.09
N LYS S 96 52.83 -67.03 40.55
CA LYS S 96 52.47 -66.71 41.95
C LYS S 96 53.21 -67.63 42.92
N VAL S 97 53.37 -68.90 42.56
CA VAL S 97 54.13 -69.83 43.41
C VAL S 97 55.61 -69.45 43.44
N ASP S 98 56.17 -68.96 42.33
CA ASP S 98 57.56 -68.50 42.33
C ASP S 98 57.74 -67.27 43.21
N GLN S 99 56.74 -66.37 43.21
CA GLN S 99 56.72 -65.25 44.14
C GLN S 99 56.76 -65.72 45.59
N GLU S 100 55.96 -66.74 45.91
CA GLU S 100 55.93 -67.22 47.28
C GLU S 100 57.21 -67.97 47.65
N ILE S 101 57.88 -68.60 46.68
CA ILE S 101 59.18 -69.22 46.93
C ILE S 101 60.21 -68.17 47.29
N VAL S 102 60.23 -67.07 46.54
CA VAL S 102 61.16 -65.97 46.83
C VAL S 102 60.85 -65.35 48.19
N ASN S 103 59.57 -65.29 48.56
CA ASN S 103 59.19 -64.79 49.88
C ASN S 103 59.64 -65.72 50.99
N ILE S 104 59.54 -67.04 50.78
CA ILE S 104 60.02 -68.00 51.78
C ILE S 104 61.53 -67.87 51.98
N ILE S 105 62.27 -67.68 50.90
CA ILE S 105 63.72 -67.55 51.05
C ILE S 105 64.09 -66.21 51.70
N GLN S 106 63.29 -65.15 51.45
CA GLN S 106 63.46 -63.90 52.18
C GLN S 106 63.22 -64.08 53.68
N GLU S 107 62.19 -64.86 54.04
CA GLU S 107 61.91 -65.09 55.46
C GLU S 107 63.04 -65.89 56.11
N ARG S 108 63.62 -66.84 55.38
CA ARG S 108 64.79 -67.56 55.87
C ARG S 108 65.97 -66.61 56.10
N LEU S 109 66.22 -65.71 55.15
CA LEU S 109 67.34 -64.78 55.26
C LEU S 109 67.18 -63.83 56.44
N LYS S 110 65.97 -63.29 56.63
CA LYS S 110 65.74 -62.33 57.70
C LYS S 110 65.73 -63.01 59.06
N ALA S 111 65.15 -64.21 59.15
CA ALA S 111 65.17 -64.98 60.38
C ALA S 111 66.61 -65.36 60.76
N CYS S 112 67.44 -65.68 59.77
CA CYS S 112 68.83 -65.98 60.05
C CYS S 112 69.56 -64.75 60.55
N GLN S 113 69.30 -63.58 59.94
CA GLN S 113 70.02 -62.36 60.32
C GLN S 113 69.70 -61.96 61.75
N GLN S 114 68.42 -62.00 62.13
CA GLN S 114 68.09 -61.68 63.52
C GLN S 114 68.56 -62.77 64.49
N ARG S 115 68.38 -64.05 64.13
CA ARG S 115 68.73 -65.13 65.04
C ARG S 115 70.24 -65.22 65.28
N GLU S 116 71.05 -64.85 64.30
CA GLU S 116 72.49 -64.83 64.50
C GLU S 116 72.99 -63.50 65.04
N GLY S 117 72.20 -62.44 64.94
CA GLY S 117 72.48 -61.26 65.74
C GLY S 117 73.62 -60.41 65.22
N GLU S 118 74.76 -60.54 65.88
CA GLU S 118 75.96 -59.80 65.50
C GLU S 118 76.88 -60.63 64.60
N SER S 119 76.83 -61.95 64.72
CA SER S 119 77.60 -62.86 63.88
C SER S 119 76.86 -63.24 62.60
N HIS S 120 75.96 -62.37 62.13
CA HIS S 120 75.12 -62.68 60.98
C HIS S 120 75.89 -62.62 59.67
N ARG S 121 76.94 -61.82 59.60
CA ARG S 121 77.71 -61.71 58.36
C ARG S 121 78.50 -62.98 58.08
N GLN S 122 78.89 -63.70 59.14
CA GLN S 122 79.55 -64.99 58.99
C GLN S 122 78.56 -66.14 58.91
N ASN S 123 77.62 -66.22 59.86
CA ASN S 123 76.83 -67.43 60.03
C ASN S 123 75.55 -67.45 59.20
N CYS S 124 75.44 -66.61 58.17
CA CYS S 124 74.29 -66.67 57.27
C CYS S 124 74.73 -66.61 55.82
N ALA S 125 75.87 -67.24 55.51
CA ALA S 125 76.33 -67.26 54.12
C ALA S 125 75.53 -68.25 53.28
N LYS S 126 74.99 -69.30 53.91
CA LYS S 126 74.16 -70.27 53.19
C LYS S 126 72.83 -69.66 52.75
N GLU S 127 72.16 -68.97 53.68
CA GLU S 127 70.90 -68.30 53.34
C GLU S 127 71.12 -67.17 52.34
N LEU S 128 72.24 -66.47 52.43
CA LEU S 128 72.53 -65.41 51.47
C LEU S 128 72.81 -65.99 50.09
N GLN S 129 73.46 -67.15 50.04
CA GLN S 129 73.71 -67.83 48.76
C GLN S 129 72.41 -68.30 48.13
N GLN S 130 71.53 -68.92 48.93
CA GLN S 130 70.24 -69.37 48.43
C GLN S 130 69.37 -68.20 47.96
N PHE S 131 69.42 -67.08 48.69
CA PHE S 131 68.68 -65.88 48.30
C PHE S 131 69.19 -65.31 46.99
N THR S 132 70.52 -65.25 46.82
CA THR S 132 71.08 -64.73 45.58
C THR S 132 70.72 -65.62 44.40
N GLN S 133 70.70 -66.94 44.61
CA GLN S 133 70.32 -67.85 43.54
C GLN S 133 68.85 -67.72 43.16
N VAL S 134 67.96 -67.65 44.16
CA VAL S 134 66.54 -67.59 43.83
C VAL S 134 66.16 -66.22 43.26
N VAL S 135 66.88 -65.16 43.65
CA VAL S 135 66.61 -63.85 43.08
C VAL S 135 67.14 -63.76 41.67
N LYS S 136 68.30 -64.37 41.39
CA LYS S 136 68.83 -64.39 40.03
C LYS S 136 67.92 -65.19 39.10
N ALA S 137 67.36 -66.30 39.61
CA ALA S 137 66.41 -67.08 38.82
C ALA S 137 65.12 -66.31 38.57
N TYR S 138 64.56 -65.68 39.61
CA TYR S 138 63.34 -64.90 39.45
C TYR S 138 63.55 -63.70 38.54
N GLN S 139 64.74 -63.10 38.56
CA GLN S 139 65.00 -61.95 37.71
C GLN S 139 65.20 -62.37 36.28
N ASP S 140 65.86 -63.50 36.04
CA ASP S 140 65.97 -64.00 34.68
C ASP S 140 64.63 -64.49 34.14
N ARG S 141 63.71 -64.88 35.04
CA ARG S 141 62.46 -65.46 34.61
C ARG S 141 61.34 -64.45 34.41
N TYR S 142 61.15 -63.50 35.34
CA TYR S 142 59.97 -62.66 35.30
C TYR S 142 60.21 -61.17 35.29
N HIS S 143 61.44 -60.70 35.42
CA HIS S 143 61.67 -59.26 35.53
C HIS S 143 61.41 -58.60 34.18
N ASP S 144 61.00 -57.33 34.23
CA ASP S 144 60.78 -56.45 33.08
C ASP S 144 59.65 -56.92 32.16
N LEU S 145 58.81 -57.86 32.59
CA LEU S 145 57.69 -58.27 31.75
C LEU S 145 56.59 -57.22 31.71
N GLY S 146 56.51 -56.38 32.73
CA GLY S 146 55.58 -55.26 32.71
C GLY S 146 54.30 -55.58 33.45
N ALA S 147 53.36 -54.65 33.32
CA ALA S 147 52.06 -54.81 33.96
C ALA S 147 51.15 -55.74 33.16
N HIS S 148 51.38 -55.86 31.85
CA HIS S 148 50.60 -56.73 30.97
C HIS S 148 51.34 -58.01 30.68
N TYR S 149 52.00 -58.57 31.69
CA TYR S 149 52.80 -59.78 31.55
C TYR S 149 51.94 -60.96 31.11
N SER S 150 52.56 -61.86 30.35
CA SER S 150 51.89 -63.06 29.90
C SER S 150 52.95 -64.13 29.66
N ALA S 151 52.49 -65.37 29.47
CA ALA S 151 53.39 -66.45 29.12
C ALA S 151 53.99 -66.26 27.73
N ARG S 152 53.31 -65.52 26.85
CA ARG S 152 53.92 -65.11 25.59
C ARG S 152 55.08 -64.14 25.82
N LYS S 153 54.88 -63.15 26.69
CA LYS S 153 55.94 -62.19 27.01
C LYS S 153 57.13 -62.89 27.67
N CYS S 154 56.85 -63.83 28.57
CA CYS S 154 57.93 -64.55 29.25
C CYS S 154 58.64 -65.50 28.31
N LEU S 155 57.91 -66.12 27.38
CA LEU S 155 58.55 -66.97 26.37
C LEU S 155 59.39 -66.14 25.40
N ALA S 156 58.95 -64.92 25.07
CA ALA S 156 59.75 -64.06 24.21
C ALA S 156 61.01 -63.58 24.92
N LYS S 157 60.90 -63.27 26.21
CA LYS S 157 62.07 -62.90 27.00
C LYS S 157 63.04 -64.06 27.13
N GLN S 158 62.52 -65.28 27.34
CA GLN S 158 63.36 -66.46 27.43
C GLN S 158 64.03 -66.76 26.10
N LYS S 159 63.34 -66.57 24.98
CA LYS S 159 63.97 -66.79 23.68
C LYS S 159 65.04 -65.76 23.38
N GLN S 160 64.82 -64.50 23.78
CA GLN S 160 65.86 -63.50 23.58
C GLN S 160 67.08 -63.78 24.45
N ARG S 161 66.86 -64.22 25.69
CA ARG S 161 67.98 -64.54 26.57
C ARG S 161 68.71 -65.80 26.09
N MET S 162 67.98 -66.77 25.55
CA MET S 162 68.62 -67.96 25.00
C MET S 162 69.38 -67.67 23.72
N LEU S 163 68.90 -66.75 22.89
CA LEU S 163 69.68 -66.33 21.73
C LEU S 163 70.92 -65.56 22.15
N ALA S 164 70.82 -64.77 23.22
CA ALA S 164 72.00 -64.07 23.73
C ALA S 164 73.02 -65.04 24.30
N GLU S 165 72.57 -66.07 25.01
CA GLU S 165 73.48 -67.07 25.56
C GLU S 165 74.08 -67.93 24.46
N ARG S 166 73.32 -68.21 23.40
CA ARG S 166 73.84 -68.99 22.28
C ARG S 166 74.89 -68.19 21.50
N LYS S 167 74.66 -66.88 21.35
CA LYS S 167 75.66 -66.04 20.69
C LYS S 167 76.89 -65.86 21.57
N ALA S 168 76.71 -65.78 22.89
CA ALA S 168 77.84 -65.67 23.80
C ALA S 168 78.65 -66.95 23.84
N THR S 169 78.01 -68.10 23.63
CA THR S 169 78.75 -69.35 23.55
C THR S 169 79.43 -69.50 22.19
N LYS S 170 78.77 -69.05 21.12
CA LYS S 170 79.34 -69.17 19.78
C LYS S 170 80.52 -68.21 19.58
N GLU S 171 80.53 -67.08 20.30
CA GLU S 171 81.67 -66.18 20.22
C GLU S 171 82.83 -66.59 21.13
N ALA S 172 82.72 -67.72 21.83
CA ALA S 172 83.80 -68.22 22.68
C ALA S 172 84.40 -69.51 22.16
N ALA S 173 84.04 -69.94 20.95
CA ALA S 173 84.54 -71.18 20.39
C ALA S 173 85.00 -70.99 18.94
N PRO T 66 -115.07 92.98 -45.04
CA PRO T 66 -115.64 91.65 -45.29
C PRO T 66 -114.73 90.54 -44.80
N PHE T 67 -115.27 89.33 -44.66
CA PHE T 67 -114.46 88.16 -44.34
C PHE T 67 -114.13 87.43 -45.63
N ASP T 68 -112.84 87.28 -45.91
CA ASP T 68 -112.36 86.61 -47.11
C ASP T 68 -111.53 85.39 -46.72
N ASN T 69 -111.70 84.31 -47.46
CA ASN T 69 -110.98 83.07 -47.17
C ASN T 69 -110.52 82.39 -48.45
N THR T 70 -110.76 82.99 -49.62
CA THR T 70 -110.41 82.35 -50.88
C THR T 70 -109.13 82.89 -51.49
N THR T 71 -108.61 84.01 -51.02
CA THR T 71 -107.38 84.56 -51.54
C THR T 71 -106.22 84.25 -50.62
N TYR T 72 -105.04 84.17 -51.21
CA TYR T 72 -103.80 83.94 -50.49
C TYR T 72 -103.13 85.29 -50.25
N LYS T 73 -103.09 85.73 -48.99
CA LYS T 73 -102.69 87.08 -48.65
C LYS T 73 -101.18 87.28 -48.62
N ASN T 74 -100.40 86.20 -48.69
CA ASN T 74 -98.94 86.30 -48.67
C ASN T 74 -98.41 86.39 -50.10
N LEU T 75 -98.63 87.55 -50.71
CA LEU T 75 -98.15 87.81 -52.06
C LEU T 75 -96.93 88.72 -52.09
N GLN T 76 -96.37 89.03 -50.93
CA GLN T 76 -95.28 89.98 -50.87
C GLN T 76 -93.95 89.36 -51.26
N HIS T 77 -93.80 88.05 -51.16
CA HIS T 77 -92.52 87.42 -51.47
C HIS T 77 -92.34 87.15 -52.96
N HIS T 78 -93.28 87.57 -53.80
CA HIS T 78 -93.09 87.57 -55.23
C HIS T 78 -92.25 88.76 -55.71
N ASP T 79 -91.88 89.67 -54.80
CA ASP T 79 -91.13 90.87 -55.13
C ASP T 79 -89.83 90.98 -54.36
N TYR T 80 -89.41 89.94 -53.65
CA TYR T 80 -88.18 90.00 -52.87
C TYR T 80 -86.97 89.79 -53.77
N SER T 81 -85.97 90.65 -53.62
CA SER T 81 -84.74 90.58 -54.39
C SER T 81 -83.72 89.72 -53.66
N THR T 82 -82.46 89.77 -54.09
CA THR T 82 -81.41 89.02 -53.42
C THR T 82 -80.89 89.71 -52.17
N TYR T 83 -81.24 90.96 -51.93
CA TYR T 83 -80.73 91.71 -50.79
C TYR T 83 -81.83 92.12 -49.83
N THR T 84 -83.00 91.48 -49.91
CA THR T 84 -84.13 91.87 -49.08
C THR T 84 -83.87 91.61 -47.61
N PHE T 85 -83.34 90.43 -47.29
CA PHE T 85 -83.01 90.07 -45.92
C PHE T 85 -81.95 91.00 -45.33
N LEU T 86 -80.93 91.31 -46.12
CA LEU T 86 -79.82 92.12 -45.63
C LEU T 86 -80.20 93.59 -45.51
N ASP T 87 -81.07 94.08 -46.41
CA ASP T 87 -81.56 95.45 -46.26
C ASP T 87 -82.51 95.57 -45.08
N LEU T 88 -83.26 94.51 -44.76
CA LEU T 88 -84.09 94.54 -43.56
C LEU T 88 -83.24 94.49 -42.29
N ASN T 89 -82.12 93.75 -42.34
CA ASN T 89 -81.17 93.80 -41.23
C ASN T 89 -80.56 95.19 -41.08
N LEU T 90 -80.22 95.83 -42.21
CA LEU T 90 -79.67 97.17 -42.18
C LEU T 90 -80.69 98.19 -41.68
N ASP T 91 -81.98 97.97 -41.97
CA ASP T 91 -83.02 98.85 -41.47
C ASP T 91 -83.27 98.61 -39.98
N LEU T 92 -83.10 97.38 -39.52
CA LEU T 92 -83.25 97.06 -38.10
C LEU T 92 -82.00 97.34 -37.28
N SER T 93 -80.90 97.78 -37.93
CA SER T 93 -79.67 98.06 -37.20
C SER T 93 -79.82 99.17 -36.16
N LYS T 94 -80.78 100.08 -36.33
CA LYS T 94 -80.93 101.20 -35.41
C LYS T 94 -81.86 100.92 -34.24
N PHE T 95 -82.79 99.98 -34.37
CA PHE T 95 -83.80 99.74 -33.34
C PHE T 95 -83.31 98.92 -32.16
N ARG T 96 -82.05 98.49 -32.16
CA ARG T 96 -81.59 97.47 -31.25
C ARG T 96 -80.79 98.04 -30.08
N MET T 97 -80.56 97.20 -29.09
CA MET T 97 -79.76 97.53 -27.93
C MET T 97 -78.28 97.31 -28.21
N PRO T 98 -77.40 97.99 -27.49
CA PRO T 98 -75.96 97.76 -27.68
C PRO T 98 -75.54 96.38 -27.18
N GLN T 99 -74.74 95.69 -27.99
CA GLN T 99 -74.36 94.32 -27.69
C GLN T 99 -73.44 94.27 -26.47
N PRO T 100 -73.53 93.23 -25.65
CA PRO T 100 -72.58 93.09 -24.55
C PRO T 100 -71.21 92.69 -25.07
N SER T 101 -70.18 93.10 -24.35
CA SER T 101 -68.81 92.84 -24.73
C SER T 101 -68.19 91.85 -23.76
N SER T 102 -67.35 90.96 -24.29
CA SER T 102 -66.60 90.04 -23.44
C SER T 102 -65.33 90.67 -22.88
N GLY T 103 -65.07 91.94 -23.17
CA GLY T 103 -63.93 92.64 -22.65
C GLY T 103 -62.72 92.64 -23.56
N ARG T 104 -62.63 91.68 -24.47
CA ARG T 104 -61.54 91.58 -25.42
C ARG T 104 -62.10 91.67 -26.83
N GLU T 105 -61.22 91.85 -27.80
CA GLU T 105 -61.66 92.07 -29.18
C GLU T 105 -61.98 90.77 -29.88
N SER T 106 -61.27 89.70 -29.55
CA SER T 106 -61.55 88.36 -30.04
C SER T 106 -60.94 87.38 -29.05
N PRO T 107 -61.29 86.09 -29.12
CA PRO T 107 -60.56 85.11 -28.30
C PRO T 107 -59.12 84.85 -28.75
N ARG T 108 -58.63 85.50 -29.80
CA ARG T 108 -57.22 85.51 -30.16
C ARG T 108 -56.56 86.83 -29.82
N HIS T 109 -57.23 87.69 -29.06
CA HIS T 109 -56.67 88.95 -28.57
C HIS T 109 -56.42 88.85 -27.08
N GLY U 29 -30.98 49.43 -65.21
CA GLY U 29 -29.88 50.02 -65.93
C GLY U 29 -28.57 50.00 -65.17
N VAL U 30 -27.83 48.89 -65.32
CA VAL U 30 -26.54 48.76 -64.65
C VAL U 30 -25.51 49.65 -65.32
N ARG U 31 -24.68 50.30 -64.51
CA ARG U 31 -23.60 51.13 -64.99
C ARG U 31 -22.31 50.71 -64.31
N THR U 32 -21.22 51.34 -64.68
CA THR U 32 -19.88 50.91 -64.26
C THR U 32 -19.11 52.10 -63.72
N SER U 33 -18.42 51.89 -62.61
CA SER U 33 -17.51 52.88 -62.07
C SER U 33 -16.28 53.03 -62.97
N PRO U 34 -15.50 54.10 -62.82
CA PRO U 34 -14.22 54.18 -63.56
C PRO U 34 -13.20 53.13 -63.18
N THR U 35 -13.37 52.40 -62.09
CA THR U 35 -12.47 51.29 -61.76
C THR U 35 -12.82 50.01 -62.50
N GLY U 36 -13.96 49.97 -63.20
CA GLY U 36 -14.42 48.76 -63.82
C GLY U 36 -15.35 47.91 -62.98
N GLU U 37 -15.98 48.49 -61.97
CA GLU U 37 -16.85 47.75 -61.06
C GLU U 37 -18.31 48.12 -61.34
N LYS U 38 -19.16 47.11 -61.43
CA LYS U 38 -20.57 47.34 -61.69
C LYS U 38 -21.26 47.99 -60.50
N VAL U 39 -22.13 48.95 -60.78
CA VAL U 39 -22.87 49.66 -59.74
C VAL U 39 -24.20 48.95 -59.51
N THR U 40 -24.50 48.65 -58.25
CA THR U 40 -25.72 47.95 -57.92
C THR U 40 -26.94 48.87 -58.07
N HIS U 41 -28.13 48.28 -57.97
CA HIS U 41 -29.35 49.09 -58.06
C HIS U 41 -29.55 49.96 -56.83
N THR U 42 -28.92 49.62 -55.72
CA THR U 42 -28.87 50.54 -54.58
C THR U 42 -28.01 51.75 -54.91
N GLY U 43 -26.84 51.52 -55.51
CA GLY U 43 -25.91 52.58 -55.77
C GLY U 43 -24.57 52.26 -55.15
N GLN U 44 -24.42 51.03 -54.68
CA GLN U 44 -23.22 50.64 -53.96
C GLN U 44 -22.11 50.32 -54.94
N VAL U 45 -21.03 51.09 -54.88
CA VAL U 45 -19.78 50.72 -55.51
C VAL U 45 -18.68 51.03 -54.49
N TYR U 46 -17.62 50.25 -54.52
CA TYR U 46 -16.51 50.61 -53.66
C TYR U 46 -15.69 51.73 -54.28
N ASP U 47 -14.98 52.45 -53.42
CA ASP U 47 -14.07 53.49 -53.87
C ASP U 47 -12.87 52.86 -54.57
N ASP U 48 -12.13 53.71 -55.30
CA ASP U 48 -10.89 53.25 -55.93
C ASP U 48 -9.81 52.96 -54.89
N GLU U 49 -9.80 53.71 -53.79
CA GLU U 49 -8.80 53.53 -52.76
C GLU U 49 -9.29 52.64 -51.61
N ASP U 50 -10.36 51.89 -51.82
CA ASP U 50 -10.90 51.03 -50.78
C ASP U 50 -10.26 49.65 -50.89
N TYR U 51 -9.81 49.11 -49.76
CA TYR U 51 -9.12 47.82 -49.78
C TYR U 51 -10.07 46.66 -50.03
N ARG U 52 -11.35 46.84 -49.76
CA ARG U 52 -12.32 45.74 -49.83
C ARG U 52 -12.65 45.31 -51.25
N ARG U 53 -12.09 45.93 -52.28
CA ARG U 53 -12.22 45.41 -53.64
C ARG U 53 -11.38 44.16 -53.87
N VAL U 54 -10.52 43.78 -52.93
CA VAL U 54 -9.69 42.60 -53.07
C VAL U 54 -10.52 41.32 -52.99
N ARG U 55 -11.73 41.39 -52.44
CA ARG U 55 -12.57 40.22 -52.35
C ARG U 55 -13.16 39.80 -53.69
N PHE U 56 -13.12 40.66 -54.70
CA PHE U 56 -13.59 40.29 -56.02
C PHE U 56 -12.43 39.97 -56.97
N VAL U 57 -11.20 40.01 -56.48
CA VAL U 57 -10.04 39.74 -57.30
C VAL U 57 -9.95 38.24 -57.59
N GLY U 58 -9.93 37.89 -58.87
CA GLY U 58 -10.00 36.51 -59.29
C GLY U 58 -11.38 35.91 -59.21
N ARG U 59 -12.38 36.69 -58.84
CA ARG U 59 -13.76 36.26 -58.65
C ARG U 59 -14.63 37.33 -59.27
N GLN U 60 -15.91 37.33 -58.93
CA GLN U 60 -16.84 38.26 -59.56
C GLN U 60 -17.69 38.96 -58.50
N LYS U 61 -18.08 40.19 -58.81
CA LYS U 61 -19.05 40.93 -58.01
C LYS U 61 -20.43 40.63 -58.57
N GLU U 62 -21.24 39.90 -57.82
CA GLU U 62 -22.53 39.47 -58.32
C GLU U 62 -23.54 40.59 -58.16
N VAL U 63 -24.06 41.09 -59.29
CA VAL U 63 -25.12 42.07 -59.27
C VAL U 63 -26.26 41.53 -60.13
N ASN U 64 -27.47 41.95 -59.80
CA ASN U 64 -28.65 41.59 -60.57
C ASN U 64 -28.93 42.72 -61.54
N GLU U 65 -28.86 42.43 -62.84
CA GLU U 65 -28.94 43.46 -63.85
C GLU U 65 -30.36 43.85 -64.23
N ASN U 66 -31.37 43.28 -63.57
CA ASN U 66 -32.76 43.63 -63.81
C ASN U 66 -33.17 44.62 -62.72
N PHE U 67 -32.93 45.91 -62.97
CA PHE U 67 -33.19 46.92 -61.95
C PHE U 67 -34.69 47.19 -61.89
N ALA U 68 -35.29 47.01 -60.71
CA ALA U 68 -36.74 47.09 -60.58
C ALA U 68 -37.27 48.50 -60.77
N ILE U 69 -36.47 49.51 -60.42
CA ILE U 69 -36.85 50.90 -60.64
C ILE U 69 -36.90 51.22 -62.14
N ASP U 70 -36.17 50.48 -62.96
CA ASP U 70 -36.24 50.64 -64.40
C ASP U 70 -37.29 49.73 -65.03
N LEU U 71 -37.60 48.60 -64.38
CA LEU U 71 -38.62 47.70 -64.88
C LEU U 71 -40.03 48.21 -64.61
N ILE U 72 -40.23 48.98 -63.54
CA ILE U 72 -41.56 49.51 -63.27
C ILE U 72 -41.86 50.77 -64.10
N ALA U 73 -40.83 51.49 -64.56
CA ALA U 73 -41.07 52.64 -65.40
C ALA U 73 -41.50 52.25 -66.81
N GLU U 74 -41.29 51.01 -67.21
CA GLU U 74 -41.75 50.50 -68.48
C GLU U 74 -43.22 50.10 -68.47
N GLN U 75 -43.88 50.17 -67.32
CA GLN U 75 -45.27 49.79 -67.25
C GLN U 75 -46.16 50.94 -67.71
N PRO U 76 -47.21 50.66 -68.49
CA PRO U 76 -48.10 51.73 -68.92
C PRO U 76 -49.01 52.19 -67.80
N VAL U 77 -49.38 53.46 -67.87
CA VAL U 77 -50.33 54.01 -66.91
C VAL U 77 -51.72 53.50 -67.26
N SER U 78 -52.38 52.85 -66.30
CA SER U 78 -53.71 52.31 -66.51
C SER U 78 -54.73 53.43 -66.45
N GLN U 79 -55.26 53.82 -67.60
CA GLN U 79 -56.31 54.83 -67.68
C GLN U 79 -57.63 54.17 -67.26
N VAL U 80 -58.05 54.39 -66.02
CA VAL U 80 -59.33 53.88 -65.55
C VAL U 80 -60.30 55.04 -65.43
N GLY U 81 -61.58 54.70 -65.31
CA GLY U 81 -62.64 55.70 -65.31
C GLY U 81 -63.29 56.00 -63.98
N SER U 82 -62.79 55.44 -62.89
CA SER U 82 -63.36 55.68 -61.58
C SER U 82 -62.56 56.73 -60.82
N ARG U 83 -63.16 57.25 -59.76
CA ARG U 83 -62.48 58.23 -58.93
C ARG U 83 -61.51 57.56 -57.96
N VAL U 84 -61.90 56.41 -57.42
CA VAL U 84 -61.06 55.61 -56.54
C VAL U 84 -60.88 54.25 -57.20
N ILE U 85 -59.64 53.80 -57.29
CA ILE U 85 -59.34 52.50 -57.88
C ILE U 85 -58.63 51.65 -56.84
N SER U 86 -58.84 50.34 -56.91
CA SER U 86 -58.17 49.39 -56.05
C SER U 86 -57.09 48.64 -56.81
N CYS U 87 -56.01 48.31 -56.10
CA CYS U 87 -54.96 47.46 -56.63
C CYS U 87 -54.64 46.39 -55.61
N ASP U 88 -54.54 45.14 -56.05
CA ASP U 88 -54.02 44.06 -55.23
C ASP U 88 -52.82 43.38 -55.87
N GLY U 89 -52.34 43.91 -56.99
CA GLY U 89 -51.15 43.39 -57.63
C GLY U 89 -51.38 42.22 -58.55
N GLY U 90 -52.63 41.86 -58.81
CA GLY U 90 -52.93 40.72 -59.64
C GLY U 90 -52.79 39.41 -58.91
N GLY U 91 -53.45 38.39 -59.44
CA GLY U 91 -53.37 37.07 -58.86
C GLY U 91 -54.19 36.87 -57.61
N GLY U 92 -55.03 37.83 -57.24
CA GLY U 92 -55.88 37.71 -56.07
C GLY U 92 -55.13 37.68 -54.76
N ALA U 93 -55.13 36.52 -54.12
CA ALA U 93 -54.38 36.29 -52.88
C ALA U 93 -52.89 36.13 -53.12
N LEU U 94 -52.45 36.05 -54.37
CA LEU U 94 -51.03 35.91 -54.67
C LEU U 94 -50.31 37.25 -54.66
N GLY U 95 -51.02 38.36 -54.80
CA GLY U 95 -50.40 39.67 -54.85
C GLY U 95 -50.13 40.28 -53.49
N HIS U 96 -50.39 41.56 -53.35
CA HIS U 96 -50.22 42.32 -52.13
C HIS U 96 -51.58 42.62 -51.51
N PRO U 97 -51.63 43.15 -50.27
CA PRO U 97 -52.93 43.55 -49.72
C PRO U 97 -53.57 44.69 -50.50
N ARG U 98 -54.89 44.62 -50.61
CA ARG U 98 -55.63 45.47 -51.53
C ARG U 98 -55.77 46.87 -50.95
N VAL U 99 -55.23 47.85 -51.66
CA VAL U 99 -55.29 49.24 -51.26
C VAL U 99 -56.07 50.04 -52.28
N TYR U 100 -56.63 51.15 -51.84
CA TYR U 100 -57.48 51.99 -52.65
C TYR U 100 -56.74 53.29 -52.92
N ILE U 101 -56.72 53.71 -54.19
CA ILE U 101 -55.88 54.80 -54.65
C ILE U 101 -56.79 55.89 -55.17
N ASN U 102 -56.67 57.09 -54.61
CA ASN U 102 -57.47 58.20 -55.09
C ASN U 102 -56.80 58.82 -56.31
N LEU U 103 -57.63 59.19 -57.29
CA LEU U 103 -57.16 59.71 -58.55
C LEU U 103 -57.67 61.12 -58.81
N ASP U 104 -57.83 61.91 -57.75
CA ASP U 104 -58.35 63.27 -57.89
C ASP U 104 -57.31 64.22 -58.46
N LYS U 105 -56.04 63.99 -58.15
CA LYS U 105 -54.96 64.78 -58.72
C LYS U 105 -54.86 64.53 -60.22
N GLU U 106 -55.12 65.54 -61.02
CA GLU U 106 -54.84 65.44 -62.45
C GLU U 106 -53.42 65.83 -62.78
N THR U 107 -52.68 66.38 -61.82
CA THR U 107 -51.26 66.66 -62.01
C THR U 107 -50.46 65.37 -62.09
N LYS U 108 -50.63 64.50 -61.10
CA LYS U 108 -49.79 63.33 -60.89
C LYS U 108 -50.66 62.07 -60.90
N THR U 109 -50.13 61.00 -61.49
CA THR U 109 -50.81 59.71 -61.45
C THR U 109 -50.83 59.16 -60.03
N GLY U 110 -51.78 58.26 -59.78
CA GLY U 110 -51.86 57.60 -58.50
C GLY U 110 -51.10 56.30 -58.50
N THR U 111 -50.06 56.21 -57.69
CA THR U 111 -49.17 55.06 -57.68
C THR U 111 -49.56 54.12 -56.54
N CYS U 112 -49.61 52.82 -56.84
CA CYS U 112 -49.80 51.83 -55.80
C CYS U 112 -48.56 51.76 -54.92
N GLY U 113 -48.77 51.84 -53.61
CA GLY U 113 -47.66 51.90 -52.68
C GLY U 113 -46.89 50.60 -52.54
N TYR U 114 -47.47 49.48 -52.98
CA TYR U 114 -46.82 48.18 -52.91
C TYR U 114 -46.09 47.82 -54.20
N CYS U 115 -46.83 47.73 -55.31
CA CYS U 115 -46.31 47.14 -56.53
C CYS U 115 -45.84 48.16 -57.53
N GLY U 116 -46.05 49.45 -57.27
CA GLY U 116 -45.53 50.48 -58.15
C GLY U 116 -46.35 50.77 -59.37
N LEU U 117 -47.49 50.09 -59.58
CA LEU U 117 -48.31 50.37 -60.73
C LEU U 117 -49.06 51.68 -60.53
N GLN U 118 -49.02 52.53 -61.55
CA GLN U 118 -49.56 53.88 -61.43
C GLN U 118 -50.79 54.03 -62.31
N PHE U 119 -51.82 54.63 -61.73
CA PHE U 119 -53.16 54.73 -62.30
C PHE U 119 -53.48 56.19 -62.57
N ARG U 120 -54.32 56.44 -63.58
CA ARG U 120 -54.79 57.78 -63.85
C ARG U 120 -56.27 57.73 -64.20
N GLN U 121 -57.02 58.71 -63.69
CA GLN U 121 -58.42 58.86 -64.05
C GLN U 121 -58.52 59.47 -65.43
N GLN U 122 -59.32 58.86 -66.31
CA GLN U 122 -59.35 59.24 -67.71
C GLN U 122 -60.13 60.52 -67.97
N HIS U 123 -60.81 61.07 -66.98
CA HIS U 123 -61.55 62.31 -67.14
C HIS U 123 -60.67 63.53 -66.87
N THR V 45 -27.18 27.52 17.51
CA THR V 45 -27.55 28.85 17.05
C THR V 45 -27.96 28.84 15.58
N GLN V 46 -27.17 28.14 14.76
CA GLN V 46 -27.31 27.93 13.30
C GLN V 46 -27.59 29.20 12.50
N LEU V 47 -27.22 30.37 13.01
CA LEU V 47 -27.28 31.63 12.27
C LEU V 47 -26.08 32.45 12.67
N ILE V 48 -25.45 33.11 11.70
CA ILE V 48 -24.29 33.93 11.96
C ILE V 48 -24.63 35.37 11.65
N THR V 49 -23.93 36.28 12.34
CA THR V 49 -24.18 37.71 12.27
C THR V 49 -23.08 38.33 11.42
N VAL V 50 -23.40 38.62 10.16
CA VAL V 50 -22.45 39.21 9.22
C VAL V 50 -22.84 40.66 8.99
N ASP V 51 -21.97 41.57 9.36
CA ASP V 51 -22.22 43.00 9.24
C ASP V 51 -21.58 43.61 8.01
N GLU V 52 -20.82 42.83 7.25
CA GLU V 52 -20.16 43.34 6.06
C GLU V 52 -21.17 43.63 4.95
N LYS V 53 -20.82 44.58 4.09
CA LYS V 53 -21.69 44.95 2.99
C LYS V 53 -21.70 43.85 1.93
N LEU V 54 -22.90 43.54 1.44
CA LEU V 54 -23.11 42.41 0.54
C LEU V 54 -22.45 42.65 -0.80
N ASP V 55 -21.43 41.84 -1.10
CA ASP V 55 -20.67 41.96 -2.35
C ASP V 55 -20.43 40.56 -2.88
N ILE V 56 -20.85 40.32 -4.13
CA ILE V 56 -20.76 39.00 -4.74
C ILE V 56 -19.99 39.08 -6.05
N THR V 57 -19.11 40.07 -6.18
CA THR V 57 -18.40 40.29 -7.44
C THR V 57 -17.42 39.18 -7.77
N THR V 58 -16.90 38.50 -6.77
CA THR V 58 -15.95 37.42 -7.01
C THR V 58 -16.62 36.11 -7.37
N LEU V 59 -17.94 36.03 -7.27
CA LEU V 59 -18.66 34.79 -7.51
C LEU V 59 -19.38 34.77 -8.85
N THR V 60 -19.60 35.91 -9.49
CA THR V 60 -20.44 36.00 -10.67
C THR V 60 -19.71 35.66 -11.96
N GLY V 61 -18.39 35.52 -11.93
CA GLY V 61 -17.64 35.23 -13.13
C GLY V 61 -17.46 36.38 -14.09
N VAL V 62 -17.91 37.57 -13.73
CA VAL V 62 -17.77 38.73 -14.62
C VAL V 62 -16.32 39.23 -14.52
N PRO V 63 -15.66 39.50 -15.64
CA PRO V 63 -14.32 40.10 -15.55
C PRO V 63 -14.38 41.52 -15.00
N GLU V 64 -13.27 41.89 -14.35
CA GLU V 64 -13.20 43.15 -13.60
C GLU V 64 -13.31 44.39 -14.48
N GLU V 65 -12.98 44.25 -15.77
CA GLU V 65 -13.22 45.32 -16.74
C GLU V 65 -14.70 45.64 -16.87
N HIS V 66 -15.56 44.63 -16.79
CA HIS V 66 -16.98 44.85 -16.91
C HIS V 66 -17.68 44.95 -15.57
N ILE V 67 -16.93 45.09 -14.49
CA ILE V 67 -17.46 45.44 -13.19
C ILE V 67 -17.13 46.88 -12.84
N LYS V 68 -15.87 47.28 -13.03
CA LYS V 68 -15.44 48.58 -12.52
C LYS V 68 -15.43 49.69 -13.56
N THR V 69 -15.50 49.39 -14.84
CA THR V 69 -15.50 50.43 -15.86
C THR V 69 -16.85 50.60 -16.55
N ARG V 70 -17.90 49.97 -16.05
CA ARG V 70 -19.22 50.13 -16.63
C ARG V 70 -20.08 50.98 -15.71
N LYS V 71 -21.03 51.70 -16.31
CA LYS V 71 -21.95 52.56 -15.58
C LYS V 71 -23.37 52.07 -15.80
N ALA V 72 -23.96 51.44 -14.79
CA ALA V 72 -25.35 51.08 -14.86
C ALA V 72 -26.23 52.32 -14.74
N ARG V 73 -27.42 52.26 -15.33
CA ARG V 73 -28.35 53.38 -15.30
C ARG V 73 -29.70 52.87 -14.83
N ILE V 74 -30.18 53.43 -13.73
CA ILE V 74 -31.44 53.02 -13.11
C ILE V 74 -32.47 54.10 -13.38
N PHE V 75 -33.57 53.73 -14.00
CA PHE V 75 -34.49 54.71 -14.57
C PHE V 75 -35.80 54.03 -14.91
N VAL V 76 -36.87 54.79 -14.82
CA VAL V 76 -38.12 54.41 -15.48
C VAL V 76 -38.04 54.88 -16.93
N PRO V 77 -38.23 53.99 -17.91
CA PRO V 77 -38.08 54.40 -19.30
C PRO V 77 -39.20 55.31 -19.75
N ALA V 78 -38.87 56.19 -20.67
CA ALA V 78 -39.82 57.17 -21.15
C ALA V 78 -40.89 56.54 -22.02
N ARG V 79 -42.09 57.11 -21.97
CA ARG V 79 -43.14 56.73 -22.90
C ARG V 79 -42.75 57.11 -24.31
N ASN V 80 -42.97 56.20 -25.25
CA ASN V 80 -42.78 56.47 -26.66
C ASN V 80 -43.82 57.50 -27.11
N ASN V 81 -43.36 58.69 -27.50
CA ASN V 81 -44.28 59.75 -27.89
C ASN V 81 -44.96 59.51 -29.22
N MET V 82 -44.58 58.47 -29.96
CA MET V 82 -45.36 57.98 -31.08
C MET V 82 -46.67 57.33 -30.65
N GLN V 83 -46.85 57.08 -29.35
CA GLN V 83 -48.00 56.38 -28.79
C GLN V 83 -48.45 57.08 -27.51
N SER V 84 -49.60 56.64 -27.01
CA SER V 84 -50.18 57.20 -25.79
C SER V 84 -50.21 56.23 -24.63
N GLY V 85 -49.77 55.00 -24.84
CA GLY V 85 -49.85 54.00 -23.78
C GLY V 85 -48.73 54.12 -22.77
N VAL V 86 -49.04 53.78 -21.52
CA VAL V 86 -48.14 53.97 -20.38
C VAL V 86 -47.78 52.65 -19.69
N ASN V 87 -47.99 51.51 -20.35
CA ASN V 87 -47.65 50.24 -19.71
C ASN V 87 -46.14 50.01 -19.71
N ASN V 88 -45.40 50.63 -20.62
CA ASN V 88 -43.95 50.51 -20.62
C ASN V 88 -43.28 51.47 -19.65
N THR V 89 -44.03 52.30 -18.95
CA THR V 89 -43.48 53.22 -17.96
C THR V 89 -43.78 52.78 -16.55
N LYS V 90 -44.06 51.50 -16.34
CA LYS V 90 -44.48 51.03 -15.03
C LYS V 90 -43.32 50.52 -14.19
N LYS V 91 -42.28 50.00 -14.82
CA LYS V 91 -41.22 49.31 -14.10
C LYS V 91 -39.91 50.06 -14.22
N TRP V 92 -39.01 49.74 -13.32
CA TRP V 92 -37.66 50.28 -13.32
C TRP V 92 -36.75 49.42 -14.19
N LYS V 93 -35.75 50.05 -14.77
CA LYS V 93 -34.84 49.37 -15.66
C LYS V 93 -33.41 49.53 -15.19
N MET V 94 -32.55 48.65 -15.65
CA MET V 94 -31.11 48.78 -15.49
C MET V 94 -30.46 48.41 -16.81
N GLU V 95 -29.92 49.40 -17.51
CA GLU V 95 -29.10 49.19 -18.68
C GLU V 95 -27.72 49.76 -18.39
N PHE V 96 -26.78 49.48 -19.28
CA PHE V 96 -25.40 49.91 -19.12
C PHE V 96 -25.05 50.95 -20.16
N ASP V 97 -23.85 51.51 -20.03
CA ASP V 97 -23.37 52.48 -21.00
C ASP V 97 -23.09 51.79 -22.34
N THR V 98 -23.47 52.45 -23.42
CA THR V 98 -23.31 51.86 -24.74
C THR V 98 -21.84 51.96 -25.14
N ARG V 99 -21.29 50.86 -25.60
CA ARG V 99 -19.92 50.78 -26.03
C ARG V 99 -19.84 50.83 -27.54
N GLU V 100 -18.66 50.54 -28.08
CA GLU V 100 -18.42 50.72 -29.50
C GLU V 100 -19.16 49.67 -30.31
N ARG V 101 -19.77 50.13 -31.39
CA ARG V 101 -20.24 49.28 -32.47
C ARG V 101 -19.52 49.70 -33.74
N TRP V 102 -19.19 48.74 -34.59
CA TRP V 102 -18.47 49.08 -35.79
C TRP V 102 -18.93 48.20 -36.93
N GLU V 103 -18.60 48.66 -38.14
CA GLU V 103 -18.96 47.97 -39.37
C GLU V 103 -18.10 46.72 -39.52
N ASN V 104 -18.77 45.58 -39.64
CA ASN V 104 -18.13 44.36 -40.08
C ASN V 104 -17.52 44.58 -41.46
N PRO V 105 -16.24 44.24 -41.68
CA PRO V 105 -15.67 44.42 -43.03
C PRO V 105 -16.34 43.60 -44.11
N LEU V 106 -16.77 42.37 -43.79
CA LEU V 106 -17.35 41.50 -44.81
C LEU V 106 -18.74 41.97 -45.23
N MET V 107 -19.65 42.13 -44.28
CA MET V 107 -21.06 42.32 -44.59
C MET V 107 -21.60 43.70 -44.24
N GLY V 108 -20.83 44.56 -43.59
CA GLY V 108 -21.37 45.82 -43.13
C GLY V 108 -22.22 45.72 -41.89
N TRP V 109 -22.21 44.57 -41.22
CA TRP V 109 -22.97 44.35 -40.01
C TRP V 109 -22.40 45.16 -38.86
N ALA V 110 -23.17 45.28 -37.79
CA ALA V 110 -22.73 45.99 -36.60
C ALA V 110 -22.07 45.01 -35.65
N SER V 111 -20.74 45.02 -35.62
CA SER V 111 -20.02 44.19 -34.69
C SER V 111 -19.95 44.84 -33.33
N THR V 112 -19.72 44.03 -32.31
CA THR V 112 -19.51 44.58 -30.98
C THR V 112 -18.48 43.71 -30.25
N ALA V 113 -17.80 44.34 -29.30
CA ALA V 113 -16.97 43.65 -28.33
C ALA V 113 -17.54 43.79 -26.93
N ASP V 114 -18.78 44.28 -26.82
CA ASP V 114 -19.41 44.57 -25.55
C ASP V 114 -20.31 43.41 -25.18
N PRO V 115 -20.03 42.68 -24.11
CA PRO V 115 -20.95 41.62 -23.70
C PRO V 115 -22.21 42.13 -23.04
N LEU V 116 -22.18 43.26 -22.35
CA LEU V 116 -23.34 43.75 -21.63
C LEU V 116 -24.18 44.71 -22.46
N SER V 117 -24.11 44.61 -23.79
CA SER V 117 -24.74 45.61 -24.64
C SER V 117 -26.24 45.43 -24.75
N ASN V 118 -26.73 44.21 -24.62
CA ASN V 118 -28.15 43.91 -24.72
C ASN V 118 -28.75 43.58 -23.36
N LEU V 119 -28.00 43.73 -22.29
CA LEU V 119 -28.46 43.34 -20.96
C LEU V 119 -29.38 44.42 -20.42
N VAL V 120 -30.66 44.10 -20.26
CA VAL V 120 -31.64 45.01 -19.70
C VAL V 120 -32.41 44.25 -18.63
N LEU V 121 -32.33 44.73 -17.40
CA LEU V 121 -32.97 44.10 -16.25
C LEU V 121 -34.18 44.91 -15.81
N THR V 122 -35.19 44.22 -15.31
CA THR V 122 -36.46 44.84 -14.94
C THR V 122 -36.61 44.75 -13.43
N PHE V 123 -36.96 45.87 -12.80
CA PHE V 123 -37.10 45.93 -11.36
C PHE V 123 -38.42 46.59 -11.01
N SER V 124 -38.99 46.19 -9.87
CA SER V 124 -40.30 46.69 -9.50
C SER V 124 -40.20 48.07 -8.86
N THR V 125 -39.25 48.26 -7.95
CA THR V 125 -39.04 49.53 -7.27
C THR V 125 -37.67 50.07 -7.63
N LYS V 126 -37.37 51.25 -7.08
CA LYS V 126 -36.05 51.86 -7.24
C LYS V 126 -35.03 51.19 -6.32
N GLU V 127 -35.46 50.85 -5.11
CA GLU V 127 -34.57 50.33 -4.09
C GLU V 127 -34.06 48.93 -4.44
N ASP V 128 -34.87 48.14 -5.15
CA ASP V 128 -34.44 46.83 -5.59
C ASP V 128 -33.37 46.92 -6.67
N ALA V 129 -33.51 47.89 -7.59
CA ALA V 129 -32.50 48.09 -8.61
C ALA V 129 -31.21 48.64 -8.03
N ILE V 130 -31.32 49.55 -7.05
CA ILE V 130 -30.14 50.06 -6.35
C ILE V 130 -29.44 48.95 -5.59
N ALA V 131 -30.21 48.04 -4.97
CA ALA V 131 -29.63 46.92 -4.25
C ALA V 131 -28.97 45.92 -5.19
N PHE V 132 -29.53 45.73 -6.39
CA PHE V 132 -28.91 44.82 -7.33
C PHE V 132 -27.67 45.42 -7.97
N ALA V 133 -27.62 46.74 -8.12
CA ALA V 133 -26.41 47.39 -8.62
C ALA V 133 -25.30 47.36 -7.58
N GLU V 134 -25.63 47.72 -6.33
CA GLU V 134 -24.66 47.70 -5.24
C GLU V 134 -24.19 46.30 -4.92
N LYS V 135 -25.04 45.30 -5.11
CA LYS V 135 -24.68 43.92 -4.79
C LYS V 135 -23.63 43.36 -5.74
N ASN V 136 -23.69 43.76 -7.02
CA ASN V 136 -22.79 43.27 -8.04
C ASN V 136 -21.61 44.19 -8.29
N GLY V 137 -21.40 45.20 -7.44
CA GLY V 137 -20.27 46.08 -7.61
C GLY V 137 -20.35 47.05 -8.76
N TRP V 138 -21.52 47.22 -9.35
CA TRP V 138 -21.69 48.15 -10.46
C TRP V 138 -21.85 49.56 -9.94
N SER V 139 -21.19 50.51 -10.61
CA SER V 139 -21.42 51.92 -10.35
C SER V 139 -22.66 52.36 -11.12
N TYR V 140 -23.55 53.07 -10.44
CA TYR V 140 -24.85 53.40 -11.01
C TYR V 140 -25.14 54.88 -10.83
N ASP V 141 -26.06 55.37 -11.68
CA ASP V 141 -26.75 56.62 -11.43
C ASP V 141 -28.26 56.35 -11.50
N VAL V 142 -29.02 57.11 -10.73
CA VAL V 142 -30.47 56.91 -10.62
C VAL V 142 -31.17 58.14 -11.15
N GLU V 143 -32.07 57.94 -12.11
CA GLU V 143 -33.00 58.97 -12.54
C GLU V 143 -34.37 58.70 -11.91
N GLU V 144 -34.92 59.71 -11.26
CA GLU V 144 -36.20 59.59 -10.58
C GLU V 144 -37.33 59.39 -11.59
N ARG V 145 -38.41 58.79 -11.14
CA ARG V 145 -39.58 58.58 -11.97
C ARG V 145 -40.23 59.91 -12.32
N LYS V 146 -40.50 60.12 -13.61
CA LYS V 146 -41.15 61.34 -14.08
C LYS V 146 -42.61 61.02 -14.31
N VAL V 147 -43.46 61.41 -13.37
CA VAL V 147 -44.89 61.19 -13.53
C VAL V 147 -45.50 62.41 -14.21
N PRO V 148 -46.47 62.23 -15.09
CA PRO V 148 -47.18 63.38 -15.66
C PRO V 148 -48.04 64.04 -14.59
N LYS V 149 -47.93 65.35 -14.50
CA LYS V 149 -48.65 66.09 -13.48
C LYS V 149 -50.15 66.12 -13.81
N PRO V 150 -51.01 66.20 -12.78
CA PRO V 150 -52.45 66.21 -13.04
C PRO V 150 -52.89 67.50 -13.73
N LYS V 151 -53.61 67.33 -14.82
CA LYS V 151 -54.08 68.43 -15.64
C LYS V 151 -55.52 68.76 -15.31
N SER V 152 -55.89 70.02 -15.47
CA SER V 152 -57.27 70.47 -15.29
C SER V 152 -57.95 70.46 -16.64
N LYS V 153 -58.81 69.48 -16.87
CA LYS V 153 -59.51 69.32 -18.13
C LYS V 153 -60.97 69.73 -17.99
N SER V 154 -61.46 70.44 -18.99
CA SER V 154 -62.86 70.83 -19.04
C SER V 154 -63.24 70.98 -20.49
N TYR V 155 -64.28 70.27 -20.92
CA TYR V 155 -64.76 70.42 -22.28
C TYR V 155 -65.41 71.78 -22.50
N GLY V 156 -66.00 72.36 -21.45
CA GLY V 156 -66.65 73.64 -21.57
C GLY V 156 -65.73 74.82 -21.63
N ALA V 157 -64.45 74.63 -21.33
CA ALA V 157 -63.47 75.69 -21.55
C ALA V 157 -63.26 75.97 -23.02
N ASN V 158 -63.63 75.05 -23.91
CA ASN V 158 -63.56 75.29 -25.34
C ASN V 158 -64.50 76.38 -25.81
N PHE V 159 -65.49 76.77 -25.00
CA PHE V 159 -66.52 77.70 -25.40
C PHE V 159 -66.75 78.73 -24.32
N SER V 160 -65.67 79.35 -23.85
CA SER V 160 -65.83 80.34 -22.80
C SER V 160 -66.36 81.65 -23.38
N TRP V 161 -66.96 82.45 -22.50
CA TRP V 161 -67.46 83.75 -22.92
C TRP V 161 -66.33 84.75 -23.15
N ASN V 162 -65.39 84.83 -22.22
CA ASN V 162 -64.42 85.91 -22.23
C ASN V 162 -62.97 85.47 -22.15
N LYS V 163 -62.69 84.17 -22.12
CA LYS V 163 -61.34 83.68 -21.97
C LYS V 163 -60.76 83.25 -23.32
N ARG V 164 -59.43 83.26 -23.38
CA ARG V 164 -58.68 82.94 -24.59
C ARG V 164 -58.72 81.47 -24.95
N THR V 165 -59.19 80.61 -24.04
CA THR V 165 -59.17 79.17 -24.27
C THR V 165 -60.32 78.68 -25.12
N ARG V 166 -61.05 79.57 -25.79
CA ARG V 166 -62.00 79.14 -26.80
C ARG V 166 -61.29 78.45 -27.95
N VAL V 167 -61.96 77.51 -28.53
CA VAL V 167 -61.48 76.91 -29.76
C VAL V 167 -62.00 77.72 -30.93
N SER V 168 -61.19 77.82 -31.97
CA SER V 168 -61.59 78.47 -33.20
C SER V 168 -62.28 77.52 -34.16
N THR V 169 -62.20 76.21 -33.90
CA THR V 169 -62.89 75.19 -34.67
C THR V 169 -63.00 73.94 -33.82
N LYS V 170 -63.72 72.96 -34.35
CA LYS V 170 -63.99 71.75 -33.59
C LYS V 170 -64.20 70.54 -34.49
N LEU W 36 -6.13 58.82 -44.78
CA LEU W 36 -6.47 57.45 -44.41
C LEU W 36 -7.93 57.20 -44.78
N HIS W 37 -8.18 56.12 -45.53
CA HIS W 37 -9.53 55.78 -45.96
C HIS W 37 -10.37 55.34 -44.77
N HIS W 38 -11.69 55.49 -44.89
CA HIS W 38 -12.57 55.28 -43.74
C HIS W 38 -12.71 53.82 -43.39
N ALA W 39 -12.63 52.92 -44.37
CA ALA W 39 -12.80 51.50 -44.10
C ALA W 39 -11.61 50.91 -43.38
N VAL W 40 -10.44 51.53 -43.49
CA VAL W 40 -9.21 50.99 -42.92
C VAL W 40 -8.88 51.65 -41.58
N ILE W 41 -9.79 52.48 -41.05
CA ILE W 41 -9.62 53.01 -39.70
C ILE W 41 -9.80 51.88 -38.69
N PRO W 42 -8.91 51.75 -37.70
CA PRO W 42 -9.04 50.64 -36.76
C PRO W 42 -10.22 50.80 -35.83
N HIS W 43 -10.94 49.70 -35.60
CA HIS W 43 -12.07 49.70 -34.68
C HIS W 43 -12.04 48.43 -33.84
N GLY W 44 -12.69 48.50 -32.68
CA GLY W 44 -12.84 47.33 -31.84
C GLY W 44 -11.79 47.22 -30.75
N LYS W 45 -11.92 46.17 -29.95
CA LYS W 45 -10.99 45.89 -28.85
C LYS W 45 -9.87 44.95 -29.28
N GLY W 46 -9.49 44.96 -30.55
CA GLY W 46 -8.31 44.27 -31.01
C GLY W 46 -8.41 42.76 -31.09
N GLY W 47 -9.59 42.19 -31.03
CA GLY W 47 -9.78 40.76 -31.12
C GLY W 47 -10.02 40.30 -32.55
N ARG W 48 -10.74 39.19 -32.67
CA ARG W 48 -10.85 38.50 -33.95
C ARG W 48 -11.77 39.24 -34.91
N SER W 49 -12.92 39.71 -34.43
CA SER W 49 -13.87 40.40 -35.29
C SER W 49 -13.61 41.89 -35.40
N SER W 50 -12.56 42.39 -34.75
CA SER W 50 -12.22 43.79 -34.81
C SER W 50 -11.57 44.13 -36.15
N VAL W 51 -11.30 45.41 -36.36
CA VAL W 51 -10.61 45.91 -37.55
C VAL W 51 -9.32 46.54 -37.10
N SER W 52 -8.20 46.13 -37.69
CA SER W 52 -6.91 46.63 -37.25
C SER W 52 -6.32 47.68 -38.17
N GLY W 53 -6.74 47.75 -39.43
CA GLY W 53 -6.15 48.67 -40.37
C GLY W 53 -4.98 48.13 -41.14
N ILE W 54 -4.54 46.92 -40.82
CA ILE W 54 -3.48 46.26 -41.57
C ILE W 54 -4.14 45.50 -42.72
N VAL W 55 -3.84 45.89 -43.94
CA VAL W 55 -4.18 45.13 -45.12
C VAL W 55 -2.87 44.56 -45.64
N ALA W 56 -2.61 43.29 -45.34
CA ALA W 56 -1.30 42.70 -45.53
C ALA W 56 -1.31 41.71 -46.69
N THR W 57 -0.30 41.79 -47.54
CA THR W 57 -0.05 40.76 -48.55
C THR W 57 1.22 40.03 -48.14
N VAL W 58 1.06 38.80 -47.69
CA VAL W 58 2.15 38.01 -47.15
C VAL W 58 2.53 36.98 -48.20
N PHE W 59 3.55 37.29 -48.99
CA PHE W 59 4.12 36.28 -49.88
C PHE W 59 4.88 35.25 -49.06
N GLY W 60 4.81 33.99 -49.49
CA GLY W 60 5.43 32.93 -48.73
C GLY W 60 4.75 32.63 -47.41
N ALA W 61 3.44 32.80 -47.35
CA ALA W 61 2.70 32.57 -46.12
C ALA W 61 2.43 31.11 -45.84
N THR W 62 2.73 30.21 -46.76
CA THR W 62 2.49 28.79 -46.58
C THR W 62 3.71 28.04 -46.06
N GLY W 63 4.59 28.73 -45.33
CA GLY W 63 5.76 28.09 -44.78
C GLY W 63 5.80 28.11 -43.28
N PHE W 64 6.96 28.34 -42.70
CA PHE W 64 7.14 28.35 -41.25
C PHE W 64 6.87 29.71 -40.64
N LEU W 65 7.43 30.79 -41.19
CA LEU W 65 7.19 32.11 -40.64
C LEU W 65 5.82 32.64 -41.04
N GLY W 66 5.35 32.30 -42.23
CA GLY W 66 4.08 32.80 -42.70
C GLY W 66 2.90 32.24 -41.95
N ARG W 67 3.03 31.00 -41.45
CA ARG W 67 2.07 30.38 -40.56
C ARG W 67 1.77 31.27 -39.35
N TYR W 68 2.81 31.55 -38.56
CA TYR W 68 2.60 32.31 -37.34
C TYR W 68 2.40 33.79 -37.61
N LEU W 69 2.84 34.29 -38.76
CA LEU W 69 2.56 35.67 -39.12
C LEU W 69 1.09 35.86 -39.44
N VAL W 70 0.50 34.97 -40.26
CA VAL W 70 -0.93 35.04 -40.56
C VAL W 70 -1.76 34.76 -39.31
N ASN W 71 -1.25 33.92 -38.39
CA ASN W 71 -1.94 33.68 -37.13
C ASN W 71 -2.01 34.95 -36.28
N HIS W 72 -0.88 35.61 -36.09
CA HIS W 72 -0.88 36.82 -35.28
C HIS W 72 -1.50 38.02 -35.98
N LEU W 73 -1.55 38.03 -37.32
CA LEU W 73 -2.26 39.12 -38.01
C LEU W 73 -3.76 38.91 -37.98
N GLY W 74 -4.22 37.67 -38.13
CA GLY W 74 -5.64 37.40 -38.14
C GLY W 74 -6.31 37.52 -36.79
N ARG W 75 -5.56 37.39 -35.70
CA ARG W 75 -6.15 37.56 -34.39
C ARG W 75 -6.35 39.02 -34.01
N MET W 76 -5.74 39.94 -34.74
CA MET W 76 -6.04 41.36 -34.60
C MET W 76 -7.23 41.79 -35.43
N GLY W 77 -7.55 41.04 -36.48
CA GLY W 77 -8.62 41.40 -37.38
C GLY W 77 -8.09 42.10 -38.60
N SER W 78 -6.90 41.74 -39.02
CA SER W 78 -6.30 42.29 -40.22
C SER W 78 -6.87 41.61 -41.46
N GLN W 79 -6.90 42.35 -42.56
CA GLN W 79 -7.19 41.78 -43.86
C GLN W 79 -5.90 41.24 -44.45
N VAL W 80 -5.78 39.92 -44.52
CA VAL W 80 -4.55 39.28 -44.97
C VAL W 80 -4.80 38.72 -46.36
N ILE W 81 -3.92 39.03 -47.29
CA ILE W 81 -3.94 38.42 -48.61
C ILE W 81 -2.83 37.39 -48.64
N VAL W 82 -3.19 36.14 -48.88
CA VAL W 82 -2.23 35.03 -48.88
C VAL W 82 -2.09 34.54 -50.32
N PRO W 83 -1.06 34.97 -51.05
CA PRO W 83 -0.82 34.40 -52.37
C PRO W 83 -0.07 33.08 -52.22
N TYR W 84 -0.56 32.06 -52.93
CA TYR W 84 -0.07 30.71 -52.76
C TYR W 84 0.31 30.12 -54.11
N ARG W 85 1.43 29.40 -54.10
CA ARG W 85 1.92 28.69 -55.28
C ARG W 85 1.43 27.25 -55.30
N CYS W 86 1.13 26.70 -54.12
CA CYS W 86 0.98 25.27 -53.90
C CYS W 86 -0.45 24.81 -54.12
N GLU W 87 -0.74 23.59 -53.71
CA GLU W 87 -2.09 23.05 -53.73
C GLU W 87 -2.94 23.79 -52.70
N PRO W 88 -4.23 24.05 -53.01
CA PRO W 88 -5.11 24.65 -51.99
C PRO W 88 -5.35 23.78 -50.78
N TYR W 89 -5.07 22.47 -50.85
CA TYR W 89 -5.05 21.65 -49.64
C TYR W 89 -3.95 22.08 -48.69
N ASP W 90 -2.84 22.58 -49.23
CA ASP W 90 -1.71 22.97 -48.40
C ASP W 90 -1.87 24.35 -47.77
N THR W 91 -3.02 24.99 -47.94
CA THR W 91 -3.32 26.26 -47.30
C THR W 91 -4.45 26.14 -46.28
N MET W 92 -4.76 24.92 -45.84
CA MET W 92 -5.90 24.71 -44.96
C MET W 92 -5.67 25.31 -43.57
N HIS W 93 -4.46 25.19 -43.05
CA HIS W 93 -4.16 25.63 -41.69
C HIS W 93 -4.23 27.14 -41.52
N LEU W 94 -4.14 27.90 -42.61
CA LEU W 94 -4.24 29.35 -42.55
C LEU W 94 -5.68 29.83 -42.50
N ARG W 95 -6.64 28.96 -42.77
CA ARG W 95 -8.05 29.34 -42.86
C ARG W 95 -8.77 29.53 -41.53
N PRO W 96 -8.52 28.76 -40.45
CA PRO W 96 -9.07 29.15 -39.15
C PRO W 96 -8.38 30.33 -38.49
N MET W 97 -7.39 30.96 -39.14
CA MET W 97 -6.58 31.98 -38.47
C MET W 97 -7.20 33.36 -38.47
N GLY W 98 -8.34 33.56 -39.13
CA GLY W 98 -8.97 34.86 -39.09
C GLY W 98 -10.46 34.74 -39.22
N ASP W 99 -11.12 35.89 -39.27
CA ASP W 99 -12.58 35.94 -39.31
C ASP W 99 -13.03 35.76 -40.75
N LEU W 100 -14.30 36.01 -41.02
CA LEU W 100 -14.87 35.79 -42.35
C LEU W 100 -14.40 36.84 -43.32
N GLY W 101 -13.79 36.39 -44.42
CA GLY W 101 -13.32 37.27 -45.46
C GLY W 101 -12.00 37.94 -45.18
N GLN W 102 -11.35 37.64 -44.06
CA GLN W 102 -10.13 38.31 -43.68
C GLN W 102 -8.87 37.61 -44.19
N ILE W 103 -9.00 36.43 -44.78
CA ILE W 103 -7.90 35.81 -45.52
C ILE W 103 -8.37 35.58 -46.95
N ILE W 104 -7.70 36.22 -47.90
CA ILE W 104 -8.00 36.09 -49.32
C ILE W 104 -6.89 35.29 -49.97
N PHE W 105 -7.23 34.15 -50.54
CA PHE W 105 -6.26 33.34 -51.27
C PHE W 105 -6.33 33.64 -52.76
N MET W 106 -5.17 33.72 -53.39
CA MET W 106 -5.12 33.90 -54.83
C MET W 106 -3.81 33.32 -55.37
N ASP W 107 -3.86 32.88 -56.62
CA ASP W 107 -2.69 32.29 -57.25
C ASP W 107 -1.64 33.34 -57.57
N TRP W 108 -0.38 32.92 -57.53
CA TRP W 108 0.70 33.77 -58.00
C TRP W 108 1.83 32.89 -58.48
N ASN W 109 2.53 33.38 -59.51
CA ASN W 109 3.75 32.79 -59.99
C ASN W 109 4.90 33.70 -59.59
N GLY W 110 6.03 33.10 -59.23
CA GLY W 110 7.20 33.89 -58.86
C GLY W 110 7.83 34.65 -60.01
N ARG W 111 7.59 34.21 -61.25
CA ARG W 111 8.16 34.84 -62.43
C ARG W 111 7.13 35.66 -63.20
N ASP W 112 5.98 35.93 -62.61
CA ASP W 112 4.91 36.68 -63.25
C ASP W 112 4.64 37.92 -62.40
N LYS W 113 4.96 39.09 -62.95
CA LYS W 113 4.72 40.34 -62.22
C LYS W 113 3.24 40.70 -62.18
N ASP W 114 2.43 40.18 -63.09
CA ASP W 114 1.02 40.56 -63.13
C ASP W 114 0.26 39.94 -61.97
N SER W 115 0.62 38.73 -61.57
CA SER W 115 0.01 38.13 -60.39
C SER W 115 0.47 38.81 -59.10
N ILE W 116 1.71 39.29 -59.06
CA ILE W 116 2.18 40.05 -57.90
C ILE W 116 1.43 41.37 -57.81
N ARG W 117 1.21 42.04 -58.94
CA ARG W 117 0.44 43.28 -58.97
C ARG W 117 -1.00 43.03 -58.60
N ARG W 118 -1.53 41.88 -58.99
CA ARG W 118 -2.90 41.51 -58.65
C ARG W 118 -3.02 41.23 -57.16
N ALA W 119 -1.93 40.81 -56.52
CA ALA W 119 -1.94 40.55 -55.09
C ALA W 119 -1.66 41.77 -54.21
N VAL W 120 -0.90 42.76 -54.68
CA VAL W 120 -0.51 43.87 -53.80
C VAL W 120 -1.25 45.16 -54.07
N GLU W 121 -2.20 45.18 -55.01
CA GLU W 121 -2.78 46.44 -55.43
C GLU W 121 -3.79 47.01 -54.44
N HIS W 122 -4.02 46.37 -53.30
CA HIS W 122 -4.94 46.89 -52.30
C HIS W 122 -4.33 46.92 -50.91
N SER W 123 -3.07 46.52 -50.75
CA SER W 123 -2.44 46.40 -49.45
C SER W 123 -1.81 47.72 -49.02
N ASN W 124 -1.62 47.86 -47.72
CA ASN W 124 -0.81 48.94 -47.17
C ASN W 124 0.45 48.44 -46.48
N VAL W 125 0.71 47.14 -46.56
CA VAL W 125 1.99 46.54 -46.15
C VAL W 125 2.19 45.27 -46.97
N VAL W 126 3.41 45.06 -47.43
CA VAL W 126 3.79 43.82 -48.12
C VAL W 126 4.90 43.16 -47.31
N ILE W 127 4.72 41.90 -46.96
CA ILE W 127 5.71 41.11 -46.27
C ILE W 127 6.21 40.03 -47.23
N ASN W 128 7.52 39.90 -47.36
CA ASN W 128 8.13 38.89 -48.21
C ASN W 128 8.75 37.81 -47.35
N LEU W 129 8.32 36.56 -47.54
CA LEU W 129 8.79 35.42 -46.79
C LEU W 129 9.15 34.25 -47.72
N VAL W 130 9.51 34.56 -48.96
CA VAL W 130 9.80 33.53 -49.95
C VAL W 130 11.20 32.99 -49.71
N GLY W 131 11.31 31.68 -49.55
CA GLY W 131 12.61 31.09 -49.34
C GLY W 131 12.65 29.58 -49.47
N ARG W 132 13.83 29.05 -49.80
CA ARG W 132 14.07 27.62 -49.78
C ARG W 132 15.46 27.38 -49.20
N GLU W 133 15.61 26.29 -48.45
CA GLU W 133 16.94 25.92 -47.98
C GLU W 133 17.78 25.32 -49.10
N TRP W 134 17.17 24.87 -50.18
CA TRP W 134 17.81 24.15 -51.26
C TRP W 134 17.33 24.70 -52.58
N GLU W 135 18.12 24.53 -53.62
CA GLU W 135 17.68 24.95 -54.94
C GLU W 135 17.04 23.77 -55.67
N THR W 136 15.94 24.06 -56.36
CA THR W 136 15.18 23.03 -57.05
C THR W 136 15.48 23.06 -58.54
N LYS W 137 14.76 22.23 -59.29
CA LYS W 137 14.96 22.12 -60.72
C LYS W 137 14.53 23.39 -61.45
N ASN W 138 13.47 24.05 -60.97
CA ASN W 138 12.95 25.25 -61.61
C ASN W 138 13.41 26.54 -60.94
N PHE W 139 13.92 26.48 -59.71
CA PHE W 139 14.23 27.67 -58.95
C PHE W 139 15.58 27.49 -58.26
N ASP W 140 16.58 28.21 -58.71
CA ASP W 140 17.84 28.28 -57.98
C ASP W 140 17.74 29.33 -56.88
N PHE W 141 18.83 29.53 -56.14
CA PHE W 141 18.85 30.51 -55.05
C PHE W 141 18.74 31.94 -55.56
N GLU W 142 19.18 32.19 -56.79
CA GLU W 142 19.08 33.54 -57.35
C GLU W 142 17.64 33.92 -57.60
N ASP W 143 16.84 33.03 -58.19
CA ASP W 143 15.44 33.33 -58.47
C ASP W 143 14.63 33.50 -57.19
N VAL W 144 14.91 32.69 -56.18
CA VAL W 144 14.14 32.74 -54.94
C VAL W 144 14.56 33.94 -54.09
N PHE W 145 15.86 34.24 -54.03
CA PHE W 145 16.34 35.25 -53.09
C PHE W 145 16.59 36.62 -53.70
N VAL W 146 16.61 36.76 -55.03
CA VAL W 146 16.97 38.01 -55.67
C VAL W 146 15.85 38.46 -56.58
N LYS W 147 15.48 37.61 -57.54
CA LYS W 147 14.54 38.00 -58.59
C LYS W 147 13.13 38.16 -58.04
N ILE W 148 12.66 37.15 -57.28
CA ILE W 148 11.34 37.26 -56.65
C ILE W 148 11.24 38.40 -55.63
N PRO W 149 12.21 38.63 -54.73
CA PRO W 149 12.11 39.84 -53.91
C PRO W 149 12.22 41.15 -54.66
N GLN W 150 13.04 41.22 -55.71
CA GLN W 150 13.10 42.45 -56.48
C GLN W 150 11.82 42.67 -57.26
N ALA W 151 11.19 41.60 -57.75
CA ALA W 151 9.92 41.73 -58.47
C ALA W 151 8.81 42.17 -57.52
N ILE W 152 8.71 41.55 -56.34
CA ILE W 152 7.70 41.93 -55.36
C ILE W 152 7.90 43.36 -54.89
N ALA W 153 9.16 43.76 -54.61
CA ALA W 153 9.42 45.09 -54.09
C ALA W 153 9.22 46.16 -55.16
N GLN W 154 9.62 45.89 -56.41
CA GLN W 154 9.43 46.85 -57.48
C GLN W 154 7.96 47.03 -57.81
N VAL W 155 7.22 45.92 -57.91
CA VAL W 155 5.80 45.97 -58.19
C VAL W 155 5.04 46.63 -57.05
N SER W 156 5.49 46.41 -55.80
CA SER W 156 4.87 47.06 -54.66
C SER W 156 5.16 48.56 -54.63
N LYS W 157 6.36 48.96 -55.08
CA LYS W 157 6.66 50.38 -55.21
C LYS W 157 5.79 51.04 -56.26
N GLU W 158 5.62 50.39 -57.40
CA GLU W 158 4.79 50.98 -58.46
C GLU W 158 3.30 50.69 -58.28
N ALA W 159 2.89 50.11 -57.14
CA ALA W 159 1.49 49.98 -56.79
C ALA W 159 1.10 50.85 -55.62
N GLY W 160 2.01 51.70 -55.12
CA GLY W 160 1.67 52.63 -54.07
C GLY W 160 1.63 52.06 -52.67
N VAL W 161 2.28 50.93 -52.42
CA VAL W 161 2.32 50.38 -51.08
C VAL W 161 3.35 51.13 -50.27
N GLU W 162 2.95 51.60 -49.08
CA GLU W 162 3.86 52.42 -48.28
C GLU W 162 4.87 51.57 -47.52
N LYS W 163 4.44 50.45 -46.98
CA LYS W 163 5.27 49.63 -46.12
C LYS W 163 5.70 48.36 -46.84
N PHE W 164 6.95 47.98 -46.64
CA PHE W 164 7.47 46.74 -47.20
C PHE W 164 8.37 46.11 -46.16
N ILE W 165 8.29 44.79 -46.02
CA ILE W 165 9.14 44.05 -45.10
C ILE W 165 9.78 42.90 -45.84
N HIS W 166 11.11 42.89 -45.87
CA HIS W 166 11.89 41.84 -46.50
C HIS W 166 12.66 41.10 -45.42
N ILE W 167 12.72 39.78 -45.53
CA ILE W 167 13.37 38.94 -44.53
C ILE W 167 14.65 38.39 -45.15
N SER W 168 15.78 38.96 -44.74
CA SER W 168 17.10 38.45 -45.10
C SER W 168 17.55 37.47 -44.01
N HIS W 169 18.83 37.14 -43.98
CA HIS W 169 19.40 36.31 -42.92
C HIS W 169 20.48 37.13 -42.23
N LEU W 170 20.74 36.80 -40.96
CA LEU W 170 21.72 37.55 -40.18
C LEU W 170 23.12 37.42 -40.75
N ASN W 171 23.46 36.22 -41.24
CA ASN W 171 24.79 35.95 -41.77
C ASN W 171 24.88 36.17 -43.27
N ALA W 172 24.05 37.06 -43.82
CA ALA W 172 24.12 37.37 -45.24
C ALA W 172 25.40 38.16 -45.53
N ASP W 173 26.23 37.60 -46.39
CA ASP W 173 27.51 38.22 -46.74
C ASP W 173 27.75 37.94 -48.21
N ILE W 174 28.34 38.93 -48.91
CA ILE W 174 28.61 38.80 -50.33
C ILE W 174 29.66 37.72 -50.58
N LYS W 175 30.69 37.66 -49.74
CA LYS W 175 31.77 36.69 -49.89
C LYS W 175 31.64 35.54 -48.89
N SER W 176 30.42 35.13 -48.57
CA SER W 176 30.21 33.96 -47.74
C SER W 176 30.46 32.69 -48.55
N SER W 177 30.64 31.58 -47.84
CA SER W 177 30.89 30.31 -48.51
C SER W 177 29.64 29.71 -49.11
N SER W 178 28.49 29.96 -48.52
CA SER W 178 27.24 29.34 -48.95
C SER W 178 26.49 30.23 -49.94
N LYS W 179 25.97 29.60 -50.98
CA LYS W 179 25.27 30.29 -52.06
C LYS W 179 23.97 30.94 -51.57
N TYR W 180 23.35 30.32 -50.55
CA TYR W 180 22.22 30.88 -49.81
C TYR W 180 22.49 32.30 -49.37
N LEU W 181 23.54 32.49 -48.56
CA LEU W 181 23.80 33.78 -47.93
C LEU W 181 24.30 34.81 -48.94
N ARG W 182 25.02 34.35 -49.97
CA ARG W 182 25.47 35.25 -51.03
C ARG W 182 24.28 35.81 -51.80
N ASN W 183 23.39 34.94 -52.28
CA ASN W 183 22.24 35.43 -53.01
C ASN W 183 21.26 36.17 -52.11
N LYS W 184 21.23 35.86 -50.83
CA LYS W 184 20.33 36.59 -49.96
C LYS W 184 20.84 37.99 -49.65
N ALA W 185 22.16 38.18 -49.57
CA ALA W 185 22.70 39.54 -49.43
C ALA W 185 22.58 40.33 -50.72
N VAL W 186 22.73 39.69 -51.88
CA VAL W 186 22.51 40.34 -53.17
C VAL W 186 21.06 40.79 -53.31
N GLY W 187 20.12 39.92 -52.94
CA GLY W 187 18.72 40.27 -52.97
C GLY W 187 18.35 41.35 -51.97
N GLU W 188 19.03 41.37 -50.81
CA GLU W 188 18.83 42.46 -49.86
C GLU W 188 19.30 43.79 -50.43
N LYS W 189 20.44 43.80 -51.12
CA LYS W 189 20.93 45.01 -51.77
C LYS W 189 19.96 45.49 -52.84
N GLU W 190 19.38 44.56 -53.60
CA GLU W 190 18.45 45.00 -54.65
C GLU W 190 17.10 45.43 -54.08
N VAL W 191 16.65 44.81 -52.98
CA VAL W 191 15.44 45.26 -52.30
C VAL W 191 15.63 46.66 -51.73
N ARG W 192 16.80 46.92 -51.13
CA ARG W 192 17.09 48.24 -50.59
C ARG W 192 17.17 49.30 -51.69
N GLU W 193 17.69 48.94 -52.86
CA GLU W 193 17.80 49.96 -53.89
C GLU W 193 16.50 50.13 -54.69
N THR W 194 15.60 49.15 -54.71
CA THR W 194 14.36 49.36 -55.44
C THR W 194 13.18 49.75 -54.56
N PHE W 195 13.28 49.56 -53.24
CA PHE W 195 12.27 50.05 -52.30
C PHE W 195 13.05 50.72 -51.18
N PRO W 196 13.30 52.03 -51.27
CA PRO W 196 14.15 52.70 -50.28
C PRO W 196 13.51 52.87 -48.90
N GLU W 197 12.26 52.47 -48.70
CA GLU W 197 11.63 52.53 -47.39
C GLU W 197 11.32 51.15 -46.83
N ALA W 198 12.00 50.12 -47.31
CA ALA W 198 11.72 48.77 -46.83
C ALA W 198 12.31 48.58 -45.44
N THR W 199 11.64 47.75 -44.65
CA THR W 199 12.16 47.32 -43.35
C THR W 199 12.75 45.93 -43.55
N ILE W 200 14.06 45.86 -43.67
CA ILE W 200 14.74 44.59 -43.90
C ILE W 200 15.13 44.01 -42.55
N ILE W 201 14.73 42.76 -42.31
CA ILE W 201 14.90 42.11 -41.02
C ILE W 201 15.91 40.97 -41.17
N LYS W 202 16.83 40.86 -40.21
CA LYS W 202 17.84 39.82 -40.15
C LYS W 202 17.51 38.87 -39.00
N PRO W 203 16.81 37.77 -39.22
CA PRO W 203 16.74 36.75 -38.18
C PRO W 203 17.97 35.89 -38.20
N ALA W 204 18.35 35.39 -37.02
CA ALA W 204 19.59 34.61 -36.95
C ALA W 204 19.37 33.17 -37.41
N ASP W 205 18.61 32.41 -36.64
CA ASP W 205 18.26 31.01 -36.91
C ASP W 205 17.03 30.74 -36.07
N ILE W 206 15.92 30.42 -36.69
CA ILE W 206 14.63 30.47 -36.02
C ILE W 206 14.22 29.08 -35.59
N PHE W 207 13.95 28.91 -34.30
CA PHE W 207 13.49 27.65 -33.76
C PHE W 207 12.02 27.74 -33.36
N GLY W 208 11.31 26.65 -33.61
CA GLY W 208 9.90 26.55 -33.30
C GLY W 208 9.46 25.12 -33.49
N ARG W 209 8.15 24.91 -33.49
CA ARG W 209 7.65 23.54 -33.67
C ARG W 209 7.88 23.04 -35.09
N GLU W 210 7.68 23.89 -36.09
CA GLU W 210 7.80 23.50 -37.48
C GLU W 210 9.11 23.95 -38.11
N ASP W 211 10.14 24.18 -37.31
CA ASP W 211 11.39 24.76 -37.81
C ASP W 211 12.19 23.72 -38.59
N ARG W 212 13.37 24.15 -39.03
CA ARG W 212 14.38 23.24 -39.55
C ARG W 212 15.71 23.52 -38.86
N PHE W 213 15.66 23.90 -37.59
CA PHE W 213 16.86 24.15 -36.81
C PHE W 213 17.01 23.16 -35.65
N LEU W 214 16.05 23.11 -34.73
CA LEU W 214 16.14 22.12 -33.66
C LEU W 214 15.67 20.75 -34.13
N ASN W 215 14.73 20.71 -35.05
CA ASN W 215 14.31 19.45 -35.64
C ASN W 215 15.33 18.91 -36.60
N TYR W 216 16.17 19.76 -37.19
CA TYR W 216 17.28 19.26 -37.99
C TYR W 216 18.35 18.62 -37.12
N PHE W 217 18.55 19.16 -35.91
CA PHE W 217 19.52 18.58 -34.99
C PHE W 217 18.97 17.34 -34.32
N ALA W 218 17.68 17.31 -34.05
CA ALA W 218 17.06 16.15 -33.41
C ALA W 218 16.88 14.97 -34.37
N ASN W 219 17.04 15.21 -35.68
CA ASN W 219 16.97 14.14 -36.67
C ASN W 219 18.30 13.95 -37.40
N ILE W 220 19.39 14.49 -36.87
CA ILE W 220 20.70 14.25 -37.49
C ILE W 220 21.41 13.10 -36.82
N ARG W 221 20.95 12.66 -35.64
CA ARG W 221 21.47 11.54 -34.87
C ARG W 221 22.97 11.61 -34.57
N SER W 230 26.12 19.31 -37.94
CA SER W 230 26.22 17.87 -38.07
C SER W 230 27.40 17.34 -37.25
N LEU W 231 28.46 18.13 -37.17
CA LEU W 231 29.60 17.83 -36.31
C LEU W 231 30.00 19.09 -35.56
N GLY W 232 30.75 18.89 -34.47
CA GLY W 232 31.02 19.95 -33.53
C GLY W 232 32.28 20.73 -33.85
N LYS W 233 32.11 22.03 -34.08
CA LYS W 233 33.21 22.93 -34.40
C LYS W 233 33.11 24.20 -33.56
N LYS W 234 33.87 25.24 -33.93
CA LYS W 234 33.96 26.46 -33.15
C LYS W 234 32.86 27.47 -33.47
N THR W 235 31.78 27.02 -34.11
CA THR W 235 30.69 27.89 -34.52
C THR W 235 29.87 28.35 -33.31
N VAL W 236 29.61 29.66 -33.24
CA VAL W 236 28.79 30.25 -32.17
C VAL W 236 27.47 30.70 -32.77
N LYS W 237 26.36 30.23 -32.21
CA LYS W 237 25.02 30.58 -32.67
C LYS W 237 24.19 31.15 -31.54
N GLN W 238 23.42 32.20 -31.84
CA GLN W 238 22.34 32.64 -30.97
C GLN W 238 21.00 32.54 -31.68
N PRO W 239 20.25 31.46 -31.48
CA PRO W 239 18.97 31.30 -32.17
C PRO W 239 17.85 32.10 -31.54
N VAL W 240 16.96 32.60 -32.40
CA VAL W 240 15.83 33.44 -32.00
C VAL W 240 14.55 32.63 -32.14
N TYR W 241 13.59 32.90 -31.25
CA TYR W 241 12.33 32.17 -31.25
C TYR W 241 11.34 32.79 -32.23
N ILE W 242 10.46 31.94 -32.76
CA ILE W 242 9.58 32.32 -33.87
C ILE W 242 8.49 33.29 -33.44
N VAL W 243 7.99 33.19 -32.21
CA VAL W 243 6.98 34.14 -31.74
C VAL W 243 7.62 35.51 -31.54
N ASP W 244 8.90 35.54 -31.15
CA ASP W 244 9.62 36.80 -31.03
C ASP W 244 9.83 37.45 -32.39
N VAL W 245 10.15 36.65 -33.41
CA VAL W 245 10.30 37.18 -34.77
C VAL W 245 8.97 37.67 -35.30
N THR W 246 7.87 36.97 -34.98
CA THR W 246 6.56 37.37 -35.48
C THR W 246 6.10 38.67 -34.83
N LYS W 247 6.28 38.79 -33.51
CA LYS W 247 5.97 40.04 -32.83
C LYS W 247 6.89 41.17 -33.28
N GLY W 248 8.13 40.86 -33.67
CA GLY W 248 8.98 41.88 -34.22
C GLY W 248 8.54 42.37 -35.59
N ILE W 249 8.07 41.45 -36.45
CA ILE W 249 7.55 41.84 -37.76
C ILE W 249 6.29 42.68 -37.61
N ILE W 250 5.44 42.35 -36.63
CA ILE W 250 4.22 43.12 -36.43
C ILE W 250 4.51 44.49 -35.85
N ASN W 251 5.44 44.58 -34.90
CA ASN W 251 5.80 45.89 -34.40
C ASN W 251 6.61 46.70 -35.41
N ALA W 252 7.20 46.04 -36.41
CA ALA W 252 7.76 46.78 -37.54
C ALA W 252 6.67 47.26 -38.50
N ILE W 253 5.57 46.53 -38.60
CA ILE W 253 4.41 47.04 -39.34
C ILE W 253 3.84 48.27 -38.65
N LYS W 254 3.74 48.23 -37.32
CA LYS W 254 3.02 49.29 -36.62
C LYS W 254 3.87 50.54 -36.38
N ASP W 255 5.18 50.39 -36.21
CA ASP W 255 6.03 51.54 -35.91
C ASP W 255 6.35 52.30 -37.19
N PRO W 256 6.05 53.61 -37.25
CA PRO W 256 6.54 54.41 -38.39
C PRO W 256 8.04 54.71 -38.33
N ASP W 257 8.68 54.50 -37.19
CA ASP W 257 10.13 54.70 -37.09
C ASP W 257 10.92 53.48 -37.53
N ALA W 258 10.26 52.38 -37.89
CA ALA W 258 10.92 51.20 -38.43
C ALA W 258 11.04 51.25 -39.95
N ARG W 259 10.55 52.30 -40.59
CA ARG W 259 10.63 52.43 -42.04
C ARG W 259 12.05 52.80 -42.45
N GLY W 260 12.60 52.05 -43.41
CA GLY W 260 13.94 52.28 -43.86
C GLY W 260 15.02 51.73 -42.95
N LYS W 261 14.66 51.14 -41.82
CA LYS W 261 15.62 50.59 -40.90
C LYS W 261 16.02 49.18 -41.33
N THR W 262 17.03 48.66 -40.65
CA THR W 262 17.49 47.29 -40.86
C THR W 262 17.63 46.66 -39.48
N PHE W 263 16.79 45.67 -39.19
CA PHE W 263 16.75 45.05 -37.88
C PHE W 263 17.46 43.71 -37.91
N ALA W 264 18.09 43.37 -36.80
CA ALA W 264 18.73 42.06 -36.63
C ALA W 264 18.05 41.38 -35.45
N PHE W 265 17.31 40.30 -35.72
CA PHE W 265 16.58 39.60 -34.67
C PHE W 265 17.40 38.43 -34.21
N VAL W 266 17.93 38.51 -32.99
CA VAL W 266 18.74 37.46 -32.41
C VAL W 266 18.12 37.03 -31.09
N GLY W 267 18.44 35.82 -30.68
CA GLY W 267 18.07 35.37 -29.36
C GLY W 267 18.93 36.00 -28.30
N PRO W 268 18.52 35.85 -27.05
CA PRO W 268 19.24 36.54 -25.96
C PRO W 268 20.56 35.88 -25.62
N ASN W 269 20.66 34.56 -25.76
CA ASN W 269 21.83 33.81 -25.34
C ASN W 269 22.57 33.29 -26.56
N ARG W 270 23.88 33.49 -26.59
CA ARG W 270 24.75 32.91 -27.60
C ARG W 270 25.27 31.57 -27.11
N TYR W 271 25.28 30.57 -27.99
CA TYR W 271 25.76 29.25 -27.66
C TYR W 271 26.83 28.85 -28.66
N LEU W 272 27.75 27.99 -28.23
CA LEU W 272 28.56 27.27 -29.21
C LEU W 272 27.65 26.31 -29.97
N LEU W 273 28.13 25.85 -31.14
CA LEU W 273 27.36 24.87 -31.89
C LEU W 273 27.31 23.53 -31.16
N PHE W 274 28.43 23.14 -30.54
CA PHE W 274 28.57 21.80 -30.00
C PHE W 274 27.69 21.58 -28.77
N ASP W 275 27.73 22.50 -27.81
CA ASP W 275 26.88 22.32 -26.63
C ASP W 275 25.41 22.63 -26.94
N LEU W 276 25.14 23.41 -27.98
CA LEU W 276 23.77 23.53 -28.49
C LEU W 276 23.24 22.19 -28.96
N VAL W 277 24.01 21.49 -29.80
CA VAL W 277 23.59 20.19 -30.30
C VAL W 277 23.52 19.16 -29.17
N GLN W 278 24.41 19.25 -28.18
CA GLN W 278 24.33 18.34 -27.04
C GLN W 278 23.13 18.65 -26.16
N TYR W 279 22.73 19.92 -26.04
CA TYR W 279 21.51 20.25 -25.33
C TYR W 279 20.27 19.79 -26.08
N VAL W 280 20.32 19.79 -27.42
CA VAL W 280 19.20 19.29 -28.21
C VAL W 280 19.06 17.78 -28.03
N PHE W 281 20.17 17.05 -28.08
CA PHE W 281 20.10 15.62 -27.81
C PHE W 281 19.79 15.31 -26.34
N ALA W 282 20.05 16.24 -25.43
CA ALA W 282 19.65 16.03 -24.04
C ALA W 282 18.16 16.22 -23.83
N VAL W 283 17.57 17.25 -24.46
CA VAL W 283 16.13 17.50 -24.30
C VAL W 283 15.31 16.43 -25.00
N ALA W 284 15.78 15.96 -26.15
CA ALA W 284 15.08 14.93 -26.92
C ALA W 284 15.29 13.52 -26.37
N HIS W 285 15.94 13.38 -25.20
CA HIS W 285 16.24 12.09 -24.55
C HIS W 285 17.04 11.16 -25.46
N ARG W 286 17.95 11.72 -26.20
CA ARG W 286 18.77 10.89 -27.06
C ARG W 286 20.16 10.75 -26.47
N PRO W 287 20.81 9.58 -26.60
CA PRO W 287 22.13 9.41 -26.00
C PRO W 287 23.28 10.06 -26.78
N TRP W 313 17.07 14.50 -45.08
CA TRP W 313 17.38 15.57 -46.02
C TRP W 313 18.55 16.43 -45.53
N THR W 314 19.56 16.57 -46.39
CA THR W 314 20.67 17.49 -46.14
C THR W 314 21.31 17.85 -47.47
N THR W 315 22.08 18.93 -47.44
CA THR W 315 22.93 19.32 -48.55
C THR W 315 24.14 20.03 -47.97
N ARG W 316 25.16 20.22 -48.80
CA ARG W 316 26.38 20.84 -48.30
C ARG W 316 26.23 22.34 -48.08
N ASP W 317 25.20 22.96 -48.65
CA ASP W 317 24.93 24.37 -48.38
C ASP W 317 24.43 24.56 -46.95
N LYS W 318 23.51 23.70 -46.51
CA LYS W 318 23.07 23.73 -45.12
C LYS W 318 24.21 23.41 -44.16
N VAL W 319 25.14 22.54 -44.59
CA VAL W 319 26.31 22.25 -43.78
C VAL W 319 27.21 23.47 -43.67
N GLU W 320 27.48 24.16 -44.79
CA GLU W 320 28.30 25.37 -44.75
C GLU W 320 27.59 26.53 -44.06
N ARG W 321 26.27 26.45 -43.86
CA ARG W 321 25.55 27.45 -43.09
C ARG W 321 25.50 27.15 -41.59
N ILE W 322 25.38 25.88 -41.21
CA ILE W 322 25.41 25.53 -39.80
C ILE W 322 26.80 25.76 -39.24
N HIS W 323 27.85 25.53 -40.03
CA HIS W 323 29.21 25.83 -39.62
C HIS W 323 29.58 27.28 -39.84
N THR W 324 28.64 28.12 -40.28
CA THR W 324 28.82 29.56 -40.32
C THR W 324 28.29 30.14 -39.02
N THR W 325 29.14 30.89 -38.31
CA THR W 325 28.74 31.41 -37.01
C THR W 325 27.82 32.60 -37.16
N ASP W 326 26.92 32.75 -36.19
CA ASP W 326 26.01 33.89 -36.17
C ASP W 326 26.81 35.13 -35.83
N ARG W 327 26.98 36.01 -36.81
CA ARG W 327 27.82 37.19 -36.68
C ARG W 327 27.20 38.19 -35.73
N THR W 328 27.99 39.18 -35.34
CA THR W 328 27.59 40.17 -34.35
C THR W 328 27.48 41.52 -35.03
N LEU W 329 26.26 42.06 -35.09
CA LEU W 329 25.97 43.33 -35.72
C LEU W 329 25.32 44.25 -34.69
N PRO W 330 26.12 44.90 -33.84
CA PRO W 330 25.53 45.74 -32.77
C PRO W 330 24.97 47.04 -33.29
N HIS W 331 25.44 47.53 -34.44
CA HIS W 331 24.98 48.81 -34.98
C HIS W 331 23.59 48.73 -35.59
N LEU W 332 23.01 47.55 -35.70
CA LEU W 332 21.63 47.34 -36.14
C LEU W 332 20.70 47.26 -34.93
N PRO W 333 19.52 47.86 -35.01
CA PRO W 333 18.52 47.67 -33.97
C PRO W 333 18.00 46.24 -33.94
N GLY W 334 17.44 45.86 -32.79
CA GLY W 334 17.00 44.50 -32.60
C GLY W 334 15.57 44.38 -32.10
N LEU W 335 15.29 43.28 -31.40
CA LEU W 335 13.94 43.04 -30.90
C LEU W 335 13.57 44.00 -29.78
N GLU W 336 14.55 44.52 -29.05
CA GLU W 336 14.25 45.41 -27.93
C GLU W 336 13.89 46.81 -28.42
N ASP W 337 14.40 47.22 -29.57
CA ASP W 337 13.98 48.48 -30.15
C ASP W 337 12.59 48.41 -30.76
N LEU W 338 12.13 47.21 -31.11
CA LEU W 338 10.75 46.99 -31.51
C LEU W 338 9.87 46.49 -30.37
N GLY W 339 10.35 46.59 -29.13
CA GLY W 339 9.53 46.27 -27.98
C GLY W 339 9.31 44.82 -27.71
N VAL W 340 10.06 43.93 -28.36
CA VAL W 340 9.89 42.49 -28.20
C VAL W 340 10.98 41.98 -27.28
N GLN W 341 10.58 41.34 -26.18
CA GLN W 341 11.52 40.67 -25.31
C GLN W 341 11.81 39.29 -25.87
N ALA W 342 13.09 39.01 -26.13
CA ALA W 342 13.46 37.75 -26.76
C ALA W 342 13.37 36.62 -25.73
N THR W 343 12.68 35.55 -26.10
CA THR W 343 12.52 34.40 -25.23
C THR W 343 13.73 33.49 -25.36
N PRO W 344 14.34 33.04 -24.26
CA PRO W 344 15.50 32.17 -24.36
C PRO W 344 15.14 30.77 -24.85
N LEU W 345 16.19 30.00 -25.14
CA LEU W 345 16.02 28.68 -25.72
C LEU W 345 15.46 27.68 -24.71
N GLU W 346 15.80 27.81 -23.43
CA GLU W 346 15.43 26.80 -22.45
C GLU W 346 13.95 26.84 -22.12
N LEU W 347 13.28 27.97 -22.33
CA LEU W 347 11.86 28.03 -22.02
C LEU W 347 11.00 27.37 -23.08
N LYS W 348 11.42 27.41 -24.34
CA LYS W 348 10.61 26.91 -25.44
C LYS W 348 11.16 25.64 -26.06
N ALA W 349 12.36 25.20 -25.66
CA ALA W 349 12.97 24.05 -26.28
C ALA W 349 12.25 22.76 -25.92
N ILE W 350 11.68 22.68 -24.72
CA ILE W 350 10.90 21.50 -24.36
C ILE W 350 9.57 21.48 -25.10
N GLU W 351 8.98 22.65 -25.35
CA GLU W 351 7.80 22.77 -26.21
C GLU W 351 8.11 22.33 -27.64
N VAL W 352 9.30 22.66 -28.14
CA VAL W 352 9.69 22.24 -29.47
C VAL W 352 9.94 20.72 -29.52
N LEU W 353 10.75 20.22 -28.61
CA LEU W 353 11.31 18.88 -28.71
C LEU W 353 10.64 17.87 -27.79
N ARG W 354 9.42 18.17 -27.30
CA ARG W 354 8.66 17.16 -26.59
C ARG W 354 8.18 16.05 -27.51
N ARG W 355 8.10 16.33 -28.81
CA ARG W 355 7.72 15.32 -29.78
C ARG W 355 8.80 14.26 -29.93
N HIS W 356 10.07 14.64 -29.90
CA HIS W 356 11.14 13.67 -30.13
C HIS W 356 11.47 12.83 -28.92
N ARG W 357 11.29 13.34 -27.71
CA ARG W 357 11.53 12.54 -26.51
C ARG W 357 10.39 11.54 -26.31
N THR W 358 10.76 10.35 -25.82
CA THR W 358 9.80 9.26 -25.67
C THR W 358 9.36 9.10 -24.23
N VAL W 369 16.98 18.45 -17.21
CA VAL W 369 17.99 18.67 -18.24
C VAL W 369 18.77 19.94 -17.97
N GLN W 370 20.07 19.80 -17.74
CA GLN W 370 20.90 20.93 -17.40
C GLN W 370 21.17 21.78 -18.64
N PRO W 371 21.05 23.10 -18.56
CA PRO W 371 21.12 23.94 -19.76
C PRO W 371 22.52 24.00 -20.35
N ALA W 372 22.59 24.56 -21.56
CA ALA W 372 23.85 24.68 -22.27
C ALA W 372 24.63 25.89 -21.79
N LYS W 373 25.94 25.85 -22.00
CA LYS W 373 26.83 26.90 -21.50
C LYS W 373 26.82 28.07 -22.48
N THR W 374 26.34 29.22 -22.01
CA THR W 374 26.30 30.42 -22.83
C THR W 374 27.69 31.07 -22.88
N VAL W 375 27.89 31.89 -23.89
CA VAL W 375 29.16 32.61 -24.05
C VAL W 375 28.91 34.11 -24.06
N LEU X 14 2.76 82.84 -7.58
CA LEU X 14 3.04 84.09 -8.27
C LEU X 14 1.98 85.12 -7.89
N GLY X 15 0.73 84.68 -7.78
CA GLY X 15 -0.35 85.60 -7.49
C GLY X 15 -1.68 84.88 -7.44
N LEU X 16 -2.70 85.62 -7.01
CA LEU X 16 -4.06 85.11 -6.97
C LEU X 16 -4.71 85.27 -8.34
N ARG X 17 -5.51 84.28 -8.73
CA ARG X 17 -6.21 84.33 -10.01
C ARG X 17 -7.72 84.38 -9.87
N GLU X 18 -8.32 83.52 -9.05
CA GLU X 18 -9.74 83.65 -8.77
C GLU X 18 -10.06 83.06 -7.40
N ILE X 19 -11.21 83.48 -6.86
CA ILE X 19 -11.69 83.04 -5.56
C ILE X 19 -13.08 82.46 -5.76
N ARG X 20 -13.32 81.25 -5.26
CA ARG X 20 -14.62 80.62 -5.35
C ARG X 20 -15.19 80.42 -3.96
N ILE X 21 -16.46 80.79 -3.77
CA ILE X 21 -17.17 80.58 -2.52
C ILE X 21 -18.35 79.67 -2.83
N HIS X 22 -18.43 78.54 -2.13
CA HIS X 22 -19.59 77.68 -2.22
C HIS X 22 -20.34 77.69 -0.89
N LEU X 23 -21.67 77.57 -0.97
CA LEU X 23 -22.51 77.72 0.21
C LEU X 23 -23.88 77.13 -0.10
N CYS X 24 -24.66 76.93 0.96
CA CYS X 24 -26.05 76.53 0.87
C CYS X 24 -26.96 77.74 0.86
N GLN X 25 -28.23 77.51 0.48
CA GLN X 25 -29.24 78.55 0.62
C GLN X 25 -29.96 78.45 1.96
N ARG X 26 -29.97 77.28 2.58
CA ARG X 26 -30.83 77.03 3.73
C ARG X 26 -30.10 76.50 4.96
N SER X 27 -28.94 75.88 4.81
CA SER X 27 -28.29 75.22 5.94
C SER X 27 -27.69 76.25 6.89
N PRO X 28 -27.72 75.99 8.20
CA PRO X 28 -27.14 76.95 9.15
C PRO X 28 -25.63 76.98 9.15
N GLY X 29 -24.97 75.99 8.54
CA GLY X 29 -23.53 76.09 8.34
C GLY X 29 -23.15 77.18 7.37
N SER X 30 -24.04 77.51 6.44
CA SER X 30 -23.81 78.57 5.46
C SER X 30 -24.34 79.92 5.91
N GLN X 31 -24.76 80.05 7.17
CA GLN X 31 -25.39 81.29 7.62
C GLN X 31 -24.38 82.44 7.68
N GLY X 32 -23.18 82.18 8.19
CA GLY X 32 -22.15 83.20 8.19
C GLY X 32 -21.68 83.58 6.80
N VAL X 33 -21.67 82.63 5.88
CA VAL X 33 -21.30 82.92 4.50
C VAL X 33 -22.36 83.77 3.82
N ARG X 34 -23.64 83.46 4.08
CA ARG X 34 -24.73 84.29 3.56
C ARG X 34 -24.70 85.69 4.16
N ASP X 35 -24.36 85.80 5.44
CA ASP X 35 -24.24 87.11 6.06
C ASP X 35 -23.04 87.89 5.52
N PHE X 36 -21.99 87.19 5.09
CA PHE X 36 -20.90 87.88 4.40
C PHE X 36 -21.34 88.40 3.04
N ILE X 37 -22.05 87.58 2.27
CA ILE X 37 -22.39 87.99 0.90
C ILE X 37 -23.48 89.06 0.90
N GLU X 38 -24.34 89.09 1.94
CA GLU X 38 -25.35 90.13 2.01
C GLU X 38 -24.77 91.51 2.29
N LYS X 39 -23.63 91.59 2.99
CA LYS X 39 -23.11 92.88 3.43
C LYS X 39 -21.78 93.24 2.79
N ARG X 40 -20.78 92.37 2.86
CA ARG X 40 -19.41 92.73 2.57
C ARG X 40 -18.93 92.23 1.21
N TYR X 41 -19.84 91.79 0.32
CA TYR X 41 -19.40 91.43 -1.01
C TYR X 41 -19.35 92.62 -1.95
N VAL X 42 -20.22 93.61 -1.74
CA VAL X 42 -20.35 94.72 -2.68
C VAL X 42 -19.08 95.57 -2.69
N GLU X 43 -18.58 95.94 -1.51
CA GLU X 43 -17.32 96.67 -1.47
C GLU X 43 -16.11 95.80 -1.72
N LEU X 44 -16.25 94.48 -1.56
CA LEU X 44 -15.19 93.57 -1.97
C LEU X 44 -15.00 93.58 -3.49
N LYS X 45 -16.10 93.58 -4.23
CA LYS X 45 -16.02 93.65 -5.68
C LYS X 45 -15.68 95.08 -6.14
N LYS X 46 -16.07 96.09 -5.36
CA LYS X 46 -15.66 97.46 -5.69
C LYS X 46 -14.17 97.65 -5.49
N ALA X 47 -13.60 97.05 -4.44
CA ALA X 47 -12.17 97.15 -4.21
C ALA X 47 -11.38 96.28 -5.17
N ASN X 48 -11.96 95.17 -5.61
CA ASN X 48 -11.32 94.23 -6.54
C ASN X 48 -12.15 94.19 -7.82
N PRO X 49 -11.92 95.12 -8.76
CA PRO X 49 -12.79 95.18 -9.93
C PRO X 49 -12.53 94.06 -10.93
N ASP X 50 -11.28 93.65 -11.11
CA ASP X 50 -10.91 92.65 -12.11
C ASP X 50 -10.50 91.32 -11.47
N LEU X 51 -11.13 90.96 -10.36
CA LEU X 51 -10.91 89.66 -9.74
C LEU X 51 -12.23 88.90 -9.72
N PRO X 52 -12.33 87.76 -10.41
CA PRO X 52 -13.58 86.99 -10.37
C PRO X 52 -13.77 86.29 -9.04
N ILE X 53 -14.85 86.62 -8.36
CA ILE X 53 -15.15 86.09 -7.02
C ILE X 53 -16.44 85.31 -7.17
N LEU X 54 -16.32 84.02 -7.45
CA LEU X 54 -17.43 83.22 -7.97
C LEU X 54 -18.24 82.66 -6.81
N ILE X 55 -19.40 83.25 -6.55
CA ILE X 55 -20.34 82.69 -5.59
C ILE X 55 -21.20 81.66 -6.32
N ARG X 56 -21.02 80.40 -5.97
CA ARG X 56 -21.75 79.30 -6.61
C ARG X 56 -22.52 78.58 -5.51
N GLU X 57 -23.81 78.88 -5.41
CA GLU X 57 -24.67 78.33 -4.38
C GLU X 57 -25.15 76.93 -4.77
N CYS X 58 -25.53 76.16 -3.77
CA CYS X 58 -26.07 74.82 -3.99
C CYS X 58 -26.99 74.48 -2.82
N SER X 59 -27.53 73.26 -2.83
CA SER X 59 -28.63 72.94 -1.92
C SER X 59 -28.17 72.29 -0.62
N ASP X 60 -27.09 71.51 -0.65
CA ASP X 60 -26.70 70.74 0.53
C ASP X 60 -25.20 70.77 0.77
N VAL X 61 -24.47 71.64 0.12
CA VAL X 61 -23.02 71.63 0.23
C VAL X 61 -22.60 72.28 1.53
N GLN X 62 -21.48 71.84 2.06
CA GLN X 62 -20.85 72.50 3.18
C GLN X 62 -20.02 73.68 2.67
N PRO X 63 -19.97 74.79 3.40
CA PRO X 63 -19.34 76.00 2.88
C PRO X 63 -17.84 75.86 2.68
N LYS X 64 -17.34 76.52 1.66
CA LYS X 64 -15.99 76.24 1.21
C LYS X 64 -15.42 77.45 0.49
N LEU X 65 -14.12 77.69 0.70
CA LEU X 65 -13.43 78.83 0.11
C LEU X 65 -12.30 78.30 -0.76
N TRP X 66 -12.49 78.33 -2.07
CA TRP X 66 -11.47 77.92 -3.02
C TRP X 66 -10.74 79.15 -3.54
N ALA X 67 -9.42 79.09 -3.56
CA ALA X 67 -8.59 80.15 -4.14
C ALA X 67 -7.67 79.52 -5.16
N ARG X 68 -7.94 79.77 -6.44
CA ARG X 68 -7.07 79.31 -7.50
C ARG X 68 -5.95 80.32 -7.68
N TYR X 69 -4.73 79.93 -7.35
CA TYR X 69 -3.57 80.78 -7.51
C TYR X 69 -3.02 80.60 -8.92
N ALA X 70 -1.81 81.11 -9.14
CA ALA X 70 -1.17 80.95 -10.44
C ALA X 70 -0.74 79.51 -10.66
N PHE X 71 -0.70 79.12 -11.94
CA PHE X 71 -0.21 77.82 -12.41
C PHE X 71 -1.00 76.66 -11.82
N GLY X 72 -2.31 76.83 -11.71
CA GLY X 72 -3.20 75.74 -11.37
C GLY X 72 -3.24 75.34 -9.92
N GLN X 73 -2.60 76.07 -9.02
CA GLN X 73 -2.59 75.71 -7.62
C GLN X 73 -3.87 76.21 -6.95
N GLU X 74 -4.51 75.34 -6.16
CA GLU X 74 -5.75 75.67 -5.48
C GLU X 74 -5.67 75.28 -4.01
N LYS X 75 -6.02 76.22 -3.13
CA LYS X 75 -6.14 75.95 -1.71
C LYS X 75 -7.60 75.76 -1.33
N ASN X 76 -7.81 75.23 -0.13
CA ASN X 76 -9.11 74.65 0.23
C ASN X 76 -9.40 75.04 1.67
N VAL X 77 -10.32 75.98 1.88
CA VAL X 77 -10.63 76.51 3.21
C VAL X 77 -12.10 76.25 3.50
N SER X 78 -12.37 75.58 4.61
CA SER X 78 -13.74 75.28 5.02
C SER X 78 -14.32 76.42 5.83
N LEU X 79 -15.48 76.92 5.40
CA LEU X 79 -16.19 78.00 6.06
C LEU X 79 -17.37 77.49 6.87
N ASN X 80 -17.29 76.25 7.38
CA ASN X 80 -18.45 75.61 7.98
C ASN X 80 -18.72 76.20 9.35
N ASN X 81 -19.98 76.59 9.57
CA ASN X 81 -20.48 77.14 10.84
C ASN X 81 -19.75 78.41 11.28
N PHE X 82 -19.23 79.18 10.32
CA PHE X 82 -18.54 80.41 10.68
C PHE X 82 -19.53 81.55 10.90
N SER X 83 -19.02 82.64 11.47
CA SER X 83 -19.71 83.90 11.46
C SER X 83 -19.28 84.70 10.24
N ALA X 84 -19.75 85.94 10.11
CA ALA X 84 -19.36 86.75 8.96
C ALA X 84 -17.92 87.25 9.08
N ASP X 85 -17.49 87.56 10.31
CA ASP X 85 -16.15 88.09 10.52
C ASP X 85 -15.08 87.01 10.30
N GLN X 86 -15.39 85.75 10.62
CA GLN X 86 -14.46 84.67 10.37
C GLN X 86 -14.28 84.43 8.87
N VAL X 87 -15.36 84.55 8.11
CA VAL X 87 -15.28 84.46 6.65
C VAL X 87 -14.52 85.63 6.08
N THR X 88 -14.68 86.82 6.69
CA THR X 88 -13.95 88.00 6.23
C THR X 88 -12.46 87.89 6.51
N ARG X 89 -12.09 87.34 7.68
CA ARG X 89 -10.68 87.14 7.99
C ARG X 89 -10.07 86.07 7.11
N ALA X 90 -10.80 84.99 6.81
CA ALA X 90 -10.28 83.97 5.90
C ALA X 90 -10.12 84.51 4.49
N LEU X 91 -11.07 85.33 4.04
CA LEU X 91 -10.98 85.86 2.68
C LEU X 91 -9.92 86.94 2.56
N GLU X 92 -9.66 87.70 3.61
CA GLU X 92 -8.55 88.65 3.53
C GLU X 92 -7.21 87.96 3.75
N ASN X 93 -7.18 86.78 4.40
CA ASN X 93 -5.98 85.95 4.35
C ASN X 93 -5.70 85.46 2.94
N VAL X 94 -6.76 85.14 2.20
CA VAL X 94 -6.61 84.78 0.79
C VAL X 94 -6.10 85.97 -0.02
N LEU X 95 -6.69 87.15 0.19
CA LEU X 95 -6.30 88.33 -0.56
C LEU X 95 -4.94 88.89 -0.15
N SER X 96 -4.43 88.52 1.02
CA SER X 96 -3.12 89.01 1.46
C SER X 96 -2.00 88.02 1.24
N SER X 97 -2.29 86.72 1.25
CA SER X 97 -1.24 85.72 1.09
C SER X 97 -0.68 85.71 -0.33
N LYS X 98 -1.55 85.43 -1.31
CA LYS X 98 -1.22 85.38 -2.75
C LYS X 98 -0.07 84.42 -3.04
N ALA X 99 -0.13 83.23 -2.47
CA ALA X 99 0.92 82.24 -2.63
C ALA X 99 0.90 81.63 -4.03
N LEU Y 4 -54.89 -17.31 -1.82
CA LEU Y 4 -54.95 -17.88 -3.16
C LEU Y 4 -53.54 -18.10 -3.69
N LEU Y 5 -52.56 -17.50 -2.99
CA LEU Y 5 -51.12 -17.57 -3.31
C LEU Y 5 -50.85 -17.02 -4.71
N LYS Y 6 -51.01 -15.70 -4.80
CA LYS Y 6 -50.62 -14.91 -5.97
C LYS Y 6 -49.18 -15.19 -6.37
N LYS Y 7 -48.95 -15.35 -7.66
CA LYS Y 7 -47.62 -15.71 -8.14
C LYS Y 7 -46.68 -14.51 -8.11
N THR Y 8 -47.15 -13.35 -8.57
CA THR Y 8 -46.32 -12.17 -8.63
C THR Y 8 -47.18 -10.94 -8.40
N THR Y 9 -46.58 -9.88 -7.86
CA THR Y 9 -47.30 -8.63 -7.62
C THR Y 9 -47.47 -7.80 -8.88
N GLY Y 10 -46.73 -8.10 -9.94
CA GLY Y 10 -46.68 -7.29 -11.13
C GLY Y 10 -45.55 -6.28 -11.13
N LEU Y 11 -45.11 -5.83 -9.96
CA LEU Y 11 -44.09 -4.80 -9.84
C LEU Y 11 -42.75 -5.48 -9.57
N VAL Y 12 -41.70 -4.94 -10.15
CA VAL Y 12 -40.36 -5.51 -9.99
C VAL Y 12 -39.78 -5.03 -8.66
N GLY Y 13 -39.28 -5.98 -7.87
CA GLY Y 13 -38.73 -5.67 -6.57
C GLY Y 13 -39.73 -5.77 -5.44
N LEU Y 14 -41.02 -5.88 -5.75
CA LEU Y 14 -42.07 -5.96 -4.75
C LEU Y 14 -42.50 -7.42 -4.64
N ALA Y 15 -42.09 -8.09 -3.57
CA ALA Y 15 -42.41 -9.49 -3.37
C ALA Y 15 -43.86 -9.67 -2.93
N VAL Y 16 -44.35 -10.90 -3.06
CA VAL Y 16 -45.71 -11.23 -2.66
C VAL Y 16 -45.75 -11.47 -1.15
N CYS Y 17 -46.63 -10.76 -0.46
CA CYS Y 17 -46.80 -10.98 0.96
C CYS Y 17 -47.66 -12.21 1.18
N GLU Y 18 -47.18 -13.13 2.02
CA GLU Y 18 -47.90 -14.38 2.27
C GLU Y 18 -49.14 -14.13 3.12
N THR Y 19 -48.99 -13.36 4.20
CA THR Y 19 -50.08 -13.01 5.11
C THR Y 19 -50.20 -11.50 5.14
N PRO Y 20 -51.03 -10.91 4.27
CA PRO Y 20 -51.12 -9.45 4.22
C PRO Y 20 -51.94 -8.82 5.34
N HIS Y 21 -52.93 -9.56 5.84
CA HIS Y 21 -53.85 -9.00 6.83
C HIS Y 21 -53.16 -8.75 8.18
N GLU Y 22 -52.39 -9.73 8.65
CA GLU Y 22 -51.67 -9.56 9.90
C GLU Y 22 -50.57 -8.51 9.77
N ARG Y 23 -49.95 -8.43 8.59
CA ARG Y 23 -48.93 -7.42 8.33
C ARG Y 23 -49.53 -6.02 8.37
N LEU Y 24 -50.70 -5.83 7.77
CA LEU Y 24 -51.35 -4.52 7.82
C LEU Y 24 -51.87 -4.18 9.20
N LYS Y 25 -52.32 -5.18 9.97
CA LYS Y 25 -52.74 -4.90 11.35
C LYS Y 25 -51.57 -4.46 12.22
N ILE Y 26 -50.41 -5.14 12.08
CA ILE Y 26 -49.21 -4.75 12.81
C ILE Y 26 -48.76 -3.36 12.41
N LEU Y 27 -48.76 -3.06 11.10
CA LEU Y 27 -48.30 -1.75 10.64
C LEU Y 27 -49.24 -0.63 11.05
N TYR Y 28 -50.56 -0.86 11.01
CA TYR Y 28 -51.48 0.19 11.38
C TYR Y 28 -51.49 0.44 12.88
N THR Y 29 -51.42 -0.61 13.70
CA THR Y 29 -51.33 -0.39 15.14
C THR Y 29 -50.00 0.22 15.54
N LYS Y 30 -48.94 -0.06 14.78
CA LYS Y 30 -47.64 0.57 15.06
C LYS Y 30 -47.63 2.03 14.64
N ILE Y 31 -48.33 2.37 13.54
CA ILE Y 31 -48.53 3.76 13.17
C ILE Y 31 -49.31 4.50 14.25
N LEU Y 32 -50.35 3.88 14.80
CA LEU Y 32 -51.13 4.54 15.85
C LEU Y 32 -50.33 4.70 17.14
N ASP Y 33 -49.47 3.72 17.46
CA ASP Y 33 -48.61 3.81 18.63
C ASP Y 33 -47.61 4.95 18.48
N VAL Y 34 -46.97 5.06 17.31
CA VAL Y 34 -46.03 6.15 17.07
C VAL Y 34 -46.77 7.49 17.05
N LEU Y 35 -47.99 7.50 16.51
CA LEU Y 35 -48.75 8.71 16.31
C LEU Y 35 -49.34 9.24 17.61
N GLY Y 36 -49.45 8.40 18.63
CA GLY Y 36 -49.87 8.85 19.95
C GLY Y 36 -48.87 9.75 20.67
N HIS Y 37 -47.64 9.87 20.17
CA HIS Y 37 -46.63 10.75 20.73
C HIS Y 37 -46.68 12.16 20.14
N ILE Y 38 -47.77 12.52 19.48
CA ILE Y 38 -47.95 13.83 18.85
C ILE Y 38 -49.08 14.51 19.61
N PRO Y 39 -49.05 15.84 19.81
CA PRO Y 39 -50.16 16.51 20.47
C PRO Y 39 -51.47 16.39 19.71
N LYS Y 40 -52.58 16.41 20.46
CA LYS Y 40 -53.90 16.19 19.88
C LYS Y 40 -54.40 17.38 19.08
N ASN Y 41 -53.84 18.57 19.29
CA ASN Y 41 -54.21 19.72 18.47
C ASN Y 41 -53.49 19.74 17.12
N ALA Y 42 -52.49 18.88 16.93
CA ALA Y 42 -51.80 18.81 15.64
C ALA Y 42 -52.70 18.14 14.61
N ALA Y 43 -52.80 18.75 13.43
CA ALA Y 43 -53.68 18.22 12.41
C ALA Y 43 -53.13 16.98 11.74
N TYR Y 44 -51.80 16.79 11.77
CA TYR Y 44 -51.22 15.56 11.21
C TYR Y 44 -51.66 14.34 12.00
N ARG Y 45 -51.71 14.46 13.33
CA ARG Y 45 -52.20 13.35 14.15
C ARG Y 45 -53.67 13.07 13.88
N LYS Y 46 -54.50 14.11 13.78
CA LYS Y 46 -55.93 13.92 13.55
C LYS Y 46 -56.20 13.27 12.21
N TYR Y 47 -55.58 13.79 11.15
CA TYR Y 47 -55.80 13.27 9.80
C TYR Y 47 -55.22 11.87 9.64
N THR Y 48 -54.07 11.59 10.23
CA THR Y 48 -53.45 10.28 10.07
C THR Y 48 -54.16 9.23 10.92
N GLU Y 49 -54.57 9.59 12.15
CA GLU Y 49 -55.46 8.72 12.94
C GLU Y 49 -56.74 8.41 12.19
N GLN Y 50 -57.31 9.41 11.52
CA GLN Y 50 -58.55 9.23 10.76
C GLN Y 50 -58.38 8.21 9.65
N ILE Y 51 -57.41 8.43 8.74
CA ILE Y 51 -57.27 7.54 7.60
C ILE Y 51 -56.70 6.17 8.03
N THR Y 52 -55.94 6.13 9.12
CA THR Y 52 -55.39 4.86 9.59
C THR Y 52 -56.47 4.02 10.26
N ASN Y 53 -57.37 4.64 11.01
CA ASN Y 53 -58.49 3.90 11.58
C ASN Y 53 -59.46 3.45 10.51
N GLU Y 54 -59.64 4.24 9.46
CA GLU Y 54 -60.49 3.81 8.34
C GLU Y 54 -59.92 2.58 7.65
N LYS Y 55 -58.62 2.61 7.34
CA LYS Y 55 -57.98 1.45 6.71
C LYS Y 55 -57.93 0.25 7.65
N LEU Y 56 -57.74 0.48 8.95
CA LEU Y 56 -57.67 -0.62 9.92
C LEU Y 56 -59.03 -1.27 10.11
N SER Y 57 -60.10 -0.47 10.10
CA SER Y 57 -61.44 -1.03 10.16
C SER Y 57 -61.78 -1.82 8.90
N ILE Y 58 -61.31 -1.34 7.75
CA ILE Y 58 -61.54 -2.06 6.50
C ILE Y 58 -60.77 -3.39 6.49
N VAL Y 59 -59.56 -3.41 7.05
CA VAL Y 59 -58.78 -4.65 7.13
C VAL Y 59 -59.42 -5.62 8.12
N LYS Y 60 -59.88 -5.12 9.27
CA LYS Y 60 -60.52 -5.97 10.26
C LYS Y 60 -61.89 -6.47 9.80
N ALA Y 61 -62.52 -5.81 8.83
CA ALA Y 61 -63.82 -6.23 8.33
C ALA Y 61 -63.76 -6.90 6.97
N GLU Y 62 -62.68 -7.64 6.67
CA GLU Y 62 -62.59 -8.32 5.37
C GLU Y 62 -61.65 -9.52 5.44
N PRO Y 63 -62.16 -10.74 5.20
CA PRO Y 63 -61.27 -11.90 5.09
C PRO Y 63 -60.55 -11.99 3.76
N ASP Y 64 -61.27 -11.65 2.69
CA ASP Y 64 -60.79 -11.88 1.33
C ASP Y 64 -59.69 -10.89 0.98
N VAL Y 65 -58.68 -11.36 0.25
CA VAL Y 65 -57.55 -10.51 -0.09
C VAL Y 65 -57.91 -9.55 -1.23
N LYS Y 66 -58.51 -10.07 -2.29
CA LYS Y 66 -58.76 -9.28 -3.49
C LYS Y 66 -59.85 -8.23 -3.26
N LYS Y 67 -60.89 -8.59 -2.52
CA LYS Y 67 -61.91 -7.60 -2.17
C LYS Y 67 -61.34 -6.54 -1.23
N LEU Y 68 -60.39 -6.91 -0.37
CA LEU Y 68 -59.68 -5.93 0.43
C LEU Y 68 -58.85 -4.98 -0.44
N GLU Y 69 -58.28 -5.51 -1.53
CA GLU Y 69 -57.58 -4.65 -2.47
C GLU Y 69 -58.53 -3.70 -3.19
N GLU Y 70 -59.72 -4.18 -3.55
CA GLU Y 70 -60.64 -3.28 -4.26
C GLU Y 70 -61.29 -2.27 -3.33
N GLN Y 71 -61.38 -2.52 -2.03
CA GLN Y 71 -62.00 -1.52 -1.17
C GLN Y 71 -61.00 -0.70 -0.36
N LEU Y 72 -59.72 -1.08 -0.34
CA LEU Y 72 -58.70 -0.18 0.19
C LEU Y 72 -58.32 0.89 -0.83
N GLN Y 73 -58.51 0.58 -2.12
CA GLN Y 73 -58.41 1.53 -3.23
C GLN Y 73 -56.98 2.08 -3.33
N GLY Y 74 -56.00 1.19 -3.13
CA GLY Y 74 -54.61 1.58 -3.19
C GLY Y 74 -53.76 0.60 -3.96
N GLY Y 75 -54.34 -0.04 -4.97
CA GLY Y 75 -53.58 -0.96 -5.80
C GLY Y 75 -53.49 -2.35 -5.18
N GLN Y 76 -52.37 -3.01 -5.43
CA GLN Y 76 -52.08 -4.30 -4.84
C GLN Y 76 -51.96 -4.17 -3.32
N ILE Y 77 -52.13 -5.30 -2.63
CA ILE Y 77 -52.08 -5.27 -1.17
C ILE Y 77 -50.65 -5.06 -0.68
N GLU Y 78 -49.66 -5.40 -1.49
CA GLU Y 78 -48.27 -5.26 -1.08
C GLU Y 78 -47.81 -3.81 -1.13
N GLU Y 79 -48.32 -3.01 -2.06
CA GLU Y 79 -48.00 -1.59 -2.03
C GLU Y 79 -48.87 -0.83 -1.03
N VAL Y 80 -49.99 -1.40 -0.60
CA VAL Y 80 -50.67 -0.89 0.59
C VAL Y 80 -49.82 -1.11 1.83
N ILE Y 81 -49.19 -2.28 1.93
CA ILE Y 81 -48.23 -2.55 3.00
C ILE Y 81 -47.04 -1.60 2.93
N LEU Y 82 -46.55 -1.33 1.71
CA LEU Y 82 -45.44 -0.42 1.52
C LEU Y 82 -45.79 1.01 1.90
N GLN Y 83 -47.02 1.43 1.61
CA GLN Y 83 -47.46 2.77 2.03
C GLN Y 83 -47.70 2.84 3.53
N ALA Y 84 -48.09 1.73 4.16
CA ALA Y 84 -48.17 1.70 5.61
C ALA Y 84 -46.79 1.86 6.25
N GLU Y 85 -45.78 1.22 5.66
CA GLU Y 85 -44.41 1.41 6.12
C GLU Y 85 -43.93 2.84 5.89
N ASN Y 86 -44.31 3.45 4.77
CA ASN Y 86 -43.90 4.83 4.50
C ASN Y 86 -44.60 5.81 5.42
N GLU Y 87 -45.86 5.55 5.78
CA GLU Y 87 -46.56 6.39 6.75
C GLU Y 87 -45.96 6.25 8.15
N LEU Y 88 -45.52 5.04 8.50
CA LEU Y 88 -44.86 4.83 9.78
C LEU Y 88 -43.54 5.59 9.87
N SER Y 89 -42.71 5.48 8.84
CA SER Y 89 -41.46 6.22 8.80
C SER Y 89 -41.70 7.72 8.75
N LEU Y 90 -42.78 8.15 8.09
CA LEU Y 90 -43.14 9.56 8.06
C LEU Y 90 -43.49 10.08 9.44
N ALA Y 91 -44.32 9.34 10.20
CA ALA Y 91 -44.68 9.77 11.54
C ALA Y 91 -43.47 9.80 12.48
N ARG Y 92 -42.57 8.84 12.31
CA ARG Y 92 -41.34 8.84 13.10
C ARG Y 92 -40.42 10.00 12.75
N LYS Y 93 -40.52 10.54 11.53
CA LYS Y 93 -39.77 11.77 11.21
C LYS Y 93 -40.52 13.03 11.63
N MET Y 94 -41.86 13.00 11.57
CA MET Y 94 -42.67 14.16 11.91
C MET Y 94 -42.63 14.46 13.40
N ILE Y 95 -42.38 13.45 14.23
CA ILE Y 95 -42.11 13.72 15.64
C ILE Y 95 -40.82 14.52 15.80
N GLN Y 96 -39.80 14.20 15.00
CA GLN Y 96 -38.52 14.88 15.12
C GLN Y 96 -38.54 16.29 14.53
N TRP Y 97 -39.37 16.52 13.52
CA TRP Y 97 -39.41 17.84 12.87
C TRP Y 97 -40.32 18.82 13.60
N LYS Y 98 -41.37 18.30 14.26
CA LYS Y 98 -42.42 19.09 14.87
C LYS Y 98 -43.04 20.19 13.97
N PRO Y 99 -43.69 19.80 12.87
CA PRO Y 99 -44.14 20.81 11.90
C PRO Y 99 -45.53 21.38 12.17
N TRP Y 100 -46.18 21.03 13.27
CA TRP Y 100 -47.43 21.66 13.65
C TRP Y 100 -47.21 22.99 14.37
N GLU Y 101 -45.97 23.33 14.66
CA GLU Y 101 -45.61 24.59 15.28
C GLU Y 101 -45.93 25.75 14.34
N PRO Y 102 -45.99 26.99 14.84
CA PRO Y 102 -46.27 28.12 13.95
C PRO Y 102 -45.16 28.37 12.93
N LEU Y 103 -45.47 29.27 12.00
CA LEU Y 103 -44.58 29.60 10.89
C LEU Y 103 -43.26 30.15 11.39
N VAL Y 104 -42.15 29.59 10.90
CA VAL Y 104 -40.85 29.97 11.44
C VAL Y 104 -40.46 31.38 11.04
N GLU Y 105 -40.89 31.84 9.86
CA GLU Y 105 -40.54 33.17 9.41
C GLU Y 105 -41.52 33.60 8.33
N GLU Y 106 -41.98 34.84 8.42
CA GLU Y 106 -42.72 35.44 7.33
C GLU Y 106 -41.80 35.67 6.15
N PRO Y 107 -42.32 35.56 4.92
CA PRO Y 107 -41.52 35.90 3.76
C PRO Y 107 -41.38 37.40 3.64
N PRO Y 108 -40.48 37.89 2.78
CA PRO Y 108 -40.47 39.31 2.43
C PRO Y 108 -41.78 39.73 1.76
N ALA Y 109 -41.97 41.05 1.69
CA ALA Y 109 -43.28 41.62 1.40
C ALA Y 109 -43.77 41.29 -0.01
N SER Y 110 -42.85 41.17 -0.97
CA SER Y 110 -43.20 40.81 -2.34
C SER Y 110 -42.49 39.54 -2.76
N GLN Y 111 -42.30 38.61 -1.83
CA GLN Y 111 -41.54 37.39 -2.11
C GLN Y 111 -42.29 36.46 -3.05
N TRP Y 112 -43.63 36.41 -2.94
CA TRP Y 112 -44.40 35.52 -3.80
C TRP Y 112 -45.33 36.29 -4.72
N LYS Y 113 -44.94 37.49 -5.12
CA LYS Y 113 -45.75 38.29 -6.02
C LYS Y 113 -45.34 38.01 -7.45
N TRP Y 114 -46.34 37.80 -8.32
CA TRP Y 114 -46.06 37.55 -9.71
C TRP Y 114 -47.22 38.06 -10.55
N PRO Y 115 -46.97 38.86 -11.61
CA PRO Y 115 -45.68 39.35 -12.12
C PRO Y 115 -45.13 40.48 -11.28
N ILE Y 116 -43.89 40.86 -11.51
CA ILE Y 116 -43.20 41.76 -10.60
C ILE Y 116 -43.65 43.21 -10.82
N THR Z 27 -29.55 41.16 10.42
CA THR Z 27 -28.30 40.82 9.77
C THR Z 27 -27.82 39.44 10.21
N SER Z 28 -28.79 38.57 10.53
CA SER Z 28 -28.51 37.20 10.94
C SER Z 28 -28.82 36.29 9.75
N VAL Z 29 -27.80 35.59 9.28
CA VAL Z 29 -27.89 34.78 8.07
C VAL Z 29 -27.42 33.37 8.38
N LYS Z 30 -27.91 32.42 7.60
CA LYS Z 30 -27.53 31.03 7.77
C LYS Z 30 -26.16 30.78 7.15
N PRO Z 31 -25.21 30.19 7.87
CA PRO Z 31 -23.87 29.99 7.33
C PRO Z 31 -23.83 28.79 6.40
N ILE Z 32 -22.80 28.79 5.55
CA ILE Z 32 -22.60 27.68 4.62
C ILE Z 32 -21.72 26.63 5.29
N PHE Z 33 -20.48 27.00 5.61
CA PHE Z 33 -19.63 26.16 6.41
C PHE Z 33 -19.00 26.87 7.58
N SER Z 34 -18.64 28.14 7.42
CA SER Z 34 -17.84 28.87 8.40
C SER Z 34 -18.73 29.74 9.28
N ARG Z 35 -18.47 29.70 10.59
CA ARG Z 35 -19.22 30.52 11.51
C ARG Z 35 -18.74 31.96 11.51
N ASP Z 36 -17.45 32.18 11.24
CA ASP Z 36 -16.89 33.52 11.12
C ASP Z 36 -15.74 33.45 10.14
N MET Z 37 -14.89 34.48 10.14
CA MET Z 37 -13.81 34.53 9.16
C MET Z 37 -12.60 33.67 9.52
N ASN Z 38 -12.46 33.22 10.77
CA ASN Z 38 -11.30 32.40 11.13
C ASN Z 38 -11.39 31.00 10.53
N GLU Z 39 -12.58 30.38 10.63
CA GLU Z 39 -12.81 29.08 9.99
C GLU Z 39 -12.72 29.20 8.47
N ALA Z 40 -13.14 30.34 7.94
CA ALA Z 40 -13.03 30.61 6.52
C ALA Z 40 -11.58 30.71 6.07
N LYS Z 41 -10.73 31.40 6.85
CA LYS Z 41 -9.31 31.47 6.54
C LYS Z 41 -8.64 30.11 6.66
N ARG Z 42 -9.12 29.27 7.59
CA ARG Z 42 -8.65 27.89 7.67
C ARG Z 42 -8.95 27.12 6.40
N ARG Z 43 -10.16 27.26 5.86
CA ARG Z 43 -10.52 26.54 4.63
C ARG Z 43 -9.77 27.10 3.42
N VAL Z 44 -9.55 28.42 3.38
CA VAL Z 44 -8.72 29.04 2.34
C VAL Z 44 -7.31 28.49 2.39
N ARG Z 45 -6.78 28.33 3.61
CA ARG Z 45 -5.42 27.86 3.80
C ARG Z 45 -5.26 26.41 3.37
N GLU Z 46 -6.24 25.55 3.70
CA GLU Z 46 -6.19 24.16 3.27
C GLU Z 46 -6.34 24.01 1.76
N LEU Z 47 -7.19 24.86 1.15
CA LEU Z 47 -7.32 24.84 -0.30
C LEU Z 47 -6.02 25.26 -0.99
N TYR Z 48 -5.35 26.27 -0.44
CA TYR Z 48 -4.06 26.69 -0.99
C TYR Z 48 -3.00 25.61 -0.83
N ARG Z 49 -3.01 24.90 0.30
CA ARG Z 49 -2.11 23.77 0.49
C ARG Z 49 -2.33 22.70 -0.56
N ALA Z 50 -3.59 22.36 -0.84
CA ALA Z 50 -3.87 21.30 -1.80
C ALA Z 50 -3.53 21.70 -3.23
N TRP Z 51 -3.77 22.98 -3.59
CA TRP Z 51 -3.34 23.47 -4.91
C TRP Z 51 -1.82 23.49 -5.04
N TYR Z 52 -1.11 23.91 -3.99
CA TYR Z 52 0.34 23.94 -4.01
C TYR Z 52 0.93 22.53 -4.12
N ARG Z 53 0.25 21.53 -3.55
CA ARG Z 53 0.70 20.16 -3.77
C ARG Z 53 0.39 19.69 -5.18
N GLU Z 54 -0.73 20.12 -5.75
CA GLU Z 54 -1.18 19.53 -7.01
C GLU Z 54 -0.51 20.15 -8.23
N VAL Z 55 0.06 21.36 -8.12
CA VAL Z 55 0.69 22.03 -9.28
C VAL Z 55 1.76 21.20 -10.01
N PRO Z 56 2.73 20.53 -9.34
CA PRO Z 56 3.73 19.78 -10.14
C PRO Z 56 3.16 18.57 -10.87
N ASN Z 57 2.26 17.82 -10.24
CA ASN Z 57 1.59 16.71 -10.92
C ASN Z 57 0.71 17.21 -12.06
N THR Z 58 0.13 18.40 -11.91
CA THR Z 58 -0.67 19.00 -12.97
C THR Z 58 0.20 19.40 -14.16
N VAL Z 59 1.38 19.96 -13.90
CA VAL Z 59 2.31 20.30 -14.97
C VAL Z 59 2.80 19.03 -15.67
N HIS Z 60 2.99 17.95 -14.91
CA HIS Z 60 3.49 16.73 -15.53
C HIS Z 60 2.44 16.01 -16.37
N LEU Z 61 1.31 15.64 -15.76
CA LEU Z 61 0.40 14.75 -16.49
C LEU Z 61 -0.44 15.48 -17.55
N PHE Z 62 -0.46 16.81 -17.54
CA PHE Z 62 -0.98 17.55 -18.68
C PHE Z 62 0.12 17.96 -19.65
N GLN Z 63 1.37 17.63 -19.32
CA GLN Z 63 2.62 18.00 -20.01
C GLN Z 63 2.59 19.45 -20.52
N LEU Z 64 2.39 20.35 -19.56
CA LEU Z 64 2.32 21.77 -19.83
C LEU Z 64 3.70 22.31 -20.17
N ASP Z 65 3.71 23.42 -20.90
CA ASP Z 65 4.95 24.08 -21.30
C ASP Z 65 5.33 25.19 -20.33
N ILE Z 66 4.84 25.12 -19.10
CA ILE Z 66 5.16 26.09 -18.07
C ILE Z 66 6.02 25.40 -17.01
N SER Z 67 6.51 26.18 -16.06
CA SER Z 67 7.29 25.65 -14.96
C SER Z 67 6.40 25.51 -13.72
N VAL Z 68 6.93 24.82 -12.72
CA VAL Z 68 6.19 24.62 -11.47
C VAL Z 68 6.08 25.94 -10.71
N LYS Z 69 7.13 26.76 -10.78
CA LYS Z 69 7.12 28.08 -10.14
C LYS Z 69 6.10 28.99 -10.80
N GLN Z 70 5.92 28.87 -12.12
CA GLN Z 70 4.96 29.73 -12.81
C GLN Z 70 3.52 29.33 -12.50
N GLY Z 71 3.25 28.02 -12.41
CA GLY Z 71 1.93 27.57 -12.00
C GLY Z 71 1.62 27.93 -10.56
N ARG Z 72 2.63 27.89 -9.69
CA ARG Z 72 2.40 28.29 -8.31
C ARG Z 72 2.22 29.79 -8.16
N ASP Z 73 2.89 30.59 -8.98
CA ASP Z 73 2.63 32.02 -9.01
C ASP Z 73 1.23 32.31 -9.57
N LYS Z 74 0.75 31.49 -10.50
CA LYS Z 74 -0.62 31.64 -10.98
C LYS Z 74 -1.63 31.27 -9.90
N VAL Z 75 -1.31 30.27 -9.07
CA VAL Z 75 -2.16 29.95 -7.92
C VAL Z 75 -2.20 31.11 -6.93
N ARG Z 76 -1.02 31.68 -6.62
CA ARG Z 76 -0.97 32.82 -5.72
C ARG Z 76 -1.69 34.04 -6.29
N GLU Z 77 -1.68 34.20 -7.61
CA GLU Z 77 -2.47 35.26 -8.25
C GLU Z 77 -3.97 35.00 -8.11
N MET Z 78 -4.40 33.76 -8.30
CA MET Z 78 -5.81 33.42 -8.17
C MET Z 78 -6.31 33.57 -6.73
N PHE Z 79 -5.41 33.45 -5.76
CA PHE Z 79 -5.81 33.70 -4.37
C PHE Z 79 -5.71 35.17 -3.97
N LYS Z 80 -4.73 35.90 -4.46
CA LYS Z 80 -4.61 37.33 -4.13
C LYS Z 80 -5.64 38.18 -4.87
N LYS Z 81 -6.20 37.66 -5.97
CA LYS Z 81 -7.27 38.36 -6.66
C LYS Z 81 -8.51 38.49 -5.78
N ASN Z 82 -8.81 37.46 -5.00
CA ASN Z 82 -10.00 37.43 -4.16
C ASN Z 82 -9.71 37.81 -2.71
N ALA Z 83 -8.56 38.42 -2.44
CA ALA Z 83 -8.11 38.64 -1.07
C ALA Z 83 -8.84 39.76 -0.35
N HIS Z 84 -9.69 40.51 -1.03
CA HIS Z 84 -10.36 41.68 -0.46
C HIS Z 84 -11.71 41.34 0.15
N VAL Z 85 -12.04 40.07 0.30
CA VAL Z 85 -13.38 39.66 0.70
C VAL Z 85 -13.42 39.46 2.21
N THR Z 86 -14.44 40.00 2.86
CA THR Z 86 -14.58 39.96 4.31
C THR Z 86 -15.89 39.33 4.78
N ASP Z 87 -16.67 38.78 3.87
CA ASP Z 87 -17.92 38.06 4.13
C ASP Z 87 -17.60 36.56 4.22
N PRO Z 88 -17.97 35.88 5.32
CA PRO Z 88 -17.66 34.44 5.43
C PRO Z 88 -18.36 33.56 4.41
N ARG Z 89 -19.57 33.92 3.98
CA ARG Z 89 -20.28 33.06 3.03
C ARG Z 89 -19.69 33.16 1.63
N VAL Z 90 -19.18 34.33 1.25
CA VAL Z 90 -18.58 34.49 -0.07
C VAL Z 90 -17.28 33.71 -0.15
N VAL Z 91 -16.47 33.74 0.90
CA VAL Z 91 -15.25 32.94 0.87
C VAL Z 91 -15.51 31.47 1.10
N ASP Z 92 -16.62 31.09 1.75
CA ASP Z 92 -17.04 29.69 1.75
C ASP Z 92 -17.35 29.22 0.34
N LEU Z 93 -18.12 30.00 -0.42
CA LEU Z 93 -18.39 29.65 -1.81
C LEU Z 93 -17.12 29.70 -2.67
N LEU Z 94 -16.15 30.54 -2.33
CA LEU Z 94 -14.89 30.55 -3.06
C LEU Z 94 -14.06 29.31 -2.78
N VAL Z 95 -14.06 28.83 -1.53
CA VAL Z 95 -13.39 27.57 -1.21
C VAL Z 95 -14.09 26.41 -1.90
N ILE Z 96 -15.43 26.45 -1.97
CA ILE Z 96 -16.20 25.39 -2.63
C ILE Z 96 -15.89 25.34 -4.12
N LYS Z 97 -15.85 26.50 -4.78
CA LYS Z 97 -15.56 26.54 -6.20
C LYS Z 97 -14.09 26.21 -6.49
N GLY Z 98 -13.17 26.56 -5.59
CA GLY Z 98 -11.79 26.14 -5.75
C GLY Z 98 -11.60 24.65 -5.55
N LYS Z 99 -12.38 24.04 -4.65
CA LYS Z 99 -12.35 22.59 -4.53
C LYS Z 99 -12.92 21.92 -5.77
N MET Z 100 -13.94 22.53 -6.39
CA MET Z 100 -14.47 21.99 -7.64
C MET Z 100 -13.46 22.08 -8.78
N GLU Z 101 -12.74 23.21 -8.89
CA GLU Z 101 -11.71 23.34 -9.91
C GLU Z 101 -10.54 22.38 -9.64
N LEU Z 102 -10.21 22.16 -8.37
CA LEU Z 102 -9.18 21.21 -8.03
C LEU Z 102 -9.61 19.77 -8.32
N GLU Z 103 -10.89 19.47 -8.12
CA GLU Z 103 -11.41 18.15 -8.47
C GLU Z 103 -11.39 17.94 -9.97
N GLU Z 104 -11.72 18.97 -10.75
CA GLU Z 104 -11.58 18.92 -12.20
C GLU Z 104 -10.13 18.80 -12.64
N THR Z 105 -9.18 19.24 -11.82
CA THR Z 105 -7.77 19.11 -12.17
C THR Z 105 -7.20 17.73 -11.81
N ILE Z 106 -7.45 17.26 -10.59
CA ILE Z 106 -6.90 15.99 -10.12
C ILE Z 106 -7.50 14.82 -10.91
N ASN Z 107 -8.80 14.64 -10.79
CA ASN Z 107 -9.53 13.78 -11.70
C ASN Z 107 -9.45 14.41 -13.08
N VAL Z 108 -8.89 13.70 -14.06
CA VAL Z 108 -8.43 14.40 -15.25
C VAL Z 108 -9.63 14.66 -16.14
N TRP Z 109 -10.32 15.76 -15.87
CA TRP Z 109 -11.54 16.16 -16.54
C TRP Z 109 -11.35 17.40 -17.38
N LYS Z 110 -10.52 18.32 -16.91
CA LYS Z 110 -9.96 19.33 -17.78
C LYS Z 110 -9.04 18.68 -18.80
N GLN Z 111 -8.91 19.31 -19.96
CA GLN Z 111 -7.82 19.00 -20.86
C GLN Z 111 -6.70 19.99 -20.62
N ARG Z 112 -5.70 19.98 -21.51
CA ARG Z 112 -4.60 20.94 -21.44
C ARG Z 112 -5.10 22.36 -21.67
N THR Z 113 -6.14 22.50 -22.50
CA THR Z 113 -6.69 23.82 -22.82
C THR Z 113 -7.34 24.47 -21.61
N HIS Z 114 -8.04 23.69 -20.78
CA HIS Z 114 -8.73 24.28 -19.63
C HIS Z 114 -7.75 24.69 -18.55
N VAL Z 115 -6.65 23.97 -18.42
CA VAL Z 115 -5.61 24.37 -17.47
C VAL Z 115 -4.90 25.62 -17.98
N MET Z 116 -4.65 25.69 -19.29
CA MET Z 116 -3.94 26.86 -19.81
C MET Z 116 -4.81 28.08 -20.03
N ARG Z 117 -6.13 28.00 -19.82
CA ARG Z 117 -6.94 29.22 -19.89
C ARG Z 117 -6.72 30.16 -18.71
N PHE Z 118 -6.03 29.74 -17.65
CA PHE Z 118 -5.61 30.68 -16.63
C PHE Z 118 -4.48 31.57 -17.13
N PHE Z 119 -3.71 31.08 -18.10
CA PHE Z 119 -2.55 31.77 -18.64
C PHE Z 119 -2.98 32.38 -19.97
N HIS Z 120 -3.37 33.65 -19.96
CA HIS Z 120 -3.90 34.30 -21.16
C HIS Z 120 -2.74 34.59 -22.10
N GLU Z 121 -2.35 33.57 -22.86
CA GLU Z 121 -1.13 33.64 -23.67
C GLU Z 121 -1.39 34.20 -25.06
N THR Z 122 -2.51 33.86 -25.67
CA THR Z 122 -2.83 34.37 -26.99
C THR Z 122 -3.52 35.72 -26.95
N GLU Z 123 -4.06 36.11 -25.80
CA GLU Z 123 -4.64 37.43 -25.66
C GLU Z 123 -3.52 38.46 -25.57
N ALA Z 124 -3.59 39.48 -26.41
CA ALA Z 124 -2.59 40.54 -26.40
C ALA Z 124 -2.68 41.32 -25.10
N PRO Z 125 -1.54 41.80 -24.57
CA PRO Z 125 -1.58 42.61 -23.35
C PRO Z 125 -2.31 43.92 -23.59
N ARG Z 126 -3.32 44.16 -22.75
CA ARG Z 126 -4.21 45.29 -22.93
C ARG Z 126 -3.47 46.61 -22.72
N PRO Z 127 -3.92 47.68 -23.37
CA PRO Z 127 -3.37 49.01 -23.07
C PRO Z 127 -3.74 49.41 -21.64
N LYS Z 128 -2.73 49.81 -20.88
CA LYS Z 128 -2.87 49.99 -19.44
C LYS Z 128 -3.13 51.44 -19.03
N ASP Z 129 -2.27 52.36 -19.45
CA ASP Z 129 -2.42 53.75 -19.04
C ASP Z 129 -3.50 54.44 -19.84
N PHE Z 130 -3.76 55.71 -19.49
CA PHE Z 130 -4.79 56.51 -20.15
C PHE Z 130 -4.43 56.77 -21.61
N LEU Z 131 -3.16 57.01 -21.89
CA LEU Z 131 -2.77 57.56 -23.18
C LEU Z 131 -2.83 56.48 -24.26
N SER Z 132 -2.44 55.25 -23.94
CA SER Z 132 -2.49 54.17 -24.92
C SER Z 132 -3.93 53.75 -25.21
N LYS Z 133 -4.78 53.71 -24.17
CA LYS Z 133 -6.20 53.44 -24.37
C LYS Z 133 -6.87 54.56 -25.15
N PHE Z 134 -6.41 55.80 -24.98
CA PHE Z 134 -6.86 56.90 -25.82
C PHE Z 134 -6.45 56.67 -27.27
N TYR Z 135 -5.24 56.14 -27.49
CA TYR Z 135 -4.75 55.94 -28.85
C TYR Z 135 -5.51 54.83 -29.56
N VAL Z 136 -5.89 53.76 -28.86
CA VAL Z 136 -6.50 52.64 -29.56
C VAL Z 136 -8.03 52.72 -29.65
N GLY Z 137 -8.71 53.29 -28.66
CA GLY Z 137 -10.16 53.23 -28.69
C GLY Z 137 -10.92 54.10 -27.71
N HIS Z 138 -12.15 53.72 -27.42
CA HIS Z 138 -13.07 54.55 -26.65
C HIS Z 138 -13.30 54.05 -25.23
N ASP Z 139 -12.74 52.91 -24.86
CA ASP Z 139 -13.05 52.36 -23.55
C ASP Z 139 -12.20 53.03 -22.48
N PRO Z 140 -12.77 53.27 -21.29
CA PRO Z 140 -12.01 53.92 -20.21
C PRO Z 140 -11.00 52.97 -19.55
N AYA AA 3 -41.80 -5.77 -57.41
CA AYA AA 3 -42.95 -6.24 -58.13
CB AYA AA 3 -43.91 -5.11 -58.49
C AYA AA 3 -42.57 -6.95 -59.42
O AYA AA 3 -43.28 -7.77 -60.00
CT AYA AA 3 -41.16 -6.55 -56.46
OT AYA AA 3 -41.59 -7.69 -56.18
CM AYA AA 3 -39.97 -5.96 -55.77
N SER AA 4 -41.36 -6.62 -59.87
CA SER AA 4 -40.86 -7.16 -61.13
C SER AA 4 -40.10 -8.46 -60.92
N ALA AA 5 -40.09 -8.94 -59.68
CA ALA AA 5 -39.40 -10.18 -59.36
C ALA AA 5 -40.12 -11.36 -59.99
N THR AA 6 -39.34 -12.32 -60.50
CA THR AA 6 -39.91 -13.51 -61.09
C THR AA 6 -40.54 -14.38 -60.02
N ARG AA 7 -41.49 -15.21 -60.43
CA ARG AA 7 -42.26 -16.00 -59.48
C ARG AA 7 -41.43 -17.10 -58.83
N LEU AA 8 -40.30 -17.47 -59.42
CA LEU AA 8 -39.36 -18.36 -58.75
C LEU AA 8 -38.68 -17.65 -57.58
N ILE AA 9 -38.15 -16.46 -57.82
CA ILE AA 9 -37.53 -15.66 -56.77
C ILE AA 9 -38.59 -15.19 -55.77
N GLN AA 10 -39.79 -14.89 -56.26
CA GLN AA 10 -40.91 -14.54 -55.39
C GLN AA 10 -41.30 -15.70 -54.47
N GLY AA 11 -41.30 -16.93 -54.98
CA GLY AA 11 -41.59 -18.07 -54.13
C GLY AA 11 -40.48 -18.37 -53.14
N LEU AA 12 -39.23 -18.26 -53.58
CA LEU AA 12 -38.08 -18.39 -52.69
C LEU AA 12 -38.10 -17.35 -51.58
N ARG AA 13 -38.50 -16.12 -51.92
CA ARG AA 13 -38.49 -15.03 -50.98
C ARG AA 13 -39.64 -15.14 -49.99
N ASN AA 14 -40.81 -15.56 -50.45
CA ASN AA 14 -41.94 -15.81 -49.56
C ASN AA 14 -41.69 -17.02 -48.68
N TRP AA 15 -40.92 -17.99 -49.16
CA TRP AA 15 -40.54 -19.12 -48.31
C TRP AA 15 -39.55 -18.69 -47.24
N ALA AA 16 -38.50 -17.95 -47.65
CA ALA AA 16 -37.43 -17.61 -46.72
C ALA AA 16 -37.90 -16.62 -45.67
N SER AA 17 -38.82 -15.71 -46.00
CA SER AA 17 -39.36 -14.82 -44.98
C SER AA 17 -40.35 -15.56 -44.08
N GLY AA 18 -41.14 -16.46 -44.64
CA GLY AA 18 -42.25 -17.06 -43.94
C GLY AA 18 -43.54 -16.30 -44.05
N ARG AA 19 -43.56 -15.18 -44.79
CA ARG AA 19 -44.72 -14.33 -44.92
C ARG AA 19 -45.09 -14.19 -46.39
N ASP AA 20 -46.16 -13.45 -46.65
CA ASP AA 20 -46.60 -13.17 -48.00
C ASP AA 20 -46.15 -11.75 -48.34
N LEU AA 21 -45.03 -11.64 -49.02
CA LEU AA 21 -44.36 -10.36 -49.18
C LEU AA 21 -44.89 -9.52 -50.32
N GLN AA 22 -45.52 -10.12 -51.32
CA GLN AA 22 -46.04 -9.36 -52.44
C GLN AA 22 -47.35 -8.65 -52.12
N ALA AA 23 -48.09 -9.15 -51.13
CA ALA AA 23 -49.30 -8.48 -50.70
C ALA AA 23 -48.98 -7.17 -49.98
N LYS AA 24 -47.83 -7.12 -49.30
CA LYS AA 24 -47.41 -5.92 -48.56
C LYS AA 24 -45.98 -5.59 -48.99
N LEU AA 25 -45.84 -4.86 -50.08
CA LEU AA 25 -44.54 -4.46 -50.58
C LEU AA 25 -44.15 -3.11 -50.00
N GLN AA 26 -42.96 -3.05 -49.40
CA GLN AA 26 -42.44 -1.82 -48.84
C GLN AA 26 -41.96 -0.82 -49.89
N LEU AA 27 -41.83 -1.25 -51.14
CA LEU AA 27 -41.63 -0.33 -52.25
C LEU AA 27 -42.99 0.14 -52.76
N ARG AA 28 -43.08 1.42 -53.06
CA ARG AA 28 -44.34 2.02 -53.45
C ARG AA 28 -44.49 2.05 -54.96
N TYR AA 29 -45.72 1.91 -55.42
CA TYR AA 29 -46.04 1.82 -56.84
C TYR AA 29 -47.26 2.71 -57.05
N GLN AA 30 -48.00 2.50 -58.13
CA GLN AA 30 -49.08 3.38 -58.55
C GLN AA 30 -50.29 3.44 -57.59
N GLU AA 31 -50.25 2.74 -56.44
CA GLU AA 31 -51.32 2.82 -55.45
C GLU AA 31 -51.25 4.09 -54.60
N ILE AA 32 -50.14 4.83 -54.64
CA ILE AA 32 -50.01 6.03 -53.83
C ILE AA 32 -50.65 7.22 -54.55
N SER AA 33 -50.79 8.34 -53.84
CA SER AA 33 -51.55 9.48 -54.32
C SER AA 33 -50.82 10.20 -55.45
N LYS AA 34 -51.58 10.99 -56.19
CA LYS AA 34 -51.02 11.78 -57.28
C LYS AA 34 -50.21 12.94 -56.74
N ARG AA 35 -49.13 13.29 -57.45
CA ARG AA 35 -48.28 14.38 -57.02
C ARG AA 35 -48.93 15.74 -57.30
N THR AA 36 -49.81 15.79 -58.29
CA THR AA 36 -50.61 16.98 -58.58
C THR AA 36 -52.04 16.69 -58.13
N GLN AA 37 -52.55 17.55 -57.28
CA GLN AA 37 -53.83 17.36 -56.61
C GLN AA 37 -54.79 18.50 -56.96
N PRO AA 38 -56.10 18.28 -56.84
CA PRO AA 38 -57.06 19.37 -57.12
C PRO AA 38 -56.95 20.47 -56.07
N PRO AA 39 -57.41 21.68 -56.39
CA PRO AA 39 -57.32 22.78 -55.42
C PRO AA 39 -58.26 22.57 -54.24
N PRO AA 40 -57.76 22.76 -53.02
CA PRO AA 40 -58.62 22.61 -51.85
C PRO AA 40 -59.55 23.79 -51.67
N LYS AA 41 -60.62 23.54 -50.92
CA LYS AA 41 -61.54 24.57 -50.44
C LYS AA 41 -61.64 24.33 -48.94
N LEU AA 42 -60.82 24.99 -48.18
CA LEU AA 42 -60.76 24.68 -46.76
C LEU AA 42 -61.91 25.38 -46.03
N PRO AA 43 -62.48 24.74 -45.01
CA PRO AA 43 -63.54 25.39 -44.24
C PRO AA 43 -62.98 26.42 -43.28
N VAL AA 44 -63.86 27.29 -42.83
CA VAL AA 44 -63.51 28.32 -41.88
C VAL AA 44 -64.03 27.93 -40.51
N GLY AA 45 -63.51 28.58 -39.48
CA GLY AA 45 -63.88 28.25 -38.13
C GLY AA 45 -65.23 28.81 -37.75
N PRO AA 46 -65.57 28.62 -36.47
CA PRO AA 46 -66.91 29.01 -36.01
C PRO AA 46 -67.07 30.50 -35.82
N SER AA 47 -65.97 31.26 -35.74
CA SER AA 47 -66.00 32.68 -35.50
C SER AA 47 -66.15 33.49 -36.77
N HIS AA 48 -66.27 32.83 -37.93
CA HIS AA 48 -66.51 33.52 -39.20
C HIS AA 48 -68.01 33.75 -39.39
N ARG AA 49 -68.57 34.53 -38.49
CA ARG AA 49 -69.97 34.91 -38.52
C ARG AA 49 -70.09 36.42 -38.61
N LEU AA 50 -71.12 36.89 -39.30
CA LEU AA 50 -71.35 38.32 -39.43
C LEU AA 50 -72.27 38.87 -38.35
N SER AA 51 -72.63 38.05 -37.36
CA SER AA 51 -73.56 38.47 -36.33
C SER AA 51 -73.42 37.52 -35.15
N ASN AA 52 -73.78 38.04 -33.97
CA ASN AA 52 -73.66 37.33 -32.68
C ASN AA 52 -72.22 36.85 -32.48
N ASN AA 53 -71.27 37.69 -32.86
CA ASN AA 53 -69.86 37.34 -32.90
C ASN AA 53 -69.03 38.42 -32.25
N TYR AA 54 -69.51 38.96 -31.14
CA TYR AA 54 -68.72 39.93 -30.40
C TYR AA 54 -67.55 39.22 -29.74
N TYR AA 55 -66.36 39.83 -29.86
CA TYR AA 55 -65.15 39.16 -29.45
C TYR AA 55 -65.05 39.04 -27.94
N CYS AA 56 -65.68 39.95 -27.19
CA CYS AA 56 -65.65 39.90 -25.74
C CYS AA 56 -66.40 38.69 -25.17
N ALA AA 57 -67.26 38.05 -25.97
CA ALA AA 57 -67.95 36.84 -25.58
C ALA AA 57 -67.16 35.57 -25.87
N ARG AA 58 -66.01 35.68 -26.53
CA ARG AA 58 -65.19 34.52 -26.85
C ARG AA 58 -63.70 34.82 -26.65
N ASP AA 59 -63.39 35.70 -25.70
CA ASP AA 59 -62.03 36.16 -25.45
C ASP AA 59 -61.43 35.28 -24.37
N GLY AA 60 -60.62 34.31 -24.78
CA GLY AA 60 -60.05 33.35 -23.84
C GLY AA 60 -58.96 33.89 -22.94
N ARG AA 61 -58.05 34.70 -23.50
CA ARG AA 61 -56.92 35.21 -22.74
C ARG AA 61 -57.33 36.16 -21.62
N ARG AA 62 -58.52 36.76 -21.72
CA ARG AA 62 -59.00 37.71 -20.75
C ARG AA 62 -59.89 37.08 -19.70
N GLU AA 63 -60.22 35.80 -19.86
CA GLU AA 63 -60.87 35.04 -18.81
C GLU AA 63 -59.89 34.31 -17.92
N ALA AA 64 -58.60 34.38 -18.25
CA ALA AA 64 -57.56 33.87 -17.37
C ALA AA 64 -57.44 34.76 -16.16
N MET AA 65 -57.78 34.24 -15.02
CA MET AA 65 -57.71 34.95 -13.75
C MET AA 65 -56.38 34.69 -13.08
N PRO AA 66 -55.96 35.55 -12.15
CA PRO AA 66 -54.81 35.24 -11.29
C PRO AA 66 -55.09 34.02 -10.43
N PRO AA 67 -54.05 33.32 -9.95
CA PRO AA 67 -54.28 32.13 -9.13
C PRO AA 67 -54.92 32.48 -7.79
N SER AA 68 -55.98 31.76 -7.47
CA SER AA 68 -56.77 32.04 -6.27
C SER AA 68 -56.00 31.60 -5.04
N ILE AA 69 -55.77 32.53 -4.13
CA ILE AA 69 -54.97 32.27 -2.94
C ILE AA 69 -55.80 31.47 -1.96
N VAL AA 70 -55.40 30.22 -1.74
CA VAL AA 70 -56.12 29.34 -0.84
C VAL AA 70 -55.75 29.62 0.61
N MET AA 71 -54.47 29.57 0.91
CA MET AA 71 -53.93 29.92 2.22
C MET AA 71 -52.86 30.96 2.00
N SER AA 72 -52.74 31.89 2.94
CA SER AA 72 -51.63 32.83 2.93
C SER AA 72 -51.23 33.13 4.36
N SER AA 73 -49.98 33.56 4.52
CA SER AA 73 -49.50 34.16 5.74
C SER AA 73 -49.75 35.67 5.76
N GLN AA 74 -50.56 36.16 4.82
CA GLN AA 74 -50.95 37.56 4.64
C GLN AA 74 -49.75 38.50 4.56
N SER AA 91 -62.47 21.47 12.77
CA SER AA 91 -63.21 20.58 13.65
C SER AA 91 -62.87 19.12 13.36
N GLU AA 92 -63.88 18.27 13.24
CA GLU AA 92 -63.70 16.87 12.88
C GLU AA 92 -63.79 16.66 11.37
N LYS AA 93 -63.04 17.46 10.61
CA LYS AA 93 -63.27 17.50 9.18
C LYS AA 93 -62.55 16.35 8.47
N LYS AA 94 -63.04 16.05 7.28
CA LYS AA 94 -62.57 14.91 6.52
C LYS AA 94 -61.19 15.16 5.93
N ALA AA 95 -60.30 14.18 6.06
CA ALA AA 95 -59.03 14.23 5.36
C ALA AA 95 -59.26 14.02 3.87
N VAL AA 96 -58.55 14.79 3.05
CA VAL AA 96 -58.76 14.76 1.61
C VAL AA 96 -57.48 14.35 0.90
N SER AA 97 -57.64 14.01 -0.36
CA SER AA 97 -56.60 13.69 -1.31
C SER AA 97 -56.60 14.74 -2.42
N PRO AA 98 -55.58 14.78 -3.29
CA PRO AA 98 -55.65 15.71 -4.42
C PRO AA 98 -56.72 15.37 -5.42
N ALA AA 99 -57.08 14.09 -5.52
CA ALA AA 99 -58.12 13.61 -6.41
C ALA AA 99 -58.63 12.29 -5.84
N PRO AA 100 -59.71 11.74 -6.38
CA PRO AA 100 -60.03 10.35 -6.07
C PRO AA 100 -58.91 9.42 -6.53
N PRO AA 101 -58.68 8.33 -5.80
CA PRO AA 101 -57.56 7.43 -6.14
C PRO AA 101 -57.76 6.78 -7.50
N ILE AA 102 -56.63 6.46 -8.15
CA ILE AA 102 -56.68 6.12 -9.56
C ILE AA 102 -57.26 4.72 -9.72
N LYS AA 103 -58.13 4.58 -10.71
CA LYS AA 103 -58.86 3.34 -10.88
C LYS AA 103 -57.94 2.31 -11.53
N ARG AA 104 -58.03 1.07 -11.03
CA ARG AA 104 -57.21 -0.01 -11.53
C ARG AA 104 -57.50 -0.28 -13.00
N TRP AA 105 -56.45 -0.35 -13.80
CA TRP AA 105 -56.60 -0.56 -15.23
C TRP AA 105 -57.14 -1.95 -15.52
N GLU AA 106 -58.13 -2.01 -16.39
CA GLU AA 106 -58.61 -3.29 -16.88
C GLU AA 106 -57.55 -3.90 -17.79
N LEU AA 107 -57.39 -5.21 -17.70
CA LEU AA 107 -56.54 -5.92 -18.64
C LEU AA 107 -57.20 -5.89 -20.02
N SER AA 108 -56.37 -5.92 -21.06
CA SER AA 108 -56.87 -5.79 -22.42
C SER AA 108 -57.70 -7.00 -22.83
N GLN AA 109 -58.86 -6.73 -23.44
CA GLN AA 109 -59.66 -7.79 -24.05
C GLN AA 109 -59.18 -8.12 -25.46
N ASP AA 110 -58.34 -7.26 -26.03
CA ASP AA 110 -57.84 -7.45 -27.39
C ASP AA 110 -56.77 -8.53 -27.44
N GLU AA 111 -55.65 -8.32 -26.74
CA GLU AA 111 -54.52 -9.25 -26.79
C GLU AA 111 -53.70 -9.10 -25.51
N PRO AA 112 -54.12 -9.68 -24.39
CA PRO AA 112 -53.41 -9.44 -23.13
C PRO AA 112 -52.14 -10.25 -22.94
N TYR AA 113 -51.85 -11.19 -23.84
CA TYR AA 113 -50.81 -12.22 -23.70
C TYR AA 113 -51.00 -13.00 -22.40
N LEU AA 114 -52.21 -13.53 -22.22
CA LEU AA 114 -52.48 -14.47 -21.13
C LEU AA 114 -53.13 -15.74 -21.66
N MET BA 1 -40.30 -21.27 -69.21
CA MET BA 1 -39.33 -20.77 -68.25
C MET BA 1 -39.26 -19.25 -68.35
N GLU BA 2 -39.14 -18.59 -67.20
CA GLU BA 2 -39.11 -17.14 -67.11
C GLU BA 2 -37.70 -16.56 -67.05
N LEU BA 3 -36.66 -17.39 -66.88
CA LEU BA 3 -35.29 -16.91 -66.95
C LEU BA 3 -34.92 -16.45 -68.36
N LEU BA 4 -35.50 -17.11 -69.37
CA LEU BA 4 -35.29 -16.70 -70.76
C LEU BA 4 -35.84 -15.30 -71.02
N GLN BA 5 -36.99 -14.99 -70.41
CA GLN BA 5 -37.54 -13.65 -70.56
C GLN BA 5 -36.73 -12.61 -69.78
N VAL BA 6 -36.06 -13.04 -68.71
CA VAL BA 6 -35.15 -12.14 -67.99
C VAL BA 6 -33.95 -11.79 -68.87
N LEU BA 7 -33.38 -12.80 -69.52
CA LEU BA 7 -32.27 -12.54 -70.44
C LEU BA 7 -32.70 -11.73 -71.66
N LYS BA 8 -33.94 -11.92 -72.11
CA LYS BA 8 -34.43 -11.11 -73.22
C LYS BA 8 -34.72 -9.68 -72.80
N ARG BA 9 -35.15 -9.45 -71.56
CA ARG BA 9 -35.26 -8.09 -71.06
C ARG BA 9 -33.89 -7.43 -70.93
N GLY BA 10 -32.87 -8.22 -70.57
CA GLY BA 10 -31.52 -7.70 -70.57
C GLY BA 10 -31.03 -7.32 -71.96
N LEU BA 11 -31.28 -8.19 -72.94
CA LEU BA 11 -30.87 -7.87 -74.31
C LEU BA 11 -31.68 -6.74 -74.92
N GLN BA 12 -32.93 -6.54 -74.49
CA GLN BA 12 -33.65 -5.39 -75.02
C GLN BA 12 -33.34 -4.12 -74.26
N GLN BA 13 -32.77 -4.20 -73.05
CA GLN BA 13 -32.10 -3.04 -72.48
C GLN BA 13 -30.83 -2.71 -73.25
N VAL BA 14 -30.14 -3.72 -73.78
CA VAL BA 14 -28.97 -3.47 -74.62
C VAL BA 14 -29.38 -2.78 -75.92
N SER BA 15 -30.40 -3.32 -76.59
CA SER BA 15 -30.85 -2.73 -77.84
C SER BA 15 -31.65 -1.45 -77.65
N GLY BA 16 -32.16 -1.20 -76.44
CA GLY BA 16 -32.95 -0.01 -76.18
C GLY BA 16 -32.15 1.25 -75.96
N HIS BA 17 -30.85 1.12 -75.66
CA HIS BA 17 -29.96 2.26 -75.60
C HIS BA 17 -29.16 2.45 -76.89
N GLY BA 18 -29.64 1.90 -78.00
CA GLY BA 18 -28.95 2.06 -79.25
C GLY BA 18 -27.73 1.19 -79.40
N GLY BA 19 -27.81 -0.06 -78.98
CA GLY BA 19 -26.70 -0.97 -79.13
C GLY BA 19 -25.71 -0.91 -77.99
N LEU BA 20 -24.57 -1.57 -78.24
CA LEU BA 20 -23.57 -1.79 -77.19
C LEU BA 20 -22.86 -0.50 -76.80
N ARG BA 21 -22.66 0.42 -77.74
CA ARG BA 21 -21.91 1.64 -77.43
C ARG BA 21 -22.71 2.58 -76.53
N GLY BA 22 -23.97 2.85 -76.88
CA GLY BA 22 -24.82 3.64 -76.01
C GLY BA 22 -25.17 2.91 -74.72
N TYR BA 23 -25.21 1.57 -74.77
CA TYR BA 23 -25.37 0.76 -73.56
C TYR BA 23 -24.23 0.98 -72.58
N LEU BA 24 -22.99 0.90 -73.06
CA LEU BA 24 -21.84 1.13 -72.19
C LEU BA 24 -21.71 2.60 -71.81
N ARG BA 25 -22.21 3.50 -72.66
CA ARG BA 25 -22.25 4.91 -72.34
C ARG BA 25 -23.11 5.16 -71.11
N VAL BA 26 -24.34 4.65 -71.11
CA VAL BA 26 -25.21 4.85 -69.97
C VAL BA 26 -24.80 3.96 -68.79
N LEU BA 27 -24.07 2.87 -69.04
CA LEU BA 27 -23.54 2.04 -67.96
C LEU BA 27 -22.45 2.77 -67.19
N PHE BA 28 -21.50 3.36 -67.89
CA PHE BA 28 -20.39 4.02 -67.22
C PHE BA 28 -20.69 5.46 -66.80
N ARG BA 29 -21.74 6.08 -67.34
CA ARG BA 29 -22.10 7.42 -66.87
C ARG BA 29 -23.20 7.40 -65.83
N ALA BA 30 -24.15 6.48 -65.94
CA ALA BA 30 -25.32 6.47 -65.08
C ALA BA 30 -25.27 5.42 -63.99
N ASN BA 31 -24.42 4.40 -64.16
CA ASN BA 31 -24.42 3.17 -63.38
C ASN BA 31 -25.80 2.53 -63.39
N ASP BA 32 -26.44 2.58 -64.55
CA ASP BA 32 -27.84 2.23 -64.71
C ASP BA 32 -28.15 2.06 -66.20
N VAL BA 33 -28.72 0.92 -66.58
CA VAL BA 33 -28.90 0.61 -67.99
C VAL BA 33 -30.36 0.39 -68.34
N ARG BA 34 -31.29 0.69 -67.44
CA ARG BA 34 -32.68 0.43 -67.74
C ARG BA 34 -33.24 1.51 -68.64
N VAL BA 35 -34.17 1.13 -69.52
CA VAL BA 35 -34.72 1.99 -70.55
C VAL BA 35 -36.05 2.56 -70.08
N GLY BA 36 -36.39 3.73 -70.62
CA GLY BA 36 -37.65 4.37 -70.28
C GLY BA 36 -38.15 5.23 -71.40
N THR BA 37 -39.37 5.73 -71.23
CA THR BA 37 -39.96 6.64 -72.19
C THR BA 37 -39.32 8.02 -72.06
N LEU BA 38 -38.81 8.54 -73.19
CA LEU BA 38 -38.24 9.88 -73.21
C LEU BA 38 -39.35 10.91 -73.02
N VAL BA 39 -39.35 11.58 -71.87
CA VAL BA 39 -40.38 12.57 -71.57
C VAL BA 39 -40.07 13.88 -72.27
N GLY BA 40 -38.83 14.31 -72.23
CA GLY BA 40 -38.45 15.49 -72.97
C GLY BA 40 -36.96 15.72 -72.86
N GLU BA 41 -36.50 16.71 -73.61
CA GLU BA 41 -35.13 17.20 -73.55
C GLU BA 41 -35.20 18.71 -73.42
N ASP BA 42 -34.41 19.26 -72.52
CA ASP BA 42 -34.38 20.69 -72.31
C ASP BA 42 -33.39 21.34 -73.28
N LYS BA 43 -33.09 22.62 -73.07
CA LYS BA 43 -32.20 23.34 -73.95
C LYS BA 43 -30.72 23.05 -73.70
N TYR BA 44 -30.40 22.22 -72.70
CA TYR BA 44 -29.03 21.90 -72.37
C TYR BA 44 -28.60 20.53 -72.85
N GLY BA 45 -29.55 19.64 -73.11
CA GLY BA 45 -29.24 18.27 -73.47
C GLY BA 45 -29.54 17.27 -72.38
N ASN BA 46 -30.14 17.71 -71.27
CA ASN BA 46 -30.58 16.78 -70.23
C ASN BA 46 -31.83 16.06 -70.72
N LYS BA 47 -31.78 14.75 -70.77
CA LYS BA 47 -32.88 13.95 -71.27
C LYS BA 47 -33.59 13.30 -70.09
N TYR BA 48 -34.90 13.45 -70.03
CA TYR BA 48 -35.70 13.05 -68.89
C TYR BA 48 -36.55 11.84 -69.27
N TYR BA 49 -36.76 10.95 -68.30
CA TYR BA 49 -37.35 9.65 -68.59
C TYR BA 49 -38.38 9.27 -67.54
N GLU BA 50 -39.46 8.65 -68.00
CA GLU BA 50 -40.41 7.95 -67.14
C GLU BA 50 -40.26 6.44 -67.30
N ASP BA 51 -40.55 5.74 -66.21
CA ASP BA 51 -40.84 4.31 -66.26
C ASP BA 51 -41.74 4.04 -65.07
N ASN BA 52 -43.06 4.05 -65.31
CA ASN BA 52 -44.02 3.96 -64.22
C ASN BA 52 -44.10 2.58 -63.59
N LYS BA 53 -43.46 1.57 -64.17
CA LYS BA 53 -43.39 0.26 -63.52
C LYS BA 53 -42.30 0.19 -62.47
N GLN BA 54 -41.36 1.12 -62.48
CA GLN BA 54 -40.38 1.20 -61.41
C GLN BA 54 -41.02 1.79 -60.16
N PHE BA 55 -40.38 1.56 -59.02
CA PHE BA 55 -41.02 2.04 -57.81
C PHE BA 55 -40.77 3.54 -57.64
N PHE BA 56 -41.52 4.13 -56.72
CA PHE BA 56 -41.62 5.57 -56.54
C PHE BA 56 -40.28 6.13 -56.06
N GLY BA 57 -39.56 6.77 -56.97
CA GLY BA 57 -38.21 7.22 -56.75
C GLY BA 57 -37.31 6.84 -57.90
N ARG BA 58 -37.53 5.64 -58.45
CA ARG BA 58 -36.84 5.19 -59.64
C ARG BA 58 -37.58 5.54 -60.92
N HIS BA 59 -38.83 5.97 -60.81
CA HIS BA 59 -39.71 6.06 -61.96
C HIS BA 59 -39.47 7.31 -62.79
N ARG BA 60 -38.68 8.26 -62.31
CA ARG BA 60 -38.30 9.43 -63.08
C ARG BA 60 -36.82 9.66 -62.91
N TRP BA 61 -36.11 9.88 -64.03
CA TRP BA 61 -34.70 10.21 -63.92
C TRP BA 61 -34.28 11.14 -65.04
N VAL BA 62 -33.04 11.59 -64.95
CA VAL BA 62 -32.40 12.44 -65.95
C VAL BA 62 -31.08 11.79 -66.33
N ILE BA 63 -30.79 11.74 -67.63
CA ILE BA 63 -29.45 11.48 -68.11
C ILE BA 63 -28.87 12.85 -68.48
N TYR BA 64 -27.86 13.27 -67.72
CA TYR BA 64 -27.32 14.61 -67.91
C TYR BA 64 -26.56 14.73 -69.22
N THR BA 65 -26.47 15.96 -69.71
CA THR BA 65 -25.75 16.26 -70.93
C THR BA 65 -24.25 16.15 -70.74
N THR BA 66 -23.52 16.27 -71.83
CA THR BA 66 -22.06 16.21 -71.80
C THR BA 66 -21.40 17.57 -71.83
N GLU BA 67 -22.14 18.62 -72.19
CA GLU BA 67 -21.61 19.97 -72.14
C GLU BA 67 -22.71 20.90 -71.67
N MET BA 68 -22.49 21.55 -70.53
CA MET BA 68 -23.41 22.58 -70.03
C MET BA 68 -22.60 23.78 -69.62
N ASN BA 69 -22.89 24.94 -70.24
CA ASN BA 69 -22.27 26.23 -69.96
C ASN BA 69 -20.76 26.20 -70.13
N GLY BA 70 -20.27 25.43 -71.09
CA GLY BA 70 -18.85 25.31 -71.35
C GLY BA 70 -18.13 24.25 -70.55
N LYS BA 71 -18.75 23.69 -69.52
CA LYS BA 71 -18.11 22.68 -68.69
C LYS BA 71 -18.31 21.32 -69.31
N ASN BA 72 -17.23 20.54 -69.38
CA ASN BA 72 -17.33 19.14 -69.78
C ASN BA 72 -18.01 18.37 -68.66
N THR BA 73 -19.26 17.95 -68.88
CA THR BA 73 -20.02 17.21 -67.89
C THR BA 73 -20.24 15.76 -68.33
N PHE BA 74 -19.24 15.17 -68.97
CA PHE BA 74 -19.34 13.76 -69.31
C PHE BA 74 -19.23 12.90 -68.06
N TRP BA 75 -18.18 13.12 -67.28
CA TRP BA 75 -18.02 12.41 -66.01
C TRP BA 75 -18.43 13.26 -64.82
N ASP BA 76 -18.40 14.58 -64.95
CA ASP BA 76 -18.67 15.49 -63.85
C ASP BA 76 -20.13 15.94 -63.88
N VAL BA 77 -21.03 14.96 -63.72
CA VAL BA 77 -22.45 15.27 -63.63
C VAL BA 77 -22.74 15.92 -62.28
N ASP BA 78 -23.78 16.74 -62.26
CA ASP BA 78 -24.04 17.59 -61.12
C ASP BA 78 -25.54 17.69 -60.93
N GLY BA 79 -25.99 17.56 -59.68
CA GLY BA 79 -27.42 17.62 -59.41
C GLY BA 79 -28.04 18.98 -59.64
N SER BA 80 -27.22 20.03 -59.62
CA SER BA 80 -27.68 21.39 -59.89
C SER BA 80 -27.76 21.70 -61.38
N MET BA 81 -27.50 20.72 -62.26
CA MET BA 81 -27.62 20.95 -63.69
C MET BA 81 -29.06 20.96 -64.18
N VAL BA 82 -29.99 20.43 -63.39
CA VAL BA 82 -31.39 20.37 -63.77
C VAL BA 82 -32.00 21.76 -63.68
N PRO BA 83 -32.57 22.28 -64.77
CA PRO BA 83 -33.18 23.62 -64.74
C PRO BA 83 -34.46 23.62 -63.92
N PRO BA 84 -34.95 24.79 -63.51
CA PRO BA 84 -36.10 24.82 -62.59
C PRO BA 84 -37.43 24.36 -63.20
N GLU BA 85 -37.58 24.37 -64.53
CA GLU BA 85 -38.85 23.90 -65.08
C GLU BA 85 -38.99 22.40 -64.99
N TRP BA 86 -37.87 21.65 -65.04
CA TRP BA 86 -37.88 20.21 -64.87
C TRP BA 86 -37.62 19.78 -63.45
N HIS BA 87 -37.26 20.72 -62.57
CA HIS BA 87 -36.90 20.40 -61.19
C HIS BA 87 -38.12 19.98 -60.38
N ARG BA 88 -39.31 20.50 -60.72
CA ARG BA 88 -40.53 20.03 -60.06
C ARG BA 88 -40.88 18.62 -60.51
N TRP BA 89 -40.79 18.36 -61.81
CA TRP BA 89 -41.12 17.06 -62.35
C TRP BA 89 -40.16 15.99 -61.83
N LEU BA 90 -38.88 16.30 -61.78
CA LEU BA 90 -37.88 15.30 -61.40
C LEU BA 90 -37.94 15.01 -59.90
N HIS BA 91 -38.19 16.02 -59.08
CA HIS BA 91 -38.34 15.84 -57.65
C HIS BA 91 -39.76 15.50 -57.24
N CYS BA 92 -40.63 15.23 -58.22
CA CYS BA 92 -42.01 14.76 -58.02
C CYS BA 92 -42.83 15.77 -57.21
N MET BA 93 -42.58 17.06 -57.41
CA MET BA 93 -43.46 18.08 -56.87
C MET BA 93 -44.72 18.24 -57.69
N THR BA 94 -44.82 17.54 -58.82
CA THR BA 94 -45.94 17.63 -59.75
C THR BA 94 -45.95 16.36 -60.59
N ASP BA 95 -47.07 16.16 -61.30
CA ASP BA 95 -47.20 15.06 -62.23
C ASP BA 95 -46.87 15.43 -63.67
N ASP BA 96 -46.83 16.71 -63.99
CA ASP BA 96 -46.77 17.14 -65.38
C ASP BA 96 -45.41 17.74 -65.71
N PRO BA 97 -44.80 17.32 -66.81
CA PRO BA 97 -43.53 17.91 -67.22
C PRO BA 97 -43.75 19.29 -67.81
N PRO BA 98 -42.71 20.11 -67.94
CA PRO BA 98 -42.86 21.42 -68.59
C PRO BA 98 -43.09 21.36 -70.10
N THR BA 99 -43.07 20.17 -70.72
CA THR BA 99 -43.55 20.05 -72.09
C THR BA 99 -45.06 19.91 -72.16
N VAL BA 100 -45.74 19.74 -71.02
CA VAL BA 100 -47.18 19.66 -70.96
C VAL BA 100 -47.79 20.86 -70.24
N LYS BA 101 -47.31 21.16 -69.04
CA LYS BA 101 -47.63 22.39 -68.32
C LYS BA 101 -46.39 23.26 -68.25
N PRO BA 102 -46.20 24.18 -69.19
CA PRO BA 102 -44.99 25.01 -69.19
C PRO BA 102 -45.02 26.01 -68.05
N PRO BA 103 -43.86 26.50 -67.61
CA PRO BA 103 -43.84 27.56 -66.60
C PRO BA 103 -44.26 28.89 -67.22
N THR BA 104 -44.54 29.84 -66.34
CA THR BA 104 -45.06 31.13 -66.78
C THR BA 104 -43.91 32.00 -67.27
N ALA BA 105 -44.06 32.55 -68.48
CA ALA BA 105 -43.01 33.32 -69.11
C ALA BA 105 -42.91 34.71 -68.49
N ARG BA 106 -41.73 35.04 -67.98
CA ARG BA 106 -41.45 36.34 -67.38
C ARG BA 106 -40.18 36.91 -67.99
N LYS BA 107 -40.16 38.23 -68.16
CA LYS BA 107 -39.04 38.90 -68.81
C LYS BA 107 -37.77 38.91 -67.97
N PHE BA 108 -37.85 38.55 -66.69
CA PHE BA 108 -36.72 38.60 -65.79
C PHE BA 108 -36.18 37.23 -65.40
N ILE BA 109 -36.91 36.15 -65.67
CA ILE BA 109 -36.42 34.81 -65.36
C ILE BA 109 -35.24 34.49 -66.27
N TRP BA 110 -34.22 33.86 -65.68
CA TRP BA 110 -33.00 33.51 -66.40
C TRP BA 110 -33.29 32.57 -67.56
N THR BA 111 -32.91 32.99 -68.76
CA THR BA 111 -32.97 32.13 -69.92
C THR BA 111 -31.86 31.09 -69.92
N ASN BA 112 -30.80 31.33 -69.16
CA ASN BA 112 -29.68 30.41 -69.05
C ASN BA 112 -29.55 30.02 -67.58
N HIS BA 113 -29.95 28.78 -67.27
CA HIS BA 113 -29.75 28.26 -65.93
C HIS BA 113 -28.29 27.94 -65.68
N LYS BA 114 -27.77 28.46 -64.58
CA LYS BA 114 -26.41 28.14 -64.16
C LYS BA 114 -26.46 27.12 -63.04
N PHE BA 115 -25.51 26.20 -63.06
CA PHE BA 115 -25.41 25.21 -62.00
C PHE BA 115 -24.70 25.83 -60.79
N ASN BA 116 -24.33 25.00 -59.82
CA ASN BA 116 -23.64 25.50 -58.64
C ASN BA 116 -22.23 25.92 -59.02
N LEU BA 117 -21.95 27.20 -58.88
CA LEU BA 117 -20.71 27.79 -59.35
C LEU BA 117 -19.65 27.89 -58.26
N SER BA 118 -19.77 27.11 -57.20
CA SER BA 118 -18.86 27.21 -56.07
C SER BA 118 -17.52 26.56 -56.41
N GLY BA 119 -16.44 27.22 -55.99
CA GLY BA 119 -15.10 26.82 -56.34
C GLY BA 119 -14.60 27.36 -57.66
N THR BA 120 -15.47 27.96 -58.45
CA THR BA 120 -15.16 28.53 -59.75
C THR BA 120 -14.89 30.01 -59.60
N PRO BA 121 -14.29 30.67 -60.60
CA PRO BA 121 -14.23 32.14 -60.58
C PRO BA 121 -15.57 32.84 -60.70
N GLN BA 122 -16.64 32.14 -61.08
CA GLN BA 122 -17.98 32.72 -61.14
C GLN BA 122 -18.75 32.55 -59.84
N GLN BA 123 -18.08 32.25 -58.74
CA GLN BA 123 -18.76 31.99 -57.49
C GLN BA 123 -19.19 33.29 -56.82
N TYR BA 124 -19.99 33.15 -55.78
CA TYR BA 124 -20.53 34.30 -55.06
C TYR BA 124 -19.57 34.82 -54.01
N VAL BA 125 -19.41 36.14 -53.97
CA VAL BA 125 -18.64 36.82 -52.95
C VAL BA 125 -19.56 37.81 -52.26
N PRO BA 126 -19.71 37.77 -50.94
CA PRO BA 126 -20.65 38.67 -50.28
C PRO BA 126 -20.03 40.05 -50.07
N TYR BA 127 -20.92 41.04 -49.95
CA TYR BA 127 -20.52 42.41 -49.72
C TYR BA 127 -21.71 43.18 -49.17
N SER BA 128 -21.40 44.32 -48.55
CA SER BA 128 -22.42 45.21 -48.02
C SER BA 128 -22.98 46.04 -49.16
N THR BA 129 -24.29 45.99 -49.36
CA THR BA 129 -24.91 46.71 -50.45
C THR BA 129 -25.42 48.08 -50.05
N THR BA 130 -25.02 48.59 -48.88
CA THR BA 130 -25.38 49.94 -48.50
C THR BA 130 -24.22 50.89 -48.79
N ARG BA 131 -24.54 52.18 -48.78
CA ARG BA 131 -23.57 53.21 -49.06
C ARG BA 131 -22.89 53.65 -47.78
N LYS BA 132 -21.99 54.63 -47.89
CA LYS BA 132 -21.23 55.08 -46.72
C LYS BA 132 -22.11 55.91 -45.80
N LYS BA 133 -22.05 55.62 -44.51
CA LYS BA 133 -22.97 56.22 -43.56
C LYS BA 133 -22.56 57.65 -43.20
N ILE BA 134 -21.33 57.83 -42.72
CA ILE BA 134 -20.84 59.12 -42.27
C ILE BA 134 -20.02 59.73 -43.40
N GLN BA 135 -20.39 60.94 -43.83
CA GLN BA 135 -19.59 61.66 -44.81
C GLN BA 135 -18.55 62.50 -44.10
N GLU BA 136 -17.29 62.33 -44.49
CA GLU BA 136 -16.20 63.03 -43.84
C GLU BA 136 -16.05 64.44 -44.40
N TRP BA 137 -15.33 65.27 -43.66
CA TRP BA 137 -15.05 66.63 -44.07
C TRP BA 137 -13.78 66.63 -44.93
N VAL BA 138 -13.89 67.15 -46.15
CA VAL BA 138 -12.75 67.24 -47.05
C VAL BA 138 -12.12 68.63 -46.88
N PRO BA 139 -10.84 68.71 -46.53
CA PRO BA 139 -10.21 70.01 -46.32
C PRO BA 139 -10.02 70.75 -47.63
N PRO BA 140 -9.89 72.07 -47.59
CA PRO BA 140 -9.71 72.83 -48.83
C PRO BA 140 -8.35 72.58 -49.47
N SER BA 141 -8.32 72.74 -50.79
CA SER BA 141 -7.11 72.48 -51.57
C SER BA 141 -6.21 73.69 -51.70
N THR BA 142 -6.68 74.86 -51.34
CA THR BA 142 -5.94 76.11 -51.39
C THR BA 142 -5.34 76.43 -50.03
N PRO BA 143 -4.13 77.01 -50.00
CA PRO BA 143 -3.50 77.35 -48.72
C PRO BA 143 -4.22 78.49 -48.01
N TYR BA 144 -4.04 78.53 -46.70
CA TYR BA 144 -4.72 79.48 -45.82
C TYR BA 144 -3.94 80.78 -45.64
N LYS BA 145 -2.69 80.83 -46.07
CA LYS BA 145 -1.86 82.01 -45.90
C LYS BA 145 -2.30 83.13 -46.83
N PRO CA 74 16.24 14.72 13.55
CA PRO CA 74 15.61 14.14 14.73
C PRO CA 74 16.62 13.62 15.75
N LEU CA 75 17.84 13.38 15.29
CA LEU CA 75 18.90 12.92 16.20
C LEU CA 75 19.30 14.02 17.18
N THR CA 76 19.62 15.20 16.65
CA THR CA 76 20.00 16.34 17.47
C THR CA 76 19.05 17.50 17.21
N LEU CA 77 18.73 18.22 18.29
CA LEU CA 77 17.92 19.43 18.17
C LEU CA 77 18.65 20.51 17.40
N GLU CA 78 19.97 20.61 17.59
CA GLU CA 78 20.80 21.50 16.81
C GLU CA 78 20.73 21.15 15.32
N GLY CA 79 20.70 19.86 15.00
CA GLY CA 79 20.56 19.45 13.62
C GLY CA 79 19.19 19.78 13.03
N ILE CA 80 18.14 19.67 13.84
CA ILE CA 80 16.80 20.08 13.41
C ILE CA 80 16.76 21.57 13.11
N LYS CA 81 17.38 22.37 13.98
CA LYS CA 81 17.45 23.82 13.76
C LYS CA 81 18.25 24.16 12.51
N ASP CA 82 19.37 23.46 12.28
CA ASP CA 82 20.17 23.71 11.09
C ASP CA 82 19.45 23.29 9.82
N ARG CA 83 18.65 22.23 9.89
CA ARG CA 83 17.91 21.80 8.71
C ARG CA 83 16.73 22.74 8.42
N VAL CA 84 16.11 23.28 9.47
CA VAL CA 84 15.10 24.34 9.31
C VAL CA 84 15.72 25.57 8.65
N LEU CA 85 16.91 25.97 9.08
CA LEU CA 85 17.57 27.12 8.47
C LEU CA 85 17.99 26.84 7.03
N TYR CA 86 18.34 25.60 6.72
CA TYR CA 86 18.68 25.24 5.33
C TYR CA 86 17.45 25.31 4.43
N VAL CA 87 16.31 24.83 4.93
CA VAL CA 87 15.05 24.94 4.17
C VAL CA 87 14.67 26.40 3.96
N LEU CA 88 14.83 27.23 4.99
CA LEU CA 88 14.46 28.63 4.86
C LEU CA 88 15.42 29.43 4.00
N LYS CA 89 16.69 28.99 3.89
CA LYS CA 89 17.60 29.68 2.98
C LYS CA 89 17.57 29.11 1.58
N LEU CA 90 16.91 27.97 1.36
CA LEU CA 90 16.55 27.60 -0.01
C LEU CA 90 15.41 28.47 -0.54
N TYR CA 91 14.54 28.95 0.36
CA TYR CA 91 13.36 29.71 -0.03
C TYR CA 91 13.78 31.13 -0.40
N ASP CA 92 13.68 31.47 -1.69
CA ASP CA 92 14.33 32.64 -2.24
C ASP CA 92 13.54 33.94 -2.10
N LYS CA 93 12.42 33.93 -1.39
CA LYS CA 93 11.73 35.19 -1.10
C LYS CA 93 12.26 35.85 0.15
N ILE CA 94 12.71 35.04 1.12
CA ILE CA 94 13.29 35.56 2.36
C ILE CA 94 14.71 36.02 2.09
N ASP CA 95 15.06 37.20 2.59
CA ASP CA 95 16.45 37.64 2.67
C ASP CA 95 17.21 36.73 3.62
N PRO CA 96 18.30 36.09 3.17
CA PRO CA 96 19.04 35.21 4.09
C PRO CA 96 19.84 35.95 5.15
N GLU CA 97 20.17 37.22 4.93
CA GLU CA 97 20.95 37.95 5.93
C GLU CA 97 20.09 38.31 7.14
N LYS CA 98 18.79 38.51 6.95
CA LYS CA 98 17.89 38.73 8.06
C LYS CA 98 17.33 37.41 8.59
N LEU CA 99 17.61 36.31 7.92
CA LEU CA 99 17.14 34.99 8.35
C LEU CA 99 17.89 34.58 9.61
N SER CA 100 17.25 34.80 10.75
CA SER CA 100 17.81 34.45 12.04
C SER CA 100 16.92 33.41 12.71
N VAL CA 101 17.22 33.09 13.96
CA VAL CA 101 16.45 32.07 14.65
C VAL CA 101 15.13 32.65 15.16
N ASN CA 102 15.13 33.90 15.63
CA ASN CA 102 13.95 34.53 16.19
C ASN CA 102 13.27 35.48 15.21
N SER CA 103 13.53 35.33 13.92
CA SER CA 103 13.01 36.25 12.94
C SER CA 103 11.54 35.93 12.66
N HIS CA 104 10.69 36.94 12.81
CA HIS CA 104 9.27 36.77 12.57
C HIS CA 104 8.99 36.84 11.07
N PHE CA 105 8.08 36.00 10.58
CA PHE CA 105 7.83 35.99 9.15
C PHE CA 105 7.00 37.18 8.70
N MET CA 106 6.00 37.58 9.50
CA MET CA 106 5.06 38.59 9.06
C MET CA 106 5.64 39.99 9.16
N LYS CA 107 6.00 40.41 10.37
CA LYS CA 107 6.35 41.80 10.61
C LYS CA 107 7.84 42.10 10.49
N ASP CA 108 8.70 41.08 10.53
CA ASP CA 108 10.13 41.30 10.32
C ASP CA 108 10.54 40.99 8.89
N LEU CA 109 10.30 39.77 8.42
CA LEU CA 109 10.71 39.38 7.08
C LEU CA 109 9.84 40.03 6.00
N GLY CA 110 8.62 40.42 6.33
CA GLY CA 110 7.72 40.99 5.34
C GLY CA 110 7.21 39.96 4.37
N LEU CA 111 6.41 39.01 4.87
CA LEU CA 111 5.83 37.96 4.05
C LEU CA 111 4.32 37.96 4.23
N ASP CA 112 3.62 37.50 3.19
CA ASP CA 112 2.19 37.26 3.27
C ASP CA 112 1.93 35.98 4.08
N SER CA 113 0.66 35.73 4.38
CA SER CA 113 0.29 34.52 5.12
C SER CA 113 0.57 33.26 4.29
N LEU CA 114 0.34 33.34 2.98
CA LEU CA 114 0.54 32.17 2.12
C LEU CA 114 2.00 31.80 2.00
N ASP CA 115 2.90 32.78 2.14
CA ASP CA 115 4.32 32.50 2.25
C ASP CA 115 4.62 31.63 3.47
N GLN CA 116 3.98 31.93 4.59
CA GLN CA 116 4.11 31.10 5.79
C GLN CA 116 3.52 29.71 5.56
N VAL CA 117 2.41 29.64 4.82
CA VAL CA 117 1.77 28.37 4.50
C VAL CA 117 2.71 27.47 3.69
N GLU CA 118 3.37 28.05 2.69
CA GLU CA 118 4.28 27.22 1.89
C GLU CA 118 5.62 26.98 2.57
N ILE CA 119 6.00 27.82 3.54
CA ILE CA 119 7.13 27.48 4.40
C ILE CA 119 6.83 26.24 5.24
N ILE CA 120 5.62 26.18 5.82
CA ILE CA 120 5.25 24.99 6.59
C ILE CA 120 5.11 23.77 5.69
N MET CA 121 4.68 23.96 4.44
CA MET CA 121 4.68 22.83 3.51
C MET CA 121 6.10 22.40 3.13
N ALA CA 122 7.05 23.33 3.04
CA ALA CA 122 8.44 22.93 2.84
C ALA CA 122 8.99 22.17 4.04
N MET CA 123 8.57 22.55 5.25
CA MET CA 123 8.97 21.79 6.44
C MET CA 123 8.36 20.39 6.44
N GLU CA 124 7.11 20.27 5.98
CA GLU CA 124 6.50 18.95 5.84
C GLU CA 124 7.18 18.12 4.76
N ASP CA 125 7.74 18.79 3.74
CA ASP CA 125 8.49 18.07 2.73
C ASP CA 125 9.81 17.55 3.28
N GLU CA 126 10.56 18.40 3.98
CA GLU CA 126 11.91 18.03 4.42
C GLU CA 126 11.85 17.06 5.59
N PHE CA 127 11.00 17.35 6.58
CA PHE CA 127 10.89 16.52 7.77
C PHE CA 127 9.98 15.31 7.58
N GLY CA 128 9.11 15.33 6.58
CA GLY CA 128 8.33 14.15 6.25
C GLY CA 128 7.21 13.80 7.21
N PHE CA 129 6.50 14.80 7.74
CA PHE CA 129 5.31 14.52 8.54
C PHE CA 129 4.32 15.66 8.37
N GLU CA 130 3.04 15.32 8.25
CA GLU CA 130 2.01 16.31 8.01
C GLU CA 130 1.72 17.10 9.28
N ILE CA 131 1.75 18.42 9.17
CA ILE CA 131 1.42 19.31 10.27
C ILE CA 131 -0.03 19.76 10.10
N PRO CA 132 -0.90 19.58 11.11
CA PRO CA 132 -2.29 20.04 11.00
C PRO CA 132 -2.43 21.55 10.93
N ASP CA 133 -3.66 22.05 10.77
CA ASP CA 133 -3.84 23.48 10.60
C ASP CA 133 -3.79 24.23 11.93
N ILE CA 134 -4.36 23.66 13.00
CA ILE CA 134 -4.48 24.39 14.26
C ILE CA 134 -3.19 24.41 15.06
N ASP CA 135 -2.11 23.84 14.54
CA ASP CA 135 -0.78 24.00 15.12
C ASP CA 135 0.26 24.44 14.10
N ALA CA 136 -0.16 24.87 12.91
CA ALA CA 136 0.75 25.48 11.95
C ALA CA 136 0.56 26.99 11.85
N GLU CA 137 -0.57 27.50 12.32
CA GLU CA 137 -0.79 28.95 12.33
C GLU CA 137 0.09 29.63 13.37
N LYS CA 138 0.39 28.95 14.47
CA LYS CA 138 1.16 29.51 15.56
C LYS CA 138 2.67 29.41 15.35
N LEU CA 139 3.10 29.05 14.13
CA LEU CA 139 4.52 28.95 13.78
C LEU CA 139 4.89 30.22 13.02
N MET CA 140 5.45 31.18 13.76
CA MET CA 140 5.74 32.50 13.22
C MET CA 140 7.23 32.83 13.17
N CYS CA 141 8.10 31.92 13.61
CA CYS CA 141 9.54 32.13 13.56
C CYS CA 141 10.19 30.76 13.46
N PRO CA 142 11.46 30.69 13.01
CA PRO CA 142 12.15 29.39 12.99
C PRO CA 142 12.31 28.73 14.34
N GLN CA 143 12.38 29.51 15.43
CA GLN CA 143 12.48 28.93 16.76
C GLN CA 143 11.19 28.23 17.16
N GLU CA 144 10.03 28.81 16.78
CA GLU CA 144 8.76 28.14 17.02
C GLU CA 144 8.64 26.87 16.18
N ILE CA 145 9.19 26.88 14.97
CA ILE CA 145 9.14 25.70 14.11
C ILE CA 145 10.00 24.58 14.69
N VAL CA 146 11.23 24.91 15.13
CA VAL CA 146 12.10 23.87 15.69
C VAL CA 146 11.57 23.40 17.05
N ASP CA 147 10.91 24.27 17.81
CA ASP CA 147 10.27 23.84 19.04
C ASP CA 147 9.08 22.92 18.77
N TYR CA 148 8.32 23.20 17.71
CA TYR CA 148 7.20 22.32 17.35
C TYR CA 148 7.67 20.97 16.85
N ILE CA 149 8.75 20.95 16.07
CA ILE CA 149 9.27 19.69 15.55
C ILE CA 149 9.90 18.87 16.67
N ALA CA 150 10.56 19.54 17.63
CA ALA CA 150 11.05 18.84 18.81
C ALA CA 150 9.91 18.37 19.71
N ASP CA 151 8.76 19.05 19.67
CA ASP CA 151 7.61 18.57 20.42
C ASP CA 151 6.99 17.34 19.74
N LYS CA 152 6.92 17.33 18.42
CA LYS CA 152 6.34 16.21 17.69
C LYS CA 152 7.30 15.04 17.56
N LYS CA 153 8.52 15.17 18.06
CA LYS CA 153 9.42 14.02 18.17
C LYS CA 153 9.88 13.90 19.63
N ASP CA 154 10.82 13.01 19.91
CA ASP CA 154 11.20 12.77 21.29
C ASP CA 154 12.28 13.72 21.77
N VAL CA 155 13.45 13.68 21.11
CA VAL CA 155 14.71 14.41 21.41
C VAL CA 155 15.03 14.65 22.90
N LEU DA 36 -11.83 -36.12 18.64
CA LEU DA 36 -12.69 -34.94 18.52
C LEU DA 36 -14.10 -35.31 18.07
N GLN DA 37 -14.86 -34.30 17.66
CA GLN DA 37 -16.18 -34.49 17.07
C GLN DA 37 -16.26 -33.94 15.65
N TYR DA 38 -15.76 -32.73 15.44
CA TYR DA 38 -15.72 -32.12 14.11
C TYR DA 38 -14.30 -32.13 13.59
N GLY DA 39 -14.15 -32.50 12.33
CA GLY DA 39 -12.86 -32.48 11.67
C GLY DA 39 -13.05 -32.39 10.18
N PRO DA 40 -12.00 -32.72 9.42
CA PRO DA 40 -12.18 -32.87 7.97
C PRO DA 40 -13.05 -34.05 7.60
N LEU DA 41 -13.08 -35.10 8.43
CA LEU DA 41 -13.91 -36.28 8.15
C LEU DA 41 -15.39 -35.94 8.15
N ALA DA 42 -15.85 -35.15 9.12
CA ALA DA 42 -17.25 -34.78 9.18
C ALA DA 42 -17.62 -33.83 8.05
N TYR DA 43 -16.66 -33.02 7.59
CA TYR DA 43 -16.89 -32.14 6.45
C TYR DA 43 -16.98 -32.92 5.15
N ILE DA 44 -16.24 -34.02 5.03
CA ILE DA 44 -16.34 -34.85 3.85
C ILE DA 44 -17.67 -35.59 3.82
N LEU DA 45 -18.10 -36.12 4.97
CA LEU DA 45 -19.28 -36.97 5.02
C LEU DA 45 -20.60 -36.20 4.96
N GLY DA 46 -20.58 -34.87 4.90
CA GLY DA 46 -21.78 -34.11 4.60
C GLY DA 46 -22.15 -33.04 5.61
N GLU DA 47 -21.38 -32.83 6.67
CA GLU DA 47 -21.69 -31.76 7.62
C GLU DA 47 -21.13 -30.46 7.06
N LYS DA 48 -21.97 -29.75 6.32
CA LYS DA 48 -21.67 -28.39 5.89
C LYS DA 48 -22.25 -27.41 6.90
N THR DA 49 -21.76 -26.17 6.85
CA THR DA 49 -22.23 -25.16 7.77
C THR DA 49 -23.03 -24.05 7.10
N THR DA 50 -23.08 -24.03 5.77
CA THR DA 50 -24.01 -23.14 5.09
C THR DA 50 -25.39 -23.76 4.94
N LYS DA 51 -25.51 -25.06 5.22
CA LYS DA 51 -26.82 -25.69 5.28
C LYS DA 51 -27.63 -25.18 6.47
N LYS DA 52 -26.96 -24.85 7.56
CA LYS DA 52 -27.61 -24.31 8.75
C LYS DA 52 -27.33 -22.82 8.92
N MET DA 53 -26.84 -22.14 7.88
CA MET DA 53 -26.59 -20.71 7.92
C MET DA 53 -27.84 -20.03 7.37
N THR DA 54 -28.78 -19.75 8.27
CA THR DA 54 -30.03 -19.09 7.91
C THR DA 54 -29.85 -17.57 8.03
N GLU DA 55 -30.95 -16.84 7.78
CA GLU DA 55 -30.93 -15.38 7.92
C GLU DA 55 -30.79 -14.94 9.37
N ASN DA 56 -31.22 -15.77 10.32
CA ASN DA 56 -31.10 -15.44 11.73
C ASN DA 56 -29.67 -15.58 12.24
N SER DA 57 -28.82 -16.32 11.52
CA SER DA 57 -27.45 -16.58 11.96
C SER DA 57 -26.58 -15.36 11.71
N LYS DA 58 -26.75 -14.36 12.57
CA LYS DA 58 -26.01 -13.10 12.47
C LYS DA 58 -25.23 -12.87 13.75
N LEU DA 59 -23.95 -12.57 13.60
CA LEU DA 59 -23.08 -12.24 14.71
C LEU DA 59 -23.14 -10.74 14.96
N ILE DA 60 -23.70 -10.34 16.10
CA ILE DA 60 -23.98 -8.95 16.41
C ILE DA 60 -23.17 -8.56 17.64
N THR DA 61 -22.61 -7.35 17.61
CA THR DA 61 -21.81 -6.81 18.71
C THR DA 61 -22.39 -5.47 19.13
N VAL DA 62 -22.69 -5.32 20.41
CA VAL DA 62 -23.19 -4.07 20.96
C VAL DA 62 -22.02 -3.36 21.63
N ASP DA 63 -21.85 -2.07 21.30
CA ASP DA 63 -20.73 -1.29 21.80
C ASP DA 63 -21.21 0.00 22.45
N GLY DA 64 -20.39 0.51 23.35
CA GLY DA 64 -20.70 1.74 24.05
C GLY DA 64 -19.64 2.02 25.09
N ASN DA 65 -19.87 3.10 25.85
CA ASN DA 65 -18.94 3.52 26.88
C ASN DA 65 -19.25 2.73 28.16
N ILE DA 66 -18.65 3.12 29.30
CA ILE DA 66 -18.58 2.25 30.47
C ILE DA 66 -19.95 2.06 31.11
N CYS DA 67 -20.76 3.11 31.17
CA CYS DA 67 -22.11 2.94 31.68
C CYS DA 67 -23.14 3.42 30.68
N SER DA 68 -23.02 2.95 29.43
CA SER DA 68 -23.99 3.29 28.40
C SER DA 68 -25.35 2.67 28.64
N GLY DA 69 -25.42 1.57 29.40
CA GLY DA 69 -26.67 0.85 29.51
C GLY DA 69 -26.92 -0.08 28.35
N LYS DA 70 -25.86 -0.54 27.70
CA LYS DA 70 -25.97 -1.42 26.54
C LYS DA 70 -26.11 -2.87 26.94
N SEP DA 71 -25.93 -3.13 28.24
CA SEP DA 71 -25.96 -4.47 28.78
CB SEP DA 71 -25.33 -4.48 30.18
OG SEP DA 71 -24.17 -3.64 30.20
C SEP DA 71 -27.38 -5.01 28.85
O SEP DA 71 -27.57 -6.23 28.86
P SEP DA 71 -24.42 -2.35 31.13
O1P SEP DA 71 -23.64 -2.55 32.52
O2P SEP DA 71 -25.99 -2.16 31.40
O3P SEP DA 71 -23.85 -1.04 30.39
N LYS DA 72 -28.36 -4.12 28.87
CA LYS DA 72 -29.75 -4.53 28.80
C LYS DA 72 -30.21 -4.55 27.34
N LEU DA 73 -29.60 -3.69 26.52
CA LEU DA 73 -29.92 -3.64 25.10
C LEU DA 73 -29.49 -4.92 24.40
N ALA DA 74 -28.35 -5.48 24.82
CA ALA DA 74 -27.88 -6.72 24.21
C ALA DA 74 -28.79 -7.89 24.56
N LYS DA 75 -29.26 -7.95 25.81
CA LYS DA 75 -30.18 -9.02 26.20
C LYS DA 75 -31.52 -8.89 25.50
N GLU DA 76 -31.98 -7.64 25.31
CA GLU DA 76 -33.23 -7.42 24.59
C GLU DA 76 -33.13 -7.80 23.12
N VAL DA 77 -32.03 -7.42 22.46
CA VAL DA 77 -31.84 -7.76 21.05
C VAL DA 77 -31.66 -9.28 20.89
N ALA DA 78 -31.01 -9.93 21.86
CA ALA DA 78 -30.86 -11.38 21.78
C ALA DA 78 -32.16 -12.11 22.05
N GLU DA 79 -33.02 -11.59 22.92
CA GLU DA 79 -34.28 -12.29 23.17
C GLU DA 79 -35.32 -12.04 22.10
N LYS DA 80 -35.25 -10.92 21.38
CA LYS DA 80 -36.23 -10.68 20.33
C LYS DA 80 -35.88 -11.35 19.01
N LEU DA 81 -34.60 -11.36 18.64
CA LEU DA 81 -34.15 -12.01 17.41
C LEU DA 81 -33.94 -13.51 17.57
N GLY DA 82 -34.13 -14.05 18.77
CA GLY DA 82 -33.90 -15.47 18.99
C GLY DA 82 -32.44 -15.85 18.92
N LEU DA 83 -31.56 -15.07 19.51
CA LEU DA 83 -30.13 -15.27 19.44
C LEU DA 83 -29.59 -15.68 20.80
N LYS DA 84 -28.34 -16.15 20.80
CA LYS DA 84 -27.67 -16.49 22.04
C LYS DA 84 -26.94 -15.26 22.58
N HIS DA 85 -27.21 -14.92 23.84
CA HIS DA 85 -26.60 -13.75 24.45
C HIS DA 85 -25.32 -14.15 25.16
N PHE DA 86 -24.21 -13.54 24.77
CA PHE DA 86 -22.98 -13.67 25.52
C PHE DA 86 -22.77 -12.43 26.37
N PRO DA 87 -22.65 -12.58 27.69
CA PRO DA 87 -22.25 -11.44 28.52
C PRO DA 87 -20.83 -11.02 28.21
N GLU DA 88 -20.51 -9.79 28.62
CA GLU DA 88 -19.18 -9.24 28.39
C GLU DA 88 -18.14 -10.02 29.18
N ALA DA 89 -17.04 -10.39 28.52
CA ALA DA 89 -15.99 -11.15 29.17
C ALA DA 89 -15.22 -10.25 30.12
N GLY DA 90 -15.28 -10.56 31.40
CA GLY DA 90 -14.41 -9.95 32.38
C GLY DA 90 -13.09 -10.67 32.44
N ILE DA 91 -12.50 -10.70 33.64
CA ILE DA 91 -11.26 -11.44 33.83
C ILE DA 91 -11.53 -12.95 33.81
N HIS DA 92 -12.65 -13.37 34.40
CA HIS DA 92 -12.90 -14.78 34.67
C HIS DA 92 -13.78 -15.45 33.62
N TYR DA 93 -13.63 -15.09 32.34
CA TYR DA 93 -14.43 -15.74 31.30
C TYR DA 93 -13.94 -17.16 31.04
N ALA DA 94 -12.62 -17.32 30.90
CA ALA DA 94 -12.04 -18.65 30.69
C ALA DA 94 -12.28 -19.55 31.89
N ASP DA 95 -12.39 -18.95 33.08
CA ASP DA 95 -12.83 -19.70 34.26
C ASP DA 95 -14.26 -20.19 34.10
N SER DA 96 -15.10 -19.43 33.41
CA SER DA 96 -16.51 -19.81 33.24
C SER DA 96 -16.69 -20.82 32.13
N THR DA 97 -15.80 -20.86 31.15
CA THR DA 97 -15.93 -21.85 30.08
C THR DA 97 -15.35 -23.21 30.44
N THR DA 98 -14.34 -23.26 31.29
CA THR DA 98 -13.64 -24.50 31.59
C THR DA 98 -13.80 -24.86 33.06
N GLY DA 99 -13.47 -26.10 33.37
CA GLY DA 99 -13.62 -26.58 34.74
C GLY DA 99 -15.09 -26.69 35.11
N ASP DA 100 -15.42 -26.20 36.30
CA ASP DA 100 -16.80 -26.17 36.75
C ASP DA 100 -17.55 -24.91 36.35
N GLY DA 101 -16.87 -23.95 35.74
CA GLY DA 101 -17.47 -22.67 35.42
C GLY DA 101 -17.35 -21.64 36.53
N LYS DA 102 -16.96 -22.04 37.72
CA LYS DA 102 -16.80 -21.11 38.82
C LYS DA 102 -15.51 -20.32 38.66
N PRO DA 103 -15.46 -19.09 39.20
CA PRO DA 103 -14.24 -18.27 39.03
C PRO DA 103 -13.06 -18.84 39.80
N LEU DA 104 -11.92 -18.89 39.12
CA LEU DA 104 -10.69 -19.32 39.76
C LEU DA 104 -10.18 -18.22 40.68
N PRO DA 105 -9.25 -18.53 41.60
CA PRO DA 105 -8.55 -17.47 42.33
C PRO DA 105 -7.76 -16.58 41.39
N VAL DA 106 -7.57 -15.33 41.80
CA VAL DA 106 -7.12 -14.29 40.89
C VAL DA 106 -5.65 -14.43 40.50
N ARG DA 107 -4.87 -15.19 41.27
CA ARG DA 107 -3.48 -15.44 40.88
C ARG DA 107 -3.36 -16.48 39.77
N PHE DA 108 -4.36 -17.35 39.60
CA PHE DA 108 -4.33 -18.34 38.55
C PHE DA 108 -4.94 -17.84 37.27
N SER DA 109 -5.82 -16.86 37.33
CA SER DA 109 -6.48 -16.32 36.15
C SER DA 109 -6.42 -14.81 36.23
N GLY DA 110 -5.74 -14.21 35.27
CA GLY DA 110 -5.59 -12.77 35.22
C GLY DA 110 -4.29 -12.29 35.81
N ASN DA 111 -4.11 -12.54 37.12
CA ASN DA 111 -3.11 -11.88 37.95
C ASN DA 111 -3.20 -10.36 37.76
N CYS DA 112 -4.43 -9.86 37.79
CA CYS DA 112 -4.72 -8.48 37.47
C CYS DA 112 -6.08 -8.14 38.05
N SER DA 113 -6.28 -6.86 38.35
CA SER DA 113 -7.51 -6.41 39.00
C SER DA 113 -7.96 -5.11 38.36
N LEU DA 114 -9.22 -5.10 37.90
CA LEU DA 114 -9.79 -3.87 37.34
C LEU DA 114 -10.00 -2.82 38.42
N GLU DA 115 -10.25 -3.23 39.67
CA GLU DA 115 -10.46 -2.27 40.75
C GLU DA 115 -9.17 -1.54 41.10
N LYS DA 116 -8.05 -2.24 41.07
CA LYS DA 116 -6.77 -1.57 41.31
C LYS DA 116 -6.36 -0.74 40.10
N PHE DA 117 -6.89 -1.05 38.92
CA PHE DA 117 -6.75 -0.14 37.79
C PHE DA 117 -7.56 1.13 37.98
N TYR DA 118 -8.75 1.01 38.57
CA TYR DA 118 -9.55 2.20 38.85
C TYR DA 118 -8.92 3.05 39.95
N ASP DA 119 -8.37 2.41 40.98
CA ASP DA 119 -7.77 3.14 42.09
C ASP DA 119 -6.44 3.77 41.66
N ASP DA 120 -5.52 2.94 41.16
CA ASP DA 120 -4.19 3.39 40.76
C ASP DA 120 -4.00 3.05 39.29
N PRO DA 121 -4.36 3.95 38.37
CA PRO DA 121 -4.22 3.66 36.95
C PRO DA 121 -2.79 3.77 36.46
N LYS DA 122 -2.01 4.64 37.11
CA LYS DA 122 -0.62 4.90 36.76
C LYS DA 122 0.32 4.07 37.63
N SER DA 123 -0.10 2.84 37.95
CA SER DA 123 0.56 2.01 38.95
C SER DA 123 1.97 1.64 38.53
N ASN DA 124 2.77 1.30 39.54
CA ASN DA 124 4.17 0.95 39.31
C ASN DA 124 4.29 -0.43 38.68
N ASP DA 125 3.56 -1.42 39.23
CA ASP DA 125 3.71 -2.81 38.80
C ASP DA 125 3.12 -3.08 37.41
N GLY DA 126 2.32 -2.19 36.86
CA GLY DA 126 1.77 -2.42 35.53
C GLY DA 126 0.51 -3.26 35.50
N ASN DA 127 -0.42 -3.03 36.43
CA ASN DA 127 -1.71 -3.71 36.40
C ASN DA 127 -2.55 -3.27 35.21
N SER DA 128 -2.29 -2.06 34.68
CA SER DA 128 -3.10 -1.49 33.62
C SER DA 128 -2.99 -2.30 32.33
N TYR DA 129 -1.79 -2.39 31.76
CA TYR DA 129 -1.65 -3.12 30.50
C TYR DA 129 -1.74 -4.63 30.70
N ARG DA 130 -1.41 -5.13 31.88
CA ARG DA 130 -1.62 -6.55 32.15
C ARG DA 130 -3.10 -6.90 32.13
N LEU DA 131 -3.93 -6.05 32.74
CA LEU DA 131 -5.38 -6.19 32.68
C LEU DA 131 -5.89 -6.04 31.24
N GLN DA 132 -5.28 -5.13 30.48
CA GLN DA 132 -5.76 -4.89 29.11
C GLN DA 132 -5.43 -6.06 28.18
N ALA DA 133 -4.21 -6.59 28.26
CA ALA DA 133 -3.85 -7.75 27.45
C ALA DA 133 -4.59 -9.00 27.87
N TRP DA 134 -4.86 -9.14 29.18
CA TRP DA 134 -5.69 -10.25 29.64
C TRP DA 134 -7.11 -10.14 29.09
N LEU DA 135 -7.67 -8.93 29.07
CA LEU DA 135 -9.01 -8.77 28.53
C LEU DA 135 -9.04 -8.94 27.02
N TYR DA 136 -7.96 -8.62 26.32
CA TYR DA 136 -7.91 -8.91 24.89
C TYR DA 136 -7.94 -10.42 24.64
N ALA DA 137 -7.16 -11.18 25.41
CA ALA DA 137 -7.21 -12.64 25.29
C ALA DA 137 -8.56 -13.21 25.70
N SER DA 138 -9.22 -12.60 26.69
CA SER DA 138 -10.53 -13.05 27.13
C SER DA 138 -11.59 -12.80 26.07
N ARG DA 139 -11.56 -11.62 25.44
CA ARG DA 139 -12.49 -11.32 24.37
C ARG DA 139 -12.18 -12.15 23.12
N LEU DA 140 -10.92 -12.53 22.92
CA LEU DA 140 -10.58 -13.42 21.81
C LEU DA 140 -11.15 -14.81 22.04
N LEU DA 141 -11.08 -15.30 23.28
CA LEU DA 141 -11.70 -16.58 23.60
C LEU DA 141 -13.22 -16.51 23.49
N GLN DA 142 -13.81 -15.38 23.88
CA GLN DA 142 -15.26 -15.22 23.75
C GLN DA 142 -15.68 -15.13 22.30
N TYR DA 143 -14.85 -14.50 21.47
CA TYR DA 143 -15.15 -14.38 20.05
C TYR DA 143 -15.00 -15.72 19.35
N ALA DA 144 -14.04 -16.54 19.79
CA ALA DA 144 -13.92 -17.90 19.30
C ALA DA 144 -15.13 -18.74 19.71
N ASP DA 145 -15.62 -18.55 20.94
CA ASP DA 145 -16.84 -19.25 21.37
C ASP DA 145 -18.05 -18.80 20.57
N ALA DA 146 -18.12 -17.50 20.21
CA ALA DA 146 -19.23 -16.99 19.43
C ALA DA 146 -19.23 -17.53 18.02
N LEU DA 147 -18.08 -17.53 17.36
CA LEU DA 147 -17.99 -18.11 16.02
C LEU DA 147 -18.18 -19.62 16.04
N GLU DA 148 -17.72 -20.29 17.11
CA GLU DA 148 -17.89 -21.73 17.20
C GLU DA 148 -19.35 -22.12 17.35
N HIS DA 149 -20.10 -21.39 18.20
CA HIS DA 149 -21.53 -21.63 18.33
C HIS DA 149 -22.27 -21.27 17.05
N LEU DA 150 -21.89 -20.16 16.40
CA LEU DA 150 -22.53 -19.72 15.17
C LEU DA 150 -22.33 -20.69 14.02
N LEU DA 151 -21.15 -21.31 13.94
CA LEU DA 151 -20.86 -22.23 12.86
C LEU DA 151 -21.23 -23.67 13.19
N SER DA 152 -21.41 -24.02 14.46
CA SER DA 152 -21.78 -25.40 14.79
C SER DA 152 -23.28 -25.59 14.91
N THR DA 153 -23.99 -24.64 15.51
CA THR DA 153 -25.42 -24.78 15.68
C THR DA 153 -26.24 -23.94 14.72
N GLY DA 154 -25.62 -22.99 14.03
CA GLY DA 154 -26.34 -22.13 13.13
C GLY DA 154 -27.17 -21.06 13.80
N GLN DA 155 -26.89 -20.73 15.05
CA GLN DA 155 -27.60 -19.68 15.76
C GLN DA 155 -26.68 -18.48 15.92
N GLY DA 156 -27.20 -17.30 15.59
CA GLY DA 156 -26.42 -16.08 15.75
C GLY DA 156 -26.22 -15.71 17.20
N VAL DA 157 -25.22 -14.86 17.44
CA VAL DA 157 -24.76 -14.51 18.78
C VAL DA 157 -24.77 -12.99 18.90
N VAL DA 158 -25.28 -12.49 20.02
CA VAL DA 158 -25.13 -11.07 20.37
C VAL DA 158 -23.97 -10.94 21.33
N LEU DA 159 -22.96 -10.17 20.93
CA LEU DA 159 -21.79 -9.92 21.74
C LEU DA 159 -21.83 -8.52 22.33
N GLU DA 160 -20.97 -8.31 23.32
CA GLU DA 160 -20.77 -7.02 23.96
C GLU DA 160 -19.28 -6.74 23.95
N ARG DA 161 -18.86 -5.73 23.16
CA ARG DA 161 -17.47 -5.27 23.08
C ARG DA 161 -16.53 -6.40 22.62
N SER DA 162 -16.61 -6.72 21.33
CA SER DA 162 -15.74 -7.74 20.76
C SER DA 162 -14.29 -7.26 20.70
N ILE DA 163 -13.43 -8.11 20.11
CA ILE DA 163 -12.02 -7.77 19.94
C ILE DA 163 -11.79 -6.60 19.01
N TYR DA 164 -12.73 -6.31 18.12
CA TYR DA 164 -12.60 -5.17 17.22
C TYR DA 164 -12.73 -3.86 17.98
N SER DA 165 -13.50 -3.84 19.06
CA SER DA 165 -13.62 -2.68 19.94
C SER DA 165 -12.86 -2.87 21.24
N ASP DA 166 -11.74 -3.57 21.20
CA ASP DA 166 -10.92 -3.69 22.41
C ASP DA 166 -9.82 -2.64 22.44
N PHE DA 167 -9.39 -2.13 21.28
CA PHE DA 167 -8.31 -1.15 21.22
C PHE DA 167 -8.75 0.23 21.68
N VAL DA 168 -10.06 0.45 21.83
CA VAL DA 168 -10.56 1.74 22.27
C VAL DA 168 -10.25 2.00 23.74
N PHE DA 169 -9.99 0.95 24.50
CA PHE DA 169 -9.52 1.12 25.88
C PHE DA 169 -8.01 1.28 25.93
N LEU DA 170 -7.29 0.59 25.04
CA LEU DA 170 -5.83 0.72 24.97
C LEU DA 170 -5.43 2.15 24.60
N GLU DA 171 -6.06 2.70 23.56
CA GLU DA 171 -5.71 4.04 23.11
C GLU DA 171 -6.08 5.10 24.14
N ALA DA 172 -7.19 4.91 24.86
CA ALA DA 172 -7.57 5.85 25.90
C ALA DA 172 -6.64 5.77 27.11
N MET DA 173 -6.25 4.55 27.50
CA MET DA 173 -5.28 4.38 28.58
C MET DA 173 -3.92 4.96 28.20
N TYR DA 174 -3.54 4.90 26.93
CA TYR DA 174 -2.27 5.49 26.54
C TYR DA 174 -2.35 7.01 26.46
N ARG DA 175 -3.51 7.55 26.05
CA ARG DA 175 -3.68 9.00 26.05
C ARG DA 175 -3.79 9.55 27.46
N GLN DA 176 -4.20 8.74 28.43
CA GLN DA 176 -4.25 9.18 29.82
C GLN DA 176 -2.97 8.89 30.58
N GLY DA 177 -1.92 8.45 29.89
CA GLY DA 177 -0.66 8.15 30.56
C GLY DA 177 -0.70 6.97 31.49
N PHE DA 178 -1.62 6.04 31.27
CA PHE DA 178 -1.77 4.90 32.19
C PHE DA 178 -0.79 3.79 31.85
N ILE DA 179 -0.34 3.73 30.59
CA ILE DA 179 0.55 2.70 30.10
C ILE DA 179 1.67 3.39 29.31
N ARG DA 180 2.55 2.58 28.72
CA ARG DA 180 3.66 3.07 27.94
C ARG DA 180 3.39 2.90 26.44
N LYS DA 181 4.37 3.29 25.63
CA LYS DA 181 4.26 3.15 24.18
C LYS DA 181 4.58 1.73 23.73
N GLN DA 182 5.53 1.08 24.41
CA GLN DA 182 5.90 -0.28 24.07
C GLN DA 182 4.78 -1.26 24.38
N CYS DA 183 3.93 -0.94 25.36
CA CYS DA 183 2.74 -1.74 25.61
C CYS DA 183 1.75 -1.62 24.46
N VAL DA 184 1.61 -0.42 23.90
CA VAL DA 184 0.76 -0.23 22.73
C VAL DA 184 1.33 -0.97 21.53
N ASP DA 185 2.66 -1.02 21.43
CA ASP DA 185 3.29 -1.75 20.33
C ASP DA 185 3.12 -3.25 20.48
N HIS DA 186 3.21 -3.75 21.71
CA HIS DA 186 2.96 -5.16 21.99
C HIS DA 186 1.51 -5.54 21.68
N TYR DA 187 0.58 -4.68 22.06
CA TYR DA 187 -0.83 -4.90 21.71
C TYR DA 187 -1.04 -4.89 20.21
N ASN DA 188 -0.38 -3.97 19.51
CA ASN DA 188 -0.55 -3.90 18.06
C ASN DA 188 0.06 -5.09 17.35
N GLN DA 189 1.15 -5.65 17.90
CA GLN DA 189 1.72 -6.89 17.35
C GLN DA 189 0.77 -8.06 17.53
N VAL DA 190 0.26 -8.25 18.76
CA VAL DA 190 -0.68 -9.36 19.04
C VAL DA 190 -1.96 -9.19 18.23
N LYS DA 191 -2.44 -7.95 18.11
CA LYS DA 191 -3.64 -7.67 17.33
C LYS DA 191 -3.42 -7.94 15.84
N LYS DA 192 -2.26 -7.55 15.31
CA LYS DA 192 -1.96 -7.76 13.90
C LYS DA 192 -1.84 -9.24 13.56
N VAL DA 193 -1.34 -10.06 14.49
CA VAL DA 193 -1.22 -11.48 14.21
C VAL DA 193 -2.45 -12.29 14.64
N THR DA 194 -3.41 -11.69 15.34
CA THR DA 194 -4.58 -12.48 15.72
C THR DA 194 -5.89 -12.04 15.09
N VAL DA 195 -6.13 -10.74 14.85
CA VAL DA 195 -7.46 -10.32 14.42
C VAL DA 195 -7.70 -10.64 12.95
N CYS DA 196 -6.65 -10.86 12.16
CA CYS DA 196 -6.81 -11.09 10.74
C CYS DA 196 -7.29 -12.49 10.41
N GLU DA 197 -7.36 -13.39 11.40
CA GLU DA 197 -7.81 -14.75 11.20
C GLU DA 197 -9.30 -14.93 11.43
N TYR DA 198 -10.04 -13.83 11.59
CA TYR DA 198 -11.44 -13.87 11.94
C TYR DA 198 -12.23 -12.95 11.04
N LEU DA 199 -13.48 -13.13 11.05
CA LEU DA 199 -14.40 -12.31 10.30
C LEU DA 199 -15.00 -11.24 11.20
N PRO DA 200 -15.30 -10.06 10.68
CA PRO DA 200 -15.96 -9.03 11.50
C PRO DA 200 -17.41 -9.40 11.75
N PRO DA 201 -18.10 -8.73 12.69
CA PRO DA 201 -19.52 -9.02 12.92
C PRO DA 201 -20.38 -8.58 11.74
N HIS DA 202 -21.67 -8.91 11.84
CA HIS DA 202 -22.61 -8.44 10.84
C HIS DA 202 -23.20 -7.10 11.23
N VAL DA 203 -23.57 -6.94 12.49
CA VAL DA 203 -24.19 -5.72 13.00
C VAL DA 203 -23.37 -5.24 14.17
N VAL DA 204 -22.99 -3.96 14.15
CA VAL DA 204 -22.36 -3.30 15.28
C VAL DA 204 -23.32 -2.23 15.79
N ILE DA 205 -23.79 -2.40 17.02
CA ILE DA 205 -24.74 -1.49 17.64
C ILE DA 205 -23.98 -0.59 18.61
N TYR DA 206 -24.02 0.71 18.36
CA TYR DA 206 -23.31 1.67 19.19
C TYR DA 206 -24.31 2.59 19.89
N VAL DA 207 -24.03 2.91 21.15
CA VAL DA 207 -24.96 3.61 22.03
C VAL DA 207 -24.33 4.93 22.44
N ASP DA 208 -24.99 6.04 22.07
CA ASP DA 208 -24.51 7.38 22.41
C ASP DA 208 -24.96 7.73 23.83
N VAL DA 209 -24.07 7.58 24.80
CA VAL DA 209 -24.28 8.13 26.13
C VAL DA 209 -23.06 8.98 26.45
N PRO DA 210 -23.20 10.30 26.53
CA PRO DA 210 -22.04 11.17 26.76
C PRO DA 210 -21.49 11.04 28.16
N VAL DA 211 -20.32 11.67 28.36
CA VAL DA 211 -19.50 11.50 29.56
C VAL DA 211 -20.23 11.97 30.81
N SER DA 212 -21.10 12.98 30.67
CA SER DA 212 -21.87 13.49 31.79
C SER DA 212 -22.87 12.46 32.32
N GLU DA 213 -23.64 11.85 31.42
CA GLU DA 213 -24.61 10.85 31.87
C GLU DA 213 -23.94 9.52 32.20
N VAL DA 214 -22.79 9.24 31.59
CA VAL DA 214 -21.97 8.09 32.03
C VAL DA 214 -21.57 8.26 33.48
N GLN DA 215 -21.03 9.43 33.84
CA GLN DA 215 -20.65 9.65 35.23
C GLN DA 215 -21.85 9.76 36.15
N SER DA 216 -23.01 10.20 35.63
CA SER DA 216 -24.23 10.19 36.42
C SER DA 216 -24.64 8.77 36.80
N ARG DA 217 -24.58 7.85 35.84
CA ARG DA 217 -24.90 6.46 36.13
C ARG DA 217 -23.82 5.79 36.97
N ILE DA 218 -22.57 6.29 36.88
CA ILE DA 218 -21.50 5.79 37.74
C ILE DA 218 -21.75 6.20 39.19
N GLN DA 219 -22.13 7.45 39.42
CA GLN DA 219 -22.45 7.90 40.77
C GLN DA 219 -23.71 7.23 41.31
N LYS DA 220 -24.68 6.93 40.44
CA LYS DA 220 -25.84 6.18 40.89
C LYS DA 220 -25.56 4.69 41.06
N LYS DA 221 -24.45 4.19 40.52
CA LYS DA 221 -24.15 2.77 40.61
C LYS DA 221 -23.75 2.38 42.03
N GLY DA 222 -22.76 3.06 42.59
CA GLY DA 222 -22.32 2.79 43.94
C GLY DA 222 -21.05 1.99 44.05
N ASN DA 223 -20.38 1.69 42.95
CA ASN DA 223 -19.09 1.03 42.99
C ASN DA 223 -18.05 2.06 43.43
N PRO DA 224 -17.41 1.90 44.59
CA PRO DA 224 -16.47 2.93 45.06
C PRO DA 224 -15.20 2.99 44.26
N HIS DA 225 -14.81 1.91 43.59
CA HIS DA 225 -13.64 1.94 42.74
C HIS DA 225 -13.95 2.62 41.42
N GLU DA 226 -15.10 2.30 40.83
CA GLU DA 226 -15.48 2.83 39.52
C GLU DA 226 -15.77 4.33 39.56
N MET DA 227 -16.10 4.88 40.72
CA MET DA 227 -16.29 6.31 40.87
C MET DA 227 -14.99 7.10 40.94
N LYS DA 228 -13.84 6.48 40.71
CA LYS DA 228 -12.58 7.17 40.56
C LYS DA 228 -12.21 7.44 39.10
N ILE DA 229 -13.09 7.09 38.16
CA ILE DA 229 -12.81 7.29 36.74
C ILE DA 229 -12.91 8.77 36.41
N THR DA 230 -11.85 9.30 35.80
CA THR DA 230 -11.82 10.70 35.39
C THR DA 230 -12.64 10.92 34.12
N SER DA 231 -12.85 12.20 33.80
CA SER DA 231 -13.65 12.54 32.63
C SER DA 231 -12.84 12.51 31.35
N ALA DA 232 -11.52 12.78 31.43
CA ALA DA 232 -10.71 12.76 30.22
C ALA DA 232 -10.49 11.34 29.71
N TYR DA 233 -10.57 10.36 30.60
CA TYR DA 233 -10.48 8.95 30.20
C TYR DA 233 -11.72 8.53 29.42
N LEU DA 234 -12.91 8.85 29.93
CA LEU DA 234 -14.15 8.59 29.21
C LEU DA 234 -14.21 9.39 27.91
N GLN DA 235 -13.68 10.61 27.92
CA GLN DA 235 -13.65 11.42 26.72
C GLN DA 235 -12.73 10.83 25.66
N ASP DA 236 -11.60 10.24 26.09
CA ASP DA 236 -10.73 9.56 25.14
C ASP DA 236 -11.34 8.26 24.64
N ILE DA 237 -12.13 7.56 25.47
CA ILE DA 237 -12.85 6.38 24.99
C ILE DA 237 -13.84 6.77 23.90
N GLU DA 238 -14.59 7.86 24.14
CA GLU DA 238 -15.56 8.33 23.15
C GLU DA 238 -14.87 8.85 21.89
N ASN DA 239 -13.71 9.49 22.04
CA ASN DA 239 -12.95 9.98 20.91
C ASN DA 239 -12.42 8.84 20.05
N VAL DA 240 -11.86 7.80 20.68
CA VAL DA 240 -11.32 6.69 19.90
C VAL DA 240 -12.45 5.89 19.26
N TYR DA 241 -13.61 5.77 19.94
CA TYR DA 241 -14.83 5.26 19.34
C TYR DA 241 -15.23 5.98 18.07
N LYS DA 242 -15.63 7.24 18.21
CA LYS DA 242 -16.22 7.99 17.11
C LYS DA 242 -15.20 8.44 16.07
N GLY DA 243 -13.90 8.30 16.35
CA GLY DA 243 -12.92 8.72 15.39
C GLY DA 243 -12.13 7.59 14.76
N THR DA 244 -12.16 6.41 15.37
CA THR DA 244 -11.38 5.33 14.77
C THR DA 244 -12.21 4.06 14.58
N PHE DA 245 -13.10 3.73 15.52
CA PHE DA 245 -13.74 2.42 15.48
C PHE DA 245 -14.88 2.39 14.49
N LEU DA 246 -15.90 3.23 14.71
CA LEU DA 246 -17.00 3.34 13.76
C LEU DA 246 -16.61 3.73 12.33
N PRO DA 247 -15.62 4.61 12.06
CA PRO DA 247 -15.22 4.80 10.65
C PRO DA 247 -14.58 3.58 10.01
N GLU DA 248 -13.89 2.72 10.75
CA GLU DA 248 -13.29 1.56 10.12
C GLU DA 248 -14.22 0.36 10.10
N MET DA 249 -15.21 0.31 11.00
CA MET DA 249 -16.21 -0.74 10.94
C MET DA 249 -17.33 -0.38 9.96
N SER DA 250 -17.42 0.88 9.54
CA SER DA 250 -18.45 1.25 8.57
C SER DA 250 -18.20 0.67 7.18
N GLU DA 251 -16.97 0.25 6.87
CA GLU DA 251 -16.74 -0.40 5.59
C GLU DA 251 -16.80 -1.92 5.67
N LYS DA 252 -16.28 -2.51 6.75
CA LYS DA 252 -16.24 -3.96 6.82
C LYS DA 252 -17.51 -4.58 7.39
N CYS DA 253 -18.45 -3.77 7.89
CA CYS DA 253 -19.74 -4.27 8.37
C CYS DA 253 -20.72 -3.10 8.42
N GLU DA 254 -21.86 -3.33 9.05
CA GLU DA 254 -22.94 -2.37 9.13
C GLU DA 254 -23.09 -1.88 10.57
N VAL DA 255 -23.02 -0.57 10.75
CA VAL DA 255 -23.09 0.04 12.07
C VAL DA 255 -24.45 0.69 12.26
N LEU DA 256 -24.95 0.62 13.49
CA LEU DA 256 -26.24 1.21 13.85
C LEU DA 256 -26.03 2.01 15.14
N GLN DA 257 -26.24 3.31 15.06
CA GLN DA 257 -25.92 4.21 16.14
C GLN DA 257 -27.20 4.70 16.80
N TYR DA 258 -27.25 4.62 18.12
CA TYR DA 258 -28.41 5.01 18.90
C TYR DA 258 -27.96 5.88 20.06
N SER DA 259 -28.90 6.66 20.58
CA SER DA 259 -28.67 7.45 21.79
C SER DA 259 -29.14 6.64 22.99
N ALA DA 260 -29.22 7.29 24.16
CA ALA DA 260 -29.68 6.59 25.35
C ALA DA 260 -31.17 6.30 25.31
N TRP DA 261 -31.97 7.21 24.75
CA TRP DA 261 -33.42 7.08 24.84
C TRP DA 261 -34.02 6.30 23.68
N GLU DA 262 -33.43 6.34 22.49
CA GLU DA 262 -33.95 5.57 21.39
C GLU DA 262 -33.44 4.14 21.38
N ALA DA 263 -32.53 3.79 22.29
CA ALA DA 263 -32.16 2.42 22.56
C ALA DA 263 -32.98 1.81 23.69
N GLU DA 264 -33.78 2.61 24.39
CA GLU DA 264 -34.71 2.08 25.38
C GLU DA 264 -35.75 1.20 24.72
N ASP DA 265 -36.23 1.60 23.55
CA ASP DA 265 -37.15 0.79 22.77
C ASP DA 265 -36.35 -0.23 21.99
N ALA DA 266 -36.41 -1.49 22.41
CA ALA DA 266 -35.68 -2.55 21.73
C ALA DA 266 -36.30 -2.88 20.38
N GLU DA 267 -37.61 -2.67 20.25
CA GLU DA 267 -38.32 -3.10 19.04
C GLU DA 267 -37.92 -2.27 17.83
N LYS DA 268 -37.57 -0.99 18.04
CA LYS DA 268 -37.01 -0.18 16.96
C LYS DA 268 -35.67 -0.72 16.49
N VAL DA 269 -34.82 -1.12 17.44
CA VAL DA 269 -33.50 -1.66 17.09
C VAL DA 269 -33.63 -2.99 16.37
N VAL DA 270 -34.57 -3.84 16.79
CA VAL DA 270 -34.80 -5.13 16.15
C VAL DA 270 -35.35 -4.93 14.74
N GLU DA 271 -36.24 -3.93 14.57
CA GLU DA 271 -36.75 -3.63 13.24
C GLU DA 271 -35.65 -3.08 12.33
N ASP DA 272 -34.74 -2.29 12.88
CA ASP DA 272 -33.65 -1.76 12.07
C ASP DA 272 -32.64 -2.84 11.72
N ILE DA 273 -32.50 -3.87 12.57
CA ILE DA 273 -31.64 -5.00 12.22
C ILE DA 273 -32.28 -5.84 11.13
N GLN DA 274 -33.59 -6.11 11.23
CA GLN DA 274 -34.25 -7.02 10.29
C GLN DA 274 -34.42 -6.46 8.88
N TYR DA 275 -34.03 -5.21 8.61
CA TYR DA 275 -34.15 -4.65 7.27
C TYR DA 275 -32.82 -4.09 6.79
N LEU DA 276 -31.76 -4.89 6.88
CA LEU DA 276 -30.42 -4.50 6.47
C LEU DA 276 -30.00 -5.22 5.19
N LYS DA 277 -29.38 -4.48 4.29
CA LYS DA 277 -28.93 -4.99 2.99
C LYS DA 277 -27.44 -5.27 3.08
N TYR DA 278 -27.09 -6.51 3.42
CA TYR DA 278 -25.70 -6.90 3.65
C TYR DA 278 -24.97 -6.97 2.31
N ASP DA 279 -24.32 -5.87 1.93
CA ASP DA 279 -23.45 -5.87 0.76
C ASP DA 279 -21.98 -5.74 1.11
N LYS DA 280 -21.65 -5.19 2.28
CA LYS DA 280 -20.28 -5.02 2.72
C LYS DA 280 -19.86 -6.22 3.56
N GLY DA 281 -18.56 -6.37 3.71
CA GLY DA 281 -18.02 -7.39 4.58
C GLY DA 281 -17.51 -8.61 3.86
N PRO DA 282 -16.58 -9.32 4.50
CA PRO DA 282 -16.08 -10.57 3.90
C PRO DA 282 -16.90 -11.79 4.31
N TRP DA 283 -18.10 -11.58 4.83
CA TRP DA 283 -19.04 -12.68 5.01
C TRP DA 283 -19.67 -13.12 3.71
N LEU DA 284 -19.63 -12.28 2.68
CA LEU DA 284 -20.29 -12.58 1.42
C LEU DA 284 -19.50 -13.61 0.62
N ASP DA 285 -18.17 -13.57 0.69
CA ASP DA 285 -17.35 -14.59 0.06
C ASP DA 285 -16.90 -15.63 1.09
N GLN DA 286 -17.90 -16.34 1.60
CA GLN DA 286 -17.68 -17.47 2.52
C GLN DA 286 -18.43 -18.69 1.99
N ASP DA 287 -17.70 -19.65 1.45
CA ASP DA 287 -18.27 -20.93 1.06
C ASP DA 287 -18.13 -21.92 2.20
N ASP DA 288 -18.36 -23.20 1.92
CA ASP DA 288 -18.20 -24.23 2.93
C ASP DA 288 -16.74 -24.43 3.31
N ARG DA 289 -15.81 -24.18 2.39
CA ARG DA 289 -14.40 -24.44 2.65
C ARG DA 289 -13.81 -23.41 3.61
N LYS DA 290 -14.11 -22.13 3.38
CA LYS DA 290 -13.55 -21.08 4.23
C LYS DA 290 -14.13 -21.12 5.62
N LEU DA 291 -15.43 -21.37 5.72
CA LEU DA 291 -16.04 -21.54 7.03
C LEU DA 291 -15.65 -22.84 7.69
N HIS DA 292 -15.30 -23.87 6.90
CA HIS DA 292 -14.68 -25.07 7.47
C HIS DA 292 -13.34 -24.76 8.12
N ASN DA 293 -12.52 -23.96 7.44
CA ASN DA 293 -11.23 -23.57 8.01
C ASN DA 293 -11.41 -22.72 9.25
N LEU DA 294 -12.41 -21.83 9.24
CA LEU DA 294 -12.72 -21.01 10.39
C LEU DA 294 -13.20 -21.85 11.57
N ARG DA 295 -14.03 -22.86 11.30
CA ARG DA 295 -14.53 -23.72 12.37
C ARG DA 295 -13.43 -24.64 12.90
N MET DA 296 -12.47 -25.04 12.07
CA MET DA 296 -11.32 -25.78 12.57
C MET DA 296 -10.41 -24.90 13.41
N LEU DA 297 -10.35 -23.61 13.10
CA LEU DA 297 -9.63 -22.68 13.95
C LEU DA 297 -10.30 -22.51 15.31
N VAL DA 298 -11.58 -22.11 15.32
CA VAL DA 298 -12.20 -21.63 16.55
C VAL DA 298 -12.58 -22.75 17.51
N GLN DA 299 -12.44 -24.01 17.13
CA GLN DA 299 -12.65 -25.10 18.07
C GLN DA 299 -11.38 -25.50 18.80
N ASP DA 300 -10.21 -25.12 18.28
CA ASP DA 300 -8.91 -25.42 18.89
C ASP DA 300 -8.50 -24.19 19.66
N LYS DA 301 -8.69 -24.22 20.98
CA LYS DA 301 -8.55 -22.99 21.77
C LYS DA 301 -7.09 -22.60 21.98
N LEU DA 302 -6.19 -23.58 22.05
CA LEU DA 302 -4.76 -23.25 22.11
C LEU DA 302 -4.27 -22.69 20.79
N GLU DA 303 -4.85 -23.11 19.67
CA GLU DA 303 -4.55 -22.48 18.39
C GLU DA 303 -5.16 -21.09 18.31
N VAL DA 304 -6.30 -20.87 18.98
CA VAL DA 304 -6.90 -19.54 19.05
C VAL DA 304 -6.06 -18.63 19.94
N LEU DA 305 -5.73 -19.09 21.14
CA LEU DA 305 -5.02 -18.28 22.12
C LEU DA 305 -3.51 -18.26 21.91
N ASN DA 306 -3.03 -18.77 20.78
CA ASN DA 306 -1.61 -19.02 20.54
C ASN DA 306 -0.80 -17.74 20.60
N TYR DA 307 -1.06 -16.82 19.68
CA TYR DA 307 -0.20 -15.66 19.50
C TYR DA 307 -0.50 -14.53 20.47
N THR DA 308 -1.37 -14.76 21.46
CA THR DA 308 -1.53 -13.79 22.54
C THR DA 308 -0.26 -13.75 23.39
N SER DA 309 0.31 -14.90 23.67
CA SER DA 309 1.54 -15.01 24.44
C SER DA 309 2.74 -15.19 23.51
N ILE DA 310 2.99 -14.19 22.66
CA ILE DA 310 4.21 -14.19 21.86
C ILE DA 310 5.36 -13.78 22.76
N PRO DA 311 6.57 -14.30 22.54
CA PRO DA 311 7.71 -13.92 23.39
C PRO DA 311 8.26 -12.53 23.07
N VAL DA 312 7.48 -11.52 23.43
CA VAL DA 312 7.93 -10.14 23.44
C VAL DA 312 8.05 -9.77 24.91
N PHE DA 313 9.27 -9.81 25.44
CA PHE DA 313 9.49 -9.70 26.89
C PHE DA 313 9.39 -8.24 27.30
N LEU DA 314 8.19 -7.84 27.68
CA LEU DA 314 7.66 -6.59 28.18
C LEU DA 314 7.43 -6.71 29.68
N PRO DA 315 7.90 -5.73 30.49
CA PRO DA 315 7.89 -5.91 31.95
C PRO DA 315 6.52 -6.01 32.60
N GLU DA 316 5.46 -5.53 31.95
CA GLU DA 316 4.13 -5.61 32.55
C GLU DA 316 3.51 -7.00 32.41
N VAL DA 317 3.91 -7.75 31.40
CA VAL DA 317 3.30 -9.05 31.12
C VAL DA 317 4.26 -10.21 31.32
N THR DA 318 5.56 -9.95 31.48
CA THR DA 318 6.53 -11.03 31.64
C THR DA 318 6.46 -11.56 33.06
N ILE DA 319 6.24 -12.86 33.19
CA ILE DA 319 6.33 -13.55 34.47
C ILE DA 319 7.62 -14.35 34.46
N GLY DA 320 8.43 -14.22 35.51
CA GLY DA 320 9.68 -14.92 35.58
C GLY DA 320 9.53 -16.42 35.80
N ALA DA 321 10.66 -17.09 35.88
CA ALA DA 321 10.66 -18.55 35.89
C ALA DA 321 10.13 -19.11 37.21
N HIS DA 322 10.56 -18.52 38.33
CA HIS DA 322 10.20 -19.05 39.65
C HIS DA 322 8.73 -18.84 39.96
N GLN DA 323 8.20 -17.66 39.62
CA GLN DA 323 6.79 -17.39 39.85
C GLN DA 323 5.91 -18.23 38.94
N SER DA 324 6.34 -18.43 37.69
CA SER DA 324 5.58 -19.27 36.77
C SER DA 324 5.56 -20.71 37.24
N ASP DA 325 6.69 -21.20 37.75
CA ASP DA 325 6.74 -22.58 38.24
C ASP DA 325 5.87 -22.75 39.47
N ARG DA 326 5.90 -21.78 40.39
CA ARG DA 326 5.10 -21.85 41.61
C ARG DA 326 3.60 -21.81 41.30
N VAL DA 327 3.19 -20.87 40.43
CA VAL DA 327 1.77 -20.72 40.13
C VAL DA 327 1.27 -21.89 39.28
N PHE DA 328 2.10 -22.45 38.40
CA PHE DA 328 1.67 -23.60 37.62
C PHE DA 328 1.52 -24.85 38.48
N GLN DA 329 2.44 -25.06 39.42
CA GLN DA 329 2.31 -26.22 40.31
C GLN DA 329 1.16 -26.06 41.30
N GLU DA 330 0.84 -24.82 41.69
CA GLU DA 330 -0.36 -24.62 42.49
C GLU DA 330 -1.63 -24.78 41.66
N PHE DA 331 -1.57 -24.45 40.37
CA PHE DA 331 -2.72 -24.64 39.49
C PHE DA 331 -2.99 -26.11 39.24
N THR DA 332 -1.95 -26.94 39.20
CA THR DA 332 -2.13 -28.36 38.93
C THR DA 332 -2.86 -29.05 40.07
N GLU DA 333 -2.68 -28.57 41.31
CA GLU DA 333 -3.36 -29.17 42.45
C GLU DA 333 -4.74 -28.60 42.69
N LEU DA 334 -5.20 -27.67 41.86
CA LEU DA 334 -6.59 -27.24 41.93
C LEU DA 334 -7.50 -28.38 41.47
N PRO DA 335 -8.70 -28.51 42.06
CA PRO DA 335 -9.54 -29.68 41.76
C PRO DA 335 -10.11 -29.60 40.34
N GLY DA 336 -9.96 -30.70 39.61
CA GLY DA 336 -10.39 -30.75 38.23
C GLY DA 336 -9.44 -30.13 37.24
N ARG DA 337 -8.21 -29.83 37.64
CA ARG DA 337 -7.24 -29.20 36.76
C ARG DA 337 -5.98 -30.01 36.56
N LYS DA 338 -5.84 -31.15 37.24
CA LYS DA 338 -4.58 -31.89 37.19
C LYS DA 338 -4.42 -32.63 35.87
N TYR DA 339 -5.50 -33.25 35.38
CA TYR DA 339 -5.45 -33.99 34.13
C TYR DA 339 -6.41 -33.39 33.12
N ARG DA 340 -6.60 -34.10 32.02
CA ARG DA 340 -7.65 -33.83 31.06
C ARG DA 340 -9.01 -34.03 31.73
N ALA DA 341 -10.03 -33.35 31.19
CA ALA DA 341 -11.31 -33.18 31.87
C ALA DA 341 -12.07 -34.48 32.09
N GLY DA 342 -11.76 -35.53 31.34
CA GLY DA 342 -12.43 -36.79 31.61
C GLY DA 342 -11.65 -37.70 32.54
N TYR DA 343 -10.63 -37.16 33.21
CA TYR DA 343 -9.61 -38.01 33.81
C TYR DA 343 -9.20 -37.55 35.20
N ASN DA 344 -10.10 -36.91 35.93
CA ASN DA 344 -9.81 -36.41 37.28
C ASN DA 344 -10.53 -37.30 38.28
N GLU DA 345 -9.77 -38.03 39.10
CA GLU DA 345 -10.38 -38.91 40.09
C GLU DA 345 -10.94 -38.14 41.28
N ASP DA 346 -10.45 -36.93 41.54
CA ASP DA 346 -10.89 -36.19 42.71
C ASP DA 346 -12.29 -35.60 42.56
N VAL DA 347 -12.82 -35.50 41.35
CA VAL DA 347 -14.13 -34.92 41.12
C VAL DA 347 -15.14 -35.97 40.66
N GLY DA 348 -14.74 -37.23 40.56
CA GLY DA 348 -15.69 -38.27 40.22
C GLY DA 348 -15.81 -38.59 38.75
N ASP DA 349 -14.67 -38.88 38.11
CA ASP DA 349 -14.66 -39.42 36.76
C ASP DA 349 -14.48 -40.93 36.85
N LYS DA 350 -15.44 -41.67 36.29
CA LYS DA 350 -15.45 -43.13 36.37
C LYS DA 350 -14.94 -43.72 35.06
N TRP DA 351 -14.55 -45.00 35.15
CA TRP DA 351 -14.03 -45.81 34.03
C TRP DA 351 -12.81 -45.17 33.37
N ILE DA 352 -11.92 -44.59 34.19
CA ILE DA 352 -10.70 -43.98 33.65
C ILE DA 352 -9.77 -45.04 33.09
N TRP DA 353 -9.76 -46.23 33.67
CA TRP DA 353 -8.93 -47.32 33.17
C TRP DA 353 -9.46 -47.94 31.88
N LEU DA 354 -10.59 -47.47 31.35
CA LEU DA 354 -11.00 -47.78 29.98
C LEU DA 354 -11.17 -46.54 29.12
N LYS DA 355 -10.63 -45.40 29.55
CA LYS DA 355 -10.63 -44.21 28.73
C LYS DA 355 -9.21 -43.77 28.37
N PRO EA 2 16.14 -48.00 -2.62
CA PRO EA 2 15.14 -49.07 -2.62
C PRO EA 2 14.44 -49.22 -3.96
N PHE EA 3 14.69 -50.35 -4.59
CA PHE EA 3 13.97 -50.75 -5.79
C PHE EA 3 12.93 -51.76 -5.34
N PHE EA 4 11.70 -51.28 -5.15
CA PHE EA 4 10.62 -52.18 -4.79
C PHE EA 4 10.06 -52.73 -6.09
N ASP EA 5 10.44 -53.97 -6.41
CA ASP EA 5 10.13 -54.55 -7.71
C ASP EA 5 8.68 -55.05 -7.68
N VAL EA 6 7.75 -54.09 -7.80
CA VAL EA 6 6.33 -54.39 -7.78
C VAL EA 6 5.90 -55.03 -9.10
N GLN EA 7 6.57 -54.69 -10.20
CA GLN EA 7 6.21 -55.21 -11.52
C GLN EA 7 6.49 -56.70 -11.62
N LYS EA 8 7.58 -57.15 -11.02
CA LYS EA 8 7.91 -58.58 -11.02
C LYS EA 8 7.17 -59.32 -9.91
N LYS EA 9 6.79 -58.62 -8.84
CA LYS EA 9 6.02 -59.23 -7.77
C LYS EA 9 4.59 -59.53 -8.21
N LEU EA 10 3.95 -58.57 -8.87
CA LEU EA 10 2.57 -58.73 -9.30
C LEU EA 10 2.44 -59.38 -10.67
N GLY EA 11 3.53 -59.54 -11.40
CA GLY EA 11 3.46 -60.12 -12.72
C GLY EA 11 2.84 -59.20 -13.75
N VAL EA 12 2.93 -57.89 -13.55
CA VAL EA 12 2.45 -56.91 -14.52
C VAL EA 12 3.66 -56.31 -15.22
N ASP EA 13 3.43 -55.84 -16.43
CA ASP EA 13 4.42 -55.09 -17.19
C ASP EA 13 3.94 -53.65 -17.24
N LEU EA 14 4.69 -52.76 -16.62
CA LEU EA 14 4.41 -51.34 -16.69
C LEU EA 14 5.34 -50.60 -17.64
N ASP EA 15 6.64 -50.90 -17.62
CA ASP EA 15 7.57 -50.17 -18.46
C ASP EA 15 8.70 -51.00 -19.06
N HIS EA 16 8.64 -52.33 -19.03
CA HIS EA 16 9.73 -53.13 -19.62
C HIS EA 16 9.73 -53.10 -21.13
N TRP EA 17 8.60 -52.73 -21.73
CA TRP EA 17 8.43 -52.79 -23.18
C TRP EA 17 9.16 -51.67 -23.91
N MET EA 18 9.37 -50.50 -23.28
CA MET EA 18 10.10 -49.41 -23.90
C MET EA 18 11.57 -49.42 -23.49
N THR EA 19 11.98 -50.43 -22.75
CA THR EA 19 13.27 -50.39 -22.07
C THR EA 19 14.43 -50.62 -23.02
N ILE EA 20 14.30 -51.54 -23.97
CA ILE EA 20 15.39 -51.88 -24.88
C ILE EA 20 14.89 -51.84 -26.32
N GLN EA 21 15.86 -51.77 -27.23
CA GLN EA 21 15.56 -51.71 -28.65
C GLN EA 21 15.11 -53.07 -29.20
N SER EA 22 15.59 -54.15 -28.59
CA SER EA 22 15.33 -55.50 -29.08
C SER EA 22 14.04 -56.09 -28.55
N ALA EA 23 13.21 -55.28 -27.88
CA ALA EA 23 11.95 -55.75 -27.34
C ALA EA 23 10.92 -55.87 -28.46
N GLU EA 24 9.71 -56.28 -28.09
CA GLU EA 24 8.66 -56.44 -29.09
C GLU EA 24 8.19 -55.06 -29.55
N GLN EA 25 8.34 -54.80 -30.83
CA GLN EA 25 8.06 -53.53 -31.45
C GLN EA 25 6.80 -53.62 -32.32
N PRO EA 26 6.11 -52.50 -32.54
CA PRO EA 26 4.95 -52.52 -33.44
C PRO EA 26 5.35 -52.84 -34.87
N HIS EA 27 4.59 -53.76 -35.49
CA HIS EA 27 4.78 -54.26 -36.85
C HIS EA 27 6.14 -54.93 -37.06
N ARG EA 28 6.74 -55.42 -35.98
CA ARG EA 28 8.03 -56.13 -35.99
C ARG EA 28 9.16 -55.32 -36.65
N ILE EA 29 9.20 -54.02 -36.37
CA ILE EA 29 10.26 -53.15 -36.88
C ILE EA 29 11.49 -53.37 -36.03
N PRO EA 30 12.63 -53.75 -36.59
CA PRO EA 30 13.86 -53.81 -35.80
C PRO EA 30 14.50 -52.45 -35.66
N ALA EA 31 15.29 -52.30 -34.61
CA ALA EA 31 16.14 -51.13 -34.51
C ALA EA 31 17.35 -51.32 -35.42
N ARG EA 32 18.10 -50.23 -35.58
CA ARG EA 32 19.34 -50.27 -36.35
C ARG EA 32 20.36 -51.21 -35.73
N CYS EA 33 20.38 -51.32 -34.42
CA CYS EA 33 21.33 -52.19 -33.74
C CYS EA 33 20.58 -53.24 -32.94
N HIS EA 34 19.61 -53.90 -33.57
CA HIS EA 34 18.84 -54.96 -32.92
C HIS EA 34 19.72 -56.15 -32.58
N ALA EA 35 20.54 -56.59 -33.54
CA ALA EA 35 21.37 -57.77 -33.32
C ALA EA 35 22.49 -57.50 -32.33
N PHE EA 36 23.08 -56.31 -32.39
CA PHE EA 36 24.16 -55.97 -31.49
C PHE EA 36 23.67 -55.84 -30.04
N GLU EA 37 22.50 -55.24 -29.84
CA GLU EA 37 21.96 -55.16 -28.49
C GLU EA 37 21.49 -56.53 -28.00
N LYS EA 38 20.95 -57.36 -28.90
CA LYS EA 38 20.54 -58.70 -28.50
C LYS EA 38 21.75 -59.55 -28.10
N GLU EA 39 22.87 -59.39 -28.81
CA GLU EA 39 24.08 -60.13 -28.46
C GLU EA 39 24.67 -59.63 -27.15
N TRP EA 40 24.64 -58.32 -26.93
CA TRP EA 40 25.12 -57.79 -25.66
C TRP EA 40 24.26 -58.23 -24.48
N ILE EA 41 22.94 -58.27 -24.67
CA ILE EA 41 22.04 -58.66 -23.59
C ILE EA 41 22.16 -60.16 -23.32
N GLU EA 42 22.25 -60.98 -24.36
CA GLU EA 42 22.40 -62.41 -24.13
C GLU EA 42 23.79 -62.78 -23.63
N CYS EA 43 24.79 -61.93 -23.86
CA CYS EA 43 26.07 -62.13 -23.18
C CYS EA 43 25.95 -61.79 -21.70
N ALA EA 44 25.48 -60.58 -21.39
CA ALA EA 44 25.55 -60.05 -20.04
C ALA EA 44 24.39 -60.46 -19.15
N HIS EA 45 23.56 -61.40 -19.58
CA HIS EA 45 22.38 -61.78 -18.81
C HIS EA 45 22.76 -62.60 -17.58
N GLY EA 46 22.32 -62.13 -16.41
CA GLY EA 46 22.36 -62.91 -15.20
C GLY EA 46 23.71 -63.10 -14.56
N ILE EA 47 24.80 -62.69 -15.20
CA ILE EA 47 26.14 -62.84 -14.65
C ILE EA 47 26.53 -61.68 -13.74
N GLY EA 48 25.69 -60.68 -13.62
CA GLY EA 48 26.04 -59.52 -12.84
C GLY EA 48 26.84 -58.49 -13.62
N SER EA 49 26.73 -57.23 -13.22
CA SER EA 49 27.38 -56.15 -13.94
C SER EA 49 28.89 -56.17 -13.81
N ILE EA 50 29.39 -56.61 -12.65
CA ILE EA 50 30.83 -56.61 -12.40
C ILE EA 50 31.54 -57.63 -13.30
N ARG EA 51 30.95 -58.80 -13.48
CA ARG EA 51 31.48 -59.71 -14.48
C ARG EA 51 31.18 -59.25 -15.89
N ALA EA 52 30.05 -58.56 -16.09
CA ALA EA 52 29.63 -58.20 -17.44
C ALA EA 52 30.48 -57.10 -18.04
N GLU EA 53 31.10 -56.27 -17.23
CA GLU EA 53 31.91 -55.19 -17.79
C GLU EA 53 33.21 -55.70 -18.41
N LYS EA 54 33.75 -56.80 -17.90
CA LYS EA 54 35.01 -57.30 -18.41
C LYS EA 54 34.89 -58.61 -19.19
N GLU EA 55 33.79 -59.32 -19.05
CA GLU EA 55 33.61 -60.57 -19.80
C GLU EA 55 32.80 -60.38 -21.07
N CYS EA 56 32.04 -59.31 -21.17
CA CYS EA 56 31.22 -59.00 -22.33
C CYS EA 56 31.62 -57.66 -22.92
N LYS EA 57 32.91 -57.36 -22.87
CA LYS EA 57 33.37 -56.07 -23.36
C LYS EA 57 33.38 -56.01 -24.88
N ILE EA 58 33.57 -57.15 -25.55
CA ILE EA 58 33.67 -57.16 -27.00
C ILE EA 58 32.30 -56.93 -27.65
N GLU EA 59 31.26 -57.61 -27.13
CA GLU EA 59 29.89 -57.39 -27.60
C GLU EA 59 29.44 -55.96 -27.34
N PHE EA 60 29.85 -55.39 -26.19
CA PHE EA 60 29.46 -54.03 -25.89
C PHE EA 60 30.20 -53.02 -26.75
N GLU EA 61 31.46 -53.29 -27.10
CA GLU EA 61 32.18 -52.39 -28.01
C GLU EA 61 31.61 -52.46 -29.42
N ASP EA 62 31.22 -53.67 -29.86
CA ASP EA 62 30.51 -53.81 -31.13
C ASP EA 62 29.19 -53.06 -31.12
N PHE EA 63 28.45 -53.12 -30.02
CA PHE EA 63 27.14 -52.48 -29.96
C PHE EA 63 27.25 -50.96 -29.85
N ARG EA 64 28.23 -50.46 -29.08
CA ARG EA 64 28.45 -49.02 -29.01
C ARG EA 64 28.94 -48.48 -30.34
N GLU EA 65 29.76 -49.26 -31.06
CA GLU EA 65 30.22 -48.81 -32.36
C GLU EA 65 29.14 -48.95 -33.42
N CYS EA 66 28.14 -49.80 -33.21
CA CYS EA 66 26.95 -49.75 -34.05
C CYS EA 66 26.13 -48.50 -33.77
N LEU EA 67 26.00 -48.14 -32.49
CA LEU EA 67 25.16 -47.00 -32.11
C LEU EA 67 25.74 -45.68 -32.61
N LEU EA 68 27.05 -45.47 -32.40
CA LEU EA 68 27.62 -44.15 -32.64
C LEU EA 68 28.45 -44.07 -33.91
N ARG EA 69 28.97 -45.21 -34.40
CA ARG EA 69 29.71 -45.31 -35.66
C ARG EA 69 30.96 -44.43 -35.68
N GLN EA 70 31.66 -44.36 -34.55
CA GLN EA 70 32.84 -43.51 -34.46
C GLN EA 70 34.01 -44.07 -35.25
N LYS EA 71 34.24 -45.39 -35.16
CA LYS EA 71 35.31 -46.01 -35.93
C LYS EA 71 35.00 -45.97 -37.42
N THR EA 72 33.73 -46.13 -37.78
CA THR EA 72 33.33 -46.11 -39.18
C THR EA 72 33.46 -44.71 -39.77
N MET EA 73 33.02 -43.68 -39.03
CA MET EA 73 33.17 -42.31 -39.50
C MET EA 73 34.65 -41.91 -39.55
N LYS EA 74 35.46 -42.42 -38.62
CA LYS EA 74 36.89 -42.15 -38.65
C LYS EA 74 37.55 -42.78 -39.87
N ARG EA 75 37.18 -44.02 -40.19
CA ARG EA 75 37.71 -44.71 -41.35
C ARG EA 75 37.26 -44.05 -42.66
N LEU EA 76 36.00 -43.59 -42.71
CA LEU EA 76 35.51 -42.91 -43.90
C LEU EA 76 36.17 -41.55 -44.07
N ASN EA 77 36.43 -40.83 -42.97
CA ASN EA 77 37.14 -39.56 -43.06
C ASN EA 77 38.58 -39.77 -43.50
N ALA EA 78 39.21 -40.87 -43.07
CA ALA EA 78 40.57 -41.18 -43.50
C ALA EA 78 40.62 -41.46 -45.00
N ILE EA 79 39.69 -42.28 -45.49
CA ILE EA 79 39.64 -42.61 -46.91
C ILE EA 79 39.32 -41.38 -47.76
N LYS EA 80 38.36 -40.55 -47.30
CA LYS EA 80 37.96 -39.39 -48.07
C LYS EA 80 39.00 -38.28 -48.05
N ARG EA 81 39.75 -38.15 -46.94
CA ARG EA 81 40.80 -37.14 -46.89
C ARG EA 81 42.03 -37.56 -47.69
N GLN EA 82 42.35 -38.86 -47.69
CA GLN EA 82 43.39 -39.36 -48.59
C GLN EA 82 42.97 -39.22 -50.05
N ARG EA 83 41.68 -39.39 -50.34
CA ARG EA 83 41.17 -39.17 -51.68
C ARG EA 83 41.28 -37.71 -52.10
N ASP EA 84 40.99 -36.78 -51.17
CA ASP EA 84 41.14 -35.36 -51.45
C ASP EA 84 42.60 -35.00 -51.71
N LYS EA 85 43.52 -35.62 -50.94
CA LYS EA 85 44.94 -35.36 -51.15
C LYS EA 85 45.42 -35.93 -52.49
N LEU EA 86 44.93 -37.11 -52.87
CA LEU EA 86 45.34 -37.67 -54.16
C LEU EA 86 44.67 -37.01 -55.35
N ILE EA 87 43.53 -36.35 -55.15
CA ILE EA 87 42.98 -35.52 -56.21
C ILE EA 87 43.79 -34.23 -56.37
N LYS EA 88 44.10 -33.57 -55.25
CA LYS EA 88 44.79 -32.28 -55.32
C LYS EA 88 46.23 -32.45 -55.79
N GLU EA 89 46.91 -33.53 -55.35
CA GLU EA 89 48.22 -33.83 -55.91
C GLU EA 89 48.10 -34.34 -57.35
N GLY EA 90 47.07 -35.14 -57.64
CA GLY EA 90 46.77 -35.53 -59.00
C GLY EA 90 47.02 -36.97 -59.37
N LYS EA 91 47.38 -37.82 -58.42
CA LYS EA 91 47.70 -39.22 -58.71
C LYS EA 91 46.47 -40.13 -58.67
N TYR EA 92 45.27 -39.57 -58.71
CA TYR EA 92 44.05 -40.35 -58.69
C TYR EA 92 42.98 -39.62 -59.49
N THR EA 93 42.12 -40.39 -60.16
CA THR EA 93 40.99 -39.84 -60.87
C THR EA 93 39.76 -40.70 -60.55
N PRO EA 94 38.58 -40.07 -60.39
CA PRO EA 94 37.41 -40.82 -59.96
C PRO EA 94 36.87 -41.67 -61.10
N PRO EA 95 36.31 -42.83 -60.78
CA PRO EA 95 35.77 -43.71 -61.82
C PRO EA 95 34.40 -43.21 -62.26
N PRO EA 96 33.83 -43.76 -63.35
CA PRO EA 96 32.49 -43.31 -63.76
C PRO EA 96 31.39 -43.64 -62.78
N HIS EA 97 31.54 -44.67 -61.96
CA HIS EA 97 30.48 -44.97 -61.00
C HIS EA 97 30.56 -44.12 -59.73
N HIS EA 98 31.52 -43.20 -59.64
CA HIS EA 98 31.56 -42.24 -58.54
C HIS EA 98 31.35 -40.82 -59.01
N SER EA 99 31.16 -40.62 -60.31
CA SER EA 99 30.77 -39.33 -60.86
C SER EA 99 29.32 -39.32 -61.37
N GLY EA 100 28.64 -40.46 -61.34
CA GLY EA 100 27.24 -40.53 -61.73
C GLY EA 100 27.06 -40.67 -63.23
N GLN EA 101 27.68 -41.69 -63.82
CA GLN EA 101 27.76 -41.78 -65.28
C GLN EA 101 27.43 -43.18 -65.79
N GLU EA 102 26.85 -44.06 -64.97
CA GLU EA 102 26.79 -45.46 -65.38
C GLU EA 102 25.45 -46.16 -65.19
N ASP EA 103 24.36 -45.44 -64.87
CA ASP EA 103 22.98 -45.95 -64.97
C ASP EA 103 22.73 -47.18 -64.12
N LEU EA 104 22.60 -46.99 -62.80
CA LEU EA 104 22.73 -47.99 -61.73
C LEU EA 104 21.98 -49.32 -61.92
N ARG EA 105 22.44 -50.35 -61.20
CA ARG EA 105 22.13 -51.78 -61.28
C ARG EA 105 20.67 -52.15 -61.47
N PRO EA 106 19.71 -51.71 -60.62
CA PRO EA 106 18.42 -52.38 -60.80
C PRO EA 106 17.56 -51.73 -61.88
N VAL FA 5 -36.28 -40.13 -11.22
CA VAL FA 5 -35.37 -40.54 -12.28
C VAL FA 5 -35.96 -40.12 -13.63
N ALA FA 6 -37.27 -39.93 -13.66
CA ALA FA 6 -37.96 -39.40 -14.84
C ALA FA 6 -38.37 -37.94 -14.68
N ALA FA 7 -38.52 -37.47 -13.44
CA ALA FA 7 -38.75 -36.05 -13.20
C ALA FA 7 -37.44 -35.27 -13.26
N PHE FA 8 -36.36 -35.86 -12.72
CA PHE FA 8 -35.05 -35.23 -12.81
C PHE FA 8 -34.55 -35.18 -14.25
N LEU FA 9 -34.84 -36.21 -15.03
CA LEU FA 9 -34.38 -36.25 -16.42
C LEU FA 9 -35.08 -35.20 -17.27
N LYS FA 10 -36.39 -35.05 -17.07
CA LYS FA 10 -37.12 -34.00 -17.77
C LYS FA 10 -36.71 -32.62 -17.27
N ASN FA 11 -36.37 -32.50 -15.99
CA ASN FA 11 -35.94 -31.22 -15.44
C ASN FA 11 -34.58 -30.80 -16.01
N VAL FA 12 -33.66 -31.75 -16.18
CA VAL FA 12 -32.35 -31.41 -16.72
C VAL FA 12 -32.37 -31.29 -18.24
N TRP FA 13 -33.29 -31.97 -18.91
CA TRP FA 13 -33.51 -31.76 -20.34
C TRP FA 13 -34.25 -30.47 -20.62
N ALA FA 14 -34.92 -29.91 -19.61
CA ALA FA 14 -35.46 -28.56 -19.69
C ALA FA 14 -34.40 -27.50 -19.42
N LYS FA 15 -33.58 -27.71 -18.37
CA LYS FA 15 -32.59 -26.71 -18.01
C LYS FA 15 -31.39 -26.73 -18.94
N GLU FA 16 -30.71 -27.87 -19.02
CA GLU FA 16 -29.37 -27.98 -19.63
C GLU FA 16 -29.33 -29.06 -20.69
N PRO FA 17 -29.95 -28.85 -21.86
CA PRO FA 17 -29.97 -29.92 -22.86
C PRO FA 17 -28.63 -30.19 -23.55
N VAL FA 18 -27.71 -29.22 -23.50
CA VAL FA 18 -26.37 -29.43 -24.04
C VAL FA 18 -25.63 -30.51 -23.25
N LEU FA 19 -25.66 -30.40 -21.93
CA LEU FA 19 -24.97 -31.39 -21.10
C LEU FA 19 -25.70 -32.72 -21.08
N VAL FA 20 -27.03 -32.72 -21.27
CA VAL FA 20 -27.76 -33.99 -21.37
C VAL FA 20 -27.37 -34.73 -22.64
N ALA FA 21 -27.27 -34.00 -23.76
CA ALA FA 21 -26.78 -34.58 -24.99
C ALA FA 21 -25.34 -35.07 -24.85
N SER FA 22 -24.51 -34.32 -24.12
CA SER FA 22 -23.11 -34.72 -23.92
C SER FA 22 -22.99 -36.01 -23.12
N PHE FA 23 -23.67 -36.08 -21.96
CA PHE FA 23 -23.62 -37.29 -21.16
C PHE FA 23 -24.27 -38.47 -21.85
N ALA FA 24 -25.31 -38.24 -22.66
CA ALA FA 24 -25.95 -39.36 -23.35
C ALA FA 24 -25.06 -39.92 -24.46
N ILE FA 25 -24.44 -39.05 -25.26
CA ILE FA 25 -23.55 -39.49 -26.33
C ILE FA 25 -22.30 -40.16 -25.75
N ALA FA 26 -21.75 -39.62 -24.65
CA ALA FA 26 -20.59 -40.24 -24.04
C ALA FA 26 -20.93 -41.57 -23.40
N GLY FA 27 -22.13 -41.69 -22.80
CA GLY FA 27 -22.55 -42.96 -22.25
C GLY FA 27 -22.76 -44.02 -23.31
N LEU FA 28 -23.34 -43.63 -24.45
CA LEU FA 28 -23.46 -44.58 -25.58
C LEU FA 28 -22.10 -45.00 -26.09
N ALA FA 29 -21.16 -44.05 -26.20
CA ALA FA 29 -19.82 -44.36 -26.66
C ALA FA 29 -19.07 -45.27 -25.70
N VAL FA 30 -19.38 -45.21 -24.41
CA VAL FA 30 -18.75 -46.11 -23.46
C VAL FA 30 -19.38 -47.51 -23.55
N ILE FA 31 -20.70 -47.60 -23.36
CA ILE FA 31 -21.28 -48.92 -23.14
C ILE FA 31 -21.80 -49.59 -24.41
N LEU FA 32 -21.70 -48.95 -25.55
CA LEU FA 32 -22.16 -49.51 -26.82
C LEU FA 32 -21.20 -50.46 -27.53
N PRO FA 33 -19.86 -50.22 -27.61
CA PRO FA 33 -19.00 -51.22 -28.28
C PRO FA 33 -18.90 -52.55 -27.56
N THR FA 34 -19.22 -52.59 -26.26
CA THR FA 34 -19.30 -53.87 -25.55
C THR FA 34 -20.52 -54.68 -25.98
N LEU FA 35 -21.52 -54.05 -26.59
CA LEU FA 35 -22.74 -54.70 -27.01
C LEU FA 35 -22.85 -54.88 -28.52
N SER FA 36 -21.79 -54.58 -29.27
CA SER FA 36 -22.00 -54.62 -30.72
C SER FA 36 -21.53 -55.95 -31.30
N PRO FA 37 -22.26 -56.51 -32.28
CA PRO FA 37 -21.82 -57.75 -32.91
C PRO FA 37 -20.69 -57.57 -33.93
N TYR FA 38 -20.27 -56.33 -34.19
CA TYR FA 38 -19.24 -56.04 -35.17
C TYR FA 38 -17.91 -55.63 -34.55
N THR FA 39 -17.80 -55.65 -33.22
CA THR FA 39 -16.56 -55.24 -32.57
C THR FA 39 -15.45 -56.26 -32.81
N LYS FA 40 -15.82 -57.54 -32.91
CA LYS FA 40 -14.86 -58.59 -33.22
C LYS FA 40 -14.32 -58.45 -34.63
N TYR FA 41 -15.13 -57.92 -35.55
CA TYR FA 41 -14.68 -57.77 -36.93
C TYR FA 41 -13.63 -56.68 -37.07
N SER FA 42 -13.65 -55.66 -36.20
CA SER FA 42 -12.58 -54.67 -36.21
C SER FA 42 -11.24 -55.29 -35.86
N LEU FA 43 -11.24 -56.17 -34.87
CA LEU FA 43 -10.06 -56.92 -34.49
C LEU FA 43 -9.60 -57.84 -35.62
N MET FA 44 -10.55 -58.54 -36.25
CA MET FA 44 -10.21 -59.47 -37.32
C MET FA 44 -9.71 -58.77 -38.57
N ILE FA 45 -10.20 -57.56 -38.86
CA ILE FA 45 -9.70 -56.82 -40.01
C ILE FA 45 -8.33 -56.23 -39.71
N ASN FA 46 -8.12 -55.71 -38.50
CA ASN FA 46 -6.81 -55.15 -38.16
C ASN FA 46 -5.72 -56.22 -38.09
N ARG FA 47 -6.04 -57.44 -37.67
CA ARG FA 47 -5.01 -58.45 -37.66
C ARG FA 47 -4.91 -59.22 -38.98
N ALA FA 48 -5.71 -58.88 -39.97
CA ALA FA 48 -5.58 -59.45 -41.31
C ALA FA 48 -4.99 -58.48 -42.32
N THR FA 49 -4.49 -57.33 -41.87
CA THR FA 49 -3.96 -56.33 -42.77
C THR FA 49 -2.45 -56.49 -42.84
N PRO FA 50 -1.91 -56.99 -43.95
CA PRO FA 50 -0.51 -57.46 -43.94
C PRO FA 50 0.55 -56.39 -44.14
N TYR FA 51 0.96 -55.73 -43.06
CA TYR FA 51 1.99 -54.71 -43.16
C TYR FA 51 3.37 -55.31 -43.40
N ASN FA 52 3.60 -56.54 -42.95
CA ASN FA 52 4.91 -57.18 -43.04
C ASN FA 52 4.89 -58.28 -44.09
N TYR FA 53 6.08 -58.77 -44.40
CA TYR FA 53 6.17 -59.90 -45.32
C TYR FA 53 5.84 -61.18 -44.56
N PRO FA 54 4.97 -62.02 -45.09
CA PRO FA 54 4.72 -63.31 -44.44
C PRO FA 54 5.87 -64.27 -44.67
N VAL FA 55 6.86 -64.18 -43.79
CA VAL FA 55 8.08 -64.97 -43.80
C VAL FA 55 7.72 -66.46 -43.75
N PRO FA 56 8.13 -67.24 -44.74
CA PRO FA 56 7.73 -68.64 -44.79
C PRO FA 56 8.51 -69.48 -43.79
N LEU FA 57 8.05 -70.72 -43.63
CA LEU FA 57 8.60 -71.64 -42.67
C LEU FA 57 9.38 -72.73 -43.39
N ARG FA 58 10.44 -73.21 -42.74
CA ARG FA 58 11.17 -74.36 -43.26
C ARG FA 58 10.34 -75.62 -43.08
N ASP FA 59 10.04 -76.31 -44.19
CA ASP FA 59 9.17 -77.47 -44.15
C ASP FA 59 9.94 -78.64 -43.54
N ASP FA 60 9.64 -78.93 -42.27
CA ASP FA 60 10.29 -80.07 -41.61
C ASP FA 60 9.71 -81.39 -42.08
N GLY FA 61 8.44 -81.42 -42.45
CA GLY FA 61 7.83 -82.65 -42.91
C GLY FA 61 6.48 -82.92 -42.29
N ASN FA 62 6.20 -82.32 -41.13
CA ASN FA 62 4.89 -82.46 -40.48
C ASN FA 62 4.36 -81.07 -40.13
N MET FA 63 3.77 -80.41 -41.12
CA MET FA 63 2.97 -79.19 -40.92
C MET FA 63 1.80 -79.26 -41.88
N PRO FA 64 0.74 -80.00 -41.54
CA PRO FA 64 -0.38 -80.17 -42.48
C PRO FA 64 -1.31 -78.97 -42.56
N ASP FA 65 -1.13 -77.96 -41.72
CA ASP FA 65 -1.97 -76.77 -41.77
C ASP FA 65 -1.30 -75.62 -42.50
N VAL FA 66 0.02 -75.55 -42.47
CA VAL FA 66 0.74 -74.48 -43.18
C VAL FA 66 0.74 -74.82 -44.66
N PRO FA 67 0.22 -73.97 -45.52
CA PRO FA 67 0.15 -74.29 -46.96
C PRO FA 67 1.52 -74.21 -47.61
N SER FA 68 1.58 -74.70 -48.85
CA SER FA 68 2.78 -74.60 -49.65
C SER FA 68 2.69 -73.53 -50.73
N HIS FA 69 1.48 -73.04 -50.99
CA HIS FA 69 1.20 -72.02 -51.99
C HIS FA 69 0.05 -71.20 -51.44
N PRO FA 70 -0.10 -69.93 -51.84
CA PRO FA 70 -1.28 -69.16 -51.44
C PRO FA 70 -2.60 -69.77 -51.87
N GLN FA 71 -2.64 -70.43 -53.02
CA GLN FA 71 -3.88 -70.96 -53.57
C GLN FA 71 -4.18 -72.37 -53.08
N ASP FA 72 -3.39 -72.89 -52.13
CA ASP FA 72 -3.71 -74.13 -51.45
C ASP FA 72 -4.87 -73.91 -50.49
N PRO FA 73 -5.69 -74.95 -50.24
CA PRO FA 73 -6.91 -74.73 -49.43
C PRO FA 73 -6.65 -74.41 -47.97
N GLN FA 74 -5.59 -74.96 -47.37
CA GLN FA 74 -5.32 -74.69 -45.98
C GLN FA 74 -4.68 -73.32 -45.81
N GLY FA 75 -4.84 -72.77 -44.60
CA GLY FA 75 -4.41 -71.42 -44.31
C GLY FA 75 -5.57 -70.55 -43.88
N PRO FA 76 -5.28 -69.34 -43.38
CA PRO FA 76 -6.34 -68.46 -42.91
C PRO FA 76 -7.15 -67.88 -44.06
N SER FA 77 -8.46 -67.74 -43.84
CA SER FA 77 -9.38 -67.33 -44.88
C SER FA 77 -9.86 -65.91 -44.63
N LEU FA 78 -10.02 -65.17 -45.73
CA LEU FA 78 -10.68 -63.87 -45.72
C LEU FA 78 -11.91 -63.89 -46.62
N GLU FA 79 -12.63 -65.01 -46.65
CA GLU FA 79 -13.88 -65.03 -47.38
C GLU FA 79 -14.98 -64.34 -46.58
N TRP FA 80 -14.85 -64.30 -45.26
CA TRP FA 80 -15.78 -63.55 -44.42
C TRP FA 80 -15.67 -62.05 -44.70
N LEU FA 81 -14.49 -61.57 -45.09
CA LEU FA 81 -14.30 -60.15 -45.36
C LEU FA 81 -14.83 -59.76 -46.74
N LYS FA 82 -14.71 -60.64 -47.72
CA LYS FA 82 -15.31 -60.38 -49.02
C LYS FA 82 -16.82 -60.52 -48.98
N ARG FA 83 -17.34 -61.38 -48.10
CA ARG FA 83 -18.79 -61.55 -48.03
C ARG FA 83 -19.44 -60.56 -47.07
N LEU FA 84 -19.07 -60.65 -45.78
CA LEU FA 84 -19.62 -59.83 -44.69
C LEU FA 84 -21.15 -59.85 -44.60
N SER GA 12 37.40 -11.74 98.07
CA SER GA 12 36.70 -10.46 98.10
C SER GA 12 37.68 -9.30 98.16
N LYS GA 13 37.92 -8.79 99.37
CA LYS GA 13 38.76 -7.62 99.55
C LYS GA 13 40.23 -8.01 99.66
N MET GA 14 41.07 -7.35 98.87
CA MET GA 14 42.51 -7.50 98.95
C MET GA 14 43.10 -6.22 99.53
N GLU GA 15 43.84 -6.36 100.63
CA GLU GA 15 44.39 -5.20 101.34
C GLU GA 15 45.76 -4.86 100.76
N LEU GA 16 46.02 -3.57 100.61
CA LEU GA 16 47.34 -3.21 100.09
C LEU GA 16 48.26 -2.80 101.23
N PRO GA 17 49.56 -3.04 101.11
CA PRO GA 17 50.51 -2.46 102.06
C PRO GA 17 50.60 -0.96 101.85
N ASP GA 18 51.11 -0.27 102.88
CA ASP GA 18 51.11 1.19 102.89
C ASP GA 18 52.10 1.74 101.87
N TYR GA 19 51.68 2.81 101.19
CA TYR GA 19 52.48 3.39 100.12
C TYR GA 19 53.71 4.13 100.64
N LYS GA 20 53.72 4.52 101.91
CA LYS GA 20 54.79 5.37 102.41
C LYS GA 20 56.10 4.60 102.58
N GLN GA 21 56.02 3.28 102.79
CA GLN GA 21 57.19 2.52 103.20
C GLN GA 21 58.21 2.32 102.08
N TRP GA 22 57.84 2.61 100.83
CA TRP GA 22 58.73 2.32 99.71
C TRP GA 22 59.62 3.53 99.41
N LYS GA 23 60.43 3.88 100.40
CA LYS GA 23 61.45 4.91 100.24
C LYS GA 23 62.67 4.30 99.57
N ILE GA 24 63.34 5.08 98.73
CA ILE GA 24 64.38 4.53 97.88
C ILE GA 24 65.75 4.75 98.50
N GLU GA 25 65.77 5.32 99.69
CA GLU GA 25 67.00 5.43 100.47
C GLU GA 25 67.39 4.05 100.97
N GLY GA 26 68.48 3.50 100.42
CA GLY GA 26 68.86 2.13 100.66
C GLY GA 26 68.69 1.21 99.47
N THR GA 27 68.40 1.78 98.29
CA THR GA 27 68.21 1.03 97.05
C THR GA 27 69.25 1.52 96.03
N PRO GA 28 69.46 0.80 94.92
CA PRO GA 28 70.20 1.41 93.81
C PRO GA 28 69.49 2.58 93.13
N LEU GA 29 68.18 2.76 93.38
CA LEU GA 29 67.50 3.96 92.93
C LEU GA 29 68.04 5.21 93.64
N GLU GA 30 68.60 5.05 94.84
CA GLU GA 30 69.29 6.16 95.49
C GLU GA 30 70.53 6.57 94.71
N THR GA 31 71.32 5.58 94.26
CA THR GA 31 72.49 5.87 93.43
C THR GA 31 72.08 6.49 92.09
N VAL GA 32 70.94 6.03 91.54
CA VAL GA 32 70.42 6.60 90.30
C VAL GA 32 70.01 8.05 90.51
N GLN GA 33 69.33 8.35 91.61
CA GLN GA 33 68.91 9.74 91.86
C GLN GA 33 70.12 10.62 92.20
N GLU GA 34 71.17 10.06 92.79
CA GLU GA 34 72.39 10.82 93.01
C GLU GA 34 73.10 11.17 91.70
N LYS GA 35 73.21 10.21 90.79
CA LYS GA 35 73.83 10.51 89.50
C LYS GA 35 72.92 11.34 88.59
N LEU GA 36 71.63 11.41 88.87
CA LEU GA 36 70.76 12.33 88.15
C LEU GA 36 70.81 13.75 88.74
N ALA GA 37 70.96 13.86 90.07
CA ALA GA 37 71.17 15.16 90.70
C ALA GA 37 72.56 15.70 90.43
N ALA GA 38 73.49 14.85 89.99
CA ALA GA 38 74.79 15.31 89.51
C ALA GA 38 74.70 16.20 88.28
N ARG GA 39 73.60 16.15 87.52
CA ARG GA 39 73.44 16.98 86.34
C ARG GA 39 72.10 17.72 86.35
N GLY GA 40 71.59 18.04 87.53
CA GLY GA 40 70.41 18.89 87.64
C GLY GA 40 69.11 18.24 87.26
N LEU GA 41 68.95 16.95 87.52
CA LEU GA 41 67.75 16.22 87.19
C LEU GA 41 67.20 15.52 88.44
N ARG GA 42 65.89 15.32 88.46
CA ARG GA 42 65.22 14.73 89.61
C ARG GA 42 64.37 13.57 89.12
N ASP GA 43 64.54 12.40 89.75
CA ASP GA 43 63.85 11.20 89.32
C ASP GA 43 62.47 11.11 89.95
N PRO GA 44 61.39 11.08 89.17
CA PRO GA 44 60.05 11.01 89.77
C PRO GA 44 59.55 9.60 90.02
N TRP GA 45 60.09 8.61 89.29
CA TRP GA 45 59.57 7.24 89.32
C TRP GA 45 60.47 6.30 90.13
N GLY GA 46 60.99 6.75 91.26
CA GLY GA 46 61.78 5.87 92.10
C GLY GA 46 60.94 5.04 93.04
N ARG GA 47 59.99 5.69 93.73
CA ARG GA 47 59.21 5.02 94.77
C ARG GA 47 58.26 3.97 94.20
N ASN GA 48 57.90 4.07 92.92
CA ASN GA 48 57.12 3.01 92.30
C ASN GA 48 57.95 1.74 92.15
N GLU GA 49 59.20 1.88 91.72
CA GLU GA 49 60.11 0.76 91.55
C GLU GA 49 60.87 0.40 92.80
N ALA GA 50 60.56 1.05 93.93
CA ALA GA 50 61.29 0.81 95.17
C ALA GA 50 61.08 -0.58 95.74
N TRP GA 51 59.93 -1.22 95.44
CA TRP GA 51 59.65 -2.48 96.11
C TRP GA 51 60.49 -3.63 95.60
N ARG GA 52 61.01 -3.53 94.37
CA ARG GA 52 61.85 -4.59 93.81
C ARG GA 52 63.18 -4.66 94.52
N TYR GA 53 63.65 -3.54 95.07
CA TYR GA 53 64.94 -3.42 95.73
C TYR GA 53 64.81 -3.40 97.25
N MET GA 54 63.63 -3.65 97.78
CA MET GA 54 63.40 -3.68 99.22
C MET GA 54 62.78 -5.02 99.63
N GLY GA 55 62.72 -5.23 100.94
CA GLY GA 55 62.01 -6.37 101.49
C GLY GA 55 62.70 -7.70 101.23
N GLY GA 56 61.86 -8.73 101.05
CA GLY GA 56 62.34 -10.08 100.86
C GLY GA 56 62.92 -10.38 99.49
N PHE GA 57 62.87 -9.43 98.56
CA PHE GA 57 63.58 -9.57 97.31
C PHE GA 57 64.94 -8.88 97.31
N ALA GA 58 65.19 -7.99 98.27
CA ALA GA 58 66.51 -7.40 98.40
C ALA GA 58 67.49 -8.45 98.89
N ASN GA 59 68.76 -8.23 98.52
CA ASN GA 59 69.89 -9.14 98.81
C ASN GA 59 69.64 -10.54 98.25
N ASN GA 60 69.55 -10.60 96.93
CA ASN GA 60 69.48 -11.87 96.24
C ASN GA 60 70.89 -12.43 96.11
N VAL GA 61 70.98 -13.73 95.81
CA VAL GA 61 72.27 -14.38 95.70
C VAL GA 61 72.91 -14.04 94.36
N SER GA 62 74.21 -14.27 94.27
CA SER GA 62 74.93 -14.17 93.01
C SER GA 62 74.89 -15.53 92.33
N PHE GA 63 75.59 -15.67 91.21
CA PHE GA 63 75.52 -16.92 90.45
C PHE GA 63 76.32 -18.03 91.11
N VAL GA 64 77.49 -17.70 91.67
CA VAL GA 64 78.34 -18.71 92.28
C VAL GA 64 77.74 -19.21 93.59
N GLY GA 65 76.90 -18.40 94.25
CA GLY GA 65 76.18 -18.89 95.40
C GLY GA 65 74.90 -19.60 95.02
N ALA GA 66 74.34 -19.27 93.86
CA ALA GA 66 73.15 -19.98 93.37
C ALA GA 66 73.51 -21.38 92.94
N LEU GA 67 74.71 -21.58 92.40
CA LEU GA 67 75.18 -22.94 92.12
C LEU GA 67 75.39 -23.73 93.40
N LEU GA 68 75.98 -23.10 94.41
CA LEU GA 68 76.34 -23.77 95.65
C LEU GA 68 75.20 -23.82 96.65
N LYS GA 69 73.95 -23.73 96.19
CA LYS GA 69 72.81 -23.97 97.05
C LYS GA 69 72.81 -25.44 97.48
N GLY GA 70 72.70 -25.66 98.79
CA GLY GA 70 72.79 -27.02 99.31
C GLY GA 70 74.18 -27.62 99.30
N PHE GA 71 75.23 -26.83 99.04
CA PHE GA 71 76.57 -27.38 99.05
C PHE GA 71 77.05 -27.66 100.45
N LYS GA 72 76.58 -26.89 101.44
CA LYS GA 72 76.96 -27.10 102.82
C LYS GA 72 76.45 -28.43 103.36
N TRP GA 73 75.12 -28.63 103.26
CA TRP GA 73 74.51 -29.87 103.73
C TRP GA 73 74.93 -31.05 102.88
N GLY GA 74 75.11 -30.84 101.57
CA GLY GA 74 75.53 -31.92 100.69
C GLY GA 74 76.97 -32.35 100.96
N PHE GA 75 77.86 -31.38 101.21
CA PHE GA 75 79.23 -31.72 101.58
C PHE GA 75 79.31 -32.35 102.96
N ALA GA 76 78.45 -31.92 103.90
CA ALA GA 76 78.42 -32.53 105.21
C ALA GA 76 77.96 -33.97 105.15
N ALA GA 77 76.91 -34.24 104.37
CA ALA GA 77 76.46 -35.62 104.16
C ALA GA 77 77.49 -36.43 103.39
N PHE GA 78 78.25 -35.78 102.50
CA PHE GA 78 79.37 -36.43 101.82
C PHE GA 78 80.42 -36.90 102.81
N VAL GA 79 80.81 -36.02 103.75
CA VAL GA 79 81.81 -36.39 104.75
C VAL GA 79 81.29 -37.49 105.66
N VAL GA 80 80.02 -37.42 106.06
CA VAL GA 80 79.42 -38.43 106.92
C VAL GA 80 79.36 -39.80 106.22
N ALA GA 81 78.98 -39.81 104.94
CA ALA GA 81 78.87 -41.08 104.24
C ALA GA 81 80.24 -41.66 103.86
N VAL GA 82 81.23 -40.81 103.58
CA VAL GA 82 82.58 -41.32 103.32
C VAL GA 82 83.20 -41.88 104.59
N GLY GA 83 82.97 -41.22 105.73
CA GLY GA 83 83.37 -41.82 107.00
C GLY GA 83 82.63 -43.10 107.32
N ALA GA 84 81.37 -43.20 106.88
CA ALA GA 84 80.59 -44.41 107.09
C ALA GA 84 81.13 -45.58 106.28
N GLU GA 85 81.43 -45.35 105.00
CA GLU GA 85 82.02 -46.42 104.20
C GLU GA 85 83.49 -46.65 104.51
N TYR GA 86 84.13 -45.73 105.24
CA TYR GA 86 85.50 -45.94 105.70
C TYR GA 86 85.53 -46.75 106.98
N TYR GA 87 84.55 -46.60 107.85
CA TYR GA 87 84.43 -47.42 109.05
C TYR GA 87 83.69 -48.73 108.82
N LEU GA 88 83.00 -48.85 107.69
CA LEU GA 88 82.26 -50.08 107.40
C LEU GA 88 83.16 -51.19 106.88
N GLU GA 89 84.21 -50.84 106.13
CA GLU GA 89 85.00 -51.82 105.39
C GLU GA 89 85.93 -52.65 106.28
N SER GA 90 85.98 -52.40 107.57
CA SER GA 90 86.78 -53.22 108.47
C SER GA 90 85.93 -53.77 109.61
N MET HA 3 24.70 -54.92 -1.14
CA MET HA 3 25.53 -56.10 -1.03
C MET HA 3 24.75 -57.35 -1.43
N MET HA 4 23.80 -57.75 -0.60
CA MET HA 4 23.01 -58.95 -0.84
C MET HA 4 21.80 -58.69 -1.74
N THR HA 5 21.81 -57.61 -2.52
CA THR HA 5 20.66 -57.26 -3.33
C THR HA 5 20.47 -58.16 -4.54
N GLY HA 6 21.54 -58.81 -5.02
CA GLY HA 6 21.40 -59.76 -6.11
C GLY HA 6 20.84 -61.10 -5.71
N ARG HA 7 20.89 -61.43 -4.42
CA ARG HA 7 20.26 -62.65 -3.93
C ARG HA 7 18.75 -62.54 -4.01
N GLN HA 8 18.16 -61.56 -3.32
CA GLN HA 8 16.72 -61.37 -3.31
C GLN HA 8 16.30 -60.43 -4.44
N ALA HA 9 16.60 -60.86 -5.66
CA ALA HA 9 16.18 -60.17 -6.86
C ALA HA 9 15.37 -61.14 -7.71
N ARG HA 10 15.67 -62.43 -7.58
CA ARG HA 10 14.95 -63.44 -8.31
C ARG HA 10 13.60 -63.72 -7.69
N ALA HA 11 13.45 -63.46 -6.38
CA ALA HA 11 12.18 -63.54 -5.67
C ALA HA 11 11.97 -62.20 -4.98
N PRO HA 12 11.44 -61.21 -5.71
CA PRO HA 12 11.38 -59.85 -5.16
C PRO HA 12 10.19 -59.64 -4.23
N LEU HA 13 10.42 -58.74 -3.27
CA LEU HA 13 9.41 -58.24 -2.33
C LEU HA 13 8.81 -59.33 -1.46
N GLN HA 14 9.54 -60.41 -1.23
CA GLN HA 14 9.17 -61.39 -0.23
C GLN HA 14 9.74 -60.93 1.10
N PHE HA 15 8.85 -60.64 2.05
CA PHE HA 15 9.29 -60.28 3.40
C PHE HA 15 9.95 -61.46 4.08
N LEU HA 16 9.28 -62.61 4.06
CA LEU HA 16 9.86 -63.87 4.55
C LEU HA 16 9.67 -64.93 3.48
N PRO HA 17 10.74 -65.34 2.78
CA PRO HA 17 10.62 -66.41 1.78
C PRO HA 17 10.28 -67.77 2.35
N ASP HA 18 10.12 -68.76 1.45
CA ASP HA 18 9.80 -70.11 1.89
C ASP HA 18 11.00 -70.81 2.53
N GLU HA 19 12.21 -70.38 2.23
CA GLU HA 19 13.38 -70.95 2.90
C GLU HA 19 13.65 -70.32 4.25
N ALA HA 20 12.89 -69.29 4.63
CA ALA HA 20 12.95 -68.76 6.00
C ALA HA 20 12.29 -69.69 6.99
N ARG HA 21 11.42 -70.60 6.53
CA ARG HA 21 10.68 -71.47 7.42
C ARG HA 21 11.50 -72.68 7.87
N SER HA 22 12.68 -72.88 7.29
CA SER HA 22 13.63 -73.87 7.77
C SER HA 22 14.40 -73.40 9.01
N LEU HA 23 14.31 -72.19 9.32
CA LEU HA 23 14.92 -71.56 10.48
C LEU HA 23 13.96 -71.64 11.67
N PRO HA 24 14.47 -71.78 12.88
CA PRO HA 24 13.61 -71.76 14.04
C PRO HA 24 13.13 -70.34 14.30
N PRO HA 25 11.84 -70.15 14.59
CA PRO HA 25 11.35 -68.82 14.88
C PRO HA 25 11.86 -68.36 16.23
N PRO HA 26 11.88 -67.05 16.48
CA PRO HA 26 12.16 -66.58 17.84
C PRO HA 26 11.06 -67.03 18.78
N LYS HA 27 11.47 -67.44 19.98
CA LYS HA 27 10.50 -67.77 21.00
C LYS HA 27 9.76 -66.51 21.44
N LEU HA 28 8.58 -66.72 22.04
CA LEU HA 28 7.84 -65.58 22.54
C LEU HA 28 8.47 -64.98 23.79
N THR HA 29 9.42 -65.68 24.41
CA THR HA 29 10.21 -65.19 25.51
C THR HA 29 11.57 -64.65 25.07
N ASP HA 30 11.65 -64.17 23.83
CA ASP HA 30 12.88 -63.61 23.29
C ASP HA 30 13.18 -62.30 24.02
N PRO HA 31 14.40 -62.10 24.54
CA PRO HA 31 14.73 -60.80 25.15
C PRO HA 31 14.63 -59.62 24.20
N ARG HA 32 14.91 -59.83 22.91
CA ARG HA 32 14.68 -58.77 21.94
C ARG HA 32 13.19 -58.43 21.82
N LEU HA 33 12.34 -59.46 21.76
CA LEU HA 33 10.90 -59.22 21.67
C LEU HA 33 10.34 -58.68 22.98
N ALA HA 34 10.93 -59.09 24.10
CA ALA HA 34 10.53 -58.50 25.38
C ALA HA 34 10.93 -57.03 25.47
N TYR HA 35 12.06 -56.66 24.88
CA TYR HA 35 12.43 -55.25 24.83
C TYR HA 35 11.50 -54.46 23.90
N ILE HA 36 11.06 -55.08 22.80
CA ILE HA 36 10.09 -54.40 21.92
C ILE HA 36 8.74 -54.23 22.62
N GLY HA 37 8.35 -55.21 23.45
CA GLY HA 37 7.16 -55.03 24.27
C GLY HA 37 7.33 -53.95 25.32
N PHE HA 38 8.55 -53.79 25.84
CA PHE HA 38 8.84 -52.66 26.72
C PHE HA 38 8.74 -51.34 25.98
N LEU HA 39 9.14 -51.32 24.70
CA LEU HA 39 8.96 -50.12 23.89
C LEU HA 39 7.49 -49.82 23.65
N GLY HA 40 6.67 -50.86 23.51
CA GLY HA 40 5.23 -50.67 23.42
C GLY HA 40 4.65 -50.10 24.71
N TYR HA 41 5.13 -50.57 25.85
CA TYR HA 41 4.65 -50.04 27.12
C TYR HA 41 5.10 -48.59 27.32
N CYS HA 42 6.32 -48.26 26.89
CA CYS HA 42 6.77 -46.87 26.97
C CYS HA 42 6.01 -45.96 26.01
N SER HA 43 5.64 -46.47 24.83
CA SER HA 43 4.80 -45.67 23.93
C SER HA 43 3.42 -45.46 24.52
N GLY HA 44 2.88 -46.46 25.23
CA GLY HA 44 1.61 -46.25 25.92
C GLY HA 44 1.71 -45.23 27.04
N LEU HA 45 2.81 -45.25 27.79
CA LEU HA 45 3.00 -44.31 28.88
C LEU HA 45 3.19 -42.88 28.36
N ILE HA 46 3.95 -42.72 27.28
CA ILE HA 46 4.09 -41.40 26.69
C ILE HA 46 2.78 -40.95 26.04
N ASP HA 47 1.99 -41.89 25.51
CA ASP HA 47 0.70 -41.53 24.93
C ASP HA 47 -0.28 -41.05 25.99
N ASN HA 48 -0.19 -41.57 27.22
CA ASN HA 48 -0.98 -40.96 28.29
C ASN HA 48 -0.36 -39.66 28.80
N ALA HA 49 0.97 -39.53 28.76
CA ALA HA 49 1.61 -38.36 29.33
C ALA HA 49 1.44 -37.11 28.46
N ILE HA 50 1.49 -37.26 27.13
CA ILE HA 50 1.45 -36.08 26.27
C ILE HA 50 0.05 -35.51 26.16
N ARG HA 51 -0.98 -36.29 26.48
CA ARG HA 51 -2.35 -35.85 26.41
C ARG HA 51 -2.92 -35.57 27.80
N ARG HA 52 -2.06 -35.53 28.82
CA ARG HA 52 -2.39 -35.23 30.21
C ARG HA 52 -3.44 -36.19 30.76
N ARG HA 53 -3.07 -37.46 30.80
CA ARG HA 53 -3.84 -38.53 31.38
C ARG HA 53 -3.06 -39.16 32.53
N PRO HA 54 -3.75 -39.78 33.50
CA PRO HA 54 -3.02 -40.55 34.52
C PRO HA 54 -2.31 -41.73 33.89
N VAL HA 55 -0.98 -41.73 34.03
CA VAL HA 55 -0.10 -42.43 33.09
C VAL HA 55 -0.20 -43.94 33.27
N LEU HA 56 -0.32 -44.39 34.51
CA LEU HA 56 -0.39 -45.81 34.81
C LEU HA 56 -1.82 -46.32 34.86
N SER HA 57 -2.80 -45.43 34.91
CA SER HA 57 -4.20 -45.81 35.07
C SER HA 57 -4.99 -45.73 33.77
N ALA HA 58 -4.90 -44.61 33.07
CA ALA HA 58 -5.79 -44.35 31.94
C ALA HA 58 -5.43 -45.19 30.73
N GLY HA 59 -6.46 -45.74 30.08
CA GLY HA 59 -6.33 -46.42 28.80
C GLY HA 59 -5.54 -47.71 28.84
N LEU HA 60 -5.98 -48.66 29.68
CA LEU HA 60 -5.31 -49.96 29.72
C LEU HA 60 -5.54 -50.74 28.45
N HIS HA 61 -6.70 -50.55 27.82
CA HIS HA 61 -6.94 -51.10 26.49
C HIS HA 61 -5.97 -50.50 25.48
N ARG HA 62 -5.66 -49.21 25.63
CA ARG HA 62 -4.82 -48.51 24.68
C ARG HA 62 -3.36 -48.90 24.87
N GLN HA 63 -2.89 -48.97 26.12
CA GLN HA 63 -1.52 -49.42 26.37
C GLN HA 63 -1.34 -50.89 26.02
N PHE HA 64 -2.41 -51.69 26.18
CA PHE HA 64 -2.30 -53.10 25.84
C PHE HA 64 -2.27 -53.28 24.32
N LEU HA 65 -2.98 -52.41 23.58
CA LEU HA 65 -2.83 -52.47 22.13
C LEU HA 65 -1.47 -51.93 21.68
N TYR HA 66 -0.89 -50.97 22.40
CA TYR HA 66 0.48 -50.54 22.11
C TYR HA 66 1.48 -51.68 22.27
N ILE HA 67 1.42 -52.37 23.42
CA ILE HA 67 2.33 -53.49 23.68
C ILE HA 67 2.14 -54.59 22.66
N THR HA 68 0.87 -54.95 22.39
CA THR HA 68 0.54 -56.03 21.47
C THR HA 68 0.95 -55.68 20.04
N SER HA 69 0.81 -54.42 19.65
CA SER HA 69 1.19 -54.00 18.30
C SER HA 69 2.70 -54.00 18.12
N PHE HA 70 3.46 -53.54 19.12
CA PHE HA 70 4.91 -53.57 18.96
C PHE HA 70 5.44 -55.00 18.97
N VAL HA 71 4.89 -55.86 19.83
CA VAL HA 71 5.30 -57.27 19.85
C VAL HA 71 4.94 -57.96 18.54
N PHE HA 72 3.77 -57.63 17.98
CA PHE HA 72 3.32 -58.24 16.74
C PHE HA 72 4.20 -57.83 15.56
N VAL HA 73 4.58 -56.56 15.48
CA VAL HA 73 5.46 -56.12 14.41
C VAL HA 73 6.88 -56.68 14.63
N GLY HA 74 7.37 -56.61 15.85
CA GLY HA 74 8.72 -57.01 16.16
C GLY HA 74 8.99 -58.49 16.04
N TYR HA 75 7.96 -59.33 16.15
CA TYR HA 75 8.15 -60.76 15.93
C TYR HA 75 8.55 -61.05 14.48
N TYR HA 76 7.83 -60.46 13.53
CA TYR HA 76 8.19 -60.64 12.12
C TYR HA 76 9.47 -59.90 11.76
N LEU HA 77 9.76 -58.79 12.46
CA LEU HA 77 11.05 -58.13 12.26
C LEU HA 77 12.21 -59.00 12.70
N LEU HA 78 12.07 -59.69 13.83
CA LEU HA 78 13.12 -60.60 14.27
C LEU HA 78 13.23 -61.83 13.38
N LYS HA 79 12.10 -62.30 12.83
CA LYS HA 79 12.15 -63.39 11.86
C LYS HA 79 12.91 -62.99 10.61
N ARG HA 80 12.68 -61.77 10.10
CA ARG HA 80 13.42 -61.33 8.92
C ARG HA 80 14.90 -61.10 9.24
N GLN HA 81 15.21 -60.60 10.45
CA GLN HA 81 16.59 -60.43 10.87
C GLN HA 81 17.34 -61.75 10.91
N ASP HA 82 16.73 -62.77 11.52
CA ASP HA 82 17.34 -64.09 11.57
C ASP HA 82 17.49 -64.69 10.16
N TYR HA 83 16.51 -64.41 9.28
CA TYR HA 83 16.62 -64.86 7.90
C TYR HA 83 17.79 -64.21 7.18
N MET HA 84 18.00 -62.92 7.37
CA MET HA 84 19.05 -62.25 6.60
C MET HA 84 20.43 -62.60 7.11
N TYR HA 85 20.60 -62.81 8.42
CA TYR HA 85 21.91 -63.27 8.88
C TYR HA 85 22.15 -64.73 8.51
N ALA HA 86 21.09 -65.55 8.43
CA ALA HA 86 21.25 -66.92 7.95
C ALA HA 86 21.64 -66.95 6.48
N VAL HA 87 21.07 -66.06 5.67
CA VAL HA 87 21.42 -65.96 4.25
C VAL HA 87 22.87 -65.48 4.09
N ARG HA 88 23.29 -64.54 4.95
CA ARG HA 88 24.66 -64.05 4.93
C ARG HA 88 25.65 -65.16 5.21
N ASP HA 89 25.38 -65.98 6.24
CA ASP HA 89 26.31 -67.06 6.58
C ASP HA 89 26.28 -68.18 5.55
N HIS HA 90 25.10 -68.48 4.99
CA HIS HA 90 25.01 -69.50 3.95
C HIS HA 90 25.78 -69.10 2.69
N ASP HA 91 25.67 -67.82 2.30
CA ASP HA 91 26.41 -67.33 1.14
C ASP HA 91 27.90 -67.32 1.41
N MET HA 92 28.30 -66.96 2.63
CA MET HA 92 29.71 -66.96 3.02
C MET HA 92 30.30 -68.36 2.95
N PHE HA 93 29.58 -69.35 3.46
CA PHE HA 93 30.11 -70.70 3.55
C PHE HA 93 30.13 -71.36 2.17
N SER HA 94 29.11 -71.10 1.34
CA SER HA 94 29.14 -71.60 -0.02
C SER HA 94 30.23 -70.95 -0.85
N TYR HA 95 30.55 -69.67 -0.59
CA TYR HA 95 31.62 -69.03 -1.33
C TYR HA 95 33.00 -69.50 -0.88
N ILE HA 96 33.17 -69.81 0.40
CA ILE HA 96 34.43 -70.39 0.86
C ILE HA 96 34.59 -71.80 0.29
N LYS HA 97 33.50 -72.57 0.26
CA LYS HA 97 33.56 -73.93 -0.29
C LYS HA 97 33.80 -73.93 -1.80
N SER HA 98 33.34 -72.88 -2.50
CA SER HA 98 33.50 -72.85 -3.95
C SER HA 98 34.84 -72.29 -4.41
N HIS HA 99 35.51 -71.46 -3.62
CA HIS HA 99 36.81 -70.89 -3.96
C HIS HA 99 37.84 -71.34 -2.92
N PRO HA 100 38.47 -72.49 -3.10
CA PRO HA 100 39.49 -72.91 -2.13
C PRO HA 100 40.80 -72.17 -2.26
N GLU HA 101 41.16 -71.73 -3.47
CA GLU HA 101 42.48 -71.14 -3.70
C GLU HA 101 42.61 -69.75 -3.10
N ASP HA 102 41.49 -69.09 -2.80
CA ASP HA 102 41.52 -67.80 -2.14
C ASP HA 102 41.42 -67.92 -0.63
N PHE HA 103 41.06 -69.09 -0.12
CA PHE HA 103 40.95 -69.35 1.32
C PHE HA 103 41.77 -70.57 1.69
N PRO HA 104 43.10 -70.47 1.73
CA PRO HA 104 43.89 -71.62 2.14
C PRO HA 104 43.92 -71.73 3.66
N GLU HA 105 44.07 -72.97 4.13
CA GLU HA 105 44.29 -73.18 5.56
C GLU HA 105 45.70 -72.75 5.91
N LYS HA 106 45.83 -71.71 6.70
CA LYS HA 106 47.14 -71.22 7.10
C LYS HA 106 47.72 -72.12 8.18
N ASP HA 107 49.01 -72.42 8.06
CA ASP HA 107 49.70 -73.33 8.98
C ASP HA 107 49.80 -72.71 10.36
N LYS HA 108 49.17 -73.33 11.34
CA LYS HA 108 49.26 -72.87 12.72
C LYS HA 108 50.54 -73.43 13.34
N LYS HA 109 51.53 -72.57 13.53
CA LYS HA 109 52.79 -72.95 14.14
C LYS HA 109 52.74 -72.70 15.64
N THR HA 110 53.18 -73.68 16.42
CA THR HA 110 53.25 -73.53 17.86
C THR HA 110 54.31 -72.50 18.25
N TYR HA 111 54.20 -72.00 19.49
CA TYR HA 111 55.04 -70.92 19.95
C TYR HA 111 56.50 -71.33 20.18
N ARG HA 112 56.84 -72.60 20.07
CA ARG HA 112 58.24 -72.97 20.15
C ARG HA 112 58.99 -72.61 18.87
N GLU HA 113 58.29 -72.50 17.74
CA GLU HA 113 58.91 -71.99 16.53
C GLU HA 113 58.61 -70.52 16.27
N VAL HA 114 57.49 -70.02 16.78
CA VAL HA 114 57.09 -68.64 16.55
C VAL HA 114 57.98 -67.74 17.40
N PHE HA 115 58.74 -66.86 16.75
CA PHE HA 115 59.60 -65.92 17.44
C PHE HA 115 58.92 -64.57 17.51
N GLU HA 116 58.78 -64.05 18.73
CA GLU HA 116 58.30 -62.70 18.98
C GLU HA 116 59.43 -61.88 19.57
N GLU HA 117 59.55 -60.63 19.13
CA GLU HA 117 60.55 -59.75 19.69
C GLU HA 117 60.12 -59.32 21.09
N PHE HA 118 60.95 -59.59 22.08
CA PHE HA 118 60.62 -59.19 23.44
C PHE HA 118 60.98 -57.74 23.66
N HIS HA 119 60.05 -57.00 24.27
CA HIS HA 119 60.25 -55.59 24.58
C HIS HA 119 60.14 -55.40 26.08
N PRO HA 120 61.26 -55.20 26.78
CA PRO HA 120 61.22 -55.09 28.24
C PRO HA 120 60.66 -53.76 28.71
N VAL HA 121 59.96 -53.81 29.83
CA VAL HA 121 59.45 -52.60 30.48
C VAL HA 121 60.38 -52.33 31.66
N ARG HA 122 61.29 -51.38 31.46
CA ARG HA 122 62.23 -51.01 32.48
C ARG HA 122 62.62 -49.54 32.30
N SER IA 3 76.32 8.86 58.45
CA SER IA 3 75.88 8.81 59.84
C SER IA 3 75.12 7.52 60.12
N PHE IA 4 73.80 7.61 60.14
CA PHE IA 4 72.99 6.42 60.40
C PHE IA 4 72.66 5.71 59.09
N PRO IA 5 72.62 4.38 59.08
CA PRO IA 5 72.30 3.64 57.85
C PRO IA 5 70.85 3.88 57.44
N LYS IA 6 70.68 4.50 56.27
CA LYS IA 6 69.36 4.79 55.74
C LYS IA 6 68.64 3.49 55.38
N TYR IA 7 67.37 3.41 55.75
CA TYR IA 7 66.60 2.19 55.54
C TYR IA 7 66.31 2.01 54.06
N GLU IA 8 66.45 0.78 53.58
CA GLU IA 8 66.34 0.47 52.17
C GLU IA 8 65.07 -0.34 51.93
N PRO IA 9 63.99 0.27 51.45
CA PRO IA 9 62.72 -0.46 51.34
C PRO IA 9 62.70 -1.39 50.13
N SER IA 10 62.38 -2.65 50.40
CA SER IA 10 62.24 -3.67 49.37
C SER IA 10 60.79 -4.15 49.33
N ARG IA 11 60.53 -5.08 48.43
CA ARG IA 11 59.18 -5.61 48.25
C ARG IA 11 58.71 -6.42 49.44
N LEU IA 12 59.63 -7.13 50.10
CA LEU IA 12 59.30 -7.95 51.25
C LEU IA 12 59.56 -7.25 52.58
N ALA IA 13 60.12 -6.04 52.55
CA ALA IA 13 60.30 -5.22 53.76
C ALA IA 13 60.01 -3.78 53.33
N SER IA 14 58.76 -3.35 53.53
CA SER IA 14 58.33 -2.03 53.10
C SER IA 14 58.87 -0.96 54.06
N LEU IA 15 58.59 0.29 53.75
CA LEU IA 15 59.10 1.38 54.57
C LEU IA 15 58.20 1.58 55.80
N PRO IA 16 58.78 1.77 56.99
CA PRO IA 16 57.97 2.09 58.15
C PRO IA 16 57.34 3.47 58.02
N THR IA 17 56.25 3.66 58.77
CA THR IA 17 55.53 4.93 58.75
C THR IA 17 56.34 6.02 59.43
N THR IA 18 57.18 5.65 60.41
CA THR IA 18 58.04 6.59 61.11
C THR IA 18 59.27 6.99 60.31
N LEU IA 19 59.45 6.45 59.10
CA LEU IA 19 60.54 6.83 58.22
C LEU IA 19 60.05 7.43 56.90
N ASP IA 20 58.73 7.50 56.69
CA ASP IA 20 58.22 7.99 55.42
C ASP IA 20 58.26 9.51 55.39
N PRO IA 21 58.82 10.12 54.34
CA PRO IA 21 58.85 11.59 54.27
C PRO IA 21 57.49 12.21 54.02
N ALA IA 22 56.60 11.52 53.30
CA ALA IA 22 55.29 12.06 52.96
C ALA IA 22 54.26 11.87 54.07
N GLU IA 23 54.68 11.40 55.24
CA GLU IA 23 53.76 11.28 56.37
C GLU IA 23 53.50 12.63 57.04
N TYR IA 24 54.53 13.49 57.09
CA TYR IA 24 54.49 14.72 57.85
C TYR IA 24 53.97 15.90 57.04
N ASP IA 25 53.38 15.65 55.88
CA ASP IA 25 52.80 16.71 55.07
C ASP IA 25 51.52 17.21 55.74
N ILE IA 26 51.52 18.49 56.13
CA ILE IA 26 50.34 19.14 56.65
C ILE IA 26 49.60 19.91 55.55
N SER IA 27 49.91 19.61 54.29
CA SER IA 27 49.27 20.29 53.17
C SER IA 27 47.80 19.91 53.07
N SER IA 28 46.98 20.88 52.65
CA SER IA 28 45.54 20.72 52.74
C SER IA 28 44.98 19.74 51.72
N GLU IA 29 45.74 19.39 50.69
CA GLU IA 29 45.31 18.28 49.84
C GLU IA 29 45.42 16.95 50.56
N THR IA 30 46.42 16.79 51.44
CA THR IA 30 46.48 15.60 52.28
C THR IA 30 45.38 15.59 53.33
N ARG IA 31 45.04 16.78 53.86
CA ARG IA 31 43.91 16.89 54.79
C ARG IA 31 42.61 16.49 54.12
N LYS IA 32 42.36 16.99 52.91
CA LYS IA 32 41.14 16.64 52.16
C LYS IA 32 41.13 15.17 51.76
N ALA IA 33 42.30 14.62 51.39
CA ALA IA 33 42.37 13.22 50.99
C ALA IA 33 42.10 12.30 52.16
N GLN IA 34 42.69 12.58 53.33
CA GLN IA 34 42.43 11.79 54.52
C GLN IA 34 41.00 11.96 55.00
N ALA IA 35 40.43 13.17 54.86
CA ALA IA 35 39.04 13.38 55.25
C ALA IA 35 38.06 12.67 54.31
N GLU IA 36 38.38 12.62 53.02
CA GLU IA 36 37.49 11.94 52.07
C GLU IA 36 37.59 10.43 52.22
N ARG IA 37 38.79 9.90 52.46
CA ARG IA 37 38.95 8.49 52.76
C ARG IA 37 38.26 8.13 54.08
N LEU IA 38 38.31 9.03 55.07
CA LEU IA 38 37.58 8.82 56.31
C LEU IA 38 36.07 8.87 56.09
N ALA IA 39 35.60 9.72 55.19
CA ALA IA 39 34.17 9.77 54.88
C ALA IA 39 33.70 8.49 54.21
N ILE IA 40 34.48 7.97 53.27
CA ILE IA 40 34.13 6.71 52.60
C ILE IA 40 34.15 5.55 53.59
N ARG IA 41 35.19 5.50 54.43
CA ARG IA 41 35.32 4.43 55.41
C ARG IA 41 34.23 4.51 56.48
N SER IA 42 33.81 5.72 56.84
CA SER IA 42 32.74 5.89 57.82
C SER IA 42 31.39 5.50 57.24
N ARG IA 43 31.17 5.82 55.95
CA ARG IA 43 29.95 5.41 55.26
C ARG IA 43 29.85 3.90 55.19
N LEU IA 44 30.94 3.24 54.82
CA LEU IA 44 30.94 1.78 54.74
C LEU IA 44 30.85 1.14 56.12
N LYS IA 45 31.44 1.77 57.14
CA LYS IA 45 31.35 1.25 58.50
C LYS IA 45 29.93 1.31 59.04
N ARG IA 46 29.25 2.44 58.83
CA ARG IA 46 27.86 2.57 59.26
C ARG IA 46 26.95 1.64 58.46
N GLU IA 47 27.22 1.48 57.16
CA GLU IA 47 26.42 0.58 56.34
C GLU IA 47 26.61 -0.87 56.74
N TYR IA 48 27.82 -1.24 57.17
CA TYR IA 48 28.04 -2.58 57.72
C TYR IA 48 27.27 -2.79 59.01
N GLN IA 49 27.50 -1.93 60.00
CA GLN IA 49 26.95 -2.23 61.32
C GLN IA 49 25.47 -1.94 61.44
N LEU IA 50 24.84 -1.28 60.46
CA LEU IA 50 23.38 -1.29 60.42
C LEU IA 50 22.84 -2.68 60.12
N GLN IA 51 23.47 -3.39 59.18
CA GLN IA 51 23.05 -4.76 58.89
C GLN IA 51 23.56 -5.74 59.94
N TYR IA 52 24.68 -5.42 60.58
CA TYR IA 52 25.31 -6.34 61.51
C TYR IA 52 24.61 -6.40 62.87
N ASN IA 53 24.07 -5.27 63.33
CA ASN IA 53 23.39 -5.20 64.63
C ASN IA 53 21.88 -5.41 64.52
N ASP IA 54 21.40 -5.82 63.36
CA ASP IA 54 19.97 -6.01 63.13
C ASP IA 54 19.49 -7.30 63.80
N PRO IA 55 18.46 -7.26 64.65
CA PRO IA 55 17.91 -8.52 65.19
C PRO IA 55 17.14 -9.33 64.18
N SER IA 56 16.58 -8.72 63.14
CA SER IA 56 15.79 -9.48 62.17
C SER IA 56 16.65 -10.28 61.22
N ARG IA 57 17.95 -10.00 61.16
CA ARG IA 57 18.84 -10.72 60.26
C ARG IA 57 19.35 -12.00 60.92
N ARG IA 58 19.25 -13.10 60.19
CA ARG IA 58 19.84 -14.37 60.63
C ARG IA 58 20.48 -14.98 59.38
N GLY IA 59 21.72 -14.63 59.13
CA GLY IA 59 22.37 -15.01 57.88
C GLY IA 59 23.74 -14.40 57.68
N VAL IA 60 24.04 -13.99 56.46
CA VAL IA 60 25.36 -13.48 56.09
C VAL IA 60 25.20 -12.02 55.71
N VAL IA 61 25.98 -11.16 56.35
CA VAL IA 61 26.09 -9.78 55.87
C VAL IA 61 26.99 -9.85 54.65
N GLU IA 62 26.40 -9.75 53.46
CA GLU IA 62 27.17 -9.95 52.24
C GLU IA 62 28.08 -8.75 51.98
N ASP IA 63 29.32 -9.04 51.63
CA ASP IA 63 30.30 -8.01 51.35
C ASP IA 63 30.52 -7.96 49.85
N PRO IA 64 30.10 -6.89 49.17
CA PRO IA 64 30.30 -6.82 47.71
C PRO IA 64 31.78 -6.72 47.31
N ALA IA 65 32.65 -6.27 48.20
CA ALA IA 65 34.08 -6.28 47.91
C ALA IA 65 34.63 -7.70 47.87
N LEU IA 66 34.09 -8.60 48.70
CA LEU IA 66 34.55 -9.98 48.70
C LEU IA 66 34.06 -10.73 47.47
N ILE IA 67 32.78 -10.57 47.14
CA ILE IA 67 32.21 -11.16 45.93
C ILE IA 67 32.93 -10.62 44.70
N ARG IA 68 33.26 -9.33 44.73
CA ARG IA 68 33.97 -8.69 43.64
C ARG IA 68 35.41 -9.20 43.56
N TRP IA 69 36.03 -9.48 44.71
CA TRP IA 69 37.37 -10.06 44.76
C TRP IA 69 37.39 -11.47 44.16
N THR IA 70 36.42 -12.31 44.53
CA THR IA 70 36.37 -13.66 43.99
C THR IA 70 36.01 -13.66 42.51
N CYS IA 71 35.15 -12.76 42.08
CA CYS IA 71 34.79 -12.67 40.66
C CYS IA 71 35.93 -12.09 39.84
N ALA IA 72 36.80 -11.29 40.47
CA ALA IA 72 38.02 -10.86 39.80
C ALA IA 72 39.03 -12.00 39.71
N ARG IA 73 39.20 -12.75 40.80
CA ARG IA 73 40.18 -13.83 40.84
C ARG IA 73 39.78 -15.03 39.99
N SER IA 74 38.50 -15.18 39.66
CA SER IA 74 38.09 -16.32 38.85
C SER IA 74 37.54 -15.92 37.48
N ALA IA 75 36.53 -15.05 37.44
CA ALA IA 75 35.69 -14.91 36.25
C ALA IA 75 36.15 -13.84 35.27
N ASN IA 76 36.96 -12.88 35.70
CA ASN IA 76 37.33 -11.75 34.86
C ASN IA 76 38.77 -11.88 34.33
N VAL IA 77 39.17 -13.09 33.93
CA VAL IA 77 40.53 -13.27 33.45
C VAL IA 77 40.58 -13.31 31.93
N TYR IA 78 39.77 -14.15 31.30
CA TYR IA 78 39.70 -14.15 29.84
C TYR IA 78 39.04 -12.91 29.21
N PRO IA 79 37.91 -12.35 29.70
CA PRO IA 79 37.35 -11.18 28.99
C PRO IA 79 38.20 -9.92 29.04
N ASN IA 80 39.21 -9.85 29.89
CA ASN IA 80 40.13 -8.71 29.90
C ASN IA 80 41.57 -9.16 29.65
N PHE IA 81 41.73 -10.28 28.94
CA PHE IA 81 43.02 -10.67 28.41
C PHE IA 81 43.19 -10.14 27.00
N ARG IA 82 44.40 -9.66 26.70
CA ARG IA 82 44.79 -9.29 25.35
C ARG IA 82 46.10 -9.99 25.03
N PRO IA 83 46.19 -10.70 23.91
CA PRO IA 83 47.48 -11.30 23.54
C PRO IA 83 48.50 -10.28 23.06
N ASN IA 84 49.49 -10.00 23.90
CA ASN IA 84 50.59 -9.13 23.50
C ASN IA 84 51.93 -9.82 23.70
N THR IA 85 53.03 -9.07 23.56
CA THR IA 85 54.36 -9.66 23.54
C THR IA 85 54.76 -10.21 24.91
N LYS IA 86 54.44 -9.46 25.97
CA LYS IA 86 54.84 -9.81 27.32
C LYS IA 86 54.21 -11.13 27.76
N THR IA 87 52.88 -11.23 27.64
CA THR IA 87 52.19 -12.46 28.06
C THR IA 87 52.52 -13.64 27.16
N SER IA 88 52.82 -13.40 25.89
CA SER IA 88 53.19 -14.50 24.99
C SER IA 88 54.56 -15.08 25.36
N LEU IA 89 55.55 -14.20 25.60
CA LEU IA 89 56.86 -14.69 26.03
C LEU IA 89 56.80 -15.28 27.43
N LEU IA 90 55.89 -14.81 28.29
CA LEU IA 90 55.73 -15.43 29.59
C LEU IA 90 55.06 -16.81 29.49
N GLY IA 91 54.08 -16.97 28.60
CA GLY IA 91 53.41 -18.24 28.46
C GLY IA 91 54.24 -19.29 27.77
N ALA IA 92 55.09 -18.89 26.82
CA ALA IA 92 56.03 -19.85 26.24
C ALA IA 92 57.24 -20.07 27.15
N LEU IA 93 57.58 -19.06 27.97
CA LEU IA 93 58.74 -19.16 28.84
C LEU IA 93 58.47 -20.03 30.06
N PHE IA 94 57.21 -20.07 30.50
CA PHE IA 94 56.84 -20.73 31.75
C PHE IA 94 55.82 -21.84 31.59
N GLY IA 95 55.19 -21.98 30.42
CA GLY IA 95 54.16 -22.98 30.24
C GLY IA 95 54.63 -24.22 29.51
N ILE IA 96 55.38 -24.03 28.42
CA ILE IA 96 55.99 -25.14 27.71
C ILE IA 96 57.47 -25.30 28.05
N GLY IA 97 58.06 -24.36 28.77
CA GLY IA 97 59.45 -24.41 29.15
C GLY IA 97 59.88 -25.56 30.04
N PRO IA 98 59.29 -25.67 31.25
CA PRO IA 98 59.64 -26.79 32.13
C PRO IA 98 59.27 -28.16 31.59
N LEU IA 99 58.24 -28.25 30.74
CA LEU IA 99 57.91 -29.52 30.09
C LEU IA 99 59.04 -29.99 29.18
N ILE IA 100 59.58 -29.07 28.37
CA ILE IA 100 60.71 -29.39 27.49
C ILE IA 100 61.98 -29.69 28.30
N PHE IA 101 62.19 -28.94 29.40
CA PHE IA 101 63.37 -29.17 30.24
C PHE IA 101 63.34 -30.54 30.89
N TRP IA 102 62.23 -30.89 31.55
CA TRP IA 102 62.13 -32.21 32.16
C TRP IA 102 62.05 -33.32 31.11
N TYR IA 103 61.60 -33.01 29.89
CA TYR IA 103 61.64 -33.99 28.80
C TYR IA 103 63.08 -34.36 28.46
N TYR IA 104 63.94 -33.34 28.29
CA TYR IA 104 65.34 -33.64 28.00
C TYR IA 104 66.05 -34.31 29.16
N VAL IA 105 65.74 -33.91 30.40
CA VAL IA 105 66.38 -34.50 31.58
C VAL IA 105 66.01 -35.98 31.73
N PHE IA 106 64.70 -36.28 31.72
CA PHE IA 106 64.26 -37.65 31.91
C PHE IA 106 64.58 -38.53 30.70
N LYS IA 107 64.60 -37.94 29.50
CA LYS IA 107 64.98 -38.70 28.31
C LYS IA 107 66.45 -39.07 28.33
N THR IA 108 67.32 -38.13 28.72
CA THR IA 108 68.75 -38.41 28.82
C THR IA 108 69.03 -39.46 29.89
N ASP IA 109 68.35 -39.33 31.04
CA ASP IA 109 68.51 -40.31 32.12
C ASP IA 109 68.07 -41.70 31.71
N ARG IA 110 66.94 -41.81 31.00
CA ARG IA 110 66.46 -43.13 30.63
C ARG IA 110 67.21 -43.73 29.46
N ASP IA 111 67.71 -42.91 28.54
CA ASP IA 111 68.59 -43.43 27.49
C ASP IA 111 69.89 -43.95 28.08
N ARG IA 112 70.46 -43.20 29.05
CA ARG IA 112 71.69 -43.63 29.71
C ARG IA 112 71.49 -44.92 30.51
N LYS IA 113 70.38 -45.03 31.22
CA LYS IA 113 70.13 -46.23 32.03
C LYS IA 113 69.81 -47.43 31.15
N GLU IA 114 69.08 -47.24 30.05
CA GLU IA 114 68.80 -48.34 29.15
C GLU IA 114 70.05 -48.81 28.42
N LYS IA 115 70.94 -47.87 28.07
CA LYS IA 115 72.22 -48.23 27.47
C LYS IA 115 73.09 -49.01 28.46
N LEU IA 116 73.08 -48.61 29.74
CA LEU IA 116 73.86 -49.34 30.73
C LEU IA 116 73.27 -50.71 31.04
N ILE IA 117 71.96 -50.87 30.90
CA ILE IA 117 71.37 -52.18 31.15
C ILE IA 117 71.59 -53.12 29.95
N GLN IA 118 71.39 -52.62 28.73
CA GLN IA 118 71.52 -53.48 27.56
C GLN IA 118 72.98 -53.76 27.18
N GLU IA 119 73.93 -53.14 27.88
CA GLU IA 119 75.34 -53.48 27.78
C GLU IA 119 75.83 -54.23 29.01
N GLY IA 120 74.99 -54.40 30.02
CA GLY IA 120 75.33 -55.21 31.18
C GLY IA 120 76.27 -54.57 32.17
N LYS IA 121 75.98 -53.35 32.61
CA LYS IA 121 76.84 -52.64 33.55
C LYS IA 121 76.12 -52.16 34.80
N LEU IA 122 74.81 -51.92 34.74
CA LEU IA 122 74.08 -51.37 35.88
C LEU IA 122 73.87 -52.45 36.92
N ASP IA 123 74.18 -52.12 38.18
CA ASP IA 123 74.06 -53.07 39.29
C ASP IA 123 72.59 -53.34 39.53
N ARG IA 124 72.13 -54.50 39.06
CA ARG IA 124 70.72 -54.87 39.11
C ARG IA 124 70.62 -56.32 39.60
N THR IA 125 71.28 -56.60 40.71
CA THR IA 125 71.33 -57.98 41.21
C THR IA 125 70.05 -58.36 41.94
N PHE IA 126 69.64 -57.54 42.91
CA PHE IA 126 68.52 -57.88 43.78
C PHE IA 126 67.24 -57.17 43.37
N ASN IA 127 67.25 -56.47 42.25
CA ASN IA 127 66.09 -55.75 41.74
C ASN IA 127 65.15 -56.74 41.07
N ILE IA 128 64.09 -57.16 41.79
CA ILE IA 128 63.02 -57.93 41.20
C ILE IA 128 61.65 -57.34 41.50
N SER IA 129 61.57 -56.17 42.12
CA SER IA 129 60.33 -55.43 42.28
C SER IA 129 60.43 -54.14 41.46
N TYR IA 130 59.49 -53.96 40.55
CA TYR IA 130 59.58 -52.85 39.62
C TYR IA 130 58.19 -52.25 39.39
N VAL JA 6 -67.24 22.36 -49.67
CA VAL JA 6 -65.83 22.51 -49.34
C VAL JA 6 -65.09 21.23 -49.69
N LYS JA 7 -63.77 21.35 -49.86
CA LYS JA 7 -62.92 20.23 -50.25
C LYS JA 7 -61.74 20.17 -49.31
N GLN JA 8 -61.67 19.12 -48.51
CA GLN JA 8 -60.66 19.00 -47.48
C GLN JA 8 -60.16 17.57 -47.48
N ASP JA 9 -58.97 17.34 -46.93
CA ASP JA 9 -58.44 15.99 -46.83
C ASP JA 9 -59.23 15.21 -45.78
N MET JA 10 -60.08 14.32 -46.24
CA MET JA 10 -60.98 13.53 -45.42
C MET JA 10 -60.78 12.07 -45.73
N PRO JA 11 -61.11 11.18 -44.78
CA PRO JA 11 -61.19 9.75 -45.10
C PRO JA 11 -62.35 9.47 -46.05
N PRO JA 12 -62.32 8.36 -46.80
CA PRO JA 12 -63.39 8.09 -47.77
C PRO JA 12 -64.74 7.78 -47.14
N VAL JA 13 -65.73 7.47 -47.99
CA VAL JA 13 -67.13 7.44 -47.58
C VAL JA 13 -67.38 6.31 -46.58
N GLY JA 14 -66.91 5.11 -46.88
CA GLY JA 14 -67.01 4.05 -45.91
C GLY JA 14 -65.90 4.01 -44.89
N GLY JA 15 -64.97 4.97 -44.94
CA GLY JA 15 -63.79 4.91 -44.11
C GLY JA 15 -62.72 4.04 -44.72
N TYR JA 16 -61.59 3.96 -44.03
CA TYR JA 16 -60.52 3.09 -44.49
C TYR JA 16 -60.78 1.65 -44.04
N GLY JA 17 -60.02 0.73 -44.60
CA GLY JA 17 -60.19 -0.67 -44.31
C GLY JA 17 -59.59 -1.07 -42.98
N PRO JA 18 -59.56 -2.38 -42.71
CA PRO JA 18 -58.85 -2.85 -41.52
C PRO JA 18 -57.35 -2.68 -41.69
N ILE JA 19 -56.67 -2.45 -40.57
CA ILE JA 19 -55.22 -2.34 -40.54
C ILE JA 19 -54.69 -3.29 -39.48
N ASP JA 20 -53.84 -4.23 -39.90
CA ASP JA 20 -53.21 -5.17 -38.99
C ASP JA 20 -52.26 -4.46 -38.05
N TYR JA 21 -52.31 -4.83 -36.77
CA TYR JA 21 -51.37 -4.29 -35.81
C TYR JA 21 -50.86 -5.34 -34.83
N LYS JA 22 -51.08 -6.62 -35.08
CA LYS JA 22 -50.71 -7.64 -34.11
C LYS JA 22 -49.53 -8.47 -34.62
N ARG JA 23 -48.93 -9.21 -33.69
CA ARG JA 23 -47.83 -10.09 -34.02
C ARG JA 23 -48.31 -11.25 -34.86
N ASN JA 24 -47.61 -11.52 -35.95
CA ASN JA 24 -47.82 -12.72 -36.75
C ASN JA 24 -46.44 -13.33 -36.98
N LEU JA 25 -45.99 -14.13 -36.01
CA LEU JA 25 -44.81 -14.96 -36.22
C LEU JA 25 -45.31 -16.36 -36.58
N PRO JA 26 -45.18 -16.78 -37.82
CA PRO JA 26 -46.16 -17.73 -38.39
C PRO JA 26 -46.00 -19.22 -38.10
N ARG JA 27 -45.18 -19.62 -37.11
CA ARG JA 27 -45.09 -21.02 -36.64
C ARG JA 27 -44.67 -21.96 -37.78
N ARG JA 28 -43.40 -21.84 -38.15
CA ARG JA 28 -42.87 -22.66 -39.23
C ARG JA 28 -41.83 -23.64 -38.68
N GLY JA 29 -41.75 -24.80 -39.31
CA GLY JA 29 -40.80 -25.83 -38.95
C GLY JA 29 -41.46 -27.12 -38.53
N LEU JA 30 -40.63 -28.13 -38.35
CA LEU JA 30 -41.09 -29.40 -37.82
C LEU JA 30 -41.22 -29.32 -36.31
N SER JA 31 -41.70 -30.41 -35.72
CA SER JA 31 -41.69 -30.53 -34.27
C SER JA 31 -40.27 -30.88 -33.81
N GLY JA 32 -40.07 -30.80 -32.49
CA GLY JA 32 -38.78 -31.20 -31.93
C GLY JA 32 -38.47 -32.66 -32.13
N TYR JA 33 -39.49 -33.53 -31.97
CA TYR JA 33 -39.34 -34.96 -32.22
C TYR JA 33 -38.92 -35.23 -33.66
N SER JA 34 -39.56 -34.54 -34.62
CA SER JA 34 -39.21 -34.73 -36.02
C SER JA 34 -37.84 -34.16 -36.36
N MET JA 35 -37.43 -33.08 -35.70
CA MET JA 35 -36.10 -32.54 -35.98
C MET JA 35 -35.00 -33.44 -35.44
N PHE JA 36 -35.18 -34.00 -34.23
CA PHE JA 36 -34.22 -34.99 -33.76
C PHE JA 36 -34.29 -36.27 -34.57
N ALA JA 37 -35.46 -36.63 -35.11
CA ALA JA 37 -35.56 -37.81 -35.96
C ALA JA 37 -34.84 -37.62 -37.28
N VAL JA 38 -34.96 -36.45 -37.90
CA VAL JA 38 -34.27 -36.17 -39.15
C VAL JA 38 -32.76 -36.10 -38.93
N GLY JA 39 -32.33 -35.51 -37.81
CA GLY JA 39 -30.90 -35.45 -37.52
C GLY JA 39 -30.28 -36.81 -37.22
N ILE JA 40 -30.97 -37.63 -36.43
CA ILE JA 40 -30.47 -38.97 -36.14
C ILE JA 40 -30.54 -39.86 -37.38
N GLY JA 41 -31.52 -39.66 -38.25
CA GLY JA 41 -31.56 -40.40 -39.50
C GLY JA 41 -30.43 -40.03 -40.44
N ALA JA 42 -30.05 -38.74 -40.46
CA ALA JA 42 -28.88 -38.33 -41.23
C ALA JA 42 -27.61 -38.91 -40.66
N LEU JA 43 -27.51 -38.98 -39.33
CA LEU JA 43 -26.38 -39.65 -38.68
C LEU JA 43 -26.30 -41.12 -39.05
N LEU JA 44 -27.44 -41.81 -39.04
CA LEU JA 44 -27.43 -43.26 -39.29
C LEU JA 44 -27.16 -43.57 -40.75
N PHE JA 45 -27.66 -42.73 -41.67
CA PHE JA 45 -27.32 -42.90 -43.08
C PHE JA 45 -25.84 -42.66 -43.33
N GLY JA 46 -25.27 -41.62 -42.69
CA GLY JA 46 -23.85 -41.38 -42.81
C GLY JA 46 -23.01 -42.51 -42.22
N TYR JA 47 -23.46 -43.07 -41.09
CA TYR JA 47 -22.71 -44.16 -40.46
C TYR JA 47 -22.76 -45.42 -41.31
N TRP JA 48 -23.91 -45.70 -41.93
CA TRP JA 48 -24.04 -46.85 -42.81
C TRP JA 48 -23.16 -46.71 -44.05
N SER JA 49 -23.16 -45.51 -44.65
CA SER JA 49 -22.34 -45.25 -45.84
C SER JA 49 -20.85 -45.35 -45.52
N MET JA 50 -20.43 -44.76 -44.40
CA MET JA 50 -19.02 -44.86 -44.03
C MET JA 50 -18.64 -46.25 -43.60
N MET JA 51 -19.60 -47.03 -43.07
CA MET JA 51 -19.34 -48.42 -42.75
C MET JA 51 -19.03 -49.23 -44.00
N ARG JA 52 -19.91 -49.15 -45.00
CA ARG JA 52 -19.69 -49.86 -46.27
C ARG JA 52 -18.40 -49.41 -46.95
N TRP JA 53 -18.16 -48.10 -46.99
CA TRP JA 53 -17.01 -47.63 -47.76
C TRP JA 53 -15.69 -47.80 -47.01
N ASN JA 54 -15.67 -47.75 -45.68
CA ASN JA 54 -14.42 -48.03 -45.00
C ASN JA 54 -14.10 -49.51 -44.98
N ARG JA 55 -15.11 -50.40 -45.01
CA ARG JA 55 -14.81 -51.81 -45.21
C ARG JA 55 -14.24 -52.07 -46.60
N GLU JA 56 -14.78 -51.38 -47.62
CA GLU JA 56 -14.23 -51.51 -48.96
C GLU JA 56 -12.80 -50.98 -49.03
N ARG JA 57 -12.53 -49.87 -48.35
CA ARG JA 57 -11.18 -49.31 -48.35
C ARG JA 57 -10.19 -50.20 -47.60
N ARG JA 58 -10.64 -50.92 -46.56
CA ARG JA 58 -9.75 -51.89 -45.94
C ARG JA 58 -9.45 -53.06 -46.86
N ARG JA 59 -10.44 -53.50 -47.64
CA ARG JA 59 -10.18 -54.57 -48.61
C ARG JA 59 -9.22 -54.12 -49.71
N LEU JA 60 -9.37 -52.87 -50.16
CA LEU JA 60 -8.46 -52.33 -51.17
C LEU JA 60 -7.06 -52.13 -50.60
N GLN JA 61 -6.95 -51.80 -49.31
CA GLN JA 61 -5.66 -51.72 -48.66
C GLN JA 61 -4.99 -53.08 -48.61
N ILE JA 62 -5.75 -54.13 -48.31
CA ILE JA 62 -5.18 -55.47 -48.25
C ILE JA 62 -4.78 -55.94 -49.64
N GLU JA 63 -5.52 -55.53 -50.67
CA GLU JA 63 -5.12 -55.84 -52.05
C GLU JA 63 -3.80 -55.16 -52.43
N ASP JA 64 -3.66 -53.88 -52.08
CA ASP JA 64 -2.39 -53.18 -52.32
C ASP JA 64 -1.23 -53.80 -51.55
N PHE JA 65 -1.50 -54.23 -50.32
CA PHE JA 65 -0.43 -54.82 -49.51
C PHE JA 65 -0.01 -56.18 -50.03
N GLU JA 66 -0.96 -56.95 -50.56
CA GLU JA 66 -0.61 -58.22 -51.19
C GLU JA 66 0.16 -58.01 -52.49
N ALA JA 67 -0.12 -56.92 -53.22
CA ALA JA 67 0.71 -56.56 -54.37
C ALA JA 67 2.14 -56.26 -53.94
N ARG JA 68 2.30 -55.53 -52.84
CA ARG JA 68 3.63 -55.25 -52.30
C ARG JA 68 4.35 -56.53 -51.88
N ILE JA 69 3.63 -57.44 -51.21
CA ILE JA 69 4.22 -58.68 -50.72
C ILE JA 69 4.66 -59.56 -51.88
N ALA JA 70 3.87 -59.60 -52.96
CA ALA JA 70 4.30 -60.33 -54.14
C ALA JA 70 5.51 -59.69 -54.81
N LEU JA 71 5.66 -58.37 -54.69
CA LEU JA 71 6.83 -57.73 -55.28
C LEU JA 71 8.08 -57.78 -54.41
N MET JA 72 7.95 -58.01 -53.09
CA MET JA 72 9.10 -57.91 -52.18
C MET JA 72 10.29 -58.84 -52.44
N PRO JA 73 10.16 -60.11 -52.86
CA PRO JA 73 11.39 -60.90 -53.07
C PRO JA 73 12.26 -60.42 -54.23
N LEU JA 74 11.64 -59.96 -55.32
CA LEU JA 74 12.40 -59.36 -56.42
C LEU JA 74 13.15 -58.12 -55.97
N LEU JA 75 12.47 -57.23 -55.25
CA LEU JA 75 13.08 -56.00 -54.78
C LEU JA 75 14.16 -56.28 -53.74
N GLN JA 76 13.98 -57.33 -52.94
CA GLN JA 76 14.98 -57.68 -51.94
C GLN JA 76 16.25 -58.24 -52.58
N ALA JA 77 16.09 -59.09 -53.62
CA ALA JA 77 17.26 -59.58 -54.35
C ALA JA 77 18.00 -58.44 -55.06
N GLU JA 78 17.24 -57.52 -55.65
CA GLU JA 78 17.87 -56.38 -56.32
C GLU JA 78 18.57 -55.45 -55.32
N LYS JA 79 17.98 -55.28 -54.13
CA LYS JA 79 18.60 -54.45 -53.09
C LYS JA 79 19.87 -55.08 -52.55
N ASP JA 80 19.87 -56.42 -52.41
CA ASP JA 80 21.07 -57.14 -51.97
C ASP JA 80 22.21 -56.97 -52.97
N ARG JA 81 21.92 -57.20 -54.26
CA ARG JA 81 22.94 -57.02 -55.29
C ARG JA 81 23.36 -55.55 -55.41
N ARG JA 82 22.44 -54.63 -55.14
CA ARG JA 82 22.72 -53.19 -55.15
C ARG JA 82 23.77 -52.83 -54.09
N VAL JA 83 23.52 -53.22 -52.84
CA VAL JA 83 24.45 -52.81 -51.78
C VAL JA 83 25.76 -53.59 -51.86
N LEU JA 84 25.74 -54.82 -52.38
CA LEU JA 84 27.00 -55.54 -52.54
C LEU JA 84 27.83 -54.97 -53.69
N GLN JA 85 27.15 -54.55 -54.76
CA GLN JA 85 27.80 -53.81 -55.85
C GLN JA 85 28.46 -52.54 -55.34
N MET JA 86 27.75 -51.77 -54.50
CA MET JA 86 28.29 -50.50 -54.04
C MET JA 86 29.44 -50.70 -53.06
N LEU JA 87 29.35 -51.70 -52.18
CA LEU JA 87 30.47 -51.99 -51.28
C LEU JA 87 31.68 -52.54 -52.03
N ARG JA 88 31.48 -53.29 -53.12
CA ARG JA 88 32.61 -53.80 -53.87
C ARG JA 88 33.28 -52.68 -54.66
N GLU JA 89 32.49 -51.74 -55.19
CA GLU JA 89 33.06 -50.56 -55.85
C GLU JA 89 33.85 -49.71 -54.87
N ASN JA 90 33.32 -49.51 -53.66
CA ASN JA 90 34.05 -48.75 -52.65
C ASN JA 90 35.28 -49.50 -52.16
N LEU JA 91 35.25 -50.83 -52.15
CA LEU JA 91 36.42 -51.60 -51.75
C LEU JA 91 37.53 -51.51 -52.79
N GLU JA 92 37.19 -51.59 -54.07
CA GLU JA 92 38.20 -51.43 -55.11
C GLU JA 92 38.77 -50.02 -55.14
N GLU JA 93 37.94 -49.01 -54.86
CA GLU JA 93 38.49 -47.66 -54.83
C GLU JA 93 39.29 -47.40 -53.56
N GLU JA 94 38.95 -48.07 -52.46
CA GLU JA 94 39.80 -48.05 -51.27
C GLU JA 94 41.14 -48.71 -51.54
N ALA JA 95 41.15 -49.77 -52.35
CA ALA JA 95 42.39 -50.43 -52.68
C ALA JA 95 43.26 -49.58 -53.60
N THR JA 96 42.64 -48.83 -54.52
CA THR JA 96 43.45 -47.98 -55.40
C THR JA 96 43.68 -46.58 -54.85
N ILE JA 97 43.13 -46.24 -53.69
CA ILE JA 97 43.47 -45.00 -52.99
C ILE JA 97 44.44 -45.25 -51.85
N MET JA 98 44.08 -46.13 -50.92
CA MET JA 98 44.87 -46.37 -49.72
C MET JA 98 46.04 -47.31 -50.05
N LYS JA 99 47.06 -46.74 -50.69
CA LYS JA 99 48.31 -47.42 -50.96
C LYS JA 99 49.50 -46.81 -50.24
N ASP JA 100 49.63 -45.48 -50.27
CA ASP JA 100 50.76 -44.81 -49.64
C ASP JA 100 50.69 -44.91 -48.12
N VAL JA 101 49.50 -45.03 -47.55
CA VAL JA 101 49.31 -45.11 -46.11
C VAL JA 101 49.76 -46.47 -45.61
N PRO JA 102 50.70 -46.53 -44.67
CA PRO JA 102 51.16 -47.83 -44.17
C PRO JA 102 50.24 -48.38 -43.10
N GLY JA 103 50.28 -49.71 -42.97
CA GLY JA 103 49.50 -50.37 -41.93
C GLY JA 103 48.02 -50.42 -42.19
N TRP JA 104 47.59 -50.26 -43.43
CA TRP JA 104 46.19 -50.23 -43.79
C TRP JA 104 45.76 -51.58 -44.34
N LYS JA 105 44.55 -52.00 -43.99
CA LYS JA 105 43.95 -53.21 -44.52
C LYS JA 105 42.66 -52.84 -45.23
N VAL JA 106 42.60 -53.08 -46.53
CA VAL JA 106 41.41 -52.71 -47.30
C VAL JA 106 40.29 -53.68 -46.97
N GLY JA 107 39.10 -53.13 -46.74
CA GLY JA 107 37.98 -53.92 -46.29
C GLY JA 107 38.12 -54.43 -44.88
N GLU JA 108 38.78 -53.68 -44.01
CA GLU JA 108 38.85 -54.05 -42.60
C GLU JA 108 37.51 -53.75 -41.93
N SER JA 109 36.90 -54.77 -41.35
CA SER JA 109 35.67 -54.56 -40.60
C SER JA 109 35.99 -53.94 -39.25
N VAL JA 110 35.26 -52.89 -38.89
CA VAL JA 110 35.43 -52.22 -37.60
C VAL JA 110 34.77 -52.96 -36.46
N PHE JA 111 34.16 -54.11 -36.72
CA PHE JA 111 33.50 -54.94 -35.73
C PHE JA 111 34.38 -56.14 -35.41
N HIS JA 112 34.19 -56.70 -34.22
CA HIS JA 112 34.91 -57.91 -33.85
C HIS JA 112 34.17 -59.17 -34.26
N THR JA 113 32.97 -59.03 -34.81
CA THR JA 113 32.19 -60.15 -35.29
C THR JA 113 32.30 -60.26 -36.81
N THR JA 114 32.03 -61.46 -37.32
CA THR JA 114 31.98 -61.70 -38.75
C THR JA 114 30.55 -61.71 -39.26
N ARG JA 115 29.58 -61.37 -38.42
CA ARG JA 115 28.21 -61.23 -38.83
C ARG JA 115 28.07 -60.05 -39.79
N TRP JA 116 27.22 -60.24 -40.81
CA TRP JA 116 26.90 -59.15 -41.72
C TRP JA 116 26.24 -57.99 -40.99
N VAL JA 117 26.85 -56.82 -41.10
CA VAL JA 117 26.30 -55.59 -40.55
C VAL JA 117 25.70 -54.80 -41.70
N THR JA 118 24.49 -54.26 -41.49
CA THR JA 118 23.81 -53.49 -42.52
C THR JA 118 24.59 -52.22 -42.80
N PRO JA 119 24.91 -51.93 -44.06
CA PRO JA 119 25.80 -50.80 -44.37
C PRO JA 119 25.13 -49.46 -44.16
N MET JA 120 25.91 -48.53 -43.62
CA MET JA 120 25.51 -47.16 -43.39
C MET JA 120 25.44 -46.41 -44.73
N MET JA 121 24.87 -45.20 -44.71
CA MET JA 121 24.75 -44.39 -45.92
C MET JA 121 26.12 -44.02 -46.49
N GLY JA 122 27.07 -43.68 -45.64
CA GLY JA 122 28.40 -43.35 -46.13
C GLY JA 122 29.30 -44.51 -46.42
N GLU JA 123 28.87 -45.73 -46.13
CA GLU JA 123 29.60 -46.87 -46.65
C GLU JA 123 29.23 -47.16 -48.10
N LEU JA 124 28.01 -46.79 -48.50
CA LEU JA 124 27.52 -47.03 -49.84
C LEU JA 124 27.73 -45.84 -50.75
N TYR JA 125 27.15 -44.69 -50.41
CA TYR JA 125 27.22 -43.48 -51.21
C TYR JA 125 28.34 -42.55 -50.75
N GLY JA 126 29.36 -43.09 -50.11
CA GLY JA 126 30.37 -42.26 -49.47
C GLY JA 126 31.33 -41.58 -50.42
N LEU JA 127 31.86 -42.33 -51.39
CA LEU JA 127 32.82 -41.79 -52.34
C LEU JA 127 32.15 -41.21 -53.57
N ARG JA 128 30.86 -40.95 -53.52
CA ARG JA 128 30.08 -40.55 -54.68
C ARG JA 128 29.85 -39.04 -54.66
N THR JA 129 29.17 -38.55 -55.69
CA THR JA 129 28.93 -37.11 -55.82
C THR JA 129 27.88 -36.64 -54.83
N GLY JA 130 27.83 -35.31 -54.66
CA GLY JA 130 26.93 -34.74 -53.67
C GLY JA 130 25.47 -34.78 -54.09
N GLU JA 131 25.20 -34.87 -55.39
CA GLU JA 131 23.82 -34.96 -55.86
C GLU JA 131 23.22 -36.32 -55.50
N GLU JA 132 24.01 -37.38 -55.62
CA GLU JA 132 23.55 -38.70 -55.22
C GLU JA 132 23.41 -38.79 -53.70
N ILE JA 133 24.26 -38.10 -52.96
CA ILE JA 133 24.13 -38.07 -51.51
C ILE JA 133 22.88 -37.32 -51.09
N LEU JA 134 22.57 -36.21 -51.77
CA LEU JA 134 21.33 -35.47 -51.51
C LEU JA 134 20.10 -36.33 -51.80
N SER JA 135 20.07 -36.97 -52.97
CA SER JA 135 18.93 -37.81 -53.33
C SER JA 135 18.86 -39.08 -52.49
N SER JA 136 19.96 -39.47 -51.83
CA SER JA 136 19.94 -40.65 -50.98
C SER JA 136 19.51 -40.34 -49.56
N THR JA 137 19.95 -39.22 -49.00
CA THR JA 137 19.73 -38.98 -47.58
C THR JA 137 18.69 -37.91 -47.27
N TYR JA 138 18.31 -37.06 -48.24
CA TYR JA 138 17.20 -36.13 -48.04
C TYR JA 138 16.18 -36.24 -49.15
N GLY JA 139 16.19 -37.32 -49.92
CA GLY JA 139 15.26 -37.44 -51.03
C GLY JA 139 13.82 -37.58 -50.61
N PHE JA 140 13.53 -38.63 -49.83
CA PHE JA 140 12.18 -38.89 -49.38
C PHE JA 140 11.70 -37.86 -48.38
N ILE JA 141 12.61 -37.32 -47.57
CA ILE JA 141 12.24 -36.36 -46.54
C ILE JA 141 11.78 -35.05 -47.17
N TRP JA 142 12.43 -34.64 -48.25
CA TRP JA 142 12.12 -33.38 -48.91
C TRP JA 142 11.13 -33.53 -50.05
N TYR JA 143 10.65 -34.73 -50.34
CA TYR JA 143 9.82 -34.93 -51.52
C TYR JA 143 8.42 -34.41 -51.24
N THR JA 144 8.24 -33.13 -51.58
CA THR JA 144 6.95 -32.47 -51.74
C THR JA 144 6.09 -32.48 -50.48
N SER KA 2 44.16 16.87 74.93
CA SER KA 2 42.73 16.83 75.22
C SER KA 2 42.26 15.40 75.43
N GLY KA 3 41.22 15.24 76.24
CA GLY KA 3 40.66 13.93 76.49
C GLY KA 3 39.48 13.60 75.60
N TYR KA 4 38.46 12.97 76.16
CA TYR KA 4 37.28 12.63 75.39
C TYR KA 4 36.41 13.87 75.14
N THR KA 5 35.39 13.68 74.31
CA THR KA 5 34.32 14.65 74.14
C THR KA 5 33.21 14.33 75.14
N PRO KA 6 32.25 15.24 75.37
CA PRO KA 6 31.08 14.87 76.18
C PRO KA 6 30.25 13.74 75.59
N ASP KA 7 30.13 13.69 74.26
CA ASP KA 7 29.35 12.64 73.60
C ASP KA 7 30.02 11.27 73.77
N GLU KA 8 31.35 11.22 73.62
CA GLU KA 8 32.07 9.97 73.82
C GLU KA 8 32.00 9.51 75.28
N LYS KA 9 32.07 10.44 76.23
CA LYS KA 9 31.96 10.06 77.64
C LYS KA 9 30.58 9.52 77.95
N LEU KA 10 29.53 10.13 77.38
CA LEU KA 10 28.18 9.64 77.60
C LEU KA 10 27.97 8.26 76.98
N ARG KA 11 28.46 8.06 75.75
CA ARG KA 11 28.29 6.77 75.08
C ARG KA 11 29.08 5.67 75.77
N LEU KA 12 30.31 5.96 76.18
CA LEU KA 12 31.11 4.96 76.89
C LEU KA 12 30.55 4.66 78.26
N GLN KA 13 29.94 5.64 78.94
CA GLN KA 13 29.35 5.37 80.25
C GLN KA 13 28.08 4.53 80.12
N GLN KA 14 27.27 4.80 79.10
CA GLN KA 14 26.03 4.02 78.93
C GLN KA 14 26.32 2.60 78.43
N LEU KA 15 27.27 2.46 77.48
CA LEU KA 15 27.75 1.15 77.09
C LEU KA 15 28.39 0.41 78.24
N ARG KA 16 29.06 1.13 79.15
CA ARG KA 16 29.68 0.51 80.32
C ARG KA 16 28.63 0.01 81.29
N GLU KA 17 27.56 0.77 81.50
CA GLU KA 17 26.51 0.33 82.41
C GLU KA 17 25.77 -0.89 81.85
N LEU KA 18 25.46 -0.88 80.55
CA LEU KA 18 24.83 -2.06 79.95
C LEU KA 18 25.78 -3.26 79.90
N ARG KA 19 27.08 -3.02 79.69
CA ARG KA 19 28.05 -4.10 79.66
C ARG KA 19 28.23 -4.73 81.03
N ARG KA 20 28.20 -3.92 82.09
CA ARG KA 20 28.28 -4.48 83.43
C ARG KA 20 26.99 -5.19 83.82
N ARG KA 21 25.84 -4.71 83.33
CA ARG KA 21 24.59 -5.46 83.50
C ARG KA 21 24.64 -6.81 82.83
N TRP KA 22 25.20 -6.87 81.61
CA TRP KA 22 25.33 -8.13 80.88
C TRP KA 22 26.29 -9.08 81.59
N LEU KA 23 27.46 -8.58 81.99
CA LEU KA 23 28.45 -9.41 82.68
C LEU KA 23 27.93 -9.92 84.01
N LYS KA 24 27.18 -9.09 84.75
CA LYS KA 24 26.58 -9.54 85.99
C LYS KA 24 25.49 -10.56 85.74
N ASP KA 25 24.78 -10.44 84.62
CA ASP KA 25 23.76 -11.41 84.27
C ASP KA 25 24.30 -12.60 83.49
N GLN KA 26 25.62 -12.72 83.33
CA GLN KA 26 26.22 -13.96 82.86
C GLN KA 26 26.54 -14.95 83.97
N GLU KA 27 26.22 -14.61 85.22
CA GLU KA 27 26.48 -15.53 86.31
C GLU KA 27 25.42 -16.63 86.38
N LEU KA 28 25.62 -17.55 87.30
CA LEU KA 28 24.66 -18.64 87.50
C LEU KA 28 23.76 -18.36 88.70
N SER KA 29 22.58 -18.97 88.65
CA SER KA 29 21.72 -19.12 89.80
C SER KA 29 22.27 -20.27 90.66
N PRO KA 30 21.84 -20.38 91.93
CA PRO KA 30 22.29 -21.54 92.73
C PRO KA 30 21.71 -22.87 92.27
N ARG KA 31 20.53 -22.89 91.65
CA ARG KA 31 19.97 -24.15 91.18
C ARG KA 31 20.57 -24.58 89.85
N GLU KA 32 21.21 -23.68 89.13
CA GLU KA 32 21.79 -24.00 87.84
C GLU KA 32 23.22 -24.50 88.03
N PRO KA 33 23.63 -25.59 87.35
CA PRO KA 33 22.89 -26.39 86.37
C PRO KA 33 21.88 -27.37 86.97
N VAL KA 34 20.67 -27.37 86.42
CA VAL KA 34 19.61 -28.26 86.87
C VAL KA 34 19.87 -29.62 86.22
N LEU KA 35 20.43 -30.53 86.98
CA LEU KA 35 20.81 -31.79 86.36
C LEU KA 35 19.64 -32.78 86.35
N PRO KA 36 19.51 -33.53 85.26
CA PRO KA 36 18.44 -34.53 85.16
C PRO KA 36 18.70 -35.69 86.12
N PRO KA 37 17.66 -36.47 86.45
CA PRO KA 37 17.88 -37.67 87.26
C PRO KA 37 18.71 -38.71 86.52
N ARG KA 38 19.68 -39.29 87.22
CA ARG KA 38 20.56 -40.30 86.64
C ARG KA 38 20.38 -41.66 87.29
N ARG KA 66 36.16 -54.58 93.03
CA ARG KA 66 36.34 -53.27 92.41
C ARG KA 66 37.09 -52.35 93.38
N HIS KA 67 38.34 -52.67 93.62
CA HIS KA 67 39.29 -51.77 94.28
C HIS KA 67 40.58 -51.61 93.50
N SER KA 68 41.06 -52.70 92.88
CA SER KA 68 42.18 -52.67 91.95
C SER KA 68 41.69 -53.17 90.60
N ILE KA 69 40.52 -52.65 90.18
CA ILE KA 69 39.91 -53.05 88.93
C ILE KA 69 40.72 -52.58 87.73
N PHE KA 70 41.54 -51.54 87.90
CA PHE KA 70 42.41 -51.07 86.82
C PHE KA 70 43.43 -52.13 86.44
N ALA KA 71 44.19 -52.62 87.42
CA ALA KA 71 45.23 -53.62 87.18
C ALA KA 71 44.66 -54.97 86.77
N PHE KA 72 43.37 -55.21 87.00
CA PHE KA 72 42.74 -56.39 86.42
C PHE KA 72 42.34 -56.15 84.97
N THR KA 73 41.42 -55.22 84.73
CA THR KA 73 40.80 -55.03 83.43
C THR KA 73 41.74 -54.49 82.37
N HIS KA 74 42.73 -53.67 82.72
CA HIS KA 74 43.62 -53.10 81.72
C HIS KA 74 44.92 -53.85 81.55
N VAL KA 75 45.25 -54.76 82.47
CA VAL KA 75 46.51 -55.47 82.39
C VAL KA 75 46.25 -56.96 82.27
N LEU KA 76 45.61 -57.53 83.29
CA LEU KA 76 45.62 -58.97 83.47
C LEU KA 76 44.67 -59.66 82.49
N ILE KA 77 43.69 -58.94 81.95
CA ILE KA 77 42.90 -59.46 80.84
C ILE KA 77 43.63 -59.24 79.51
N PRO KA 78 44.24 -58.07 79.20
CA PRO KA 78 45.06 -58.01 77.98
C PRO KA 78 46.30 -58.89 77.99
N VAL KA 79 46.91 -59.19 79.14
CA VAL KA 79 48.01 -60.15 79.16
C VAL KA 79 47.50 -61.53 78.78
N TRP KA 80 46.30 -61.90 79.26
CA TRP KA 80 45.65 -63.15 78.87
C TRP KA 80 45.38 -63.19 77.37
N ILE KA 81 44.84 -62.10 76.81
CA ILE KA 81 44.47 -62.07 75.40
C ILE KA 81 45.71 -62.13 74.50
N ILE KA 82 46.71 -61.29 74.79
CA ILE KA 82 47.92 -61.25 73.99
C ILE KA 82 48.76 -62.52 74.17
N HIS KA 83 48.73 -63.12 75.35
CA HIS KA 83 49.49 -64.35 75.55
C HIS KA 83 48.84 -65.53 74.85
N TYR KA 84 47.50 -65.60 74.88
CA TYR KA 84 46.78 -66.61 74.11
C TYR KA 84 47.02 -66.42 72.62
N TYR KA 85 47.00 -65.17 72.16
CA TYR KA 85 47.23 -64.83 70.76
C TYR KA 85 48.61 -65.23 70.29
N LEU KA 86 49.65 -64.75 70.99
CA LEU KA 86 51.03 -65.06 70.62
C LEU KA 86 51.37 -66.54 70.83
N LYS KA 87 50.68 -67.21 71.74
CA LYS KA 87 51.04 -68.58 72.04
C LYS KA 87 50.38 -69.56 71.08
N TYR KA 88 49.16 -69.29 70.63
CA TYR KA 88 48.46 -70.26 69.80
C TYR KA 88 48.08 -69.75 68.42
N HIS KA 89 48.52 -68.56 68.02
CA HIS KA 89 48.29 -68.11 66.65
C HIS KA 89 49.49 -67.45 66.00
N VAL KA 90 50.48 -66.99 66.76
CA VAL KA 90 51.66 -66.36 66.21
C VAL KA 90 52.85 -67.30 66.19
N THR KA 91 53.18 -67.91 67.32
CA THR KA 91 54.29 -68.85 67.35
C THR KA 91 53.96 -70.20 66.73
N THR KA 92 52.71 -70.45 66.40
CA THR KA 92 52.36 -71.64 65.64
C THR KA 92 52.60 -71.48 64.15
N LYS KA 93 52.90 -70.26 63.70
CA LYS KA 93 53.27 -69.82 62.36
C LYS KA 93 54.78 -69.62 62.29
N PRO KA 94 55.42 -69.98 61.18
CA PRO KA 94 56.89 -69.98 61.15
C PRO KA 94 57.46 -68.58 61.03
N TYR KA 95 58.59 -68.37 61.72
CA TYR KA 95 59.45 -67.19 61.65
C TYR KA 95 58.73 -65.90 62.06
N THR KA 96 57.66 -66.02 62.85
CA THR KA 96 56.95 -64.83 63.29
C THR KA 96 57.67 -64.18 64.47
N ILE KA 97 57.82 -64.90 65.57
CA ILE KA 97 58.67 -64.46 66.65
C ILE KA 97 60.00 -65.18 66.49
N VAL KA 98 60.97 -64.46 65.94
CA VAL KA 98 62.33 -64.96 65.83
C VAL KA 98 63.17 -64.27 66.91
N GLU KA 99 63.84 -65.08 67.71
CA GLU KA 99 64.62 -64.62 68.85
C GLU KA 99 66.10 -64.74 68.52
N LYS KA 100 66.88 -63.73 68.90
CA LYS KA 100 68.33 -63.84 68.82
C LYS KA 100 68.78 -64.92 69.80
N LYS KA 101 69.66 -65.81 69.33
CA LYS KA 101 70.08 -66.94 70.15
C LYS KA 101 70.92 -66.45 71.32
N PRO KA 102 70.78 -67.06 72.50
CA PRO KA 102 71.42 -66.51 73.69
C PRO KA 102 72.94 -66.65 73.64
N ARG KA 103 73.59 -65.79 74.41
CA ARG KA 103 75.03 -65.58 74.27
C ARG KA 103 75.79 -66.65 75.04
N ILE KA 104 76.60 -67.43 74.32
CA ILE KA 104 77.34 -68.56 74.89
C ILE KA 104 78.74 -68.10 75.25
N PHE KA 105 79.14 -68.34 76.49
CA PHE KA 105 80.47 -68.03 76.98
C PHE KA 105 81.25 -69.30 77.26
N PRO KA 106 82.59 -69.21 77.29
CA PRO KA 106 83.37 -70.31 77.86
C PRO KA 106 83.08 -70.48 79.35
N GLY KA 107 82.61 -71.67 79.71
CA GLY KA 107 82.23 -71.98 81.07
C GLY KA 107 80.76 -72.27 81.24
N ASP KA 108 79.94 -72.03 80.23
CA ASP KA 108 78.50 -72.24 80.33
C ASP KA 108 78.16 -73.72 80.21
N THR KA 109 76.86 -74.01 80.32
CA THR KA 109 76.35 -75.36 80.15
C THR KA 109 75.09 -75.30 79.31
N ILE KA 110 75.09 -76.05 78.21
CA ILE KA 110 73.93 -76.09 77.32
C ILE KA 110 72.81 -76.87 77.99
N LEU KA 111 71.66 -76.21 78.18
CA LEU KA 111 70.54 -76.87 78.86
C LEU KA 111 69.86 -77.92 78.00
N GLU KA 112 70.15 -77.96 76.70
CA GLU KA 112 69.60 -79.00 75.85
C GLU KA 112 70.52 -80.21 75.75
N THR KA 113 71.82 -80.03 75.98
CA THR KA 113 72.79 -81.10 75.84
C THR KA 113 73.50 -81.43 77.14
N GLY KA 114 74.02 -80.43 77.85
CA GLY KA 114 74.80 -80.65 79.04
C GLY KA 114 76.29 -80.49 78.86
N GLU KA 115 76.74 -80.24 77.63
CA GLU KA 115 78.17 -80.11 77.34
C GLU KA 115 78.67 -78.78 77.87
N VAL KA 116 79.59 -78.84 78.83
CA VAL KA 116 80.21 -77.63 79.36
C VAL KA 116 81.16 -77.06 78.31
N ILE KA 117 80.91 -75.83 77.89
CA ILE KA 117 81.80 -75.13 76.96
C ILE KA 117 83.15 -74.92 77.64
N PRO KA 118 84.26 -75.32 77.02
CA PRO KA 118 85.54 -75.29 77.72
C PRO KA 118 86.03 -73.86 77.92
N PRO KA 119 86.71 -73.58 79.03
CA PRO KA 119 87.17 -72.21 79.29
C PRO KA 119 88.30 -71.81 78.36
N MET KA 120 88.65 -70.53 78.43
CA MET KA 120 89.62 -69.95 77.53
C MET KA 120 91.04 -70.39 77.87
N LYS KA 121 91.95 -70.13 76.95
CA LYS KA 121 93.38 -70.32 77.17
C LYS KA 121 93.84 -69.38 78.29
N GLU KA 122 94.84 -69.84 79.06
CA GLU KA 122 95.33 -69.07 80.20
C GLU KA 122 95.93 -67.75 79.74
N PHE KA 123 95.67 -66.71 80.52
CA PHE KA 123 95.98 -65.37 80.05
C PHE KA 123 97.45 -65.07 80.27
N PRO KA 124 98.11 -64.39 79.33
CA PRO KA 124 99.42 -63.80 79.63
C PRO KA 124 99.25 -62.59 80.54
N ASP KA 125 99.19 -62.86 81.85
CA ASP KA 125 98.71 -61.91 82.85
C ASP KA 125 99.57 -60.65 82.89
N GLN KA 126 98.89 -59.51 83.07
CA GLN KA 126 99.48 -58.20 82.85
C GLN KA 126 99.72 -57.41 84.12
N HIS KA 127 99.09 -57.79 85.23
CA HIS KA 127 99.17 -57.03 86.46
C HIS KA 127 98.80 -57.90 87.67
N GLY LA 2 98.62 -32.59 70.08
CA GLY LA 2 98.31 -32.11 68.75
C GLY LA 2 99.46 -31.32 68.14
N ALA LA 3 100.67 -31.83 68.31
CA ALA LA 3 101.85 -31.20 67.70
C ALA LA 3 102.26 -31.88 66.41
N HIS LA 4 102.07 -33.20 66.32
CA HIS LA 4 102.38 -33.93 65.08
C HIS LA 4 101.41 -33.59 63.96
N LEU LA 5 100.21 -33.11 64.29
CA LEU LA 5 99.33 -32.50 63.30
C LEU LA 5 100.01 -31.32 62.63
N ALA LA 6 100.59 -30.42 63.43
CA ALA LA 6 101.31 -29.28 62.89
C ALA LA 6 102.65 -29.67 62.30
N ARG LA 7 103.18 -30.84 62.65
CA ARG LA 7 104.42 -31.31 62.04
C ARG LA 7 104.17 -31.98 60.69
N ARG LA 8 102.98 -32.53 60.47
CA ARG LA 8 102.63 -33.06 59.16
C ARG LA 8 102.04 -31.99 58.25
N TYR LA 9 101.35 -31.00 58.80
CA TYR LA 9 100.66 -30.04 57.95
C TYR LA 9 101.50 -28.81 57.64
N LEU LA 10 102.07 -28.17 58.66
CA LEU LA 10 102.69 -26.87 58.49
C LEU LA 10 104.20 -26.92 58.27
N GLY LA 11 104.83 -28.07 58.50
CA GLY LA 11 106.25 -28.22 58.20
C GLY LA 11 106.47 -29.00 56.92
N ASP LA 12 107.08 -30.18 57.04
CA ASP LA 12 107.25 -31.09 55.93
C ASP LA 12 106.42 -32.36 56.14
N ALA LA 13 105.92 -32.90 55.04
CA ALA LA 13 105.07 -34.09 55.10
C ALA LA 13 105.83 -35.38 54.77
N SER LA 14 107.06 -35.27 54.25
CA SER LA 14 107.82 -36.47 53.92
C SER LA 14 108.35 -37.20 55.14
N VAL LA 15 108.55 -36.50 56.26
CA VAL LA 15 109.11 -37.12 57.45
C VAL LA 15 108.03 -37.57 58.44
N GLU LA 16 106.82 -37.02 58.36
CA GLU LA 16 105.82 -37.49 59.32
C GLU LA 16 105.07 -38.70 58.77
N PRO LA 17 104.81 -39.69 59.61
CA PRO LA 17 104.08 -40.89 59.16
C PRO LA 17 102.64 -40.57 58.86
N GLU LA 18 102.23 -40.85 57.63
CA GLU LA 18 100.87 -40.58 57.20
C GLU LA 18 99.93 -41.62 57.80
N PRO LA 19 98.74 -41.22 58.25
CA PRO LA 19 97.87 -42.16 58.97
C PRO LA 19 97.22 -43.20 58.08
N LEU LA 20 96.97 -42.89 56.81
CA LEU LA 20 96.07 -43.72 56.01
C LEU LA 20 96.76 -44.99 55.52
N ARG LA 21 97.98 -44.89 55.00
CA ARG LA 21 98.70 -46.06 54.49
C ARG LA 21 100.03 -46.21 55.24
N MET LA 22 99.99 -47.01 56.31
CA MET LA 22 101.15 -47.27 57.14
C MET LA 22 100.86 -48.55 57.93
N PRO LA 23 101.88 -49.35 58.29
CA PRO LA 23 103.34 -49.24 58.15
C PRO LA 23 103.89 -49.45 56.74
N THR LA 24 104.81 -48.58 56.33
CA THR LA 24 105.45 -48.66 55.02
C THR LA 24 106.81 -49.33 55.09
N PHE LA 25 107.20 -49.85 56.24
CA PHE LA 25 108.43 -50.59 56.45
C PHE LA 25 108.11 -52.04 56.80
N PRO LA 26 109.03 -52.98 56.54
CA PRO LA 26 108.78 -54.36 56.94
C PRO LA 26 108.79 -54.50 58.45
N PRO LA 27 108.02 -55.44 59.00
CA PRO LA 27 108.06 -55.66 60.46
C PRO LA 27 109.35 -56.32 60.94
N ASP LA 28 110.14 -56.90 60.04
CA ASP LA 28 111.46 -57.43 60.37
C ASP LA 28 112.58 -56.42 60.15
N TYR LA 29 112.26 -55.25 59.58
CA TYR LA 29 113.25 -54.21 59.35
C TYR LA 29 113.65 -53.55 60.67
N GLY LA 30 114.71 -54.03 61.29
CA GLY LA 30 115.21 -53.44 62.52
C GLY LA 30 114.98 -54.27 63.77
N PHE LA 31 114.26 -55.38 63.68
CA PHE LA 31 113.95 -56.22 64.82
C PHE LA 31 114.66 -57.56 64.72
N PRO LA 32 115.55 -57.90 65.64
CA PRO LA 32 116.08 -59.27 65.69
C PRO LA 32 115.14 -60.20 66.43
N GLU LA 33 114.58 -61.17 65.68
CA GLU LA 33 113.66 -62.21 66.18
C GLU LA 33 112.43 -61.60 66.86
N ARG LA 34 111.64 -60.87 66.07
CA ARG LA 34 110.39 -60.30 66.55
C ARG LA 34 109.31 -61.37 66.57
N LYS LA 35 108.47 -61.35 67.59
CA LYS LA 35 107.48 -62.40 67.79
C LYS LA 35 106.07 -61.90 67.48
N GLU LA 36 105.19 -62.85 67.17
CA GLU LA 36 103.81 -62.56 66.83
C GLU LA 36 103.02 -62.17 68.07
N ARG LA 37 101.76 -61.80 67.85
CA ARG LA 37 100.85 -61.53 68.95
C ARG LA 37 99.97 -62.74 69.20
N GLU LA 38 99.99 -63.24 70.44
CA GLU LA 38 99.14 -64.36 70.81
C GLU LA 38 97.68 -63.95 70.80
N MET LA 39 96.84 -64.77 70.16
CA MET LA 39 95.40 -64.56 70.17
C MET LA 39 94.81 -65.50 71.21
N VAL LA 40 94.39 -64.93 72.33
CA VAL LA 40 93.95 -65.74 73.46
C VAL LA 40 92.55 -66.30 73.21
N ALA LA 41 91.64 -65.46 72.72
CA ALA LA 41 90.28 -65.90 72.45
C ALA LA 41 90.24 -66.71 71.16
N THR LA 42 89.69 -67.92 71.25
CA THR LA 42 89.51 -68.76 70.09
C THR LA 42 88.43 -68.15 69.20
N GLN LA 43 88.53 -68.42 67.89
CA GLN LA 43 87.64 -67.83 66.90
C GLN LA 43 86.19 -68.26 67.12
N GLN LA 44 85.98 -69.55 67.40
CA GLN LA 44 84.63 -70.03 67.68
C GLN LA 44 84.10 -69.50 69.01
N GLU LA 45 84.99 -69.21 69.96
CA GLU LA 45 84.57 -68.62 71.24
C GLU LA 45 83.98 -67.23 71.04
N MET LA 46 84.70 -66.34 70.36
CA MET LA 46 84.17 -65.00 70.14
C MET LA 46 83.12 -64.97 69.03
N ASN LA 47 82.99 -66.05 68.26
CA ASN LA 47 81.83 -66.21 67.40
C ASN LA 47 80.59 -66.54 68.23
N ASP LA 48 80.75 -67.38 69.25
CA ASP LA 48 79.62 -67.76 70.10
C ASP LA 48 79.20 -66.64 71.04
N ALA LA 49 80.14 -65.83 71.50
CA ALA LA 49 79.80 -64.72 72.39
C ALA LA 49 79.28 -63.50 71.65
N GLN LA 50 79.21 -63.57 70.31
CA GLN LA 50 78.52 -62.59 69.45
C GLN LA 50 79.12 -61.20 69.60
N LEU LA 51 80.44 -61.12 69.58
CA LEU LA 51 81.10 -59.83 69.72
C LEU LA 51 80.95 -59.01 68.46
N VAL LA 52 80.89 -57.69 68.64
CA VAL LA 52 80.92 -56.76 67.52
C VAL LA 52 82.25 -56.90 66.79
N LEU LA 53 82.22 -56.76 65.46
CA LEU LA 53 83.42 -56.95 64.66
C LEU LA 53 84.48 -55.89 64.92
N GLN LA 54 84.10 -54.73 65.46
CA GLN LA 54 85.10 -53.78 65.94
C GLN LA 54 85.73 -54.27 67.25
N GLN LA 55 85.03 -55.12 67.99
CA GLN LA 55 85.48 -55.61 69.28
C GLN LA 55 86.14 -56.98 69.20
N ARG LA 56 86.34 -57.52 68.01
CA ARG LA 56 87.03 -58.80 67.86
C ARG LA 56 88.52 -58.59 67.59
N ASP LA 57 89.17 -57.85 68.47
CA ASP LA 57 90.59 -57.55 68.35
C ASP LA 57 91.41 -58.56 69.15
N TYR LA 58 92.70 -58.27 69.35
CA TYR LA 58 93.62 -59.14 70.11
C TYR LA 58 93.41 -59.08 71.62
N CYS LA 59 92.36 -58.44 72.13
CA CYS LA 59 92.12 -58.37 73.56
C CYS LA 59 90.65 -58.58 73.86
N ALA LA 60 90.04 -59.55 73.18
CA ALA LA 60 88.62 -59.83 73.33
C ALA LA 60 88.32 -60.82 74.45
N HIS LA 61 89.34 -61.46 75.03
CA HIS LA 61 89.10 -62.43 76.09
C HIS LA 61 88.70 -61.75 77.40
N TYR LA 62 89.27 -60.57 77.67
CA TYR LA 62 88.82 -59.79 78.81
C TYR LA 62 87.41 -59.29 78.62
N LEU LA 63 87.04 -58.95 77.37
CA LEU LA 63 85.68 -58.52 77.08
C LEU LA 63 84.70 -59.68 77.21
N ILE LA 64 85.11 -60.90 76.85
CA ILE LA 64 84.27 -62.08 77.04
C ILE LA 64 84.04 -62.35 78.52
N ARG LA 65 85.12 -62.29 79.32
CA ARG LA 65 84.98 -62.50 80.77
C ARG LA 65 84.15 -61.40 81.42
N PHE LA 66 84.26 -60.17 80.92
CA PHE LA 66 83.47 -59.07 81.50
C PHE LA 66 82.00 -59.18 81.14
N LEU LA 67 81.67 -59.59 79.91
CA LEU LA 67 80.28 -59.80 79.56
C LEU LA 67 79.69 -60.99 80.31
N LYS LA 68 80.50 -62.03 80.54
CA LYS LA 68 80.04 -63.17 81.33
C LYS LA 68 79.82 -62.78 82.79
N CYS LA 69 80.66 -61.90 83.32
CA CYS LA 69 80.45 -61.37 84.66
C CYS LA 69 79.18 -60.54 84.74
N LYS LA 70 78.95 -59.68 83.75
CA LYS LA 70 77.78 -58.82 83.75
C LYS LA 70 76.49 -59.62 83.64
N ARG LA 71 76.51 -60.73 82.90
CA ARG LA 71 75.36 -61.61 82.88
C ARG LA 71 75.20 -62.34 84.21
N ASP LA 72 76.29 -62.88 84.75
CA ASP LA 72 76.21 -63.72 85.94
C ASP LA 72 76.02 -62.94 87.23
N SER LA 73 76.09 -61.60 87.19
CA SER LA 73 75.91 -60.79 88.38
C SER LA 73 74.67 -59.89 88.30
N PHE LA 74 73.67 -60.29 87.51
CA PHE LA 74 72.41 -59.56 87.46
C PHE LA 74 71.68 -59.71 88.79
N PRO LA 75 71.03 -58.64 89.29
CA PRO LA 75 70.90 -57.27 88.78
C PRO LA 75 71.99 -56.32 89.28
N ASN LA 76 72.99 -56.86 89.96
CA ASN LA 76 74.04 -56.03 90.52
C ASN LA 76 74.95 -55.56 89.39
N PHE LA 77 74.67 -54.37 88.86
CA PHE LA 77 75.35 -53.87 87.68
C PHE LA 77 76.69 -53.20 87.98
N LEU LA 78 77.14 -53.22 89.23
CA LEU LA 78 78.43 -52.66 89.60
C LEU LA 78 79.39 -53.70 90.17
N ALA LA 79 79.02 -54.98 90.11
CA ALA LA 79 79.83 -56.04 90.69
C ALA LA 79 81.00 -56.44 89.79
N CYS LA 80 81.13 -55.85 88.61
CA CYS LA 80 82.15 -56.26 87.66
C CYS LA 80 83.01 -55.08 87.26
N LYS LA 81 83.36 -54.24 88.23
CA LYS LA 81 84.33 -53.18 88.00
C LYS LA 81 85.73 -53.75 87.78
N HIS LA 82 85.99 -54.93 88.34
CA HIS LA 82 87.29 -55.57 88.25
C HIS LA 82 87.59 -56.01 86.82
N GLU LA 83 86.68 -56.77 86.20
CA GLU LA 83 86.89 -57.22 84.84
C GLU LA 83 86.77 -56.07 83.84
N GLN LA 84 85.96 -55.06 84.15
CA GLN LA 84 85.90 -53.87 83.31
C GLN LA 84 87.23 -53.12 83.34
N HIS LA 85 87.86 -53.04 84.51
CA HIS LA 85 89.18 -52.40 84.60
C HIS LA 85 90.24 -53.22 83.90
N ASP LA 86 90.13 -54.55 83.96
CA ASP LA 86 91.07 -55.42 83.25
C ASP LA 86 90.95 -55.23 81.74
N TRP LA 87 89.71 -55.18 81.24
CA TRP LA 87 89.48 -54.97 79.82
C TRP LA 87 89.94 -53.59 79.38
N ASP LA 88 89.68 -52.56 80.19
CA ASP LA 88 90.07 -51.20 79.83
C ASP LA 88 91.58 -51.01 79.89
N TYR LA 89 92.26 -51.66 80.83
CA TYR LA 89 93.72 -51.56 80.87
C TYR LA 89 94.36 -52.35 79.74
N CYS LA 90 93.75 -53.46 79.30
CA CYS LA 90 94.32 -54.14 78.15
C CYS LA 90 94.04 -53.36 76.86
N GLU LA 91 92.92 -52.64 76.79
CA GLU LA 91 92.71 -51.70 75.69
C GLU LA 91 93.73 -50.58 75.71
N HIS LA 92 94.09 -50.11 76.92
CA HIS LA 92 95.15 -49.13 77.06
C HIS LA 92 96.48 -49.66 76.53
N LEU LA 93 96.80 -50.92 76.83
CA LEU LA 93 98.04 -51.51 76.34
C LEU LA 93 98.03 -51.69 74.83
N ASP LA 94 96.87 -52.03 74.26
CA ASP LA 94 96.77 -52.15 72.81
C ASP LA 94 96.91 -50.77 72.13
N TYR LA 95 96.37 -49.73 72.76
CA TYR LA 95 96.56 -48.37 72.25
C TYR LA 95 98.02 -47.94 72.35
N VAL LA 96 98.71 -48.38 73.41
CA VAL LA 96 100.15 -48.13 73.54
C VAL LA 96 100.91 -48.81 72.42
N LYS LA 97 100.52 -50.04 72.06
CA LYS LA 97 101.16 -50.74 70.94
C LYS LA 97 100.94 -50.00 69.63
N ARG LA 98 99.75 -49.42 69.44
CA ARG LA 98 99.50 -48.61 68.24
C ARG LA 98 100.35 -47.33 68.25
N MET LA 99 100.51 -46.70 69.42
CA MET LA 99 101.40 -45.55 69.55
C MET LA 99 102.85 -45.93 69.25
N LYS LA 100 103.25 -47.13 69.65
CA LYS LA 100 104.61 -47.60 69.37
C LYS LA 100 104.81 -47.85 67.88
N GLU LA 101 103.78 -48.35 67.19
CA GLU LA 101 103.84 -48.48 65.74
C GLU LA 101 103.98 -47.12 65.07
N PHE LA 102 103.23 -46.11 65.56
CA PHE LA 102 103.32 -44.76 65.03
C PHE LA 102 104.72 -44.18 65.24
N GLU LA 103 105.27 -44.36 66.43
CA GLU LA 103 106.58 -43.78 66.74
C GLU LA 103 107.71 -44.51 66.02
N ARG LA 104 107.55 -45.82 65.80
CA ARG LA 104 108.46 -46.59 64.99
C ARG LA 104 108.49 -46.07 63.55
N GLU LA 105 107.31 -45.85 62.97
CA GLU LA 105 107.26 -45.34 61.61
C GLU LA 105 107.79 -43.91 61.52
N ARG LA 106 107.58 -43.10 62.56
CA ARG LA 106 108.10 -41.74 62.57
C ARG LA 106 109.63 -41.74 62.64
N ARG LA 107 110.20 -42.58 63.49
CA ARG LA 107 111.66 -42.62 63.60
C ARG LA 107 112.30 -43.28 62.39
N LEU LA 108 111.61 -44.21 61.71
CA LEU LA 108 112.19 -44.76 60.50
C LEU LA 108 112.11 -43.79 59.32
N LEU LA 109 111.08 -42.94 59.27
CA LEU LA 109 111.09 -41.88 58.26
C LEU LA 109 112.13 -40.83 58.57
N GLN LA 110 112.40 -40.57 59.86
CA GLN LA 110 113.53 -39.72 60.22
C GLN LA 110 114.86 -40.36 59.84
N ARG LA 111 114.94 -41.69 59.92
CA ARG LA 111 116.14 -42.41 59.49
C ARG LA 111 116.32 -42.30 57.98
N LYS LA 112 115.22 -42.38 57.23
CA LYS LA 112 115.30 -42.19 55.78
C LYS LA 112 115.72 -40.78 55.41
N LYS LA 113 115.23 -39.79 56.16
CA LYS LA 113 115.63 -38.40 55.94
C LYS LA 113 117.11 -38.18 56.24
N ARG LA 114 117.60 -38.74 57.36
CA ARG LA 114 119.02 -38.62 57.68
C ARG LA 114 119.89 -39.41 56.70
N ARG LA 115 119.39 -40.55 56.23
CA ARG LA 115 120.11 -41.34 55.22
C ARG LA 115 120.25 -40.57 53.91
N GLU LA 116 119.16 -39.95 53.46
CA GLU LA 116 119.23 -39.23 52.19
C GLU LA 116 120.01 -37.93 52.33
N GLN LA 117 120.00 -37.31 53.51
CA GLN LA 117 120.81 -36.11 53.69
C GLN LA 117 122.29 -36.43 53.79
N ARG LA 118 122.65 -37.53 54.46
CA ARG LA 118 124.04 -37.97 54.50
C ARG LA 118 124.51 -38.43 53.12
N GLU LA 119 123.62 -39.02 52.33
CA GLU LA 119 123.98 -39.41 50.96
C GLU LA 119 124.09 -38.19 50.06
N ALA LA 120 123.25 -37.17 50.28
CA ALA LA 120 123.30 -35.95 49.48
C ALA LA 120 124.51 -35.10 49.87
N ASP LA 121 125.02 -35.27 51.07
CA ASP LA 121 126.25 -34.59 51.45
C ASP LA 121 127.49 -35.35 51.00
N MET LA 122 127.50 -36.68 51.14
CA MET LA 122 128.68 -37.46 50.79
C MET LA 122 128.82 -37.62 49.28
N ALA LA 123 127.83 -38.25 48.64
CA ALA LA 123 127.89 -38.47 47.20
C ALA LA 123 127.32 -37.28 46.45
N ALA MA 2 47.31 8.87 60.50
CA ALA MA 2 47.35 8.06 59.29
C ALA MA 2 46.17 7.09 59.24
N PHE MA 3 45.96 6.34 60.32
CA PHE MA 3 44.92 5.32 60.31
C PHE MA 3 44.36 5.20 61.74
N LEU MA 4 43.27 5.90 61.99
CA LEU MA 4 42.67 5.98 63.33
C LEU MA 4 41.15 5.83 63.21
N PRO MA 5 40.49 5.34 64.27
CA PRO MA 5 39.02 5.21 64.18
C PRO MA 5 38.27 6.53 64.29
N SER MA 6 38.66 7.43 65.19
CA SER MA 6 37.91 8.66 65.42
C SER MA 6 38.25 9.73 64.38
N ALA MA 7 39.54 10.01 64.21
CA ALA MA 7 40.01 10.98 63.24
C ALA MA 7 40.79 10.27 62.13
N ALA MA 8 41.30 11.07 61.18
CA ALA MA 8 41.99 10.51 60.04
C ALA MA 8 43.51 10.59 60.16
N TYR MA 9 44.03 11.43 61.04
CA TYR MA 9 45.44 11.73 61.08
C TYR MA 9 45.95 11.68 62.52
N LEU MA 10 47.26 11.64 62.65
CA LEU MA 10 47.93 11.92 63.91
C LEU MA 10 48.40 13.37 63.89
N THR MA 11 48.16 14.09 64.99
CA THR MA 11 48.67 15.45 65.06
C THR MA 11 50.17 15.42 65.32
N HIS MA 12 50.78 16.61 65.36
CA HIS MA 12 52.19 16.71 65.71
C HIS MA 12 52.43 16.32 67.17
N GLN MA 13 51.56 16.78 68.06
CA GLN MA 13 51.68 16.50 69.49
C GLN MA 13 51.45 15.01 69.77
N GLN MA 14 50.55 14.38 69.02
CA GLN MA 14 50.31 12.94 69.14
C GLN MA 14 51.53 12.15 68.67
N LYS MA 15 52.17 12.58 67.60
CA LYS MA 15 53.37 11.89 67.11
C LYS MA 15 54.54 12.07 68.07
N VAL MA 16 54.63 13.23 68.71
CA VAL MA 16 55.64 13.44 69.76
C VAL MA 16 55.41 12.48 70.92
N LEU MA 17 54.16 12.35 71.37
CA LEU MA 17 53.89 11.47 72.52
C LEU MA 17 54.08 10.00 72.15
N GLN MA 18 53.74 9.61 70.92
CA GLN MA 18 53.92 8.23 70.51
C GLN MA 18 55.40 7.89 70.34
N LEU MA 19 56.20 8.83 69.85
CA LEU MA 19 57.64 8.61 69.79
C LEU MA 19 58.25 8.54 71.19
N TYR MA 20 57.73 9.34 72.13
CA TYR MA 20 58.18 9.28 73.52
C TYR MA 20 57.89 7.90 74.13
N LYS MA 21 56.68 7.38 73.92
CA LYS MA 21 56.32 6.08 74.48
C LYS MA 21 57.09 4.94 73.81
N ARG MA 22 57.22 4.97 72.48
CA ARG MA 22 57.98 3.93 71.78
C ARG MA 22 59.46 4.00 72.15
N ALA MA 23 59.98 5.20 72.37
CA ALA MA 23 61.38 5.36 72.75
C ALA MA 23 61.63 4.81 74.15
N LEU MA 24 60.70 5.04 75.08
CA LEU MA 24 60.86 4.48 76.41
C LEU MA 24 60.70 2.96 76.42
N ARG MA 25 59.79 2.41 75.59
CA ARG MA 25 59.60 0.96 75.58
C ARG MA 25 60.79 0.24 74.95
N HIS MA 26 61.27 0.74 73.81
CA HIS MA 26 62.46 0.17 73.20
C HIS MA 26 63.72 0.42 74.03
N LEU MA 27 63.73 1.51 74.81
CA LEU MA 27 64.83 1.74 75.75
C LEU MA 27 64.82 0.70 76.85
N GLU MA 28 63.64 0.41 77.43
CA GLU MA 28 63.52 -0.63 78.44
C GLU MA 28 63.85 -2.00 77.88
N SER MA 29 63.59 -2.21 76.59
CA SER MA 29 64.05 -3.44 75.95
C SER MA 29 65.58 -3.46 75.83
N ARG MA 30 66.20 -2.31 75.59
CA ARG MA 30 67.67 -2.26 75.59
C ARG MA 30 68.24 -2.30 77.00
N CYS MA 31 67.48 -1.87 78.00
CA CYS MA 31 68.01 -1.52 79.33
C CYS MA 31 67.26 -2.28 80.41
N VAL MA 32 67.29 -3.62 80.31
CA VAL MA 32 66.50 -4.61 81.05
C VAL MA 32 66.30 -4.31 82.54
N HIS MA 33 67.38 -3.98 83.25
CA HIS MA 33 67.29 -3.72 84.67
C HIS MA 33 66.58 -2.39 84.95
N ARG MA 34 65.83 -2.36 86.05
CA ARG MA 34 64.90 -1.25 86.31
C ARG MA 34 65.63 0.05 86.62
N ASP MA 35 66.69 -0.02 87.42
CA ASP MA 35 67.38 1.20 87.84
C ASP MA 35 68.18 1.81 86.69
N LYS MA 36 68.84 0.97 85.89
CA LYS MA 36 69.61 1.45 84.75
C LYS MA 36 68.67 2.04 83.68
N TYR MA 37 67.51 1.41 83.48
CA TYR MA 37 66.47 1.98 82.64
C TYR MA 37 65.97 3.30 83.18
N ARG MA 38 65.82 3.41 84.50
CA ARG MA 38 65.26 4.62 85.08
C ARG MA 38 66.24 5.79 84.95
N TYR MA 39 67.53 5.49 85.09
CA TYR MA 39 68.60 6.45 84.83
C TYR MA 39 68.58 6.94 83.38
N PHE MA 40 68.68 6.01 82.42
CA PHE MA 40 68.69 6.42 81.01
C PHE MA 40 67.33 6.93 80.55
N ALA MA 41 66.25 6.61 81.25
CA ALA MA 41 64.93 7.09 80.90
C ALA MA 41 64.74 8.53 81.33
N CYS MA 42 65.28 8.92 82.48
CA CYS MA 42 65.27 10.34 82.81
C CYS MA 42 66.26 11.13 81.96
N LEU MA 43 67.34 10.49 81.50
CA LEU MA 43 68.21 11.14 80.52
C LEU MA 43 67.47 11.39 79.21
N LEU MA 44 66.73 10.40 78.72
CA LEU MA 44 65.95 10.56 77.49
C LEU MA 44 64.80 11.54 77.69
N ARG MA 45 64.19 11.56 78.87
CA ARG MA 45 63.13 12.51 79.18
C ARG MA 45 63.66 13.94 79.19
N ALA MA 46 64.87 14.15 79.71
CA ALA MA 46 65.49 15.45 79.62
C ALA MA 46 65.83 15.81 78.18
N ARG MA 47 66.23 14.82 77.36
CA ARG MA 47 66.46 15.06 75.94
C ARG MA 47 65.18 15.46 75.21
N PHE MA 48 64.03 14.93 75.60
CA PHE MA 48 62.77 15.40 75.05
C PHE MA 48 62.40 16.78 75.57
N ASP MA 49 62.52 17.02 76.87
CA ASP MA 49 62.09 18.25 77.50
C ASP MA 49 63.00 19.43 77.21
N GLU MA 50 64.18 19.20 76.62
CA GLU MA 50 65.06 20.30 76.22
C GLU MA 50 64.39 21.18 75.16
N HIS MA 51 63.90 20.56 74.09
CA HIS MA 51 63.20 21.28 73.03
C HIS MA 51 61.68 21.18 73.16
N LYS MA 52 61.17 21.15 74.40
CA LYS MA 52 59.73 21.13 74.61
C LYS MA 52 59.08 22.43 74.13
N ASN MA 53 59.68 23.57 74.47
CA ASN MA 53 59.17 24.85 74.03
C ASN MA 53 59.94 25.34 72.80
N GLU MA 54 59.60 24.72 71.67
CA GLU MA 54 60.04 25.18 70.35
C GLU MA 54 58.82 25.65 69.60
N LYS MA 55 58.71 26.98 69.44
CA LYS MA 55 57.49 27.58 68.92
C LYS MA 55 57.33 27.41 67.42
N ASP MA 56 58.42 27.31 66.67
CA ASP MA 56 58.35 27.10 65.23
C ASP MA 56 57.84 25.68 64.97
N MET MA 57 56.74 25.59 64.22
CA MET MA 57 56.17 24.28 63.89
C MET MA 57 57.05 23.51 62.92
N VAL MA 58 57.76 24.23 62.04
CA VAL MA 58 58.67 23.56 61.10
C VAL MA 58 59.89 23.02 61.83
N LYS MA 59 60.43 23.79 62.78
CA LYS MA 59 61.57 23.32 63.56
C LYS MA 59 61.18 22.17 64.50
N ALA MA 60 59.97 22.22 65.03
CA ALA MA 60 59.49 21.12 65.87
C ALA MA 60 59.28 19.86 65.03
N THR MA 61 58.74 20.00 63.81
CA THR MA 61 58.58 18.86 62.91
C THR MA 61 59.93 18.30 62.48
N GLN MA 62 60.92 19.19 62.28
CA GLN MA 62 62.27 18.73 61.91
C GLN MA 62 62.92 17.95 63.04
N LEU MA 63 62.83 18.47 64.27
CA LEU MA 63 63.41 17.76 65.42
C LEU MA 63 62.69 16.45 65.69
N LEU MA 64 61.36 16.41 65.47
CA LEU MA 64 60.62 15.16 65.59
C LEU MA 64 61.05 14.16 64.51
N ARG MA 65 61.33 14.64 63.29
CA ARG MA 65 61.67 13.75 62.19
C ARG MA 65 63.06 13.12 62.39
N GLU MA 66 64.07 13.94 62.70
CA GLU MA 66 65.36 13.33 63.00
C GLU MA 66 65.40 12.64 64.35
N ALA MA 67 64.44 12.92 65.24
CA ALA MA 67 64.30 12.10 66.43
C ALA MA 67 63.77 10.71 66.09
N GLU MA 68 62.85 10.62 65.11
CA GLU MA 68 62.43 9.33 64.58
C GLU MA 68 63.59 8.60 63.92
N LYS MA 69 64.48 9.33 63.26
CA LYS MA 69 65.67 8.71 62.66
C LYS MA 69 66.61 8.16 63.72
N GLU MA 70 66.90 8.97 64.75
CA GLU MA 70 67.68 8.54 65.91
C GLU MA 70 67.08 7.30 66.57
N PHE MA 71 65.75 7.29 66.70
CA PHE MA 71 65.06 6.15 67.29
C PHE MA 71 65.13 4.91 66.42
N TRP MA 72 64.96 5.07 65.10
CA TRP MA 72 65.03 3.93 64.19
C TRP MA 72 66.43 3.31 64.17
N HIS MA 73 67.47 4.13 64.32
CA HIS MA 73 68.80 3.55 64.49
C HIS MA 73 68.95 2.88 65.86
N GLY MA 74 68.40 3.49 66.90
CA GLY MA 74 68.61 3.00 68.25
C GLY MA 74 67.44 2.25 68.85
N GLN MA 75 66.81 1.39 68.05
CA GLN MA 75 65.71 0.57 68.54
C GLN MA 75 66.19 -0.83 68.90
N HIS MA 76 65.36 -1.53 69.67
CA HIS MA 76 65.74 -2.89 70.02
C HIS MA 76 65.22 -3.86 68.96
N PRO MA 77 66.00 -4.91 68.63
CA PRO MA 77 65.56 -5.82 67.56
C PRO MA 77 64.37 -6.67 67.96
N GLN MA 78 64.35 -7.24 69.16
CA GLN MA 78 63.18 -7.92 69.66
C GLN MA 78 62.64 -7.17 70.87
N PRO MA 79 61.82 -6.15 70.69
CA PRO MA 79 61.30 -5.40 71.84
C PRO MA 79 60.33 -6.22 72.65
N TYR MA 80 60.26 -5.90 73.94
CA TYR MA 80 59.33 -6.60 74.82
C TYR MA 80 57.90 -6.25 74.46
N ILE MA 81 57.17 -7.22 73.94
CA ILE MA 81 55.76 -7.08 73.64
C ILE MA 81 54.99 -7.66 74.81
N PHE MA 82 53.94 -6.98 75.24
CA PHE MA 82 53.04 -7.53 76.25
C PHE MA 82 52.36 -8.78 75.68
N PRO MA 83 52.11 -9.79 76.51
CA PRO MA 83 51.70 -11.10 75.96
C PRO MA 83 50.33 -11.10 75.28
N GLU MA 84 49.36 -10.39 75.82
CA GLU MA 84 48.07 -10.27 75.15
C GLU MA 84 48.03 -9.13 74.15
N SER MA 85 49.05 -8.29 74.11
CA SER MA 85 49.17 -7.29 73.08
C SER MA 85 49.46 -7.97 71.74
N PRO MA 86 49.05 -7.37 70.62
CA PRO MA 86 49.38 -7.91 69.29
C PRO MA 86 50.87 -8.02 69.06
N GLY MA 87 51.30 -9.24 68.73
CA GLY MA 87 52.70 -9.60 68.66
C GLY MA 87 53.20 -10.35 69.86
N GLY MA 88 52.43 -10.40 70.95
CA GLY MA 88 52.82 -11.10 72.15
C GLY MA 88 52.68 -12.60 72.00
N THR MA 89 52.99 -13.30 73.09
CA THR MA 89 52.94 -14.75 73.08
C THR MA 89 51.55 -15.30 73.34
N SER MA 90 50.72 -14.59 74.12
CA SER MA 90 49.39 -15.05 74.44
C SER MA 90 48.31 -14.26 73.71
N TYR MA 91 48.71 -13.53 72.65
CA TYR MA 91 47.76 -12.76 71.86
C TYR MA 91 46.84 -13.67 71.08
N GLU MA 92 45.54 -13.33 71.11
CA GLU MA 92 44.41 -14.04 70.48
C GLU MA 92 44.45 -15.56 70.74
N ARG MA 93 44.93 -15.94 71.92
CA ARG MA 93 45.08 -17.33 72.31
C ARG MA 93 43.74 -17.94 72.72
N TYR MA 94 42.87 -17.14 73.32
CA TYR MA 94 41.59 -17.62 73.82
C TYR MA 94 40.44 -17.37 72.85
N GLU MA 95 40.74 -16.99 71.60
CA GLU MA 95 39.69 -16.75 70.62
C GLU MA 95 38.97 -18.03 70.21
N CYS MA 96 39.61 -19.19 70.38
CA CYS MA 96 38.97 -20.47 70.13
C CYS MA 96 37.94 -20.83 71.20
N TYR MA 97 37.92 -20.13 72.33
CA TYR MA 97 36.89 -20.29 73.34
C TYR MA 97 35.83 -19.20 73.26
N LYS MA 98 36.04 -18.17 72.44
CA LYS MA 98 35.12 -17.04 72.34
C LYS MA 98 34.01 -17.37 71.34
N VAL MA 99 33.12 -18.25 71.77
CA VAL MA 99 31.92 -18.56 70.99
C VAL MA 99 30.98 -17.37 71.06
N PRO MA 100 30.42 -16.90 69.94
CA PRO MA 100 29.50 -15.75 69.99
C PRO MA 100 28.18 -16.13 70.66
N GLU MA 101 27.41 -15.09 70.97
CA GLU MA 101 26.25 -15.25 71.86
C GLU MA 101 25.07 -15.91 71.18
N TRP MA 102 24.96 -15.83 69.85
CA TRP MA 102 23.78 -16.35 69.16
C TRP MA 102 23.70 -17.87 69.16
N CYS MA 103 24.79 -18.57 69.47
CA CYS MA 103 24.78 -20.03 69.48
C CYS MA 103 23.96 -20.62 70.61
N LEU MA 104 23.59 -19.82 71.61
CA LEU MA 104 22.71 -20.30 72.67
C LEU MA 104 21.31 -20.55 72.15
N ASP MA 105 20.90 -19.78 71.13
CA ASP MA 105 19.57 -19.91 70.56
C ASP MA 105 19.38 -21.21 69.78
N ASP MA 106 20.46 -21.84 69.35
CA ASP MA 106 20.38 -23.09 68.61
C ASP MA 106 20.54 -24.31 69.50
N TRP MA 107 20.42 -24.15 70.81
CA TRP MA 107 20.48 -25.32 71.69
C TRP MA 107 19.18 -26.10 71.64
N HIS MA 108 19.29 -27.39 71.89
CA HIS MA 108 18.14 -28.25 72.06
C HIS MA 108 17.43 -27.90 73.36
N PRO MA 109 16.10 -28.04 73.43
CA PRO MA 109 15.40 -27.68 74.67
C PRO MA 109 15.71 -28.58 75.86
N SER MA 110 16.28 -29.77 75.64
CA SER MA 110 16.70 -30.59 76.76
C SER MA 110 18.02 -30.12 77.38
N GLU MA 111 18.75 -29.21 76.72
CA GLU MA 111 19.89 -28.55 77.34
C GLU MA 111 19.67 -27.06 77.56
N LYS MA 112 18.56 -26.49 77.05
CA LYS MA 112 18.11 -25.19 77.54
C LYS MA 112 17.42 -25.30 78.89
N ALA MA 113 16.91 -26.48 79.22
CA ALA MA 113 16.31 -26.73 80.53
C ALA MA 113 17.36 -26.99 81.61
N MET MA 114 18.64 -27.04 81.24
CA MET MA 114 19.69 -27.10 82.25
C MET MA 114 19.89 -25.76 82.93
N TYR MA 115 19.54 -24.66 82.25
CA TYR MA 115 19.70 -23.32 82.80
C TYR MA 115 18.41 -22.55 82.58
N PRO MA 116 17.42 -22.72 83.46
CA PRO MA 116 16.12 -22.04 83.22
C PRO MA 116 16.16 -20.56 83.47
N ASP MA 117 16.83 -20.12 84.54
CA ASP MA 117 16.88 -18.70 84.87
C ASP MA 117 17.72 -17.93 83.85
N TYR MA 118 18.77 -18.58 83.31
CA TYR MA 118 19.65 -17.91 82.36
C TYR MA 118 18.92 -17.60 81.05
N PHE MA 119 18.22 -18.57 80.50
CA PHE MA 119 17.50 -18.30 79.25
C PHE MA 119 16.21 -17.53 79.49
N ALA MA 120 15.61 -17.65 80.69
CA ALA MA 120 14.50 -16.79 81.08
C ALA MA 120 14.91 -15.33 81.20
N LYS MA 121 16.20 -15.09 81.44
CA LYS MA 121 16.77 -13.75 81.38
C LYS MA 121 17.25 -13.38 79.99
N ARG MA 122 17.72 -14.35 79.20
CA ARG MA 122 18.13 -14.09 77.83
C ARG MA 122 16.96 -13.65 76.97
N GLU MA 123 15.76 -14.16 77.27
CA GLU MA 123 14.56 -13.73 76.56
C GLU MA 123 14.26 -12.26 76.80
N GLN MA 124 14.43 -11.77 78.03
CA GLN MA 124 14.15 -10.35 78.26
C GLN MA 124 15.30 -9.46 77.82
N TRP MA 125 16.54 -9.97 77.74
CA TRP MA 125 17.61 -9.24 77.07
C TRP MA 125 17.32 -9.06 75.58
N LYS MA 126 16.91 -10.14 74.90
CA LYS MA 126 16.59 -10.04 73.49
C LYS MA 126 15.33 -9.22 73.26
N LYS MA 127 14.42 -9.22 74.24
CA LYS MA 127 13.27 -8.33 74.21
C LYS MA 127 13.69 -6.87 74.26
N LEU MA 128 14.62 -6.53 75.17
CA LEU MA 128 15.15 -5.18 75.27
C LEU MA 128 15.84 -4.76 73.97
N ARG MA 129 16.53 -5.69 73.33
CA ARG MA 129 17.20 -5.38 72.07
C ARG MA 129 16.18 -5.14 70.95
N ARG MA 130 15.15 -5.98 70.86
CA ARG MA 130 14.19 -5.83 69.76
C ARG MA 130 13.22 -4.67 69.94
N GLU MA 131 13.00 -4.19 71.18
CA GLU MA 131 12.29 -2.92 71.31
C GLU MA 131 13.22 -1.71 71.40
N SER MA 132 14.54 -1.89 71.39
CA SER MA 132 15.42 -0.74 71.26
C SER MA 132 15.90 -0.48 69.83
N TRP MA 133 15.76 -1.48 68.95
CA TRP MA 133 16.41 -1.42 67.64
C TRP MA 133 15.84 -0.32 66.74
N GLU MA 134 14.51 -0.27 66.57
CA GLU MA 134 13.95 0.69 65.62
C GLU MA 134 14.08 2.13 66.14
N ARG MA 135 14.04 2.31 67.46
CA ARG MA 135 14.22 3.64 68.03
C ARG MA 135 15.67 4.10 67.89
N GLU MA 136 16.63 3.19 67.99
CA GLU MA 136 18.00 3.67 67.80
C GLU MA 136 18.36 3.82 66.33
N VAL MA 137 17.69 3.09 65.42
CA VAL MA 137 17.86 3.34 64.00
C VAL MA 137 17.30 4.71 63.62
N LYS MA 138 16.10 5.03 64.12
CA LYS MA 138 15.55 6.36 63.83
C LYS MA 138 16.29 7.46 64.58
N GLN MA 139 17.03 7.12 65.64
CA GLN MA 139 18.00 8.06 66.20
C GLN MA 139 19.17 8.28 65.24
N LEU MA 140 19.64 7.22 64.59
CA LEU MA 140 20.76 7.35 63.66
C LEU MA 140 20.39 8.15 62.43
N GLN MA 141 19.18 7.97 61.91
CA GLN MA 141 18.85 8.69 60.68
C GLN MA 141 18.33 10.11 60.93
N GLU MA 142 18.16 10.53 62.18
CA GLU MA 142 17.81 11.90 62.49
C GLU MA 142 19.02 12.73 62.91
N GLU MA 143 20.21 12.14 62.92
CA GLU MA 143 21.42 12.83 63.32
C GLU MA 143 22.53 12.76 62.29
N THR MA 144 22.51 11.75 61.42
CA THR MA 144 23.51 11.63 60.35
C THR MA 144 23.36 12.77 59.35
N PRO MA 145 24.43 13.49 59.04
CA PRO MA 145 24.33 14.59 58.06
C PRO MA 145 24.08 14.07 56.66
N VAL MA 146 23.74 15.01 55.78
CA VAL MA 146 23.50 14.67 54.38
C VAL MA 146 24.81 14.31 53.70
N GLY MA 147 24.78 13.28 52.87
CA GLY MA 147 25.98 12.73 52.29
C GLY MA 147 26.64 11.64 53.09
N GLY MA 148 25.99 11.17 54.16
CA GLY MA 148 26.54 10.12 55.00
C GLY MA 148 27.14 10.67 56.28
N PRO MA 149 27.60 9.79 57.15
CA PRO MA 149 28.35 10.25 58.32
C PRO MA 149 29.75 10.69 57.95
N ARG MA 150 30.33 11.53 58.79
CA ARG MA 150 31.64 12.11 58.53
C ARG MA 150 32.77 11.30 59.18
N THR MA 151 32.67 11.06 60.47
CA THR MA 151 33.61 10.21 61.19
C THR MA 151 32.93 8.91 61.59
N GLU MA 152 33.73 7.99 62.12
CA GLU MA 152 33.23 6.71 62.59
C GLU MA 152 32.74 6.75 64.02
N ALA MA 153 32.78 7.92 64.66
CA ALA MA 153 32.37 8.04 66.05
C ALA MA 153 30.85 7.96 66.15
N LEU MA 154 30.36 7.11 67.03
CA LEU MA 154 28.93 6.88 67.19
C LEU MA 154 28.35 7.84 68.22
N PRO MA 155 27.15 8.36 67.99
CA PRO MA 155 26.51 9.22 68.98
C PRO MA 155 25.90 8.40 70.11
N PRO MA 156 25.81 8.97 71.31
CA PRO MA 156 25.17 8.28 72.43
C PRO MA 156 23.65 8.39 72.35
N ALA MA 157 22.99 7.74 73.29
CA ALA MA 157 21.57 7.96 73.52
C ALA MA 157 21.41 9.30 74.25
N ARG MA 158 20.50 10.13 73.75
CA ARG MA 158 20.27 11.45 74.33
C ARG MA 158 19.03 11.49 75.20
N LYS MA 159 18.04 10.65 74.92
CA LYS MA 159 16.80 10.64 75.67
C LYS MA 159 16.88 9.62 76.81
N GLN MA 160 15.86 9.64 77.66
CA GLN MA 160 15.66 8.59 78.65
C GLN MA 160 14.75 7.54 78.05
N GLY MA 161 14.99 6.27 78.38
CA GLY MA 161 14.25 5.15 77.86
C GLY MA 161 14.89 4.52 76.65
N ASP MA 162 15.61 5.30 75.88
CA ASP MA 162 16.35 4.80 74.72
C ASP MA 162 17.74 4.36 75.14
N LEU MA 163 18.26 3.38 74.43
CA LEU MA 163 19.59 2.82 74.56
C LEU MA 163 20.50 3.40 73.49
N PRO MA 164 21.83 3.37 73.66
CA PRO MA 164 22.72 3.92 72.63
C PRO MA 164 22.65 3.09 71.37
N PRO MA 165 22.76 3.73 70.19
CA PRO MA 165 22.61 2.98 68.95
C PRO MA 165 23.78 2.05 68.69
N LEU MA 166 23.45 0.88 68.11
CA LEU MA 166 24.40 -0.14 67.69
C LEU MA 166 25.22 -0.67 68.87
N TRP MA 167 24.50 -1.22 69.84
CA TRP MA 167 25.04 -1.56 71.15
C TRP MA 167 25.13 -3.05 71.42
N TRP MA 168 24.54 -3.89 70.58
CA TRP MA 168 24.36 -5.30 70.95
C TRP MA 168 25.68 -6.06 70.90
N HIS MA 169 26.46 -5.87 69.85
CA HIS MA 169 27.73 -6.59 69.75
C HIS MA 169 28.87 -5.90 70.48
N ILE MA 170 28.58 -4.96 71.38
CA ILE MA 170 29.59 -4.37 72.25
C ILE MA 170 29.25 -4.77 73.68
N VAL MA 171 27.96 -4.83 73.98
CA VAL MA 171 27.52 -5.25 75.32
C VAL MA 171 27.56 -6.76 75.44
N THR MA 172 27.20 -7.48 74.39
CA THR MA 172 27.14 -8.94 74.45
C THR MA 172 28.36 -9.61 73.82
N ARG MA 173 29.51 -8.94 73.83
CA ARG MA 173 30.71 -9.57 73.31
C ARG MA 173 31.25 -10.60 74.30
N PRO MA 174 31.98 -11.61 73.82
CA PRO MA 174 32.53 -12.61 74.74
C PRO MA 174 33.64 -12.04 75.61
N ARG MA 175 33.85 -12.70 76.74
CA ARG MA 175 34.86 -12.30 77.70
C ARG MA 175 36.25 -12.67 77.21
N GLU MA 176 37.26 -12.03 77.79
CA GLU MA 176 38.64 -12.39 77.47
C GLU MA 176 39.02 -13.75 78.02
N ARG MA 177 38.35 -14.22 79.07
CA ARG MA 177 38.53 -15.57 79.58
C ARG MA 177 37.17 -16.25 79.63
N PRO MA 178 36.72 -16.86 78.51
CA PRO MA 178 35.40 -17.51 78.46
C PRO MA 178 35.31 -18.78 79.30
N ALA NA 41 45.25 -24.85 103.48
CA ALA NA 41 45.31 -23.44 103.13
C ALA NA 41 46.21 -23.22 101.93
N HIS NA 42 45.63 -22.74 100.83
CA HIS NA 42 46.39 -22.44 99.64
C HIS NA 42 47.09 -21.08 99.80
N ILE NA 43 47.99 -20.79 98.86
CA ILE NA 43 48.77 -19.57 98.92
C ILE NA 43 47.90 -18.40 98.46
N GLU NA 44 47.82 -17.37 99.29
CA GLU NA 44 47.13 -16.11 99.03
C GLU NA 44 48.09 -15.12 98.36
N PRO NA 45 47.66 -14.43 97.31
CA PRO NA 45 48.55 -13.47 96.66
C PRO NA 45 48.79 -12.23 97.51
N ARG NA 46 50.06 -11.82 97.56
CA ARG NA 46 50.50 -10.63 98.25
C ARG NA 46 50.64 -9.49 97.23
N TYR NA 47 51.23 -8.37 97.66
CA TYR NA 47 51.33 -7.21 96.79
C TYR NA 47 52.66 -6.48 97.01
N ARG NA 48 53.48 -6.41 95.95
CA ARG NA 48 54.77 -5.72 95.91
C ARG NA 48 55.71 -6.17 97.03
N GLN NA 49 55.71 -7.47 97.31
CA GLN NA 49 56.49 -7.99 98.42
C GLN NA 49 56.76 -9.48 98.19
N PHE NA 50 57.59 -10.04 99.06
CA PHE NA 50 58.00 -11.43 98.92
C PHE NA 50 56.83 -12.35 99.24
N PRO NA 51 56.54 -13.33 98.39
CA PRO NA 51 55.34 -14.16 98.59
C PRO NA 51 55.51 -15.14 99.74
N GLN NA 52 54.36 -15.60 100.24
CA GLN NA 52 54.33 -16.59 101.31
C GLN NA 52 54.89 -17.92 100.83
N LEU NA 53 55.84 -18.48 101.56
CA LEU NA 53 56.45 -19.75 101.21
C LEU NA 53 55.91 -20.85 102.11
N THR NA 54 55.76 -22.04 101.54
CA THR NA 54 55.50 -23.25 102.30
C THR NA 54 56.83 -23.74 102.88
N ARG NA 55 56.76 -24.44 104.01
CA ARG NA 55 57.93 -25.16 104.52
C ARG NA 55 58.36 -26.24 103.55
N SER NA 56 57.39 -26.94 102.94
CA SER NA 56 57.64 -28.17 102.20
C SER NA 56 58.46 -27.93 100.95
N GLN NA 57 58.14 -26.87 100.20
CA GLN NA 57 58.88 -26.57 98.98
C GLN NA 57 60.32 -26.19 99.26
N VAL NA 58 60.57 -25.48 100.37
CA VAL NA 58 61.92 -25.06 100.69
C VAL NA 58 62.75 -26.25 101.17
N ILE NA 59 62.15 -27.14 101.98
CA ILE NA 59 62.93 -28.28 102.45
C ILE NA 59 63.18 -29.28 101.32
N GLN NA 60 62.23 -29.42 100.39
CA GLN NA 60 62.47 -30.29 99.24
C GLN NA 60 63.53 -29.70 98.30
N ALA NA 61 63.52 -28.37 98.12
CA ALA NA 61 64.51 -27.72 97.27
C ALA NA 61 65.92 -27.86 97.85
N GLU NA 62 66.06 -27.61 99.15
CA GLU NA 62 67.35 -27.80 99.82
C GLU NA 62 67.76 -29.27 99.83
N PHE NA 63 66.79 -30.19 99.94
CA PHE NA 63 67.09 -31.61 99.95
C PHE NA 63 67.64 -32.07 98.61
N PHE NA 64 67.03 -31.65 97.50
CA PHE NA 64 67.54 -32.10 96.22
C PHE NA 64 68.81 -31.38 95.79
N SER NA 65 69.02 -30.13 96.22
CA SER NA 65 70.30 -29.50 95.93
C SER NA 65 71.43 -30.12 96.74
N ALA NA 66 71.15 -30.48 98.00
CA ALA NA 66 72.12 -31.22 98.79
C ALA NA 66 72.37 -32.62 98.23
N THR NA 67 71.34 -33.26 97.66
CA THR NA 67 71.51 -34.57 97.04
C THR NA 67 72.35 -34.46 95.77
N MET NA 68 72.19 -33.37 95.02
CA MET NA 68 73.04 -33.11 93.86
C MET NA 68 74.51 -32.98 94.27
N TRP NA 69 74.80 -32.14 95.26
CA TRP NA 69 76.20 -31.95 95.65
C TRP NA 69 76.78 -33.20 96.31
N PHE NA 70 75.96 -33.94 97.06
CA PHE NA 70 76.37 -35.24 97.59
C PHE NA 70 76.76 -36.20 96.48
N TRP NA 71 75.91 -36.31 95.45
CA TRP NA 71 76.16 -37.28 94.38
C TRP NA 71 77.39 -36.89 93.55
N ILE NA 72 77.56 -35.59 93.29
CA ILE NA 72 78.72 -35.13 92.53
C ILE NA 72 80.01 -35.38 93.30
N LEU NA 73 80.06 -35.00 94.58
CA LEU NA 73 81.28 -35.22 95.34
C LEU NA 73 81.51 -36.70 95.64
N TRP NA 74 80.44 -37.49 95.78
CA TRP NA 74 80.56 -38.92 96.04
C TRP NA 74 81.16 -39.65 94.84
N ARG NA 75 80.61 -39.41 93.65
CA ARG NA 75 81.17 -40.00 92.44
C ARG NA 75 82.52 -39.41 92.07
N PHE NA 76 82.84 -38.19 92.52
CA PHE NA 76 84.20 -37.68 92.35
C PHE NA 76 85.16 -38.34 93.32
N TRP NA 77 84.66 -38.74 94.49
CA TRP NA 77 85.48 -39.44 95.47
C TRP NA 77 85.76 -40.87 95.05
N HIS NA 78 84.81 -41.49 94.34
CA HIS NA 78 85.04 -42.87 93.92
C HIS NA 78 85.80 -42.96 92.61
N ASP NA 79 85.26 -42.38 91.54
CA ASP NA 79 85.78 -42.68 90.21
C ASP NA 79 87.05 -41.90 89.90
N SER NA 80 86.93 -40.56 89.79
CA SER NA 80 88.03 -39.61 89.62
C SER NA 80 88.87 -39.80 88.35
N ASP NA 81 88.52 -40.76 87.51
CA ASP NA 81 89.21 -41.03 86.26
C ASP NA 81 88.36 -40.75 85.04
N ALA NA 82 87.04 -40.62 85.21
CA ALA NA 82 86.18 -40.16 84.13
C ALA NA 82 86.27 -38.65 83.95
N VAL NA 83 86.73 -37.92 84.98
CA VAL NA 83 86.95 -36.49 84.85
C VAL NA 83 88.40 -36.22 84.45
N LEU NA 84 89.34 -36.71 85.26
CA LEU NA 84 90.73 -36.31 85.13
C LEU NA 84 91.50 -37.14 84.11
N GLY NA 85 91.31 -38.45 84.10
CA GLY NA 85 92.09 -39.31 83.22
C GLY NA 85 92.21 -40.71 83.77
N HIS NA 86 92.10 -41.71 82.90
CA HIS NA 86 92.06 -43.10 83.35
C HIS NA 86 93.45 -43.67 83.58
N PHE NA 87 94.37 -43.40 82.66
CA PHE NA 87 95.72 -43.94 82.68
C PHE NA 87 96.69 -42.83 82.33
N PRO NA 88 97.97 -42.98 82.67
CA PRO NA 88 98.96 -42.01 82.19
C PRO NA 88 99.19 -42.15 80.69
N TYR NA 89 99.23 -41.03 80.01
CA TYR NA 89 99.49 -41.00 78.59
C TYR NA 89 101.00 -40.90 78.36
N PRO NA 90 101.61 -41.87 77.69
CA PRO NA 90 103.08 -41.85 77.56
C PRO NA 90 103.55 -40.85 76.52
N ASP NA 91 104.78 -40.37 76.74
CA ASP NA 91 105.39 -39.41 75.83
C ASP NA 91 106.15 -40.18 74.76
N PRO NA 92 105.84 -39.96 73.47
CA PRO NA 92 106.57 -40.68 72.41
C PRO NA 92 108.02 -40.25 72.26
N SER NA 93 108.39 -39.05 72.73
CA SER NA 93 109.79 -38.62 72.62
C SER NA 93 110.66 -39.28 73.67
N GLN NA 94 110.10 -39.63 74.83
CA GLN NA 94 110.86 -40.24 75.91
C GLN NA 94 111.17 -41.71 75.68
N TRP NA 95 110.63 -42.31 74.64
CA TRP NA 95 110.84 -43.72 74.37
C TRP NA 95 112.24 -43.98 73.81
N THR NA 96 112.78 -45.16 74.13
CA THR NA 96 114.09 -45.55 73.65
C THR NA 96 114.01 -45.97 72.19
N ASP NA 97 115.18 -46.23 71.60
CA ASP NA 97 115.24 -46.66 70.21
C ASP NA 97 115.26 -48.19 70.07
N GLU NA 98 115.68 -48.90 71.11
CA GLU NA 98 115.85 -50.35 71.02
C GLU NA 98 114.51 -51.08 71.08
N GLU NA 99 113.54 -50.52 71.82
CA GLU NA 99 112.21 -51.13 71.86
C GLU NA 99 111.42 -50.89 70.58
N LEU NA 100 111.86 -49.95 69.75
CA LEU NA 100 111.18 -49.63 68.50
C LEU NA 100 111.89 -50.21 67.27
N GLY NA 101 113.01 -50.90 67.46
CA GLY NA 101 113.72 -51.50 66.35
C GLY NA 101 114.40 -50.47 65.47
N ILE NA 102 115.29 -49.68 66.07
CA ILE NA 102 116.01 -48.63 65.35
C ILE NA 102 117.49 -49.01 65.30
N PRO NA 103 117.98 -49.54 64.19
CA PRO NA 103 119.43 -49.68 64.01
C PRO NA 103 120.06 -48.34 63.70
N PRO NA 104 121.06 -47.92 64.50
CA PRO NA 104 121.67 -46.61 64.25
C PRO NA 104 122.63 -46.61 63.06
N ASP NA 105 122.19 -46.04 61.94
CA ASP NA 105 123.00 -46.00 60.74
C ASP NA 105 123.09 -44.59 60.19
N ILE OA 32 23.95 -8.90 44.57
CA ILE OA 32 25.03 -8.48 43.68
C ILE OA 32 24.47 -8.30 42.25
N THR OA 33 24.93 -7.25 41.57
CA THR OA 33 24.41 -6.90 40.26
C THR OA 33 25.57 -6.68 39.30
N LYS OA 34 25.24 -6.41 38.04
CA LYS OA 34 26.23 -6.46 36.96
C LYS OA 34 27.19 -5.28 36.99
N ASP OA 35 26.73 -4.09 37.38
CA ASP OA 35 27.62 -2.93 37.42
C ASP OA 35 28.37 -2.79 38.74
N MET OA 36 28.36 -3.83 39.57
CA MET OA 36 29.22 -3.89 40.75
C MET OA 36 30.23 -5.02 40.65
N LEU OA 37 30.33 -5.66 39.48
CA LEU OA 37 31.29 -6.71 39.15
C LEU OA 37 32.52 -6.09 38.50
N PRO OA 38 33.67 -6.78 38.52
CA PRO OA 38 34.84 -6.25 37.82
C PRO OA 38 34.65 -6.25 36.32
N GLY OA 39 35.04 -5.15 35.69
CA GLY OA 39 34.84 -4.99 34.26
C GLY OA 39 36.13 -4.74 33.51
N PRO OA 40 36.03 -4.13 32.34
CA PRO OA 40 37.21 -3.94 31.49
C PRO OA 40 38.07 -2.76 31.95
N TYR OA 41 39.25 -2.67 31.35
CA TYR OA 41 40.21 -1.66 31.74
C TYR OA 41 39.72 -0.27 31.34
N PRO OA 42 39.64 0.68 32.28
CA PRO OA 42 39.13 2.02 31.95
C PRO OA 42 40.18 2.84 31.21
N LYS OA 43 39.73 3.51 30.14
CA LYS OA 43 40.59 4.36 29.33
C LYS OA 43 40.17 5.82 29.36
N THR OA 44 38.88 6.09 29.50
CA THR OA 44 38.39 7.45 29.69
C THR OA 44 38.36 7.79 31.17
N PRO OA 45 38.40 9.08 31.54
CA PRO OA 45 38.33 9.44 32.97
C PRO OA 45 36.98 9.14 33.60
N GLU OA 46 35.87 9.21 32.85
CA GLU OA 46 34.56 8.95 33.47
C GLU OA 46 34.35 7.46 33.70
N GLU OA 47 34.98 6.60 32.88
CA GLU OA 47 34.95 5.17 33.16
C GLU OA 47 35.79 4.84 34.38
N ARG OA 48 36.93 5.53 34.54
CA ARG OA 48 37.72 5.41 35.75
C ARG OA 48 36.98 5.92 36.98
N ALA OA 49 36.15 6.95 36.81
CA ALA OA 49 35.35 7.46 37.92
C ALA OA 49 34.25 6.49 38.32
N ALA OA 50 33.57 5.90 37.33
CA ALA OA 50 32.56 4.89 37.62
C ALA OA 50 33.17 3.63 38.22
N ALA OA 51 34.37 3.28 37.78
CA ALA OA 51 35.08 2.13 38.35
C ALA OA 51 35.51 2.40 39.78
N ALA OA 52 36.04 3.59 40.06
CA ALA OA 52 36.46 3.92 41.42
C ALA OA 52 35.28 4.06 42.36
N LYS OA 53 34.13 4.53 41.86
CA LYS OA 53 32.92 4.53 42.67
C LYS OA 53 32.44 3.10 42.91
N LYS OA 54 32.61 2.22 41.93
CA LYS OA 54 32.23 0.82 42.08
C LYS OA 54 33.07 0.12 43.13
N TYR OA 55 34.38 0.32 43.11
CA TYR OA 55 35.29 -0.31 44.06
C TYR OA 55 35.40 0.45 45.38
N ASN OA 56 34.56 1.48 45.59
CA ASN OA 56 34.40 2.19 46.87
C ASN OA 56 35.70 2.84 47.34
N MET OA 57 36.30 3.65 46.48
CA MET OA 57 37.52 4.35 46.81
C MET OA 57 37.61 5.62 45.97
N ARG OA 58 38.53 6.50 46.36
CA ARG OA 58 38.72 7.75 45.64
C ARG OA 58 39.32 7.50 44.25
N VAL OA 59 39.06 8.44 43.34
CA VAL OA 59 39.50 8.28 41.95
C VAL OA 59 41.01 8.42 41.83
N GLU OA 60 41.60 9.36 42.58
CA GLU OA 60 43.04 9.58 42.49
C GLU OA 60 43.82 8.43 43.11
N ASP OA 61 43.31 7.86 44.20
CA ASP OA 61 43.93 6.69 44.81
C ASP OA 61 43.65 5.42 44.01
N TYR OA 62 42.64 5.44 43.14
CA TYR OA 62 42.32 4.30 42.29
C TYR OA 62 43.40 4.14 41.24
N GLU OA 63 44.34 3.23 41.48
CA GLU OA 63 45.28 2.82 40.46
C GLU OA 63 44.92 1.41 40.01
N PRO OA 64 44.50 1.22 38.77
CA PRO OA 64 44.34 -0.13 38.24
C PRO OA 64 45.69 -0.71 37.85
N TYR OA 65 45.71 -2.02 37.66
CA TYR OA 65 46.87 -2.67 37.11
C TYR OA 65 47.07 -2.21 35.66
N PRO OA 66 48.31 -2.16 35.18
CA PRO OA 66 48.55 -1.73 33.80
C PRO OA 66 48.01 -2.74 32.80
N ASP OA 67 47.35 -2.23 31.76
CA ASP OA 67 46.70 -3.05 30.76
C ASP OA 67 47.74 -3.69 29.86
N ASP OA 68 48.27 -4.84 30.26
CA ASP OA 68 49.24 -5.58 29.46
C ASP OA 68 48.88 -7.05 29.32
N GLY OA 69 47.62 -7.42 29.46
CA GLY OA 69 47.19 -8.78 29.25
C GLY OA 69 47.36 -9.70 30.44
N MET OA 70 47.54 -9.18 31.64
CA MET OA 70 47.68 -10.07 32.79
C MET OA 70 46.36 -10.45 33.42
N GLY OA 71 45.24 -9.99 32.86
CA GLY OA 71 43.93 -10.45 33.29
C GLY OA 71 43.32 -9.73 34.47
N TYR OA 72 43.76 -8.50 34.76
CA TYR OA 72 43.23 -7.81 35.92
C TYR OA 72 41.98 -7.00 35.57
N GLY OA 73 41.95 -6.38 34.40
CA GLY OA 73 40.81 -5.56 34.04
C GLY OA 73 40.88 -4.22 34.73
N ASP OA 74 39.79 -3.84 35.39
CA ASP OA 74 39.73 -2.60 36.16
C ASP OA 74 40.03 -2.81 37.64
N TYR OA 75 40.70 -3.90 38.01
CA TYR OA 75 40.85 -4.18 39.42
C TYR OA 75 41.92 -3.30 40.04
N PRO OA 76 41.67 -2.73 41.23
CA PRO OA 76 42.61 -1.77 41.81
C PRO OA 76 43.90 -2.42 42.27
N LYS OA 77 44.96 -1.62 42.27
CA LYS OA 77 46.27 -2.03 42.75
C LYS OA 77 46.45 -1.47 44.15
N LEU OA 78 46.01 -2.24 45.14
CA LEU OA 78 46.30 -1.94 46.53
C LEU OA 78 47.82 -2.01 46.76
N PRO OA 79 48.36 -1.23 47.73
CA PRO OA 79 49.81 -0.91 47.68
C PRO OA 79 50.80 -2.01 48.02
N ASP OA 80 50.37 -3.28 47.98
CA ASP OA 80 51.24 -4.47 48.11
C ASP OA 80 51.84 -4.58 49.51
N ARG OA 81 50.97 -4.57 50.52
CA ARG OA 81 51.38 -4.78 51.90
C ARG OA 81 50.72 -6.04 52.44
N SER OA 82 51.27 -6.54 53.55
CA SER OA 82 50.63 -7.63 54.27
C SER OA 82 49.58 -7.08 55.23
N GLN OA 83 48.89 -8.01 55.89
CA GLN OA 83 47.93 -7.62 56.91
C GLN OA 83 48.56 -7.53 58.30
N GLN OA 84 49.85 -7.83 58.43
CA GLN OA 84 50.52 -7.66 59.71
C GLN OA 84 50.80 -6.19 60.00
N GLU OA 85 51.01 -5.38 58.95
CA GLU OA 85 51.32 -3.97 59.15
C GLU OA 85 50.12 -3.15 59.60
N ARG OA 86 48.90 -3.69 59.50
CA ARG OA 86 47.70 -2.94 59.82
C ARG OA 86 47.62 -2.65 61.30
N ASP OA 87 46.93 -1.57 61.64
CA ASP OA 87 46.78 -1.09 63.01
C ASP OA 87 45.97 -2.10 63.82
N PRO OA 88 46.57 -2.83 64.76
CA PRO OA 88 45.89 -3.98 65.34
C PRO OA 88 44.94 -3.63 66.46
N TRP OA 89 44.95 -2.40 66.94
CA TRP OA 89 44.04 -1.97 67.99
C TRP OA 89 42.76 -1.37 67.46
N TYR OA 90 42.66 -1.18 66.15
CA TYR OA 90 41.44 -0.71 65.51
C TYR OA 90 40.34 -1.76 65.62
N ASP OA 91 39.09 -1.31 65.72
CA ASP OA 91 37.93 -2.19 65.78
C ASP OA 91 37.56 -2.57 64.35
N TRP OA 92 38.26 -3.58 63.84
CA TRP OA 92 38.08 -4.00 62.46
C TRP OA 92 36.76 -4.74 62.27
N ASP OA 93 36.24 -4.67 61.05
CA ASP OA 93 35.10 -5.50 60.68
C ASP OA 93 35.50 -6.97 60.62
N HIS OA 94 36.67 -7.24 60.05
CA HIS OA 94 37.27 -8.57 60.04
C HIS OA 94 38.55 -8.50 60.84
N PRO OA 95 38.53 -8.90 62.12
CA PRO OA 95 39.73 -8.69 62.96
C PRO OA 95 40.92 -9.54 62.55
N ASP OA 96 40.72 -10.84 62.35
CA ASP OA 96 41.81 -11.73 61.99
C ASP OA 96 42.36 -11.44 60.59
N LEU OA 97 41.53 -10.87 59.72
CA LEU OA 97 42.01 -10.42 58.42
C LEU OA 97 42.56 -9.01 58.45
N ARG OA 98 42.26 -8.25 59.51
CA ARG OA 98 42.50 -6.80 59.62
C ARG OA 98 41.98 -6.08 58.39
N LEU OA 99 40.67 -6.18 58.21
CA LEU OA 99 40.01 -5.77 56.98
C LEU OA 99 38.62 -5.23 57.33
N ASN OA 100 38.18 -4.25 56.55
CA ASN OA 100 36.87 -3.64 56.77
C ASN OA 100 35.86 -4.16 55.76
N TRP OA 101 34.59 -3.85 56.03
CA TRP OA 101 33.51 -4.21 55.14
C TRP OA 101 33.40 -3.16 54.04
N GLY OA 102 33.45 -3.61 52.78
CA GLY OA 102 33.40 -2.70 51.65
C GLY OA 102 34.73 -2.10 51.26
N GLU OA 103 35.75 -2.26 52.07
CA GLU OA 103 37.09 -1.83 51.70
C GLU OA 103 37.60 -2.75 50.60
N PRO OA 104 38.21 -2.22 49.54
CA PRO OA 104 38.66 -3.09 48.44
C PRO OA 104 39.84 -3.97 48.87
N MET OA 105 39.84 -5.20 48.39
CA MET OA 105 40.82 -6.18 48.80
C MET OA 105 41.96 -6.25 47.79
N HIS OA 106 43.16 -6.55 48.29
CA HIS OA 106 44.29 -6.73 47.40
C HIS OA 106 44.09 -8.01 46.59
N TRP OA 107 44.73 -8.05 45.41
CA TRP OA 107 44.61 -9.20 44.51
C TRP OA 107 45.18 -10.47 45.14
N ASP OA 108 46.09 -10.32 46.08
CA ASP OA 108 46.70 -11.41 46.83
C ASP OA 108 46.30 -11.34 48.30
N LEU OA 109 45.01 -11.07 48.56
CA LEU OA 109 44.52 -10.92 49.92
C LEU OA 109 44.66 -12.21 50.72
N ASP OA 110 44.43 -13.35 50.07
CA ASP OA 110 44.66 -14.64 50.74
C ASP OA 110 46.13 -14.89 50.96
N MET OA 111 46.99 -14.34 50.12
CA MET OA 111 48.43 -14.48 50.30
C MET OA 111 48.93 -13.60 51.45
N TYR OA 112 48.40 -12.39 51.60
CA TYR OA 112 48.94 -11.46 52.57
C TYR OA 112 48.29 -11.56 53.94
N ILE OA 113 47.63 -12.67 54.25
CA ILE OA 113 47.08 -12.87 55.59
C ILE OA 113 48.24 -13.17 56.55
N ARG OA 114 47.97 -13.07 57.84
CA ARG OA 114 49.01 -13.29 58.84
C ARG OA 114 49.34 -14.78 59.03
N ASN OA 115 48.59 -15.68 58.40
CA ASN OA 115 48.95 -17.10 58.30
C ASN OA 115 49.94 -17.38 57.18
N ARG OA 116 50.33 -16.36 56.44
CA ARG OA 116 51.19 -16.50 55.27
C ARG OA 116 52.16 -15.33 55.26
N VAL OA 117 52.71 -15.05 54.07
CA VAL OA 117 53.81 -14.11 53.81
C VAL OA 117 53.67 -12.78 54.51
N ASP OA 118 54.70 -12.42 55.28
CA ASP OA 118 54.76 -11.14 55.97
C ASP OA 118 55.66 -10.19 55.19
N THR OA 119 55.14 -9.00 54.89
CA THR OA 119 55.94 -7.95 54.28
C THR OA 119 56.21 -6.81 55.26
N SER OA 120 56.25 -7.12 56.55
CA SER OA 120 56.49 -6.13 57.59
C SER OA 120 57.89 -5.54 57.48
N PRO OA 121 58.08 -4.28 57.86
CA PRO OA 121 59.42 -3.72 57.90
C PRO OA 121 60.26 -4.35 59.00
N THR OA 122 61.45 -4.64 58.69
CA THR OA 122 62.50 -5.26 59.47
C THR OA 122 63.41 -4.21 60.07
N PRO OA 123 64.07 -4.49 61.20
CA PRO OA 123 65.05 -3.52 61.73
C PRO OA 123 66.27 -3.35 60.84
N VAL OA 124 66.63 -4.39 60.09
CA VAL OA 124 67.81 -4.37 59.22
C VAL OA 124 67.32 -4.43 57.78
N ASN OA 125 68.11 -3.83 56.88
CA ASN OA 125 67.79 -3.86 55.45
C ASN OA 125 67.84 -5.29 54.91
N TRP OA 126 67.16 -5.46 53.77
CA TRP OA 126 67.04 -6.77 53.14
C TRP OA 126 68.38 -7.23 52.56
N ASN OA 127 69.10 -6.31 51.91
CA ASN OA 127 70.36 -6.65 51.27
C ASN OA 127 71.44 -7.01 52.28
N LEU OA 128 71.47 -6.30 53.41
CA LEU OA 128 72.46 -6.58 54.44
C LEU OA 128 72.19 -7.93 55.10
N MET OA 129 70.91 -8.30 55.25
CA MET OA 129 70.56 -9.62 55.75
C MET OA 129 71.00 -10.71 54.78
N CYS OA 130 70.78 -10.50 53.47
CA CYS OA 130 71.22 -11.48 52.48
C CYS OA 130 72.74 -11.61 52.45
N LYS OA 131 73.45 -10.49 52.58
CA LYS OA 131 74.91 -10.51 52.62
C LYS OA 131 75.42 -11.29 53.82
N HIS OA 132 74.88 -11.00 55.02
CA HIS OA 132 75.32 -11.66 56.24
C HIS OA 132 75.03 -13.16 56.20
N LEU OA 133 73.83 -13.54 55.78
CA LEU OA 133 73.46 -14.96 55.77
C LEU OA 133 74.25 -15.74 54.72
N PHE OA 134 74.38 -15.19 53.51
CA PHE OA 134 75.11 -15.91 52.46
C PHE OA 134 76.60 -15.99 52.77
N GLY OA 135 77.17 -14.92 53.34
CA GLY OA 135 78.57 -14.96 53.72
C GLY OA 135 78.85 -15.95 54.84
N PHE OA 136 77.95 -16.01 55.83
CA PHE OA 136 78.17 -16.95 56.94
C PHE OA 136 78.02 -18.41 56.48
N VAL OA 137 77.02 -18.69 55.64
CA VAL OA 137 76.83 -20.06 55.17
C VAL OA 137 77.97 -20.50 54.27
N ALA OA 138 78.40 -19.63 53.34
CA ALA OA 138 79.48 -19.97 52.42
C ALA OA 138 80.81 -20.12 53.14
N PHE OA 139 81.06 -19.27 54.16
CA PHE OA 139 82.30 -19.38 54.93
C PHE OA 139 82.33 -20.66 55.75
N MET OA 140 81.19 -21.04 56.35
CA MET OA 140 81.15 -22.28 57.12
C MET OA 140 81.35 -23.50 56.22
N LEU OA 141 80.73 -23.50 55.03
CA LEU OA 141 80.88 -24.63 54.11
C LEU OA 141 82.31 -24.75 53.59
N PHE OA 142 82.95 -23.61 53.28
CA PHE OA 142 84.34 -23.62 52.87
C PHE OA 142 85.26 -24.12 53.97
N MET OA 143 85.01 -23.70 55.21
CA MET OA 143 85.88 -24.15 56.30
C MET OA 143 85.66 -25.63 56.63
N PHE OA 144 84.43 -26.14 56.47
CA PHE OA 144 84.23 -27.59 56.61
C PHE OA 144 84.96 -28.36 55.53
N TRP OA 145 84.97 -27.84 54.29
CA TRP OA 145 85.69 -28.53 53.23
C TRP OA 145 87.19 -28.52 53.46
N VAL OA 146 87.73 -27.40 53.94
CA VAL OA 146 89.17 -27.30 54.21
C VAL OA 146 89.56 -28.19 55.39
N GLY OA 147 88.72 -28.24 56.43
CA GLY OA 147 88.99 -29.16 57.53
C GLY OA 147 88.85 -30.62 57.13
N GLU OA 148 88.01 -30.91 56.12
CA GLU OA 148 87.99 -32.24 55.55
C GLU OA 148 89.26 -32.52 54.77
N THR OA 149 89.84 -31.48 54.16
CA THR OA 149 91.11 -31.65 53.45
C THR OA 149 92.28 -31.79 54.42
N TYR OA 150 92.21 -31.15 55.58
CA TYR OA 150 93.22 -31.25 56.63
C TYR OA 150 92.56 -31.81 57.90
N PRO OA 151 92.38 -33.13 57.99
CA PRO OA 151 91.70 -33.70 59.15
C PRO OA 151 92.57 -33.73 60.39
N THR OA 152 91.94 -34.08 61.50
CA THR OA 152 92.67 -34.39 62.72
C THR OA 152 92.69 -35.90 62.95
N TYR OA 153 93.73 -36.35 63.65
CA TYR OA 153 93.90 -37.76 63.95
C TYR OA 153 94.70 -37.88 65.25
N GLN OA 154 95.07 -39.10 65.58
CA GLN OA 154 95.80 -39.42 66.80
C GLN OA 154 97.11 -40.12 66.47
N PRO OA 155 98.16 -39.99 67.32
CA PRO OA 155 99.46 -40.59 66.95
C PRO OA 155 99.49 -42.10 67.15
N VAL OA 156 98.69 -42.81 66.36
CA VAL OA 156 98.60 -44.27 66.39
C VAL OA 156 98.59 -44.81 64.98
N GLY OA 157 98.87 -46.10 64.88
CA GLY OA 157 98.66 -46.83 63.66
C GLY OA 157 97.21 -47.28 63.55
N PRO OA 158 96.90 -48.10 62.55
CA PRO OA 158 95.54 -48.64 62.46
C PRO OA 158 95.32 -49.71 63.52
N LYS OA 159 94.04 -49.99 63.77
CA LYS OA 159 93.69 -51.03 64.72
C LYS OA 159 94.05 -52.39 64.13
N GLN OA 160 94.55 -53.28 64.98
CA GLN OA 160 95.11 -54.55 64.54
C GLN OA 160 94.14 -55.67 64.87
N TYR OA 161 93.78 -56.45 63.86
CA TYR OA 161 92.72 -57.44 63.97
C TYR OA 161 93.25 -58.84 63.67
N PRO OA 162 92.93 -59.83 64.50
CA PRO OA 162 93.45 -61.18 64.29
C PRO OA 162 92.73 -61.91 63.17
N TYR OA 163 93.16 -63.17 62.96
CA TYR OA 163 92.58 -64.10 61.99
C TYR OA 163 92.58 -63.53 60.58
N ASN OA 164 93.68 -62.86 60.24
CA ASN OA 164 93.93 -62.20 58.96
C ASN OA 164 92.87 -61.13 58.67
N ASN OA 165 92.85 -60.13 59.56
CA ASN OA 165 91.95 -58.96 59.50
C ASN OA 165 90.49 -59.40 59.53
N LEU OA 166 90.21 -60.45 60.32
CA LEU OA 166 88.88 -61.04 60.51
C LEU OA 166 88.24 -61.46 59.19
N TYR OA 167 88.93 -62.34 58.46
CA TYR OA 167 88.49 -62.69 57.11
C TYR OA 167 87.22 -63.52 57.14
N LEU OA 168 87.14 -64.51 58.02
CA LEU OA 168 85.94 -65.32 58.11
C LEU OA 168 84.80 -64.59 58.81
N GLU OA 169 85.11 -63.51 59.54
CA GLU OA 169 84.07 -62.73 60.20
C GLU OA 169 83.48 -61.66 59.28
N ARG OA 170 84.29 -61.09 58.38
CA ARG OA 170 83.80 -60.11 57.42
C ARG OA 170 83.09 -60.73 56.22
N GLY OA 171 82.69 -62.00 56.29
CA GLY OA 171 81.97 -62.63 55.22
C GLY OA 171 82.81 -63.27 54.14
N GLY OA 172 84.09 -63.52 54.41
CA GLY OA 172 84.92 -64.21 53.44
C GLY OA 172 84.51 -65.67 53.29
N ASP OA 173 84.69 -66.18 52.08
CA ASP OA 173 84.22 -67.53 51.80
C ASP OA 173 85.19 -68.57 52.37
N PRO OA 174 84.69 -69.60 53.06
CA PRO OA 174 85.59 -70.55 53.73
C PRO OA 174 86.19 -71.60 52.81
N ASN OA 175 85.79 -71.67 51.55
CA ASN OA 175 86.44 -72.61 50.64
C ASN OA 175 87.81 -72.12 50.22
N LYS OA 176 88.01 -70.80 50.20
CA LYS OA 176 89.28 -70.20 49.84
C LYS OA 176 90.05 -69.81 51.09
N GLU OA 177 91.28 -69.33 50.89
CA GLU OA 177 92.12 -68.92 52.00
C GLU OA 177 92.87 -67.66 51.58
N PRO OA 178 92.80 -66.58 52.36
CA PRO OA 178 93.38 -65.31 51.93
C PRO OA 178 94.87 -65.24 52.19
N GLU OA 179 95.45 -64.07 51.98
CA GLU OA 179 96.83 -63.86 52.39
C GLU OA 179 96.90 -63.79 53.92
N PRO OA 180 98.02 -64.21 54.50
CA PRO OA 180 98.19 -64.07 55.95
C PRO OA 180 98.48 -62.62 56.32
N VAL OA 181 97.65 -62.05 57.18
CA VAL OA 181 97.88 -60.74 57.77
C VAL OA 181 98.41 -61.01 59.17
N VAL OA 182 99.74 -60.96 59.32
CA VAL OA 182 100.40 -61.33 60.57
C VAL OA 182 100.76 -60.06 61.33
N HIS OA 183 100.31 -59.96 62.58
CA HIS OA 183 100.63 -58.86 63.46
C HIS OA 183 101.65 -59.30 64.49
N TYR OA 184 102.68 -58.49 64.70
CA TYR OA 184 103.75 -58.80 65.64
C TYR OA 184 103.69 -57.88 66.85
N GLU OA 185 104.50 -58.19 67.84
CA GLU OA 185 104.62 -57.37 69.04
C GLU OA 185 105.44 -56.11 68.76
N ILE OA 186 105.16 -55.07 69.53
CA ILE OA 186 105.98 -53.87 69.53
C ILE OA 186 105.92 -53.21 70.90
N THR PA 52 12.66 2.73 36.18
CA THR PA 52 11.74 1.81 35.54
C THR PA 52 11.39 0.67 36.48
N LEU PA 53 10.46 -0.17 36.07
CA LEU PA 53 10.11 -1.38 36.80
C LEU PA 53 10.73 -2.60 36.11
N ARG PA 54 10.58 -3.75 36.75
CA ARG PA 54 11.05 -4.99 36.20
C ARG PA 54 9.88 -5.97 36.20
N TRP PA 55 10.10 -7.21 35.76
CA TRP PA 55 9.01 -8.16 35.57
C TRP PA 55 8.49 -8.65 36.93
N GLN PA 56 7.40 -9.42 36.87
CA GLN PA 56 6.81 -10.01 38.07
C GLN PA 56 7.63 -11.23 38.48
N GLU PA 57 8.28 -11.14 39.63
CA GLU PA 57 9.14 -12.21 40.12
C GLU PA 57 8.83 -12.47 41.58
N ASP PA 58 8.94 -13.75 41.98
CA ASP PA 58 8.90 -14.09 43.39
C ASP PA 58 10.06 -13.45 44.14
N PRO PA 59 9.87 -13.09 45.40
CA PRO PA 59 11.02 -12.70 46.23
C PRO PA 59 11.90 -13.89 46.53
N GLU PA 60 13.13 -13.59 46.92
CA GLU PA 60 14.07 -14.61 47.36
C GLU PA 60 13.58 -15.21 48.66
N PRO PA 61 13.32 -16.51 48.73
CA PRO PA 61 12.83 -17.10 49.98
C PRO PA 61 13.94 -17.18 51.02
N GLU PA 62 13.55 -17.13 52.28
CA GLU PA 62 14.52 -17.23 53.35
C GLU PA 62 14.98 -18.67 53.50
N ASP PA 63 16.17 -18.84 54.08
CA ASP PA 63 16.64 -20.17 54.43
C ASP PA 63 15.85 -20.70 55.61
N GLU PA 64 15.14 -21.80 55.40
CA GLU PA 64 14.36 -22.36 56.49
C GLU PA 64 15.26 -23.13 57.44
N ASN PA 65 14.87 -23.13 58.71
CA ASN PA 65 15.61 -23.82 59.75
C ASN PA 65 14.81 -25.07 60.12
N LEU PA 66 15.42 -26.24 59.95
CA LEU PA 66 14.74 -27.47 60.32
C LEU PA 66 14.67 -27.65 61.84
N TYR PA 67 15.43 -26.87 62.60
CA TYR PA 67 15.43 -27.02 64.04
C TYR PA 67 14.31 -26.26 64.73
N GLU PA 68 13.69 -25.28 64.06
CA GLU PA 68 12.68 -24.47 64.73
C GLU PA 68 11.38 -25.26 64.91
N LYS PA 69 10.81 -25.77 63.81
CA LYS PA 69 9.57 -26.53 63.91
C LYS PA 69 9.79 -27.89 64.54
N ASN PA 70 10.98 -28.46 64.39
CA ASN PA 70 11.30 -29.78 64.93
C ASN PA 70 12.68 -29.67 65.57
N PRO PA 71 12.76 -29.51 66.89
CA PRO PA 71 14.09 -29.47 67.54
C PRO PA 71 14.81 -30.79 67.52
N ASP PA 72 14.11 -31.91 67.31
CA ASP PA 72 14.72 -33.21 67.17
C ASP PA 72 14.92 -33.60 65.71
N SER PA 73 15.12 -32.61 64.83
CA SER PA 73 15.28 -32.89 63.42
C SER PA 73 16.63 -33.53 63.15
N HIS PA 74 16.63 -34.60 62.37
CA HIS PA 74 17.84 -35.24 61.90
C HIS PA 74 18.27 -34.73 60.53
N GLY PA 75 17.60 -33.73 59.99
CA GLY PA 75 17.98 -33.16 58.71
C GLY PA 75 17.56 -33.92 57.49
N TYR PA 76 16.72 -34.95 57.65
CA TYR PA 76 16.28 -35.75 56.52
C TYR PA 76 14.99 -35.24 55.89
N ASP PA 77 14.02 -34.83 56.70
CA ASP PA 77 12.71 -34.43 56.19
C ASP PA 77 12.06 -33.53 57.23
N LYS PA 78 11.04 -32.78 56.79
CA LYS PA 78 10.34 -31.87 57.69
C LYS PA 78 9.27 -32.57 58.53
N ASP PA 79 8.72 -33.69 58.06
CA ASP PA 79 7.80 -34.47 58.87
C ASP PA 79 8.61 -35.25 59.89
N PRO PA 80 8.33 -35.12 61.21
CA PRO PA 80 9.17 -35.79 62.21
C PRO PA 80 9.14 -37.32 62.16
N ALA PA 81 8.00 -37.93 61.84
CA ALA PA 81 7.97 -39.38 61.69
C ALA PA 81 8.80 -39.83 60.49
N VAL PA 82 8.67 -39.12 59.36
CA VAL PA 82 9.46 -39.41 58.16
C VAL PA 82 10.93 -39.13 58.41
N ASP PA 83 11.23 -38.06 59.17
CA ASP PA 83 12.62 -37.71 59.47
C ASP PA 83 13.30 -38.76 60.33
N VAL PA 84 12.63 -39.19 61.40
CA VAL PA 84 13.22 -40.18 62.30
C VAL PA 84 13.28 -41.55 61.63
N TRP PA 85 12.33 -41.86 60.74
CA TRP PA 85 12.44 -43.16 60.08
C TRP PA 85 13.45 -43.16 58.94
N ASN PA 86 13.67 -42.02 58.28
CA ASN PA 86 14.79 -41.91 57.34
C ASN PA 86 16.12 -42.04 58.07
N MET PA 87 16.22 -41.45 59.27
CA MET PA 87 17.38 -41.63 60.12
C MET PA 87 17.62 -43.09 60.44
N ARG PA 88 16.56 -43.82 60.82
CA ARG PA 88 16.73 -45.22 61.19
C ARG PA 88 17.04 -46.10 59.98
N VAL PA 89 16.48 -45.79 58.83
CA VAL PA 89 16.79 -46.55 57.61
C VAL PA 89 18.25 -46.35 57.21
N VAL PA 90 18.71 -45.09 57.22
CA VAL PA 90 20.10 -44.78 56.90
C VAL PA 90 21.05 -45.45 57.86
N PHE PA 91 20.79 -45.34 59.17
CA PHE PA 91 21.71 -45.90 60.16
C PHE PA 91 21.70 -47.42 60.17
N PHE PA 92 20.52 -48.05 60.13
CA PHE PA 92 20.45 -49.50 60.11
C PHE PA 92 21.05 -50.07 58.84
N PHE PA 93 20.49 -49.72 57.68
CA PHE PA 93 20.97 -50.29 56.43
C PHE PA 93 22.26 -49.69 55.93
N GLY PA 94 22.88 -48.75 56.66
CA GLY PA 94 24.22 -48.35 56.33
C GLY PA 94 25.25 -48.98 57.24
N PHE PA 95 25.03 -48.95 58.56
CA PHE PA 95 26.04 -49.40 59.50
C PHE PA 95 25.77 -50.81 60.00
N SER PA 96 24.53 -51.09 60.40
CA SER PA 96 24.23 -52.37 61.02
C SER PA 96 24.31 -53.49 60.00
N ILE PA 97 23.77 -53.26 58.81
CA ILE PA 97 23.77 -54.32 57.81
C ILE PA 97 25.06 -54.24 57.00
N VAL PA 98 25.24 -53.16 56.27
CA VAL PA 98 26.23 -53.15 55.19
C VAL PA 98 27.66 -53.11 55.73
N LEU PA 99 27.98 -52.14 56.60
CA LEU PA 99 29.36 -52.02 57.10
C LEU PA 99 29.77 -53.20 57.97
N VAL PA 100 28.91 -53.66 58.88
CA VAL PA 100 29.29 -54.75 59.77
C VAL PA 100 29.33 -56.08 59.02
N LEU PA 101 28.25 -56.44 58.32
CA LEU PA 101 28.24 -57.71 57.60
C LEU PA 101 29.18 -57.71 56.41
N GLY PA 102 29.50 -56.55 55.84
CA GLY PA 102 30.47 -56.49 54.77
C GLY PA 102 31.90 -56.52 55.25
N SER PA 103 32.18 -55.95 56.42
CA SER PA 103 33.48 -56.14 57.04
C SER PA 103 33.70 -57.59 57.44
N THR PA 104 32.62 -58.26 57.88
CA THR PA 104 32.71 -59.68 58.17
C THR PA 104 32.90 -60.49 56.89
N PHE PA 105 32.23 -60.11 55.81
CA PHE PA 105 32.35 -60.81 54.54
C PHE PA 105 33.75 -60.65 53.94
N VAL PA 106 34.29 -59.43 53.98
CA VAL PA 106 35.63 -59.19 53.46
C VAL PA 106 36.68 -59.85 54.35
N ALA PA 107 36.44 -59.86 55.66
CA ALA PA 107 37.35 -60.50 56.61
C ALA PA 107 37.43 -62.01 56.42
N TYR PA 108 36.39 -62.62 55.89
CA TYR PA 108 36.35 -64.07 55.70
C TYR PA 108 36.13 -64.45 54.25
N LEU PA 109 36.81 -63.76 53.34
CA LEU PA 109 36.78 -64.18 51.95
C LEU PA 109 37.54 -65.49 51.80
N PRO PA 110 37.02 -66.43 51.03
CA PRO PA 110 37.68 -67.74 50.90
C PRO PA 110 38.94 -67.65 50.07
N ASP PA 111 40.05 -67.25 50.71
CA ASP PA 111 41.39 -67.18 50.12
C ASP PA 111 41.37 -66.29 48.88
N TYR PA 112 41.20 -64.99 49.14
CA TYR PA 112 41.09 -63.97 48.09
C TYR PA 112 42.30 -63.99 47.17
N ARG PA 113 42.07 -64.44 45.95
CA ARG PA 113 43.07 -64.58 44.88
C ARG PA 113 44.20 -65.52 45.29
N MET PA 114 43.83 -66.61 45.97
CA MET PA 114 44.61 -67.86 46.16
C MET PA 114 46.03 -67.63 46.69
N GLN PA 115 46.21 -66.59 47.52
CA GLN PA 115 47.54 -66.30 48.06
C GLN PA 115 47.91 -67.27 49.18
N GLU PA 116 46.92 -67.69 50.00
CA GLU PA 116 47.17 -68.72 50.99
C GLU PA 116 47.49 -70.06 50.32
N TRP PA 117 46.75 -70.37 49.24
CA TRP PA 117 47.06 -71.55 48.44
C TRP PA 117 48.48 -71.50 47.89
N ALA PA 118 48.88 -70.33 47.38
CA ALA PA 118 50.19 -70.21 46.75
C ALA PA 118 51.32 -70.34 47.77
N ARG PA 119 51.11 -69.82 48.99
CA ARG PA 119 52.10 -70.03 50.04
C ARG PA 119 52.20 -71.51 50.42
N ARG PA 120 51.06 -72.18 50.58
CA ARG PA 120 51.09 -73.59 50.96
C ARG PA 120 51.69 -74.47 49.85
N GLU PA 121 51.42 -74.11 48.60
CA GLU PA 121 51.98 -74.83 47.46
C GLU PA 121 53.47 -74.58 47.31
N ALA PA 122 53.91 -73.35 47.59
CA ALA PA 122 55.34 -73.08 47.56
C ALA PA 122 56.07 -73.79 48.69
N GLU PA 123 55.44 -73.91 49.87
CA GLU PA 123 56.03 -74.72 50.93
C GLU PA 123 56.17 -76.17 50.51
N ARG PA 124 55.13 -76.71 49.85
CA ARG PA 124 55.18 -78.09 49.37
C ARG PA 124 56.28 -78.28 48.32
N LEU PA 125 56.42 -77.32 47.41
CA LEU PA 125 57.41 -77.47 46.34
C LEU PA 125 58.83 -77.24 46.83
N VAL PA 126 59.03 -76.33 47.79
CA VAL PA 126 60.38 -76.14 48.33
C VAL PA 126 60.79 -77.34 49.15
N LYS PA 127 59.86 -77.91 49.93
CA LYS PA 127 60.15 -79.14 50.67
C LYS PA 127 60.38 -80.32 49.72
N TYR PA 128 59.77 -80.28 48.53
CA TYR PA 128 60.07 -81.27 47.50
C TYR PA 128 61.50 -81.10 46.99
N ARG PA 129 61.80 -79.95 46.39
CA ARG PA 129 63.03 -79.79 45.63
C ARG PA 129 64.24 -79.45 46.48
N GLU PA 130 64.08 -79.28 47.80
CA GLU PA 130 65.25 -79.27 48.67
C GLU PA 130 65.71 -80.67 49.02
N ALA PA 131 64.76 -81.60 49.20
CA ALA PA 131 65.12 -82.97 49.54
C ALA PA 131 65.75 -83.71 48.36
N HIS PA 132 65.43 -83.29 47.14
CA HIS PA 132 65.99 -83.91 45.95
C HIS PA 132 67.25 -83.21 45.45
N GLY PA 133 67.73 -82.19 46.17
CA GLY PA 133 68.94 -81.50 45.76
C GLY PA 133 68.79 -80.63 44.53
N LEU PA 134 67.58 -80.43 44.04
CA LEU PA 134 67.33 -79.55 42.91
C LEU PA 134 67.47 -78.10 43.35
N PRO PA 135 67.75 -77.18 42.43
CA PRO PA 135 67.72 -75.75 42.79
C PRO PA 135 66.29 -75.29 43.03
N LEU PA 136 66.18 -74.17 43.74
CA LEU PA 136 64.88 -73.68 44.17
C LEU PA 136 64.06 -73.13 43.01
N MET PA 137 64.72 -72.61 41.98
CA MET PA 137 64.05 -72.02 40.84
C MET PA 137 65.00 -72.02 39.67
N GLU PA 138 64.50 -72.34 38.48
CA GLU PA 138 65.34 -72.34 37.29
C GLU PA 138 65.43 -70.95 36.68
N SER PA 139 66.51 -70.71 35.96
CA SER PA 139 66.69 -69.45 35.25
C SER PA 139 65.74 -69.31 34.07
N ASN PA 140 65.24 -70.42 33.56
CA ASN PA 140 64.36 -70.45 32.39
C ASN PA 140 63.00 -70.97 32.81
N CYS PA 141 61.94 -70.27 32.38
CA CYS PA 141 60.60 -70.62 32.85
C CYS PA 141 60.08 -71.90 32.21
N PHE PA 142 60.42 -72.12 30.95
CA PHE PA 142 59.98 -73.31 30.25
C PHE PA 142 61.20 -74.13 29.86
N ASP PA 143 60.96 -75.40 29.57
CA ASP PA 143 62.00 -76.37 29.25
C ASP PA 143 62.72 -75.95 27.98
N PRO PA 144 64.05 -75.77 28.01
CA PRO PA 144 64.77 -75.42 26.78
C PRO PA 144 64.87 -76.56 25.76
N SER PA 145 64.49 -77.78 26.11
CA SER PA 145 64.49 -78.85 25.11
C SER PA 145 63.32 -78.71 24.14
N LYS PA 146 62.20 -78.15 24.59
CA LYS PA 146 61.01 -77.99 23.77
C LYS PA 146 60.89 -76.58 23.18
N ILE PA 147 62.02 -75.94 22.88
CA ILE PA 147 62.04 -74.61 22.27
C ILE PA 147 62.96 -74.64 21.06
N GLN PA 148 62.43 -74.27 19.90
CA GLN PA 148 63.24 -74.05 18.72
C GLN PA 148 63.73 -72.61 18.70
N LEU PA 149 64.96 -72.43 18.37
CA LEU PA 149 65.35 -71.04 18.27
C LEU PA 149 65.39 -70.63 16.79
N PRO PA 150 65.09 -69.36 16.48
CA PRO PA 150 65.27 -68.90 15.09
C PRO PA 150 66.73 -68.84 14.70
N GLU PA 151 67.14 -69.74 13.81
CA GLU PA 151 68.55 -70.00 13.54
C GLU PA 151 69.18 -68.87 12.73
N ASP PA 152 70.50 -68.76 12.86
CA ASP PA 152 71.26 -67.67 12.28
C ASP PA 152 72.64 -68.19 11.89
N LYS QA 28 -23.49 -33.07 38.21
CA LYS QA 28 -22.30 -33.02 37.38
C LYS QA 28 -21.18 -32.26 38.09
N PHE QA 29 -20.05 -32.11 37.42
CA PHE QA 29 -19.02 -31.18 37.88
C PHE QA 29 -18.66 -30.14 36.84
N TYR QA 30 -18.60 -30.51 35.56
CA TYR QA 30 -18.11 -29.62 34.53
C TYR QA 30 -19.23 -28.78 33.94
N ILE QA 31 -18.91 -27.52 33.62
CA ILE QA 31 -19.89 -26.61 33.04
C ILE QA 31 -20.20 -27.00 31.60
N GLN QA 32 -19.29 -27.70 30.93
CA GLN QA 32 -19.51 -28.25 29.60
C GLN QA 32 -19.08 -29.71 29.63
N GLU QA 33 -19.88 -30.56 29.00
CA GLU QA 33 -19.59 -32.00 28.96
C GLU QA 33 -18.31 -32.26 28.17
N PRO QA 34 -17.30 -32.88 28.78
CA PRO QA 34 -16.06 -33.11 28.04
C PRO QA 34 -16.23 -34.20 27.01
N PRO QA 35 -15.45 -34.19 25.93
CA PRO QA 35 -15.56 -35.24 24.90
C PRO QA 35 -15.12 -36.61 25.38
N HIS QA 36 -14.39 -36.69 26.49
CA HIS QA 36 -13.98 -37.96 27.06
C HIS QA 36 -14.52 -38.14 28.48
N GLY QA 37 -15.70 -37.59 28.75
CA GLY QA 37 -16.32 -37.81 30.04
C GLY QA 37 -16.91 -39.19 30.19
N SER QA 38 -17.28 -39.82 29.08
CA SER QA 38 -17.79 -41.18 29.03
C SER QA 38 -16.94 -41.99 28.05
N PRO QA 39 -16.69 -43.28 28.34
CA PRO QA 39 -15.85 -44.08 27.45
C PRO QA 39 -16.55 -44.40 26.13
N ASN QA 40 -15.81 -44.27 25.04
CA ASN QA 40 -16.30 -44.60 23.71
C ASN QA 40 -16.27 -46.11 23.55
N TRP QA 41 -17.43 -46.74 23.70
CA TRP QA 41 -17.49 -48.20 23.80
C TRP QA 41 -17.21 -48.88 22.45
N LEU QA 42 -17.55 -48.23 21.34
CA LEU QA 42 -17.15 -48.74 20.04
C LEU QA 42 -15.63 -48.73 19.88
N LYS QA 43 -14.99 -47.65 20.32
CA LYS QA 43 -13.54 -47.53 20.18
C LYS QA 43 -12.81 -48.48 21.12
N VAL QA 44 -13.31 -48.63 22.35
CA VAL QA 44 -12.75 -49.59 23.30
C VAL QA 44 -12.95 -51.02 22.80
N GLY QA 45 -14.11 -51.30 22.21
CA GLY QA 45 -14.37 -52.63 21.70
C GLY QA 45 -13.50 -52.99 20.51
N LEU QA 46 -13.30 -52.03 19.58
CA LEU QA 46 -12.39 -52.26 18.47
C LEU QA 46 -10.95 -52.43 18.95
N THR QA 47 -10.55 -51.66 19.98
CA THR QA 47 -9.21 -51.77 20.53
C THR QA 47 -8.97 -53.15 21.14
N LEU QA 48 -9.88 -53.60 21.99
CA LEU QA 48 -9.71 -54.87 22.67
C LEU QA 48 -9.85 -56.05 21.69
N GLY QA 49 -10.74 -55.93 20.71
CA GLY QA 49 -10.88 -56.97 19.72
C GLY QA 49 -9.67 -57.09 18.82
N THR QA 50 -9.10 -55.95 18.42
CA THR QA 50 -7.89 -55.97 17.59
C THR QA 50 -6.71 -56.52 18.38
N SER QA 51 -6.60 -56.17 19.66
CA SER QA 51 -5.49 -56.66 20.46
C SER QA 51 -5.60 -58.17 20.71
N ALA QA 52 -6.80 -58.66 21.00
CA ALA QA 52 -7.01 -60.09 21.18
C ALA QA 52 -6.79 -60.86 19.88
N PHE QA 53 -7.19 -60.26 18.74
CA PHE QA 53 -6.97 -60.90 17.46
C PHE QA 53 -5.49 -60.98 17.12
N LEU QA 54 -4.74 -59.92 17.40
CA LEU QA 54 -3.29 -59.94 17.17
C LEU QA 54 -2.61 -60.96 18.07
N TRP QA 55 -3.06 -61.11 19.32
CA TRP QA 55 -2.48 -62.14 20.17
C TRP QA 55 -2.77 -63.55 19.68
N ILE QA 56 -4.02 -63.84 19.27
CA ILE QA 56 -4.32 -65.21 18.86
C ILE QA 56 -3.68 -65.52 17.51
N TYR QA 57 -3.58 -64.54 16.62
CA TYR QA 57 -2.90 -64.76 15.35
C TYR QA 57 -1.40 -64.90 15.54
N LEU QA 58 -0.82 -64.20 16.53
CA LEU QA 58 0.59 -64.36 16.83
C LEU QA 58 0.88 -65.74 17.42
N ILE QA 59 0.04 -66.22 18.33
CA ILE QA 59 0.22 -67.54 18.93
C ILE QA 59 0.04 -68.63 17.88
N LYS QA 60 -0.96 -68.48 17.01
CA LYS QA 60 -1.18 -69.46 15.95
C LYS QA 60 -0.04 -69.47 14.94
N GLN QA 61 0.48 -68.28 14.59
CA GLN QA 61 1.62 -68.21 13.68
C GLN QA 61 2.87 -68.82 14.31
N HIS QA 62 3.06 -68.63 15.62
CA HIS QA 62 4.23 -69.21 16.27
C HIS QA 62 4.13 -70.73 16.37
N ASN QA 63 2.94 -71.25 16.65
CA ASN QA 63 2.77 -72.70 16.68
C ASN QA 63 2.93 -73.31 15.29
N GLU QA 64 2.43 -72.61 14.27
CA GLU QA 64 2.62 -73.07 12.89
C GLU QA 64 4.08 -73.00 12.47
N ASP QA 65 4.82 -72.00 12.95
CA ASP QA 65 6.23 -71.87 12.61
C ASP QA 65 7.07 -72.95 13.29
N VAL QA 66 6.79 -73.28 14.55
CA VAL QA 66 7.57 -74.33 15.18
C VAL QA 66 7.19 -75.69 14.61
N LEU QA 67 5.92 -75.88 14.20
CA LEU QA 67 5.54 -77.10 13.50
C LEU QA 67 6.24 -77.21 12.16
N GLU QA 68 6.37 -76.10 11.44
CA GLU QA 68 7.03 -76.13 10.14
C GLU QA 68 8.53 -76.35 10.28
N TYR QA 69 9.15 -75.77 11.32
CA TYR QA 69 10.57 -76.00 11.59
C TYR QA 69 10.84 -77.46 11.94
N LYS QA 70 9.99 -78.04 12.81
CA LYS QA 70 10.12 -79.45 13.15
C LYS QA 70 9.86 -80.36 11.95
N ARG QA 71 8.95 -79.96 11.06
CA ARG QA 71 8.64 -80.81 9.91
C ARG QA 71 9.73 -80.71 8.85
N ARG QA 72 10.33 -79.53 8.67
CA ARG QA 72 11.38 -79.38 7.68
C ARG QA 72 12.68 -80.05 8.13
N ASN QA 73 13.02 -79.93 9.42
CA ASN QA 73 14.29 -80.47 9.88
C ASN QA 73 14.18 -81.77 10.65
N GLY QA 74 12.98 -82.34 10.75
CA GLY QA 74 12.79 -83.65 11.36
C GLY QA 74 13.08 -83.71 12.85
N LEU QA 75 12.34 -82.95 13.66
CA LEU QA 75 12.53 -82.93 15.11
C LEU QA 75 11.18 -83.19 15.77
N GLU QA 76 10.82 -84.46 15.87
CA GLU QA 76 9.52 -84.86 16.41
C GLU QA 76 9.62 -86.14 17.22
N ARG RA 9 -0.70 -56.86 49.01
CA ARG RA 9 0.42 -56.81 49.93
C ARG RA 9 0.61 -55.39 50.43
N ASP RA 10 0.76 -55.25 51.75
CA ASP RA 10 0.75 -53.94 52.40
C ASP RA 10 2.02 -53.14 52.17
N HIS RA 11 3.12 -53.81 51.84
CA HIS RA 11 4.40 -53.17 51.58
C HIS RA 11 5.02 -53.75 50.32
N TRP RA 12 4.23 -53.79 49.24
CA TRP RA 12 4.61 -54.39 47.97
C TRP RA 12 5.72 -53.64 47.25
N ILE RA 13 6.05 -52.42 47.68
CA ILE RA 13 7.09 -51.69 46.99
C ILE RA 13 8.48 -52.13 47.44
N HIS RA 14 8.58 -52.82 48.57
CA HIS RA 14 9.86 -53.28 49.08
C HIS RA 14 10.22 -54.67 48.57
N VAL RA 15 9.48 -55.20 47.62
CA VAL RA 15 9.89 -56.39 46.88
C VAL RA 15 10.07 -56.09 45.40
N LEU RA 16 10.30 -54.83 45.04
CA LEU RA 16 10.67 -54.54 43.65
C LEU RA 16 12.14 -54.85 43.41
N VAL RA 17 13.01 -54.44 44.32
CA VAL RA 17 14.45 -54.67 44.22
C VAL RA 17 14.87 -56.07 44.69
N PRO RA 18 14.38 -56.66 45.80
CA PRO RA 18 14.81 -58.05 46.11
C PRO RA 18 14.36 -59.09 45.10
N VAL RA 19 13.14 -58.96 44.56
CA VAL RA 19 12.72 -59.88 43.49
C VAL RA 19 13.52 -59.61 42.22
N GLY RA 20 13.96 -58.36 42.01
CA GLY RA 20 14.88 -58.07 40.93
C GLY RA 20 16.22 -58.77 41.08
N PHE RA 21 16.73 -58.85 42.32
CA PHE RA 21 17.97 -59.57 42.56
C PHE RA 21 17.79 -61.07 42.39
N VAL RA 22 16.67 -61.62 42.87
CA VAL RA 22 16.41 -63.05 42.71
C VAL RA 22 16.27 -63.41 41.24
N PHE RA 23 15.62 -62.54 40.46
CA PHE RA 23 15.42 -62.80 39.03
C PHE RA 23 16.72 -62.65 38.26
N GLY RA 24 17.57 -61.68 38.63
CA GLY RA 24 18.87 -61.56 37.98
C GLY RA 24 19.79 -62.72 38.31
N TYR RA 25 19.75 -63.20 39.56
CA TYR RA 25 20.53 -64.37 39.96
C TYR RA 25 20.04 -65.62 39.22
N TYR RA 26 18.72 -65.73 39.05
CA TYR RA 26 18.16 -66.85 38.27
C TYR RA 26 18.59 -66.79 36.82
N LEU RA 27 18.62 -65.59 36.22
CA LEU RA 27 19.04 -65.48 34.83
C LEU RA 27 20.53 -65.75 34.67
N ASP RA 28 21.34 -65.40 35.67
CA ASP RA 28 22.75 -65.77 35.63
C ASP RA 28 22.93 -67.28 35.69
N ARG RA 29 22.20 -67.94 36.59
CA ARG RA 29 22.25 -69.40 36.67
C ARG RA 29 21.67 -70.07 35.44
N LYS RA 30 20.78 -69.37 34.73
CA LYS RA 30 20.22 -69.88 33.48
C LYS RA 30 21.20 -69.74 32.33
N ASN RA 31 21.97 -68.65 32.31
CA ASN RA 31 22.97 -68.45 31.25
C ASN RA 31 24.18 -69.35 31.47
N ASP RA 32 24.43 -69.76 32.72
CA ASP RA 32 25.55 -70.65 32.99
C ASP RA 32 25.35 -72.02 32.35
N GLU RA 33 24.09 -72.45 32.15
CA GLU RA 33 23.81 -73.66 31.41
C GLU RA 33 23.85 -73.46 29.90
N LYS RA 34 23.89 -72.23 29.43
CA LYS RA 34 24.18 -71.98 28.02
C LYS RA 34 25.67 -71.76 27.77
N LEU RA 35 26.46 -71.62 28.82
CA LEU RA 35 27.92 -71.58 28.71
C LEU RA 35 28.56 -72.84 29.28
N ALA RA 36 27.89 -73.99 29.09
CA ALA RA 36 28.32 -75.26 29.65
C ALA RA 36 28.95 -76.17 28.59
N ALA RA 37 29.62 -75.58 27.61
CA ALA RA 37 30.16 -76.37 26.50
C ALA RA 37 31.38 -77.18 26.91
N PHE RA 38 32.10 -76.74 27.94
CA PHE RA 38 33.30 -77.45 28.40
C PHE RA 38 33.15 -77.94 29.82
N ARG RA 39 31.93 -78.30 30.23
CA ARG RA 39 31.73 -78.89 31.53
C ARG RA 39 32.35 -80.28 31.55
N ASN RA 40 33.29 -80.49 32.49
CA ASN RA 40 34.08 -81.72 32.64
C ASN RA 40 34.90 -82.03 31.39
N LYS RA 41 35.25 -81.01 30.62
CA LYS RA 41 35.98 -81.19 29.37
C LYS RA 41 37.28 -80.42 29.31
N SER RA 42 37.54 -79.53 30.27
CA SER RA 42 38.82 -78.84 30.36
C SER RA 42 39.94 -79.80 30.68
N LEU RA 43 41.12 -79.55 30.10
CA LEU RA 43 42.27 -80.43 30.32
C LEU RA 43 42.80 -80.34 31.74
N LEU RA 44 42.37 -79.35 32.51
CA LEU RA 44 42.82 -79.20 33.88
C LEU RA 44 41.87 -79.85 34.86
N TYR RA 45 40.56 -79.85 34.57
CA TYR RA 45 39.58 -80.34 35.52
C TYR RA 45 38.74 -81.50 35.02
N LYS RA 46 39.12 -82.14 33.91
CA LYS RA 46 38.41 -83.34 33.49
C LYS RA 46 38.68 -84.47 34.46
N ARG RA 47 37.62 -85.17 34.83
CA ARG RA 47 37.70 -86.22 35.84
C ARG RA 47 36.54 -87.17 35.60
N GLU RA 48 36.62 -88.33 36.25
CA GLU RA 48 35.53 -89.29 36.18
C GLU RA 48 34.32 -88.76 36.93
N LEU RA 49 33.14 -89.04 36.39
CA LEU RA 49 31.91 -88.67 37.08
C LEU RA 49 31.73 -89.57 38.30
N LYS RA 50 31.40 -88.96 39.43
CA LYS RA 50 31.09 -89.71 40.63
C LYS RA 50 29.76 -90.43 40.44
N PRO RA 51 29.53 -91.52 41.18
CA PRO RA 51 28.20 -92.14 41.16
C PRO RA 51 27.15 -91.22 41.77
N GLN RA 52 25.91 -91.39 41.29
CA GLN RA 52 24.78 -90.50 41.58
C GLN RA 52 25.10 -89.05 41.21
N GLU RA 53 25.79 -88.87 40.09
CA GLU RA 53 26.12 -87.53 39.58
C GLU RA 53 26.01 -87.54 38.07
N GLU RA 54 25.34 -86.54 37.52
CA GLU RA 54 25.21 -86.41 36.07
C GLU RA 54 25.90 -85.18 35.50
N VAL RA 55 26.11 -84.14 36.30
CA VAL RA 55 26.81 -82.93 35.89
C VAL RA 55 27.84 -82.57 36.96
N THR RA 56 29.00 -82.09 36.53
CA THR RA 56 30.02 -81.72 37.51
C THR RA 56 29.76 -80.34 38.11
N TRP RA 57 29.06 -79.46 37.39
CA TRP RA 57 28.60 -78.22 37.98
C TRP RA 57 27.28 -77.81 37.34
N LYS RA 58 26.63 -76.84 37.97
CA LYS RA 58 25.33 -76.34 37.51
C LYS RA 58 25.39 -74.84 37.24
N MET SA 1 -30.91 -5.76 -59.53
CA MET SA 1 -31.28 -6.37 -58.26
C MET SA 1 -30.15 -7.25 -57.71
N TRP SA 2 -30.52 -8.38 -57.11
CA TRP SA 2 -29.58 -9.22 -56.37
C TRP SA 2 -28.47 -9.80 -57.24
N PHE SA 3 -28.70 -9.98 -58.53
CA PHE SA 3 -27.72 -10.58 -59.44
C PHE SA 3 -26.60 -9.62 -59.83
N GLU SA 4 -26.48 -8.46 -59.19
CA GLU SA 4 -25.30 -7.63 -59.41
C GLU SA 4 -24.15 -8.01 -58.49
N VAL SA 5 -24.39 -8.91 -57.53
CA VAL SA 5 -23.28 -9.48 -56.74
C VAL SA 5 -22.52 -10.53 -57.53
N LEU SA 6 -23.09 -11.04 -58.61
CA LEU SA 6 -22.52 -12.09 -59.44
C LEU SA 6 -21.27 -11.75 -60.25
N PRO SA 7 -21.02 -10.51 -60.70
CA PRO SA 7 -19.68 -10.25 -61.29
C PRO SA 7 -18.54 -10.35 -60.30
N GLY SA 8 -18.71 -9.85 -59.07
CA GLY SA 8 -17.66 -9.99 -58.09
C GLY SA 8 -17.43 -11.43 -57.66
N ILE SA 9 -18.53 -12.18 -57.45
CA ILE SA 9 -18.46 -13.61 -57.15
C ILE SA 9 -17.85 -14.37 -58.32
N ALA SA 10 -18.11 -13.93 -59.54
CA ALA SA 10 -17.51 -14.56 -60.71
C ALA SA 10 -16.01 -14.33 -60.78
N VAL SA 11 -15.57 -13.10 -60.49
CA VAL SA 11 -14.13 -12.82 -60.46
C VAL SA 11 -13.45 -13.59 -59.34
N MET SA 12 -14.08 -13.64 -58.17
CA MET SA 12 -13.50 -14.37 -57.03
C MET SA 12 -13.48 -15.87 -57.27
N GLY SA 13 -14.49 -16.41 -57.97
CA GLY SA 13 -14.50 -17.81 -58.29
C GLY SA 13 -13.50 -18.19 -59.36
N VAL SA 14 -13.28 -17.32 -60.34
CA VAL SA 14 -12.22 -17.55 -61.32
C VAL SA 14 -10.85 -17.50 -60.64
N CYS SA 15 -10.67 -16.57 -59.69
CA CYS SA 15 -9.42 -16.50 -58.96
C CYS SA 15 -9.20 -17.71 -58.06
N LEU SA 16 -10.27 -18.34 -57.58
CA LEU SA 16 -10.09 -19.59 -56.84
C LEU SA 16 -10.00 -20.80 -57.77
N PHE SA 17 -10.44 -20.68 -59.02
CA PHE SA 17 -10.26 -21.76 -59.99
C PHE SA 17 -8.82 -21.83 -60.50
N ILE SA 18 -8.15 -20.67 -60.58
CA ILE SA 18 -6.76 -20.64 -61.10
C ILE SA 18 -5.77 -21.54 -60.37
N PRO SA 19 -5.70 -21.59 -59.02
CA PRO SA 19 -4.66 -22.43 -58.40
C PRO SA 19 -4.82 -23.93 -58.64
N GLY SA 20 -6.05 -24.44 -58.64
CA GLY SA 20 -6.24 -25.86 -58.83
C GLY SA 20 -5.97 -26.31 -60.26
N MET SA 21 -6.50 -25.56 -61.23
CA MET SA 21 -6.18 -25.80 -62.63
C MET SA 21 -4.69 -25.66 -62.90
N ALA SA 22 -4.05 -24.69 -62.24
CA ALA SA 22 -2.62 -24.48 -62.39
C ALA SA 22 -1.82 -25.68 -61.87
N THR SA 23 -2.13 -26.14 -60.66
CA THR SA 23 -1.34 -27.24 -60.10
C THR SA 23 -1.63 -28.55 -60.80
N ALA SA 24 -2.85 -28.75 -61.32
CA ALA SA 24 -3.14 -29.97 -62.06
C ALA SA 24 -2.41 -29.99 -63.41
N ARG SA 25 -2.43 -28.87 -64.13
CA ARG SA 25 -1.74 -28.81 -65.41
C ARG SA 25 -0.23 -28.84 -65.24
N ILE SA 26 0.31 -28.26 -64.17
CA ILE SA 26 1.75 -28.28 -63.98
C ILE SA 26 2.22 -29.66 -63.52
N HIS SA 27 1.40 -30.36 -62.71
CA HIS SA 27 1.72 -31.73 -62.36
C HIS SA 27 1.68 -32.65 -63.58
N ARG SA 28 0.76 -32.40 -64.52
CA ARG SA 28 0.77 -33.21 -65.73
C ARG SA 28 1.91 -32.83 -66.68
N PHE SA 29 2.32 -31.56 -66.70
CA PHE SA 29 3.42 -31.19 -67.59
C PHE SA 29 4.76 -31.65 -67.06
N SER SA 30 4.92 -31.74 -65.75
CA SER SA 30 6.21 -32.09 -65.16
C SER SA 30 6.34 -33.57 -64.85
N ASN SA 31 5.35 -34.39 -65.18
CA ASN SA 31 5.40 -35.80 -64.81
C ASN SA 31 4.93 -36.69 -65.95
N GLY SA 32 5.20 -36.30 -67.19
CA GLY SA 32 4.93 -37.17 -68.33
C GLY SA 32 3.48 -37.28 -68.73
N GLY SA 33 2.68 -36.24 -68.53
CA GLY SA 33 1.29 -36.29 -68.91
C GLY SA 33 0.41 -37.04 -67.95
N ARG SA 34 0.84 -37.21 -66.71
CA ARG SA 34 0.16 -38.02 -65.73
C ARG SA 34 0.10 -37.27 -64.41
N GLU SA 35 -0.54 -37.90 -63.42
CA GLU SA 35 -0.56 -37.36 -62.08
C GLU SA 35 0.83 -37.41 -61.46
N LYS SA 36 1.07 -36.51 -60.51
CA LYS SA 36 2.32 -36.52 -59.79
C LYS SA 36 2.36 -37.73 -58.86
N ARG SA 37 3.49 -38.45 -58.88
CA ARG SA 37 3.64 -39.61 -58.02
C ARG SA 37 3.64 -39.19 -56.56
N VAL SA 38 2.72 -39.76 -55.81
CA VAL SA 38 2.61 -39.49 -54.38
C VAL SA 38 3.50 -40.49 -53.66
N ALA SA 39 4.40 -39.99 -52.83
CA ALA SA 39 5.28 -40.84 -52.02
C ALA SA 39 5.18 -40.36 -50.58
N HIS SA 40 4.15 -40.85 -49.88
CA HIS SA 40 3.99 -40.58 -48.46
C HIS SA 40 4.77 -41.55 -47.60
N TYR SA 41 5.07 -42.72 -48.13
CA TYR SA 41 5.67 -43.83 -47.40
C TYR SA 41 6.91 -44.26 -48.15
N SER SA 42 7.81 -44.95 -47.45
CA SER SA 42 9.12 -45.24 -48.01
C SER SA 42 9.08 -46.31 -49.09
N TYR SA 43 8.01 -47.11 -49.15
CA TYR SA 43 7.88 -48.07 -50.24
C TYR SA 43 7.57 -47.38 -51.55
N GLN SA 44 6.70 -46.36 -51.50
CA GLN SA 44 6.41 -45.56 -52.69
C GLN SA 44 7.64 -44.81 -53.15
N TRP SA 45 8.48 -44.36 -52.21
CA TRP SA 45 9.71 -43.69 -52.56
C TRP SA 45 10.74 -44.66 -53.12
N TYR SA 46 10.82 -45.88 -52.58
CA TYR SA 46 11.73 -46.88 -53.11
C TYR SA 46 11.35 -47.28 -54.52
N LEU SA 47 10.04 -47.44 -54.78
CA LEU SA 47 9.61 -47.75 -56.14
C LEU SA 47 9.82 -46.58 -57.08
N MET SA 48 9.66 -45.36 -56.60
CA MET SA 48 9.88 -44.18 -57.43
C MET SA 48 11.35 -44.01 -57.78
N GLU SA 49 12.25 -44.24 -56.81
CA GLU SA 49 13.68 -44.22 -57.10
C GLU SA 49 14.11 -45.37 -57.98
N ARG SA 50 13.45 -46.53 -57.85
CA ARG SA 50 13.73 -47.64 -58.75
C ARG SA 50 13.29 -47.32 -60.17
N ASP SA 51 12.17 -46.60 -60.32
CA ASP SA 51 11.72 -46.13 -61.63
C ASP SA 51 12.72 -45.16 -62.24
N ARG SA 52 13.25 -44.25 -61.41
CA ARG SA 52 14.26 -43.30 -61.87
C ARG SA 52 15.54 -44.00 -62.28
N ARG SA 53 15.89 -45.10 -61.61
CA ARG SA 53 17.07 -45.86 -62.02
C ARG SA 53 16.82 -46.67 -63.29
N VAL SA 54 15.65 -47.30 -63.42
CA VAL SA 54 15.42 -48.17 -64.57
C VAL SA 54 15.00 -47.43 -65.83
N SER SA 55 14.67 -46.14 -65.74
CA SER SA 55 14.24 -45.43 -66.94
C SER SA 55 15.40 -45.13 -67.89
N GLY SA 56 16.63 -45.06 -67.40
CA GLY SA 56 17.77 -44.77 -68.24
C GLY SA 56 17.98 -43.31 -68.59
N VAL SA 57 16.99 -42.45 -68.34
CA VAL SA 57 17.07 -41.03 -68.65
C VAL SA 57 17.09 -40.18 -67.39
N ASN SA 58 17.21 -40.82 -66.22
CA ASN SA 58 17.21 -40.17 -64.90
C ASN SA 58 15.93 -39.36 -64.68
N ARG SA 59 14.80 -39.96 -65.03
CA ARG SA 59 13.48 -39.38 -64.80
C ARG SA 59 12.56 -40.51 -64.39
N TYR SA 60 11.93 -40.38 -63.20
CA TYR SA 60 11.13 -41.48 -62.67
C TYR SA 60 9.87 -41.70 -63.50
N TYR SA 61 9.37 -40.66 -64.16
CA TYR SA 61 8.09 -40.76 -64.84
C TYR SA 61 8.18 -41.49 -66.18
N VAL SA 62 9.35 -41.56 -66.81
CA VAL SA 62 9.46 -42.23 -68.10
C VAL SA 62 9.40 -43.73 -67.86
N SER SA 63 8.27 -44.35 -68.18
CA SER SA 63 8.01 -45.73 -67.84
C SER SA 63 8.57 -46.67 -68.90
N LYS SA 64 8.93 -47.87 -68.47
CA LYS SA 64 9.48 -48.91 -69.33
C LYS SA 64 8.67 -50.17 -69.15
N GLY SA 65 8.25 -50.77 -70.27
CA GLY SA 65 7.41 -51.95 -70.20
C GLY SA 65 8.03 -53.19 -70.80
N LEU SA 66 7.19 -54.00 -71.46
CA LEU SA 66 7.63 -55.27 -72.03
C LEU SA 66 8.54 -55.10 -73.24
N GLU SA 67 8.61 -53.89 -73.80
CA GLU SA 67 9.57 -53.59 -74.86
C GLU SA 67 11.00 -53.55 -74.35
N ASN SA 68 11.20 -53.44 -73.03
CA ASN SA 68 12.52 -53.23 -72.47
C ASN SA 68 13.22 -54.55 -72.14
N ILE SA 69 12.49 -55.56 -71.69
CA ILE SA 69 13.08 -56.87 -71.45
C ILE SA 69 12.99 -57.70 -72.71
N ASP SA 70 13.88 -58.68 -72.83
CA ASP SA 70 14.01 -59.51 -74.03
C ASP SA 70 12.80 -60.40 -74.28
FE1 SF4 TA . -73.07 62.11 -37.17
FE2 SF4 TA . -71.58 62.60 -34.90
FE3 SF4 TA . -71.63 64.40 -36.63
FE4 SF4 TA . -73.66 64.13 -35.23
S1 SF4 TA . -71.65 64.82 -34.35
S2 SF4 TA . -73.83 64.22 -37.50
S3 SF4 TA . -73.69 61.77 -35.02
S4 SF4 TA . -70.80 62.33 -37.12
N1 FMN UA . -85.33 70.56 -33.65
C2 FMN UA . -86.03 71.50 -34.36
O2 FMN UA . -86.84 72.21 -33.77
N3 FMN UA . -85.83 71.67 -35.70
C4 FMN UA . -84.91 70.88 -36.33
O4 FMN UA . -84.69 70.99 -37.53
C4A FMN UA . -84.20 69.94 -35.62
N5 FMN UA . -83.29 69.16 -36.29
C5A FMN UA . -82.58 68.22 -35.60
C6 FMN UA . -81.67 67.47 -36.29
C7 FMN UA . -80.94 66.51 -35.62
C7M FMN UA . -79.95 65.69 -36.39
C8 FMN UA . -81.11 66.31 -34.26
C8M FMN UA . -80.32 65.28 -33.52
C9 FMN UA . -82.03 67.08 -33.56
C9A FMN UA . -82.77 68.04 -34.23
N10 FMN UA . -83.69 68.82 -33.56
C10 FMN UA . -84.40 69.77 -34.26
C1' FMN UA . -83.93 68.68 -32.09
C2' FMN UA . -83.09 69.67 -31.29
O2' FMN UA . -81.87 69.07 -30.93
C3' FMN UA . -83.81 70.15 -30.03
O3' FMN UA . -84.42 69.04 -29.40
C4' FMN UA . -84.89 71.16 -30.38
O4' FMN UA . -84.51 71.90 -31.52
C5' FMN UA . -85.16 72.12 -29.25
O5' FMN UA . -85.84 71.43 -28.24
P FMN UA . -87.44 71.52 -28.19
O1P FMN UA . -88.00 70.28 -28.83
O2P FMN UA . -87.91 71.65 -26.78
O3P FMN UA . -87.88 72.72 -28.99
FE1 FES VA . -88.39 67.05 -50.76
FE2 FES VA . -88.78 67.54 -47.80
S1 FES VA . -88.82 68.84 -49.57
S2 FES VA . -88.70 65.74 -49.04
FE1 SF4 WA . -51.42 52.12 -38.01
FE2 SF4 WA . -51.51 50.18 -39.93
FE3 SF4 WA . -52.95 52.43 -40.23
FE4 SF4 WA . -50.22 52.46 -40.43
S1 SF4 WA . -51.69 51.41 -41.86
S2 SF4 WA . -51.52 53.99 -39.33
S3 SF4 WA . -49.64 50.92 -38.82
S4 SF4 WA . -53.25 50.85 -38.58
FE1 SF4 XA . -55.73 62.86 -36.10
FE2 SF4 XA . -55.92 62.74 -38.83
FE3 SF4 XA . -54.49 64.68 -37.72
FE4 SF4 XA . -53.53 62.21 -37.53
S1 SF4 XA . -53.82 63.37 -39.48
S2 SF4 XA . -53.64 63.73 -35.81
S3 SF4 XA . -55.48 60.99 -37.40
S4 SF4 XA . -56.78 64.40 -37.48
FE1 FES YA . -61.78 60.44 -28.53
FE2 FES YA . -62.82 60.47 -25.70
S1 FES YA . -63.79 60.48 -27.67
S2 FES YA . -60.92 59.86 -26.61
K K ZA . -47.69 59.70 -36.58
FE1 SF4 AB . -28.66 20.48 -37.80
FE2 SF4 AB . -27.80 21.89 -35.87
FE3 SF4 AB . -29.91 22.39 -36.94
FE4 SF4 AB . -29.94 20.14 -35.39
S1 SF4 AB . -29.68 22.26 -34.59
S2 SF4 AB . -30.97 20.39 -37.41
S3 SF4 AB . -27.79 19.53 -35.91
S4 SF4 AB . -27.89 22.66 -38.07
O12 PC1 BB . 3.79 19.45 -53.47
P PC1 BB . 4.80 18.58 -52.82
O14 PC1 BB . 6.22 18.95 -52.90
O13 PC1 BB . 4.39 18.42 -51.30
C11 PC1 BB . 3.10 18.84 -50.79
C12 PC1 BB . 3.29 18.97 -49.30
N PC1 BB . 4.01 20.22 -48.79
C13 PC1 BB . 3.37 20.59 -47.49
C14 PC1 BB . 3.90 21.38 -49.74
C15 PC1 BB . 5.46 19.92 -48.56
O11 PC1 BB . 4.57 17.10 -53.38
C1 PC1 BB . 4.73 16.00 -52.48
C2 PC1 BB . 4.12 14.76 -53.10
O21 PC1 BB . 4.94 14.33 -54.23
C21 PC1 BB . 5.94 13.48 -53.98
O22 PC1 BB . 6.28 13.13 -52.88
C22 PC1 BB . 6.57 12.97 -55.25
C23 PC1 BB . 6.94 11.50 -55.16
C24 PC1 BB . 7.22 10.86 -56.51
C25 PC1 BB . 6.05 10.94 -57.47
C26 PC1 BB . 5.79 9.65 -58.22
C27 PC1 BB . 6.95 9.15 -59.04
C28 PC1 BB . 6.64 7.87 -59.80
C29 PC1 BB . 6.24 6.70 -58.91
C2A PC1 BB . 5.77 5.48 -59.66
C3 PC1 BB . 2.74 15.02 -53.62
O31 PC1 BB . 2.18 13.77 -54.07
C31 PC1 BB . 1.33 13.17 -53.25
O32 PC1 BB . 0.99 13.61 -52.18
C32 PC1 BB . 0.85 11.86 -53.82
C33 PC1 BB . 1.95 10.89 -54.19
C34 PC1 BB . 1.44 9.46 -54.28
C35 PC1 BB . 2.48 8.42 -54.63
C36 PC1 BB . 2.97 8.50 -56.06
C37 PC1 BB . 1.88 8.30 -57.09
C38 PC1 BB . 1.29 6.90 -57.11
C39 PC1 BB . 2.22 5.84 -57.67
C3A PC1 BB . 1.79 4.43 -57.35
C3B PC1 BB . 0.39 4.06 -57.82
C3C PC1 BB . -0.04 2.67 -57.39
C3D PC1 BB . -0.34 2.55 -55.90
C3E PC1 BB . 0.17 1.28 -55.25
C3F PC1 BB . -0.08 0.01 -56.05
C3G PC1 BB . -1.54 -0.45 -56.07
C3H PC1 BB . -1.96 -1.24 -54.85
C3I PC1 BB . -1.16 -2.51 -54.68
P 3PE CB . -16.10 9.76 -62.37
N 3PE CB . -19.82 8.45 -63.11
O11 3PE CB . -15.50 9.10 -63.69
O12 3PE CB . -15.52 9.02 -61.23
O13 3PE CB . -17.66 9.41 -62.44
O14 3PE CB . -15.91 11.22 -62.44
C11 3PE CB . -18.68 10.05 -61.63
C12 3PE CB . -19.99 9.63 -62.23
C1 3PE CB . -14.95 7.76 -63.60
C2 3PE CB . -13.68 7.71 -64.42
C3 3PE CB . -12.86 8.95 -64.19
O31 3PE CB . -11.68 8.90 -65.01
O32 3PE CB . -10.61 10.19 -63.54
C31 3PE CB . -10.62 9.58 -64.57
C32 3PE CB . -9.46 9.48 -65.52
C33 3PE CB . -8.18 9.05 -64.83
C34 3PE CB . -8.25 7.65 -64.26
C35 3PE CB . -6.89 7.07 -63.90
C36 3PE CB . -5.81 7.24 -64.96
C37 3PE CB . -4.62 6.32 -64.79
C38 3PE CB . -4.86 4.92 -65.33
C39 3PE CB . -3.84 3.89 -64.88
C3A 3PE CB . -2.40 4.33 -65.04
C3B 3PE CB . -1.37 3.29 -64.65
C3C 3PE CB . 0.05 3.84 -64.58
C3D 3PE CB . 0.40 4.71 -65.78
C3E 3PE CB . 1.74 5.42 -65.68
C3F 3PE CB . 1.88 6.53 -66.71
C3G 3PE CB . 1.50 6.10 -68.11
C3H 3PE CB . 1.43 7.24 -69.11
C3I 3PE CB . 2.73 7.98 -69.22
O21 3PE CB . -12.91 6.57 -63.97
O22 3PE CB . -13.95 5.25 -65.47
C21 3PE CB . -13.16 5.40 -64.57
C22 3PE CB . -12.31 4.30 -63.99
C23 3PE CB . -10.85 4.67 -63.77
C24 3PE CB . -9.98 3.45 -63.57
C25 3PE CB . -8.53 3.80 -63.33
C26 3PE CB . -7.55 2.81 -63.93
C27 3PE CB . -7.65 1.42 -63.36
C28 3PE CB . -7.20 1.33 -61.93
C29 3PE CB . -5.71 1.42 -61.73
C2A 3PE CB . -4.92 0.22 -62.23
C2B 3PE CB . -3.43 0.28 -61.95
C2C 3PE CB . -3.06 0.34 -60.47
C2D 3PE CB . -3.51 -0.86 -59.65
C2E 3PE CB . -2.83 -2.16 -60.05
C2F 3PE CB . -3.33 -3.39 -59.30
C2G 3PE CB . -3.28 -3.26 -57.79
C2H 3PE CB . -3.56 -4.56 -57.05
C2I 3PE CB . -4.89 -5.18 -57.41
FE1 SF4 DB . -36.52 30.87 -40.55
FE2 SF4 DB . -34.30 31.11 -42.11
FE3 SF4 DB . -36.52 32.53 -42.68
FE4 SF4 DB . -35.04 33.16 -40.48
S1 SF4 DB . -34.36 33.33 -42.68
S2 SF4 DB . -37.33 33.02 -40.59
S3 SF4 DB . -34.34 31.07 -39.82
S4 SF4 DB . -36.33 30.24 -42.75
FE1 SF4 EB . -41.47 40.43 -47.10
FE2 SF4 EB . -39.35 40.75 -45.41
FE3 SF4 EB . -39.60 42.35 -47.53
FE4 SF4 EB . -41.39 42.55 -45.49
S1 SF4 EB . -39.14 43.03 -45.38
S2 SF4 EB . -41.87 42.60 -47.73
S3 SF4 EB . -41.53 40.37 -44.80
S4 SF4 EB . -39.26 40.08 -47.61
O12 PC1 FB . -3.83 -57.13 -22.33
P PC1 FB . -2.83 -56.09 -22.60
O14 PC1 FB . -3.08 -55.11 -23.69
O13 PC1 FB . -1.43 -56.80 -22.88
C11 PC1 FB . -1.13 -57.49 -24.12
C12 PC1 FB . 0.35 -57.30 -24.31
N PC1 FB . 0.78 -56.20 -25.28
C13 PC1 FB . -0.01 -56.27 -26.54
C14 PC1 FB . 2.23 -56.39 -25.59
C15 PC1 FB . 0.59 -54.86 -24.66
O11 PC1 FB . -2.58 -55.27 -21.25
C1 PC1 FB . -2.09 -53.92 -21.35
C2 PC1 FB . -2.84 -53.02 -20.40
O21 PC1 FB . -2.01 -52.64 -19.25
C21 PC1 FB . -1.59 -53.53 -18.32
O22 PC1 FB . -1.97 -54.67 -18.24
C22 PC1 FB . -0.56 -52.92 -17.41
C23 PC1 FB . -0.69 -51.41 -17.26
C24 PC1 FB . -1.86 -50.99 -16.40
C25 PC1 FB . -1.87 -51.65 -15.02
C26 PC1 FB . -2.93 -51.10 -14.09
C27 PC1 FB . -2.65 -49.69 -13.61
C28 PC1 FB . -3.71 -49.18 -12.65
C29 PC1 FB . -3.41 -47.81 -12.07
C2A PC1 FB . -4.52 -47.28 -11.17
C2B PC1 FB . -4.20 -45.98 -10.46
C3 PC1 FB . -4.24 -53.51 -20.10
O31 PC1 FB . -4.93 -52.53 -19.29
C31 PC1 FB . -6.16 -52.18 -19.67
O32 PC1 FB . -6.70 -52.58 -20.67
C32 PC1 FB . -6.78 -51.23 -18.69
C33 PC1 FB . -5.77 -50.57 -17.76
C34 PC1 FB . -6.41 -49.97 -16.52
C35 PC1 FB . -7.55 -49.00 -16.80
C36 PC1 FB . -8.04 -48.27 -15.56
C37 PC1 FB . -6.98 -47.42 -14.88
C38 PC1 FB . -7.52 -46.46 -13.84
O12 PC1 GB . -28.41 -21.67 -26.87
P PC1 GB . -27.39 -21.97 -25.84
O14 PC1 GB . -26.52 -20.87 -25.35
O13 PC1 GB . -28.15 -22.63 -24.62
C11 PC1 GB . -28.10 -22.08 -23.30
C12 PC1 GB . -26.99 -22.89 -22.67
N PC1 GB . -26.88 -22.81 -21.17
C13 PC1 GB . -25.66 -23.53 -20.70
C14 PC1 GB . -26.80 -21.38 -20.73
C15 PC1 GB . -28.09 -23.43 -20.55
O11 PC1 GB . -26.49 -23.17 -26.40
C1 PC1 GB . -25.38 -22.90 -27.29
C2 PC1 GB . -25.75 -23.34 -28.68
O21 PC1 GB . -25.95 -24.79 -28.85
C21 PC1 GB . -24.93 -25.68 -28.83
O22 PC1 GB . -23.87 -25.49 -28.30
C22 PC1 GB . -25.28 -26.92 -29.58
C23 PC1 GB . -24.30 -27.20 -30.71
C24 PC1 GB . -24.74 -28.30 -31.65
C25 PC1 GB . -25.05 -29.60 -30.95
C26 PC1 GB . -25.58 -30.68 -31.87
C27 PC1 GB . -26.16 -31.88 -31.13
C28 PC1 GB . -26.67 -32.94 -32.07
C29 PC1 GB . -27.64 -33.92 -31.46
C2A PC1 GB . -27.01 -34.91 -30.52
C2B PC1 GB . -27.98 -35.92 -29.96
C2C PC1 GB . -29.14 -35.29 -29.20
C2D PC1 GB . -30.02 -36.27 -28.41
C2E PC1 GB . -29.39 -36.83 -27.15
C2F PC1 GB . -28.79 -38.22 -27.28
C2G PC1 GB . -29.78 -39.27 -27.74
C2H PC1 GB . -29.20 -40.67 -27.83
C2I PC1 GB . -30.19 -41.70 -28.33
C3 PC1 GB . -24.82 -22.83 -29.75
O31 PC1 GB . -24.82 -21.39 -29.79
C31 PC1 GB . -25.13 -20.83 -30.96
O32 PC1 GB . -25.60 -21.44 -31.88
C32 PC1 GB . -24.81 -19.37 -30.97
C33 PC1 GB . -23.92 -18.96 -32.14
C34 PC1 GB . -24.69 -18.73 -33.42
C35 PC1 GB . -23.88 -18.21 -34.57
C36 PC1 GB . -24.68 -18.16 -35.86
C37 PC1 GB . -25.19 -19.51 -36.31
C38 PC1 GB . -26.17 -19.44 -37.47
C39 PC1 GB . -26.48 -20.79 -38.10
C3A PC1 GB . -25.26 -21.46 -38.70
C3B PC1 GB . -25.59 -22.59 -39.66
C3C PC1 GB . -24.38 -23.21 -40.32
C3D PC1 GB . -23.71 -24.31 -39.52
C3E PC1 GB . -23.95 -25.71 -40.05
C3F PC1 GB . -22.77 -26.37 -40.74
C3G PC1 GB . -22.25 -25.67 -41.99
C3H PC1 GB . -21.18 -26.46 -42.74
C3I PC1 GB . -19.96 -26.73 -41.92
P 3PE HB . 5.28 -35.27 -44.37
N 3PE HB . 6.74 -37.52 -47.25
O11 3PE HB . 4.75 -33.84 -43.91
O12 3PE HB . 5.26 -36.14 -43.19
O13 3PE HB . 6.81 -35.13 -44.82
O14 3PE HB . 4.53 -35.69 -45.57
C11 3PE HB . 7.22 -35.35 -46.19
C12 3PE HB . 7.60 -36.80 -46.29
C1 3PE HB . 5.58 -32.95 -43.14
C2 3PE HB . 6.22 -31.97 -44.09
C3 3PE HB . 5.67 -30.57 -43.94
O31 3PE HB . 5.53 -30.13 -42.57
O32 3PE HB . 7.64 -29.40 -42.50
C31 3PE HB . 6.52 -29.41 -42.05
C32 3PE HB . 6.07 -28.61 -40.86
C33 3PE HB . 6.03 -27.12 -41.11
C34 3PE HB . 7.40 -26.46 -41.21
C35 3PE HB . 7.39 -25.04 -41.75
C36 3PE HB . 6.84 -23.96 -40.83
C37 3PE HB . 6.98 -22.58 -41.45
C38 3PE HB . 6.42 -21.42 -40.64
C39 3PE HB . 6.28 -20.16 -41.50
C3A 3PE HB . 5.89 -18.92 -40.74
C3B 3PE HB . 6.97 -18.43 -39.79
C3C 3PE HB . 8.29 -18.12 -40.46
C3D 3PE HB . 8.30 -16.85 -41.30
C3E 3PE HB . 8.04 -15.56 -40.51
C3F 3PE HB . 8.96 -15.35 -39.31
C3G 3PE HB . 10.44 -15.23 -39.66
C3H 3PE HB . 11.36 -15.21 -38.45
C3I 3PE HB . 11.06 -14.07 -37.50
O21 3PE HB . 7.66 -31.91 -43.84
O22 3PE HB . 8.03 -31.72 -46.05
C21 3PE HB . 8.43 -31.72 -44.92
C22 3PE HB . 9.86 -31.51 -44.53
C23 3PE HB . 10.56 -30.55 -45.47
C24 3PE HB . 11.94 -30.16 -44.97
C25 3PE HB . 11.92 -29.49 -43.61
C26 3PE HB . 11.42 -28.06 -43.63
C27 3PE HB . 11.23 -27.46 -42.26
C28 3PE HB . 10.93 -25.97 -42.28
C29 3PE HB . 12.14 -25.11 -42.56
C2A 3PE HB . 12.98 -24.83 -41.33
C2B 3PE HB . 12.31 -23.89 -40.35
C2C 3PE HB . 11.87 -22.59 -40.99
C2D 3PE HB . 11.06 -21.67 -40.10
C2E 3PE HB . 11.84 -21.07 -38.94
C2F 3PE HB . 11.04 -20.05 -38.15
C2G 3PE HB . 9.73 -20.60 -37.61
C2H 3PE HB . 8.92 -19.59 -36.81
C2I 3PE HB . 9.68 -18.99 -35.67
P 3PE IB . 56.90 -16.32 59.77
N 3PE IB . 53.02 -15.21 62.08
O11 3PE IB . 56.99 -17.63 58.86
O12 3PE IB . 58.12 -16.28 60.61
O13 3PE IB . 55.69 -16.58 60.79
O14 3PE IB . 56.55 -15.17 58.93
C11 3PE IB . 55.42 -15.70 61.91
C12 3PE IB . 54.11 -16.12 62.48
C1 3PE IB . 55.82 -18.11 58.16
C2 3PE IB . 56.20 -18.71 56.84
C3 3PE IB . 57.24 -19.79 56.97
O31 3PE IB . 57.65 -20.21 55.65
O32 3PE IB . 57.97 -22.29 56.40
C31 3PE IB . 58.03 -21.48 55.52
C32 3PE IB . 58.54 -21.76 54.13
C33 3PE IB . 60.04 -21.96 54.09
C34 3PE IB . 60.59 -22.17 52.69
C35 3PE IB . 62.11 -22.29 52.63
C36 3PE IB . 62.66 -23.55 53.24
C37 3PE IB . 62.83 -24.70 52.26
C38 3PE IB . 64.22 -24.84 51.67
C39 3PE IB . 65.29 -24.93 52.75
C3A 3PE IB . 66.70 -25.28 52.28
C3B 3PE IB . 66.85 -26.72 51.82
C3C 3PE IB . 68.30 -27.12 51.57
C3D 3PE IB . 69.18 -27.06 52.81
C3E 3PE IB . 69.13 -28.30 53.69
C3F 3PE IB . 69.87 -29.49 53.09
C3G 3PE IB . 69.95 -30.70 54.01
C3H 3PE IB . 70.69 -31.88 53.40
C3I 3PE IB . 70.74 -33.08 54.30
O21 3PE IB . 55.01 -19.39 56.31
O22 3PE IB . 54.59 -17.68 54.91
C21 3PE IB . 54.33 -18.78 55.34
C22 3PE IB . 53.21 -19.64 54.84
C23 3PE IB . 53.44 -20.09 53.42
C24 3PE IB . 52.68 -21.34 53.04
C25 3PE IB . 53.10 -21.88 51.68
C26 3PE IB . 54.61 -21.98 51.52
C27 3PE IB . 55.08 -22.60 50.21
C28 3PE IB . 56.55 -22.96 50.21
C29 3PE IB . 56.83 -24.40 49.83
C2A 3PE IB . 58.29 -24.79 49.82
C2B 3PE IB . 58.57 -26.14 49.20
C2C 3PE IB . 60.04 -26.53 49.18
C2D 3PE IB . 60.33 -27.83 48.45
C2E 3PE IB . 61.78 -28.24 48.45
C2F 3PE IB . 62.05 -29.52 47.67
C2G 3PE IB . 63.47 -30.05 47.74
C2H 3PE IB . 63.68 -31.32 46.93
C2I 3PE IB . 65.10 -31.81 46.95
O12 PC1 JB . 46.73 -65.27 59.93
P PC1 JB . 47.37 -64.01 59.51
O14 PC1 JB . 48.76 -64.06 58.99
O13 PC1 JB . 46.41 -63.35 58.41
C11 PC1 JB . 46.90 -62.64 57.25
C12 PC1 JB . 45.73 -62.63 56.30
N PC1 JB . 45.81 -63.56 55.11
C13 PC1 JB . 44.44 -63.74 54.54
C14 PC1 JB . 46.70 -62.99 54.06
C15 PC1 JB . 46.34 -64.91 55.52
O11 PC1 JB . 47.31 -62.97 60.71
C1 PC1 JB . 46.50 -63.23 61.87
C2 PC1 JB . 45.06 -62.91 61.56
O21 PC1 JB . 44.61 -61.52 61.84
C21 PC1 JB . 44.68 -60.94 63.06
O22 PC1 JB . 45.07 -61.48 64.06
C22 PC1 JB . 44.23 -59.51 63.00
C23 PC1 JB . 44.71 -58.70 64.19
C24 PC1 JB . 45.24 -57.33 63.81
C25 PC1 JB . 45.98 -56.62 64.92
C26 PC1 JB . 46.71 -55.36 64.47
C27 PC1 JB . 45.79 -54.27 63.96
C28 PC1 JB . 46.49 -53.20 63.14
C29 PC1 JB . 45.60 -52.04 62.73
C2A PC1 JB . 46.18 -51.20 61.62
C2B PC1 JB . 46.17 -51.86 60.26
C2C PC1 JB . 47.17 -51.30 59.27
C2D PC1 JB . 48.60 -51.70 59.56
C2E PC1 JB . 49.58 -51.20 58.53
C2F PC1 JB . 51.03 -51.61 58.75
C2G PC1 JB . 51.29 -53.10 58.67
C2H PC1 JB . 52.76 -53.44 58.76
C2I PC1 JB . 53.60 -52.74 57.72
C3 PC1 JB . 44.11 -63.96 62.04
O31 PC1 JB . 44.00 -63.98 63.49
C31 PC1 JB . 44.41 -65.07 64.13
O32 PC1 JB . 44.77 -66.07 63.57
C32 PC1 JB . 44.37 -64.87 65.61
C33 PC1 JB . 43.02 -64.40 66.12
C34 PC1 JB . 43.11 -63.93 67.57
C35 PC1 JB . 43.45 -65.01 68.57
C36 PC1 JB . 42.23 -65.59 69.25
C37 PC1 JB . 41.44 -64.54 70.00
C38 PC1 JB . 42.07 -64.08 71.30
C39 PC1 JB . 41.23 -64.42 72.52
C3A PC1 JB . 40.72 -63.22 73.31
C3B PC1 JB . 39.27 -62.79 73.09
C3C PC1 JB . 38.92 -62.31 71.68
C3D PC1 JB . 37.72 -61.39 71.63
C3E PC1 JB . 37.94 -60.08 72.37
C3F PC1 JB . 38.98 -59.18 71.74
C3G PC1 JB . 39.52 -58.10 72.66
C3H PC1 JB . 38.45 -57.34 73.43
C3I PC1 JB . 39.01 -56.30 74.36
C1 CDL KB . 35.44 -33.70 68.98
O1 CDL KB . 34.42 -33.25 68.08
CA2 CDL KB . 35.37 -35.21 69.11
OA2 CDL KB . 34.12 -35.55 69.76
PA1 CDL KB . 34.15 -36.66 70.95
OA3 CDL KB . 34.88 -36.16 72.13
OA4 CDL KB . 32.71 -37.07 71.21
OA5 CDL KB . 34.91 -37.90 70.29
CA3 CDL KB . 34.49 -39.28 70.16
CA4 CDL KB . 34.06 -39.50 68.74
OA6 CDL KB . 34.28 -40.90 68.36
CA5 CDL KB . 33.23 -41.72 68.38
OA7 CDL KB . 32.15 -41.40 68.80
C11 CDL KB . 33.55 -43.06 67.80
C12 CDL KB . 32.29 -43.83 67.42
C13 CDL KB . 32.51 -45.31 67.10
C14 CDL KB . 33.45 -45.56 65.94
C15 CDL KB . 33.36 -46.98 65.39
C16 CDL KB . 34.44 -47.29 64.36
C17 CDL KB . 34.20 -48.54 63.53
C18 CDL KB . 33.26 -48.34 62.35
C19 CDL KB . 33.25 -49.50 61.37
C20 CDL KB . 31.97 -50.31 61.38
C21 CDL KB . 32.10 -51.69 60.74
C22 CDL KB . 33.10 -52.60 61.43
C23 CDL KB . 32.79 -52.85 62.89
C24 CDL KB . 33.79 -52.25 63.86
C25 CDL KB . 33.17 -51.75 65.15
C26 CDL KB . 34.13 -51.16 66.16
C27 CDL KB . 33.42 -50.60 67.38
CA6 CDL KB . 34.86 -38.66 67.78
OA8 CDL KB . 34.48 -39.11 66.46
CA7 CDL KB . 35.41 -39.04 65.51
OA9 CDL KB . 36.48 -38.49 65.66
C31 CDL KB . 34.96 -39.73 64.25
C32 CDL KB . 36.03 -40.63 63.67
C33 CDL KB . 36.52 -41.67 64.64
C34 CDL KB . 35.68 -42.92 64.68
C35 CDL KB . 36.23 -44.07 63.85
C36 CDL KB . 37.63 -44.51 64.26
C37 CDL KB . 37.92 -45.97 63.98
C38 CDL KB . 37.80 -46.36 62.51
C39 CDL KB . 37.93 -47.85 62.28
C40 CDL KB . 39.22 -48.43 62.82
C41 CDL KB . 39.15 -49.92 63.11
C42 CDL KB . 38.01 -50.32 64.03
C43 CDL KB . 38.24 -51.61 64.79
C44 CDL KB . 37.35 -52.77 64.39
C45 CDL KB . 37.41 -53.13 62.91
C46 CDL KB . 36.60 -54.35 62.55
C47 CDL KB . 36.69 -54.70 61.09
CB2 CDL KB . 36.78 -33.21 68.48
OB2 CDL KB . 37.28 -34.16 67.52
PB2 CDL KB . 38.82 -34.63 67.55
OB3 CDL KB . 39.66 -33.89 66.60
OB4 CDL KB . 39.30 -34.59 68.98
OB5 CDL KB . 38.73 -36.19 67.13
CB3 CDL KB . 39.19 -36.60 65.83
CB4 CDL KB . 40.46 -37.39 66.00
OB6 CDL KB . 40.21 -38.77 65.61
CB5 CDL KB . 40.08 -39.69 66.58
OB7 CDL KB . 40.10 -39.42 67.76
C51 CDL KB . 39.92 -41.06 66.01
C52 CDL KB . 40.94 -42.05 66.56
C53 CDL KB . 41.35 -43.10 65.54
C54 CDL KB . 42.08 -42.50 64.35
C55 CDL KB . 42.42 -43.48 63.25
C56 CDL KB . 43.28 -42.87 62.17
C57 CDL KB . 42.71 -41.58 61.58
C58 CDL KB . 43.74 -40.70 60.90
C59 CDL KB . 43.57 -40.53 59.40
C60 CDL KB . 43.82 -41.80 58.61
C61 CDL KB . 45.14 -42.45 58.95
C62 CDL KB . 45.41 -43.72 58.17
C63 CDL KB . 44.36 -44.80 58.36
C64 CDL KB . 44.44 -45.51 59.70
C65 CDL KB . 43.44 -46.64 59.80
C66 CDL KB . 43.50 -47.42 61.09
C67 CDL KB . 42.52 -48.55 61.12
CB6 CDL KB . 41.54 -36.85 65.12
OB8 CDL KB . 42.75 -37.60 65.38
CB7 CDL KB . 43.81 -37.30 64.63
OB9 CDL KB . 43.81 -36.46 63.79
C71 CDL KB . 44.99 -38.16 64.97
C72 CDL KB . 45.08 -39.38 64.08
C73 CDL KB . 46.34 -39.44 63.24
C74 CDL KB . 47.59 -39.77 64.04
C75 CDL KB . 47.46 -41.03 64.88
C76 CDL KB . 47.27 -42.32 64.09
C77 CDL KB . 48.34 -42.58 63.04
C78 CDL KB . 48.30 -43.99 62.45
C79 CDL KB . 48.79 -45.07 63.41
C80 CDL KB . 47.69 -45.95 63.98
C81 CDL KB . 47.12 -46.96 62.99
C82 CDL KB . 47.98 -48.19 62.83
C83 CDL KB . 48.26 -48.92 64.14
C84 CDL KB . 48.87 -50.31 63.99
C85 CDL KB . 50.33 -50.42 64.40
C86 CDL KB . 51.28 -49.63 63.56
C87 CDL KB . 51.21 -50.00 62.11
P 3PE LB . 85.30 -15.62 89.55
N 3PE LB . 83.51 -15.55 92.39
O11 3PE LB . 85.72 -17.04 90.14
O12 3PE LB . 83.82 -15.52 89.58
O13 3PE LB . 85.84 -14.59 90.66
O14 3PE LB . 86.02 -15.38 88.28
C11 3PE LB . 84.98 -13.78 91.49
C12 3PE LB . 84.63 -14.61 92.69
C1 3PE LB . 84.87 -18.19 89.91
C2 3PE LB . 84.83 -18.49 88.42
C3 3PE LB . 86.02 -19.26 87.93
O31 3PE LB . 86.26 -20.44 88.72
O32 3PE LB . 87.72 -21.20 87.22
C31 3PE LB . 87.11 -21.34 88.25
C32 3PE LB . 87.21 -22.53 89.15
C33 3PE LB . 87.05 -23.86 88.43
C34 3PE LB . 87.16 -25.05 89.37
C35 3PE LB . 86.00 -25.21 90.35
C36 3PE LB . 84.76 -25.85 89.74
C37 3PE LB . 84.97 -27.30 89.33
C38 3PE LB . 83.75 -27.96 88.70
O21 3PE LB . 83.51 -18.97 87.96
O22 3PE LB . 83.51 -20.94 89.07
C21 3PE LB . 82.95 -20.12 88.40
C22 3PE LB . 81.52 -20.21 87.94
C23 3PE LB . 81.26 -21.36 86.98
C24 3PE LB . 81.14 -22.71 87.66
C25 3PE LB . 80.76 -23.83 86.71
C26 3PE LB . 80.46 -25.17 87.38
C27 3PE LB . 80.07 -26.26 86.41
C28 3PE LB . 81.17 -26.65 85.43
O12 PC1 MB . 45.84 -48.50 9.23
P PC1 MB . 45.48 -47.49 8.22
O14 PC1 MB . 44.36 -47.74 7.30
O13 PC1 MB . 46.80 -47.14 7.39
C11 PC1 MB . 46.95 -47.46 5.98
C12 PC1 MB . 47.16 -48.96 5.96
N PC1 MB . 48.54 -49.49 6.40
C13 PC1 MB . 48.47 -49.95 7.82
C14 PC1 MB . 48.88 -50.65 5.53
C15 PC1 MB . 49.62 -48.45 6.28
O11 PC1 MB . 45.28 -46.10 8.99
C1 PC1 MB . 45.93 -45.94 10.27
C2 PC1 MB . 45.21 -44.88 11.04
O21 PC1 MB . 45.97 -43.64 10.92
C21 PC1 MB . 45.51 -42.72 10.05
O22 PC1 MB . 44.63 -42.92 9.27
C22 PC1 MB . 46.25 -41.42 10.20
C23 PC1 MB . 45.38 -40.20 9.97
C24 PC1 MB . 44.34 -40.00 11.05
C25 PC1 MB . 43.17 -39.12 10.68
C26 PC1 MB . 43.49 -37.65 10.50
C27 PC1 MB . 43.55 -36.87 11.81
C28 PC1 MB . 43.44 -35.37 11.63
C29 PC1 MB . 43.30 -34.58 12.92
C2A PC1 MB . 42.04 -34.92 13.71
C3 PC1 MB . 45.17 -45.19 12.51
O31 PC1 MB . 44.42 -44.14 13.16
C31 PC1 MB . 43.25 -44.46 13.69
O32 PC1 MB . 42.81 -45.59 13.71
C32 PC1 MB . 42.55 -43.27 14.26
C33 PC1 MB . 43.26 -41.95 13.98
C34 PC1 MB . 42.64 -40.76 14.70
C35 PC1 MB . 43.47 -39.50 14.60
C36 PC1 MB . 42.98 -38.33 15.44
C37 PC1 MB . 43.44 -38.34 16.88
C38 PC1 MB . 44.93 -38.09 17.04
C1 CDL NB . 21.01 -64.15 28.92
O1 CDL NB . 21.66 -65.20 28.21
CA2 CDL NB . 22.05 -63.37 29.69
OA2 CDL NB . 22.93 -62.71 28.75
PA1 CDL NB . 24.11 -61.74 29.27
OA3 CDL NB . 24.56 -62.14 30.62
OA4 CDL NB . 25.16 -61.74 28.18
OA5 CDL NB . 23.52 -60.27 29.31
CA3 CDL NB . 22.93 -59.55 28.20
CA4 CDL NB . 21.65 -58.92 28.65
OA6 CDL NB . 21.97 -57.82 29.55
CA5 CDL NB . 22.20 -56.60 29.02
OA7 CDL NB . 22.35 -56.40 27.85
C11 CDL NB . 22.20 -55.54 30.08
C12 CDL NB . 20.84 -54.90 30.32
C13 CDL NB . 19.88 -55.76 31.14
C14 CDL NB . 18.97 -56.67 30.32
C15 CDL NB . 17.50 -56.53 30.63
C16 CDL NB . 17.00 -57.26 31.86
C17 CDL NB . 15.56 -57.73 31.72
C18 CDL NB . 14.76 -57.65 33.00
C19 CDL NB . 14.53 -56.23 33.48
C20 CDL NB . 13.79 -56.14 34.80
C21 CDL NB . 13.75 -54.74 35.38
C22 CDL NB . 12.82 -53.78 34.65
C23 CDL NB . 12.66 -52.45 35.38
C24 CDL NB . 11.63 -51.51 34.80
C25 CDL NB . 11.96 -51.01 33.41
C26 CDL NB . 13.30 -50.32 33.31
C27 CDL NB . 13.37 -49.02 34.05
CA6 CDL NB . 20.85 -59.89 29.46
OA8 CDL NB . 19.55 -60.16 28.89
CA7 CDL NB . 18.52 -60.23 29.75
OA9 CDL NB . 18.60 -59.92 30.90
C31 CDL NB . 17.29 -60.76 29.10
C32 CDL NB . 16.47 -61.65 30.04
C33 CDL NB . 15.31 -62.34 29.34
C34 CDL NB . 14.23 -61.40 28.83
C35 CDL NB . 12.99 -61.34 29.70
C36 CDL NB . 12.34 -62.69 29.89
C37 CDL NB . 10.96 -62.64 30.53
C38 CDL NB . 10.44 -63.99 30.96
C39 CDL NB . 11.16 -64.58 32.17
C40 CDL NB . 11.53 -66.04 32.02
C41 CDL NB . 12.55 -66.29 30.92
C42 CDL NB . 12.53 -67.72 30.41
C43 CDL NB . 11.17 -68.17 29.92
C44 CDL NB . 11.13 -69.58 29.38
C45 CDL NB . 9.73 -70.10 29.09
C46 CDL NB . 9.71 -71.48 28.47
C47 CDL NB . 10.44 -72.50 29.31
CB2 CDL NB . 20.23 -63.31 27.96
OB2 CDL NB . 19.97 -64.08 26.76
PB2 CDL NB . 20.68 -63.68 25.38
OB3 CDL NB . 22.14 -63.59 25.53
OB4 CDL NB . 20.22 -64.70 24.34
OB5 CDL NB . 20.02 -62.25 24.95
CB3 CDL NB . 20.08 -61.76 23.60
CB4 CDL NB . 20.61 -60.35 23.61
OB6 CDL NB . 19.49 -59.45 23.84
CB5 CDL NB . 19.54 -58.25 23.22
OB7 CDL NB . 20.47 -57.86 22.57
C51 CDL NB . 18.27 -57.47 23.45
C52 CDL NB . 18.52 -56.03 23.86
C53 CDL NB . 18.47 -55.81 25.37
C54 CDL NB . 17.12 -56.14 25.98
C55 CDL NB . 17.17 -57.27 27.00
C56 CDL NB . 15.81 -57.76 27.45
C57 CDL NB . 14.93 -56.71 28.06
C58 CDL NB . 13.54 -57.19 28.41
C59 CDL NB . 12.82 -56.30 29.41
C60 CDL NB . 13.04 -54.81 29.19
C61 CDL NB . 12.57 -53.94 30.33
C62 CDL NB . 13.31 -52.62 30.38
C63 CDL NB . 14.76 -52.77 30.76
C64 CDL NB . 15.64 -51.64 30.25
C65 CDL NB . 15.82 -51.62 28.74
C66 CDL NB . 17.21 -52.00 28.24
C67 CDL NB . 17.63 -53.42 28.55
CB6 CDL NB . 21.61 -60.20 24.73
OB8 CDL NB . 22.16 -58.87 24.79
CB7 CDL NB . 23.31 -58.66 24.12
OB9 CDL NB . 23.74 -59.41 23.30
C71 CDL NB . 23.98 -57.40 24.57
C72 CDL NB . 23.42 -56.11 23.97
C73 CDL NB . 22.16 -55.64 24.65
C74 CDL NB . 21.79 -54.21 24.33
C75 CDL NB . 22.77 -53.19 24.86
C76 CDL NB . 22.50 -51.79 24.37
C77 CDL NB . 23.42 -50.74 24.96
C78 CDL NB . 23.09 -49.33 24.53
C79 CDL NB . 21.69 -48.87 24.91
C80 CDL NB . 21.40 -48.84 26.40
C81 CDL NB . 19.99 -48.38 26.72
C82 CDL NB . 19.81 -47.78 28.11
C83 CDL NB . 19.64 -48.79 29.23
C84 CDL NB . 18.22 -48.85 29.79
C85 CDL NB . 17.70 -47.52 30.31
C86 CDL NB . 16.36 -47.60 31.03
C87 CDL NB . 15.20 -47.92 30.12
C1 CDL OB . 3.00 -35.43 36.53
O1 CDL OB . 1.81 -34.66 36.40
CA2 CDL OB . 2.79 -36.80 35.94
OA2 CDL OB . 1.80 -37.51 36.72
PA1 CDL OB . 2.25 -38.82 37.55
OA3 CDL OB . 2.29 -38.56 38.99
OA4 CDL OB . 1.34 -39.97 37.11
OA5 CDL OB . 3.71 -39.13 36.96
CA3 CDL OB . 4.47 -40.34 37.10
CA4 CDL OB . 4.56 -41.01 35.76
OA6 CDL OB . 5.73 -41.90 35.79
CA5 CDL OB . 5.51 -43.19 35.56
OA7 CDL OB . 4.42 -43.68 35.43
C11 CDL OB . 6.80 -43.95 35.44
C12 CDL OB . 6.61 -45.46 35.46
C13 CDL OB . 6.32 -46.02 36.84
C14 CDL OB . 5.75 -47.43 36.82
C15 CDL OB . 6.56 -48.40 36.01
C16 CDL OB . 5.87 -49.73 35.79
C17 CDL OB . 6.62 -50.69 34.88
C18 CDL OB . 5.86 -51.96 34.57
C19 CDL OB . 6.63 -52.96 33.73
C20 CDL OB . 5.84 -54.20 33.38
C21 CDL OB . 4.71 -53.96 32.39
C22 CDL OB . 5.19 -53.72 30.97
C23 CDL OB . 5.80 -54.95 30.31
C24 CDL OB . 6.39 -54.68 28.93
C25 CDL OB . 6.98 -55.92 28.26
C26 CDL OB . 5.96 -56.96 27.86
C27 CDL OB . 6.55 -58.09 27.03
CA6 CDL OB . 4.82 -40.02 34.66
OA8 CDL OB . 5.89 -40.55 33.84
CA7 CDL OB . 5.68 -40.63 32.52
OA9 CDL OB . 4.67 -40.26 31.98
C31 CDL OB . 6.86 -41.22 31.83
C32 CDL OB . 6.52 -41.99 30.56
C33 CDL OB . 7.71 -42.72 29.97
C34 CDL OB . 8.43 -43.63 30.96
C35 CDL OB . 9.58 -44.41 30.34
C36 CDL OB . 10.45 -45.13 31.37
C37 CDL OB . 9.70 -46.13 32.22
CB2 CDL OB . 4.14 -34.69 35.88
OB2 CDL OB . 3.80 -33.29 35.81
PB2 CDL OB . 4.19 -32.44 34.49
OB3 CDL OB . 4.71 -33.31 33.42
OB4 CDL OB . 2.94 -31.65 34.08
OB5 CDL OB . 5.28 -31.36 35.01
CB3 CDL OB . 6.49 -31.81 35.65
CB4 CDL OB . 7.62 -31.75 34.66
OB6 CDL OB . 7.63 -32.92 33.74
CB5 CDL OB . 7.79 -34.19 34.17
OB7 CDL OB . 8.13 -34.50 35.28
C51 CDL OB . 7.48 -35.17 33.08
C52 CDL OB . 6.75 -36.39 33.60
C53 CDL OB . 7.41 -37.66 33.16
C54 CDL OB . 8.84 -37.80 33.61
C55 CDL OB . 9.60 -38.91 32.89
C56 CDL OB . 9.67 -38.71 31.39
C57 CDL OB . 10.10 -39.96 30.65
C58 CDL OB . 10.06 -39.84 29.14
C59 CDL OB . 11.43 -39.70 28.54
C60 CDL OB . 12.36 -40.83 28.91
C61 CDL OB . 11.98 -42.15 28.28
C62 CDL OB . 12.09 -42.17 26.76
C63 CDL OB . 13.49 -41.85 26.26
C64 CDL OB . 14.55 -42.82 26.75
C65 CDL OB . 15.96 -42.48 26.33
C66 CDL OB . 16.94 -43.63 26.38
C67 CDL OB . 16.93 -44.36 27.70
CB6 CDL OB . 8.97 -31.48 35.29
OB8 CDL OB . 10.00 -31.50 34.29
CB7 CDL OB . 10.68 -30.36 34.10
OB9 CDL OB . 10.36 -29.31 34.58
C71 CDL OB . 11.89 -30.59 33.25
C72 CDL OB . 12.52 -31.95 33.50
C73 CDL OB . 13.91 -31.88 34.11
C74 CDL OB . 15.02 -31.91 33.08
C75 CDL OB . 15.09 -33.21 32.30
C76 CDL OB . 15.29 -34.45 33.16
C77 CDL OB . 15.49 -35.71 32.34
C78 CDL OB . 14.30 -36.08 31.48
C79 CDL OB . 14.63 -36.93 30.26
C80 CDL OB . 15.26 -38.27 30.56
C81 CDL OB . 16.71 -38.37 30.14
C82 CDL OB . 17.40 -39.69 30.47
C83 CDL OB . 17.21 -40.77 29.44
C84 CDL OB . 18.51 -41.20 28.75
C85 CDL OB . 19.21 -40.08 28.01
C86 CDL OB . 18.34 -39.44 26.95
C87 CDL OB . 18.98 -38.27 26.35
P 3PE PB . -2.89 -30.05 8.26
N 3PE PB . -4.03 -27.10 10.37
O11 3PE PB . -2.55 -31.61 8.28
O12 3PE PB . -1.92 -29.41 7.34
O13 3PE PB . -2.50 -29.56 9.73
O14 3PE PB . -4.33 -29.86 8.04
C11 3PE PB . -1.89 -28.28 10.00
C12 3PE PB . -2.77 -27.60 11.00
C1 3PE PB . -1.25 -32.01 7.76
C2 3PE PB . -0.87 -33.36 8.31
C3 3PE PB . 0.58 -33.70 8.06
O31 3PE PB . 0.69 -35.08 7.62
O32 3PE PB . 0.56 -34.42 5.49
C31 3PE PB . 0.70 -35.28 6.31
C32 3PE PB . 0.95 -36.72 5.98
C33 3PE PB . 2.41 -37.03 5.68
C34 3PE PB . 3.30 -36.88 6.90
C35 3PE PB . 4.66 -36.26 6.61
C36 3PE PB . 5.65 -37.15 5.88
C37 3PE PB . 6.09 -38.35 6.67
C38 3PE PB . 7.10 -39.22 5.94
C39 3PE PB . 7.19 -40.63 6.47
C3A 3PE PB . 8.06 -41.54 5.63
C3B 3PE PB . 7.67 -43.01 5.70
C3C 3PE PB . 8.55 -43.91 4.86
C3D 3PE PB . 8.06 -45.35 4.79
C3E 3PE PB . 9.08 -46.29 4.18
C3F 3PE PB . 9.58 -45.86 2.81
C3G 3PE PB . 10.78 -46.66 2.33
C3H 3PE PB . 11.94 -46.66 3.30
C3I 3PE PB . 13.14 -47.43 2.82
O21 3PE PB . -1.27 -33.64 9.70
O22 3PE PB . -0.07 -32.01 10.69
C21 3PE PB . -0.75 -32.99 10.77
C22 3PE PB . -1.12 -33.68 12.05
C23 3PE PB . 0.00 -33.63 13.08
C24 3PE PB . 0.82 -34.92 13.17
C25 3PE PB . 1.56 -35.34 11.92
C26 3PE PB . 2.43 -36.56 12.13
C27 3PE PB . 2.98 -37.21 10.87
C28 3PE PB . 3.93 -38.36 11.13
C29 3PE PB . 4.37 -39.10 9.88
C2A 3PE PB . 5.65 -39.91 10.03
C2B 3PE PB . 5.55 -41.12 10.93
C2C 3PE PB . 6.87 -41.81 11.17
C2D 3PE PB . 7.47 -42.44 9.93
C2E 3PE PB . 7.03 -43.87 9.68
C2F 3PE PB . 7.92 -44.91 10.35
C2G 3PE PB . 9.32 -44.94 9.78
C2H 3PE PB . 9.37 -45.19 8.28
C2I 3PE PB . 10.75 -45.09 7.70
P 3PE QB . 13.50 -56.60 -1.45
N 3PE QB . 16.36 -52.51 -1.98
O11 3PE QB . 12.13 -56.74 -0.66
O12 3PE QB . 14.36 -57.74 -1.07
O13 3PE QB . 14.17 -55.27 -0.86
O14 3PE QB . 13.21 -56.38 -2.89
C11 3PE QB . 14.51 -54.11 -1.66
C12 3PE QB . 15.79 -53.57 -1.10
C1 3PE QB . 12.14 -56.88 0.77
C2 3PE QB . 11.25 -55.83 1.37
C3 3PE QB . 9.79 -56.13 1.15
O31 3PE QB . 9.04 -55.24 2.00
O32 3PE QB . 7.39 -56.75 2.17
C31 3PE QB . 7.87 -55.69 2.47
C32 3PE QB . 7.26 -54.71 3.44
C33 3PE QB . 6.40 -55.36 4.50
C34 3PE QB . 6.00 -54.41 5.62
C35 3PE QB . 7.06 -54.18 6.68
C36 3PE QB . 6.60 -53.31 7.84
C37 3PE QB . 7.57 -53.21 9.00
C38 3PE QB . 7.20 -52.18 10.05
O21 3PE QB . 11.46 -55.87 2.81
O22 3PE QB . 12.01 -53.70 2.86
C21 3PE QB . 11.82 -54.74 3.43
C22 3PE QB . 11.94 -54.95 4.91
C23 3PE QB . 12.34 -53.71 5.69
C24 3PE QB . 11.18 -52.80 6.01
C25 3PE QB . 11.46 -51.90 7.20
C26 3PE QB . 10.31 -50.98 7.59
C27 3PE QB . 10.52 -50.31 8.93
C28 3PE QB . 11.84 -49.59 9.06
C1 CDL RB . 41.34 -68.74 64.13
O1 CDL RB . 40.91 -69.23 62.86
CA2 CDL RB . 40.54 -69.40 65.22
OA2 CDL RB . 41.10 -69.05 66.50
PA1 CDL RB . 40.65 -69.84 67.83
OA3 CDL RB . 41.78 -70.44 68.57
OA4 CDL RB . 39.58 -70.83 67.40
OA5 CDL RB . 39.91 -68.76 68.69
CA3 CDL RB . 39.25 -69.00 69.94
CA4 CDL RB . 38.61 -67.72 70.40
OA6 CDL RB . 38.12 -67.95 71.76
CA5 CDL RB . 38.10 -66.89 72.59
OA7 CDL RB . 38.21 -65.76 72.22
C11 CDL RB . 38.00 -67.33 74.02
C12 CDL RB . 39.38 -67.40 74.69
C13 CDL RB . 39.76 -66.15 75.47
C14 CDL RB . 41.22 -66.12 75.87
C15 CDL RB . 41.60 -64.97 76.79
C16 CDL RB . 41.38 -65.26 78.27
C17 CDL RB . 42.21 -66.44 78.77
C18 CDL RB . 42.22 -66.61 80.27
C19 CDL RB . 40.84 -66.74 80.91
C20 CDL RB . 40.88 -67.14 82.37
C21 CDL RB . 39.53 -67.43 82.98
C22 CDL RB . 38.95 -68.79 82.60
C23 CDL RB . 39.81 -69.97 83.03
C24 CDL RB . 39.08 -71.30 83.04
C25 CDL RB . 38.37 -71.64 81.74
C26 CDL RB . 37.56 -72.92 81.77
C27 CDL RB . 36.89 -73.22 80.45
CA6 CDL RB . 37.48 -67.31 69.50
OA8 CDL RB . 38.00 -66.29 68.63
CA7 CDL RB . 37.55 -65.04 68.82
OA9 CDL RB . 36.65 -64.77 69.56
C31 CDL RB . 38.31 -64.06 67.98
C32 CDL RB . 37.44 -63.18 67.10
C33 CDL RB . 36.91 -61.95 67.81
C34 CDL RB . 36.43 -60.89 66.83
C35 CDL RB . 36.23 -59.51 67.44
C36 CDL RB . 36.31 -58.39 66.42
C37 CDL RB . 36.11 -56.99 67.00
C38 CDL RB . 37.36 -56.13 67.08
C39 CDL RB . 38.42 -56.63 68.05
C40 CDL RB . 39.47 -55.58 68.42
C41 CDL RB . 38.94 -54.45 69.29
C42 CDL RB . 38.52 -54.89 70.68
C43 CDL RB . 38.16 -53.75 71.62
C44 CDL RB . 39.28 -52.74 71.88
C45 CDL RB . 40.54 -53.34 72.48
C46 CDL RB . 41.56 -52.30 72.91
C47 CDL RB . 41.93 -51.34 71.81
CB2 CDL RB . 41.22 -67.23 64.13
OB2 CDL RB . 39.85 -66.86 64.40
PB2 CDL RB . 39.12 -65.77 63.47
OB3 CDL RB . 39.46 -66.01 62.05
OB4 CDL RB . 37.64 -65.84 63.78
OB5 CDL RB . 39.61 -64.32 63.99
CB3 CDL RB . 40.65 -63.65 63.25
CB4 CDL RB . 40.84 -62.24 63.72
OB6 CDL RB . 40.40 -62.08 65.11
CB5 CDL RB . 41.10 -61.23 65.86
OB7 CDL RB . 42.01 -60.55 65.45
C51 CDL RB . 40.61 -61.21 67.29
C52 CDL RB . 40.90 -59.89 68.02
C53 CDL RB . 42.08 -59.96 68.98
C54 CDL RB . 43.42 -60.22 68.34
C55 CDL RB . 44.62 -59.87 69.21
C56 CDL RB . 44.58 -58.46 69.75
C57 CDL RB . 45.89 -57.97 70.32
C58 CDL RB . 47.00 -57.83 69.30
C59 CDL RB . 48.21 -57.06 69.81
C60 CDL RB . 49.33 -56.90 68.82
C61 CDL RB . 48.93 -56.21 67.54
C62 CDL RB . 48.57 -54.75 67.71
C63 CDL RB . 49.75 -53.86 68.05
C64 CDL RB . 49.39 -52.40 68.21
C65 CDL RB . 50.58 -51.51 68.54
C66 CDL RB . 50.20 -50.11 68.97
C67 CDL RB . 49.58 -49.30 67.88
CB6 CDL RB . 40.11 -61.24 62.86
OB8 CDL RB . 38.68 -61.46 62.92
CB7 CDL RB . 37.93 -60.53 62.32
OB9 CDL RB . 38.37 -59.55 61.78
C71 CDL RB . 36.47 -60.88 62.37
C72 CDL RB . 35.59 -59.86 61.66
C73 CDL RB . 35.21 -58.69 62.54
C74 CDL RB . 34.37 -57.65 61.83
C75 CDL RB . 33.72 -56.63 62.74
C76 CDL RB . 32.59 -57.19 63.59
C77 CDL RB . 31.87 -56.17 64.45
C78 CDL RB . 32.74 -55.52 65.52
C79 CDL RB . 31.92 -54.90 66.66
C80 CDL RB . 32.74 -54.26 67.76
C81 CDL RB . 33.37 -55.25 68.74
C82 CDL RB . 32.39 -55.84 69.75
C83 CDL RB . 33.07 -56.65 70.84
C84 CDL RB . 33.99 -55.84 71.73
C85 CDL RB . 34.87 -56.68 72.64
C86 CDL RB . 34.11 -57.62 73.55
C87 CDL RB . 35.01 -58.53 74.36
O7 ZMP SB . 52.35 19.43 76.71
P1 ZMP SB . 52.06 18.05 75.94
O6 ZMP SB . 50.66 18.07 75.47
O5 ZMP SB . 53.05 18.19 74.67
C21 ZMP SB . 53.24 19.44 73.99
C18 ZMP SB . 54.56 19.38 73.22
C19 ZMP SB . 55.65 18.90 74.17
C20 ZMP SB . 54.46 18.36 72.08
C17 ZMP SB . 54.96 20.76 72.66
O4 ZMP SB . 54.63 21.78 73.62
C16 ZMP SB . 54.29 21.08 71.30
O3 ZMP SB . 53.07 21.21 71.21
N2 ZMP SB . 55.13 21.24 70.25
C15 ZMP SB . 56.60 21.13 70.32
C14 ZMP SB . 57.05 19.78 69.74
C13 ZMP SB . 58.54 19.58 69.99
O2 ZMP SB . 59.37 20.38 69.59
N1 ZMP SB . 58.85 18.45 70.66
C12 ZMP SB . 60.23 18.07 70.99
C11 ZMP SB . 60.93 17.46 69.78
S1 ZMP SB . 62.75 17.37 70.00
C10 ZMP SB . 62.87 15.75 70.59
O1 ZMP SB . 61.93 14.96 70.61
C9 ZMP SB . 64.27 15.33 71.06
C8 ZMP SB . 64.39 13.82 70.80
C7 ZMP SB . 65.81 13.31 71.13
C6 ZMP SB . 65.93 11.86 70.65
C5 ZMP SB . 64.80 10.99 71.22
C4 ZMP SB . 64.74 9.65 70.46
C3 ZMP SB . 65.96 8.82 70.83
C2 ZMP SB . 65.56 7.34 70.97
ZN ZN TB . -50.55 47.21 -56.44
PA NDP UB . 9.85 28.13 -45.64
O1A NDP UB . 10.64 27.33 -46.59
O2A NDP UB . 9.25 27.25 -44.56
O5B NDP UB . 8.69 28.97 -46.31
C5B NDP UB . 9.01 29.67 -47.53
C4B NDP UB . 7.73 30.05 -48.23
O4B NDP UB . 8.04 30.60 -49.52
C3B NDP UB . 6.77 28.90 -48.46
O3B NDP UB . 5.42 29.36 -48.37
C2B NDP UB . 7.05 28.50 -49.90
O2B NDP UB . 5.86 27.96 -50.50
C1B NDP UB . 7.40 29.84 -50.53
N9A NDP UB . 8.32 29.71 -51.66
C8A NDP UB . 9.55 29.13 -51.68
N7A NDP UB . 10.15 29.14 -52.84
C5A NDP UB . 9.23 29.79 -53.66
C6A NDP UB . 9.25 30.12 -55.03
N6A NDP UB . 10.27 29.85 -55.84
N1A NDP UB . 8.17 30.76 -55.54
C2A NDP UB . 7.15 31.04 -54.73
N3A NDP UB . 7.01 30.78 -53.43
C4A NDP UB . 8.10 30.15 -52.95
O3 NDP UB . 10.79 29.22 -44.95
PN NDP UB . 10.62 30.06 -43.61
O1N NDP UB . 9.20 30.16 -43.24
O2N NDP UB . 11.35 29.32 -42.52
O5D NDP UB . 11.29 31.47 -43.75
C5D NDP UB . 10.76 32.55 -44.54
C4D NDP UB . 11.89 33.44 -44.99
O4D NDP UB . 12.71 33.77 -43.86
C3D NDP UB . 12.82 32.84 -46.04
O3D NDP UB . 13.14 33.78 -47.05
C2D NDP UB . 14.04 32.43 -45.23
O2D NDP UB . 15.23 32.51 -46.01
C1D NDP UB . 14.06 33.50 -44.15
N1N NDP UB . 14.72 33.09 -42.91
C2N NDP UB . 14.48 31.86 -42.35
C3N NDP UB . 15.08 31.44 -41.22
C7N NDP UB . 14.73 30.12 -40.67
O7N NDP UB . 13.58 29.69 -40.78
N7N NDP UB . 15.70 29.43 -40.07
C4N NDP UB . 16.06 32.30 -40.51
C5N NDP UB . 16.22 33.61 -41.18
C6N NDP UB . 15.59 33.93 -42.28
P2B NDP UB . 5.68 26.47 -51.02
O1X NDP UB . 4.91 25.72 -50.02
O2X NDP UB . 4.99 26.61 -52.35
O3X NDP UB . 7.08 25.92 -51.25
O7 ZMP VB . -2.76 38.11 4.20
P1 ZMP VB . -3.92 37.53 5.16
O6 ZMP VB . -3.42 37.51 6.55
O5 ZMP VB . -4.05 36.02 4.63
C21 ZMP VB . -5.14 35.19 5.05
C18 ZMP VB . -5.42 34.12 4.00
C19 ZMP VB . -4.12 33.37 3.69
C20 ZMP VB . -6.41 33.10 4.54
C17 ZMP VB . -5.93 34.75 2.68
O4 ZMP VB . -4.82 35.16 1.89
C16 ZMP VB . -6.83 35.97 2.92
O3 ZMP VB . -6.41 37.12 2.76
N2 ZMP VB . -8.08 35.69 3.26
C15 ZMP VB . -9.08 36.72 3.51
C14 ZMP VB . -10.43 36.15 3.12
C13 ZMP VB . -10.46 36.09 1.59
O2 ZMP VB . -10.58 37.11 0.95
N1 ZMP VB . -10.36 34.86 1.06
C12 ZMP VB . -10.40 34.64 -0.38
C11 ZMP VB . -9.62 33.40 -0.76
S1 ZMP VB . -10.66 32.05 -1.43
C10 ZMP VB . -9.95 31.90 -2.99
O1 ZMP VB . -9.36 32.82 -3.55
C9 ZMP VB . -10.11 30.55 -3.67
C8 ZMP VB . -9.73 30.70 -5.13
C7 ZMP VB . -9.15 29.38 -5.63
C6 ZMP VB . -8.52 29.61 -7.01
C5 ZMP VB . -8.12 28.28 -7.63
C4 ZMP VB . -7.56 28.53 -9.02
C3 ZMP VB . -6.19 27.88 -9.15
C2 ZMP VB . -5.67 28.06 -10.57
C1 ZMP VB . -4.48 27.14 -10.79
C22 ZMP VB . -3.77 27.44 -12.10
C23 ZMP VB . -3.09 26.23 -12.75
C1 CDL WB . -35.84 -8.35 -62.37
O1 CDL WB . -36.84 -7.33 -62.34
CA2 CDL WB . -36.30 -9.52 -61.55
OA2 CDL WB . -35.21 -10.47 -61.46
PA1 CDL WB . -35.26 -11.65 -60.39
OA3 CDL WB . -36.60 -12.23 -60.26
OA4 CDL WB . -34.67 -11.12 -59.11
OA5 CDL WB . -34.22 -12.66 -61.00
CA3 CDL WB . -33.96 -12.71 -62.41
CA4 CDL WB . -33.00 -13.82 -62.71
OA6 CDL WB . -33.29 -14.94 -61.83
CA5 CDL WB . -34.25 -15.80 -62.19
OA7 CDL WB . -34.89 -15.71 -63.21
C11 CDL WB . -34.43 -16.88 -61.16
C12 CDL WB . -33.14 -17.63 -60.85
C13 CDL WB . -32.87 -18.77 -61.81
C14 CDL WB . -31.57 -19.51 -61.53
C15 CDL WB . -31.46 -20.83 -62.27
C16 CDL WB . -30.10 -21.51 -62.14
C17 CDL WB . -28.97 -20.77 -62.84
CA6 CDL WB . -31.58 -13.41 -62.45
OA8 CDL WB . -30.68 -14.15 -63.32
CA7 CDL WB . -30.12 -15.25 -62.83
OA9 CDL WB . -30.37 -15.69 -61.75
C31 CDL WB . -29.16 -15.86 -63.81
C32 CDL WB . -28.47 -17.10 -63.25
C33 CDL WB . -27.32 -16.78 -62.32
C34 CDL WB . -26.95 -17.90 -61.37
C35 CDL WB . -28.01 -18.19 -60.31
CB2 CDL WB . -35.54 -8.71 -63.82
OB2 CDL WB . -34.40 -7.94 -64.25
PB2 CDL WB . -34.59 -6.72 -65.28
OB3 CDL WB . -34.10 -5.43 -64.73
OB4 CDL WB . -36.05 -6.69 -65.67
OB5 CDL WB . -33.75 -7.16 -66.59
CB3 CDL WB . -32.45 -6.58 -66.87
CB4 CDL WB . -31.40 -7.51 -66.32
OB6 CDL WB . -30.10 -7.25 -66.94
CB5 CDL WB . -29.30 -6.31 -66.40
OB7 CDL WB . -29.67 -5.49 -65.61
C51 CDL WB . -27.89 -6.47 -66.87
C52 CDL WB . -27.01 -7.15 -65.82
C53 CDL WB . -25.59 -7.39 -66.29
C54 CDL WB . -24.74 -8.15 -65.27
C55 CDL WB . -25.44 -9.38 -64.73
C56 CDL WB . -24.56 -10.30 -63.90
C57 CDL WB . -23.47 -11.02 -64.69
C58 CDL WB . -22.95 -12.26 -64.01
C59 CDL WB . -21.74 -12.89 -64.69
C60 CDL WB . -20.52 -12.00 -64.70
CB6 CDL WB . -31.75 -8.92 -66.67
OB8 CDL WB . -31.11 -9.80 -65.70
CB7 CDL WB . -30.17 -10.62 -66.16
OB9 CDL WB . -29.79 -10.64 -67.29
C71 CDL WB . -29.67 -11.51 -65.05
C72 CDL WB . -28.19 -11.84 -65.15
C73 CDL WB . -27.90 -13.10 -65.94
C74 CDL WB . -26.50 -13.63 -65.77
P 3PE XB . -11.99 9.56 -71.43
N 3PE XB . -15.82 11.11 -74.17
O11 3PE XB . -11.74 8.28 -70.51
O12 3PE XB . -11.98 10.74 -70.54
O13 3PE XB . -13.49 9.40 -71.96
O14 3PE XB . -11.07 9.53 -72.59
C11 3PE XB . -14.36 10.51 -72.28
C12 3PE XB . -15.30 10.00 -73.32
C1 3PE XB . -11.79 8.42 -69.08
C2 3PE XB . -11.51 7.10 -68.41
C3 3PE XB . -12.54 6.05 -68.74
O31 3PE XB . -12.16 4.82 -68.09
O32 3PE XB . -14.09 3.87 -68.72
C31 3PE XB . -13.01 3.80 -68.19
C32 3PE XB . -12.47 2.56 -67.55
C33 3PE XB . -13.51 1.84 -66.72
C34 3PE XB . -13.06 0.48 -66.21
C35 3PE XB . -12.88 -0.58 -67.27
C36 3PE XB . -12.66 -1.97 -66.72
C37 3PE XB . -13.88 -2.59 -66.09
C38 3PE XB . -13.61 -3.75 -65.14
C39 3PE XB . -12.64 -4.78 -65.69
C3A 3PE XB . -12.38 -5.95 -64.75
C3B 3PE XB . -12.02 -5.55 -63.32
C3C 3PE XB . -11.33 -6.65 -62.55
C3D 3PE XB . -9.86 -6.80 -62.87
C3E 3PE XB . -9.22 -8.08 -62.35
C3F 3PE XB . -9.74 -9.33 -63.03
C3G 3PE XB . -9.05 -10.61 -62.59
C3H 3PE XB . -9.58 -11.87 -63.26
C3I 3PE XB . -8.89 -13.12 -62.80
O21 3PE XB . -10.21 6.63 -68.87
O22 3PE XB . -9.64 6.08 -66.78
C21 3PE XB . -9.37 6.15 -67.95
C22 3PE XB . -8.08 5.70 -68.56
C23 3PE XB . -8.07 4.23 -68.93
C24 3PE XB . -8.20 3.31 -67.74
C25 3PE XB . -8.46 1.86 -68.11
C26 3PE XB . -8.58 0.90 -66.93
C27 3PE XB . -8.90 -0.52 -67.34
C28 3PE XB . -9.05 -1.50 -66.19
C29 3PE XB . -7.76 -1.87 -65.49
C2A 3PE XB . -7.86 -3.15 -64.70
C2B 3PE XB . -6.53 -3.68 -64.19
C2C 3PE XB . -6.52 -5.20 -64.02
C2D 3PE XB . -6.84 -5.94 -65.31
C2E 3PE XB . -6.91 -7.45 -65.19
C2F 3PE XB . -5.57 -8.10 -64.81
C2G 3PE XB . -5.64 -9.61 -64.69
C2H 3PE XB . -6.07 -10.32 -65.97
C2I 3PE XB . -5.14 -10.09 -67.14
P AMP YB . -19.83 -2.25 31.76
O1P AMP YB . -19.42 -1.52 33.02
O2P AMP YB . -19.69 -3.74 31.84
O3P AMP YB . -21.15 -1.80 31.17
O5' AMP YB . -18.74 -1.80 30.70
C5' AMP YB . -17.42 -1.46 31.12
C4' AMP YB . -16.57 -2.69 31.21
O4' AMP YB . -15.56 -2.69 30.17
C3' AMP YB . -15.76 -2.86 32.47
O3' AMP YB . -16.54 -3.29 33.59
C2' AMP YB . -14.68 -3.84 32.06
O2' AMP YB . -15.15 -5.19 32.18
C1' AMP YB . -14.49 -3.52 30.57
N9 AMP YB . -13.21 -2.86 30.29
C8 AMP YB . -12.37 -3.28 29.33
N7 AMP YB . -11.25 -2.52 29.27
C5 AMP YB . -11.37 -1.58 30.23
C6 AMP YB . -10.53 -0.45 30.69
N6 AMP YB . -9.35 -0.18 30.12
N1 AMP YB . -11.01 0.31 31.70
C2 AMP YB . -12.20 0.06 32.28
N3 AMP YB . -13.01 -0.95 31.89
C4 AMP YB . -12.66 -1.80 30.89
P 3PE ZB . -25.25 -24.07 -14.27
N 3PE ZB . -27.13 -22.53 -16.78
O11 3PE ZB . -25.66 -25.48 -14.89
O12 3PE ZB . -26.49 -23.33 -14.00
O13 3PE ZB . -24.51 -23.32 -15.48
O14 3PE ZB . -24.28 -24.27 -13.18
C11 3PE ZB . -24.88 -22.00 -15.92
C12 3PE ZB . -25.73 -22.17 -17.14
C1 3PE ZB . -26.10 -26.57 -14.05
C2 3PE ZB . -25.13 -27.70 -14.22
C3 3PE ZB . -23.87 -27.51 -13.41
O31 3PE ZB . -23.16 -28.76 -13.24
O32 3PE ZB . -22.24 -28.62 -15.28
C31 3PE ZB . -22.36 -29.19 -14.22
C32 3PE ZB . -21.64 -30.44 -13.84
C33 3PE ZB . -21.26 -31.32 -15.02
C34 3PE ZB . -20.01 -30.84 -15.75
C35 3PE ZB . -19.66 -31.67 -16.96
C36 3PE ZB . -18.52 -31.09 -17.79
C37 3PE ZB . -17.92 -32.11 -18.72
C38 3PE ZB . -18.91 -32.73 -19.68
C39 3PE ZB . -18.30 -33.85 -20.47
C3A 3PE ZB . -19.18 -34.45 -21.55
C3B 3PE ZB . -18.93 -35.93 -21.73
C3C 3PE ZB . -19.30 -36.72 -20.49
C3D 3PE ZB . -18.17 -37.51 -19.87
C3E 3PE ZB . -18.55 -38.21 -18.58
C3F 3PE ZB . -19.55 -39.34 -18.78
C3G 3PE ZB . -19.01 -40.51 -19.58
C3H 3PE ZB . -20.01 -41.63 -19.78
C3I 3PE ZB . -20.51 -42.21 -18.48
O21 3PE ZB . -25.71 -28.99 -13.85
O22 3PE ZB . -26.18 -29.42 -16.00
C21 3PE ZB . -26.05 -29.80 -14.87
C22 3PE ZB . -26.19 -31.22 -14.42
C23 3PE ZB . -25.20 -32.12 -15.16
C24 3PE ZB . -25.21 -33.55 -14.66
C25 3PE ZB . -26.45 -34.33 -15.02
C26 3PE ZB . -26.57 -34.70 -16.49
C27 3PE ZB . -27.44 -35.92 -16.70
C28 3PE ZB . -27.51 -36.43 -18.12
C29 3PE ZB . -28.09 -37.84 -18.19
C2A 3PE ZB . -28.27 -38.41 -19.59
C2B 3PE ZB . -28.72 -39.85 -19.60
C2C 3PE ZB . -27.69 -40.83 -19.06
C2D 3PE ZB . -26.44 -40.95 -19.91
C2E 3PE ZB . -25.43 -41.99 -19.45
C2F 3PE ZB . -24.28 -41.48 -18.59
C2G 3PE ZB . -24.57 -41.30 -17.10
C2H 3PE ZB . -24.95 -39.89 -16.69
C2I 3PE ZB . -25.26 -39.76 -15.21
C1 CDL AC . -4.06 -42.94 20.72
O1 CDL AC . -3.64 -44.30 20.76
CA2 CDL AC . -5.49 -42.86 20.22
OA2 CDL AC . -6.32 -43.60 21.14
PA1 CDL AC . -7.92 -43.54 20.98
OA3 CDL AC . -8.32 -42.84 19.75
OA4 CDL AC . -8.46 -42.95 22.27
OA5 CDL AC . -8.38 -45.04 20.94
CA3 CDL AC . -7.53 -46.18 21.11
CA4 CDL AC . -6.94 -46.57 19.78
OA6 CDL AC . -5.91 -47.56 20.08
CA5 CDL AC . -4.64 -47.16 19.92
OA7 CDL AC . -4.32 -46.18 19.31
C11 CDL AC . -3.68 -48.07 20.64
C12 CDL AC . -2.27 -48.01 20.09
C13 CDL AC . -2.15 -48.60 18.71
C14 CDL AC . -0.72 -48.91 18.31
C15 CDL AC . 0.06 -47.74 17.75
C16 CDL AC . 1.42 -48.16 17.22
C17 CDL AC . 1.36 -49.38 16.32
C18 CDL AC . 2.69 -50.05 16.06
C19 CDL AC . 3.63 -49.24 15.21
C20 CDL AC . 4.86 -50.00 14.75
C21 CDL AC . 5.96 -50.10 15.79
C22 CDL AC . 7.22 -50.80 15.30
C23 CDL AC . 8.30 -50.92 16.36
C24 CDL AC . 9.53 -51.66 15.86
C25 CDL AC . 10.68 -51.69 16.85
C26 CDL AC . 11.87 -52.49 16.35
C27 CDL AC . 12.44 -51.95 15.07
CA6 CDL AC . -7.98 -47.13 18.85
OA8 CDL AC . -7.55 -48.39 18.27
CA7 CDL AC . -8.02 -48.67 17.05
OA9 CDL AC . -8.64 -47.89 16.37
C31 CDL AC . -7.68 -50.08 16.65
C32 CDL AC . -8.89 -50.83 16.12
C33 CDL AC . -9.11 -50.67 14.62
C34 CDL AC . -7.99 -51.23 13.77
C35 CDL AC . -8.29 -51.20 12.27
C36 CDL AC . -9.50 -52.01 11.86
C37 CDL AC . -9.89 -51.86 10.40
CB2 CDL AC . -3.11 -42.18 19.83
OB2 CDL AC . -2.87 -42.96 18.65
PB2 CDL AC . -2.06 -42.26 17.45
OB3 CDL AC . -2.45 -40.85 17.29
OB4 CDL AC . -0.58 -42.46 17.78
OB5 CDL AC . -2.37 -43.14 16.12
CB3 CDL AC . -3.28 -44.25 16.18
CB4 CDL AC . -3.08 -45.07 14.93
OB6 CDL AC . -3.32 -46.51 15.09
CB5 CDL AC . -4.54 -47.05 15.34
OB7 CDL AC . -5.54 -46.40 15.57
C51 CDL AC . -4.50 -48.54 15.29
C52 CDL AC . -3.09 -49.10 15.17
C53 CDL AC . -3.04 -50.59 14.91
C54 CDL AC . -1.63 -51.16 14.91
C55 CDL AC . -1.50 -52.58 14.35
C56 CDL AC . -0.07 -53.10 14.37
C57 CDL AC . 0.17 -54.31 13.47
C58 CDL AC . 0.00 -54.01 11.99
C59 CDL AC . 0.30 -55.19 11.09
CB6 CDL AC . -3.80 -44.50 13.72
OB8 CDL AC . -3.11 -44.98 12.55
CB7 CDL AC . -2.13 -44.21 12.07
OB9 CDL AC . -1.87 -43.11 12.49
C71 CDL AC . -1.37 -44.91 10.98
C72 CDL AC . 0.00 -45.41 11.45
C73 CDL AC . -0.09 -46.33 12.66
C74 CDL AC . -0.61 -47.72 12.34
C75 CDL AC . 0.31 -48.52 11.42
C76 CDL AC . 1.71 -48.68 11.98
C77 CDL AC . 2.67 -49.38 11.03
C78 CDL AC . 2.34 -50.84 10.77
C79 CDL AC . 3.39 -51.55 9.93
C80 CDL AC . 3.10 -53.03 9.71
C1 MYR BC . 97.12 -31.60 68.47
O1 MYR BC . 96.73 -30.62 69.09
C2 MYR BC . 96.40 -32.92 68.47
C3 MYR BC . 95.13 -32.93 69.31
C4 MYR BC . 93.85 -33.03 68.49
C5 MYR BC . 93.65 -31.89 67.50
C6 MYR BC . 93.55 -30.50 68.14
C7 MYR BC . 92.34 -30.30 69.03
C8 MYR BC . 92.23 -28.89 69.58
C9 MYR BC . 91.02 -28.66 70.46
C10 MYR BC . 91.03 -29.47 71.75
C11 MYR BC . 91.89 -28.89 72.86
C12 MYR BC . 91.40 -27.56 73.40
C13 MYR BC . 92.17 -27.04 74.59
C14 MYR BC . 91.61 -25.76 75.16
O12 PC1 CC . 44.38 -60.58 59.06
P PC1 CC . 43.20 -60.30 58.20
O14 PC1 CC . 43.40 -59.71 56.86
O13 PC1 CC . 42.34 -61.65 58.09
C11 PC1 CC . 42.83 -62.92 58.56
C12 PC1 CC . 41.95 -63.91 57.85
N PC1 CC . 40.99 -64.67 58.72
C13 PC1 CC . 40.04 -65.46 57.86
C14 PC1 CC . 41.75 -65.62 59.61
C15 PC1 CC . 40.21 -63.73 59.58
O11 PC1 CC . 42.16 -59.42 59.02
C1 PC1 CC . 40.86 -59.23 58.43
C2 PC1 CC . 40.52 -57.76 58.40
O21 PC1 CC . 40.06 -57.44 59.75
C21 PC1 CC . 41.00 -57.04 60.63
O22 PC1 CC . 42.15 -56.84 60.34
C22 PC1 CC . 40.43 -56.92 62.00
C23 PC1 CC . 41.53 -56.84 63.06
C24 PC1 CC . 40.99 -56.58 64.44
C25 PC1 CC . 40.21 -55.29 64.55
C26 PC1 CC . 41.05 -54.06 64.30
C27 PC1 CC . 42.13 -53.84 65.35
C28 PC1 CC . 42.81 -52.49 65.26
C29 PC1 CC . 41.85 -51.32 65.21
C2A PC1 CC . 42.32 -50.12 66.00
C2B PC1 CC . 42.53 -50.41 67.47
C2C PC1 CC . 43.68 -49.62 68.06
C2D PC1 CC . 44.99 -49.83 67.32
C2E PC1 CC . 45.94 -48.66 67.45
C2F PC1 CC . 45.30 -47.33 67.11
C2G PC1 CC . 46.16 -46.12 67.42
C2H PC1 CC . 45.41 -44.81 67.28
C2I PC1 CC . 44.81 -44.59 65.91
C3 PC1 CC . 39.38 -57.50 57.46
O31 PC1 CC . 39.01 -56.10 57.40
C31 PC1 CC . 37.88 -55.81 56.75
O32 PC1 CC . 37.16 -56.65 56.27
C32 PC1 CC . 37.65 -54.34 56.66
C33 PC1 CC . 37.42 -53.85 55.24
C34 PC1 CC . 35.96 -53.90 54.81
C35 PC1 CC . 35.70 -53.22 53.48
C36 PC1 CC . 34.26 -53.28 53.05
C37 PC1 CC . 33.30 -52.62 54.04
C38 PC1 CC . 31.83 -52.85 53.75
C39 PC1 CC . 31.36 -52.25 52.44
C3A PC1 CC . 31.68 -50.77 52.32
C3B PC1 CC . 31.20 -50.16 51.03
C3C PC1 CC . 32.10 -49.07 50.52
C3D PC1 CC . 33.33 -49.54 49.79
C3E PC1 CC . 34.10 -48.42 49.14
C3F PC1 CC . 35.34 -48.89 48.42
C3G PC1 CC . 35.07 -49.87 47.30
C3H PC1 CC . 36.08 -50.99 47.23
C3I PC1 CC . 36.04 -51.92 48.41
#